data_8XAY
#
_entry.id   8XAY
#
_cell.length_a   1.00
_cell.length_b   1.00
_cell.length_c   1.00
_cell.angle_alpha   90.00
_cell.angle_beta   90.00
_cell.angle_gamma   90.00
#
_symmetry.space_group_name_H-M   'P 1'
#
loop_
_entity.id
_entity.type
_entity.pdbx_description
1 polymer 'ATP-binding protein'
2 polymer DUF4297
3 polymer S20DNA3
4 polymer S20DNA4
5 non-polymer 'PHOSPHOTHIOPHOSPHORIC ACID-ADENYLATE ESTER'
6 non-polymer 'MAGNESIUM ION'
7 non-polymer "ADENOSINE-5'-DIPHOSPHATE"
#
loop_
_entity_poly.entity_id
_entity_poly.type
_entity_poly.pdbx_seq_one_letter_code
_entity_poly.pdbx_strand_id
1 'polypeptide(L)'
;MSRNNDINAEVVSVSPNKLKISVDDLEEFKIAEEKLGVGSYLRVSDNQDVALLAIIDNFSIEVKESQKQKYMIEASPIGL
VKNGKFYRGGDSLALPPKKVEPAKLDEIISIYSDSIDINDRFTFSSLSLNTKVSVPVNGNRFFNKHIAIVGSTGSGKSHT
VAKILQKAVDEKQEGYKGLNNSHIIIFDIHSEYENAFPNSNVLNVDTLTLPYWLLNGDELEELFLDTEANDHNQRNVFRQ
AITLNKKIHFQGDPATKEIISFHSPYYFDINEVINYINNRNNERKNKDNEHIWSDEEGNFKFDNENAHRLFKENVTPDGS
SAGALNGKLLNFVDRLQSKIFDKRLDFILGEGSKSVTFKETLETLISYGKDKSNITILDVSGVPFEVLSICVSLISRLIF
EFGYHSKKIKRKSNENQDIPILIVYEEAHKYAPKSDLSKYRTSKEAIERIAKEGRKYGVTLLLASQRPSEISETIFSQCN
TFISMRLTNPDDQNYVKRLLPDTVGDITNLLPSLKEGEALIMGDSISIPSIVKIEKCTIPPSSIDIKYLDEWRKEWVDSE
FDKIIEQWSKS
;
A,B,C,D,E,F
2 'polypeptide(L)'
;MDRSAVDTIRGYCYQVDKTIIEIFSLPQMDDSIDIECIEDVDVYNDGHLTAIQCKYYESTDYNHSVISKPIRLMLSHFKD
NKEKGANYYLYGHYKSGQEKLTLPLKVDFFKSNFLTYTEKKIKHEYHIENGLTEEDLQAFLDRLVININAKSFDDQKKET
IQIIKNHFQCEDYEAEHYLYSNAFRKTYDISCNKKDRRIKKSDFVESINKSKVLFNIWFYQYEGRKEYLRKLKESFIRRS
VNTSPYARFFILEFQDKTDIKTVKDCIYKIQSNWSNLSKRTDRPYSPFLLFHGTSDANLYELKNQLFNEDLIFTDGYPFK
GSVFTPKMLIEGFSNKEIHFQFINDIDDFNETLNSINIRKEVYQFYTENCLDIPSQLPQVNIQVKDFADIKEIV
;
G,H,I,J,K,L,M,N,O,P,Q,R
3 'polydeoxyribonucleotide/polyribonucleotide hybrid'
;(DG)(DC)(DT)(DT)(DT)(DA)(DT)(DC)(DA)(DG)(DA)(DA)(DG)(DC)(DC)(DA)(DG)(DA)(DC)(DA)
(DT)(DT)(DA)(DA)(DC)(DG)(DC)(DT)(DT)(DC)(DT)(DG)(DG)(DA)(DG)(DA)(DA)(DA)(DC)(DT)
(DC)(DA)(DA)(DC)(DG)(DA)(DG)(DC)(DT)(DG)(DG)(DA)(DC)(DG)(DC)(DG)(DG)(DA)(DT)
;
S
4 'polydeoxyribonucleotide'
;(DA)(DT)(DC)(DC)(DG)(DC)(DG)(DT)(DC)(DC)(DA)(DG)(DC)(DT)(DC)(DG)(DT)(DT)(DG)(DA)
(DG)(DT)(DT)(DT)(DC)(DT)(DC)(DC)(DA)(DG)(DA)(DA)(DG)(DC)(DG)(DT)(DT)(DA)(DA)(DT)
(DG)(DT)(DC)(DT)(DG)(DG)(DC)(DT)(DT)(DC)(DT)(DG)(DA)(DT)(DA)(DA)(DA)(DG)(DC)
;
T
#
loop_
_chem_comp.id
_chem_comp.type
_chem_comp.name
_chem_comp.formula
ADP non-polymer ADENOSINE-5'-DIPHOSPHATE 'C10 H15 N5 O10 P2'
AGS non-polymer 'PHOSPHOTHIOPHOSPHORIC ACID-ADENYLATE ESTER' 'C10 H16 N5 O12 P3 S'
DA DNA linking 2'-DEOXYADENOSINE-5'-MONOPHOSPHATE 'C10 H14 N5 O6 P'
DC DNA linking 2'-DEOXYCYTIDINE-5'-MONOPHOSPHATE 'C9 H14 N3 O7 P'
DG DNA linking 2'-DEOXYGUANOSINE-5'-MONOPHOSPHATE 'C10 H14 N5 O7 P'
DT DNA linking THYMIDINE-5'-MONOPHOSPHATE 'C10 H15 N2 O8 P'
MG non-polymer 'MAGNESIUM ION' 'Mg 2'
#
# COMPACT_ATOMS: atom_id res chain seq x y z
N ASN A 5 -12.67 40.22 -5.39
CA ASN A 5 -13.64 39.16 -5.64
C ASN A 5 -13.80 38.27 -4.40
N ASP A 6 -14.95 37.61 -4.30
CA ASP A 6 -15.22 36.76 -3.14
C ASP A 6 -14.33 35.53 -3.12
N ILE A 7 -14.16 34.88 -4.27
CA ILE A 7 -13.32 33.70 -4.39
C ILE A 7 -12.54 33.80 -5.69
N ASN A 8 -11.26 33.46 -5.63
CA ASN A 8 -10.39 33.39 -6.81
C ASN A 8 -9.79 31.98 -6.85
N ALA A 9 -10.51 31.06 -7.45
CA ALA A 9 -10.05 29.69 -7.64
C ALA A 9 -9.78 29.45 -9.10
N GLU A 10 -8.89 28.48 -9.39
CA GLU A 10 -8.47 28.25 -10.75
C GLU A 10 -8.01 26.81 -10.90
N VAL A 11 -8.35 26.18 -12.03
CA VAL A 11 -7.85 24.85 -12.34
C VAL A 11 -6.38 24.95 -12.68
N VAL A 12 -5.53 24.24 -11.94
CA VAL A 12 -4.10 24.27 -12.17
C VAL A 12 -3.58 22.97 -12.76
N SER A 13 -4.30 21.87 -12.65
CA SER A 13 -3.87 20.62 -13.27
C SER A 13 -5.11 19.84 -13.72
N VAL A 14 -4.97 19.15 -14.84
CA VAL A 14 -6.06 18.41 -15.45
C VAL A 14 -5.62 16.98 -15.69
N SER A 15 -6.41 16.04 -15.20
CA SER A 15 -6.25 14.61 -15.38
C SER A 15 -7.35 14.10 -16.30
N PRO A 16 -7.30 12.83 -16.73
CA PRO A 16 -8.44 12.29 -17.50
C PRO A 16 -9.77 12.32 -16.76
N ASN A 17 -9.78 12.13 -15.45
CA ASN A 17 -11.03 12.19 -14.70
C ASN A 17 -10.87 12.93 -13.38
N LYS A 18 -9.98 13.93 -13.33
CA LYS A 18 -9.73 14.65 -12.09
C LYS A 18 -9.26 16.05 -12.42
N LEU A 19 -9.62 16.99 -11.55
CA LEU A 19 -9.21 18.39 -11.67
C LEU A 19 -8.50 18.80 -10.38
N LYS A 20 -7.44 19.57 -10.52
CA LYS A 20 -6.74 20.16 -9.39
C LYS A 20 -6.98 21.66 -9.41
N ILE A 21 -7.59 22.17 -8.33
CA ILE A 21 -8.06 23.54 -8.26
C ILE A 21 -7.36 24.22 -7.09
N SER A 22 -6.75 25.37 -7.36
CA SER A 22 -6.05 26.16 -6.36
C SER A 22 -6.87 27.41 -6.05
N VAL A 23 -7.23 27.58 -4.78
CA VAL A 23 -7.97 28.75 -4.33
C VAL A 23 -6.94 29.82 -3.99
N ASP A 24 -6.72 30.75 -4.92
CA ASP A 24 -5.72 31.78 -4.72
C ASP A 24 -6.16 32.79 -3.67
N ASP A 25 -7.40 33.28 -3.77
CA ASP A 25 -7.92 34.28 -2.85
C ASP A 25 -9.25 33.80 -2.30
N LEU A 26 -9.43 33.96 -0.99
CA LEU A 26 -10.69 33.63 -0.30
C LEU A 26 -11.05 34.84 0.54
N GLU A 27 -11.82 35.76 -0.03
CA GLU A 27 -12.18 36.97 0.70
C GLU A 27 -13.36 36.72 1.62
N GLU A 28 -14.41 36.09 1.11
CA GLU A 28 -15.58 35.74 1.91
C GLU A 28 -15.36 34.34 2.49
N PHE A 29 -15.23 34.26 3.80
CA PHE A 29 -15.01 32.98 4.47
C PHE A 29 -16.25 32.10 4.44
N LYS A 30 -17.42 32.69 4.19
CA LYS A 30 -18.67 31.93 4.14
C LYS A 30 -18.69 30.95 2.98
N ILE A 31 -17.99 31.27 1.88
CA ILE A 31 -17.99 30.42 0.70
C ILE A 31 -17.31 29.09 0.98
N ALA A 32 -16.15 29.12 1.64
CA ALA A 32 -15.45 27.88 1.95
C ALA A 32 -16.21 27.03 2.96
N GLU A 33 -16.93 27.67 3.87
CA GLU A 33 -17.64 26.94 4.93
C GLU A 33 -18.72 26.03 4.37
N GLU A 34 -19.47 26.51 3.38
CA GLU A 34 -20.63 25.77 2.89
C GLU A 34 -20.59 25.38 1.43
N LYS A 35 -19.76 26.03 0.60
CA LYS A 35 -19.76 25.76 -0.82
C LYS A 35 -18.49 25.10 -1.33
N LEU A 36 -17.46 24.95 -0.50
CA LEU A 36 -16.22 24.32 -0.92
C LEU A 36 -15.94 23.02 -0.18
N GLY A 37 -16.95 22.46 0.48
CA GLY A 37 -16.77 21.19 1.16
C GLY A 37 -16.75 20.02 0.20
N VAL A 38 -16.43 18.85 0.74
CA VAL A 38 -16.39 17.64 -0.08
C VAL A 38 -17.81 17.24 -0.46
N GLY A 39 -18.03 17.02 -1.75
CA GLY A 39 -19.35 16.74 -2.28
C GLY A 39 -20.06 17.94 -2.88
N SER A 40 -19.52 19.13 -2.70
CA SER A 40 -20.10 20.32 -3.31
C SER A 40 -19.78 20.36 -4.80
N TYR A 41 -20.51 21.19 -5.52
CA TYR A 41 -20.37 21.30 -6.97
C TYR A 41 -19.71 22.62 -7.34
N LEU A 42 -18.76 22.53 -8.25
CA LEU A 42 -18.01 23.69 -8.73
C LEU A 42 -18.30 23.91 -10.21
N ARG A 43 -18.17 25.16 -10.64
CA ARG A 43 -18.43 25.52 -12.02
C ARG A 43 -17.10 25.94 -12.65
N VAL A 44 -16.64 25.17 -13.62
CA VAL A 44 -15.33 25.36 -14.24
C VAL A 44 -15.56 25.93 -15.63
N SER A 45 -15.17 27.19 -15.84
CA SER A 45 -15.47 27.87 -17.09
C SER A 45 -14.52 29.03 -17.30
N ASP A 46 -14.68 29.70 -18.44
CA ASP A 46 -14.09 31.01 -18.66
C ASP A 46 -15.03 31.95 -19.40
N ASN A 47 -16.29 31.57 -19.61
CA ASN A 47 -17.17 32.36 -20.46
C ASN A 47 -18.60 32.53 -19.96
N GLN A 48 -18.97 31.95 -18.81
CA GLN A 48 -20.29 32.02 -18.20
C GLN A 48 -21.42 31.52 -19.09
N ASP A 49 -21.11 30.79 -20.17
CA ASP A 49 -22.10 30.15 -21.02
C ASP A 49 -21.97 28.63 -20.99
N VAL A 50 -20.78 28.11 -21.26
CA VAL A 50 -20.51 26.67 -21.30
C VAL A 50 -19.50 26.36 -20.21
N ALA A 51 -19.79 25.37 -19.39
CA ALA A 51 -18.96 25.04 -18.25
C ALA A 51 -19.02 23.56 -17.94
N LEU A 52 -18.03 23.10 -17.18
CA LEU A 52 -18.03 21.77 -16.60
C LEU A 52 -18.44 21.88 -15.14
N LEU A 53 -19.44 21.09 -14.73
CA LEU A 53 -19.64 20.86 -13.31
C LEU A 53 -18.68 19.80 -12.82
N ALA A 54 -18.09 20.04 -11.65
CA ALA A 54 -17.22 19.09 -11.00
C ALA A 54 -17.63 18.98 -9.54
N ILE A 55 -17.50 17.78 -8.98
CA ILE A 55 -17.82 17.52 -7.59
C ILE A 55 -16.51 17.46 -6.81
N ILE A 56 -16.48 18.15 -5.67
CA ILE A 56 -15.28 18.18 -4.84
C ILE A 56 -15.10 16.81 -4.18
N ASP A 57 -13.96 16.18 -4.43
CA ASP A 57 -13.62 14.90 -3.84
C ASP A 57 -12.70 15.04 -2.64
N ASN A 58 -11.78 16.01 -2.69
CA ASN A 58 -10.77 16.16 -1.65
C ASN A 58 -10.33 17.62 -1.65
N PHE A 59 -9.83 18.07 -0.50
CA PHE A 59 -9.31 19.42 -0.39
C PHE A 59 -8.21 19.43 0.67
N SER A 60 -7.39 20.47 0.63
CA SER A 60 -6.35 20.66 1.63
C SER A 60 -6.00 22.14 1.67
N ILE A 61 -6.06 22.74 2.85
CA ILE A 61 -5.61 24.10 3.08
C ILE A 61 -4.37 24.02 3.97
N GLU A 62 -3.30 24.68 3.56
CA GLU A 62 -2.05 24.70 4.31
C GLU A 62 -1.56 26.13 4.47
N VAL A 63 -0.99 26.43 5.63
CA VAL A 63 -0.43 27.75 5.90
C VAL A 63 1.01 27.59 6.39
N LYS A 64 1.84 28.57 6.07
CA LYS A 64 3.23 28.64 6.52
C LYS A 64 3.48 30.02 7.11
N GLU A 65 4.68 30.21 7.66
CA GLU A 65 4.99 31.42 8.40
C GLU A 65 5.06 32.65 7.50
N SER A 66 5.77 32.55 6.38
CA SER A 66 5.90 33.67 5.46
C SER A 66 5.37 33.38 4.07
N GLN A 67 5.00 32.15 3.78
CA GLN A 67 4.48 31.79 2.46
C GLN A 67 2.99 32.07 2.38
N LYS A 68 2.48 32.05 1.15
CA LYS A 68 1.05 32.22 0.92
C LYS A 68 0.30 30.95 1.29
N GLN A 69 -0.99 31.10 1.56
CA GLN A 69 -1.83 29.96 1.92
C GLN A 69 -2.07 29.07 0.72
N LYS A 70 -1.90 27.77 0.91
CA LYS A 70 -2.09 26.78 -0.16
C LYS A 70 -3.41 26.06 0.06
N TYR A 71 -4.46 26.54 -0.61
CA TYR A 71 -5.76 25.88 -0.60
C TYR A 71 -5.88 25.17 -1.95
N MET A 72 -5.85 23.85 -1.91
CA MET A 72 -5.92 23.02 -3.11
C MET A 72 -7.14 22.12 -3.05
N ILE A 73 -7.92 22.12 -4.12
CA ILE A 73 -9.17 21.36 -4.20
C ILE A 73 -9.02 20.30 -5.28
N GLU A 74 -9.36 19.06 -4.95
CA GLU A 74 -9.41 17.97 -5.91
C GLU A 74 -10.86 17.75 -6.30
N ALA A 75 -11.14 17.82 -7.60
CA ALA A 75 -12.50 17.66 -8.09
C ALA A 75 -12.50 16.75 -9.31
N SER A 76 -13.64 16.11 -9.55
CA SER A 76 -13.85 15.26 -10.70
C SER A 76 -15.02 15.78 -11.52
N PRO A 77 -14.86 15.99 -12.82
CA PRO A 77 -15.97 16.49 -13.64
C PRO A 77 -17.11 15.48 -13.73
N ILE A 78 -18.33 15.99 -13.66
CA ILE A 78 -19.51 15.16 -13.76
C ILE A 78 -20.30 15.41 -15.04
N GLY A 79 -20.09 16.55 -15.70
CA GLY A 79 -20.90 16.86 -16.86
C GLY A 79 -20.61 18.25 -17.38
N LEU A 80 -21.57 18.77 -18.13
CA LEU A 80 -21.40 19.99 -18.92
C LEU A 80 -22.70 20.76 -18.92
N VAL A 81 -22.66 22.04 -18.55
CA VAL A 81 -23.81 22.92 -18.65
C VAL A 81 -23.63 23.79 -19.89
N LYS A 82 -24.64 23.79 -20.77
CA LYS A 82 -24.61 24.60 -21.98
C LYS A 82 -25.94 25.33 -22.07
N ASN A 83 -25.90 26.65 -21.86
CA ASN A 83 -27.08 27.52 -21.87
C ASN A 83 -28.14 27.06 -20.88
N GLY A 84 -27.71 26.72 -19.66
CA GLY A 84 -28.60 26.34 -18.60
C GLY A 84 -29.04 24.89 -18.59
N LYS A 85 -28.58 24.09 -19.55
CA LYS A 85 -28.94 22.68 -19.64
C LYS A 85 -27.72 21.83 -19.32
N PHE A 86 -27.87 20.92 -18.36
CA PHE A 86 -26.77 20.09 -17.90
C PHE A 86 -26.74 18.78 -18.68
N TYR A 87 -25.59 18.48 -19.28
CA TYR A 87 -25.38 17.24 -20.02
C TYR A 87 -24.35 16.41 -19.26
N ARG A 88 -24.75 15.22 -18.82
CA ARG A 88 -23.87 14.38 -18.02
C ARG A 88 -22.74 13.81 -18.87
N GLY A 89 -21.62 13.51 -18.20
CA GLY A 89 -20.47 12.91 -18.86
C GLY A 89 -19.16 13.61 -18.56
N GLY A 90 -18.19 12.86 -18.08
CA GLY A 90 -16.87 13.38 -17.80
C GLY A 90 -15.89 13.28 -18.95
N ASP A 91 -16.39 13.06 -20.17
CA ASP A 91 -15.51 12.92 -21.32
C ASP A 91 -14.92 14.25 -21.77
N SER A 92 -15.63 15.35 -21.52
CA SER A 92 -15.20 16.66 -21.98
C SER A 92 -13.94 17.12 -21.25
N LEU A 93 -13.04 17.75 -22.00
CA LEU A 93 -11.74 18.17 -21.50
C LEU A 93 -11.69 19.68 -21.33
N ALA A 94 -11.24 20.13 -20.16
CA ALA A 94 -10.96 21.54 -19.91
C ALA A 94 -9.46 21.77 -19.98
N LEU A 95 -9.05 22.77 -20.74
CA LEU A 95 -7.64 23.11 -20.83
C LEU A 95 -7.31 24.17 -19.78
N PRO A 96 -6.43 23.88 -18.83
CA PRO A 96 -6.16 24.81 -17.75
C PRO A 96 -5.31 25.97 -18.22
N PRO A 97 -5.38 27.12 -17.55
CA PRO A 97 -6.17 27.44 -16.36
C PRO A 97 -7.59 27.92 -16.66
N LYS A 98 -8.54 27.48 -15.84
CA LYS A 98 -9.94 27.84 -15.96
C LYS A 98 -10.43 28.37 -14.63
N LYS A 99 -11.24 29.42 -14.67
CA LYS A 99 -11.79 30.00 -13.44
C LYS A 99 -12.79 29.03 -12.81
N VAL A 100 -12.73 28.92 -11.49
CA VAL A 100 -13.59 28.01 -10.74
C VAL A 100 -14.42 28.84 -9.77
N GLU A 101 -15.74 28.66 -9.84
CA GLU A 101 -16.69 29.26 -8.94
C GLU A 101 -17.56 28.17 -8.34
N PRO A 102 -18.13 28.39 -7.15
CA PRO A 102 -19.18 27.49 -6.68
C PRO A 102 -20.37 27.50 -7.62
N ALA A 103 -20.96 26.32 -7.81
CA ALA A 103 -22.11 26.21 -8.70
C ALA A 103 -23.31 26.90 -8.10
N LYS A 104 -24.03 27.64 -8.94
CA LYS A 104 -25.22 28.35 -8.49
C LYS A 104 -26.34 27.34 -8.23
N LEU A 105 -27.39 27.82 -7.55
CA LEU A 105 -28.53 26.97 -7.21
C LEU A 105 -29.24 26.46 -8.45
N ASP A 106 -29.29 27.28 -9.51
CA ASP A 106 -29.89 26.84 -10.77
C ASP A 106 -29.07 25.73 -11.42
N GLU A 107 -27.75 25.76 -11.25
CA GLU A 107 -26.90 24.75 -11.86
C GLU A 107 -27.00 23.42 -11.14
N ILE A 108 -26.99 23.43 -9.81
CA ILE A 108 -27.12 22.19 -9.04
C ILE A 108 -28.50 21.58 -9.22
N ILE A 109 -29.53 22.42 -9.35
CA ILE A 109 -30.88 21.92 -9.62
C ILE A 109 -30.92 21.20 -10.96
N SER A 110 -30.28 21.78 -11.97
CA SER A 110 -30.28 21.18 -13.31
C SER A 110 -29.47 19.89 -13.39
N ILE A 111 -28.64 19.59 -12.40
CA ILE A 111 -27.94 18.30 -12.38
C ILE A 111 -28.95 17.18 -12.20
N TYR A 112 -29.93 17.36 -11.33
CA TYR A 112 -30.86 16.31 -10.95
C TYR A 112 -32.21 16.43 -11.64
N SER A 113 -32.47 17.49 -12.40
CA SER A 113 -33.82 17.76 -12.87
C SER A 113 -34.04 17.56 -14.35
N ASP A 114 -33.08 17.90 -15.22
CA ASP A 114 -33.35 17.85 -16.64
C ASP A 114 -33.05 16.50 -17.27
N SER A 115 -32.54 15.53 -16.50
CA SER A 115 -32.53 14.15 -16.98
C SER A 115 -33.93 13.56 -17.05
N ILE A 116 -34.86 14.11 -16.27
CA ILE A 116 -36.27 13.73 -16.29
C ILE A 116 -37.03 14.84 -16.98
N ASP A 117 -38.02 14.46 -17.81
CA ASP A 117 -38.86 15.45 -18.47
C ASP A 117 -39.68 16.22 -17.44
N ILE A 118 -40.14 17.41 -17.85
CA ILE A 118 -40.80 18.32 -16.93
C ILE A 118 -42.13 17.73 -16.45
N ASN A 119 -42.82 16.99 -17.32
CA ASN A 119 -44.08 16.37 -16.95
C ASN A 119 -43.90 14.98 -16.33
N ASP A 120 -42.68 14.46 -16.29
CA ASP A 120 -42.41 13.14 -15.73
C ASP A 120 -41.79 13.22 -14.33
N ARG A 121 -41.62 14.42 -13.78
CA ARG A 121 -40.92 14.56 -12.51
C ARG A 121 -41.84 14.27 -11.34
N PHE A 122 -41.30 13.54 -10.36
CA PHE A 122 -42.01 13.21 -9.12
C PHE A 122 -41.04 13.51 -7.99
N THR A 123 -41.19 14.66 -7.35
CA THR A 123 -40.30 15.09 -6.28
C THR A 123 -40.94 14.76 -4.94
N PHE A 124 -40.25 13.93 -4.15
CA PHE A 124 -40.67 13.63 -2.78
C PHE A 124 -39.53 13.79 -1.79
N SER A 125 -38.39 14.33 -2.22
CA SER A 125 -37.20 14.42 -1.40
C SER A 125 -36.31 15.53 -1.92
N SER A 126 -35.35 15.93 -1.09
CA SER A 126 -34.41 16.98 -1.42
C SER A 126 -33.00 16.47 -1.12
N LEU A 127 -32.02 17.08 -1.78
CA LEU A 127 -30.62 16.66 -1.63
C LEU A 127 -30.15 16.85 -0.19
N SER A 128 -29.34 15.90 0.28
CA SER A 128 -28.88 15.93 1.66
C SER A 128 -27.86 17.04 1.89
N LEU A 129 -26.90 17.19 0.98
CA LEU A 129 -25.87 18.21 1.14
C LEU A 129 -26.42 19.61 0.88
N ASN A 130 -27.35 19.73 -0.06
CA ASN A 130 -27.96 21.00 -0.39
C ASN A 130 -29.47 20.87 -0.19
N THR A 131 -29.98 21.47 0.89
CA THR A 131 -31.40 21.35 1.22
C THR A 131 -32.28 22.01 0.16
N LYS A 132 -31.82 23.14 -0.39
CA LYS A 132 -32.62 23.88 -1.36
C LYS A 132 -32.82 23.12 -2.66
N VAL A 133 -31.90 22.22 -3.00
CA VAL A 133 -32.02 21.43 -4.22
C VAL A 133 -32.92 20.23 -3.97
N SER A 134 -33.96 20.10 -4.79
CA SER A 134 -34.88 18.97 -4.70
C SER A 134 -34.51 17.95 -5.77
N VAL A 135 -34.49 16.68 -5.38
CA VAL A 135 -34.08 15.60 -6.27
C VAL A 135 -35.34 14.91 -6.78
N PRO A 136 -35.69 15.04 -8.06
CA PRO A 136 -36.84 14.33 -8.59
C PRO A 136 -36.46 12.97 -9.18
N VAL A 137 -37.47 12.11 -9.27
CA VAL A 137 -37.35 10.84 -9.95
C VAL A 137 -38.31 10.87 -11.13
N ASN A 138 -38.09 9.96 -12.07
CA ASN A 138 -39.02 9.79 -13.18
C ASN A 138 -40.27 9.13 -12.65
N GLY A 139 -41.37 9.89 -12.58
CA GLY A 139 -42.57 9.41 -11.91
C GLY A 139 -43.22 8.24 -12.61
N ASN A 140 -43.16 8.23 -13.95
CA ASN A 140 -43.61 7.05 -14.69
C ASN A 140 -42.75 5.85 -14.35
N ARG A 141 -41.43 6.01 -14.41
CA ARG A 141 -40.50 4.91 -14.18
C ARG A 141 -40.50 4.46 -12.72
N PHE A 142 -40.83 5.37 -11.80
CA PHE A 142 -40.76 5.06 -10.38
C PHE A 142 -41.78 4.00 -9.98
N PHE A 143 -43.04 4.21 -10.36
CA PHE A 143 -44.11 3.34 -9.89
C PHE A 143 -44.38 2.16 -10.81
N ASN A 144 -44.12 2.28 -12.11
CA ASN A 144 -44.37 1.17 -13.03
C ASN A 144 -43.40 0.02 -12.87
N LYS A 145 -42.29 0.21 -12.16
CA LYS A 145 -41.41 -0.86 -11.76
C LYS A 145 -41.40 -0.92 -10.24
N HIS A 146 -41.05 -2.08 -9.71
CA HIS A 146 -41.22 -2.32 -8.28
C HIS A 146 -40.21 -1.54 -7.47
N ILE A 147 -40.66 -1.07 -6.30
CA ILE A 147 -39.88 -0.21 -5.41
C ILE A 147 -39.53 -1.00 -4.17
N ALA A 148 -38.30 -0.84 -3.68
CA ALA A 148 -37.88 -1.44 -2.43
C ALA A 148 -37.34 -0.35 -1.51
N ILE A 149 -37.98 -0.18 -0.36
CA ILE A 149 -37.52 0.77 0.66
C ILE A 149 -37.01 -0.05 1.84
N VAL A 150 -35.71 -0.03 2.06
CA VAL A 150 -35.08 -0.82 3.10
C VAL A 150 -34.31 0.10 4.04
N GLY A 151 -34.20 -0.33 5.29
CA GLY A 151 -33.50 0.45 6.30
C GLY A 151 -33.55 -0.28 7.62
N SER A 152 -32.91 0.31 8.61
CA SER A 152 -32.96 -0.24 9.96
C SER A 152 -34.24 0.20 10.66
N THR A 153 -34.43 -0.25 11.89
CA THR A 153 -35.60 0.14 12.66
C THR A 153 -35.49 1.60 13.07
N GLY A 154 -36.56 2.36 12.84
CA GLY A 154 -36.56 3.77 13.15
C GLY A 154 -35.82 4.64 12.16
N SER A 155 -35.41 4.10 11.02
CA SER A 155 -34.66 4.88 10.04
C SER A 155 -35.56 5.89 9.33
N GLY A 156 -36.85 5.60 9.18
CA GLY A 156 -37.75 6.52 8.53
C GLY A 156 -38.54 5.90 7.41
N LYS A 157 -38.57 4.57 7.37
CA LYS A 157 -39.18 3.84 6.26
C LYS A 157 -40.67 4.14 6.14
N SER A 158 -41.39 4.08 7.27
CA SER A 158 -42.83 4.28 7.24
C SER A 158 -43.19 5.73 6.93
N HIS A 159 -42.38 6.68 7.37
CA HIS A 159 -42.59 8.07 6.98
C HIS A 159 -42.25 8.27 5.51
N THR A 160 -41.24 7.57 5.00
CA THR A 160 -40.92 7.61 3.58
C THR A 160 -42.05 7.02 2.75
N VAL A 161 -42.58 5.87 3.17
CA VAL A 161 -43.69 5.25 2.46
C VAL A 161 -44.91 6.16 2.48
N ALA A 162 -45.19 6.76 3.63
CA ALA A 162 -46.31 7.69 3.74
C ALA A 162 -46.10 8.93 2.88
N LYS A 163 -44.88 9.44 2.82
CA LYS A 163 -44.61 10.67 2.06
C LYS A 163 -44.78 10.45 0.56
N ILE A 164 -44.30 9.31 0.05
CA ILE A 164 -44.43 9.02 -1.38
C ILE A 164 -45.90 8.85 -1.76
N LEU A 165 -46.66 8.14 -0.93
CA LEU A 165 -48.07 7.91 -1.22
C LEU A 165 -48.91 9.17 -1.02
N GLN A 166 -48.52 10.03 -0.07
CA GLN A 166 -49.21 11.32 0.08
C GLN A 166 -49.00 12.20 -1.14
N LYS A 167 -47.78 12.21 -1.68
CA LYS A 167 -47.53 12.99 -2.89
C LYS A 167 -48.09 12.32 -4.13
N ALA A 168 -48.29 11.01 -4.10
CA ALA A 168 -48.86 10.31 -5.24
C ALA A 168 -50.33 10.67 -5.44
N VAL A 169 -51.10 10.79 -4.36
CA VAL A 169 -52.50 11.15 -4.48
C VAL A 169 -52.72 12.64 -4.70
N ASP A 170 -51.68 13.46 -4.54
CA ASP A 170 -51.78 14.89 -4.79
C ASP A 170 -51.34 15.25 -6.21
N GLU A 171 -50.93 14.27 -7.02
CA GLU A 171 -50.51 14.52 -8.39
C GLU A 171 -51.75 14.52 -9.27
N LYS A 172 -52.25 15.72 -9.57
CA LYS A 172 -53.43 15.89 -10.38
C LYS A 172 -53.15 16.89 -11.49
N GLN A 173 -53.93 16.80 -12.57
CA GLN A 173 -53.90 17.85 -13.57
C GLN A 173 -54.78 19.01 -13.11
N GLU A 174 -54.47 20.20 -13.63
CA GLU A 174 -55.10 21.42 -13.15
C GLU A 174 -56.55 21.57 -13.56
N GLY A 175 -57.05 20.72 -14.47
CA GLY A 175 -58.38 20.93 -15.02
C GLY A 175 -59.51 20.59 -14.07
N TYR A 176 -59.28 19.71 -13.11
CA TYR A 176 -60.36 19.13 -12.31
C TYR A 176 -60.09 19.28 -10.82
N LYS A 177 -61.12 18.97 -10.04
CA LYS A 177 -61.03 18.82 -8.60
C LYS A 177 -61.69 17.51 -8.20
N GLY A 178 -61.20 16.92 -7.12
CA GLY A 178 -61.63 15.61 -6.69
C GLY A 178 -60.49 14.60 -6.73
N LEU A 179 -60.85 13.34 -6.56
CA LEU A 179 -59.85 12.28 -6.46
C LEU A 179 -59.22 12.01 -7.81
N ASN A 180 -57.92 11.72 -7.78
CA ASN A 180 -57.19 11.31 -8.98
C ASN A 180 -57.26 9.79 -9.15
N ASN A 181 -56.63 9.29 -10.21
CA ASN A 181 -56.73 7.89 -10.58
C ASN A 181 -55.63 7.04 -9.93
N SER A 182 -55.09 7.47 -8.81
CA SER A 182 -54.10 6.67 -8.09
C SER A 182 -54.80 5.62 -7.25
N HIS A 183 -54.30 4.38 -7.30
CA HIS A 183 -54.87 3.27 -6.57
C HIS A 183 -53.75 2.54 -5.86
N ILE A 184 -53.64 2.72 -4.54
CA ILE A 184 -52.58 2.13 -3.76
C ILE A 184 -53.20 1.33 -2.62
N ILE A 185 -52.72 0.11 -2.42
CA ILE A 185 -53.21 -0.77 -1.36
C ILE A 185 -52.04 -1.09 -0.43
N ILE A 186 -52.23 -0.82 0.86
CA ILE A 186 -51.19 -1.02 1.87
C ILE A 186 -51.57 -2.22 2.73
N PHE A 187 -50.62 -3.13 2.91
CA PHE A 187 -50.74 -4.19 3.91
C PHE A 187 -50.17 -3.65 5.21
N ASP A 188 -51.02 -2.98 5.98
CA ASP A 188 -50.60 -2.31 7.20
C ASP A 188 -50.66 -3.32 8.35
N ILE A 189 -49.49 -3.79 8.78
CA ILE A 189 -49.41 -4.83 9.81
C ILE A 189 -49.37 -4.24 11.21
N HIS A 190 -49.03 -2.96 11.35
CA HIS A 190 -48.93 -2.33 12.65
C HIS A 190 -50.05 -1.34 12.92
N SER A 191 -51.05 -1.26 12.02
CA SER A 191 -52.20 -0.36 12.14
C SER A 191 -51.75 1.09 12.31
N GLU A 192 -50.83 1.52 11.45
CA GLU A 192 -50.12 2.77 11.64
C GLU A 192 -50.33 3.79 10.52
N TYR A 193 -50.84 3.39 9.37
CA TYR A 193 -51.01 4.30 8.24
C TYR A 193 -52.36 4.99 8.23
N GLU A 194 -53.23 4.74 9.21
CA GLU A 194 -54.50 5.44 9.27
C GLU A 194 -54.31 6.91 9.58
N ASN A 195 -53.32 7.25 10.40
CA ASN A 195 -53.07 8.63 10.75
C ASN A 195 -52.54 9.41 9.55
N ALA A 196 -51.69 8.77 8.74
CA ALA A 196 -51.15 9.45 7.57
C ALA A 196 -52.20 9.69 6.50
N PHE A 197 -53.18 8.79 6.37
CA PHE A 197 -54.21 8.88 5.35
C PHE A 197 -55.57 8.79 6.03
N PRO A 198 -56.06 9.91 6.59
CA PRO A 198 -57.34 9.84 7.30
C PRO A 198 -58.53 9.63 6.40
N ASN A 199 -58.52 10.22 5.20
CA ASN A 199 -59.65 10.10 4.28
C ASN A 199 -59.70 8.75 3.59
N SER A 200 -58.61 7.99 3.60
CA SER A 200 -58.55 6.71 2.92
C SER A 200 -59.41 5.67 3.64
N ASN A 201 -59.86 4.68 2.88
CA ASN A 201 -60.63 3.58 3.46
C ASN A 201 -59.71 2.62 4.19
N VAL A 202 -60.11 2.25 5.40
CA VAL A 202 -59.36 1.34 6.26
C VAL A 202 -60.22 0.10 6.51
N LEU A 203 -59.63 -1.07 6.35
CA LEU A 203 -60.34 -2.34 6.51
C LEU A 203 -59.77 -3.10 7.71
N ASN A 204 -60.47 -3.02 8.83
CA ASN A 204 -60.15 -3.84 10.00
C ASN A 204 -60.80 -5.21 9.86
N VAL A 205 -60.49 -6.10 10.82
CA VAL A 205 -60.95 -7.48 10.74
C VAL A 205 -62.46 -7.55 10.81
N ASP A 206 -63.07 -6.73 11.68
CA ASP A 206 -64.53 -6.63 11.69
C ASP A 206 -65.05 -6.02 10.38
N THR A 207 -64.32 -5.04 9.83
CA THR A 207 -64.73 -4.39 8.59
C THR A 207 -64.48 -5.27 7.36
N LEU A 208 -63.32 -5.94 7.31
CA LEU A 208 -62.90 -6.62 6.09
C LEU A 208 -63.72 -7.89 5.90
N THR A 209 -64.04 -8.21 4.64
CA THR A 209 -64.85 -9.38 4.31
C THR A 209 -64.20 -10.08 3.12
N LEU A 210 -63.46 -11.16 3.40
CA LEU A 210 -62.93 -12.01 2.36
C LEU A 210 -63.75 -13.28 2.27
N PRO A 211 -64.35 -13.59 1.13
CA PRO A 211 -65.03 -14.88 0.99
C PRO A 211 -64.04 -16.03 1.00
N TYR A 212 -64.40 -17.09 1.73
CA TYR A 212 -63.54 -18.26 1.84
C TYR A 212 -63.46 -19.03 0.53
N TRP A 213 -64.48 -18.91 -0.32
CA TRP A 213 -64.51 -19.69 -1.55
C TRP A 213 -63.58 -19.16 -2.62
N LEU A 214 -63.08 -17.93 -2.48
CA LEU A 214 -62.09 -17.43 -3.42
C LEU A 214 -60.69 -17.95 -3.14
N LEU A 215 -60.50 -18.62 -2.00
CA LEU A 215 -59.24 -19.32 -1.76
C LEU A 215 -59.10 -20.49 -2.72
N ASN A 216 -57.86 -20.74 -3.16
CA ASN A 216 -57.61 -21.88 -4.03
C ASN A 216 -57.45 -23.14 -3.17
N GLY A 217 -57.01 -24.24 -3.79
CA GLY A 217 -56.94 -25.51 -3.09
C GLY A 217 -55.90 -25.52 -1.98
N ASP A 218 -54.73 -24.93 -2.23
CA ASP A 218 -53.68 -24.92 -1.21
C ASP A 218 -54.04 -24.01 -0.05
N GLU A 219 -54.69 -22.87 -0.33
CA GLU A 219 -55.08 -21.96 0.74
C GLU A 219 -56.27 -22.50 1.54
N LEU A 220 -57.17 -23.24 0.88
CA LEU A 220 -58.28 -23.86 1.59
C LEU A 220 -57.79 -24.93 2.55
N GLU A 221 -56.78 -25.70 2.15
CA GLU A 221 -56.26 -26.76 3.01
C GLU A 221 -55.55 -26.19 4.24
N GLU A 222 -54.78 -25.12 4.07
CA GLU A 222 -54.06 -24.55 5.20
C GLU A 222 -55.01 -23.83 6.16
N LEU A 223 -56.16 -23.39 5.68
CA LEU A 223 -57.15 -22.78 6.57
C LEU A 223 -57.83 -23.82 7.44
N PHE A 224 -58.26 -24.93 6.84
CA PHE A 224 -59.07 -25.93 7.53
C PHE A 224 -58.25 -27.09 8.09
N LEU A 225 -57.46 -27.74 7.25
CA LEU A 225 -56.76 -28.96 7.63
C LEU A 225 -55.57 -28.64 8.52
N ASP A 226 -55.05 -29.70 9.16
CA ASP A 226 -53.97 -29.57 10.12
C ASP A 226 -52.86 -30.54 9.72
N THR A 227 -51.64 -30.22 10.13
CA THR A 227 -50.48 -31.07 9.85
C THR A 227 -50.49 -32.26 10.80
N GLU A 228 -50.61 -33.47 10.22
CA GLU A 228 -50.51 -34.78 10.88
C GLU A 228 -51.72 -35.08 11.76
N ALA A 229 -52.60 -34.10 11.96
CA ALA A 229 -53.79 -34.30 12.77
C ALA A 229 -54.98 -34.81 11.97
N ASN A 230 -54.82 -35.04 10.67
CA ASN A 230 -55.90 -35.48 9.81
C ASN A 230 -55.47 -36.71 9.02
N ASP A 231 -56.30 -37.75 9.04
CA ASP A 231 -56.03 -38.94 8.27
C ASP A 231 -56.27 -38.64 6.79
N HIS A 232 -55.69 -39.48 5.92
CA HIS A 232 -55.80 -39.28 4.49
C HIS A 232 -57.24 -39.46 4.00
N ASN A 233 -58.01 -40.35 4.63
CA ASN A 233 -59.41 -40.49 4.25
C ASN A 233 -60.25 -39.31 4.74
N GLN A 234 -59.88 -38.72 5.88
CA GLN A 234 -60.55 -37.52 6.35
C GLN A 234 -60.27 -36.34 5.42
N ARG A 235 -59.08 -36.30 4.85
CA ARG A 235 -58.72 -35.23 3.92
C ARG A 235 -59.46 -35.37 2.59
N ASN A 236 -59.65 -36.60 2.12
CA ASN A 236 -60.25 -36.81 0.80
C ASN A 236 -61.73 -36.49 0.80
N VAL A 237 -62.45 -36.82 1.87
CA VAL A 237 -63.87 -36.50 1.93
C VAL A 237 -64.05 -34.99 2.05
N PHE A 238 -63.10 -34.29 2.67
CA PHE A 238 -63.11 -32.83 2.66
C PHE A 238 -62.91 -32.28 1.26
N ARG A 239 -61.99 -32.87 0.50
CA ARG A 239 -61.72 -32.39 -0.85
C ARG A 239 -62.84 -32.79 -1.81
N GLN A 240 -63.41 -33.97 -1.63
CA GLN A 240 -64.50 -34.43 -2.50
C GLN A 240 -65.77 -33.63 -2.27
N ALA A 241 -66.04 -33.25 -1.01
CA ALA A 241 -67.24 -32.47 -0.73
C ALA A 241 -67.15 -31.08 -1.33
N ILE A 242 -66.00 -30.43 -1.21
CA ILE A 242 -65.85 -29.06 -1.70
C ILE A 242 -65.87 -29.03 -3.22
N THR A 243 -65.16 -29.95 -3.87
CA THR A 243 -65.11 -29.97 -5.33
C THR A 243 -66.44 -30.42 -5.94
N LEU A 244 -67.32 -31.04 -5.16
CA LEU A 244 -68.66 -31.35 -5.64
C LEU A 244 -69.62 -30.19 -5.34
N ASN A 245 -69.46 -29.56 -4.18
CA ASN A 245 -70.31 -28.42 -3.82
C ASN A 245 -70.06 -27.22 -4.72
N LYS A 246 -68.84 -27.09 -5.25
CA LYS A 246 -68.54 -26.02 -6.20
C LYS A 246 -69.31 -26.23 -7.51
N LYS A 247 -69.45 -27.49 -7.94
CA LYS A 247 -70.18 -27.77 -9.17
C LYS A 247 -71.68 -27.57 -9.01
N ILE A 248 -72.23 -27.88 -7.82
CA ILE A 248 -73.67 -27.80 -7.64
C ILE A 248 -74.14 -26.34 -7.54
N HIS A 249 -73.40 -25.52 -6.80
CA HIS A 249 -73.73 -24.09 -6.71
C HIS A 249 -73.27 -23.30 -7.93
N PHE A 250 -72.65 -23.96 -8.91
CA PHE A 250 -72.27 -23.28 -10.14
C PHE A 250 -73.51 -22.95 -10.96
N GLN A 251 -73.59 -21.71 -11.46
CA GLN A 251 -74.75 -21.25 -12.22
C GLN A 251 -74.41 -20.84 -13.64
N GLY A 252 -73.22 -21.16 -14.12
CA GLY A 252 -72.86 -20.92 -15.51
C GLY A 252 -73.38 -22.01 -16.42
N ASP A 253 -72.92 -21.96 -17.67
CA ASP A 253 -73.29 -23.01 -18.62
C ASP A 253 -72.61 -24.34 -18.26
N PRO A 254 -73.26 -25.46 -18.54
CA PRO A 254 -72.72 -26.76 -18.11
C PRO A 254 -71.47 -27.22 -18.84
N ALA A 255 -71.06 -26.53 -19.91
CA ALA A 255 -69.86 -26.93 -20.64
C ALA A 255 -68.60 -26.76 -19.79
N THR A 256 -68.59 -25.79 -18.90
CA THR A 256 -67.45 -25.55 -18.02
C THR A 256 -67.65 -26.14 -16.63
N LYS A 257 -68.69 -26.97 -16.43
CA LYS A 257 -68.86 -27.64 -15.15
C LYS A 257 -67.85 -28.77 -14.97
N GLU A 258 -67.50 -29.46 -16.05
CA GLU A 258 -66.59 -30.60 -15.95
C GLU A 258 -65.16 -30.17 -15.63
N ILE A 259 -64.80 -28.92 -15.95
CA ILE A 259 -63.44 -28.47 -15.71
C ILE A 259 -63.28 -27.85 -14.32
N ILE A 260 -64.35 -27.80 -13.53
CA ILE A 260 -64.25 -27.31 -12.16
C ILE A 260 -63.54 -28.34 -11.30
N SER A 261 -62.55 -27.91 -10.54
CA SER A 261 -61.81 -28.77 -9.65
C SER A 261 -61.82 -28.17 -8.24
N PHE A 262 -61.10 -28.84 -7.34
CA PHE A 262 -61.01 -28.36 -5.95
C PHE A 262 -60.25 -27.05 -5.88
N HIS A 263 -59.25 -26.87 -6.75
CA HIS A 263 -58.42 -25.67 -6.72
C HIS A 263 -59.12 -24.47 -7.35
N SER A 264 -60.06 -24.69 -8.25
CA SER A 264 -60.71 -23.59 -8.95
C SER A 264 -61.62 -22.83 -8.01
N PRO A 265 -61.48 -21.50 -7.89
CA PRO A 265 -62.30 -20.74 -6.95
C PRO A 265 -63.71 -20.43 -7.41
N TYR A 266 -64.67 -21.16 -6.85
CA TYR A 266 -66.09 -20.94 -7.11
C TYR A 266 -66.83 -20.98 -5.78
N TYR A 267 -68.02 -20.40 -5.78
CA TYR A 267 -68.79 -20.31 -4.54
C TYR A 267 -69.26 -21.69 -4.11
N PHE A 268 -69.04 -21.99 -2.83
CA PHE A 268 -69.51 -23.25 -2.24
C PHE A 268 -69.92 -22.97 -0.80
N ASP A 269 -70.96 -23.65 -0.36
CA ASP A 269 -71.47 -23.53 1.00
C ASP A 269 -70.65 -24.43 1.92
N ILE A 270 -69.90 -23.82 2.84
CA ILE A 270 -69.10 -24.60 3.77
C ILE A 270 -69.97 -25.29 4.81
N ASN A 271 -71.16 -24.76 5.11
CA ASN A 271 -72.08 -25.45 6.00
C ASN A 271 -72.67 -26.68 5.33
N GLU A 272 -72.96 -26.58 4.02
CA GLU A 272 -73.40 -27.74 3.27
C GLU A 272 -72.29 -28.78 3.17
N VAL A 273 -71.03 -28.33 3.11
CA VAL A 273 -69.89 -29.24 3.10
C VAL A 273 -69.82 -30.00 4.42
N ILE A 274 -70.14 -29.33 5.53
CA ILE A 274 -70.20 -30.00 6.83
C ILE A 274 -71.28 -31.07 6.83
N ASN A 275 -72.45 -30.77 6.25
CA ASN A 275 -73.55 -31.72 6.23
C ASN A 275 -73.21 -32.97 5.42
N TYR A 276 -72.52 -32.80 4.29
CA TYR A 276 -72.07 -33.94 3.50
C TYR A 276 -71.09 -34.79 4.30
N ILE A 277 -70.14 -34.14 4.98
CA ILE A 277 -69.14 -34.85 5.75
C ILE A 277 -69.77 -35.52 6.97
N ASN A 278 -70.73 -34.83 7.61
CA ASN A 278 -71.46 -35.42 8.72
C ASN A 278 -72.29 -36.62 8.28
N ASN A 279 -72.91 -36.54 7.10
CA ASN A 279 -73.63 -37.70 6.57
C ASN A 279 -72.69 -38.87 6.28
N ARG A 280 -71.53 -38.58 5.68
CA ARG A 280 -70.56 -39.64 5.41
C ARG A 280 -70.02 -40.25 6.71
N ASN A 281 -70.05 -39.48 7.80
CA ASN A 281 -69.72 -40.04 9.10
C ASN A 281 -70.81 -40.99 9.60
N ASN A 282 -72.05 -40.81 9.13
CA ASN A 282 -73.18 -41.64 9.55
C ASN A 282 -73.57 -42.67 8.49
N GLU A 283 -72.67 -43.00 7.57
CA GLU A 283 -73.01 -43.90 6.47
C GLU A 283 -73.25 -45.32 6.98
N ARG A 284 -74.25 -45.98 6.41
CA ARG A 284 -74.58 -47.38 6.70
C ARG A 284 -74.44 -48.16 5.42
N LYS A 285 -73.47 -49.08 5.38
CA LYS A 285 -73.20 -49.85 4.17
C LYS A 285 -74.19 -51.00 4.03
N ASN A 286 -74.37 -51.44 2.80
CA ASN A 286 -75.27 -52.54 2.47
C ASN A 286 -74.47 -53.83 2.35
N LYS A 287 -75.15 -54.90 1.93
CA LYS A 287 -74.49 -56.19 1.76
C LYS A 287 -73.53 -56.19 0.57
N ASP A 288 -73.85 -55.40 -0.46
CA ASP A 288 -73.04 -55.30 -1.67
C ASP A 288 -72.16 -54.04 -1.68
N ASN A 289 -71.59 -53.71 -0.51
CA ASN A 289 -70.53 -52.70 -0.31
C ASN A 289 -70.89 -51.31 -0.85
N GLU A 290 -72.18 -50.98 -0.87
CA GLU A 290 -72.64 -49.64 -1.20
C GLU A 290 -73.50 -49.10 -0.06
N HIS A 291 -73.84 -47.82 -0.14
CA HIS A 291 -74.56 -47.13 0.92
C HIS A 291 -75.93 -46.71 0.41
N ILE A 292 -76.98 -47.12 1.14
CA ILE A 292 -78.35 -46.72 0.84
C ILE A 292 -78.71 -45.55 1.75
N TRP A 293 -79.28 -44.50 1.16
CA TRP A 293 -79.63 -43.28 1.87
C TRP A 293 -81.10 -42.98 1.66
N SER A 294 -81.80 -42.65 2.75
CA SER A 294 -83.22 -42.35 2.70
C SER A 294 -83.45 -40.86 2.89
N ASP A 295 -84.25 -40.28 2.00
CA ASP A 295 -84.62 -38.86 2.05
C ASP A 295 -86.14 -38.79 2.01
N GLU A 296 -86.67 -37.57 2.23
CA GLU A 296 -88.11 -37.38 2.14
C GLU A 296 -88.62 -37.58 0.71
N GLU A 297 -87.79 -37.29 -0.29
CA GLU A 297 -88.15 -37.60 -1.67
C GLU A 297 -88.19 -39.10 -1.87
N GLY A 298 -87.23 -39.82 -1.31
CA GLY A 298 -87.20 -41.27 -1.44
C GLY A 298 -85.86 -41.81 -0.96
N ASN A 299 -85.68 -43.10 -1.17
CA ASN A 299 -84.44 -43.78 -0.84
C ASN A 299 -83.54 -43.85 -2.06
N PHE A 300 -82.25 -43.57 -1.87
CA PHE A 300 -81.30 -43.57 -2.99
C PHE A 300 -79.98 -44.16 -2.53
N LYS A 301 -79.38 -44.96 -3.40
CA LYS A 301 -78.01 -45.42 -3.20
C LYS A 301 -77.04 -44.28 -3.46
N PHE A 302 -76.03 -44.16 -2.61
CA PHE A 302 -75.01 -43.14 -2.80
C PHE A 302 -74.16 -43.53 -4.00
N ASP A 303 -74.04 -42.61 -4.96
CA ASP A 303 -73.14 -42.72 -6.08
C ASP A 303 -72.81 -41.30 -6.54
N ASN A 304 -72.12 -41.17 -7.68
CA ASN A 304 -71.74 -39.85 -8.17
C ASN A 304 -72.96 -39.04 -8.60
N GLU A 305 -74.01 -39.69 -9.08
CA GLU A 305 -75.18 -38.95 -9.58
C GLU A 305 -76.01 -38.37 -8.44
N ASN A 306 -76.15 -39.08 -7.32
CA ASN A 306 -76.93 -38.60 -6.20
C ASN A 306 -76.08 -38.36 -4.94
N ALA A 307 -74.82 -37.97 -5.11
CA ALA A 307 -74.02 -37.60 -3.94
C ALA A 307 -74.41 -36.22 -3.40
N HIS A 308 -75.00 -35.38 -4.24
CA HIS A 308 -75.33 -34.00 -3.84
C HIS A 308 -76.50 -33.92 -2.89
N ARG A 309 -77.28 -34.98 -2.75
CA ARG A 309 -78.42 -34.93 -1.84
C ARG A 309 -78.01 -35.17 -0.39
N LEU A 310 -76.71 -35.44 -0.14
CA LEU A 310 -76.18 -35.48 1.21
C LEU A 310 -75.84 -34.09 1.75
N PHE A 311 -75.82 -33.06 0.92
CA PHE A 311 -75.60 -31.71 1.41
C PHE A 311 -76.76 -31.20 2.26
N LYS A 312 -77.94 -31.78 2.12
CA LYS A 312 -79.04 -31.47 3.02
C LYS A 312 -78.82 -32.10 4.39
N GLU A 313 -79.29 -31.42 5.43
CA GLU A 313 -79.14 -31.94 6.78
C GLU A 313 -80.05 -33.14 7.02
N ASN A 314 -81.28 -33.10 6.50
CA ASN A 314 -82.30 -34.08 6.85
C ASN A 314 -82.27 -35.27 5.88
N VAL A 315 -81.18 -36.02 5.95
CA VAL A 315 -81.01 -37.26 5.20
C VAL A 315 -80.72 -38.37 6.19
N THR A 316 -81.45 -39.48 6.07
CA THR A 316 -81.34 -40.58 7.00
C THR A 316 -80.66 -41.78 6.34
N PRO A 317 -79.70 -42.42 7.00
CA PRO A 317 -79.04 -43.59 6.41
C PRO A 317 -79.77 -44.89 6.72
N ASP A 318 -79.81 -45.75 5.71
CA ASP A 318 -80.42 -47.07 5.82
C ASP A 318 -79.40 -48.13 5.44
N GLY A 319 -79.15 -49.07 6.36
CA GLY A 319 -78.23 -50.16 6.08
C GLY A 319 -78.13 -51.11 7.24
N SER A 320 -77.72 -52.33 6.93
CA SER A 320 -77.57 -53.37 7.94
C SER A 320 -76.19 -53.40 8.59
N SER A 321 -75.23 -52.63 8.07
CA SER A 321 -73.88 -52.62 8.59
C SER A 321 -73.31 -51.21 8.53
N ALA A 322 -72.33 -50.95 9.37
CA ALA A 322 -71.71 -49.63 9.42
C ALA A 322 -70.84 -49.39 8.19
N GLY A 323 -70.89 -48.17 7.67
CA GLY A 323 -70.20 -47.84 6.44
C GLY A 323 -68.70 -47.79 6.60
N ALA A 324 -68.02 -47.61 5.46
CA ALA A 324 -66.57 -47.59 5.43
C ALA A 324 -66.02 -46.38 6.18
N LEU A 325 -66.65 -45.23 6.02
CA LEU A 325 -66.23 -44.01 6.71
C LEU A 325 -67.06 -43.73 7.96
N ASN A 326 -67.87 -44.69 8.40
CA ASN A 326 -68.73 -44.47 9.55
C ASN A 326 -67.90 -44.45 10.83
N GLY A 327 -68.10 -43.42 11.64
CA GLY A 327 -67.37 -43.27 12.88
C GLY A 327 -65.96 -42.74 12.74
N LYS A 328 -65.53 -42.41 11.52
CA LYS A 328 -64.18 -41.94 11.25
C LYS A 328 -64.09 -40.43 11.15
N LEU A 329 -65.12 -39.78 10.62
CA LEU A 329 -65.10 -38.34 10.40
C LEU A 329 -65.76 -37.56 11.53
N LEU A 330 -66.19 -38.24 12.60
CA LEU A 330 -66.83 -37.55 13.72
C LEU A 330 -65.85 -36.60 14.42
N ASN A 331 -64.59 -37.01 14.54
CA ASN A 331 -63.56 -36.11 15.05
C ASN A 331 -63.29 -34.97 14.08
N PHE A 332 -63.38 -35.26 12.78
CA PHE A 332 -63.08 -34.27 11.76
C PHE A 332 -64.20 -33.25 11.61
N VAL A 333 -65.44 -33.61 11.95
CA VAL A 333 -66.54 -32.66 11.91
C VAL A 333 -66.33 -31.54 12.92
N ASP A 334 -65.99 -31.91 14.16
CA ASP A 334 -65.91 -30.93 15.25
C ASP A 334 -64.76 -29.96 15.05
N ARG A 335 -63.67 -30.41 14.43
CA ARG A 335 -62.58 -29.49 14.13
C ARG A 335 -62.97 -28.48 13.07
N LEU A 336 -63.74 -28.91 12.06
CA LEU A 336 -64.18 -27.99 11.02
C LEU A 336 -65.23 -27.01 11.55
N GLN A 337 -66.16 -27.49 12.38
CA GLN A 337 -67.14 -26.59 12.97
C GLN A 337 -66.51 -25.63 13.97
N SER A 338 -65.41 -26.03 14.60
CA SER A 338 -64.68 -25.12 15.48
C SER A 338 -64.04 -23.99 14.69
N LYS A 339 -63.57 -24.29 13.47
CA LYS A 339 -62.92 -23.27 12.65
C LYS A 339 -63.92 -22.22 12.17
N ILE A 340 -65.09 -22.65 11.70
CA ILE A 340 -66.06 -21.74 11.10
C ILE A 340 -66.69 -20.84 12.17
N PHE A 341 -67.09 -21.43 13.30
CA PHE A 341 -67.74 -20.66 14.36
C PHE A 341 -66.76 -19.90 15.24
N ASP A 342 -65.46 -20.02 14.97
CA ASP A 342 -64.47 -19.20 15.67
C ASP A 342 -64.67 -17.76 15.22
N LYS A 343 -64.84 -16.86 16.19
CA LYS A 343 -65.12 -15.47 15.87
C LYS A 343 -63.89 -14.70 15.41
N ARG A 344 -62.70 -15.23 15.65
CA ARG A 344 -61.49 -14.62 15.08
C ARG A 344 -61.47 -14.76 13.57
N LEU A 345 -61.93 -15.89 13.05
CA LEU A 345 -61.98 -16.17 11.63
C LEU A 345 -63.30 -15.74 10.99
N ASP A 346 -64.00 -14.79 11.60
CA ASP A 346 -65.31 -14.38 11.10
C ASP A 346 -65.18 -13.62 9.79
N PHE A 347 -64.08 -12.88 9.61
CA PHE A 347 -63.89 -12.10 8.39
C PHE A 347 -63.73 -12.98 7.15
N ILE A 348 -63.29 -14.22 7.33
CA ILE A 348 -63.04 -15.11 6.20
C ILE A 348 -64.13 -16.18 6.14
N LEU A 349 -64.71 -16.53 7.29
CA LEU A 349 -65.62 -17.68 7.38
C LEU A 349 -66.99 -17.34 7.91
N GLY A 350 -67.33 -16.07 8.07
CA GLY A 350 -68.60 -15.69 8.66
C GLY A 350 -69.76 -15.73 7.70
N GLU A 351 -70.91 -15.26 8.18
CA GLU A 351 -72.10 -15.14 7.34
C GLU A 351 -71.90 -14.11 6.25
N GLY A 352 -71.24 -12.99 6.59
CA GLY A 352 -71.02 -11.94 5.59
C GLY A 352 -70.10 -12.36 4.48
N SER A 353 -69.05 -13.13 4.81
CA SER A 353 -68.15 -13.64 3.78
C SER A 353 -68.85 -14.64 2.87
N LYS A 354 -69.85 -15.35 3.40
CA LYS A 354 -70.62 -16.28 2.58
C LYS A 354 -71.54 -15.55 1.61
N SER A 355 -72.24 -14.52 2.09
CA SER A 355 -73.23 -13.82 1.28
C SER A 355 -72.62 -12.77 0.36
N VAL A 356 -71.34 -12.44 0.54
CA VAL A 356 -70.73 -11.39 -0.27
C VAL A 356 -70.56 -11.86 -1.71
N THR A 357 -70.66 -10.93 -2.65
CA THR A 357 -70.45 -11.22 -4.06
C THR A 357 -68.97 -11.11 -4.37
N PHE A 358 -68.56 -11.75 -5.47
CA PHE A 358 -67.19 -11.62 -5.94
C PHE A 358 -66.90 -10.19 -6.39
N LYS A 359 -67.89 -9.54 -7.00
CA LYS A 359 -67.75 -8.14 -7.39
C LYS A 359 -67.59 -7.23 -6.18
N GLU A 360 -68.33 -7.51 -5.10
CA GLU A 360 -68.24 -6.70 -3.90
C GLU A 360 -66.89 -6.83 -3.21
N THR A 361 -66.24 -7.99 -3.36
CA THR A 361 -64.91 -8.19 -2.78
C THR A 361 -63.87 -7.32 -3.46
N LEU A 362 -63.89 -7.27 -4.80
CA LEU A 362 -62.87 -6.52 -5.53
C LEU A 362 -63.03 -5.02 -5.34
N GLU A 363 -64.26 -4.53 -5.28
CA GLU A 363 -64.47 -3.11 -5.05
C GLU A 363 -64.18 -2.71 -3.60
N THR A 364 -64.19 -3.67 -2.67
CA THR A 364 -63.73 -3.39 -1.31
C THR A 364 -62.21 -3.28 -1.25
N LEU A 365 -61.51 -4.19 -1.93
CA LEU A 365 -60.05 -4.20 -1.88
C LEU A 365 -59.43 -3.01 -2.61
N ILE A 366 -60.10 -2.49 -3.63
CA ILE A 366 -59.57 -1.42 -4.46
C ILE A 366 -60.18 -0.07 -4.06
N SER A 367 -61.16 -0.08 -3.17
CA SER A 367 -61.99 1.08 -2.80
C SER A 367 -62.71 1.64 -4.03
N TYR A 368 -63.48 0.76 -4.66
CA TYR A 368 -64.36 1.13 -5.77
C TYR A 368 -65.83 1.00 -5.40
N GLY A 369 -66.15 0.94 -4.12
CA GLY A 369 -67.52 0.79 -3.68
C GLY A 369 -68.25 2.10 -3.54
N LYS A 370 -69.04 2.24 -2.48
CA LYS A 370 -69.77 3.48 -2.24
C LYS A 370 -68.81 4.63 -1.90
N ASP A 371 -67.77 4.36 -1.13
CA ASP A 371 -66.77 5.35 -0.76
C ASP A 371 -65.50 5.03 -1.53
N LYS A 372 -65.21 5.83 -2.56
CA LYS A 372 -64.06 5.60 -3.41
C LYS A 372 -62.86 6.36 -2.86
N SER A 373 -61.73 5.68 -2.72
CA SER A 373 -60.54 6.26 -2.12
C SER A 373 -59.31 5.84 -2.90
N ASN A 374 -58.31 6.71 -2.91
CA ASN A 374 -57.06 6.39 -3.60
C ASN A 374 -56.25 5.35 -2.85
N ILE A 375 -56.12 5.51 -1.54
CA ILE A 375 -55.40 4.57 -0.69
C ILE A 375 -56.40 3.62 -0.05
N THR A 376 -56.04 2.34 0.02
CA THR A 376 -56.82 1.35 0.75
C THR A 376 -55.91 0.71 1.80
N ILE A 377 -56.27 0.87 3.06
CA ILE A 377 -55.49 0.34 4.18
C ILE A 377 -56.04 -1.03 4.55
N LEU A 378 -55.15 -2.02 4.60
CA LEU A 378 -55.49 -3.36 5.07
C LEU A 378 -54.83 -3.56 6.42
N ASP A 379 -55.63 -3.54 7.49
CA ASP A 379 -55.13 -3.78 8.83
C ASP A 379 -55.06 -5.28 9.06
N VAL A 380 -53.88 -5.87 8.85
CA VAL A 380 -53.67 -7.29 9.09
C VAL A 380 -53.08 -7.46 10.48
N SER A 381 -53.16 -6.41 11.30
CA SER A 381 -52.73 -6.51 12.69
C SER A 381 -53.63 -7.44 13.49
N GLY A 382 -54.94 -7.23 13.39
CA GLY A 382 -55.88 -8.04 14.14
C GLY A 382 -56.13 -9.41 13.54
N VAL A 383 -55.69 -9.63 12.30
CA VAL A 383 -55.82 -10.93 11.65
C VAL A 383 -54.98 -11.95 12.41
N PRO A 384 -55.51 -13.15 12.70
CA PRO A 384 -54.71 -14.16 13.39
C PRO A 384 -53.50 -14.59 12.58
N PHE A 385 -52.44 -14.96 13.30
CA PHE A 385 -51.14 -15.16 12.66
C PHE A 385 -51.10 -16.41 11.79
N GLU A 386 -51.90 -17.43 12.12
CA GLU A 386 -51.87 -18.65 11.31
C GLU A 386 -52.62 -18.47 10.00
N VAL A 387 -53.53 -17.50 9.93
CA VAL A 387 -54.28 -17.22 8.71
C VAL A 387 -53.76 -15.97 7.99
N LEU A 388 -52.72 -15.33 8.54
CA LEU A 388 -52.19 -14.10 7.96
C LEU A 388 -51.62 -14.34 6.57
N SER A 389 -50.89 -15.44 6.37
CA SER A 389 -50.36 -15.73 5.05
C SER A 389 -51.46 -16.13 4.08
N ILE A 390 -52.57 -16.68 4.58
CA ILE A 390 -53.68 -17.06 3.73
C ILE A 390 -54.38 -15.82 3.17
N CYS A 391 -54.65 -14.85 4.04
CA CYS A 391 -55.40 -13.67 3.61
C CYS A 391 -54.56 -12.74 2.74
N VAL A 392 -53.26 -12.64 3.03
CA VAL A 392 -52.38 -11.82 2.21
C VAL A 392 -52.24 -12.40 0.81
N SER A 393 -52.11 -13.73 0.72
CA SER A 393 -51.97 -14.39 -0.59
C SER A 393 -53.23 -14.26 -1.43
N LEU A 394 -54.40 -14.35 -0.79
CA LEU A 394 -55.65 -14.23 -1.54
C LEU A 394 -55.84 -12.83 -2.10
N ILE A 395 -55.60 -11.81 -1.26
CA ILE A 395 -55.76 -10.43 -1.70
C ILE A 395 -54.75 -10.09 -2.79
N SER A 396 -53.51 -10.58 -2.64
CA SER A 396 -52.49 -10.34 -3.65
C SER A 396 -52.83 -11.03 -4.96
N ARG A 397 -53.44 -12.22 -4.89
CA ARG A 397 -53.85 -12.93 -6.10
C ARG A 397 -55.01 -12.21 -6.79
N LEU A 398 -56.00 -11.77 -6.00
CA LEU A 398 -57.16 -11.09 -6.57
C LEU A 398 -56.78 -9.76 -7.20
N ILE A 399 -55.82 -9.05 -6.60
CA ILE A 399 -55.42 -7.76 -7.13
C ILE A 399 -54.62 -7.95 -8.42
N PHE A 400 -53.73 -8.93 -8.46
CA PHE A 400 -52.97 -9.22 -9.68
C PHE A 400 -53.88 -9.68 -10.81
N GLU A 401 -54.83 -10.55 -10.50
CA GLU A 401 -55.74 -11.04 -11.53
C GLU A 401 -56.69 -9.96 -12.01
N PHE A 402 -56.95 -8.94 -11.17
CA PHE A 402 -57.73 -7.80 -11.64
C PHE A 402 -56.95 -7.01 -12.69
N GLY A 403 -55.66 -6.78 -12.45
CA GLY A 403 -54.84 -6.14 -13.45
C GLY A 403 -54.61 -7.01 -14.67
N TYR A 404 -54.54 -8.32 -14.48
CA TYR A 404 -54.37 -9.24 -15.61
C TYR A 404 -55.62 -9.25 -16.48
N HIS A 405 -56.80 -9.34 -15.87
CA HIS A 405 -58.03 -9.41 -16.65
C HIS A 405 -58.43 -8.05 -17.20
N SER A 406 -57.87 -6.97 -16.66
CA SER A 406 -58.06 -5.66 -17.25
C SER A 406 -57.36 -5.53 -18.59
N LYS A 407 -56.23 -6.22 -18.75
CA LYS A 407 -55.49 -6.16 -20.01
C LYS A 407 -56.17 -6.96 -21.12
N LYS A 408 -57.02 -7.93 -20.76
CA LYS A 408 -57.74 -8.69 -21.77
C LYS A 408 -58.77 -7.83 -22.49
N ILE A 409 -59.45 -6.94 -21.77
CA ILE A 409 -60.36 -6.01 -22.43
C ILE A 409 -59.62 -4.83 -23.03
N LYS A 410 -58.41 -4.53 -22.57
CA LYS A 410 -57.66 -3.40 -23.14
C LYS A 410 -57.24 -3.69 -24.56
N ARG A 411 -56.96 -4.96 -24.88
CA ARG A 411 -56.81 -5.36 -26.27
C ARG A 411 -58.12 -5.21 -27.04
N LYS A 412 -59.24 -5.55 -26.40
CA LYS A 412 -60.54 -5.41 -27.05
C LYS A 412 -61.00 -3.95 -27.12
N SER A 413 -60.87 -3.21 -26.02
CA SER A 413 -61.37 -1.84 -26.01
C SER A 413 -60.48 -0.88 -26.79
N ASN A 414 -59.16 -1.17 -26.82
CA ASN A 414 -58.13 -0.41 -27.55
C ASN A 414 -58.15 1.10 -27.24
N GLU A 415 -58.58 1.46 -26.04
CA GLU A 415 -58.65 2.85 -25.62
C GLU A 415 -57.83 3.04 -24.35
N ASN A 416 -57.46 4.29 -24.10
CA ASN A 416 -56.52 4.65 -23.03
C ASN A 416 -57.21 4.81 -21.68
N GLN A 417 -57.83 3.72 -21.22
CA GLN A 417 -58.47 3.68 -19.91
C GLN A 417 -57.75 2.63 -19.07
N ASP A 418 -57.11 3.06 -17.99
CA ASP A 418 -56.23 2.21 -17.21
C ASP A 418 -56.50 2.39 -15.72
N ILE A 419 -56.30 1.30 -14.97
CA ILE A 419 -56.38 1.33 -13.51
C ILE A 419 -55.07 0.76 -12.99
N PRO A 420 -54.03 1.57 -12.81
CA PRO A 420 -52.78 1.06 -12.27
C PRO A 420 -52.85 0.94 -10.75
N ILE A 421 -52.30 -0.15 -10.23
CA ILE A 421 -52.39 -0.48 -8.82
C ILE A 421 -50.98 -0.68 -8.28
N LEU A 422 -50.67 -0.02 -7.17
CA LEU A 422 -49.44 -0.23 -6.42
C LEU A 422 -49.77 -0.88 -5.08
N ILE A 423 -49.13 -2.00 -4.78
CA ILE A 423 -49.33 -2.67 -3.50
C ILE A 423 -48.11 -2.41 -2.63
N VAL A 424 -48.35 -1.97 -1.40
CA VAL A 424 -47.29 -1.66 -0.44
C VAL A 424 -47.26 -2.78 0.59
N TYR A 425 -46.13 -3.46 0.71
CA TYR A 425 -45.95 -4.53 1.69
C TYR A 425 -45.01 -4.04 2.77
N GLU A 426 -45.57 -3.67 3.91
CA GLU A 426 -44.74 -3.39 5.08
C GLU A 426 -44.31 -4.71 5.71
N GLU A 427 -43.04 -4.76 6.12
CA GLU A 427 -42.37 -5.98 6.56
C GLU A 427 -42.48 -7.08 5.50
N ALA A 428 -41.93 -6.77 4.31
CA ALA A 428 -42.03 -7.67 3.16
C ALA A 428 -41.23 -8.94 3.34
N HIS A 429 -40.25 -8.95 4.25
CA HIS A 429 -39.52 -10.18 4.55
C HIS A 429 -40.40 -11.23 5.21
N LYS A 430 -41.42 -10.79 5.94
CA LYS A 430 -42.34 -11.74 6.58
C LYS A 430 -43.20 -12.44 5.54
N TYR A 431 -43.72 -11.68 4.58
CA TYR A 431 -44.61 -12.26 3.57
C TYR A 431 -43.85 -13.05 2.52
N ALA A 432 -42.63 -12.64 2.19
CA ALA A 432 -41.83 -13.30 1.15
C ALA A 432 -40.45 -13.64 1.71
N PRO A 433 -40.36 -14.67 2.55
CA PRO A 433 -39.06 -15.01 3.15
C PRO A 433 -38.14 -15.70 2.15
N LYS A 434 -36.84 -15.56 2.41
CA LYS A 434 -35.87 -16.27 1.57
C LYS A 434 -35.84 -17.76 1.91
N SER A 435 -36.20 -18.12 3.14
CA SER A 435 -36.29 -19.52 3.52
C SER A 435 -37.54 -20.14 2.92
N ASP A 436 -37.45 -21.44 2.64
CA ASP A 436 -38.53 -22.17 2.00
C ASP A 436 -39.48 -22.80 3.01
N LEU A 437 -39.60 -22.21 4.20
CA LEU A 437 -40.56 -22.69 5.19
C LEU A 437 -41.98 -22.49 4.67
N SER A 438 -42.82 -23.50 4.85
CA SER A 438 -44.10 -23.56 4.17
C SER A 438 -45.18 -22.71 4.82
N LYS A 439 -44.89 -22.05 5.94
CA LYS A 439 -45.91 -21.22 6.58
C LYS A 439 -46.25 -20.00 5.74
N TYR A 440 -45.24 -19.36 5.15
CA TYR A 440 -45.45 -18.17 4.33
C TYR A 440 -45.19 -18.43 2.86
N ARG A 441 -45.29 -19.70 2.43
CA ARG A 441 -45.04 -20.03 1.03
C ARG A 441 -46.13 -19.50 0.11
N THR A 442 -47.39 -19.58 0.54
CA THR A 442 -48.50 -19.13 -0.29
C THR A 442 -48.47 -17.62 -0.50
N SER A 443 -48.11 -16.87 0.54
CA SER A 443 -48.00 -15.42 0.39
C SER A 443 -46.78 -15.05 -0.45
N LYS A 444 -45.69 -15.82 -0.32
CA LYS A 444 -44.50 -15.57 -1.12
C LYS A 444 -44.78 -15.82 -2.60
N GLU A 445 -45.54 -16.87 -2.92
CA GLU A 445 -45.87 -17.18 -4.30
C GLU A 445 -46.75 -16.11 -4.92
N ALA A 446 -47.61 -15.48 -4.12
CA ALA A 446 -48.46 -14.41 -4.63
C ALA A 446 -47.65 -13.16 -4.96
N ILE A 447 -46.74 -12.76 -4.07
CA ILE A 447 -45.89 -11.60 -4.32
C ILE A 447 -44.93 -11.88 -5.47
N GLU A 448 -44.44 -13.12 -5.58
CA GLU A 448 -43.53 -13.49 -6.65
C GLU A 448 -44.22 -13.39 -8.01
N ARG A 449 -45.50 -13.75 -8.07
CA ARG A 449 -46.25 -13.60 -9.32
C ARG A 449 -46.38 -12.14 -9.72
N ILE A 450 -46.63 -11.27 -8.73
CA ILE A 450 -46.69 -9.84 -9.00
C ILE A 450 -45.30 -9.28 -9.32
N ALA A 451 -44.26 -9.83 -8.69
CA ALA A 451 -42.90 -9.38 -8.98
C ALA A 451 -42.48 -9.74 -10.40
N LYS A 452 -42.79 -10.97 -10.83
CA LYS A 452 -42.36 -11.42 -12.15
C LYS A 452 -43.20 -10.80 -13.26
N GLU A 453 -44.52 -10.82 -13.13
CA GLU A 453 -45.41 -10.51 -14.22
C GLU A 453 -46.29 -9.29 -14.00
N GLY A 454 -46.24 -8.67 -12.83
CA GLY A 454 -47.19 -7.61 -12.52
C GLY A 454 -46.92 -6.30 -13.21
N ARG A 455 -45.71 -6.09 -13.71
CA ARG A 455 -45.41 -4.86 -14.45
C ARG A 455 -46.21 -4.77 -15.73
N LYS A 456 -46.38 -5.90 -16.42
CA LYS A 456 -47.14 -5.93 -17.66
C LYS A 456 -48.61 -5.60 -17.44
N TYR A 457 -49.19 -6.09 -16.35
CA TYR A 457 -50.62 -5.99 -16.11
C TYR A 457 -51.00 -4.79 -15.24
N GLY A 458 -50.03 -3.98 -14.82
CA GLY A 458 -50.34 -2.78 -14.06
C GLY A 458 -50.43 -2.96 -12.57
N VAL A 459 -49.84 -4.01 -12.01
CA VAL A 459 -49.81 -4.24 -10.57
C VAL A 459 -48.35 -4.31 -10.14
N THR A 460 -47.85 -3.24 -9.53
CA THR A 460 -46.45 -3.22 -9.10
C THR A 460 -46.34 -3.14 -7.59
N LEU A 461 -45.14 -3.41 -7.10
CA LEU A 461 -44.85 -3.59 -5.69
C LEU A 461 -44.15 -2.37 -5.11
N LEU A 462 -44.39 -2.14 -3.82
CA LEU A 462 -43.51 -1.30 -3.00
C LEU A 462 -43.19 -2.14 -1.78
N LEU A 463 -41.94 -2.58 -1.67
CA LEU A 463 -41.52 -3.49 -0.61
C LEU A 463 -40.80 -2.69 0.47
N ALA A 464 -41.37 -2.65 1.68
CA ALA A 464 -40.75 -2.02 2.83
C ALA A 464 -40.45 -3.10 3.85
N SER A 465 -39.18 -3.21 4.24
CA SER A 465 -38.77 -4.23 5.20
C SER A 465 -37.56 -3.75 5.97
N GLN A 466 -37.60 -3.92 7.29
CA GLN A 466 -36.49 -3.53 8.14
C GLN A 466 -35.33 -4.52 8.10
N ARG A 467 -35.57 -5.74 7.64
CA ARG A 467 -34.52 -6.76 7.46
C ARG A 467 -34.58 -7.20 6.00
N PRO A 468 -33.89 -6.48 5.10
CA PRO A 468 -33.94 -6.84 3.68
C PRO A 468 -33.34 -8.19 3.35
N SER A 469 -32.43 -8.71 4.18
CA SER A 469 -31.78 -9.98 3.89
C SER A 469 -32.76 -11.14 3.87
N GLU A 470 -33.77 -11.10 4.73
CA GLU A 470 -34.73 -12.20 4.78
C GLU A 470 -35.73 -12.16 3.63
N ILE A 471 -35.81 -11.05 2.88
CA ILE A 471 -36.55 -11.07 1.63
C ILE A 471 -35.86 -12.01 0.66
N SER A 472 -36.65 -12.76 -0.10
CA SER A 472 -36.08 -13.66 -1.10
C SER A 472 -35.38 -12.86 -2.19
N GLU A 473 -34.26 -13.41 -2.66
CA GLU A 473 -33.45 -12.71 -3.65
C GLU A 473 -34.17 -12.59 -4.99
N THR A 474 -35.09 -13.50 -5.27
CA THR A 474 -35.79 -13.48 -6.55
C THR A 474 -36.76 -12.30 -6.63
N ILE A 475 -37.57 -12.09 -5.58
CA ILE A 475 -38.52 -10.99 -5.57
C ILE A 475 -37.81 -9.65 -5.41
N PHE A 476 -36.75 -9.62 -4.61
CA PHE A 476 -35.99 -8.38 -4.42
C PHE A 476 -35.26 -7.96 -5.68
N SER A 477 -34.86 -8.92 -6.52
CA SER A 477 -34.19 -8.57 -7.77
C SER A 477 -35.15 -7.97 -8.78
N GLN A 478 -36.45 -8.27 -8.66
CA GLN A 478 -37.44 -7.70 -9.57
C GLN A 478 -37.66 -6.21 -9.34
N CYS A 479 -37.32 -5.72 -8.15
CA CYS A 479 -37.38 -4.29 -7.90
C CYS A 479 -36.35 -3.56 -8.74
N ASN A 480 -36.73 -2.40 -9.27
CA ASN A 480 -35.82 -1.61 -10.09
C ASN A 480 -35.40 -0.30 -9.46
N THR A 481 -36.23 0.30 -8.62
CA THR A 481 -35.86 1.49 -7.88
C THR A 481 -35.75 1.13 -6.40
N PHE A 482 -34.59 1.43 -5.81
CA PHE A 482 -34.30 1.10 -4.42
C PHE A 482 -34.08 2.37 -3.63
N ILE A 483 -34.81 2.50 -2.53
CA ILE A 483 -34.59 3.55 -1.55
C ILE A 483 -33.96 2.90 -0.33
N SER A 484 -32.70 3.22 -0.06
CA SER A 484 -31.94 2.59 1.01
C SER A 484 -31.73 3.61 2.11
N MET A 485 -32.32 3.36 3.27
CA MET A 485 -32.12 4.20 4.44
C MET A 485 -30.93 3.68 5.23
N ARG A 486 -30.78 4.13 6.47
CA ARG A 486 -29.68 3.69 7.30
C ARG A 486 -29.81 2.20 7.61
N LEU A 487 -28.75 1.46 7.31
CA LEU A 487 -28.73 0.00 7.42
C LEU A 487 -27.58 -0.36 8.35
N THR A 488 -27.89 -0.61 9.63
CA THR A 488 -26.84 -0.89 10.60
C THR A 488 -26.48 -2.37 10.65
N ASN A 489 -27.39 -3.26 10.27
CA ASN A 489 -27.12 -4.69 10.35
C ASN A 489 -26.15 -5.07 9.24
N PRO A 490 -25.03 -5.74 9.56
CA PRO A 490 -24.04 -6.06 8.53
C PRO A 490 -24.54 -7.00 7.45
N ASP A 491 -25.41 -7.95 7.79
CA ASP A 491 -25.97 -8.84 6.78
C ASP A 491 -26.94 -8.11 5.87
N ASP A 492 -27.64 -7.11 6.40
CA ASP A 492 -28.48 -6.26 5.56
C ASP A 492 -27.65 -5.39 4.64
N GLN A 493 -26.47 -4.96 5.11
CA GLN A 493 -25.56 -4.19 4.26
C GLN A 493 -25.02 -5.05 3.13
N ASN A 494 -24.59 -6.27 3.44
CA ASN A 494 -24.00 -7.15 2.44
C ASN A 494 -25.03 -7.57 1.39
N TYR A 495 -26.28 -7.77 1.82
CA TYR A 495 -27.34 -8.19 0.90
C TYR A 495 -27.71 -7.06 -0.05
N VAL A 496 -27.85 -5.84 0.48
CA VAL A 496 -28.31 -4.72 -0.33
C VAL A 496 -27.25 -4.30 -1.33
N LYS A 497 -25.99 -4.20 -0.89
CA LYS A 497 -24.90 -3.76 -1.77
C LYS A 497 -24.70 -4.70 -2.94
N ARG A 498 -24.87 -6.01 -2.71
CA ARG A 498 -24.76 -6.98 -3.80
C ARG A 498 -25.90 -6.83 -4.80
N LEU A 499 -27.11 -6.60 -4.33
CA LEU A 499 -28.29 -6.55 -5.18
C LEU A 499 -28.63 -5.15 -5.68
N LEU A 500 -27.89 -4.15 -5.27
CA LEU A 500 -28.13 -2.79 -5.74
C LEU A 500 -27.71 -2.66 -7.20
N PRO A 501 -28.47 -1.95 -8.04
CA PRO A 501 -28.10 -1.87 -9.45
C PRO A 501 -26.94 -0.92 -9.72
N ASP A 502 -26.62 -0.06 -8.76
CA ASP A 502 -25.59 0.96 -8.92
C ASP A 502 -24.78 1.01 -7.63
N THR A 503 -23.70 1.77 -7.67
CA THR A 503 -22.85 1.96 -6.50
C THR A 503 -22.50 3.44 -6.36
N VAL A 504 -22.19 3.83 -5.13
CA VAL A 504 -21.71 5.16 -4.82
C VAL A 504 -20.39 5.02 -4.06
N GLY A 505 -19.59 6.08 -4.13
CA GLY A 505 -18.32 6.11 -3.43
C GLY A 505 -18.43 6.01 -1.93
N ASP A 506 -17.63 5.13 -1.33
CA ASP A 506 -17.56 4.91 0.11
C ASP A 506 -18.94 4.49 0.66
N ILE A 507 -19.54 3.50 0.00
CA ILE A 507 -20.88 3.06 0.36
C ILE A 507 -20.88 2.19 1.62
N THR A 508 -19.73 1.60 1.98
CA THR A 508 -19.69 0.72 3.13
C THR A 508 -19.89 1.48 4.44
N ASN A 509 -19.26 2.65 4.58
CA ASN A 509 -19.48 3.49 5.75
C ASN A 509 -20.70 4.40 5.60
N LEU A 510 -21.22 4.55 4.38
CA LEU A 510 -22.30 5.51 4.15
C LEU A 510 -23.63 4.98 4.67
N LEU A 511 -23.91 3.69 4.47
CA LEU A 511 -25.18 3.13 4.93
C LEU A 511 -25.37 3.17 6.45
N PRO A 512 -24.41 2.81 7.31
CA PRO A 512 -24.63 3.04 8.75
C PRO A 512 -24.71 4.52 9.12
N SER A 513 -24.04 5.39 8.38
CA SER A 513 -23.93 6.79 8.75
C SER A 513 -25.11 7.64 8.29
N LEU A 514 -26.09 7.06 7.60
CA LEU A 514 -27.26 7.83 7.18
C LEU A 514 -28.08 8.25 8.38
N LYS A 515 -28.48 9.52 8.40
CA LYS A 515 -29.23 10.07 9.52
C LYS A 515 -30.70 9.69 9.38
N GLU A 516 -31.51 10.20 10.30
CA GLU A 516 -32.93 9.86 10.33
C GLU A 516 -33.65 10.57 9.18
N GLY A 517 -34.33 9.79 8.34
CA GLY A 517 -34.95 10.33 7.15
C GLY A 517 -34.02 10.49 5.97
N GLU A 518 -32.75 10.11 6.11
CA GLU A 518 -31.79 10.17 5.02
C GLU A 518 -31.89 8.89 4.20
N ALA A 519 -31.83 9.04 2.89
CA ALA A 519 -31.97 7.90 1.99
C ALA A 519 -30.93 7.95 0.90
N LEU A 520 -30.63 6.78 0.36
CA LEU A 520 -29.82 6.62 -0.83
C LEU A 520 -30.69 5.99 -1.91
N ILE A 521 -30.92 6.73 -3.00
CA ILE A 521 -31.86 6.33 -4.03
C ILE A 521 -31.09 6.06 -5.32
N MET A 522 -31.24 4.84 -5.86
CA MET A 522 -30.81 4.54 -7.21
C MET A 522 -31.94 3.86 -7.95
N GLY A 523 -31.70 3.59 -9.22
CA GLY A 523 -32.65 2.88 -10.05
C GLY A 523 -32.60 3.43 -11.45
N ASP A 524 -33.57 3.03 -12.26
CA ASP A 524 -33.70 3.59 -13.60
C ASP A 524 -34.68 4.76 -13.65
N SER A 525 -35.31 5.08 -12.53
CA SER A 525 -36.15 6.26 -12.40
C SER A 525 -35.37 7.50 -11.98
N ILE A 526 -34.10 7.34 -11.64
CA ILE A 526 -33.24 8.46 -11.26
C ILE A 526 -31.88 8.26 -11.92
N SER A 527 -31.37 9.33 -12.56
CA SER A 527 -30.16 9.20 -13.35
C SER A 527 -28.91 9.05 -12.49
N ILE A 528 -28.79 9.85 -11.44
CA ILE A 528 -27.62 9.87 -10.58
C ILE A 528 -28.03 9.36 -9.21
N PRO A 529 -27.39 8.31 -8.68
CA PRO A 529 -27.67 7.88 -7.30
C PRO A 529 -27.29 8.96 -6.31
N SER A 530 -28.28 9.37 -5.52
CA SER A 530 -28.15 10.56 -4.70
C SER A 530 -28.46 10.22 -3.25
N ILE A 531 -27.80 10.94 -2.35
CA ILE A 531 -28.16 10.93 -0.94
C ILE A 531 -29.17 12.06 -0.73
N VAL A 532 -30.36 11.70 -0.29
CA VAL A 532 -31.48 12.63 -0.24
C VAL A 532 -32.01 12.71 1.19
N LYS A 533 -32.37 13.91 1.59
CA LYS A 533 -33.08 14.15 2.84
C LYS A 533 -34.55 14.25 2.47
N ILE A 534 -35.31 13.18 2.73
CA ILE A 534 -36.71 13.14 2.38
C ILE A 534 -37.48 14.14 3.24
N GLU A 535 -38.37 14.89 2.59
CA GLU A 535 -39.12 15.93 3.29
C GLU A 535 -40.04 15.31 4.34
N LYS A 536 -40.20 16.01 5.45
CA LYS A 536 -40.90 15.47 6.60
C LYS A 536 -42.39 15.34 6.31
N CYS A 537 -43.02 14.38 6.97
CA CYS A 537 -44.46 14.18 6.85
C CYS A 537 -45.17 15.19 7.75
N THR A 538 -45.98 16.06 7.14
CA THR A 538 -46.84 16.95 7.92
C THR A 538 -47.88 16.14 8.69
N ILE A 539 -48.41 15.10 8.07
CA ILE A 539 -49.35 14.18 8.71
C ILE A 539 -48.66 12.84 8.90
N PRO A 540 -47.91 12.65 9.99
CA PRO A 540 -47.10 11.45 10.13
C PRO A 540 -47.97 10.23 10.41
N PRO A 541 -47.52 9.04 10.01
CA PRO A 541 -48.18 7.81 10.45
C PRO A 541 -48.01 7.60 11.95
N SER A 542 -48.86 6.74 12.51
CA SER A 542 -48.81 6.43 13.93
C SER A 542 -47.49 5.77 14.30
N SER A 543 -46.70 6.44 15.11
CA SER A 543 -45.36 6.00 15.46
C SER A 543 -45.37 5.32 16.81
N ILE A 544 -44.87 4.09 16.85
CA ILE A 544 -44.81 3.31 18.08
C ILE A 544 -43.37 3.41 18.59
N ASP A 545 -43.14 4.38 19.48
CA ASP A 545 -41.84 4.57 20.13
C ASP A 545 -42.12 4.68 21.62
N ILE A 546 -42.10 3.55 22.31
CA ILE A 546 -42.31 3.53 23.75
C ILE A 546 -41.08 4.12 24.42
N LYS A 547 -41.28 5.19 25.19
CA LYS A 547 -40.20 5.87 25.88
C LYS A 547 -40.01 5.16 27.22
N TYR A 548 -39.19 4.10 27.21
CA TYR A 548 -38.96 3.29 28.41
C TYR A 548 -38.44 4.10 29.57
N LEU A 549 -37.53 5.04 29.33
CA LEU A 549 -37.08 5.85 30.45
C LEU A 549 -38.19 6.74 30.96
N ASP A 550 -38.95 7.38 30.07
CA ASP A 550 -39.97 8.32 30.51
C ASP A 550 -41.14 7.62 31.19
N GLU A 551 -41.49 6.41 30.74
CA GLU A 551 -42.52 5.66 31.45
C GLU A 551 -42.01 5.04 32.74
N TRP A 552 -40.70 4.74 32.83
CA TRP A 552 -40.18 4.19 34.08
C TRP A 552 -39.95 5.24 35.14
N ARG A 553 -39.78 6.51 34.76
CA ARG A 553 -39.58 7.57 35.75
C ARG A 553 -40.85 7.88 36.53
N LYS A 554 -42.01 7.78 35.88
CA LYS A 554 -43.25 8.08 36.58
C LYS A 554 -43.57 6.98 37.60
N GLU A 555 -44.57 7.26 38.42
CA GLU A 555 -44.92 6.39 39.54
C GLU A 555 -45.42 5.02 39.04
N TRP A 556 -45.35 4.04 39.94
CA TRP A 556 -45.85 2.70 39.68
C TRP A 556 -47.34 2.77 39.36
N VAL A 557 -47.69 2.53 38.11
CA VAL A 557 -49.08 2.67 37.68
C VAL A 557 -49.82 1.38 38.03
N ASP A 558 -51.12 1.51 38.29
CA ASP A 558 -51.94 0.36 38.59
C ASP A 558 -52.33 -0.34 37.30
N SER A 559 -52.14 -1.65 37.27
CA SER A 559 -52.38 -2.43 36.06
C SER A 559 -53.76 -3.08 36.14
N GLU A 560 -54.57 -2.85 35.11
CA GLU A 560 -55.87 -3.50 34.98
C GLU A 560 -55.65 -4.88 34.38
N PHE A 561 -55.24 -5.81 35.26
CA PHE A 561 -54.97 -7.18 34.84
C PHE A 561 -56.23 -7.88 34.35
N ASP A 562 -57.36 -7.63 35.01
CA ASP A 562 -58.61 -8.27 34.64
C ASP A 562 -59.06 -7.87 33.24
N LYS A 563 -58.82 -6.60 32.87
CA LYS A 563 -59.15 -6.15 31.52
C LYS A 563 -58.27 -6.83 30.47
N ILE A 564 -56.98 -6.97 30.78
CA ILE A 564 -56.04 -7.57 29.83
C ILE A 564 -56.29 -9.08 29.72
N ILE A 565 -56.52 -9.74 30.85
CA ILE A 565 -56.70 -11.18 30.89
C ILE A 565 -57.99 -11.58 30.18
N GLU A 566 -59.04 -10.76 30.31
CA GLU A 566 -60.30 -11.05 29.64
C GLU A 566 -60.15 -10.97 28.12
N GLN A 567 -59.29 -10.07 27.63
CA GLN A 567 -59.01 -10.04 26.20
C GLN A 567 -57.99 -11.10 25.81
N TRP A 568 -57.13 -11.49 26.74
CA TRP A 568 -56.18 -12.57 26.49
C TRP A 568 -56.91 -13.91 26.38
N SER A 569 -57.84 -14.16 27.31
CA SER A 569 -58.55 -15.44 27.33
C SER A 569 -59.45 -15.60 26.10
N LYS A 570 -60.13 -14.53 25.69
CA LYS A 570 -60.86 -14.57 24.43
C LYS A 570 -59.92 -14.65 23.25
N SER A 571 -58.79 -13.94 23.32
CA SER A 571 -57.73 -13.92 22.30
C SER A 571 -58.24 -13.51 20.92
N ASN B 5 1.22 32.27 26.83
CA ASN B 5 0.48 31.47 27.80
C ASN B 5 1.11 30.09 27.93
N ASP B 6 0.40 29.17 28.61
CA ASP B 6 0.93 27.84 28.85
C ASP B 6 1.04 27.04 27.56
N ILE B 7 0.06 27.16 26.67
CA ILE B 7 0.06 26.44 25.40
C ILE B 7 -0.09 27.46 24.26
N ASN B 8 0.70 27.28 23.21
CA ASN B 8 0.57 28.03 21.96
C ASN B 8 0.62 27.02 20.83
N ALA B 9 -0.54 26.65 20.32
CA ALA B 9 -0.63 25.72 19.20
C ALA B 9 -1.61 26.27 18.19
N GLU B 10 -1.44 25.90 16.93
CA GLU B 10 -2.38 26.31 15.91
C GLU B 10 -2.46 25.26 14.82
N VAL B 11 -3.60 25.26 14.12
CA VAL B 11 -3.82 24.33 13.01
C VAL B 11 -3.03 24.85 11.81
N VAL B 12 -2.07 24.05 11.36
CA VAL B 12 -1.26 24.47 10.22
C VAL B 12 -1.82 23.94 8.90
N SER B 13 -2.54 22.82 8.92
CA SER B 13 -3.19 22.36 7.70
C SER B 13 -4.44 21.57 8.05
N VAL B 14 -5.44 21.64 7.17
CA VAL B 14 -6.68 20.88 7.33
C VAL B 14 -6.87 19.96 6.15
N SER B 15 -7.54 18.85 6.41
CA SER B 15 -8.03 17.87 5.47
C SER B 15 -9.55 17.82 5.59
N PRO B 16 -10.26 17.08 4.72
CA PRO B 16 -11.70 16.91 4.95
C PRO B 16 -12.07 16.23 6.28
N ASN B 17 -11.19 15.39 6.82
CA ASN B 17 -11.46 14.75 8.11
C ASN B 17 -10.30 14.83 9.08
N LYS B 18 -9.26 15.62 8.79
CA LYS B 18 -8.07 15.65 9.63
C LYS B 18 -7.60 17.09 9.84
N LEU B 19 -7.04 17.33 11.01
CA LEU B 19 -6.39 18.60 11.35
C LEU B 19 -4.93 18.32 11.69
N LYS B 20 -4.05 19.23 11.31
CA LYS B 20 -2.64 19.14 11.65
C LYS B 20 -2.31 20.35 12.50
N ILE B 21 -1.84 20.11 13.73
CA ILE B 21 -1.64 21.14 14.73
C ILE B 21 -0.17 21.17 15.12
N SER B 22 0.43 22.35 15.09
CA SER B 22 1.81 22.55 15.48
C SER B 22 1.85 23.24 16.84
N VAL B 23 2.38 22.56 17.85
CA VAL B 23 2.55 23.15 19.17
C VAL B 23 3.82 23.98 19.14
N ASP B 24 3.65 25.30 19.03
CA ASP B 24 4.80 26.18 18.83
C ASP B 24 5.59 26.38 20.13
N ASP B 25 4.92 26.59 21.25
CA ASP B 25 5.60 27.07 22.45
C ASP B 25 5.61 26.07 23.60
N LEU B 26 4.44 25.66 24.10
CA LEU B 26 4.31 24.73 25.23
C LEU B 26 5.14 25.16 26.43
N GLU B 27 4.75 26.24 27.10
CA GLU B 27 5.47 26.67 28.29
C GLU B 27 5.33 25.66 29.43
N GLU B 28 4.11 25.23 29.72
CA GLU B 28 3.86 24.35 30.85
C GLU B 28 3.89 22.91 30.37
N PHE B 29 4.84 22.13 30.89
CA PHE B 29 5.01 20.74 30.48
C PHE B 29 3.89 19.85 30.99
N LYS B 30 3.14 20.29 31.99
CA LYS B 30 2.04 19.49 32.52
C LYS B 30 0.90 19.34 31.53
N ILE B 31 0.73 20.33 30.65
CA ILE B 31 -0.35 20.29 29.66
C ILE B 31 -0.13 19.17 28.67
N ALA B 32 1.11 19.01 28.19
CA ALA B 32 1.40 17.96 27.21
C ALA B 32 1.26 16.58 27.83
N GLU B 33 1.54 16.44 29.13
CA GLU B 33 1.55 15.13 29.77
C GLU B 33 0.15 14.53 29.85
N GLU B 34 -0.85 15.34 30.20
CA GLU B 34 -2.18 14.81 30.46
C GLU B 34 -3.26 15.30 29.50
N LYS B 35 -3.01 16.36 28.73
CA LYS B 35 -4.04 16.93 27.86
C LYS B 35 -3.72 16.86 26.38
N LEU B 36 -2.49 16.51 26.00
CA LEU B 36 -2.12 16.42 24.59
C LEU B 36 -1.85 14.98 24.16
N GLY B 37 -2.26 14.00 24.95
CA GLY B 37 -2.07 12.61 24.58
C GLY B 37 -3.07 12.15 23.54
N VAL B 38 -2.84 10.95 23.01
CA VAL B 38 -3.70 10.40 21.97
C VAL B 38 -5.07 10.07 22.56
N GLY B 39 -6.12 10.54 21.92
CA GLY B 39 -7.47 10.39 22.42
C GLY B 39 -7.98 11.56 23.21
N SER B 40 -7.15 12.56 23.47
CA SER B 40 -7.60 13.76 24.18
C SER B 40 -8.29 14.71 23.21
N TYR B 41 -8.97 15.70 23.77
CA TYR B 41 -9.81 16.61 23.00
C TYR B 41 -9.21 18.00 22.99
N LEU B 42 -9.26 18.64 21.83
CA LEU B 42 -8.68 19.96 21.61
C LEU B 42 -9.75 20.92 21.14
N ARG B 43 -9.66 22.17 21.59
CA ARG B 43 -10.59 23.22 21.19
C ARG B 43 -9.93 24.07 20.12
N VAL B 44 -10.52 24.10 18.93
CA VAL B 44 -9.93 24.73 17.75
C VAL B 44 -10.82 25.91 17.37
N SER B 45 -10.32 27.14 17.56
CA SER B 45 -11.11 28.32 17.29
C SER B 45 -10.20 29.54 17.22
N ASP B 46 -10.78 30.65 16.77
CA ASP B 46 -10.19 31.98 16.94
C ASP B 46 -10.95 32.83 17.94
N ASN B 47 -11.97 32.28 18.59
CA ASN B 47 -12.80 33.03 19.52
C ASN B 47 -13.34 32.08 20.58
N GLN B 48 -13.84 32.66 21.66
CA GLN B 48 -14.31 31.90 22.81
C GLN B 48 -15.79 31.57 22.76
N ASP B 49 -16.47 31.89 21.65
CA ASP B 49 -17.91 31.64 21.55
C ASP B 49 -18.23 30.42 20.69
N VAL B 50 -17.71 30.36 19.47
CA VAL B 50 -17.95 29.25 18.55
C VAL B 50 -16.61 28.60 18.25
N ALA B 51 -16.55 27.27 18.40
CA ALA B 51 -15.29 26.54 18.30
C ALA B 51 -15.51 25.23 17.58
N LEU B 52 -14.40 24.63 17.17
CA LEU B 52 -14.36 23.28 16.63
C LEU B 52 -13.68 22.38 17.65
N LEU B 53 -14.28 21.23 17.94
CA LEU B 53 -13.68 20.25 18.82
C LEU B 53 -13.09 19.11 18.00
N ALA B 54 -11.88 18.70 18.35
CA ALA B 54 -11.18 17.64 17.66
C ALA B 54 -10.58 16.67 18.67
N ILE B 55 -10.40 15.43 18.22
CA ILE B 55 -9.78 14.39 19.03
C ILE B 55 -8.42 14.05 18.45
N ILE B 56 -7.43 13.87 19.33
CA ILE B 56 -6.05 13.66 18.89
C ILE B 56 -5.90 12.24 18.37
N ASP B 57 -5.43 12.12 17.13
CA ASP B 57 -5.18 10.84 16.48
C ASP B 57 -3.73 10.41 16.61
N ASN B 58 -2.81 11.36 16.47
CA ASN B 58 -1.38 11.06 16.44
C ASN B 58 -0.63 12.30 16.89
N PHE B 59 0.62 12.09 17.29
CA PHE B 59 1.51 13.20 17.63
C PHE B 59 2.94 12.78 17.35
N SER B 60 3.82 13.77 17.21
CA SER B 60 5.23 13.52 16.96
C SER B 60 6.03 14.72 17.44
N ILE B 61 6.87 14.51 18.44
CA ILE B 61 7.75 15.54 18.98
C ILE B 61 9.16 15.20 18.56
N GLU B 62 9.80 16.09 17.82
CA GLU B 62 11.16 15.88 17.33
C GLU B 62 12.03 17.07 17.72
N VAL B 63 13.25 16.78 18.19
CA VAL B 63 14.20 17.82 18.57
C VAL B 63 15.48 17.65 17.77
N LYS B 64 16.17 18.78 17.57
CA LYS B 64 17.46 18.80 16.90
C LYS B 64 18.28 19.92 17.50
N GLU B 65 19.59 19.89 17.22
CA GLU B 65 20.52 20.81 17.88
C GLU B 65 20.28 22.26 17.45
N SER B 66 20.19 22.50 16.15
CA SER B 66 20.16 23.87 15.65
C SER B 66 18.76 24.47 15.78
N GLN B 67 17.77 23.85 15.16
CA GLN B 67 16.44 24.44 15.09
C GLN B 67 15.62 24.11 16.34
N LYS B 68 14.42 24.68 16.39
CA LYS B 68 13.54 24.55 17.54
C LYS B 68 12.79 23.21 17.47
N GLN B 69 12.10 22.90 18.57
CA GLN B 69 11.36 21.66 18.69
C GLN B 69 10.17 21.64 17.75
N LYS B 70 9.96 20.51 17.08
CA LYS B 70 8.88 20.33 16.12
C LYS B 70 7.87 19.37 16.74
N TYR B 71 6.87 19.93 17.41
CA TYR B 71 5.80 19.17 18.05
C TYR B 71 4.59 19.30 17.14
N MET B 72 4.17 18.19 16.54
CA MET B 72 3.07 18.17 15.58
C MET B 72 2.00 17.20 16.06
N ILE B 73 0.75 17.64 16.03
CA ILE B 73 -0.39 16.83 16.43
C ILE B 73 -1.31 16.67 15.24
N GLU B 74 -1.71 15.43 14.96
CA GLU B 74 -2.76 15.14 13.99
C GLU B 74 -4.06 14.87 14.73
N ALA B 75 -5.11 15.61 14.37
CA ALA B 75 -6.39 15.48 15.04
C ALA B 75 -7.50 15.40 13.98
N SER B 76 -8.64 14.87 14.39
CA SER B 76 -9.81 14.78 13.53
C SER B 76 -10.96 15.56 14.15
N PRO B 77 -11.60 16.46 13.40
CA PRO B 77 -12.73 17.22 13.96
C PRO B 77 -13.92 16.31 14.24
N ILE B 78 -14.46 16.43 15.44
CA ILE B 78 -15.57 15.60 15.87
C ILE B 78 -16.90 16.35 15.92
N GLY B 79 -16.87 17.69 15.93
CA GLY B 79 -18.10 18.42 16.06
C GLY B 79 -17.84 19.90 16.26
N LEU B 80 -18.90 20.59 16.70
CA LEU B 80 -18.92 22.04 16.78
C LEU B 80 -19.54 22.47 18.09
N VAL B 81 -18.94 23.46 18.74
CA VAL B 81 -19.47 24.06 19.96
C VAL B 81 -19.92 25.46 19.65
N LYS B 82 -21.21 25.73 19.84
CA LYS B 82 -21.76 27.08 19.72
C LYS B 82 -22.37 27.47 21.06
N ASN B 83 -21.66 28.34 21.79
CA ASN B 83 -22.14 28.93 23.03
C ASN B 83 -22.46 27.86 24.09
N GLY B 84 -21.55 26.91 24.26
CA GLY B 84 -21.64 25.91 25.29
C GLY B 84 -22.44 24.67 24.95
N LYS B 85 -22.96 24.57 23.72
CA LYS B 85 -23.72 23.41 23.29
C LYS B 85 -23.01 22.77 22.11
N PHE B 86 -22.84 21.46 22.16
CA PHE B 86 -22.00 20.72 21.21
C PHE B 86 -22.87 20.06 20.15
N TYR B 87 -22.51 20.26 18.89
CA TYR B 87 -23.19 19.67 17.75
C TYR B 87 -22.22 18.75 17.02
N ARG B 88 -22.62 17.49 16.84
CA ARG B 88 -21.72 16.54 16.20
C ARG B 88 -21.63 16.78 14.69
N GLY B 89 -20.53 16.33 14.11
CA GLY B 89 -20.32 16.42 12.68
C GLY B 89 -18.98 17.01 12.31
N GLY B 90 -18.20 16.28 11.52
CA GLY B 90 -16.93 16.73 11.00
C GLY B 90 -17.04 17.52 9.72
N ASP B 91 -18.25 17.84 9.29
CA ASP B 91 -18.45 18.58 8.04
C ASP B 91 -18.00 20.03 8.16
N SER B 92 -18.02 20.59 9.38
CA SER B 92 -17.66 21.99 9.57
C SER B 92 -16.19 22.20 9.31
N LEU B 93 -15.86 23.26 8.57
CA LEU B 93 -14.50 23.53 8.12
C LEU B 93 -13.91 24.69 8.89
N ALA B 94 -12.69 24.48 9.40
CA ALA B 94 -11.92 25.53 10.05
C ALA B 94 -10.82 25.99 9.10
N LEU B 95 -10.75 27.28 8.86
CA LEU B 95 -9.74 27.82 7.95
C LEU B 95 -8.45 28.06 8.73
N PRO B 96 -7.31 27.54 8.26
CA PRO B 96 -6.07 27.71 9.01
C PRO B 96 -5.57 29.15 8.90
N PRO B 97 -4.86 29.63 9.92
CA PRO B 97 -4.56 28.98 11.19
C PRO B 97 -5.55 29.33 12.31
N LYS B 98 -5.94 28.30 13.07
CA LYS B 98 -6.85 28.44 14.19
C LYS B 98 -6.10 28.02 15.44
N LYS B 99 -6.13 28.85 16.47
CA LYS B 99 -5.40 28.53 17.68
C LYS B 99 -6.04 27.33 18.39
N VAL B 100 -5.19 26.50 19.00
CA VAL B 100 -5.60 25.23 19.57
C VAL B 100 -5.20 25.22 21.04
N GLU B 101 -6.14 24.86 21.90
CA GLU B 101 -5.93 24.69 23.32
C GLU B 101 -6.62 23.41 23.74
N PRO B 102 -6.19 22.79 24.84
CA PRO B 102 -6.91 21.62 25.35
C PRO B 102 -8.33 21.99 25.76
N ALA B 103 -9.26 21.08 25.49
CA ALA B 103 -10.66 21.33 25.79
C ALA B 103 -10.90 21.32 27.29
N LYS B 104 -11.78 22.20 27.75
CA LYS B 104 -12.14 22.23 29.15
C LYS B 104 -12.98 21.00 29.49
N LEU B 105 -13.10 20.74 30.80
CA LEU B 105 -13.85 19.56 31.24
C LEU B 105 -15.32 19.66 30.85
N ASP B 106 -15.90 20.86 30.94
CA ASP B 106 -17.29 21.05 30.52
C ASP B 106 -17.46 20.84 29.01
N GLU B 107 -16.42 21.10 28.23
CA GLU B 107 -16.50 20.85 26.79
C GLU B 107 -16.48 19.35 26.49
N ILE B 108 -15.70 18.59 27.24
CA ILE B 108 -15.63 17.14 27.04
C ILE B 108 -16.94 16.48 27.46
N ILE B 109 -17.57 16.98 28.53
CA ILE B 109 -18.89 16.49 28.94
C ILE B 109 -19.91 16.77 27.85
N SER B 110 -19.81 17.93 27.20
CA SER B 110 -20.73 18.29 26.13
C SER B 110 -20.64 17.37 24.92
N ILE B 111 -19.52 16.69 24.72
CA ILE B 111 -19.39 15.78 23.59
C ILE B 111 -20.31 14.58 23.73
N TYR B 112 -20.36 14.01 24.94
CA TYR B 112 -21.10 12.78 25.17
C TYR B 112 -22.53 13.01 25.65
N SER B 113 -22.92 14.25 25.93
CA SER B 113 -24.21 14.51 26.54
C SER B 113 -25.12 15.44 25.74
N ASP B 114 -24.59 16.32 24.89
CA ASP B 114 -25.45 17.30 24.25
C ASP B 114 -26.18 16.74 23.02
N SER B 115 -25.84 15.54 22.56
CA SER B 115 -26.62 14.88 21.53
C SER B 115 -27.84 14.19 22.10
N ILE B 116 -27.99 14.16 23.42
CA ILE B 116 -29.11 13.52 24.10
C ILE B 116 -29.80 14.60 24.92
N ASP B 117 -31.14 14.63 24.87
CA ASP B 117 -31.90 15.63 25.60
C ASP B 117 -31.69 15.44 27.10
N ILE B 118 -31.74 16.56 27.83
CA ILE B 118 -31.39 16.57 29.26
C ILE B 118 -32.36 15.70 30.05
N ASN B 119 -33.63 15.68 29.64
CA ASN B 119 -34.61 14.82 30.28
C ASN B 119 -34.70 13.46 29.59
N ASP B 120 -33.76 13.15 28.70
CA ASP B 120 -33.67 11.84 28.08
C ASP B 120 -32.36 11.13 28.43
N ARG B 121 -31.63 11.61 29.42
CA ARG B 121 -30.29 11.10 29.70
C ARG B 121 -30.35 10.03 30.79
N PHE B 122 -29.68 8.92 30.53
CA PHE B 122 -29.56 7.81 31.49
C PHE B 122 -28.10 7.39 31.51
N THR B 123 -27.41 7.69 32.60
CA THR B 123 -25.98 7.42 32.71
C THR B 123 -25.72 6.33 33.75
N PHE B 124 -24.80 5.43 33.41
CA PHE B 124 -24.36 4.39 34.34
C PHE B 124 -22.86 4.17 34.29
N SER B 125 -22.12 5.04 33.60
CA SER B 125 -20.71 4.81 33.36
C SER B 125 -20.02 6.14 33.09
N SER B 126 -18.69 6.11 33.07
CA SER B 126 -17.86 7.25 32.75
C SER B 126 -16.81 6.82 31.74
N LEU B 127 -16.20 7.80 31.07
CA LEU B 127 -15.20 7.51 30.06
C LEU B 127 -13.96 6.87 30.69
N SER B 128 -13.37 5.92 29.96
CA SER B 128 -12.18 5.25 30.47
C SER B 128 -10.97 6.17 30.43
N LEU B 129 -10.86 7.00 29.40
CA LEU B 129 -9.72 7.90 29.28
C LEU B 129 -9.81 9.04 30.30
N ASN B 130 -11.01 9.57 30.52
CA ASN B 130 -11.22 10.65 31.47
C ASN B 130 -12.34 10.24 32.42
N THR B 131 -12.01 10.07 33.70
CA THR B 131 -13.00 9.60 34.67
C THR B 131 -14.03 10.68 34.99
N LYS B 132 -13.65 11.95 34.88
CA LYS B 132 -14.53 13.04 35.32
C LYS B 132 -15.72 13.22 34.40
N VAL B 133 -15.61 12.85 33.13
CA VAL B 133 -16.73 12.93 32.21
C VAL B 133 -17.54 11.64 32.27
N SER B 134 -18.85 11.79 32.47
CA SER B 134 -19.77 10.66 32.46
C SER B 134 -20.33 10.49 31.06
N VAL B 135 -20.48 9.24 30.63
CA VAL B 135 -20.98 8.92 29.30
C VAL B 135 -22.43 8.46 29.46
N PRO B 136 -23.41 9.30 29.12
CA PRO B 136 -24.80 8.85 29.16
C PRO B 136 -25.28 8.34 27.80
N VAL B 137 -26.39 7.61 27.86
CA VAL B 137 -27.04 7.11 26.66
C VAL B 137 -28.45 7.65 26.63
N ASN B 138 -29.07 7.59 25.45
CA ASN B 138 -30.46 7.97 25.31
C ASN B 138 -31.30 6.93 26.05
N GLY B 139 -31.83 7.31 27.20
CA GLY B 139 -32.48 6.34 28.08
C GLY B 139 -33.73 5.74 27.48
N ASN B 140 -34.47 6.50 26.68
CA ASN B 140 -35.58 5.92 25.94
C ASN B 140 -35.07 4.91 24.93
N ARG B 141 -34.11 5.32 24.09
CA ARG B 141 -33.62 4.47 23.00
C ARG B 141 -32.77 3.31 23.50
N PHE B 142 -32.23 3.42 24.72
CA PHE B 142 -31.40 2.35 25.27
C PHE B 142 -32.19 1.09 25.55
N PHE B 143 -33.45 1.23 25.96
CA PHE B 143 -34.23 0.07 26.41
C PHE B 143 -35.25 -0.44 25.42
N ASN B 144 -35.84 0.42 24.57
CA ASN B 144 -36.75 -0.12 23.56
C ASN B 144 -36.01 -0.88 22.48
N LYS B 145 -34.83 -0.42 22.13
CA LYS B 145 -33.96 -1.18 21.24
C LYS B 145 -33.09 -2.09 22.12
N HIS B 146 -33.07 -3.36 21.76
CA HIS B 146 -32.59 -4.41 22.67
C HIS B 146 -31.12 -4.27 22.99
N ILE B 147 -30.76 -4.68 24.21
CA ILE B 147 -29.39 -4.59 24.71
C ILE B 147 -28.75 -5.96 24.64
N ALA B 148 -27.58 -6.03 24.01
CA ALA B 148 -26.73 -7.21 24.02
C ALA B 148 -25.42 -6.85 24.68
N ILE B 149 -25.10 -7.52 25.79
CA ILE B 149 -23.84 -7.30 26.48
C ILE B 149 -23.03 -8.59 26.40
N VAL B 150 -21.79 -8.47 25.94
CA VAL B 150 -20.90 -9.60 25.75
C VAL B 150 -19.54 -9.26 26.32
N GLY B 151 -18.75 -10.31 26.57
CA GLY B 151 -17.40 -10.14 27.06
C GLY B 151 -16.88 -11.45 27.60
N SER B 152 -15.57 -11.57 27.80
CA SER B 152 -14.98 -12.81 28.27
C SER B 152 -15.40 -13.10 29.71
N THR B 153 -15.00 -14.27 30.21
CA THR B 153 -15.36 -14.64 31.57
C THR B 153 -14.67 -13.72 32.57
N GLY B 154 -15.38 -13.39 33.64
CA GLY B 154 -14.87 -12.49 34.65
C GLY B 154 -14.68 -11.06 34.22
N SER B 155 -15.23 -10.65 33.07
CA SER B 155 -15.03 -9.28 32.60
C SER B 155 -15.89 -8.28 33.36
N GLY B 156 -17.08 -8.66 33.79
CA GLY B 156 -17.93 -7.78 34.56
C GLY B 156 -19.30 -7.55 33.96
N LYS B 157 -19.78 -8.50 33.16
CA LYS B 157 -21.10 -8.36 32.54
C LYS B 157 -22.22 -8.36 33.58
N SER B 158 -22.11 -9.22 34.59
CA SER B 158 -23.16 -9.30 35.61
C SER B 158 -23.19 -8.04 36.46
N HIS B 159 -22.04 -7.46 36.76
CA HIS B 159 -22.02 -6.21 37.49
C HIS B 159 -22.52 -5.05 36.62
N THR B 160 -22.20 -5.10 35.32
CA THR B 160 -22.69 -4.08 34.41
C THR B 160 -24.20 -4.15 34.24
N VAL B 161 -24.74 -5.37 34.12
CA VAL B 161 -26.19 -5.55 34.04
C VAL B 161 -26.85 -5.09 35.33
N ALA B 162 -26.28 -5.45 36.47
CA ALA B 162 -26.85 -5.05 37.75
C ALA B 162 -26.78 -3.54 37.96
N LYS B 163 -25.71 -2.90 37.48
CA LYS B 163 -25.59 -1.46 37.61
C LYS B 163 -26.60 -0.73 36.73
N ILE B 164 -26.90 -1.27 35.55
CA ILE B 164 -27.90 -0.66 34.68
C ILE B 164 -29.28 -0.74 35.32
N LEU B 165 -29.63 -1.90 35.89
CA LEU B 165 -30.95 -2.07 36.48
C LEU B 165 -31.08 -1.36 37.82
N GLN B 166 -29.95 -1.12 38.51
CA GLN B 166 -30.00 -0.35 39.73
C GLN B 166 -30.26 1.12 39.44
N LYS B 167 -29.61 1.67 38.41
CA LYS B 167 -29.89 3.06 38.03
C LYS B 167 -31.25 3.20 37.38
N ALA B 168 -31.76 2.13 36.75
CA ALA B 168 -33.10 2.18 36.18
C ALA B 168 -34.16 2.16 37.28
N VAL B 169 -33.90 1.49 38.39
CA VAL B 169 -34.84 1.46 39.50
C VAL B 169 -34.92 2.82 40.18
N ASP B 170 -33.77 3.45 40.42
CA ASP B 170 -33.76 4.75 41.08
C ASP B 170 -34.02 5.91 40.12
N GLU B 171 -34.23 5.64 38.84
CA GLU B 171 -34.59 6.69 37.89
C GLU B 171 -36.02 7.12 38.12
N LYS B 172 -36.23 8.06 39.03
CA LYS B 172 -37.55 8.52 39.44
C LYS B 172 -37.72 9.98 39.06
N GLN B 173 -38.86 10.29 38.45
CA GLN B 173 -39.19 11.70 38.19
C GLN B 173 -39.55 12.39 39.50
N GLU B 174 -39.35 13.71 39.52
CA GLU B 174 -39.56 14.47 40.74
C GLU B 174 -41.05 14.62 41.03
N GLY B 175 -41.43 14.41 42.29
CA GLY B 175 -42.79 14.67 42.69
C GLY B 175 -43.48 13.55 43.46
N TYR B 176 -42.75 12.49 43.80
CA TYR B 176 -43.33 11.40 44.56
C TYR B 176 -42.26 10.68 45.34
N LYS B 177 -42.70 9.92 46.35
CA LYS B 177 -41.85 9.00 47.10
C LYS B 177 -42.36 7.59 46.87
N GLY B 178 -41.44 6.63 46.83
CA GLY B 178 -41.77 5.26 46.57
C GLY B 178 -41.19 4.78 45.25
N LEU B 179 -41.30 3.45 45.06
CA LEU B 179 -40.70 2.82 43.89
C LEU B 179 -41.44 3.18 42.61
N ASN B 180 -40.70 3.26 41.52
CA ASN B 180 -41.16 3.80 40.25
C ASN B 180 -41.76 2.70 39.38
N ASN B 181 -41.96 3.01 38.11
CA ASN B 181 -42.66 2.14 37.17
C ASN B 181 -41.71 1.23 36.39
N SER B 182 -40.52 0.95 36.92
CA SER B 182 -39.62 0.02 36.26
C SER B 182 -40.13 -1.41 36.40
N HIS B 183 -39.94 -2.21 35.35
CA HIS B 183 -40.36 -3.60 35.35
C HIS B 183 -39.26 -4.42 34.70
N ILE B 184 -38.48 -5.12 35.52
CA ILE B 184 -37.32 -5.88 35.05
C ILE B 184 -37.49 -7.32 35.50
N ILE B 185 -37.32 -8.25 34.56
CA ILE B 185 -37.36 -9.69 34.83
C ILE B 185 -35.98 -10.25 34.52
N ILE B 186 -35.39 -10.92 35.51
CA ILE B 186 -34.04 -11.46 35.37
C ILE B 186 -34.12 -12.97 35.45
N PHE B 187 -33.47 -13.64 34.50
CA PHE B 187 -33.33 -15.09 34.52
C PHE B 187 -31.98 -15.41 35.15
N ASP B 188 -32.02 -15.97 36.36
CA ASP B 188 -30.83 -16.18 37.18
C ASP B 188 -30.44 -17.66 37.19
N ILE B 189 -29.39 -17.99 36.44
CA ILE B 189 -28.85 -19.35 36.41
C ILE B 189 -27.62 -19.50 37.30
N HIS B 190 -27.19 -18.42 37.94
CA HIS B 190 -26.04 -18.52 38.83
C HIS B 190 -26.29 -17.86 40.18
N SER B 191 -27.52 -17.37 40.42
CA SER B 191 -27.99 -16.87 41.72
C SER B 191 -27.13 -15.72 42.24
N GLU B 192 -27.14 -14.63 41.47
CA GLU B 192 -26.26 -13.51 41.78
C GLU B 192 -27.00 -12.25 42.18
N TYR B 193 -28.11 -11.92 41.53
CA TYR B 193 -28.78 -10.64 41.75
C TYR B 193 -29.77 -10.66 42.89
N GLU B 194 -29.84 -11.72 43.69
CA GLU B 194 -30.56 -11.63 44.94
C GLU B 194 -29.88 -10.64 45.89
N ASN B 195 -28.54 -10.67 45.93
CA ASN B 195 -27.79 -9.74 46.77
C ASN B 195 -27.83 -8.34 46.15
N ALA B 196 -27.72 -8.26 44.82
CA ALA B 196 -27.66 -6.97 44.14
C ALA B 196 -28.97 -6.19 44.26
N PHE B 197 -30.11 -6.89 44.30
CA PHE B 197 -31.41 -6.27 44.50
C PHE B 197 -32.04 -6.90 45.73
N PRO B 198 -31.83 -6.32 46.92
CA PRO B 198 -32.39 -6.93 48.14
C PRO B 198 -33.89 -6.79 48.25
N ASN B 199 -34.45 -5.67 47.78
CA ASN B 199 -35.90 -5.45 47.85
C ASN B 199 -36.57 -5.89 46.54
N SER B 200 -36.39 -7.17 46.22
CA SER B 200 -36.94 -7.75 45.00
C SER B 200 -37.55 -9.11 45.32
N ASN B 201 -38.23 -9.67 44.34
CA ASN B 201 -38.91 -10.95 44.47
C ASN B 201 -38.11 -12.02 43.75
N VAL B 202 -37.70 -13.05 44.47
CA VAL B 202 -36.93 -14.16 43.92
C VAL B 202 -37.83 -15.38 43.84
N LEU B 203 -37.87 -16.00 42.67
CA LEU B 203 -38.80 -17.09 42.38
C LEU B 203 -38.01 -18.32 41.90
N ASN B 204 -37.70 -19.21 42.81
CA ASN B 204 -37.06 -20.46 42.43
C ASN B 204 -38.13 -21.45 41.94
N VAL B 205 -37.65 -22.55 41.34
CA VAL B 205 -38.55 -23.54 40.76
C VAL B 205 -39.40 -24.21 41.84
N ASP B 206 -38.82 -24.42 43.02
CA ASP B 206 -39.53 -25.05 44.13
C ASP B 206 -40.69 -24.20 44.65
N THR B 207 -40.68 -22.89 44.40
CA THR B 207 -41.75 -22.02 44.89
C THR B 207 -42.55 -21.33 43.78
N LEU B 208 -42.09 -21.35 42.54
CA LEU B 208 -42.82 -20.73 41.44
C LEU B 208 -43.85 -21.72 40.90
N THR B 209 -45.06 -21.22 40.65
CA THR B 209 -46.13 -22.02 40.05
C THR B 209 -46.55 -21.39 38.73
N LEU B 210 -46.32 -22.12 37.64
CA LEU B 210 -46.77 -21.75 36.31
C LEU B 210 -47.76 -22.79 35.83
N PRO B 211 -49.05 -22.47 35.69
CA PRO B 211 -50.06 -23.50 35.45
C PRO B 211 -49.89 -24.21 34.10
N TYR B 212 -50.31 -25.47 34.07
CA TYR B 212 -50.24 -26.26 32.85
C TYR B 212 -51.40 -25.95 31.90
N TRP B 213 -52.35 -25.13 32.32
CA TRP B 213 -53.43 -24.70 31.45
C TRP B 213 -53.17 -23.33 30.83
N LEU B 214 -51.98 -22.78 31.03
CA LEU B 214 -51.57 -21.56 30.37
C LEU B 214 -50.74 -21.82 29.12
N LEU B 215 -50.46 -23.08 28.79
CA LEU B 215 -49.87 -23.41 27.50
C LEU B 215 -50.82 -23.02 26.37
N ASN B 216 -50.25 -22.46 25.31
CA ASN B 216 -51.04 -21.95 24.19
C ASN B 216 -51.22 -22.97 23.08
N GLY B 217 -51.20 -24.26 23.40
CA GLY B 217 -51.47 -25.29 22.41
C GLY B 217 -50.24 -25.86 21.72
N ASP B 218 -49.40 -24.99 21.16
CA ASP B 218 -48.18 -25.45 20.53
C ASP B 218 -47.23 -26.06 21.54
N GLU B 219 -47.03 -25.40 22.68
CA GLU B 219 -46.19 -25.95 23.73
C GLU B 219 -46.90 -27.04 24.52
N LEU B 220 -48.24 -26.97 24.62
CA LEU B 220 -49.00 -28.10 25.14
C LEU B 220 -48.85 -29.34 24.25
N GLU B 221 -48.68 -29.14 22.95
CA GLU B 221 -48.42 -30.24 22.04
C GLU B 221 -47.03 -30.84 22.30
N GLU B 222 -46.07 -29.99 22.63
CA GLU B 222 -44.69 -30.43 22.79
C GLU B 222 -44.37 -30.92 24.20
N LEU B 223 -45.04 -30.37 25.23
CA LEU B 223 -44.72 -30.72 26.60
C LEU B 223 -45.08 -32.16 26.90
N PHE B 224 -46.24 -32.63 26.41
CA PHE B 224 -46.76 -33.92 26.80
C PHE B 224 -46.41 -35.05 25.84
N LEU B 225 -46.16 -34.73 24.57
CA LEU B 225 -45.93 -35.74 23.53
C LEU B 225 -44.47 -35.65 23.10
N ASP B 226 -43.71 -36.71 23.38
CA ASP B 226 -42.35 -36.83 22.88
C ASP B 226 -42.30 -37.49 21.51
N THR B 227 -43.45 -37.81 20.93
CA THR B 227 -43.55 -38.44 19.63
C THR B 227 -44.00 -37.43 18.58
N GLU B 228 -43.72 -37.75 17.32
CA GLU B 228 -44.12 -36.94 16.19
C GLU B 228 -44.15 -37.84 14.96
N ALA B 229 -44.76 -37.33 13.89
CA ALA B 229 -44.77 -37.87 12.54
C ALA B 229 -45.57 -39.17 12.39
N ASN B 230 -46.09 -39.74 13.48
CA ASN B 230 -46.88 -40.96 13.37
C ASN B 230 -48.11 -40.99 14.27
N ASP B 231 -48.21 -40.14 15.28
CA ASP B 231 -49.34 -40.18 16.22
C ASP B 231 -50.54 -39.40 15.69
N HIS B 232 -51.59 -40.13 15.29
CA HIS B 232 -52.85 -39.52 14.89
C HIS B 232 -53.94 -39.79 15.91
N ASN B 233 -54.21 -41.06 16.21
CA ASN B 233 -55.26 -41.39 17.17
C ASN B 233 -54.88 -40.98 18.58
N GLN B 234 -53.58 -40.94 18.88
CA GLN B 234 -53.10 -40.39 20.14
C GLN B 234 -53.19 -38.87 20.17
N ARG B 235 -53.28 -38.24 19.00
CA ARG B 235 -53.25 -36.78 18.94
C ARG B 235 -54.62 -36.17 19.23
N ASN B 236 -55.65 -36.56 18.47
CA ASN B 236 -56.95 -35.89 18.61
C ASN B 236 -57.62 -36.21 19.93
N VAL B 237 -57.43 -37.42 20.47
CA VAL B 237 -58.02 -37.74 21.77
C VAL B 237 -57.35 -36.92 22.88
N PHE B 238 -56.10 -36.51 22.68
CA PHE B 238 -55.44 -35.61 23.62
C PHE B 238 -56.02 -34.21 23.53
N ARG B 239 -56.21 -33.70 22.30
CA ARG B 239 -56.74 -32.35 22.14
C ARG B 239 -58.23 -32.27 22.44
N GLN B 240 -58.99 -33.33 22.15
CA GLN B 240 -60.41 -33.31 22.45
C GLN B 240 -60.67 -33.36 23.96
N ALA B 241 -59.84 -34.11 24.69
CA ALA B 241 -60.00 -34.18 26.15
C ALA B 241 -59.74 -32.84 26.80
N ILE B 242 -58.70 -32.13 26.37
CA ILE B 242 -58.35 -30.85 26.97
C ILE B 242 -59.37 -29.78 26.61
N THR B 243 -59.78 -29.73 25.34
CA THR B 243 -60.73 -28.71 24.90
C THR B 243 -62.09 -28.89 25.56
N LEU B 244 -62.53 -30.14 25.73
CA LEU B 244 -63.81 -30.39 26.39
C LEU B 244 -63.73 -30.12 27.88
N ASN B 245 -62.60 -30.45 28.51
CA ASN B 245 -62.47 -30.22 29.95
C ASN B 245 -62.38 -28.74 30.30
N LYS B 246 -61.95 -27.90 29.35
CA LYS B 246 -61.94 -26.47 29.60
C LYS B 246 -63.34 -25.89 29.62
N LYS B 247 -64.26 -26.45 28.84
CA LYS B 247 -65.64 -25.97 28.87
C LYS B 247 -66.38 -26.47 30.11
N ILE B 248 -65.97 -27.62 30.65
CA ILE B 248 -66.63 -28.15 31.83
C ILE B 248 -66.34 -27.29 33.06
N HIS B 249 -65.08 -26.89 33.22
CA HIS B 249 -64.65 -26.11 34.38
C HIS B 249 -64.79 -24.61 34.18
N PHE B 250 -65.37 -24.19 33.05
CA PHE B 250 -65.52 -22.76 32.78
C PHE B 250 -66.77 -22.25 33.47
N GLN B 251 -66.62 -21.14 34.21
CA GLN B 251 -67.67 -20.67 35.11
C GLN B 251 -68.25 -19.32 34.69
N GLY B 252 -68.10 -18.95 33.41
CA GLY B 252 -68.59 -17.68 32.93
C GLY B 252 -69.82 -17.82 32.05
N ASP B 253 -70.06 -16.79 31.25
CA ASP B 253 -71.22 -16.78 30.38
C ASP B 253 -71.02 -17.78 29.22
N PRO B 254 -72.09 -18.46 28.79
CA PRO B 254 -71.92 -19.49 27.75
C PRO B 254 -71.61 -18.94 26.36
N ALA B 255 -71.67 -17.62 26.16
CA ALA B 255 -71.31 -17.04 24.87
C ALA B 255 -69.83 -17.25 24.56
N THR B 256 -68.97 -17.08 25.57
CA THR B 256 -67.54 -17.30 25.41
C THR B 256 -67.12 -18.71 25.80
N LYS B 257 -68.07 -19.57 26.18
CA LYS B 257 -67.74 -20.98 26.40
C LYS B 257 -67.58 -21.72 25.07
N GLU B 258 -68.38 -21.34 24.07
CA GLU B 258 -68.29 -22.00 22.76
C GLU B 258 -67.00 -21.63 22.04
N ILE B 259 -66.45 -20.44 22.29
CA ILE B 259 -65.21 -20.02 21.66
C ILE B 259 -63.97 -20.57 22.35
N ILE B 260 -64.14 -21.37 23.40
CA ILE B 260 -63.02 -22.00 24.08
C ILE B 260 -62.44 -23.07 23.16
N SER B 261 -61.11 -23.02 22.96
CA SER B 261 -60.46 -23.96 22.07
C SER B 261 -59.31 -24.68 22.79
N PHE B 262 -58.51 -25.42 22.02
CA PHE B 262 -57.37 -26.14 22.60
C PHE B 262 -56.30 -25.18 23.08
N HIS B 263 -56.12 -24.05 22.39
CA HIS B 263 -55.08 -23.09 22.72
C HIS B 263 -55.54 -22.03 23.71
N SER B 264 -56.80 -22.06 24.11
CA SER B 264 -57.33 -21.04 25.00
C SER B 264 -56.76 -21.24 26.42
N PRO B 265 -56.44 -20.16 27.13
CA PRO B 265 -55.88 -20.29 28.49
C PRO B 265 -56.95 -20.36 29.57
N TYR B 266 -57.61 -21.51 29.65
CA TYR B 266 -58.61 -21.78 30.68
C TYR B 266 -58.24 -23.04 31.44
N TYR B 267 -58.66 -23.10 32.70
CA TYR B 267 -58.31 -24.20 33.59
C TYR B 267 -58.98 -25.49 33.15
N PHE B 268 -58.20 -26.57 33.13
CA PHE B 268 -58.71 -27.91 32.95
C PHE B 268 -57.98 -28.83 33.92
N ASP B 269 -58.67 -29.84 34.42
CA ASP B 269 -58.05 -30.86 35.25
C ASP B 269 -57.31 -31.87 34.40
N ILE B 270 -56.02 -32.04 34.69
CA ILE B 270 -55.23 -33.02 33.95
C ILE B 270 -55.55 -34.43 34.42
N ASN B 271 -56.00 -34.61 35.66
CA ASN B 271 -56.32 -35.95 36.15
C ASN B 271 -57.62 -36.46 35.54
N GLU B 272 -58.54 -35.57 35.17
CA GLU B 272 -59.70 -36.01 34.40
C GLU B 272 -59.34 -36.27 32.94
N VAL B 273 -58.35 -35.56 32.41
CA VAL B 273 -57.89 -35.81 31.04
C VAL B 273 -57.27 -37.19 30.94
N ILE B 274 -56.46 -37.59 31.91
CA ILE B 274 -55.91 -38.94 31.92
C ILE B 274 -57.02 -39.97 32.11
N ASN B 275 -58.02 -39.63 32.93
CA ASN B 275 -59.16 -40.52 33.13
C ASN B 275 -60.00 -40.67 31.88
N TYR B 276 -60.13 -39.59 31.10
CA TYR B 276 -60.90 -39.65 29.85
C TYR B 276 -60.19 -40.50 28.82
N ILE B 277 -58.87 -40.33 28.67
CA ILE B 277 -58.12 -41.12 27.70
C ILE B 277 -58.04 -42.58 28.14
N ASN B 278 -57.91 -42.82 29.45
CA ASN B 278 -57.92 -44.19 29.94
C ASN B 278 -59.30 -44.83 29.79
N ASN B 279 -60.36 -44.02 29.76
CA ASN B 279 -61.69 -44.55 29.48
C ASN B 279 -61.85 -44.90 28.01
N ARG B 280 -61.45 -43.99 27.11
CA ARG B 280 -61.52 -44.28 25.68
C ARG B 280 -60.54 -45.37 25.27
N ASN B 281 -59.56 -45.66 26.12
CA ASN B 281 -58.77 -46.88 25.99
C ASN B 281 -59.66 -48.11 26.14
N ASN B 282 -60.70 -48.01 26.97
CA ASN B 282 -61.56 -49.15 27.29
C ASN B 282 -62.92 -49.06 26.61
N GLU B 283 -62.98 -48.54 25.39
CA GLU B 283 -64.25 -48.38 24.69
C GLU B 283 -64.81 -49.72 24.24
N ARG B 284 -66.13 -49.82 24.22
CA ARG B 284 -66.88 -51.02 23.74
C ARG B 284 -68.06 -50.48 22.96
N LYS B 285 -68.12 -50.68 21.64
CA LYS B 285 -69.26 -50.19 20.85
C LYS B 285 -70.39 -51.21 20.85
N ASN B 286 -71.54 -50.85 20.29
CA ASN B 286 -72.67 -51.82 20.14
C ASN B 286 -72.92 -52.03 18.65
N LYS B 287 -73.56 -53.13 18.30
CA LYS B 287 -73.83 -53.53 16.89
C LYS B 287 -74.27 -52.34 16.04
N ASP B 288 -74.73 -51.24 16.65
CA ASP B 288 -75.12 -50.09 15.79
C ASP B 288 -73.94 -49.15 15.53
N ASN B 289 -72.75 -49.51 16.03
CA ASN B 289 -71.45 -48.81 15.81
C ASN B 289 -71.29 -47.56 16.67
N GLU B 290 -72.02 -47.45 17.78
CA GLU B 290 -71.76 -46.29 18.68
C GLU B 290 -71.32 -46.83 20.04
N HIS B 291 -70.46 -46.11 20.76
CA HIS B 291 -69.95 -46.55 22.04
C HIS B 291 -70.98 -46.30 23.13
N ILE B 292 -71.34 -47.35 23.87
CA ILE B 292 -72.32 -47.28 24.94
C ILE B 292 -71.59 -47.47 26.26
N TRP B 293 -71.71 -46.48 27.14
CA TRP B 293 -71.10 -46.51 28.46
C TRP B 293 -72.17 -46.76 29.54
N SER B 294 -71.71 -46.78 30.78
CA SER B 294 -72.61 -46.87 31.94
C SER B 294 -71.90 -46.28 33.15
N ASP B 295 -72.61 -45.39 33.84
CA ASP B 295 -72.09 -44.80 35.08
C ASP B 295 -73.10 -45.01 36.19
N GLU B 296 -72.90 -44.37 37.35
CA GLU B 296 -73.80 -44.57 38.47
C GLU B 296 -75.18 -43.96 38.27
N GLU B 297 -75.36 -43.09 37.27
CA GLU B 297 -76.67 -42.56 36.95
C GLU B 297 -77.39 -43.37 35.89
N GLY B 298 -76.69 -44.24 35.16
CA GLY B 298 -77.31 -45.06 34.14
C GLY B 298 -76.50 -45.16 32.87
N ASN B 299 -76.90 -46.04 31.96
CA ASN B 299 -76.19 -46.20 30.70
C ASN B 299 -76.42 -45.01 29.80
N PHE B 300 -75.36 -44.56 29.13
CA PHE B 300 -75.42 -43.39 28.26
C PHE B 300 -74.60 -43.62 27.01
N LYS B 301 -75.10 -43.11 25.89
CA LYS B 301 -74.36 -43.09 24.63
C LYS B 301 -73.18 -42.12 24.73
N PHE B 302 -72.05 -42.52 24.15
CA PHE B 302 -70.90 -41.62 24.08
C PHE B 302 -71.12 -40.65 22.92
N ASP B 303 -71.44 -39.41 23.25
CA ASP B 303 -71.73 -38.37 22.26
C ASP B 303 -71.11 -37.07 22.76
N ASN B 304 -71.45 -35.96 22.09
CA ASN B 304 -70.80 -34.68 22.38
C ASN B 304 -71.23 -34.14 23.74
N GLU B 305 -72.53 -34.16 24.03
CA GLU B 305 -73.00 -33.68 25.32
C GLU B 305 -72.81 -34.69 26.44
N ASN B 306 -72.45 -35.93 26.14
CA ASN B 306 -72.20 -36.95 27.16
C ASN B 306 -70.73 -37.31 27.28
N ALA B 307 -69.85 -36.62 26.56
CA ALA B 307 -68.42 -36.94 26.63
C ALA B 307 -67.78 -36.44 27.93
N HIS B 308 -68.46 -35.55 28.66
CA HIS B 308 -67.94 -35.07 29.93
C HIS B 308 -68.02 -36.12 31.03
N ARG B 309 -68.86 -37.14 30.86
CA ARG B 309 -68.99 -38.17 31.89
C ARG B 309 -67.83 -39.15 31.89
N LEU B 310 -67.00 -39.13 30.86
CA LEU B 310 -65.82 -39.99 30.81
C LEU B 310 -64.67 -39.44 31.64
N PHE B 311 -64.81 -38.24 32.20
CA PHE B 311 -63.79 -37.68 33.06
C PHE B 311 -63.71 -38.35 34.41
N LYS B 312 -64.74 -39.11 34.79
CA LYS B 312 -64.74 -39.84 36.05
C LYS B 312 -64.17 -41.23 35.85
N GLU B 313 -63.52 -41.75 36.91
CA GLU B 313 -62.91 -43.07 36.82
C GLU B 313 -63.94 -44.17 36.87
N ASN B 314 -65.04 -43.95 37.58
CA ASN B 314 -66.02 -45.01 37.89
C ASN B 314 -67.09 -45.09 36.79
N VAL B 315 -66.63 -45.46 35.60
CA VAL B 315 -67.52 -45.74 34.48
C VAL B 315 -67.16 -47.12 33.93
N THR B 316 -68.18 -47.93 33.66
CA THR B 316 -67.99 -49.25 33.11
C THR B 316 -68.69 -49.33 31.75
N PRO B 317 -68.00 -49.77 30.70
CA PRO B 317 -68.65 -49.85 29.39
C PRO B 317 -69.45 -51.14 29.22
N ASP B 318 -70.57 -51.03 28.51
CA ASP B 318 -71.36 -52.17 28.09
C ASP B 318 -71.36 -52.21 26.57
N GLY B 319 -70.82 -53.27 26.00
CA GLY B 319 -70.71 -53.37 24.56
C GLY B 319 -70.52 -54.80 24.10
N SER B 320 -70.90 -55.06 22.85
CA SER B 320 -70.74 -56.37 22.25
C SER B 320 -69.35 -56.58 21.66
N SER B 321 -68.69 -55.50 21.25
CA SER B 321 -67.39 -55.59 20.60
C SER B 321 -66.51 -54.45 21.10
N ALA B 322 -65.19 -54.61 20.90
CA ALA B 322 -64.24 -53.59 21.33
C ALA B 322 -64.40 -52.32 20.50
N GLY B 323 -64.09 -51.19 21.12
CA GLY B 323 -64.29 -49.90 20.50
C GLY B 323 -63.20 -49.55 19.50
N ALA B 324 -63.29 -48.31 19.00
CA ALA B 324 -62.34 -47.84 18.00
C ALA B 324 -60.94 -47.66 18.56
N LEU B 325 -60.81 -47.21 19.80
CA LEU B 325 -59.52 -47.00 20.45
C LEU B 325 -59.33 -47.98 21.61
N ASN B 326 -59.77 -49.21 21.44
CA ASN B 326 -59.66 -50.19 22.50
C ASN B 326 -58.25 -50.78 22.49
N GLY B 327 -57.49 -50.52 23.55
CA GLY B 327 -56.12 -50.98 23.65
C GLY B 327 -55.12 -50.19 22.85
N LYS B 328 -55.52 -49.08 22.24
CA LYS B 328 -54.65 -48.28 21.40
C LYS B 328 -53.96 -47.15 22.15
N LEU B 329 -54.39 -46.82 23.36
CA LEU B 329 -53.82 -45.72 24.12
C LEU B 329 -53.20 -46.17 25.43
N LEU B 330 -52.93 -47.47 25.56
CA LEU B 330 -52.27 -47.97 26.77
C LEU B 330 -50.83 -47.48 26.85
N ASN B 331 -50.15 -47.39 25.70
CA ASN B 331 -48.83 -46.78 25.66
C ASN B 331 -48.91 -45.29 25.90
N PHE B 332 -50.00 -44.65 25.45
CA PHE B 332 -50.12 -43.20 25.52
C PHE B 332 -50.42 -42.74 26.95
N VAL B 333 -51.23 -43.51 27.68
CA VAL B 333 -51.55 -43.14 29.05
C VAL B 333 -50.34 -43.31 29.97
N ASP B 334 -49.55 -44.37 29.73
CA ASP B 334 -48.35 -44.60 30.53
C ASP B 334 -47.33 -43.49 30.34
N ARG B 335 -47.16 -43.02 29.10
CA ARG B 335 -46.28 -41.89 28.86
C ARG B 335 -46.85 -40.61 29.47
N LEU B 336 -48.18 -40.51 29.55
CA LEU B 336 -48.82 -39.33 30.12
C LEU B 336 -48.69 -39.32 31.64
N GLN B 337 -48.90 -40.47 32.28
CA GLN B 337 -48.83 -40.53 33.74
C GLN B 337 -47.39 -40.41 34.23
N SER B 338 -46.45 -41.04 33.54
CA SER B 338 -45.04 -41.00 33.94
C SER B 338 -44.36 -39.69 33.55
N LYS B 339 -45.13 -38.66 33.19
CA LYS B 339 -44.64 -37.32 32.97
C LYS B 339 -45.26 -36.31 33.92
N ILE B 340 -46.51 -36.53 34.33
CA ILE B 340 -47.16 -35.67 35.30
C ILE B 340 -46.47 -35.76 36.66
N PHE B 341 -46.14 -36.99 37.09
CA PHE B 341 -45.50 -37.20 38.38
C PHE B 341 -43.98 -37.04 38.32
N ASP B 342 -43.46 -36.38 37.28
CA ASP B 342 -42.08 -35.92 37.33
C ASP B 342 -41.99 -34.75 38.30
N LYS B 343 -41.12 -34.88 39.30
CA LYS B 343 -40.89 -33.78 40.22
C LYS B 343 -40.09 -32.66 39.58
N ARG B 344 -39.43 -32.93 38.44
CA ARG B 344 -38.82 -31.87 37.64
C ARG B 344 -39.86 -30.88 37.16
N LEU B 345 -41.01 -31.38 36.72
CA LEU B 345 -42.10 -30.54 36.26
C LEU B 345 -43.16 -30.31 37.33
N ASP B 346 -42.77 -30.41 38.62
CA ASP B 346 -43.72 -30.16 39.69
C ASP B 346 -44.13 -28.71 39.80
N PHE B 347 -43.29 -27.79 39.32
CA PHE B 347 -43.66 -26.38 39.30
C PHE B 347 -44.75 -26.09 38.27
N ILE B 348 -44.88 -26.92 37.23
CA ILE B 348 -45.87 -26.70 36.20
C ILE B 348 -46.98 -27.74 36.22
N LEU B 349 -46.67 -29.00 36.48
CA LEU B 349 -47.66 -30.07 36.46
C LEU B 349 -48.05 -30.55 37.84
N GLY B 350 -47.62 -29.86 38.89
CA GLY B 350 -47.88 -30.28 40.24
C GLY B 350 -49.26 -29.87 40.72
N GLU B 351 -49.50 -30.13 42.01
CA GLU B 351 -50.78 -29.80 42.61
C GLU B 351 -50.90 -28.31 42.96
N GLY B 352 -49.79 -27.59 42.98
CA GLY B 352 -49.84 -26.17 43.28
C GLY B 352 -50.43 -25.33 42.17
N SER B 353 -50.41 -25.82 40.94
CA SER B 353 -51.03 -25.11 39.83
C SER B 353 -52.55 -25.26 39.82
N LYS B 354 -53.08 -26.09 40.71
CA LYS B 354 -54.52 -26.29 40.77
C LYS B 354 -55.22 -25.09 41.41
N SER B 355 -54.67 -24.58 42.52
CA SER B 355 -55.30 -23.55 43.32
C SER B 355 -54.85 -22.14 42.94
N VAL B 356 -54.05 -22.01 41.89
CA VAL B 356 -53.62 -20.70 41.40
C VAL B 356 -54.38 -20.40 40.12
N THR B 357 -54.52 -19.12 39.81
CA THR B 357 -55.33 -18.68 38.68
C THR B 357 -54.46 -17.93 37.68
N PHE B 358 -55.12 -17.42 36.62
CA PHE B 358 -54.44 -16.63 35.60
C PHE B 358 -53.90 -15.34 36.18
N LYS B 359 -54.67 -14.69 37.06
CA LYS B 359 -54.29 -13.37 37.55
C LYS B 359 -53.05 -13.44 38.42
N GLU B 360 -53.03 -14.36 39.40
CA GLU B 360 -51.89 -14.49 40.30
C GLU B 360 -50.62 -14.93 39.59
N THR B 361 -50.74 -15.56 38.42
CA THR B 361 -49.55 -15.88 37.64
C THR B 361 -48.88 -14.63 37.11
N LEU B 362 -49.67 -13.64 36.68
CA LEU B 362 -49.09 -12.41 36.16
C LEU B 362 -48.54 -11.54 37.27
N GLU B 363 -49.20 -11.50 38.43
CA GLU B 363 -48.63 -10.75 39.56
C GLU B 363 -47.33 -11.38 40.05
N THR B 364 -47.16 -12.68 39.84
CA THR B 364 -45.92 -13.33 40.23
C THR B 364 -44.79 -12.97 39.28
N LEU B 365 -45.07 -12.92 37.98
CA LEU B 365 -44.01 -12.76 36.99
C LEU B 365 -43.47 -11.34 36.91
N ILE B 366 -44.32 -10.33 37.03
CA ILE B 366 -43.85 -8.95 36.98
C ILE B 366 -43.99 -8.26 38.34
N SER B 367 -44.07 -9.04 39.42
CA SER B 367 -44.03 -8.56 40.81
C SER B 367 -45.13 -7.54 41.10
N TYR B 368 -46.35 -7.89 40.70
CA TYR B 368 -47.51 -7.04 40.95
C TYR B 368 -48.37 -7.53 42.10
N GLY B 369 -47.89 -8.51 42.87
CA GLY B 369 -48.68 -9.07 43.96
C GLY B 369 -48.70 -8.21 45.20
N LYS B 370 -48.71 -8.86 46.37
CA LYS B 370 -48.72 -8.11 47.63
C LYS B 370 -47.38 -7.44 47.89
N ASP B 371 -46.29 -8.02 47.41
CA ASP B 371 -44.97 -7.37 47.42
C ASP B 371 -44.71 -6.84 46.01
N LYS B 372 -44.86 -5.54 45.84
CA LYS B 372 -44.57 -4.90 44.56
C LYS B 372 -43.08 -4.58 44.47
N SER B 373 -42.46 -4.98 43.36
CA SER B 373 -41.04 -4.73 43.13
C SER B 373 -40.84 -4.38 41.67
N ASN B 374 -39.81 -3.57 41.41
CA ASN B 374 -39.42 -3.27 40.04
C ASN B 374 -38.56 -4.36 39.42
N ILE B 375 -38.00 -5.25 40.23
CA ILE B 375 -37.11 -6.31 39.78
C ILE B 375 -37.74 -7.64 40.15
N THR B 376 -37.82 -8.55 39.19
CA THR B 376 -38.24 -9.92 39.42
C THR B 376 -37.12 -10.85 39.00
N ILE B 377 -36.70 -11.73 39.91
CA ILE B 377 -35.58 -12.63 39.69
C ILE B 377 -36.12 -14.06 39.77
N LEU B 378 -35.75 -14.89 38.80
CA LEU B 378 -36.14 -16.30 38.81
C LEU B 378 -34.89 -17.15 38.98
N ASP B 379 -34.84 -17.88 40.09
CA ASP B 379 -33.72 -18.77 40.38
C ASP B 379 -33.90 -20.07 39.62
N VAL B 380 -33.19 -20.19 38.50
CA VAL B 380 -33.17 -21.40 37.69
C VAL B 380 -31.75 -21.94 37.71
N SER B 381 -31.08 -21.79 38.87
CA SER B 381 -29.63 -21.95 38.98
C SER B 381 -29.17 -23.35 38.61
N GLY B 382 -29.61 -24.36 39.36
CA GLY B 382 -29.10 -25.71 39.13
C GLY B 382 -30.13 -26.68 38.60
N VAL B 383 -31.18 -26.15 37.99
CA VAL B 383 -32.24 -26.97 37.40
C VAL B 383 -31.71 -27.63 36.14
N PRO B 384 -32.26 -28.76 35.70
CA PRO B 384 -31.90 -29.31 34.40
C PRO B 384 -32.33 -28.40 33.27
N PHE B 385 -31.77 -28.66 32.08
CA PHE B 385 -32.06 -27.80 30.93
C PHE B 385 -33.52 -27.88 30.52
N GLU B 386 -34.11 -29.08 30.57
CA GLU B 386 -35.49 -29.24 30.12
C GLU B 386 -36.44 -28.47 31.01
N VAL B 387 -36.15 -28.39 32.31
CA VAL B 387 -36.86 -27.49 33.20
C VAL B 387 -36.56 -26.04 32.85
N LEU B 388 -35.27 -25.74 32.61
CA LEU B 388 -34.86 -24.37 32.27
C LEU B 388 -35.43 -23.92 30.94
N SER B 389 -35.45 -24.81 29.94
CA SER B 389 -36.00 -24.45 28.64
C SER B 389 -37.51 -24.23 28.71
N ILE B 390 -38.21 -24.98 29.55
CA ILE B 390 -39.64 -24.74 29.75
C ILE B 390 -39.86 -23.42 30.46
N CYS B 391 -39.04 -23.11 31.48
CA CYS B 391 -39.19 -21.87 32.23
C CYS B 391 -38.91 -20.65 31.36
N VAL B 392 -37.89 -20.71 30.53
CA VAL B 392 -37.52 -19.55 29.70
C VAL B 392 -38.57 -19.34 28.61
N SER B 393 -38.99 -20.41 27.94
CA SER B 393 -39.92 -20.27 26.83
C SER B 393 -41.32 -19.89 27.29
N LEU B 394 -41.74 -20.32 28.48
CA LEU B 394 -43.06 -19.98 28.97
C LEU B 394 -43.15 -18.51 29.34
N ILE B 395 -42.21 -18.03 30.16
CA ILE B 395 -42.28 -16.69 30.70
C ILE B 395 -42.01 -15.67 29.60
N SER B 396 -41.17 -16.00 28.63
CA SER B 396 -40.95 -15.12 27.49
C SER B 396 -42.22 -14.93 26.67
N ARG B 397 -42.96 -16.03 26.46
CA ARG B 397 -44.21 -15.93 25.71
C ARG B 397 -45.30 -15.25 26.54
N LEU B 398 -45.37 -15.56 27.84
CA LEU B 398 -46.39 -14.97 28.69
C LEU B 398 -46.21 -13.46 28.84
N ILE B 399 -44.96 -13.00 28.99
CA ILE B 399 -44.72 -11.57 29.11
C ILE B 399 -44.97 -10.87 27.77
N PHE B 400 -44.56 -11.50 26.67
CA PHE B 400 -44.80 -10.94 25.34
C PHE B 400 -46.29 -10.80 25.05
N GLU B 401 -47.06 -11.85 25.32
CA GLU B 401 -48.49 -11.80 25.05
C GLU B 401 -49.22 -10.88 26.01
N PHE B 402 -48.68 -10.69 27.23
CA PHE B 402 -49.26 -9.69 28.12
C PHE B 402 -49.02 -8.30 27.57
N GLY B 403 -47.80 -8.01 27.11
CA GLY B 403 -47.52 -6.74 26.47
C GLY B 403 -48.26 -6.56 25.17
N TYR B 404 -48.49 -7.65 24.44
CA TYR B 404 -49.24 -7.58 23.19
C TYR B 404 -50.71 -7.25 23.45
N HIS B 405 -51.31 -7.90 24.44
CA HIS B 405 -52.74 -7.71 24.70
C HIS B 405 -53.01 -6.40 25.43
N SER B 406 -52.11 -5.99 26.33
CA SER B 406 -52.27 -4.69 26.99
C SER B 406 -52.10 -3.55 26.00
N LYS B 407 -51.37 -3.79 24.91
CA LYS B 407 -51.24 -2.78 23.87
C LYS B 407 -52.57 -2.58 23.13
N LYS B 408 -53.25 -3.67 22.77
CA LYS B 408 -54.51 -3.54 22.04
C LYS B 408 -55.65 -3.07 22.91
N ILE B 409 -55.56 -3.27 24.23
CA ILE B 409 -56.49 -2.60 25.14
C ILE B 409 -56.26 -1.09 25.11
N LYS B 410 -54.99 -0.67 25.10
CA LYS B 410 -54.67 0.75 25.05
C LYS B 410 -54.95 1.35 23.68
N ARG B 411 -55.00 0.52 22.63
CA ARG B 411 -55.34 1.02 21.30
C ARG B 411 -56.81 1.45 21.24
N LYS B 412 -57.71 0.63 21.80
CA LYS B 412 -59.12 0.98 21.78
C LYS B 412 -59.44 2.08 22.77
N SER B 413 -58.64 2.23 23.83
CA SER B 413 -58.81 3.32 24.77
C SER B 413 -58.18 4.61 24.29
N ASN B 414 -57.18 4.53 23.40
CA ASN B 414 -56.42 5.67 22.89
C ASN B 414 -55.79 6.46 24.04
N GLU B 415 -55.30 5.75 25.05
CA GLU B 415 -54.69 6.32 26.23
C GLU B 415 -53.29 5.78 26.39
N ASN B 416 -52.50 6.43 27.25
CA ASN B 416 -51.10 6.06 27.49
C ASN B 416 -50.90 5.84 28.98
N GLN B 417 -51.19 4.63 29.45
CA GLN B 417 -50.87 4.19 30.80
C GLN B 417 -50.13 2.86 30.71
N ASP B 418 -49.45 2.64 29.58
CA ASP B 418 -48.75 1.38 29.31
C ASP B 418 -47.57 1.20 30.25
N ILE B 419 -47.28 -0.06 30.55
CA ILE B 419 -46.10 -0.43 31.34
C ILE B 419 -45.08 -1.07 30.41
N PRO B 420 -43.81 -0.69 30.50
CA PRO B 420 -42.78 -1.38 29.71
C PRO B 420 -42.04 -2.42 30.52
N ILE B 421 -41.73 -3.57 29.91
CA ILE B 421 -41.08 -4.67 30.60
C ILE B 421 -39.77 -4.99 29.88
N LEU B 422 -38.68 -5.09 30.64
CA LEU B 422 -37.39 -5.55 30.14
C LEU B 422 -37.09 -6.90 30.77
N ILE B 423 -36.76 -7.89 29.93
CA ILE B 423 -36.39 -9.22 30.41
C ILE B 423 -34.89 -9.38 30.26
N VAL B 424 -34.21 -9.71 31.34
CA VAL B 424 -32.77 -9.92 31.33
C VAL B 424 -32.50 -11.40 31.12
N TYR B 425 -31.76 -11.72 30.07
CA TYR B 425 -31.42 -13.10 29.73
C TYR B 425 -29.93 -13.30 29.95
N GLU B 426 -29.56 -13.60 31.19
CA GLU B 426 -28.19 -14.01 31.45
C GLU B 426 -27.95 -15.42 30.96
N GLU B 427 -26.70 -15.67 30.55
CA GLU B 427 -26.27 -16.96 29.99
C GLU B 427 -27.19 -17.43 28.87
N ALA B 428 -27.39 -16.54 27.89
CA ALA B 428 -28.31 -16.83 26.79
C ALA B 428 -27.82 -17.95 25.89
N HIS B 429 -26.55 -18.32 25.98
CA HIS B 429 -26.04 -19.47 25.24
C HIS B 429 -26.66 -20.78 25.70
N LYS B 430 -27.13 -20.84 26.96
CA LYS B 430 -27.76 -22.06 27.45
C LYS B 430 -29.08 -22.33 26.73
N TYR B 431 -29.90 -21.30 26.54
CA TYR B 431 -31.24 -21.52 25.99
C TYR B 431 -31.49 -20.86 24.64
N ALA B 432 -30.62 -19.98 24.16
CA ALA B 432 -30.72 -19.45 22.80
C ALA B 432 -29.37 -19.48 22.11
N PRO B 433 -28.86 -20.68 21.74
CA PRO B 433 -27.58 -20.72 21.04
C PRO B 433 -27.74 -20.63 19.54
N LYS B 434 -26.62 -20.65 18.80
CA LYS B 434 -26.68 -20.66 17.35
C LYS B 434 -27.06 -22.03 16.78
N SER B 435 -26.91 -23.10 17.58
CA SER B 435 -27.08 -24.44 17.06
C SER B 435 -28.56 -24.73 16.76
N ASP B 436 -28.77 -25.61 15.80
CA ASP B 436 -30.11 -25.92 15.28
C ASP B 436 -30.73 -27.16 15.93
N LEU B 437 -30.31 -27.51 17.13
CA LEU B 437 -30.87 -28.67 17.82
C LEU B 437 -32.31 -28.42 18.23
N SER B 438 -33.11 -29.48 18.20
CA SER B 438 -34.54 -29.36 18.49
C SER B 438 -34.83 -29.08 19.96
N LYS B 439 -33.89 -29.41 20.86
CA LYS B 439 -34.10 -29.12 22.27
C LYS B 439 -33.92 -27.64 22.58
N TYR B 440 -33.29 -26.88 21.69
CA TYR B 440 -33.22 -25.43 21.78
C TYR B 440 -34.30 -24.72 21.00
N ARG B 441 -35.19 -25.46 20.32
CA ARG B 441 -36.10 -24.84 19.37
C ARG B 441 -37.18 -24.03 20.06
N THR B 442 -37.81 -24.59 21.09
CA THR B 442 -38.93 -23.90 21.72
C THR B 442 -38.48 -22.73 22.57
N SER B 443 -37.25 -22.78 23.10
CA SER B 443 -36.74 -21.65 23.87
C SER B 443 -36.27 -20.52 22.97
N LYS B 444 -35.69 -20.86 21.81
CA LYS B 444 -35.22 -19.84 20.87
C LYS B 444 -36.40 -19.07 20.29
N GLU B 445 -37.48 -19.76 19.96
CA GLU B 445 -38.62 -19.11 19.29
C GLU B 445 -39.33 -18.12 20.20
N ALA B 446 -39.35 -18.36 21.51
CA ALA B 446 -39.96 -17.43 22.44
C ALA B 446 -39.13 -16.15 22.57
N ILE B 447 -37.81 -16.29 22.67
CA ILE B 447 -36.93 -15.14 22.77
C ILE B 447 -36.85 -14.41 21.43
N GLU B 448 -36.88 -15.14 20.32
CA GLU B 448 -36.81 -14.51 19.00
C GLU B 448 -38.05 -13.65 18.74
N ARG B 449 -39.22 -14.11 19.19
CA ARG B 449 -40.44 -13.33 19.03
C ARG B 449 -40.35 -12.00 19.79
N ILE B 450 -39.72 -12.01 20.96
CA ILE B 450 -39.46 -10.78 21.70
C ILE B 450 -38.45 -9.91 20.95
N ALA B 451 -37.49 -10.54 20.27
CA ALA B 451 -36.45 -9.80 19.57
C ALA B 451 -37.01 -9.05 18.37
N LYS B 452 -37.87 -9.70 17.57
CA LYS B 452 -38.40 -9.05 16.38
C LYS B 452 -39.59 -8.16 16.69
N GLU B 453 -40.68 -8.75 17.19
CA GLU B 453 -41.93 -8.02 17.36
C GLU B 453 -42.12 -7.43 18.74
N GLY B 454 -41.31 -7.82 19.72
CA GLY B 454 -41.55 -7.40 21.10
C GLY B 454 -41.29 -5.93 21.37
N ARG B 455 -40.57 -5.26 20.47
CA ARG B 455 -40.25 -3.85 20.65
C ARG B 455 -41.50 -2.99 20.66
N LYS B 456 -42.47 -3.32 19.81
CA LYS B 456 -43.66 -2.48 19.67
C LYS B 456 -44.60 -2.60 20.86
N TYR B 457 -44.72 -3.78 21.44
CA TYR B 457 -45.71 -4.03 22.49
C TYR B 457 -45.19 -3.77 23.90
N GLY B 458 -43.92 -3.41 24.05
CA GLY B 458 -43.38 -3.07 25.35
C GLY B 458 -42.62 -4.17 26.05
N VAL B 459 -42.09 -5.15 25.33
CA VAL B 459 -41.34 -6.26 25.92
C VAL B 459 -40.02 -6.35 25.17
N THR B 460 -38.95 -5.86 25.76
CA THR B 460 -37.62 -5.95 25.18
C THR B 460 -36.71 -6.79 26.07
N LEU B 461 -35.58 -7.19 25.51
CA LEU B 461 -34.71 -8.15 26.16
C LEU B 461 -33.31 -7.56 26.37
N LEU B 462 -32.69 -8.00 27.45
CA LEU B 462 -31.27 -7.74 27.71
C LEU B 462 -30.54 -9.06 27.54
N LEU B 463 -29.73 -9.17 26.50
CA LEU B 463 -29.02 -10.39 26.15
C LEU B 463 -27.63 -10.35 26.75
N ALA B 464 -27.30 -11.32 27.59
CA ALA B 464 -25.98 -11.41 28.19
C ALA B 464 -25.38 -12.77 27.91
N SER B 465 -24.19 -12.78 27.32
CA SER B 465 -23.50 -14.01 26.97
C SER B 465 -22.01 -13.70 26.92
N GLN B 466 -21.19 -14.75 26.92
CA GLN B 466 -19.75 -14.54 26.87
C GLN B 466 -19.13 -14.64 25.49
N ARG B 467 -19.86 -15.12 24.47
CA ARG B 467 -19.39 -14.85 23.13
C ARG B 467 -20.56 -14.31 22.30
N PRO B 468 -20.31 -13.29 21.47
CA PRO B 468 -21.35 -12.87 20.52
C PRO B 468 -21.63 -13.90 19.43
N SER B 469 -20.69 -14.79 19.15
CA SER B 469 -20.79 -15.72 18.04
C SER B 469 -21.42 -17.05 18.42
N GLU B 470 -21.96 -17.17 19.64
CA GLU B 470 -22.70 -18.37 20.02
C GLU B 470 -24.20 -18.18 20.10
N ILE B 471 -24.67 -16.94 20.22
CA ILE B 471 -26.10 -16.65 20.19
C ILE B 471 -26.59 -16.61 18.76
N SER B 472 -27.81 -17.07 18.53
CA SER B 472 -28.37 -17.15 17.18
C SER B 472 -28.50 -15.77 16.56
N GLU B 473 -28.19 -15.68 15.26
CA GLU B 473 -28.20 -14.41 14.56
C GLU B 473 -29.60 -13.85 14.38
N THR B 474 -30.63 -14.69 14.42
CA THR B 474 -32.00 -14.19 14.37
C THR B 474 -32.44 -13.54 15.66
N ILE B 475 -31.65 -13.69 16.73
CA ILE B 475 -31.95 -13.12 18.03
C ILE B 475 -30.98 -12.00 18.38
N PHE B 476 -29.68 -12.26 18.17
CA PHE B 476 -28.61 -11.39 18.61
C PHE B 476 -28.38 -10.19 17.70
N SER B 477 -28.77 -10.29 16.43
CA SER B 477 -28.62 -9.16 15.53
C SER B 477 -29.78 -8.17 15.64
N GLN B 478 -30.82 -8.51 16.39
CA GLN B 478 -31.93 -7.59 16.62
C GLN B 478 -31.66 -6.60 17.73
N CYS B 479 -30.52 -6.73 18.41
CA CYS B 479 -30.14 -5.82 19.49
C CYS B 479 -29.44 -4.61 18.88
N ASN B 480 -30.05 -3.45 19.01
CA ASN B 480 -29.55 -2.24 18.37
C ASN B 480 -28.63 -1.42 19.28
N THR B 481 -28.39 -1.89 20.50
CA THR B 481 -27.36 -1.30 21.35
C THR B 481 -26.51 -2.43 21.93
N PHE B 482 -25.27 -2.11 22.24
CA PHE B 482 -24.24 -3.11 22.43
C PHE B 482 -23.28 -2.70 23.53
N ILE B 483 -22.99 -3.63 24.43
CA ILE B 483 -22.03 -3.42 25.51
C ILE B 483 -21.00 -4.53 25.40
N SER B 484 -19.91 -4.26 24.69
CA SER B 484 -18.87 -5.25 24.45
C SER B 484 -17.76 -5.06 25.47
N MET B 485 -17.64 -6.00 26.40
CA MET B 485 -16.52 -6.05 27.31
C MET B 485 -15.38 -6.80 26.64
N ARG B 486 -14.39 -7.23 27.43
CA ARG B 486 -13.17 -7.79 26.85
C ARG B 486 -13.46 -9.08 26.11
N LEU B 487 -12.91 -9.18 24.90
CA LEU B 487 -13.08 -10.35 24.05
C LEU B 487 -11.74 -10.65 23.38
N THR B 488 -11.15 -11.80 23.73
CA THR B 488 -9.90 -12.20 23.11
C THR B 488 -10.08 -13.05 21.87
N ASN B 489 -11.27 -13.59 21.66
CA ASN B 489 -11.51 -14.48 20.52
C ASN B 489 -11.49 -13.68 19.22
N PRO B 490 -10.70 -14.08 18.22
CA PRO B 490 -10.72 -13.38 16.93
C PRO B 490 -12.06 -13.38 16.24
N ASP B 491 -12.88 -14.41 16.43
CA ASP B 491 -14.21 -14.40 15.83
C ASP B 491 -15.15 -13.45 16.54
N ASP B 492 -14.95 -13.24 17.85
CA ASP B 492 -15.79 -12.32 18.60
C ASP B 492 -15.43 -10.87 18.31
N GLN B 493 -14.15 -10.58 18.11
CA GLN B 493 -13.75 -9.21 17.78
C GLN B 493 -14.22 -8.83 16.39
N ASN B 494 -14.17 -9.76 15.44
CA ASN B 494 -14.61 -9.49 14.08
C ASN B 494 -16.11 -9.23 14.03
N TYR B 495 -16.86 -9.82 14.95
CA TYR B 495 -18.29 -9.50 15.06
C TYR B 495 -18.49 -8.05 15.48
N VAL B 496 -17.68 -7.57 16.43
CA VAL B 496 -17.80 -6.20 16.90
C VAL B 496 -17.31 -5.22 15.85
N LYS B 497 -16.25 -5.57 15.11
CA LYS B 497 -15.75 -4.70 14.05
C LYS B 497 -16.78 -4.55 12.93
N ARG B 498 -17.45 -5.64 12.57
CA ARG B 498 -18.39 -5.58 11.46
C ARG B 498 -19.68 -4.89 11.83
N LEU B 499 -20.00 -4.79 13.13
CA LEU B 499 -21.11 -3.95 13.57
C LEU B 499 -20.78 -2.46 13.48
N LEU B 500 -19.52 -2.11 13.31
CA LEU B 500 -19.08 -0.73 13.28
C LEU B 500 -18.65 -0.33 11.88
N PRO B 501 -18.88 0.93 11.49
CA PRO B 501 -18.27 1.43 10.26
C PRO B 501 -16.76 1.51 10.41
N ASP B 502 -16.07 1.39 9.29
CA ASP B 502 -14.60 1.35 9.29
C ASP B 502 -13.97 2.67 9.71
N THR B 503 -14.74 3.76 9.74
CA THR B 503 -14.22 5.03 10.28
C THR B 503 -13.93 4.91 11.77
N VAL B 504 -14.83 4.30 12.53
CA VAL B 504 -14.67 4.17 13.97
C VAL B 504 -14.45 2.72 14.38
N GLY B 505 -14.04 1.86 13.45
CA GLY B 505 -13.78 0.48 13.77
C GLY B 505 -12.45 0.20 14.43
N ASP B 506 -11.58 1.20 14.53
CA ASP B 506 -10.29 1.04 15.17
C ASP B 506 -10.38 0.98 16.70
N ILE B 507 -11.53 1.34 17.28
CA ILE B 507 -11.70 1.25 18.72
C ILE B 507 -11.87 -0.18 19.19
N THR B 508 -12.11 -1.12 18.28
CA THR B 508 -12.22 -2.53 18.61
C THR B 508 -10.85 -3.16 18.89
N ASN B 509 -9.77 -2.48 18.51
CA ASN B 509 -8.42 -2.98 18.79
C ASN B 509 -8.12 -3.01 20.29
N LEU B 510 -8.85 -2.26 21.10
CA LEU B 510 -8.64 -2.21 22.54
C LEU B 510 -9.44 -3.25 23.29
N LEU B 511 -10.19 -4.12 22.59
CA LEU B 511 -10.99 -5.14 23.26
C LEU B 511 -10.18 -6.14 24.09
N PRO B 512 -9.08 -6.73 23.61
CA PRO B 512 -8.30 -7.62 24.50
C PRO B 512 -7.62 -6.89 25.65
N SER B 513 -7.35 -5.59 25.51
CA SER B 513 -6.69 -4.84 26.56
C SER B 513 -7.65 -4.35 27.64
N LEU B 514 -8.95 -4.60 27.48
CA LEU B 514 -9.93 -4.15 28.45
C LEU B 514 -9.81 -4.99 29.71
N LYS B 515 -9.54 -4.36 30.85
CA LYS B 515 -9.51 -5.10 32.09
C LYS B 515 -10.89 -5.05 32.73
N GLU B 516 -11.00 -5.45 33.98
CA GLU B 516 -12.29 -5.64 34.64
C GLU B 516 -12.99 -4.30 34.83
N GLY B 517 -14.17 -4.16 34.24
CA GLY B 517 -15.01 -3.00 34.42
C GLY B 517 -15.24 -2.17 33.17
N GLU B 518 -14.31 -2.18 32.22
CA GLU B 518 -14.50 -1.38 31.01
C GLU B 518 -15.19 -2.18 29.91
N ALA B 519 -15.95 -1.46 29.09
CA ALA B 519 -16.65 -2.02 27.95
C ALA B 519 -16.77 -0.92 26.91
N LEU B 520 -17.13 -1.32 25.70
CA LEU B 520 -17.36 -0.39 24.61
C LEU B 520 -18.85 -0.38 24.29
N ILE B 521 -19.46 0.80 24.37
CA ILE B 521 -20.89 0.97 24.17
C ILE B 521 -21.11 1.53 22.78
N MET B 522 -21.74 0.77 21.90
CA MET B 522 -22.11 1.27 20.59
C MET B 522 -23.60 1.03 20.38
N GLY B 523 -24.17 1.76 19.44
CA GLY B 523 -25.55 1.58 19.07
C GLY B 523 -26.24 2.90 18.82
N ASP B 524 -27.55 2.82 18.62
CA ASP B 524 -28.34 4.01 18.32
C ASP B 524 -28.52 4.88 19.56
N SER B 525 -28.42 4.29 20.75
CA SER B 525 -28.67 5.00 22.00
C SER B 525 -27.50 5.86 22.43
N ILE B 526 -26.33 5.69 21.83
CA ILE B 526 -25.15 6.47 22.19
C ILE B 526 -24.73 7.29 20.98
N SER B 527 -24.06 8.41 21.25
CA SER B 527 -23.63 9.29 20.17
C SER B 527 -22.50 8.67 19.39
N ILE B 528 -21.37 8.42 20.04
CA ILE B 528 -20.23 7.76 19.41
C ILE B 528 -19.88 6.52 20.23
N PRO B 529 -19.35 5.47 19.60
CA PRO B 529 -18.89 4.30 20.35
C PRO B 529 -17.63 4.65 21.14
N SER B 530 -17.71 4.48 22.46
CA SER B 530 -16.63 4.89 23.34
C SER B 530 -16.31 3.77 24.32
N ILE B 531 -15.03 3.68 24.68
CA ILE B 531 -14.59 2.80 25.76
C ILE B 531 -14.92 3.49 27.07
N VAL B 532 -15.84 2.92 27.84
CA VAL B 532 -16.32 3.55 29.06
C VAL B 532 -15.95 2.68 30.25
N LYS B 533 -15.99 3.28 31.43
CA LYS B 533 -15.79 2.60 32.70
C LYS B 533 -17.14 2.50 33.40
N ILE B 534 -17.66 1.27 33.49
CA ILE B 534 -18.94 1.05 34.15
C ILE B 534 -18.79 1.34 35.65
N GLU B 535 -19.78 2.05 36.20
CA GLU B 535 -19.72 2.49 37.59
C GLU B 535 -19.73 1.30 38.55
N LYS B 536 -18.94 1.41 39.62
CA LYS B 536 -18.83 0.34 40.60
C LYS B 536 -20.16 0.07 41.29
N CYS B 537 -20.45 -1.21 41.51
CA CYS B 537 -21.66 -1.63 42.21
C CYS B 537 -21.40 -1.57 43.71
N THR B 538 -22.05 -0.62 44.38
CA THR B 538 -21.95 -0.57 45.83
C THR B 538 -22.71 -1.73 46.48
N ILE B 539 -23.75 -2.23 45.82
CA ILE B 539 -24.45 -3.44 46.24
C ILE B 539 -24.21 -4.47 45.14
N PRO B 540 -23.08 -5.17 45.15
CA PRO B 540 -22.70 -5.98 44.00
C PRO B 540 -23.41 -7.33 44.01
N PRO B 541 -23.50 -7.99 42.87
CA PRO B 541 -23.98 -9.37 42.86
C PRO B 541 -22.96 -10.30 43.49
N SER B 542 -23.43 -11.51 43.84
CA SER B 542 -22.58 -12.50 44.50
C SER B 542 -21.84 -13.31 43.44
N SER B 543 -20.89 -12.65 42.80
CA SER B 543 -20.02 -13.26 41.80
C SER B 543 -18.58 -12.81 42.00
N ILE B 544 -18.12 -12.84 43.25
CA ILE B 544 -16.76 -12.41 43.57
C ILE B 544 -15.77 -13.42 43.03
N ASP B 545 -14.71 -12.93 42.39
CA ASP B 545 -13.64 -13.79 41.91
C ASP B 545 -12.96 -14.47 43.08
N ILE B 546 -12.71 -15.77 42.94
CA ILE B 546 -12.12 -16.57 44.00
C ILE B 546 -10.61 -16.37 43.98
N LYS B 547 -10.07 -15.89 45.10
CA LYS B 547 -8.63 -15.71 45.26
C LYS B 547 -7.99 -17.08 45.30
N TYR B 548 -7.48 -17.50 44.15
CA TYR B 548 -7.22 -18.92 43.94
C TYR B 548 -5.96 -19.36 44.67
N LEU B 549 -4.91 -18.53 44.61
CA LEU B 549 -3.65 -18.86 45.28
C LEU B 549 -3.77 -18.70 46.78
N ASP B 550 -4.42 -17.62 47.25
CA ASP B 550 -4.56 -17.41 48.69
C ASP B 550 -5.42 -18.47 49.34
N GLU B 551 -6.35 -19.07 48.59
CA GLU B 551 -7.09 -20.23 49.09
C GLU B 551 -6.32 -21.52 48.95
N TRP B 552 -5.16 -21.50 48.30
CA TRP B 552 -4.31 -22.66 48.17
C TRP B 552 -3.13 -22.69 49.13
N ARG B 553 -2.77 -21.55 49.72
CA ARG B 553 -1.72 -21.52 50.73
C ARG B 553 -2.19 -22.00 52.09
N LYS B 554 -3.49 -22.16 52.31
CA LYS B 554 -4.00 -22.50 53.63
C LYS B 554 -3.80 -23.98 53.92
N GLU B 555 -4.36 -24.43 55.03
CA GLU B 555 -4.38 -25.84 55.39
C GLU B 555 -5.14 -26.66 54.35
N TRP B 556 -4.87 -27.95 54.34
CA TRP B 556 -5.81 -28.88 53.70
C TRP B 556 -7.07 -28.87 54.55
N VAL B 557 -8.07 -28.12 54.12
CA VAL B 557 -9.30 -28.02 54.91
C VAL B 557 -10.18 -29.23 54.63
N ASP B 558 -10.88 -29.67 55.66
CA ASP B 558 -11.73 -30.85 55.57
C ASP B 558 -13.09 -30.41 55.03
N SER B 559 -13.29 -30.60 53.73
CA SER B 559 -14.55 -30.25 53.10
C SER B 559 -15.64 -31.21 53.57
N GLU B 560 -16.77 -30.64 53.99
CA GLU B 560 -17.89 -31.45 54.46
C GLU B 560 -18.59 -32.09 53.25
N PHE B 561 -18.22 -33.33 52.95
CA PHE B 561 -18.78 -34.00 51.78
C PHE B 561 -20.23 -34.38 51.97
N ASP B 562 -20.63 -34.67 53.21
CA ASP B 562 -22.01 -35.08 53.48
C ASP B 562 -22.99 -33.94 53.21
N LYS B 563 -22.62 -32.71 53.58
CA LYS B 563 -23.51 -31.57 53.35
C LYS B 563 -23.64 -31.24 51.87
N ILE B 564 -22.55 -31.38 51.12
CA ILE B 564 -22.59 -31.14 49.68
C ILE B 564 -23.42 -32.20 48.98
N ILE B 565 -23.29 -33.45 49.40
CA ILE B 565 -23.93 -34.57 48.70
C ILE B 565 -25.44 -34.56 48.91
N GLU B 566 -25.90 -34.33 50.14
CA GLU B 566 -27.34 -34.43 50.38
C GLU B 566 -28.11 -33.23 49.86
N GLN B 567 -27.42 -32.17 49.43
CA GLN B 567 -28.07 -31.15 48.61
C GLN B 567 -28.00 -31.48 47.13
N TRP B 568 -26.84 -32.00 46.69
CA TRP B 568 -26.69 -32.53 45.34
C TRP B 568 -27.75 -33.59 45.04
N SER B 569 -28.06 -34.43 46.01
CA SER B 569 -29.05 -35.49 45.81
C SER B 569 -30.45 -34.92 45.61
N LYS B 570 -30.85 -33.92 46.41
CA LYS B 570 -32.16 -33.31 46.25
C LYS B 570 -32.23 -32.37 45.05
N SER B 571 -31.09 -31.87 44.57
CA SER B 571 -31.08 -30.96 43.44
C SER B 571 -31.35 -31.71 42.14
N ASN C 5 31.46 9.95 31.36
CA ASN C 5 30.20 9.33 30.95
C ASN C 5 30.44 8.19 29.98
N ASP C 6 30.07 6.98 30.41
CA ASP C 6 30.31 5.79 29.59
C ASP C 6 29.40 5.76 28.36
N ILE C 7 28.15 6.15 28.51
CA ILE C 7 27.21 6.23 27.40
C ILE C 7 26.49 7.56 27.45
N ASN C 8 26.35 8.20 26.30
CA ASN C 8 25.54 9.41 26.15
C ASN C 8 24.48 9.13 25.09
N ALA C 9 23.36 8.56 25.53
CA ALA C 9 22.20 8.35 24.67
C ALA C 9 21.13 9.37 25.02
N GLU C 10 20.25 9.64 24.06
CA GLU C 10 19.30 10.73 24.22
C GLU C 10 18.11 10.52 23.29
N VAL C 11 16.90 10.70 23.82
CA VAL C 11 15.70 10.64 22.98
C VAL C 11 15.65 11.87 22.09
N VAL C 12 15.49 11.66 20.80
CA VAL C 12 15.43 12.75 19.84
C VAL C 12 14.05 12.88 19.20
N SER C 13 13.26 11.82 19.13
CA SER C 13 11.91 11.87 18.59
C SER C 13 10.99 11.07 19.49
N VAL C 14 9.77 11.55 19.66
CA VAL C 14 8.77 10.91 20.51
C VAL C 14 7.49 10.73 19.72
N SER C 15 6.99 9.50 19.67
CA SER C 15 5.79 9.08 18.98
C SER C 15 4.88 8.54 20.08
N PRO C 16 3.58 8.29 19.85
CA PRO C 16 2.72 7.82 20.96
C PRO C 16 3.15 6.52 21.62
N ASN C 17 3.75 5.58 20.89
CA ASN C 17 4.23 4.34 21.49
C ASN C 17 5.67 4.04 21.12
N LYS C 18 6.43 5.05 20.72
CA LYS C 18 7.77 4.84 20.18
C LYS C 18 8.70 5.93 20.69
N LEU C 19 9.97 5.57 20.85
CA LEU C 19 11.04 6.50 21.16
C LEU C 19 12.16 6.32 20.15
N LYS C 20 12.73 7.42 19.69
CA LYS C 20 13.88 7.39 18.80
C LYS C 20 15.05 7.93 19.62
N ILE C 21 16.05 7.08 19.86
CA ILE C 21 17.12 7.37 20.79
C ILE C 21 18.43 7.43 20.03
N SER C 22 19.18 8.53 20.21
CA SER C 22 20.46 8.74 19.56
C SER C 22 21.57 8.52 20.59
N VAL C 23 22.44 7.55 20.33
CA VAL C 23 23.62 7.34 21.16
C VAL C 23 24.68 8.33 20.67
N ASP C 24 24.82 9.46 21.38
CA ASP C 24 25.72 10.51 20.93
C ASP C 24 27.18 10.13 21.17
N ASP C 25 27.47 9.51 22.31
CA ASP C 25 28.84 9.16 22.67
C ASP C 25 28.84 7.83 23.38
N LEU C 26 29.52 6.85 22.81
CA LEU C 26 29.70 5.54 23.42
C LEU C 26 31.16 5.33 23.73
N GLU C 27 31.48 5.01 24.98
CA GLU C 27 32.85 4.91 25.43
C GLU C 27 33.24 3.54 25.94
N GLU C 28 32.33 2.85 26.63
CA GLU C 28 32.70 1.60 27.29
C GLU C 28 32.87 0.46 26.29
N PHE C 29 32.04 0.43 25.24
CA PHE C 29 31.95 -0.57 24.18
C PHE C 29 31.36 -1.88 24.68
N LYS C 30 31.16 -2.02 25.99
CA LYS C 30 30.49 -3.17 26.57
C LYS C 30 29.03 -2.88 26.87
N ILE C 31 28.68 -1.60 27.03
CA ILE C 31 27.29 -1.20 27.17
C ILE C 31 26.52 -1.51 25.89
N ALA C 32 27.12 -1.23 24.73
CA ALA C 32 26.46 -1.51 23.47
C ALA C 32 26.35 -3.00 23.22
N GLU C 33 27.35 -3.77 23.64
CA GLU C 33 27.37 -5.20 23.35
C GLU C 33 26.27 -5.95 24.11
N GLU C 34 26.05 -5.58 25.37
CA GLU C 34 25.13 -6.32 26.23
C GLU C 34 23.89 -5.53 26.63
N LYS C 35 24.04 -4.25 26.94
CA LYS C 35 22.95 -3.46 27.51
C LYS C 35 22.18 -2.66 26.46
N LEU C 36 22.61 -2.66 25.21
CA LEU C 36 21.90 -1.96 24.14
C LEU C 36 21.41 -2.94 23.08
N GLY C 37 21.09 -4.15 23.48
CA GLY C 37 20.66 -5.18 22.55
C GLY C 37 19.23 -4.96 22.08
N VAL C 38 18.79 -5.88 21.21
CA VAL C 38 17.49 -5.74 20.56
C VAL C 38 16.33 -6.02 21.50
N GLY C 39 16.58 -6.51 22.71
CA GLY C 39 15.52 -6.70 23.66
C GLY C 39 15.77 -6.04 25.01
N SER C 40 16.79 -5.20 25.06
CA SER C 40 17.27 -4.64 26.32
C SER C 40 16.35 -3.55 26.83
N TYR C 41 16.51 -3.22 28.11
CA TYR C 41 15.68 -2.26 28.81
C TYR C 41 16.47 -0.99 29.06
N LEU C 42 15.84 0.16 28.81
CA LEU C 42 16.46 1.45 29.00
C LEU C 42 15.66 2.28 29.99
N ARG C 43 16.36 3.14 30.72
CA ARG C 43 15.73 4.09 31.63
C ARG C 43 15.79 5.46 30.96
N VAL C 44 14.63 6.09 30.82
CA VAL C 44 14.48 7.35 30.11
C VAL C 44 14.05 8.41 31.10
N SER C 45 14.93 9.37 31.39
CA SER C 45 14.62 10.36 32.40
C SER C 45 15.56 11.55 32.28
N ASP C 46 15.14 12.66 32.88
CA ASP C 46 16.03 13.78 33.17
C ASP C 46 16.36 13.90 34.65
N ASN C 47 15.91 12.95 35.47
CA ASN C 47 16.22 12.94 36.90
C ASN C 47 16.25 11.50 37.38
N GLN C 48 16.93 11.28 38.50
CA GLN C 48 17.11 9.92 38.99
C GLN C 48 15.87 9.36 39.67
N ASP C 49 14.86 10.19 39.94
CA ASP C 49 13.74 9.72 40.76
C ASP C 49 12.62 9.11 39.92
N VAL C 50 12.21 9.80 38.86
CA VAL C 50 11.08 9.36 38.04
C VAL C 50 11.58 9.17 36.61
N ALA C 51 11.22 8.03 36.01
CA ALA C 51 11.75 7.66 34.70
C ALA C 51 10.72 6.89 33.90
N LEU C 52 10.89 6.90 32.58
CA LEU C 52 10.30 5.90 31.71
C LEU C 52 11.19 4.68 31.66
N LEU C 53 10.57 3.52 31.44
CA LEU C 53 11.28 2.30 31.10
C LEU C 53 10.82 1.85 29.72
N ALA C 54 11.79 1.52 28.86
CA ALA C 54 11.50 1.16 27.48
C ALA C 54 12.27 -0.07 27.08
N ILE C 55 11.66 -0.87 26.20
CA ILE C 55 12.32 -2.00 25.56
C ILE C 55 12.78 -1.56 24.18
N ILE C 56 14.03 -1.84 23.84
CA ILE C 56 14.55 -1.53 22.51
C ILE C 56 13.79 -2.35 21.47
N ASP C 57 13.29 -1.68 20.45
CA ASP C 57 12.63 -2.37 19.35
C ASP C 57 13.58 -2.64 18.20
N ASN C 58 14.43 -1.67 17.88
CA ASN C 58 15.30 -1.72 16.72
C ASN C 58 16.49 -0.81 16.99
N PHE C 59 17.55 -0.99 16.21
CA PHE C 59 18.71 -0.12 16.31
C PHE C 59 19.40 -0.09 14.95
N SER C 60 20.24 0.93 14.76
CA SER C 60 21.03 1.05 13.54
C SER C 60 22.25 1.92 13.83
N ILE C 61 23.43 1.37 13.60
CA ILE C 61 24.69 2.11 13.72
C ILE C 61 25.21 2.33 12.30
N GLU C 62 25.56 3.57 11.98
CA GLU C 62 26.11 3.90 10.68
C GLU C 62 27.36 4.73 10.86
N VAL C 63 28.42 4.42 10.10
CA VAL C 63 29.65 5.19 10.11
C VAL C 63 29.92 5.70 8.71
N LYS C 64 30.41 6.93 8.63
CA LYS C 64 30.82 7.55 7.37
C LYS C 64 32.17 8.21 7.57
N GLU C 65 32.82 8.55 6.46
CA GLU C 65 34.21 8.97 6.49
C GLU C 65 34.38 10.31 7.21
N SER C 66 33.56 11.30 6.88
CA SER C 66 33.75 12.63 7.44
C SER C 66 32.93 12.85 8.70
N GLN C 67 31.62 12.63 8.62
CA GLN C 67 30.75 12.96 9.74
C GLN C 67 30.85 11.90 10.84
N LYS C 68 30.30 12.24 12.00
CA LYS C 68 30.30 11.34 13.15
C LYS C 68 29.34 10.18 12.93
N GLN C 69 29.50 9.14 13.75
CA GLN C 69 28.67 7.95 13.60
C GLN C 69 27.24 8.23 14.06
N LYS C 70 26.31 7.53 13.44
CA LYS C 70 24.88 7.65 13.77
C LYS C 70 24.43 6.33 14.37
N TYR C 71 24.42 6.26 15.70
CA TYR C 71 23.93 5.09 16.42
C TYR C 71 22.52 5.48 16.90
N MET C 72 21.51 4.92 16.27
CA MET C 72 20.12 5.30 16.49
C MET C 72 19.38 4.10 17.06
N ILE C 73 18.59 4.31 18.11
CA ILE C 73 17.91 3.22 18.80
C ILE C 73 16.41 3.49 18.83
N GLU C 74 15.63 2.48 18.46
CA GLU C 74 14.17 2.51 18.56
C GLU C 74 13.75 1.83 19.86
N ALA C 75 12.86 2.48 20.62
CA ALA C 75 12.39 1.92 21.88
C ALA C 75 10.92 2.26 22.05
N SER C 76 10.24 1.49 22.92
CA SER C 76 8.83 1.67 23.19
C SER C 76 8.58 1.81 24.69
N PRO C 77 7.89 2.87 25.12
CA PRO C 77 7.75 3.16 26.56
C PRO C 77 6.80 2.25 27.30
N ILE C 78 7.27 1.11 27.80
CA ILE C 78 6.35 0.15 28.39
C ILE C 78 5.76 0.63 29.72
N GLY C 79 6.43 1.50 30.44
CA GLY C 79 5.91 1.87 31.74
C GLY C 79 6.63 3.03 32.36
N LEU C 80 6.31 3.25 33.64
CA LEU C 80 6.80 4.38 34.43
C LEU C 80 7.32 3.85 35.76
N VAL C 81 8.46 4.35 36.20
CA VAL C 81 8.99 4.02 37.52
C VAL C 81 9.14 5.32 38.31
N LYS C 82 8.55 5.35 39.52
CA LYS C 82 8.66 6.49 40.40
C LYS C 82 9.12 6.00 41.77
N ASN C 83 10.34 6.40 42.15
CA ASN C 83 10.90 6.16 43.48
C ASN C 83 10.97 4.67 43.82
N GLY C 84 11.43 3.88 42.85
CA GLY C 84 11.62 2.45 43.03
C GLY C 84 10.39 1.59 42.80
N LYS C 85 9.26 2.19 42.46
CA LYS C 85 8.03 1.45 42.20
C LYS C 85 7.63 1.68 40.75
N PHE C 86 7.41 0.58 40.02
CA PHE C 86 7.13 0.64 38.59
C PHE C 86 5.63 0.61 38.38
N TYR C 87 5.14 1.51 37.53
CA TYR C 87 3.74 1.59 37.16
C TYR C 87 3.62 1.29 35.68
N ARG C 88 2.91 0.20 35.35
CA ARG C 88 2.75 -0.21 33.95
C ARG C 88 1.87 0.79 33.23
N GLY C 89 2.48 1.55 32.32
CA GLY C 89 1.78 2.59 31.61
C GLY C 89 1.62 2.29 30.13
N GLY C 90 2.49 2.86 29.31
CA GLY C 90 2.41 2.78 27.87
C GLY C 90 1.92 4.05 27.20
N ASP C 91 1.41 5.00 27.97
CA ASP C 91 0.91 6.26 27.43
C ASP C 91 1.54 7.50 28.05
N SER C 92 2.43 7.34 29.02
CA SER C 92 3.06 8.48 29.66
C SER C 92 4.00 9.18 28.68
N LEU C 93 3.91 10.50 28.62
CA LEU C 93 4.64 11.28 27.63
C LEU C 93 5.96 11.77 28.22
N ALA C 94 7.05 11.48 27.52
CA ALA C 94 8.35 12.08 27.81
C ALA C 94 8.64 13.12 26.74
N LEU C 95 8.95 14.33 27.17
CA LEU C 95 9.26 15.40 26.23
C LEU C 95 10.73 15.37 25.90
N PRO C 96 11.11 15.24 24.62
CA PRO C 96 12.53 15.17 24.29
C PRO C 96 13.17 16.53 24.40
N PRO C 97 14.50 16.58 24.64
CA PRO C 97 15.44 15.48 24.81
C PRO C 97 15.45 14.88 26.21
N LYS C 98 15.71 13.59 26.31
CA LYS C 98 15.70 12.86 27.57
C LYS C 98 16.94 12.01 27.65
N LYS C 99 17.62 12.06 28.80
CA LYS C 99 18.83 11.26 28.98
C LYS C 99 18.48 9.79 29.12
N VAL C 100 19.19 8.94 28.37
CA VAL C 100 18.91 7.51 28.32
C VAL C 100 20.11 6.76 28.85
N GLU C 101 19.88 5.90 29.83
CA GLU C 101 20.85 4.97 30.37
C GLU C 101 20.27 3.57 30.33
N PRO C 102 21.11 2.54 30.28
CA PRO C 102 20.60 1.17 30.43
C PRO C 102 19.95 0.98 31.78
N ALA C 103 18.85 0.23 31.80
CA ALA C 103 18.10 0.01 33.02
C ALA C 103 18.88 -0.89 33.97
N LYS C 104 18.84 -0.55 35.25
CA LYS C 104 19.51 -1.36 36.26
C LYS C 104 18.74 -2.66 36.47
N LEU C 105 19.40 -3.61 37.14
CA LEU C 105 18.78 -4.91 37.40
C LEU C 105 17.55 -4.77 38.28
N ASP C 106 17.62 -3.93 39.32
CA ASP C 106 16.50 -3.73 40.21
C ASP C 106 15.33 -3.05 39.51
N GLU C 107 15.59 -2.24 38.49
CA GLU C 107 14.51 -1.62 37.74
C GLU C 107 13.81 -2.61 36.82
N ILE C 108 14.57 -3.52 36.21
CA ILE C 108 13.99 -4.53 35.33
C ILE C 108 13.19 -5.55 36.16
N ILE C 109 13.71 -5.91 37.34
CA ILE C 109 12.99 -6.81 38.24
C ILE C 109 11.70 -6.15 38.72
N SER C 110 11.72 -4.84 38.93
CA SER C 110 10.56 -4.09 39.38
C SER C 110 9.42 -4.06 38.38
N ILE C 111 9.68 -4.42 37.11
CA ILE C 111 8.64 -4.42 36.11
C ILE C 111 7.58 -5.48 36.43
N TYR C 112 8.03 -6.70 36.73
CA TYR C 112 7.15 -7.83 36.93
C TYR C 112 6.78 -8.04 38.40
N SER C 113 7.34 -7.27 39.32
CA SER C 113 7.11 -7.50 40.74
C SER C 113 6.24 -6.45 41.41
N ASP C 114 6.26 -5.20 40.94
CA ASP C 114 5.50 -4.15 41.61
C ASP C 114 4.02 -4.15 41.24
N SER C 115 3.64 -4.76 40.12
CA SER C 115 2.23 -4.84 39.78
C SER C 115 1.48 -5.77 40.70
N ILE C 116 2.14 -6.83 41.18
CA ILE C 116 1.53 -7.83 42.05
C ILE C 116 1.96 -7.56 43.49
N ASP C 117 1.05 -7.83 44.42
CA ASP C 117 1.41 -7.78 45.83
C ASP C 117 2.35 -8.92 46.17
N ILE C 118 3.05 -8.79 47.30
CA ILE C 118 4.10 -9.74 47.67
C ILE C 118 3.50 -11.11 47.98
N ASN C 119 2.32 -11.14 48.59
CA ASN C 119 1.68 -12.42 48.91
C ASN C 119 1.08 -13.09 47.68
N ASP C 120 0.64 -12.32 46.70
CA ASP C 120 -0.01 -12.86 45.52
C ASP C 120 0.97 -13.30 44.43
N ARG C 121 2.27 -13.13 44.65
CA ARG C 121 3.24 -13.45 43.62
C ARG C 121 3.40 -14.97 43.48
N PHE C 122 3.49 -15.42 42.23
CA PHE C 122 3.60 -16.85 41.92
C PHE C 122 4.64 -16.98 40.82
N THR C 123 5.81 -17.51 41.16
CA THR C 123 6.94 -17.55 40.26
C THR C 123 7.18 -18.98 39.78
N PHE C 124 7.30 -19.14 38.46
CA PHE C 124 7.71 -20.41 37.87
C PHE C 124 8.63 -20.21 36.67
N SER C 125 9.05 -18.97 36.38
CA SER C 125 9.85 -18.69 35.21
C SER C 125 10.71 -17.46 35.46
N SER C 126 11.67 -17.24 34.55
CA SER C 126 12.51 -16.06 34.53
C SER C 126 12.55 -15.52 33.12
N LEU C 127 13.01 -14.28 32.97
CA LEU C 127 13.09 -13.66 31.65
C LEU C 127 14.07 -14.41 30.75
N SER C 128 13.68 -14.58 29.49
CA SER C 128 14.49 -15.31 28.54
C SER C 128 15.82 -14.62 28.26
N LEU C 129 15.78 -13.31 28.07
CA LEU C 129 17.00 -12.58 27.73
C LEU C 129 17.86 -12.28 28.94
N ASN C 130 17.25 -12.10 30.11
CA ASN C 130 17.98 -11.86 31.35
C ASN C 130 17.53 -12.89 32.37
N THR C 131 18.34 -13.94 32.56
CA THR C 131 17.98 -15.01 33.50
C THR C 131 18.02 -14.54 34.95
N LYS C 132 18.71 -13.44 35.24
CA LYS C 132 18.74 -12.91 36.60
C LYS C 132 17.42 -12.26 36.99
N VAL C 133 16.58 -11.89 36.02
CA VAL C 133 15.28 -11.30 36.31
C VAL C 133 14.25 -12.41 36.42
N SER C 134 13.61 -12.50 37.58
CA SER C 134 12.57 -13.47 37.83
C SER C 134 11.22 -12.87 37.47
N VAL C 135 10.38 -13.65 36.80
CA VAL C 135 9.08 -13.17 36.36
C VAL C 135 7.99 -13.83 37.21
N PRO C 136 7.41 -13.12 38.17
CA PRO C 136 6.23 -13.64 38.85
C PRO C 136 4.93 -13.16 38.22
N VAL C 137 3.92 -14.01 38.33
CA VAL C 137 2.59 -13.68 37.87
C VAL C 137 1.68 -13.59 39.09
N ASN C 138 0.55 -12.92 38.92
CA ASN C 138 -0.44 -12.85 39.98
C ASN C 138 -1.09 -14.21 40.12
N GLY C 139 -0.77 -14.92 41.20
CA GLY C 139 -1.22 -16.29 41.35
C GLY C 139 -2.72 -16.43 41.49
N ASN C 140 -3.38 -15.40 42.02
CA ASN C 140 -4.84 -15.38 41.98
C ASN C 140 -5.34 -15.25 40.55
N ARG C 141 -4.82 -14.27 39.81
CA ARG C 141 -5.26 -14.02 38.45
C ARG C 141 -4.80 -15.11 37.49
N PHE C 142 -3.69 -15.78 37.81
CA PHE C 142 -3.15 -16.82 36.94
C PHE C 142 -4.11 -18.00 36.85
N PHE C 143 -4.67 -18.41 37.98
CA PHE C 143 -5.43 -19.65 38.06
C PHE C 143 -6.94 -19.47 38.05
N ASN C 144 -7.45 -18.36 38.60
CA ASN C 144 -8.90 -18.23 38.80
C ASN C 144 -9.67 -18.10 37.50
N LYS C 145 -9.03 -17.64 36.43
CA LYS C 145 -9.56 -17.81 35.09
C LYS C 145 -8.59 -18.69 34.31
N HIS C 146 -9.15 -19.51 33.44
CA HIS C 146 -8.50 -20.72 32.95
C HIS C 146 -7.22 -20.44 32.18
N ILE C 147 -6.27 -21.38 32.29
CA ILE C 147 -4.98 -21.30 31.62
C ILE C 147 -5.05 -22.08 30.32
N ALA C 148 -4.41 -21.55 29.28
CA ALA C 148 -4.29 -22.22 27.99
C ALA C 148 -2.83 -22.28 27.60
N ILE C 149 -2.30 -23.48 27.43
CA ILE C 149 -0.94 -23.68 26.98
C ILE C 149 -0.95 -24.40 25.64
N VAL C 150 -0.21 -23.85 24.67
CA VAL C 150 -0.11 -24.40 23.33
C VAL C 150 1.36 -24.38 22.92
N GLY C 151 1.65 -25.06 21.84
CA GLY C 151 3.02 -25.15 21.35
C GLY C 151 3.24 -26.45 20.61
N SER C 152 4.33 -26.47 19.85
CA SER C 152 4.60 -27.60 18.98
C SER C 152 5.01 -28.84 19.78
N THR C 153 5.15 -29.95 19.07
CA THR C 153 5.55 -31.21 19.69
C THR C 153 6.98 -31.11 20.20
N GLY C 154 7.18 -31.47 21.47
CA GLY C 154 8.49 -31.41 22.08
C GLY C 154 8.96 -30.03 22.47
N SER C 155 8.07 -29.03 22.50
CA SER C 155 8.46 -27.67 22.81
C SER C 155 8.59 -27.40 24.30
N GLY C 156 8.25 -28.37 25.15
CA GLY C 156 8.35 -28.20 26.57
C GLY C 156 7.07 -27.90 27.29
N LYS C 157 5.92 -28.17 26.68
CA LYS C 157 4.64 -27.78 27.25
C LYS C 157 4.16 -28.72 28.35
N SER C 158 4.58 -29.98 28.36
CA SER C 158 4.24 -30.87 29.47
C SER C 158 5.13 -30.61 30.68
N HIS C 159 6.40 -30.28 30.46
CA HIS C 159 7.26 -29.89 31.58
C HIS C 159 6.84 -28.56 32.17
N THR C 160 6.31 -27.65 31.35
CA THR C 160 5.82 -26.37 31.85
C THR C 160 4.61 -26.57 32.75
N VAL C 161 3.67 -27.42 32.33
CA VAL C 161 2.49 -27.71 33.13
C VAL C 161 2.88 -28.35 34.45
N ALA C 162 3.81 -29.32 34.41
CA ALA C 162 4.28 -29.96 35.63
C ALA C 162 4.98 -28.98 36.56
N LYS C 163 5.75 -28.04 35.99
CA LYS C 163 6.45 -27.05 36.81
C LYS C 163 5.48 -26.12 37.52
N ILE C 164 4.44 -25.68 36.81
CA ILE C 164 3.43 -24.81 37.43
C ILE C 164 2.71 -25.52 38.56
N LEU C 165 2.34 -26.79 38.35
CA LEU C 165 1.66 -27.56 39.38
C LEU C 165 2.57 -27.86 40.57
N GLN C 166 3.87 -28.01 40.32
CA GLN C 166 4.81 -28.24 41.41
C GLN C 166 4.99 -26.99 42.28
N LYS C 167 5.05 -25.82 41.66
CA LYS C 167 5.12 -24.58 42.43
C LYS C 167 3.81 -24.32 43.17
N ALA C 168 2.68 -24.69 42.55
CA ALA C 168 1.39 -24.50 43.20
C ALA C 168 1.22 -25.44 44.38
N VAL C 169 1.73 -26.67 44.27
CA VAL C 169 1.67 -27.62 45.38
C VAL C 169 2.58 -27.17 46.51
N ASP C 170 3.74 -26.61 46.18
CA ASP C 170 4.68 -26.13 47.19
C ASP C 170 4.34 -24.72 47.66
N GLU C 171 3.25 -24.14 47.20
CA GLU C 171 2.85 -22.78 47.58
C GLU C 171 2.14 -22.84 48.93
N LYS C 172 2.94 -22.91 49.98
CA LYS C 172 2.45 -23.00 51.35
C LYS C 172 2.76 -21.71 52.09
N GLN C 173 1.74 -21.13 52.73
CA GLN C 173 2.00 -20.10 53.71
C GLN C 173 2.59 -20.74 54.97
N GLU C 174 3.36 -19.96 55.71
CA GLU C 174 4.02 -20.50 56.88
C GLU C 174 3.03 -20.63 58.05
N GLY C 175 3.23 -21.68 58.84
CA GLY C 175 2.34 -21.96 59.94
C GLY C 175 2.02 -23.44 60.06
N TYR C 176 2.46 -24.23 59.08
CA TYR C 176 2.21 -25.66 59.09
C TYR C 176 3.29 -26.36 58.29
N LYS C 177 3.45 -27.66 58.55
CA LYS C 177 4.39 -28.50 57.83
C LYS C 177 3.72 -29.47 56.87
N GLY C 178 2.40 -29.65 56.95
CA GLY C 178 1.70 -30.63 56.17
C GLY C 178 1.31 -30.14 54.79
N LEU C 179 0.31 -30.81 54.23
CA LEU C 179 -0.16 -30.51 52.87
C LEU C 179 -0.94 -29.20 52.85
N ASN C 180 -0.84 -28.47 51.74
CA ASN C 180 -1.58 -27.24 51.56
C ASN C 180 -2.91 -27.56 50.88
N ASN C 181 -3.60 -26.51 50.42
CA ASN C 181 -4.97 -26.63 49.93
C ASN C 181 -5.06 -26.76 48.41
N SER C 182 -3.96 -27.08 47.74
CA SER C 182 -3.99 -27.28 46.30
C SER C 182 -4.77 -28.53 45.96
N HIS C 183 -5.62 -28.42 44.94
CA HIS C 183 -6.47 -29.52 44.49
C HIS C 183 -6.44 -29.52 42.97
N ILE C 184 -5.62 -30.39 42.39
CA ILE C 184 -5.40 -30.41 40.95
C ILE C 184 -5.73 -31.81 40.44
N ILE C 185 -6.52 -31.87 39.36
CA ILE C 185 -6.88 -33.11 38.70
C ILE C 185 -6.27 -33.10 37.31
N ILE C 186 -5.50 -34.13 36.98
CA ILE C 186 -4.82 -34.22 35.68
C ILE C 186 -5.43 -35.34 34.88
N PHE C 187 -5.90 -35.01 33.67
CA PHE C 187 -6.31 -36.01 32.70
C PHE C 187 -5.07 -36.40 31.90
N ASP C 188 -4.37 -37.42 32.40
CA ASP C 188 -3.06 -37.79 31.87
C ASP C 188 -3.27 -38.84 30.78
N ILE C 189 -2.90 -38.47 29.55
CA ILE C 189 -3.15 -39.32 28.39
C ILE C 189 -1.88 -40.05 27.95
N HIS C 190 -0.71 -39.62 28.39
CA HIS C 190 0.51 -40.27 27.97
C HIS C 190 1.29 -40.85 29.14
N SER C 191 0.64 -40.98 30.29
CA SER C 191 1.18 -41.67 31.47
C SER C 191 2.51 -41.07 31.92
N GLU C 192 2.62 -39.75 31.82
CA GLU C 192 3.88 -39.07 32.08
C GLU C 192 3.90 -38.30 33.39
N TYR C 193 2.74 -37.96 33.95
CA TYR C 193 2.70 -37.11 35.13
C TYR C 193 2.88 -37.85 36.44
N GLU C 194 2.83 -39.19 36.42
CA GLU C 194 3.11 -39.95 37.64
C GLU C 194 4.56 -39.76 38.07
N ASN C 195 5.48 -39.70 37.10
CA ASN C 195 6.88 -39.45 37.41
C ASN C 195 7.10 -38.05 38.00
N ALA C 196 6.33 -37.07 37.51
CA ALA C 196 6.50 -35.69 37.99
C ALA C 196 5.98 -35.53 39.41
N PHE C 197 4.92 -36.24 39.77
CA PHE C 197 4.30 -36.15 41.10
C PHE C 197 4.33 -37.54 41.73
N PRO C 198 5.39 -37.88 42.46
CA PRO C 198 5.48 -39.25 43.01
C PRO C 198 4.50 -39.51 44.14
N ASN C 199 4.20 -38.51 44.97
CA ASN C 199 3.30 -38.69 46.10
C ASN C 199 1.83 -38.63 45.71
N SER C 200 1.54 -38.38 44.44
CA SER C 200 0.17 -38.22 43.97
C SER C 200 -0.57 -39.54 43.94
N ASN C 201 -1.89 -39.44 43.79
CA ASN C 201 -2.75 -40.60 43.59
C ASN C 201 -3.04 -40.75 42.10
N VAL C 202 -2.73 -41.93 41.56
CA VAL C 202 -2.91 -42.23 40.15
C VAL C 202 -4.05 -43.22 40.02
N LEU C 203 -5.04 -42.90 39.19
CA LEU C 203 -6.21 -43.74 38.99
C LEU C 203 -6.30 -44.14 37.52
N ASN C 204 -6.12 -45.41 37.23
CA ASN C 204 -6.41 -45.94 35.91
C ASN C 204 -7.85 -46.41 35.85
N VAL C 205 -8.29 -46.74 34.63
CA VAL C 205 -9.68 -47.12 34.40
C VAL C 205 -10.01 -48.42 35.13
N ASP C 206 -9.04 -49.34 35.20
CA ASP C 206 -9.26 -50.62 35.89
C ASP C 206 -9.50 -50.42 37.39
N THR C 207 -8.75 -49.52 38.02
CA THR C 207 -8.93 -49.32 39.46
C THR C 207 -10.06 -48.34 39.77
N LEU C 208 -10.22 -47.31 38.95
CA LEU C 208 -11.23 -46.29 39.23
C LEU C 208 -12.64 -46.84 38.97
N THR C 209 -13.55 -46.55 39.90
CA THR C 209 -14.95 -46.90 39.76
C THR C 209 -15.79 -45.63 39.79
N LEU C 210 -16.47 -45.35 38.69
CA LEU C 210 -17.39 -44.21 38.60
C LEU C 210 -18.80 -44.75 38.46
N PRO C 211 -19.63 -44.69 39.50
CA PRO C 211 -20.92 -45.38 39.47
C PRO C 211 -21.85 -44.87 38.37
N TYR C 212 -22.58 -45.79 37.76
CA TYR C 212 -23.53 -45.45 36.71
C TYR C 212 -24.71 -44.67 37.26
N TRP C 213 -25.03 -44.86 38.55
CA TRP C 213 -26.17 -44.18 39.14
C TRP C 213 -25.86 -42.74 39.52
N LEU C 214 -24.61 -42.32 39.43
CA LEU C 214 -24.26 -40.92 39.64
C LEU C 214 -24.53 -40.05 38.42
N LEU C 215 -24.83 -40.64 37.27
CA LEU C 215 -25.16 -39.87 36.09
C LEU C 215 -26.50 -39.17 36.26
N ASN C 216 -26.64 -38.02 35.62
CA ASN C 216 -27.93 -37.33 35.62
C ASN C 216 -28.79 -37.89 34.49
N GLY C 217 -29.90 -37.21 34.21
CA GLY C 217 -30.85 -37.73 33.23
C GLY C 217 -30.31 -37.73 31.82
N ASP C 218 -29.58 -36.68 31.45
CA ASP C 218 -29.02 -36.61 30.09
C ASP C 218 -27.91 -37.64 29.89
N GLU C 219 -27.07 -37.84 30.91
CA GLU C 219 -25.97 -38.79 30.76
C GLU C 219 -26.45 -40.23 30.84
N LEU C 220 -27.49 -40.51 31.63
CA LEU C 220 -28.06 -41.85 31.67
C LEU C 220 -28.65 -42.24 30.33
N GLU C 221 -29.35 -41.31 29.68
CA GLU C 221 -29.91 -41.58 28.36
C GLU C 221 -28.81 -41.70 27.30
N GLU C 222 -27.75 -40.89 27.42
CA GLU C 222 -26.65 -40.97 26.46
C GLU C 222 -25.88 -42.28 26.60
N LEU C 223 -25.70 -42.76 27.83
CA LEU C 223 -24.92 -43.98 28.06
C LEU C 223 -25.67 -45.22 27.58
N PHE C 224 -26.96 -45.31 27.86
CA PHE C 224 -27.71 -46.54 27.64
C PHE C 224 -28.52 -46.56 26.35
N LEU C 225 -29.04 -45.42 25.91
CA LEU C 225 -30.01 -45.38 24.82
C LEU C 225 -29.27 -44.98 23.54
N ASP C 226 -29.23 -45.90 22.58
CA ASP C 226 -28.67 -45.62 21.28
C ASP C 226 -29.73 -45.40 20.20
N THR C 227 -31.01 -45.47 20.56
CA THR C 227 -32.07 -45.02 19.67
C THR C 227 -32.11 -43.50 19.65
N GLU C 228 -32.56 -42.94 18.53
CA GLU C 228 -32.43 -41.51 18.29
C GLU C 228 -33.75 -40.80 18.12
N ALA C 229 -34.65 -41.31 17.26
CA ALA C 229 -35.78 -40.52 16.79
C ALA C 229 -37.13 -40.98 17.33
N ASN C 230 -37.47 -42.26 17.19
CA ASN C 230 -38.80 -42.76 17.55
C ASN C 230 -38.62 -43.87 18.58
N ASP C 231 -38.57 -43.49 19.86
CA ASP C 231 -38.36 -44.45 20.92
C ASP C 231 -39.08 -44.05 22.19
N HIS C 232 -40.24 -43.39 22.05
CA HIS C 232 -40.91 -42.79 23.21
C HIS C 232 -41.40 -43.86 24.18
N ASN C 233 -41.84 -45.01 23.68
CA ASN C 233 -42.21 -46.10 24.57
C ASN C 233 -41.00 -46.70 25.25
N GLN C 234 -39.89 -46.84 24.52
CA GLN C 234 -38.66 -47.36 25.11
C GLN C 234 -38.04 -46.37 26.08
N ARG C 235 -38.10 -45.08 25.75
CA ARG C 235 -37.56 -44.06 26.65
C ARG C 235 -38.42 -43.92 27.90
N ASN C 236 -39.73 -44.13 27.79
CA ASN C 236 -40.60 -43.98 28.94
C ASN C 236 -40.36 -45.08 29.97
N VAL C 237 -40.30 -46.33 29.51
CA VAL C 237 -40.10 -47.45 30.43
C VAL C 237 -38.70 -47.41 31.04
N PHE C 238 -37.73 -46.85 30.30
CA PHE C 238 -36.38 -46.71 30.83
C PHE C 238 -36.33 -45.69 31.97
N ARG C 239 -36.97 -44.53 31.77
CA ARG C 239 -37.05 -43.53 32.83
C ARG C 239 -37.90 -44.02 33.99
N GLN C 240 -38.97 -44.77 33.69
CA GLN C 240 -39.87 -45.23 34.73
C GLN C 240 -39.23 -46.31 35.60
N ALA C 241 -38.45 -47.20 35.00
CA ALA C 241 -37.79 -48.25 35.76
C ALA C 241 -36.70 -47.67 36.67
N ILE C 242 -35.93 -46.72 36.16
CA ILE C 242 -34.81 -46.16 36.93
C ILE C 242 -35.32 -45.30 38.08
N THR C 243 -36.33 -44.46 37.81
CA THR C 243 -36.86 -43.57 38.84
C THR C 243 -37.50 -44.36 39.97
N LEU C 244 -38.19 -45.45 39.64
CA LEU C 244 -38.82 -46.28 40.67
C LEU C 244 -37.78 -47.08 41.43
N ASN C 245 -36.76 -47.57 40.74
CA ASN C 245 -35.70 -48.34 41.41
C ASN C 245 -34.88 -47.44 42.33
N LYS C 246 -34.72 -46.16 41.96
CA LYS C 246 -34.04 -45.21 42.84
C LYS C 246 -34.83 -44.98 44.10
N LYS C 247 -36.17 -44.97 44.00
CA LYS C 247 -37.01 -44.78 45.17
C LYS C 247 -36.97 -45.98 46.10
N ILE C 248 -36.93 -47.19 45.54
CA ILE C 248 -37.00 -48.40 46.35
C ILE C 248 -35.72 -48.59 47.16
N HIS C 249 -34.56 -48.36 46.53
CA HIS C 249 -33.29 -48.52 47.23
C HIS C 249 -32.99 -47.37 48.18
N PHE C 250 -33.80 -46.32 48.18
CA PHE C 250 -33.62 -45.22 49.12
C PHE C 250 -33.94 -45.65 50.54
N GLN C 251 -33.05 -45.32 51.47
CA GLN C 251 -33.20 -45.69 52.87
C GLN C 251 -33.32 -44.49 53.79
N GLY C 252 -33.53 -43.29 53.25
CA GLY C 252 -33.63 -42.09 54.04
C GLY C 252 -35.05 -41.78 54.47
N ASP C 253 -35.28 -40.51 54.80
CA ASP C 253 -36.59 -40.07 55.25
C ASP C 253 -37.59 -40.09 54.09
N PRO C 254 -38.87 -40.36 54.40
CA PRO C 254 -39.88 -40.39 53.32
C PRO C 254 -40.12 -39.05 52.65
N ALA C 255 -39.76 -37.94 53.28
CA ALA C 255 -39.93 -36.63 52.65
C ALA C 255 -38.98 -36.47 51.47
N THR C 256 -37.77 -37.01 51.57
CA THR C 256 -36.83 -36.97 50.47
C THR C 256 -37.18 -38.01 49.40
N LYS C 257 -37.85 -39.10 49.79
CA LYS C 257 -38.15 -40.19 48.86
C LYS C 257 -39.09 -39.74 47.75
N GLU C 258 -40.06 -38.88 48.06
CA GLU C 258 -41.06 -38.51 47.06
C GLU C 258 -40.51 -37.56 45.99
N ILE C 259 -39.42 -36.85 46.28
CA ILE C 259 -38.88 -35.90 45.31
C ILE C 259 -37.77 -36.54 44.49
N ILE C 260 -37.55 -37.85 44.67
CA ILE C 260 -36.56 -38.57 43.90
C ILE C 260 -37.02 -38.66 42.45
N SER C 261 -36.16 -38.24 41.52
CA SER C 261 -36.49 -38.17 40.12
C SER C 261 -35.49 -38.98 39.30
N PHE C 262 -35.55 -38.80 37.98
CA PHE C 262 -34.73 -39.61 37.09
C PHE C 262 -33.26 -39.17 37.11
N HIS C 263 -32.99 -37.88 37.28
CA HIS C 263 -31.60 -37.41 37.27
C HIS C 263 -30.94 -37.51 38.64
N SER C 264 -31.70 -37.83 39.68
CA SER C 264 -31.21 -37.72 41.05
C SER C 264 -30.10 -38.73 41.30
N PRO C 265 -28.95 -38.32 41.83
CA PRO C 265 -27.82 -39.24 42.01
C PRO C 265 -28.01 -40.19 43.19
N TYR C 266 -28.96 -41.10 43.03
CA TYR C 266 -29.25 -42.13 44.02
C TYR C 266 -28.98 -43.49 43.43
N TYR C 267 -28.72 -44.46 44.30
CA TYR C 267 -28.35 -45.79 43.84
C TYR C 267 -29.57 -46.51 43.27
N PHE C 268 -29.37 -47.15 42.12
CA PHE C 268 -30.38 -48.01 41.51
C PHE C 268 -29.66 -49.22 40.93
N ASP C 269 -30.27 -50.39 41.08
CA ASP C 269 -29.66 -51.62 40.56
C ASP C 269 -29.93 -51.68 39.06
N ILE C 270 -28.85 -51.75 38.28
CA ILE C 270 -29.01 -51.78 36.82
C ILE C 270 -29.55 -53.13 36.37
N ASN C 271 -29.24 -54.21 37.09
CA ASN C 271 -29.79 -55.51 36.73
C ASN C 271 -31.26 -55.62 37.10
N GLU C 272 -31.70 -54.92 38.15
CA GLU C 272 -33.12 -54.90 38.48
C GLU C 272 -33.92 -54.08 37.49
N VAL C 273 -33.31 -53.07 36.89
CA VAL C 273 -33.97 -52.28 35.85
C VAL C 273 -34.23 -53.14 34.62
N ILE C 274 -33.26 -53.99 34.26
CA ILE C 274 -33.44 -54.91 33.13
C ILE C 274 -34.55 -55.91 33.42
N ASN C 275 -34.63 -56.38 34.67
CA ASN C 275 -35.67 -57.34 35.04
C ASN C 275 -37.06 -56.73 34.90
N TYR C 276 -37.22 -55.46 35.28
CA TYR C 276 -38.51 -54.80 35.14
C TYR C 276 -38.83 -54.59 33.66
N ILE C 277 -37.83 -54.23 32.86
CA ILE C 277 -38.04 -54.00 31.43
C ILE C 277 -38.30 -55.33 30.72
N ASN C 278 -37.59 -56.39 31.13
CA ASN C 278 -37.87 -57.73 30.60
C ASN C 278 -39.25 -58.22 31.01
N ASN C 279 -39.67 -57.91 32.23
CA ASN C 279 -41.00 -58.30 32.68
C ASN C 279 -42.08 -57.55 31.91
N ARG C 280 -41.91 -56.23 31.77
CA ARG C 280 -42.86 -55.44 31.00
C ARG C 280 -42.82 -55.76 29.51
N ASN C 281 -41.75 -56.41 29.06
CA ASN C 281 -41.73 -56.96 27.70
C ASN C 281 -42.64 -58.18 27.57
N ASN C 282 -42.95 -58.85 28.69
CA ASN C 282 -43.81 -60.03 28.68
C ASN C 282 -45.15 -59.80 29.38
N GLU C 283 -45.60 -58.55 29.48
CA GLU C 283 -46.78 -58.27 30.28
C GLU C 283 -48.05 -58.73 29.57
N ARG C 284 -49.04 -59.15 30.37
CA ARG C 284 -50.31 -59.63 29.87
C ARG C 284 -51.42 -58.88 30.57
N LYS C 285 -52.44 -58.46 29.82
CA LYS C 285 -53.55 -57.69 30.35
C LYS C 285 -54.85 -58.49 30.25
N ASN C 286 -55.78 -58.16 31.13
CA ASN C 286 -57.10 -58.78 31.14
C ASN C 286 -58.07 -58.00 30.26
N LYS C 287 -59.37 -58.29 30.40
CA LYS C 287 -60.38 -57.60 29.60
C LYS C 287 -60.53 -56.14 29.98
N ASP C 288 -60.16 -55.78 31.22
CA ASP C 288 -60.25 -54.41 31.69
C ASP C 288 -59.05 -53.56 31.30
N ASN C 289 -58.18 -54.07 30.43
CA ASN C 289 -56.98 -53.38 29.92
C ASN C 289 -56.01 -53.01 31.04
N GLU C 290 -55.99 -53.80 32.12
CA GLU C 290 -55.03 -53.60 33.20
C GLU C 290 -54.15 -54.84 33.30
N HIS C 291 -52.84 -54.62 33.43
CA HIS C 291 -51.90 -55.73 33.46
C HIS C 291 -51.91 -56.42 34.81
N ILE C 292 -52.18 -57.73 34.79
CA ILE C 292 -52.32 -58.55 35.98
C ILE C 292 -51.09 -59.46 36.06
N TRP C 293 -50.54 -59.59 37.26
CA TRP C 293 -49.29 -60.30 37.47
C TRP C 293 -49.45 -61.28 38.62
N SER C 294 -48.53 -62.25 38.68
CA SER C 294 -48.53 -63.24 39.75
C SER C 294 -47.10 -63.51 40.20
N ASP C 295 -46.88 -63.52 41.51
CA ASP C 295 -45.57 -63.77 42.08
C ASP C 295 -45.73 -64.67 43.31
N GLU C 296 -44.66 -64.75 44.12
CA GLU C 296 -44.70 -65.57 45.32
C GLU C 296 -45.67 -65.03 46.35
N GLU C 297 -45.75 -63.71 46.49
CA GLU C 297 -46.67 -63.12 47.48
C GLU C 297 -48.12 -63.30 47.07
N GLY C 298 -48.41 -63.18 45.78
CA GLY C 298 -49.77 -63.38 45.30
C GLY C 298 -50.00 -62.64 44.00
N ASN C 299 -51.24 -62.74 43.52
CA ASN C 299 -51.63 -62.05 42.31
C ASN C 299 -51.75 -60.55 42.57
N PHE C 300 -51.31 -59.75 41.59
CA PHE C 300 -51.36 -58.31 41.74
C PHE C 300 -51.50 -57.64 40.38
N LYS C 301 -51.94 -56.39 40.40
CA LYS C 301 -52.17 -55.60 39.20
C LYS C 301 -51.05 -54.57 39.07
N PHE C 302 -50.53 -54.43 37.85
CA PHE C 302 -49.39 -53.53 37.62
C PHE C 302 -49.85 -52.09 37.78
N ASP C 303 -49.41 -51.47 38.86
CA ASP C 303 -49.69 -50.07 39.15
C ASP C 303 -48.55 -49.55 40.03
N ASN C 304 -48.61 -48.26 40.37
CA ASN C 304 -47.48 -47.59 41.03
C ASN C 304 -47.19 -48.19 42.41
N GLU C 305 -48.20 -48.75 43.07
CA GLU C 305 -47.97 -49.41 44.34
C GLU C 305 -47.28 -50.76 44.15
N ASN C 306 -47.60 -51.46 43.07
CA ASN C 306 -47.13 -52.83 42.87
C ASN C 306 -46.13 -52.97 41.73
N ALA C 307 -45.69 -51.88 41.11
CA ALA C 307 -44.75 -51.99 40.00
C ALA C 307 -43.34 -52.32 40.48
N HIS C 308 -43.04 -52.12 41.76
CA HIS C 308 -41.74 -52.48 42.31
C HIS C 308 -41.52 -53.99 42.33
N ARG C 309 -42.61 -54.78 42.29
CA ARG C 309 -42.51 -56.22 42.32
C ARG C 309 -41.99 -56.81 41.02
N LEU C 310 -41.88 -56.00 39.97
CA LEU C 310 -41.35 -56.45 38.69
C LEU C 310 -39.83 -56.42 38.64
N PHE C 311 -39.16 -55.88 39.66
CA PHE C 311 -37.70 -55.89 39.68
C PHE C 311 -37.13 -57.29 39.91
N LYS C 312 -37.94 -58.22 40.39
CA LYS C 312 -37.55 -59.62 40.46
C LYS C 312 -37.85 -60.29 39.14
N GLU C 313 -37.05 -61.29 38.79
CA GLU C 313 -37.24 -62.02 37.55
C GLU C 313 -38.12 -63.27 37.72
N ASN C 314 -38.48 -63.62 38.95
CA ASN C 314 -39.30 -64.79 39.21
C ASN C 314 -40.80 -64.57 38.97
N VAL C 315 -41.24 -63.33 38.84
CA VAL C 315 -42.66 -63.03 38.73
C VAL C 315 -43.13 -63.36 37.32
N THR C 316 -44.26 -64.08 37.22
CA THR C 316 -44.77 -64.55 35.93
C THR C 316 -46.06 -63.82 35.55
N PRO C 317 -46.25 -63.51 34.27
CA PRO C 317 -47.49 -62.84 33.84
C PRO C 317 -48.67 -63.78 33.72
N ASP C 318 -49.86 -63.22 33.89
CA ASP C 318 -51.09 -63.96 33.61
C ASP C 318 -52.12 -62.94 33.13
N GLY C 319 -52.77 -63.28 32.02
CA GLY C 319 -53.70 -62.34 31.41
C GLY C 319 -54.42 -62.99 30.25
N SER C 320 -55.50 -62.33 29.80
CA SER C 320 -56.21 -62.81 28.61
C SER C 320 -55.47 -62.45 27.33
N SER C 321 -54.93 -61.23 27.26
CA SER C 321 -54.33 -60.72 26.04
C SER C 321 -52.96 -60.12 26.35
N ALA C 322 -52.18 -59.90 25.30
CA ALA C 322 -50.86 -59.32 25.44
C ALA C 322 -50.94 -57.85 25.85
N GLY C 323 -49.97 -57.42 26.65
CA GLY C 323 -49.95 -56.07 27.18
C GLY C 323 -49.51 -55.02 26.19
N ALA C 324 -49.36 -53.80 26.69
CA ALA C 324 -49.01 -52.67 25.84
C ALA C 324 -47.59 -52.79 25.31
N LEU C 325 -46.63 -53.07 26.18
CA LEU C 325 -45.23 -53.20 25.81
C LEU C 325 -44.84 -54.62 25.50
N ASN C 326 -45.81 -55.52 25.32
CA ASN C 326 -45.52 -56.94 25.17
C ASN C 326 -44.94 -57.19 23.78
N GLY C 327 -43.75 -57.75 23.74
CA GLY C 327 -43.07 -58.04 22.49
C GLY C 327 -42.37 -56.87 21.86
N LYS C 328 -42.39 -55.70 22.49
CA LYS C 328 -41.87 -54.48 21.88
C LYS C 328 -40.57 -54.01 22.51
N LEU C 329 -40.06 -54.71 23.53
CA LEU C 329 -38.83 -54.34 24.20
C LEU C 329 -37.73 -55.39 24.03
N LEU C 330 -37.90 -56.34 23.12
CA LEU C 330 -36.94 -57.44 23.00
C LEU C 330 -35.59 -56.96 22.50
N ASN C 331 -35.60 -56.12 21.45
CA ASN C 331 -34.35 -55.52 20.98
C ASN C 331 -33.85 -54.48 21.98
N PHE C 332 -34.77 -53.84 22.71
CA PHE C 332 -34.36 -52.83 23.69
C PHE C 332 -33.60 -53.45 24.85
N VAL C 333 -34.06 -54.61 25.34
CA VAL C 333 -33.32 -55.32 26.38
C VAL C 333 -31.98 -55.80 25.85
N ASP C 334 -31.99 -56.39 24.64
CA ASP C 334 -30.78 -56.97 24.07
C ASP C 334 -29.72 -55.91 23.81
N ARG C 335 -30.13 -54.70 23.43
CA ARG C 335 -29.19 -53.60 23.31
C ARG C 335 -28.69 -53.14 24.67
N LEU C 336 -29.52 -53.23 25.70
CA LEU C 336 -29.13 -52.78 27.04
C LEU C 336 -28.12 -53.72 27.69
N GLN C 337 -28.34 -55.03 27.57
CA GLN C 337 -27.41 -56.00 28.16
C GLN C 337 -26.06 -56.00 27.50
N SER C 338 -25.96 -55.54 26.24
CA SER C 338 -24.66 -55.41 25.60
C SER C 338 -23.83 -54.31 26.25
N LYS C 339 -24.48 -53.22 26.68
CA LYS C 339 -23.76 -52.14 27.33
C LYS C 339 -23.31 -52.52 28.73
N ILE C 340 -24.15 -53.26 29.47
CA ILE C 340 -23.82 -53.67 30.83
C ILE C 340 -22.67 -54.67 30.83
N PHE C 341 -22.73 -55.65 29.92
CA PHE C 341 -21.72 -56.69 29.85
C PHE C 341 -20.51 -56.29 29.02
N ASP C 342 -20.48 -55.05 28.54
CA ASP C 342 -19.27 -54.53 27.89
C ASP C 342 -18.16 -54.38 28.93
N LYS C 343 -17.00 -54.97 28.64
CA LYS C 343 -15.87 -54.86 29.54
C LYS C 343 -15.13 -53.53 29.37
N ARG C 344 -15.37 -52.82 28.28
CA ARG C 344 -14.87 -51.46 28.14
C ARG C 344 -15.46 -50.54 29.18
N LEU C 345 -16.76 -50.70 29.46
CA LEU C 345 -17.48 -49.90 30.45
C LEU C 345 -17.53 -50.58 31.81
N ASP C 346 -16.52 -51.39 32.14
CA ASP C 346 -16.51 -52.08 33.42
C ASP C 346 -16.23 -51.12 34.57
N PHE C 347 -15.56 -50.00 34.31
CA PHE C 347 -15.30 -49.03 35.37
C PHE C 347 -16.58 -48.34 35.81
N ILE C 348 -17.57 -48.24 34.92
CA ILE C 348 -18.81 -47.55 35.22
C ILE C 348 -19.97 -48.52 35.45
N LEU C 349 -20.03 -49.61 34.68
CA LEU C 349 -21.14 -50.55 34.75
C LEU C 349 -20.76 -51.88 35.38
N GLY C 350 -19.59 -51.97 36.02
CA GLY C 350 -19.16 -53.22 36.61
C GLY C 350 -19.79 -53.47 37.96
N GLU C 351 -19.36 -54.57 38.58
CA GLU C 351 -19.88 -54.93 39.90
C GLU C 351 -19.36 -54.00 40.99
N GLY C 352 -18.27 -53.28 40.73
CA GLY C 352 -17.77 -52.32 41.71
C GLY C 352 -18.65 -51.10 41.88
N SER C 353 -19.46 -50.78 40.87
CA SER C 353 -20.37 -49.64 40.98
C SER C 353 -21.47 -49.88 42.00
N LYS C 354 -21.80 -51.15 42.25
CA LYS C 354 -22.78 -51.46 43.29
C LYS C 354 -22.23 -51.16 44.68
N SER C 355 -20.97 -51.54 44.93
CA SER C 355 -20.43 -51.50 46.29
C SER C 355 -20.09 -50.08 46.73
N VAL C 356 -19.47 -49.27 45.87
CA VAL C 356 -18.99 -47.96 46.30
C VAL C 356 -20.15 -46.99 46.43
N THR C 357 -19.93 -45.93 47.20
CA THR C 357 -20.94 -44.93 47.51
C THR C 357 -20.64 -43.62 46.79
N PHE C 358 -21.51 -42.63 47.01
CA PHE C 358 -21.33 -41.33 46.40
C PHE C 358 -20.14 -40.60 47.03
N LYS C 359 -20.04 -40.67 48.36
CA LYS C 359 -18.96 -39.98 49.06
C LYS C 359 -17.60 -40.59 48.76
N GLU C 360 -17.52 -41.91 48.60
CA GLU C 360 -16.27 -42.55 48.23
C GLU C 360 -15.80 -42.13 46.84
N THR C 361 -16.74 -41.88 45.92
CA THR C 361 -16.38 -41.47 44.57
C THR C 361 -15.83 -40.06 44.55
N LEU C 362 -16.49 -39.13 45.26
CA LEU C 362 -16.03 -37.75 45.31
C LEU C 362 -14.68 -37.64 46.01
N GLU C 363 -14.47 -38.45 47.06
CA GLU C 363 -13.17 -38.46 47.73
C GLU C 363 -12.09 -39.04 46.84
N THR C 364 -12.44 -40.01 45.99
CA THR C 364 -11.47 -40.59 45.07
C THR C 364 -11.02 -39.58 44.02
N LEU C 365 -11.97 -38.81 43.47
CA LEU C 365 -11.69 -37.94 42.33
C LEU C 365 -10.80 -36.76 42.71
N ILE C 366 -10.91 -36.25 43.93
CA ILE C 366 -10.10 -35.12 44.36
C ILE C 366 -9.15 -35.50 45.49
N SER C 367 -8.92 -36.80 45.69
CA SER C 367 -7.94 -37.34 46.66
C SER C 367 -8.20 -36.83 48.07
N TYR C 368 -9.47 -36.93 48.49
CA TYR C 368 -9.87 -36.59 49.85
C TYR C 368 -10.09 -37.82 50.71
N GLY C 369 -9.65 -38.98 50.26
CA GLY C 369 -9.87 -40.23 50.98
C GLY C 369 -8.89 -40.44 52.10
N LYS C 370 -8.54 -41.71 52.32
CA LYS C 370 -7.55 -42.03 53.35
C LYS C 370 -6.16 -41.50 52.96
N ASP C 371 -5.78 -41.66 51.70
CA ASP C 371 -4.54 -41.10 51.18
C ASP C 371 -4.87 -39.76 50.52
N LYS C 372 -4.48 -38.68 51.18
CA LYS C 372 -4.83 -37.33 50.74
C LYS C 372 -3.66 -36.75 49.94
N SER C 373 -3.96 -36.27 48.74
CA SER C 373 -2.95 -35.77 47.84
C SER C 373 -3.43 -34.50 47.15
N ASN C 374 -2.51 -33.56 46.93
CA ASN C 374 -2.85 -32.34 46.21
C ASN C 374 -3.11 -32.60 44.73
N ILE C 375 -2.47 -33.63 44.16
CA ILE C 375 -2.50 -33.88 42.74
C ILE C 375 -3.20 -35.21 42.53
N THR C 376 -4.22 -35.23 41.67
CA THR C 376 -4.91 -36.44 41.28
C THR C 376 -4.68 -36.68 39.80
N ILE C 377 -4.15 -37.86 39.46
CA ILE C 377 -3.80 -38.20 38.09
C ILE C 377 -4.74 -39.30 37.61
N LEU C 378 -5.40 -39.06 36.48
CA LEU C 378 -6.24 -40.05 35.83
C LEU C 378 -5.48 -40.61 34.63
N ASP C 379 -4.98 -41.83 34.77
CA ASP C 379 -4.16 -42.47 33.74
C ASP C 379 -5.12 -43.12 32.77
N VAL C 380 -5.38 -42.44 31.65
CA VAL C 380 -6.31 -42.88 30.61
C VAL C 380 -5.54 -43.10 29.32
N SER C 381 -4.33 -43.65 29.45
CA SER C 381 -3.37 -43.65 28.35
C SER C 381 -3.82 -44.48 27.16
N GLY C 382 -4.09 -45.77 27.38
CA GLY C 382 -4.37 -46.67 26.28
C GLY C 382 -5.83 -46.96 26.04
N VAL C 383 -6.73 -46.26 26.70
CA VAL C 383 -8.17 -46.53 26.61
C VAL C 383 -8.68 -46.07 25.24
N PRO C 384 -9.76 -46.65 24.73
CA PRO C 384 -10.37 -46.14 23.50
C PRO C 384 -11.02 -44.79 23.76
N PHE C 385 -11.36 -44.10 22.66
CA PHE C 385 -11.97 -42.78 22.78
C PHE C 385 -13.35 -42.86 23.42
N GLU C 386 -14.10 -43.93 23.14
CA GLU C 386 -15.49 -44.01 23.60
C GLU C 386 -15.57 -44.10 25.12
N VAL C 387 -14.56 -44.69 25.76
CA VAL C 387 -14.50 -44.66 27.21
C VAL C 387 -13.61 -43.53 27.73
N LEU C 388 -12.79 -42.92 26.87
CA LEU C 388 -12.07 -41.71 27.27
C LEU C 388 -13.02 -40.51 27.30
N SER C 389 -13.89 -40.39 26.30
CA SER C 389 -14.89 -39.33 26.30
C SER C 389 -15.89 -39.48 27.43
N ILE C 390 -16.21 -40.72 27.80
CA ILE C 390 -17.04 -40.95 28.98
C ILE C 390 -16.32 -40.51 30.24
N CYS C 391 -15.02 -40.85 30.35
CA CYS C 391 -14.25 -40.44 31.52
C CYS C 391 -14.06 -38.93 31.58
N VAL C 392 -13.82 -38.29 30.45
CA VAL C 392 -13.60 -36.85 30.44
C VAL C 392 -14.88 -36.10 30.77
N SER C 393 -16.00 -36.50 30.15
CA SER C 393 -17.24 -35.76 30.32
C SER C 393 -17.86 -35.97 31.69
N LEU C 394 -17.77 -37.19 32.23
CA LEU C 394 -18.40 -37.46 33.52
C LEU C 394 -17.62 -36.85 34.68
N ILE C 395 -16.29 -36.97 34.68
CA ILE C 395 -15.50 -36.42 35.76
C ILE C 395 -15.54 -34.89 35.75
N SER C 396 -15.53 -34.29 34.56
CA SER C 396 -15.67 -32.84 34.47
C SER C 396 -17.05 -32.38 34.95
N ARG C 397 -18.09 -33.15 34.65
CA ARG C 397 -19.42 -32.82 35.14
C ARG C 397 -19.53 -33.00 36.64
N LEU C 398 -18.92 -34.06 37.18
CA LEU C 398 -18.98 -34.31 38.62
C LEU C 398 -18.20 -33.26 39.39
N ILE C 399 -17.03 -32.86 38.88
CA ILE C 399 -16.20 -31.90 39.60
C ILE C 399 -16.83 -30.51 39.55
N PHE C 400 -17.41 -30.14 38.41
CA PHE C 400 -18.09 -28.84 38.30
C PHE C 400 -19.30 -28.77 39.21
N GLU C 401 -20.10 -29.85 39.26
CA GLU C 401 -21.27 -29.83 40.12
C GLU C 401 -20.90 -29.97 41.58
N PHE C 402 -19.74 -30.56 41.88
CA PHE C 402 -19.22 -30.50 43.25
C PHE C 402 -18.83 -29.07 43.61
N GLY C 403 -18.16 -28.37 42.67
CA GLY C 403 -17.83 -26.98 42.90
C GLY C 403 -19.05 -26.08 42.96
N TYR C 404 -20.09 -26.40 42.18
CA TYR C 404 -21.33 -25.65 42.25
C TYR C 404 -22.01 -25.86 43.60
N HIS C 405 -22.13 -27.12 44.04
CA HIS C 405 -22.86 -27.41 45.26
C HIS C 405 -22.05 -27.05 46.51
N SER C 406 -20.73 -27.00 46.41
CA SER C 406 -19.92 -26.49 47.52
C SER C 406 -20.18 -25.01 47.73
N LYS C 407 -20.31 -24.24 46.64
CA LYS C 407 -20.55 -22.81 46.74
C LYS C 407 -21.92 -22.51 47.35
N LYS C 408 -22.93 -23.33 47.05
CA LYS C 408 -24.25 -23.12 47.62
C LYS C 408 -24.25 -23.39 49.12
N ILE C 409 -23.51 -24.41 49.57
CA ILE C 409 -23.34 -24.66 50.99
C ILE C 409 -22.61 -23.49 51.66
N LYS C 410 -21.55 -23.00 51.02
CA LYS C 410 -20.79 -21.88 51.59
C LYS C 410 -21.59 -20.60 51.58
N ARG C 411 -22.45 -20.40 50.58
CA ARG C 411 -23.27 -19.20 50.53
C ARG C 411 -24.36 -19.21 51.59
N LYS C 412 -24.78 -20.39 52.04
CA LYS C 412 -25.74 -20.47 53.14
C LYS C 412 -25.13 -19.95 54.44
N SER C 413 -23.84 -20.22 54.67
CA SER C 413 -23.14 -19.76 55.86
C SER C 413 -22.45 -18.41 55.66
N ASN C 414 -22.76 -17.72 54.55
CA ASN C 414 -22.14 -16.45 54.17
C ASN C 414 -20.62 -16.58 54.08
N GLU C 415 -20.18 -17.55 53.29
CA GLU C 415 -18.77 -17.84 53.10
C GLU C 415 -18.50 -18.04 51.61
N ASN C 416 -17.25 -17.83 51.22
CA ASN C 416 -16.83 -18.16 49.86
C ASN C 416 -16.44 -19.63 49.81
N GLN C 417 -16.16 -20.11 48.60
CA GLN C 417 -15.84 -21.52 48.41
C GLN C 417 -14.49 -21.84 49.05
N ASP C 418 -14.47 -22.92 49.84
CA ASP C 418 -13.28 -23.25 50.61
C ASP C 418 -12.17 -23.83 49.75
N ILE C 419 -12.48 -24.82 48.92
CA ILE C 419 -11.47 -25.53 48.14
C ILE C 419 -11.66 -25.19 46.66
N PRO C 420 -10.63 -24.72 45.99
CA PRO C 420 -10.69 -24.59 44.53
C PRO C 420 -10.10 -25.81 43.85
N ILE C 421 -10.63 -26.21 42.70
CA ILE C 421 -10.15 -27.38 41.98
C ILE C 421 -9.72 -26.92 40.59
N LEU C 422 -8.51 -27.29 40.20
CA LEU C 422 -8.00 -27.05 38.85
C LEU C 422 -7.93 -28.38 38.12
N ILE C 423 -8.46 -28.41 36.90
CA ILE C 423 -8.44 -29.62 36.07
C ILE C 423 -7.49 -29.38 34.91
N VAL C 424 -6.52 -30.27 34.76
CA VAL C 424 -5.54 -30.19 33.68
C VAL C 424 -5.99 -31.15 32.59
N TYR C 425 -6.30 -30.60 31.42
CA TYR C 425 -6.69 -31.39 30.26
C TYR C 425 -5.50 -31.47 29.32
N GLU C 426 -4.68 -32.49 29.49
CA GLU C 426 -3.56 -32.73 28.60
C GLU C 426 -4.05 -33.38 27.32
N GLU C 427 -3.46 -32.96 26.20
CA GLU C 427 -3.85 -33.41 24.84
C GLU C 427 -5.34 -33.19 24.60
N ALA C 428 -5.74 -31.92 24.65
CA ALA C 428 -7.15 -31.56 24.58
C ALA C 428 -7.76 -31.78 23.20
N HIS C 429 -6.94 -31.96 22.16
CA HIS C 429 -7.46 -32.16 20.82
C HIS C 429 -8.17 -33.51 20.66
N LYS C 430 -7.90 -34.45 21.57
CA LYS C 430 -8.51 -35.78 21.44
C LYS C 430 -9.99 -35.76 21.78
N TYR C 431 -10.40 -34.93 22.76
CA TYR C 431 -11.78 -34.91 23.20
C TYR C 431 -12.48 -33.58 23.06
N ALA C 432 -11.75 -32.47 22.95
CA ALA C 432 -12.35 -31.15 22.75
C ALA C 432 -11.73 -30.46 21.55
N PRO C 433 -12.06 -30.93 20.33
CA PRO C 433 -11.47 -30.30 19.14
C PRO C 433 -12.32 -29.18 18.59
N LYS C 434 -11.84 -28.55 17.51
CA LYS C 434 -12.63 -27.56 16.81
C LYS C 434 -13.84 -28.18 16.12
N SER C 435 -13.72 -29.44 15.72
CA SER C 435 -14.72 -30.12 14.90
C SER C 435 -16.04 -30.28 15.65
N ASP C 436 -17.14 -30.22 14.88
CA ASP C 436 -18.49 -30.33 15.43
C ASP C 436 -19.04 -31.74 15.18
N LEU C 437 -18.19 -32.75 15.29
CA LEU C 437 -18.65 -34.12 15.16
C LEU C 437 -19.43 -34.53 16.40
N SER C 438 -20.33 -35.49 16.23
CA SER C 438 -21.21 -35.91 17.32
C SER C 438 -20.50 -36.74 18.37
N LYS C 439 -19.38 -37.38 18.02
CA LYS C 439 -18.63 -38.15 19.01
C LYS C 439 -17.98 -37.25 20.05
N TYR C 440 -17.58 -36.05 19.65
CA TYR C 440 -16.92 -35.11 20.56
C TYR C 440 -17.89 -34.28 21.37
N ARG C 441 -19.20 -34.40 21.12
CA ARG C 441 -20.18 -33.46 21.67
C ARG C 441 -20.26 -33.52 23.19
N THR C 442 -20.26 -34.72 23.77
CA THR C 442 -20.42 -34.84 25.21
C THR C 442 -19.17 -34.37 25.96
N SER C 443 -17.99 -34.68 25.44
CA SER C 443 -16.75 -34.27 26.09
C SER C 443 -16.52 -32.77 25.92
N LYS C 444 -16.90 -32.21 24.77
CA LYS C 444 -16.77 -30.78 24.55
C LYS C 444 -17.66 -29.98 25.48
N GLU C 445 -18.91 -30.41 25.65
CA GLU C 445 -19.87 -29.64 26.43
C GLU C 445 -19.54 -29.65 27.92
N ALA C 446 -18.93 -30.72 28.42
CA ALA C 446 -18.55 -30.76 29.83
C ALA C 446 -17.41 -29.81 30.12
N ILE C 447 -16.41 -29.75 29.23
CA ILE C 447 -15.30 -28.82 29.41
C ILE C 447 -15.75 -27.40 29.14
N GLU C 448 -16.66 -27.20 28.20
CA GLU C 448 -17.17 -25.86 27.92
C GLU C 448 -17.95 -25.30 29.10
N ARG C 449 -18.70 -26.15 29.81
CA ARG C 449 -19.40 -25.70 31.01
C ARG C 449 -18.42 -25.23 32.08
N ILE C 450 -17.28 -25.91 32.21
CA ILE C 450 -16.24 -25.48 33.13
C ILE C 450 -15.61 -24.17 32.66
N ALA C 451 -15.39 -24.04 31.36
CA ALA C 451 -14.79 -22.81 30.83
C ALA C 451 -15.75 -21.63 30.92
N LYS C 452 -17.03 -21.84 30.59
CA LYS C 452 -17.98 -20.74 30.58
C LYS C 452 -18.39 -20.33 31.99
N GLU C 453 -18.63 -21.29 32.88
CA GLU C 453 -19.26 -21.01 34.16
C GLU C 453 -18.44 -21.41 35.38
N GLY C 454 -17.34 -22.14 35.22
CA GLY C 454 -16.62 -22.65 36.36
C GLY C 454 -15.74 -21.65 37.08
N ARG C 455 -15.63 -20.43 36.55
CA ARG C 455 -14.84 -19.39 37.21
C ARG C 455 -15.45 -19.01 38.56
N LYS C 456 -16.76 -18.81 38.62
CA LYS C 456 -17.40 -18.42 39.87
C LYS C 456 -17.60 -19.58 40.83
N TYR C 457 -17.54 -20.81 40.34
CA TYR C 457 -17.76 -21.99 41.16
C TYR C 457 -16.46 -22.65 41.59
N GLY C 458 -15.31 -22.02 41.33
CA GLY C 458 -14.04 -22.52 41.80
C GLY C 458 -13.46 -23.68 41.04
N VAL C 459 -14.05 -24.06 39.91
CA VAL C 459 -13.55 -25.16 39.10
C VAL C 459 -13.04 -24.55 37.80
N THR C 460 -11.72 -24.36 37.72
CA THR C 460 -11.09 -23.83 36.52
C THR C 460 -10.26 -24.91 35.84
N LEU C 461 -9.82 -24.62 34.63
CA LEU C 461 -9.18 -25.61 33.79
C LEU C 461 -7.84 -25.10 33.29
N LEU C 462 -6.88 -26.01 33.15
CA LEU C 462 -5.65 -25.76 32.42
C LEU C 462 -5.70 -26.67 31.20
N LEU C 463 -5.61 -26.10 30.02
CA LEU C 463 -5.89 -26.83 28.78
C LEU C 463 -4.64 -26.85 27.94
N ALA C 464 -4.19 -28.04 27.56
CA ALA C 464 -2.95 -28.23 26.81
C ALA C 464 -3.25 -28.87 25.47
N SER C 465 -2.70 -28.30 24.40
CA SER C 465 -2.84 -28.86 23.07
C SER C 465 -1.71 -28.33 22.20
N GLN C 466 -1.60 -28.91 21.00
CA GLN C 466 -0.53 -28.50 20.10
C GLN C 466 -0.79 -27.13 19.49
N ARG C 467 -2.02 -26.89 19.02
CA ARG C 467 -2.31 -25.67 18.28
C ARG C 467 -3.52 -24.96 18.87
N PRO C 468 -3.56 -23.63 18.76
CA PRO C 468 -4.80 -22.92 19.12
C PRO C 468 -5.97 -23.22 18.22
N SER C 469 -5.71 -23.55 16.94
CA SER C 469 -6.77 -23.71 15.96
C SER C 469 -7.40 -25.10 15.95
N GLU C 470 -6.86 -26.05 16.71
CA GLU C 470 -7.39 -27.40 16.75
C GLU C 470 -8.29 -27.64 17.97
N ILE C 471 -8.52 -26.62 18.77
CA ILE C 471 -9.41 -26.70 19.93
C ILE C 471 -10.62 -25.83 19.64
N SER C 472 -11.77 -26.21 20.22
CA SER C 472 -12.98 -25.42 20.10
C SER C 472 -12.76 -24.00 20.60
N GLU C 473 -13.29 -23.03 19.85
CA GLU C 473 -13.11 -21.63 20.18
C GLU C 473 -13.82 -21.23 21.46
N THR C 474 -14.81 -22.02 21.90
CA THR C 474 -15.55 -21.68 23.11
C THR C 474 -14.68 -21.83 24.35
N ILE C 475 -13.73 -22.75 24.32
CA ILE C 475 -12.89 -22.99 25.50
C ILE C 475 -11.73 -22.00 25.55
N PHE C 476 -11.05 -21.79 24.42
CA PHE C 476 -9.91 -20.89 24.38
C PHE C 476 -10.30 -19.43 24.56
N SER C 477 -11.53 -19.06 24.19
CA SER C 477 -11.95 -17.67 24.36
C SER C 477 -12.10 -17.30 25.83
N GLN C 478 -12.40 -18.27 26.68
CA GLN C 478 -12.60 -18.02 28.10
C GLN C 478 -11.32 -18.12 28.91
N CYS C 479 -10.20 -18.45 28.27
CA CYS C 479 -8.92 -18.60 28.97
C CYS C 479 -8.23 -17.24 29.06
N ASN C 480 -8.19 -16.68 30.27
CA ASN C 480 -7.51 -15.40 30.48
C ASN C 480 -6.01 -15.55 30.30
N THR C 481 -5.40 -16.54 30.94
CA THR C 481 -3.98 -16.80 30.81
C THR C 481 -3.74 -17.68 29.61
N PHE C 482 -2.83 -17.26 28.74
CA PHE C 482 -2.53 -18.00 27.52
C PHE C 482 -1.03 -18.08 27.39
N ILE C 483 -0.48 -19.28 27.61
CA ILE C 483 0.95 -19.54 27.49
C ILE C 483 1.19 -20.18 26.13
N SER C 484 2.21 -19.70 25.41
CA SER C 484 2.52 -20.21 24.08
C SER C 484 3.98 -20.59 24.00
N MET C 485 4.25 -21.83 23.61
CA MET C 485 5.58 -22.26 23.23
C MET C 485 5.74 -22.06 21.72
N ARG C 486 6.74 -22.69 21.11
CA ARG C 486 7.01 -22.54 19.68
C ARG C 486 5.81 -22.92 18.83
N LEU C 487 5.45 -22.04 17.90
CA LEU C 487 4.28 -22.20 17.05
C LEU C 487 4.69 -21.84 15.62
N THR C 488 4.91 -22.86 14.80
CA THR C 488 5.39 -22.63 13.43
C THR C 488 4.25 -22.34 12.46
N ASN C 489 3.05 -22.84 12.73
CA ASN C 489 1.95 -22.72 11.78
C ASN C 489 1.46 -21.27 11.75
N PRO C 490 1.38 -20.64 10.57
CA PRO C 490 1.00 -19.19 10.51
C PRO C 490 -0.42 -18.88 10.96
N ASP C 491 -1.34 -19.83 10.86
CA ASP C 491 -2.71 -19.62 11.38
C ASP C 491 -2.65 -19.50 12.90
N ASP C 492 -1.84 -20.36 13.54
CA ASP C 492 -1.70 -20.31 15.00
C ASP C 492 -1.06 -19.02 15.46
N GLN C 493 -0.07 -18.53 14.70
CA GLN C 493 0.65 -17.31 15.09
C GLN C 493 -0.27 -16.10 15.07
N ASN C 494 -1.15 -16.01 14.06
CA ASN C 494 -2.10 -14.90 14.01
C ASN C 494 -3.17 -15.04 15.08
N TYR C 495 -3.48 -16.27 15.50
CA TYR C 495 -4.41 -16.47 16.61
C TYR C 495 -3.84 -15.91 17.90
N VAL C 496 -2.54 -16.12 18.15
CA VAL C 496 -1.89 -15.53 19.32
C VAL C 496 -1.80 -14.02 19.19
N LYS C 497 -1.63 -13.53 17.95
CA LYS C 497 -1.45 -12.10 17.72
C LYS C 497 -2.68 -11.30 18.09
N ARG C 498 -3.88 -11.81 17.78
CA ARG C 498 -5.10 -11.08 18.07
C ARG C 498 -5.46 -11.10 19.55
N LEU C 499 -4.91 -12.04 20.31
CA LEU C 499 -5.13 -12.04 21.76
C LEU C 499 -4.41 -10.87 22.43
N LEU C 500 -3.33 -10.39 21.83
CA LEU C 500 -2.57 -9.26 22.36
C LEU C 500 -3.13 -7.93 21.89
N PRO C 501 -2.90 -6.86 22.64
CA PRO C 501 -3.06 -5.52 22.07
C PRO C 501 -2.02 -5.26 20.99
N ASP C 502 -2.37 -4.37 20.06
CA ASP C 502 -1.54 -4.15 18.87
C ASP C 502 -0.20 -3.49 19.21
N THR C 503 -0.10 -2.80 20.35
CA THR C 503 1.16 -2.18 20.73
C THR C 503 2.21 -3.23 21.12
N VAL C 504 1.78 -4.32 21.75
CA VAL C 504 2.67 -5.39 22.15
C VAL C 504 2.56 -6.60 21.22
N GLY C 505 1.85 -6.46 20.10
CA GLY C 505 1.62 -7.58 19.19
C GLY C 505 2.84 -8.03 18.42
N ASP C 506 3.91 -7.23 18.43
CA ASP C 506 5.14 -7.59 17.74
C ASP C 506 5.92 -8.70 18.43
N ILE C 507 5.53 -9.07 19.66
CA ILE C 507 6.23 -10.14 20.39
C ILE C 507 5.88 -11.52 19.87
N THR C 508 4.85 -11.64 19.01
CA THR C 508 4.54 -12.91 18.38
C THR C 508 5.53 -13.27 17.27
N ASN C 509 6.43 -12.37 16.89
CA ASN C 509 7.38 -12.66 15.84
C ASN C 509 8.49 -13.61 16.31
N LEU C 510 8.70 -13.74 17.62
CA LEU C 510 9.67 -14.68 18.16
C LEU C 510 9.06 -16.05 18.45
N LEU C 511 7.79 -16.27 18.08
CA LEU C 511 7.17 -17.57 18.29
C LEU C 511 7.84 -18.72 17.54
N PRO C 512 8.17 -18.63 16.22
CA PRO C 512 8.79 -19.80 15.57
C PRO C 512 10.19 -20.11 16.07
N SER C 513 10.90 -19.14 16.63
CA SER C 513 12.26 -19.34 17.11
C SER C 513 12.31 -19.66 18.59
N LEU C 514 11.19 -20.01 19.21
CA LEU C 514 11.17 -20.33 20.62
C LEU C 514 11.85 -21.68 20.85
N LYS C 515 12.72 -21.73 21.86
CA LYS C 515 13.44 -22.95 22.20
C LYS C 515 12.59 -23.83 23.11
N GLU C 516 13.16 -24.94 23.56
CA GLU C 516 12.48 -25.79 24.52
C GLU C 516 12.42 -25.11 25.88
N GLY C 517 11.23 -25.09 26.47
CA GLY C 517 11.03 -24.41 27.73
C GLY C 517 10.94 -22.90 27.62
N GLU C 518 10.86 -22.36 26.42
CA GLU C 518 10.77 -20.92 26.20
C GLU C 518 9.32 -20.60 25.86
N ALA C 519 8.71 -19.72 26.64
CA ALA C 519 7.27 -19.50 26.58
C ALA C 519 6.95 -18.02 26.56
N LEU C 520 5.78 -17.71 26.01
CA LEU C 520 5.22 -16.36 26.04
C LEU C 520 3.98 -16.39 26.93
N ILE C 521 3.98 -15.57 27.98
CA ILE C 521 2.91 -15.56 28.97
C ILE C 521 2.12 -14.26 28.82
N MET C 522 0.81 -14.41 28.67
CA MET C 522 -0.12 -13.29 28.49
C MET C 522 -1.28 -13.44 29.45
N GLY C 523 -2.03 -12.36 29.62
CA GLY C 523 -3.20 -12.34 30.48
C GLY C 523 -3.07 -11.30 31.58
N ASP C 524 -4.05 -11.32 32.48
CA ASP C 524 -4.06 -10.38 33.60
C ASP C 524 -3.03 -10.75 34.67
N SER C 525 -2.53 -11.99 34.65
CA SER C 525 -1.58 -12.41 35.67
C SER C 525 -0.24 -11.71 35.53
N ILE C 526 0.24 -11.55 34.32
CA ILE C 526 1.56 -10.99 34.07
C ILE C 526 1.42 -9.48 33.84
N SER C 527 2.46 -8.74 34.24
CA SER C 527 2.45 -7.29 34.07
C SER C 527 2.45 -6.90 32.60
N ILE C 528 3.38 -7.44 31.83
CA ILE C 528 3.46 -7.19 30.39
C ILE C 528 3.68 -8.54 29.73
N PRO C 529 3.06 -8.80 28.57
CA PRO C 529 3.37 -10.04 27.84
C PRO C 529 4.84 -10.11 27.46
N SER C 530 5.47 -11.21 27.86
CA SER C 530 6.91 -11.32 27.73
C SER C 530 7.29 -12.77 27.43
N ILE C 531 8.43 -12.93 26.76
CA ILE C 531 9.02 -14.24 26.57
C ILE C 531 9.81 -14.60 27.82
N VAL C 532 9.56 -15.80 28.35
CA VAL C 532 10.17 -16.24 29.59
C VAL C 532 10.83 -17.59 29.37
N LYS C 533 11.66 -17.98 30.32
CA LYS C 533 12.26 -19.30 30.36
C LYS C 533 11.68 -20.04 31.56
N ILE C 534 10.88 -21.07 31.30
CA ILE C 534 10.26 -21.85 32.37
C ILE C 534 11.35 -22.58 33.15
N GLU C 535 11.19 -22.61 34.47
CA GLU C 535 12.16 -23.25 35.34
C GLU C 535 12.24 -24.74 35.05
N LYS C 536 13.46 -25.26 35.00
CA LYS C 536 13.68 -26.66 34.65
C LYS C 536 13.17 -27.57 35.76
N CYS C 537 12.52 -28.66 35.36
CA CYS C 537 11.90 -29.57 36.30
C CYS C 537 12.97 -30.51 36.88
N THR C 538 13.17 -30.42 38.20
CA THR C 538 14.01 -31.40 38.87
C THR C 538 13.37 -32.77 38.87
N ILE C 539 12.05 -32.82 39.01
CA ILE C 539 11.28 -34.06 38.92
C ILE C 539 10.41 -33.95 37.68
N PRO C 540 10.90 -34.36 36.50
CA PRO C 540 10.21 -34.07 35.26
C PRO C 540 9.25 -35.19 34.87
N PRO C 541 8.30 -34.92 33.98
CA PRO C 541 7.49 -36.00 33.42
C PRO C 541 8.31 -36.96 32.60
N SER C 542 7.89 -38.23 32.59
CA SER C 542 8.60 -39.29 31.88
C SER C 542 8.15 -39.33 30.42
N SER C 543 8.50 -38.28 29.69
CA SER C 543 8.19 -38.16 28.28
C SER C 543 9.39 -37.62 27.50
N ILE C 544 10.58 -38.13 27.83
CA ILE C 544 11.80 -37.64 27.20
C ILE C 544 11.91 -38.20 25.79
N ASP C 545 12.48 -37.41 24.89
CA ASP C 545 12.75 -37.86 23.53
C ASP C 545 13.73 -39.03 23.54
N ILE C 546 13.49 -40.01 22.69
CA ILE C 546 14.38 -41.16 22.59
C ILE C 546 15.42 -40.89 21.51
N LYS C 547 16.67 -41.16 21.84
CA LYS C 547 17.80 -40.86 20.95
C LYS C 547 17.81 -41.88 19.83
N TYR C 548 17.36 -41.47 18.65
CA TYR C 548 17.24 -42.40 17.53
C TYR C 548 18.60 -42.92 17.09
N LEU C 549 19.58 -42.01 16.91
CA LEU C 549 20.90 -42.44 16.47
C LEU C 549 21.59 -43.31 17.51
N ASP C 550 21.48 -42.96 18.79
CA ASP C 550 22.08 -43.77 19.83
C ASP C 550 21.46 -45.15 19.89
N GLU C 551 20.14 -45.24 19.73
CA GLU C 551 19.47 -46.54 19.74
C GLU C 551 19.75 -47.32 18.47
N TRP C 552 19.78 -46.65 17.31
CA TRP C 552 20.00 -47.33 16.04
C TRP C 552 21.44 -47.78 15.84
N ARG C 553 22.38 -47.29 16.64
CA ARG C 553 23.78 -47.66 16.46
C ARG C 553 24.11 -49.02 17.07
N LYS C 554 23.25 -49.56 17.93
CA LYS C 554 23.55 -50.80 18.61
C LYS C 554 23.13 -51.99 17.76
N GLU C 555 23.18 -53.19 18.36
CA GLU C 555 22.79 -54.41 17.68
C GLU C 555 21.28 -54.46 17.45
N TRP C 556 20.89 -55.38 16.57
CA TRP C 556 19.50 -55.77 16.41
C TRP C 556 19.00 -56.38 17.72
N VAL C 557 17.99 -55.75 18.33
CA VAL C 557 17.45 -56.21 19.60
C VAL C 557 16.28 -57.15 19.35
N ASP C 558 16.06 -58.09 20.27
CA ASP C 558 15.11 -59.18 20.04
C ASP C 558 13.66 -58.73 20.23
N SER C 559 13.42 -57.75 21.09
CA SER C 559 12.20 -56.99 21.33
C SER C 559 11.12 -57.74 22.11
N GLU C 560 11.24 -59.06 22.31
CA GLU C 560 10.31 -59.87 23.11
C GLU C 560 8.84 -59.62 22.73
N PHE C 561 8.51 -60.04 21.50
CA PHE C 561 7.18 -59.80 20.94
C PHE C 561 6.07 -60.45 21.75
N ASP C 562 6.38 -61.54 22.46
CA ASP C 562 5.35 -62.23 23.24
C ASP C 562 4.82 -61.35 24.36
N LYS C 563 5.70 -60.62 25.06
CA LYS C 563 5.26 -59.79 26.18
C LYS C 563 4.45 -58.59 25.70
N ILE C 564 4.82 -58.01 24.56
CA ILE C 564 4.08 -56.86 24.02
C ILE C 564 2.68 -57.29 23.59
N ILE C 565 2.59 -58.39 22.86
CA ILE C 565 1.32 -58.88 22.35
C ILE C 565 0.42 -59.36 23.48
N GLU C 566 1.02 -59.97 24.51
CA GLU C 566 0.25 -60.35 25.70
C GLU C 566 -0.36 -59.13 26.36
N GLN C 567 0.40 -58.04 26.49
CA GLN C 567 -0.15 -56.79 26.99
C GLN C 567 -1.14 -56.18 26.02
N TRP C 568 -0.83 -56.23 24.71
CA TRP C 568 -1.69 -55.64 23.69
C TRP C 568 -3.06 -56.31 23.68
N SER C 569 -3.08 -57.64 23.82
CA SER C 569 -4.33 -58.37 23.81
C SER C 569 -5.17 -58.11 25.06
N LYS C 570 -4.53 -57.84 26.20
CA LYS C 570 -5.28 -57.50 27.40
C LYS C 570 -6.02 -56.19 27.25
N SER C 571 -5.37 -55.20 26.64
CA SER C 571 -5.96 -53.88 26.44
C SER C 571 -7.06 -53.91 25.38
N ASN D 5 47.64 -5.59 0.24
CA ASN D 5 46.28 -5.90 0.66
C ASN D 5 45.37 -6.08 -0.54
N ASP D 6 44.96 -7.33 -0.78
CA ASP D 6 44.14 -7.65 -1.95
C ASP D 6 42.72 -7.14 -1.80
N ILE D 7 42.11 -7.33 -0.64
CA ILE D 7 40.72 -6.95 -0.39
C ILE D 7 40.69 -5.95 0.76
N ASN D 8 39.99 -4.84 0.55
CA ASN D 8 39.79 -3.81 1.57
C ASN D 8 38.30 -3.56 1.69
N ALA D 9 37.64 -4.34 2.53
CA ALA D 9 36.21 -4.21 2.77
C ALA D 9 35.98 -3.86 4.23
N GLU D 10 34.90 -3.14 4.50
CA GLU D 10 34.65 -2.66 5.85
C GLU D 10 33.17 -2.54 6.11
N VAL D 11 32.75 -2.88 7.32
CA VAL D 11 31.36 -2.75 7.73
C VAL D 11 31.05 -1.28 7.94
N VAL D 12 30.09 -0.75 7.20
CA VAL D 12 29.74 0.65 7.30
C VAL D 12 28.41 0.89 8.00
N SER D 13 27.55 -0.13 8.12
CA SER D 13 26.32 0.04 8.88
C SER D 13 25.94 -1.29 9.51
N VAL D 14 25.36 -1.23 10.70
CA VAL D 14 25.00 -2.41 11.47
C VAL D 14 23.53 -2.31 11.87
N SER D 15 22.74 -3.29 11.48
CA SER D 15 21.38 -3.53 11.90
C SER D 15 21.36 -4.72 12.86
N PRO D 16 20.22 -5.01 13.52
CA PRO D 16 20.19 -6.20 14.39
C PRO D 16 20.48 -7.52 13.68
N ASN D 17 20.07 -7.68 12.43
CA ASN D 17 20.32 -8.91 11.70
C ASN D 17 21.01 -8.68 10.36
N LYS D 18 21.62 -7.51 10.15
CA LYS D 18 22.12 -7.15 8.84
C LYS D 18 23.42 -6.37 8.98
N LEU D 19 24.33 -6.60 8.04
CA LEU D 19 25.59 -5.86 7.93
C LEU D 19 25.67 -5.27 6.52
N LYS D 20 26.09 -4.01 6.43
CA LYS D 20 26.40 -3.38 5.15
C LYS D 20 27.90 -3.21 5.06
N ILE D 21 28.50 -3.79 4.02
CA ILE D 21 29.95 -3.84 3.87
C ILE D 21 30.31 -3.10 2.58
N SER D 22 31.22 -2.13 2.70
CA SER D 22 31.69 -1.38 1.54
C SER D 22 33.10 -1.82 1.20
N VAL D 23 33.31 -2.21 -0.05
CA VAL D 23 34.61 -2.64 -0.54
C VAL D 23 35.34 -1.40 -1.03
N ASP D 24 36.28 -0.91 -0.20
CA ASP D 24 37.00 0.31 -0.52
C ASP D 24 38.00 0.07 -1.66
N ASP D 25 38.76 -1.02 -1.58
CA ASP D 25 39.76 -1.35 -2.58
C ASP D 25 39.65 -2.82 -2.96
N LEU D 26 39.77 -3.10 -4.26
CA LEU D 26 39.74 -4.46 -4.78
C LEU D 26 40.91 -4.62 -5.74
N GLU D 27 42.08 -4.97 -5.19
CA GLU D 27 43.24 -5.20 -6.05
C GLU D 27 43.17 -6.54 -6.76
N GLU D 28 42.77 -7.59 -6.06
CA GLU D 28 42.68 -8.93 -6.63
C GLU D 28 41.26 -9.13 -7.15
N PHE D 29 41.13 -9.29 -8.47
CA PHE D 29 39.82 -9.50 -9.07
C PHE D 29 39.29 -10.90 -8.79
N LYS D 30 40.17 -11.85 -8.48
CA LYS D 30 39.74 -13.22 -8.24
C LYS D 30 38.96 -13.35 -6.94
N ILE D 31 39.25 -12.50 -5.96
CA ILE D 31 38.57 -12.57 -4.67
C ILE D 31 37.09 -12.23 -4.83
N ALA D 32 36.78 -11.20 -5.62
CA ALA D 32 35.38 -10.83 -5.85
C ALA D 32 34.64 -11.89 -6.66
N GLU D 33 35.34 -12.58 -7.57
CA GLU D 33 34.68 -13.53 -8.46
C GLU D 33 34.21 -14.77 -7.70
N GLU D 34 35.01 -15.27 -6.76
CA GLU D 34 34.71 -16.54 -6.11
C GLU D 34 34.44 -16.44 -4.62
N LYS D 35 34.87 -15.38 -3.94
CA LYS D 35 34.70 -15.28 -2.49
C LYS D 35 33.76 -14.17 -2.06
N LEU D 36 33.33 -13.29 -2.96
CA LEU D 36 32.42 -12.20 -2.62
C LEU D 36 31.05 -12.39 -3.25
N GLY D 37 30.73 -13.60 -3.70
CA GLY D 37 29.41 -13.85 -4.25
C GLY D 37 28.36 -14.02 -3.19
N VAL D 38 27.11 -14.07 -3.64
CA VAL D 38 25.98 -14.24 -2.72
C VAL D 38 26.00 -15.65 -2.13
N GLY D 39 25.89 -15.73 -0.81
CA GLY D 39 26.01 -16.99 -0.11
C GLY D 39 27.38 -17.27 0.45
N SER D 40 28.38 -16.49 0.07
CA SER D 40 29.73 -16.70 0.56
C SER D 40 29.87 -16.19 1.99
N TYR D 41 30.92 -16.65 2.66
CA TYR D 41 31.14 -16.37 4.07
C TYR D 41 32.22 -15.32 4.24
N LEU D 42 31.96 -14.35 5.13
CA LEU D 42 32.89 -13.28 5.42
C LEU D 42 33.26 -13.31 6.89
N ARG D 43 34.48 -12.87 7.19
CA ARG D 43 34.99 -12.78 8.54
C ARG D 43 35.06 -11.31 8.93
N VAL D 44 34.27 -10.92 9.92
CA VAL D 44 34.13 -9.52 10.31
C VAL D 44 34.79 -9.33 11.67
N SER D 45 35.92 -8.64 11.70
CA SER D 45 36.66 -8.45 12.93
C SER D 45 37.67 -7.32 12.76
N ASP D 46 38.14 -6.80 13.89
CA ASP D 46 39.30 -5.93 13.92
C ASP D 46 40.56 -6.63 14.42
N ASN D 47 40.48 -7.94 14.64
CA ASN D 47 41.62 -8.72 15.12
C ASN D 47 41.47 -10.15 14.62
N GLN D 48 42.57 -10.89 14.69
CA GLN D 48 42.60 -12.26 14.21
C GLN D 48 42.18 -13.29 15.25
N ASP D 49 41.94 -12.88 16.50
CA ASP D 49 41.58 -13.84 17.53
C ASP D 49 40.07 -14.08 17.60
N VAL D 50 39.29 -13.01 17.70
CA VAL D 50 37.84 -13.11 17.86
C VAL D 50 37.19 -12.41 16.67
N ALA D 51 36.21 -13.07 16.06
CA ALA D 51 35.59 -12.57 14.84
C ALA D 51 34.10 -12.83 14.85
N LEU D 52 33.43 -12.29 13.83
CA LEU D 52 32.01 -12.49 13.59
C LEU D 52 31.83 -12.96 12.17
N LEU D 53 31.16 -14.10 11.99
CA LEU D 53 30.95 -14.65 10.67
C LEU D 53 29.64 -14.17 10.08
N ALA D 54 29.62 -13.95 8.77
CA ALA D 54 28.45 -13.46 8.08
C ALA D 54 28.35 -14.09 6.69
N ILE D 55 27.12 -14.20 6.19
CA ILE D 55 26.84 -14.74 4.87
C ILE D 55 26.37 -13.61 3.98
N ILE D 56 26.94 -13.52 2.78
CA ILE D 56 26.57 -12.46 1.84
C ILE D 56 25.15 -12.71 1.34
N ASP D 57 24.28 -11.73 1.57
CA ASP D 57 22.88 -11.79 1.15
C ASP D 57 22.65 -11.07 -0.16
N ASN D 58 23.32 -9.95 -0.38
CA ASN D 58 23.12 -9.13 -1.56
C ASN D 58 24.38 -8.32 -1.79
N PHE D 59 24.56 -7.86 -3.02
CA PHE D 59 25.68 -6.99 -3.35
C PHE D 59 25.26 -6.10 -4.52
N SER D 60 25.96 -4.98 -4.65
CA SER D 60 25.76 -4.09 -5.79
C SER D 60 27.06 -3.32 -6.03
N ILE D 61 27.57 -3.37 -7.25
CA ILE D 61 28.74 -2.62 -7.65
C ILE D 61 28.28 -1.57 -8.65
N GLU D 62 28.33 -0.31 -8.26
CA GLU D 62 27.91 0.80 -9.11
C GLU D 62 29.13 1.63 -9.48
N VAL D 63 29.33 1.85 -10.77
CA VAL D 63 30.44 2.64 -11.26
C VAL D 63 29.87 3.90 -11.92
N LYS D 64 30.58 5.02 -11.77
CA LYS D 64 30.15 6.29 -12.34
C LYS D 64 31.34 6.95 -13.02
N GLU D 65 31.07 8.09 -13.64
CA GLU D 65 32.01 8.68 -14.59
C GLU D 65 33.25 9.22 -13.89
N SER D 66 33.08 9.97 -12.80
CA SER D 66 34.21 10.64 -12.18
C SER D 66 34.54 10.15 -10.78
N GLN D 67 33.60 9.53 -10.08
CA GLN D 67 33.82 9.14 -8.70
C GLN D 67 34.37 7.72 -8.61
N LYS D 68 34.62 7.27 -7.39
CA LYS D 68 35.18 5.95 -7.13
C LYS D 68 34.10 4.89 -7.27
N GLN D 69 34.53 3.65 -7.53
CA GLN D 69 33.61 2.53 -7.65
C GLN D 69 32.97 2.23 -6.30
N LYS D 70 31.64 2.07 -6.31
CA LYS D 70 30.87 1.84 -5.09
C LYS D 70 30.47 0.37 -5.05
N TYR D 71 31.23 -0.43 -4.32
CA TYR D 71 30.96 -1.86 -4.16
C TYR D 71 30.43 -2.04 -2.74
N MET D 72 29.14 -2.36 -2.63
CA MET D 72 28.46 -2.51 -1.35
C MET D 72 27.96 -3.94 -1.23
N ILE D 73 28.18 -4.54 -0.06
CA ILE D 73 27.79 -5.92 0.21
C ILE D 73 26.85 -5.94 1.39
N GLU D 74 25.71 -6.62 1.24
CA GLU D 74 24.80 -6.89 2.34
C GLU D 74 25.11 -8.26 2.92
N ALA D 75 25.25 -8.34 4.24
CA ALA D 75 25.53 -9.59 4.90
C ALA D 75 24.70 -9.68 6.17
N SER D 76 24.51 -10.91 6.64
CA SER D 76 23.80 -11.17 7.88
C SER D 76 24.70 -11.97 8.81
N PRO D 77 24.94 -11.49 10.04
CA PRO D 77 25.76 -12.26 10.97
C PRO D 77 25.11 -13.57 11.34
N ILE D 78 25.91 -14.62 11.40
CA ILE D 78 25.40 -15.95 11.71
C ILE D 78 25.98 -16.53 12.99
N GLY D 79 27.08 -16.00 13.49
CA GLY D 79 27.70 -16.58 14.67
C GLY D 79 28.98 -15.85 14.99
N LEU D 80 29.74 -16.46 15.90
CA LEU D 80 30.93 -15.81 16.44
C LEU D 80 32.05 -16.81 16.55
N VAL D 81 33.22 -16.46 16.03
CA VAL D 81 34.40 -17.33 16.06
C VAL D 81 35.36 -16.79 17.10
N LYS D 82 35.64 -17.59 18.13
CA LYS D 82 36.62 -17.26 19.15
C LYS D 82 37.67 -18.35 19.20
N ASN D 83 38.94 -17.96 19.09
CA ASN D 83 40.15 -18.80 19.08
C ASN D 83 40.00 -20.09 18.27
N GLY D 84 39.35 -19.99 17.12
CA GLY D 84 39.13 -21.14 16.26
C GLY D 84 37.89 -21.94 16.55
N LYS D 85 37.04 -21.49 17.46
CA LYS D 85 35.80 -22.18 17.81
C LYS D 85 34.62 -21.29 17.47
N PHE D 86 33.65 -21.83 16.74
CA PHE D 86 32.51 -21.07 16.27
C PHE D 86 31.34 -21.25 17.24
N TYR D 87 30.65 -20.15 17.52
CA TYR D 87 29.49 -20.14 18.41
C TYR D 87 28.28 -19.65 17.64
N ARG D 88 27.28 -20.52 17.47
CA ARG D 88 26.09 -20.20 16.70
C ARG D 88 25.25 -19.16 17.44
N GLY D 89 24.56 -18.32 16.67
CA GLY D 89 23.75 -17.26 17.23
C GLY D 89 24.30 -15.89 16.91
N GLY D 90 23.74 -15.26 15.88
CA GLY D 90 24.24 -13.99 15.39
C GLY D 90 23.60 -12.78 16.07
N ASP D 91 23.54 -12.81 17.40
CA ASP D 91 23.03 -11.69 18.18
C ASP D 91 24.13 -10.83 18.76
N SER D 92 25.39 -11.17 18.48
CA SER D 92 26.51 -10.33 18.93
C SER D 92 26.59 -9.07 18.10
N LEU D 93 26.98 -7.98 18.74
CA LEU D 93 27.06 -6.67 18.10
C LEU D 93 28.50 -6.36 17.74
N ALA D 94 28.75 -6.09 16.47
CA ALA D 94 30.03 -5.58 16.00
C ALA D 94 29.90 -4.09 15.74
N LEU D 95 30.68 -3.30 16.45
CA LEU D 95 30.60 -1.85 16.32
C LEU D 95 31.36 -1.40 15.07
N PRO D 96 30.70 -0.73 14.12
CA PRO D 96 31.38 -0.36 12.89
C PRO D 96 32.34 0.79 13.13
N PRO D 97 33.38 0.94 12.30
CA PRO D 97 33.78 0.08 11.17
C PRO D 97 34.59 -1.14 11.60
N LYS D 98 34.46 -2.23 10.83
CA LYS D 98 35.13 -3.49 11.11
C LYS D 98 35.70 -4.02 9.81
N LYS D 99 36.95 -4.48 9.85
CA LYS D 99 37.62 -4.94 8.64
C LYS D 99 37.04 -6.29 8.22
N VAL D 100 36.74 -6.44 6.94
CA VAL D 100 36.05 -7.61 6.41
C VAL D 100 36.97 -8.33 5.43
N GLU D 101 37.14 -9.63 5.62
CA GLU D 101 37.86 -10.49 4.71
C GLU D 101 37.02 -11.72 4.43
N PRO D 102 37.23 -12.38 3.29
CA PRO D 102 36.57 -13.67 3.07
C PRO D 102 37.02 -14.71 4.09
N ALA D 103 36.07 -15.53 4.52
CA ALA D 103 36.34 -16.50 5.56
C ALA D 103 37.20 -17.64 5.03
N LYS D 104 38.09 -18.16 5.88
CA LYS D 104 38.93 -19.28 5.52
C LYS D 104 38.11 -20.57 5.52
N LEU D 105 38.70 -21.63 4.96
CA LEU D 105 38.01 -22.92 4.90
C LEU D 105 37.80 -23.51 6.29
N ASP D 106 38.74 -23.28 7.21
CA ASP D 106 38.61 -23.78 8.56
C ASP D 106 37.46 -23.11 9.30
N GLU D 107 37.22 -21.82 9.00
CA GLU D 107 36.12 -21.10 9.65
C GLU D 107 34.77 -21.60 9.16
N ILE D 108 34.64 -21.89 7.86
CA ILE D 108 33.39 -22.42 7.33
C ILE D 108 33.16 -23.84 7.81
N ILE D 109 34.23 -24.63 7.92
CA ILE D 109 34.11 -25.99 8.43
C ILE D 109 33.67 -25.99 9.88
N SER D 110 34.19 -25.05 10.68
CA SER D 110 33.86 -24.97 12.09
C SER D 110 32.44 -24.49 12.35
N ILE D 111 31.71 -24.03 11.32
CA ILE D 111 30.31 -23.64 11.51
C ILE D 111 29.48 -24.86 11.88
N TYR D 112 29.68 -25.96 11.18
CA TYR D 112 28.88 -27.17 11.37
C TYR D 112 29.55 -28.21 12.24
N SER D 113 30.88 -28.21 12.31
CA SER D 113 31.60 -29.18 13.13
C SER D 113 31.47 -28.86 14.62
N ASP D 114 31.49 -27.57 14.97
CA ASP D 114 31.55 -27.18 16.37
C ASP D 114 30.18 -27.21 17.05
N SER D 115 29.11 -26.92 16.31
CA SER D 115 27.80 -26.79 16.94
C SER D 115 27.20 -28.13 17.33
N ILE D 116 27.53 -29.20 16.62
CA ILE D 116 27.06 -30.54 16.91
C ILE D 116 28.25 -31.38 17.35
N ASP D 117 28.11 -32.05 18.50
CA ASP D 117 29.20 -32.87 19.01
C ASP D 117 29.39 -34.10 18.13
N ILE D 118 30.58 -34.68 18.22
CA ILE D 118 31.03 -35.69 17.25
C ILE D 118 30.21 -36.98 17.38
N ASN D 119 29.76 -37.32 18.59
CA ASN D 119 29.00 -38.54 18.77
C ASN D 119 27.59 -38.44 18.18
N ASP D 120 26.97 -37.27 18.26
CA ASP D 120 25.60 -37.09 17.82
C ASP D 120 25.47 -36.69 16.36
N ARG D 121 26.57 -36.39 15.67
CA ARG D 121 26.47 -35.88 14.31
C ARG D 121 26.24 -37.00 13.31
N PHE D 122 25.41 -36.73 12.32
CA PHE D 122 25.01 -37.68 11.29
C PHE D 122 24.98 -36.95 9.97
N THR D 123 25.84 -37.33 9.05
CA THR D 123 26.05 -36.58 7.82
C THR D 123 25.66 -37.40 6.60
N PHE D 124 25.01 -36.74 5.66
CA PHE D 124 24.66 -37.34 4.37
C PHE D 124 24.84 -36.36 3.23
N SER D 125 25.34 -35.15 3.49
CA SER D 125 25.45 -34.13 2.48
C SER D 125 26.57 -33.17 2.85
N SER D 126 27.08 -32.47 1.85
CA SER D 126 28.08 -31.44 2.02
C SER D 126 27.51 -30.10 1.57
N LEU D 127 28.21 -29.02 1.90
CA LEU D 127 27.75 -27.68 1.55
C LEU D 127 27.77 -27.48 0.04
N SER D 128 26.67 -26.94 -0.49
CA SER D 128 26.56 -26.74 -1.93
C SER D 128 27.52 -25.66 -2.42
N LEU D 129 27.70 -24.60 -1.64
CA LEU D 129 28.62 -23.53 -2.02
C LEU D 129 30.07 -24.03 -2.00
N ASN D 130 30.42 -24.84 -1.01
CA ASN D 130 31.79 -25.31 -0.84
C ASN D 130 31.73 -26.79 -0.52
N THR D 131 32.10 -27.63 -1.50
CA THR D 131 31.92 -29.07 -1.36
C THR D 131 32.88 -29.69 -0.36
N LYS D 132 33.95 -28.99 0.02
CA LYS D 132 34.84 -29.52 1.04
C LYS D 132 34.21 -29.50 2.43
N VAL D 133 33.26 -28.59 2.64
CA VAL D 133 32.61 -28.45 3.94
C VAL D 133 31.50 -29.48 4.05
N SER D 134 31.70 -30.49 4.88
CA SER D 134 30.65 -31.46 5.15
C SER D 134 29.65 -30.88 6.12
N VAL D 135 28.37 -31.12 5.86
CA VAL D 135 27.31 -30.58 6.71
C VAL D 135 26.64 -31.73 7.44
N PRO D 136 26.92 -31.92 8.72
CA PRO D 136 26.20 -32.91 9.51
C PRO D 136 25.01 -32.30 10.24
N VAL D 137 24.07 -33.16 10.61
CA VAL D 137 22.94 -32.77 11.43
C VAL D 137 22.99 -33.58 12.71
N ASN D 138 22.27 -33.10 13.73
CA ASN D 138 22.13 -33.85 14.97
C ASN D 138 21.33 -35.10 14.69
N GLY D 139 21.98 -36.27 14.78
CA GLY D 139 21.34 -37.50 14.35
C GLY D 139 20.16 -37.89 15.20
N ASN D 140 20.24 -37.63 16.51
CA ASN D 140 19.07 -37.80 17.36
C ASN D 140 17.97 -36.83 16.96
N ARG D 141 18.29 -35.53 16.88
CA ARG D 141 17.28 -34.51 16.59
C ARG D 141 16.78 -34.56 15.15
N PHE D 142 17.55 -35.14 14.23
CA PHE D 142 17.05 -35.32 12.87
C PHE D 142 15.85 -36.26 12.85
N PHE D 143 15.94 -37.34 13.60
CA PHE D 143 14.88 -38.34 13.66
C PHE D 143 14.06 -38.26 14.95
N ASN D 144 14.40 -37.37 15.87
CA ASN D 144 13.60 -37.18 17.08
C ASN D 144 12.19 -36.79 16.74
N LYS D 145 12.04 -35.75 15.94
CA LYS D 145 10.78 -35.28 15.44
C LYS D 145 10.58 -35.87 14.05
N HIS D 146 9.61 -35.36 13.33
CA HIS D 146 9.28 -35.88 12.02
C HIS D 146 9.94 -35.06 10.92
N ILE D 147 10.19 -35.70 9.79
CA ILE D 147 10.92 -35.10 8.67
C ILE D 147 9.95 -34.91 7.51
N ALA D 148 9.98 -33.72 6.92
CA ALA D 148 9.21 -33.42 5.72
C ALA D 148 10.18 -33.08 4.60
N ILE D 149 10.20 -33.89 3.55
CA ILE D 149 11.04 -33.66 2.38
C ILE D 149 10.14 -33.28 1.22
N VAL D 150 10.31 -32.06 0.70
CA VAL D 150 9.46 -31.54 -0.36
C VAL D 150 10.33 -30.99 -1.48
N GLY D 151 9.87 -31.17 -2.72
CA GLY D 151 10.56 -30.65 -3.88
C GLY D 151 9.76 -30.96 -5.11
N SER D 152 10.14 -30.33 -6.22
CA SER D 152 9.41 -30.48 -7.47
C SER D 152 9.65 -31.87 -8.07
N THR D 153 9.03 -32.10 -9.22
CA THR D 153 9.17 -33.38 -9.90
C THR D 153 10.58 -33.55 -10.43
N GLY D 154 11.22 -34.67 -10.07
CA GLY D 154 12.57 -34.92 -10.48
C GLY D 154 13.63 -34.17 -9.71
N SER D 155 13.25 -33.45 -8.66
CA SER D 155 14.22 -32.67 -7.88
C SER D 155 15.17 -33.57 -7.10
N GLY D 156 14.73 -34.76 -6.72
CA GLY D 156 15.61 -35.69 -6.06
C GLY D 156 15.11 -36.23 -4.74
N LYS D 157 13.80 -36.10 -4.49
CA LYS D 157 13.21 -36.50 -3.21
C LYS D 157 13.40 -37.98 -2.95
N SER D 158 13.17 -38.83 -3.96
CA SER D 158 13.34 -40.26 -3.78
C SER D 158 14.80 -40.63 -3.55
N HIS D 159 15.72 -39.89 -4.16
CA HIS D 159 17.14 -40.18 -3.97
C HIS D 159 17.65 -39.68 -2.63
N THR D 160 17.18 -38.53 -2.15
CA THR D 160 17.66 -38.07 -0.85
C THR D 160 17.03 -38.86 0.29
N VAL D 161 15.80 -39.36 0.11
CA VAL D 161 15.21 -40.24 1.12
C VAL D 161 16.01 -41.54 1.20
N ALA D 162 16.33 -42.12 0.04
CA ALA D 162 17.12 -43.34 0.01
C ALA D 162 18.54 -43.11 0.53
N LYS D 163 19.09 -41.92 0.33
CA LYS D 163 20.42 -41.61 0.85
C LYS D 163 20.43 -41.57 2.36
N ILE D 164 19.45 -40.89 2.97
CA ILE D 164 19.37 -40.79 4.42
C ILE D 164 19.16 -42.17 5.04
N LEU D 165 18.30 -42.98 4.42
CA LEU D 165 18.02 -44.31 4.94
C LEU D 165 19.25 -45.21 4.81
N GLN D 166 20.04 -45.05 3.75
CA GLN D 166 21.26 -45.83 3.59
C GLN D 166 22.32 -45.42 4.60
N LYS D 167 22.41 -44.13 4.92
CA LYS D 167 23.33 -43.69 5.96
C LYS D 167 22.84 -44.13 7.34
N ALA D 168 21.52 -44.15 7.55
CA ALA D 168 20.96 -44.54 8.84
C ALA D 168 21.16 -46.02 9.11
N VAL D 169 21.03 -46.86 8.07
CA VAL D 169 21.30 -48.29 8.21
C VAL D 169 22.78 -48.52 8.46
N ASP D 170 23.64 -47.77 7.77
CA ASP D 170 25.08 -47.94 7.91
C ASP D 170 25.61 -47.45 9.24
N GLU D 171 24.86 -46.64 9.97
CA GLU D 171 25.28 -46.13 11.27
C GLU D 171 25.38 -47.28 12.26
N LYS D 172 26.59 -47.60 12.68
CA LYS D 172 26.85 -48.72 13.57
C LYS D 172 27.88 -48.31 14.61
N GLN D 173 27.84 -48.99 15.76
CA GLN D 173 28.92 -48.85 16.73
C GLN D 173 30.08 -49.75 16.36
N GLU D 174 31.27 -49.36 16.79
CA GLU D 174 32.47 -50.10 16.44
C GLU D 174 32.53 -51.43 17.18
N GLY D 175 33.23 -52.40 16.58
CA GLY D 175 33.49 -53.67 17.21
C GLY D 175 32.53 -54.78 16.85
N TYR D 176 31.48 -54.49 16.08
CA TYR D 176 30.52 -55.52 15.71
C TYR D 176 30.23 -55.46 14.21
N LYS D 177 30.07 -56.64 13.61
CA LYS D 177 29.74 -56.79 12.20
C LYS D 177 28.40 -57.51 12.11
N GLY D 178 27.37 -56.81 11.66
CA GLY D 178 26.05 -57.37 11.59
C GLY D 178 25.02 -56.27 11.41
N LEU D 179 23.75 -56.67 11.51
CA LEU D 179 22.66 -55.70 11.37
C LEU D 179 22.62 -54.77 12.58
N ASN D 180 22.40 -53.48 12.31
CA ASN D 180 22.22 -52.53 13.39
C ASN D 180 20.73 -52.44 13.76
N ASN D 181 20.41 -51.54 14.67
CA ASN D 181 19.07 -51.45 15.24
C ASN D 181 18.16 -50.52 14.47
N SER D 182 18.52 -50.17 13.23
CA SER D 182 17.69 -49.30 12.43
C SER D 182 16.44 -50.05 11.96
N HIS D 183 15.29 -49.37 12.03
CA HIS D 183 14.01 -49.96 11.68
C HIS D 183 13.21 -48.93 10.89
N ILE D 184 13.10 -49.14 9.58
CA ILE D 184 12.44 -48.19 8.69
C ILE D 184 11.39 -48.92 7.86
N ILE D 185 10.21 -48.29 7.71
CA ILE D 185 9.14 -48.79 6.87
C ILE D 185 8.87 -47.76 5.79
N ILE D 186 8.84 -48.20 4.53
CA ILE D 186 8.66 -47.31 3.38
C ILE D 186 7.33 -47.62 2.71
N PHE D 187 6.50 -46.58 2.55
CA PHE D 187 5.26 -46.68 1.80
C PHE D 187 5.45 -46.11 0.40
N ASP D 188 6.15 -46.85 -0.46
CA ASP D 188 6.39 -46.39 -1.81
C ASP D 188 5.28 -46.85 -2.76
N ILE D 189 4.76 -45.91 -3.55
CA ILE D 189 3.70 -46.20 -4.51
C ILE D 189 4.25 -46.30 -5.94
N HIS D 190 5.57 -46.44 -6.09
CA HIS D 190 6.16 -46.56 -7.41
C HIS D 190 7.16 -47.69 -7.54
N SER D 191 7.34 -48.51 -6.50
CA SER D 191 8.17 -49.72 -6.54
C SER D 191 9.62 -49.41 -6.90
N GLU D 192 10.15 -48.34 -6.32
CA GLU D 192 11.48 -47.87 -6.68
C GLU D 192 12.54 -48.12 -5.62
N TYR D 193 12.15 -48.36 -4.37
CA TYR D 193 13.12 -48.52 -3.29
C TYR D 193 13.63 -49.95 -3.15
N GLU D 194 13.10 -50.89 -3.92
CA GLU D 194 13.62 -52.26 -3.86
C GLU D 194 15.04 -52.33 -4.41
N ASN D 195 15.35 -51.53 -5.43
CA ASN D 195 16.69 -51.51 -5.99
C ASN D 195 17.64 -50.78 -5.04
N ALA D 196 17.13 -49.80 -4.29
CA ALA D 196 18.00 -49.01 -3.42
C ALA D 196 18.50 -49.83 -2.22
N PHE D 197 17.70 -50.77 -1.74
CA PHE D 197 18.05 -51.57 -0.56
C PHE D 197 17.96 -53.04 -0.95
N PRO D 198 19.05 -53.62 -1.44
CA PRO D 198 19.00 -55.03 -1.88
C PRO D 198 18.77 -56.03 -0.76
N ASN D 199 19.19 -55.72 0.46
CA ASN D 199 19.04 -56.65 1.58
C ASN D 199 17.72 -56.46 2.32
N SER D 200 16.84 -55.59 1.84
CA SER D 200 15.59 -55.29 2.51
C SER D 200 14.60 -56.44 2.36
N ASN D 201 13.55 -56.38 3.17
CA ASN D 201 12.41 -57.29 3.06
C ASN D 201 11.28 -56.59 2.33
N VAL D 202 10.77 -57.23 1.29
CA VAL D 202 9.88 -56.61 0.32
C VAL D 202 8.48 -57.20 0.48
N LEU D 203 7.48 -56.34 0.58
CA LEU D 203 6.10 -56.76 0.79
C LEU D 203 5.18 -56.11 -0.24
N ASN D 204 4.19 -56.87 -0.70
CA ASN D 204 3.13 -56.34 -1.55
C ASN D 204 1.82 -56.97 -1.12
N VAL D 205 0.71 -56.35 -1.54
CA VAL D 205 -0.63 -56.76 -1.11
C VAL D 205 -0.98 -58.17 -1.58
N ASP D 206 -0.31 -58.67 -2.61
CA ASP D 206 -0.60 -60.01 -3.11
C ASP D 206 -0.15 -61.09 -2.13
N THR D 207 0.99 -60.90 -1.48
CA THR D 207 1.50 -61.92 -0.56
C THR D 207 1.47 -61.51 0.91
N LEU D 208 1.32 -60.23 1.22
CA LEU D 208 1.21 -59.79 2.61
C LEU D 208 -0.20 -60.05 3.13
N THR D 209 -0.29 -60.55 4.35
CA THR D 209 -1.57 -60.82 4.99
C THR D 209 -1.69 -59.94 6.23
N LEU D 210 -2.73 -59.11 6.26
CA LEU D 210 -3.07 -58.33 7.45
C LEU D 210 -4.40 -58.83 7.97
N PRO D 211 -4.42 -59.61 9.05
CA PRO D 211 -5.67 -60.23 9.52
C PRO D 211 -6.76 -59.20 9.85
N TYR D 212 -8.00 -59.57 9.52
CA TYR D 212 -9.13 -58.68 9.78
C TYR D 212 -9.42 -58.58 11.27
N TRP D 213 -9.11 -59.62 12.03
CA TRP D 213 -9.39 -59.63 13.46
C TRP D 213 -8.42 -58.78 14.25
N LEU D 214 -7.30 -58.38 13.65
CA LEU D 214 -6.37 -57.46 14.29
C LEU D 214 -6.92 -56.04 14.37
N LEU D 215 -7.97 -55.76 13.59
CA LEU D 215 -8.58 -54.44 13.59
C LEU D 215 -9.29 -54.20 14.92
N ASN D 216 -9.15 -52.98 15.45
CA ASN D 216 -9.83 -52.66 16.69
C ASN D 216 -11.30 -52.32 16.41
N GLY D 217 -12.04 -52.00 17.47
CA GLY D 217 -13.47 -51.80 17.33
C GLY D 217 -13.87 -50.63 16.47
N ASP D 218 -13.04 -49.58 16.45
CA ASP D 218 -13.35 -48.40 15.64
C ASP D 218 -13.26 -48.70 14.16
N GLU D 219 -12.25 -49.45 13.72
CA GLU D 219 -12.06 -49.72 12.31
C GLU D 219 -12.58 -51.08 11.88
N LEU D 220 -13.01 -51.94 12.82
CA LEU D 220 -13.79 -53.12 12.44
C LEU D 220 -15.12 -52.68 11.84
N GLU D 221 -15.75 -51.66 12.44
CA GLU D 221 -16.98 -51.10 11.90
C GLU D 221 -16.73 -50.29 10.63
N GLU D 222 -15.55 -49.68 10.51
CA GLU D 222 -15.22 -48.93 9.30
C GLU D 222 -15.08 -49.86 8.10
N LEU D 223 -14.48 -51.04 8.30
CA LEU D 223 -14.26 -51.96 7.19
C LEU D 223 -15.57 -52.64 6.77
N PHE D 224 -16.37 -53.09 7.73
CA PHE D 224 -17.50 -53.94 7.43
C PHE D 224 -18.84 -53.21 7.35
N LEU D 225 -19.04 -52.14 8.11
CA LEU D 225 -20.36 -51.57 8.28
C LEU D 225 -20.52 -50.33 7.42
N ASP D 226 -21.76 -50.10 6.99
CA ASP D 226 -22.16 -48.86 6.34
C ASP D 226 -22.95 -48.03 7.33
N THR D 227 -22.82 -46.70 7.22
CA THR D 227 -23.48 -45.79 8.16
C THR D 227 -24.81 -45.32 7.58
N GLU D 228 -25.89 -45.56 8.32
CA GLU D 228 -27.19 -44.99 8.02
C GLU D 228 -27.92 -44.79 9.34
N ALA D 229 -29.09 -44.15 9.25
CA ALA D 229 -29.89 -43.90 10.43
C ALA D 229 -30.52 -45.19 10.95
N ASN D 230 -30.67 -45.24 12.28
CA ASN D 230 -31.29 -46.36 13.00
C ASN D 230 -30.62 -47.70 12.71
N ASP D 231 -29.30 -47.68 12.60
CA ASP D 231 -28.52 -48.91 12.41
C ASP D 231 -28.06 -49.51 13.73
N HIS D 232 -28.69 -49.13 14.84
CA HIS D 232 -28.23 -49.55 16.17
C HIS D 232 -28.41 -51.04 16.38
N ASN D 233 -29.46 -51.64 15.82
CA ASN D 233 -29.65 -53.08 15.97
C ASN D 233 -28.65 -53.86 15.11
N GLN D 234 -28.38 -53.39 13.89
CA GLN D 234 -27.35 -54.00 13.06
C GLN D 234 -25.98 -53.85 13.70
N ARG D 235 -25.71 -52.68 14.28
CA ARG D 235 -24.43 -52.44 14.94
C ARG D 235 -24.30 -53.31 16.19
N ASN D 236 -25.39 -53.54 16.90
CA ASN D 236 -25.34 -54.32 18.13
C ASN D 236 -25.11 -55.80 17.85
N VAL D 237 -25.82 -56.36 16.87
CA VAL D 237 -25.64 -57.79 16.56
C VAL D 237 -24.28 -58.03 15.92
N PHE D 238 -23.76 -57.05 15.19
CA PHE D 238 -22.42 -57.17 14.63
C PHE D 238 -21.36 -57.20 15.72
N ARG D 239 -21.51 -56.34 16.73
CA ARG D 239 -20.61 -56.37 17.87
C ARG D 239 -20.81 -57.63 18.70
N GLN D 240 -22.05 -58.07 18.86
CA GLN D 240 -22.35 -59.24 19.68
C GLN D 240 -21.87 -60.53 19.03
N ALA D 241 -21.97 -60.63 17.70
CA ALA D 241 -21.49 -61.80 16.99
C ALA D 241 -19.97 -61.91 17.06
N ILE D 242 -19.28 -60.78 16.90
CA ILE D 242 -17.82 -60.79 16.86
C ILE D 242 -17.26 -61.07 18.26
N THR D 243 -17.80 -60.40 19.27
CA THR D 243 -17.29 -60.56 20.63
C THR D 243 -17.47 -61.98 21.14
N LEU D 244 -18.63 -62.58 20.86
CA LEU D 244 -18.87 -63.97 21.22
C LEU D 244 -17.95 -64.91 20.45
N ASN D 245 -17.73 -64.63 19.17
CA ASN D 245 -16.88 -65.49 18.34
C ASN D 245 -15.42 -65.42 18.77
N LYS D 246 -14.98 -64.25 19.23
CA LYS D 246 -13.61 -64.12 19.74
C LYS D 246 -13.41 -64.97 20.99
N LYS D 247 -14.40 -65.01 21.87
CA LYS D 247 -14.32 -65.85 23.06
C LYS D 247 -14.35 -67.33 22.72
N ILE D 248 -15.08 -67.71 21.68
CA ILE D 248 -15.22 -69.12 21.33
C ILE D 248 -13.90 -69.70 20.82
N HIS D 249 -13.21 -68.96 19.95
CA HIS D 249 -11.97 -69.44 19.39
C HIS D 249 -10.76 -69.19 20.27
N PHE D 250 -10.93 -68.53 21.41
CA PHE D 250 -9.81 -68.26 22.30
C PHE D 250 -9.45 -69.54 23.06
N GLN D 251 -8.18 -69.91 23.01
CA GLN D 251 -7.63 -70.99 23.83
C GLN D 251 -6.68 -70.38 24.84
N GLY D 252 -6.92 -70.62 26.12
CA GLY D 252 -6.01 -70.09 27.11
C GLY D 252 -6.68 -69.98 28.48
N ASP D 253 -6.21 -69.00 29.24
CA ASP D 253 -6.67 -68.83 30.61
C ASP D 253 -8.10 -68.30 30.59
N PRO D 254 -9.02 -68.91 31.34
CA PRO D 254 -10.41 -68.43 31.38
C PRO D 254 -10.57 -67.02 31.92
N ALA D 255 -9.63 -66.54 32.75
CA ALA D 255 -9.69 -65.15 33.21
C ALA D 255 -9.45 -64.18 32.07
N THR D 256 -8.57 -64.55 31.13
CA THR D 256 -8.35 -63.74 29.94
C THR D 256 -9.58 -63.77 29.01
N LYS D 257 -10.33 -64.88 29.02
CA LYS D 257 -11.51 -65.00 28.17
C LYS D 257 -12.59 -64.00 28.54
N GLU D 258 -12.67 -63.62 29.82
CA GLU D 258 -13.74 -62.74 30.25
C GLU D 258 -13.54 -61.30 29.78
N ILE D 259 -12.28 -60.85 29.74
CA ILE D 259 -12.01 -59.47 29.32
C ILE D 259 -11.93 -59.31 27.82
N ILE D 260 -12.23 -60.36 27.05
CA ILE D 260 -12.27 -60.25 25.60
C ILE D 260 -13.48 -59.41 25.21
N SER D 261 -13.25 -58.42 24.35
CA SER D 261 -14.31 -57.52 23.93
C SER D 261 -14.28 -57.31 22.42
N PHE D 262 -15.04 -56.33 21.93
CA PHE D 262 -15.16 -56.12 20.49
C PHE D 262 -13.86 -55.63 19.88
N HIS D 263 -13.10 -54.81 20.62
CA HIS D 263 -11.88 -54.22 20.10
C HIS D 263 -10.64 -55.09 20.31
N SER D 264 -10.76 -56.20 21.03
CA SER D 264 -9.60 -57.01 21.37
C SER D 264 -9.04 -57.68 20.12
N PRO D 265 -7.72 -57.72 19.96
CA PRO D 265 -7.12 -58.33 18.76
C PRO D 265 -7.02 -59.85 18.87
N TYR D 266 -8.17 -60.51 18.83
CA TYR D 266 -8.25 -61.95 18.94
C TYR D 266 -8.96 -62.52 17.73
N TYR D 267 -8.60 -63.74 17.37
CA TYR D 267 -9.11 -64.35 16.14
C TYR D 267 -10.60 -64.64 16.25
N PHE D 268 -11.33 -64.29 15.19
CA PHE D 268 -12.73 -64.65 15.04
C PHE D 268 -12.96 -65.04 13.58
N ASP D 269 -13.93 -65.92 13.36
CA ASP D 269 -14.22 -66.39 12.01
C ASP D 269 -15.30 -65.48 11.44
N ILE D 270 -14.95 -64.74 10.37
CA ILE D 270 -15.87 -63.79 9.78
C ILE D 270 -17.00 -64.51 9.04
N ASN D 271 -16.77 -65.74 8.58
CA ASN D 271 -17.83 -66.51 7.97
C ASN D 271 -18.79 -67.07 9.01
N GLU D 272 -18.27 -67.41 10.20
CA GLU D 272 -19.13 -67.86 11.29
C GLU D 272 -19.95 -66.71 11.84
N VAL D 273 -19.42 -65.48 11.80
CA VAL D 273 -20.18 -64.31 12.21
C VAL D 273 -21.34 -64.07 11.26
N ILE D 274 -21.14 -64.33 9.97
CA ILE D 274 -22.19 -64.20 8.96
C ILE D 274 -23.33 -65.15 9.27
N ASN D 275 -23.02 -66.40 9.62
CA ASN D 275 -24.04 -67.39 9.93
C ASN D 275 -24.85 -67.01 11.16
N TYR D 276 -24.20 -66.37 12.14
CA TYR D 276 -24.91 -65.95 13.35
C TYR D 276 -25.88 -64.82 13.02
N ILE D 277 -25.42 -63.83 12.25
CA ILE D 277 -26.27 -62.68 11.92
C ILE D 277 -27.39 -63.12 10.99
N ASN D 278 -27.11 -64.04 10.07
CA ASN D 278 -28.16 -64.60 9.23
C ASN D 278 -29.17 -65.40 10.03
N ASN D 279 -28.72 -66.03 11.13
CA ASN D 279 -29.64 -66.81 11.95
C ASN D 279 -30.54 -65.90 12.78
N ARG D 280 -30.00 -64.80 13.30
CA ARG D 280 -30.83 -63.83 14.01
C ARG D 280 -31.83 -63.17 13.07
N ASN D 281 -31.52 -63.14 11.77
CA ASN D 281 -32.45 -62.64 10.77
C ASN D 281 -33.65 -63.55 10.57
N ASN D 282 -33.53 -64.84 10.91
CA ASN D 282 -34.62 -65.79 10.76
C ASN D 282 -35.14 -66.32 12.10
N GLU D 283 -34.78 -65.68 13.21
CA GLU D 283 -35.16 -66.18 14.52
C GLU D 283 -36.65 -66.00 14.77
N ARG D 284 -37.20 -66.89 15.60
CA ARG D 284 -38.62 -66.88 15.94
C ARG D 284 -38.78 -67.12 17.43
N LYS D 285 -39.88 -66.64 17.98
CA LYS D 285 -40.13 -66.68 19.42
C LYS D 285 -41.46 -67.34 19.71
N ASN D 286 -41.57 -67.89 20.93
CA ASN D 286 -42.80 -68.50 21.40
C ASN D 286 -43.65 -67.47 22.14
N LYS D 287 -44.64 -67.96 22.90
CA LYS D 287 -45.50 -67.07 23.67
C LYS D 287 -44.73 -66.29 24.74
N ASP D 288 -43.65 -66.87 25.28
CA ASP D 288 -42.91 -66.27 26.36
C ASP D 288 -41.82 -65.29 25.90
N ASN D 289 -41.85 -64.92 24.61
CA ASN D 289 -40.93 -63.92 24.03
C ASN D 289 -39.47 -64.35 24.18
N GLU D 290 -39.21 -65.64 24.06
CA GLU D 290 -37.85 -66.16 24.02
C GLU D 290 -37.67 -66.98 22.75
N HIS D 291 -36.47 -66.93 22.19
CA HIS D 291 -36.19 -67.52 20.89
C HIS D 291 -35.78 -68.98 21.07
N ILE D 292 -36.60 -69.89 20.55
CA ILE D 292 -36.37 -71.32 20.64
C ILE D 292 -35.77 -71.78 19.32
N TRP D 293 -34.70 -72.55 19.39
CA TRP D 293 -33.97 -73.01 18.21
C TRP D 293 -33.85 -74.52 18.25
N SER D 294 -33.71 -75.12 17.05
CA SER D 294 -33.56 -76.56 16.90
C SER D 294 -32.29 -76.85 16.11
N ASP D 295 -31.52 -77.82 16.58
CA ASP D 295 -30.30 -78.24 15.89
C ASP D 295 -30.10 -79.74 16.10
N GLU D 296 -28.92 -80.23 15.71
CA GLU D 296 -28.63 -81.66 15.79
C GLU D 296 -28.57 -82.14 17.23
N GLU D 297 -27.98 -81.33 18.13
CA GLU D 297 -27.88 -81.73 19.53
C GLU D 297 -29.23 -81.71 20.23
N GLY D 298 -30.11 -80.81 19.82
CA GLY D 298 -31.47 -80.79 20.37
C GLY D 298 -32.03 -79.39 20.35
N ASN D 299 -33.25 -79.29 20.88
CA ASN D 299 -33.91 -77.99 20.97
C ASN D 299 -33.27 -77.14 22.06
N PHE D 300 -32.99 -75.89 21.74
CA PHE D 300 -32.37 -74.99 22.70
C PHE D 300 -32.98 -73.60 22.58
N LYS D 301 -32.88 -72.85 23.67
CA LYS D 301 -33.39 -71.49 23.76
C LYS D 301 -32.22 -70.52 23.67
N PHE D 302 -32.38 -69.48 22.85
CA PHE D 302 -31.29 -68.53 22.62
C PHE D 302 -31.04 -67.70 23.88
N ASP D 303 -29.87 -67.89 24.48
CA ASP D 303 -29.43 -67.11 25.63
C ASP D 303 -27.90 -67.00 25.56
N ASN D 304 -27.29 -66.51 26.64
CA ASN D 304 -25.85 -66.27 26.64
C ASN D 304 -25.05 -67.57 26.52
N GLU D 305 -25.51 -68.63 27.18
CA GLU D 305 -24.76 -69.89 27.13
C GLU D 305 -24.94 -70.61 25.80
N ASN D 306 -26.08 -70.42 25.13
CA ASN D 306 -26.39 -71.15 23.91
C ASN D 306 -26.32 -70.27 22.65
N ALA D 307 -25.80 -69.06 22.76
CA ALA D 307 -25.69 -68.20 21.57
C ALA D 307 -24.59 -68.66 20.64
N HIS D 308 -23.63 -69.45 21.13
CA HIS D 308 -22.54 -69.95 20.29
C HIS D 308 -23.02 -70.98 19.28
N ARG D 309 -24.19 -71.58 19.51
CA ARG D 309 -24.70 -72.61 18.62
C ARG D 309 -25.30 -72.03 17.34
N LEU D 310 -25.43 -70.71 17.24
CA LEU D 310 -25.90 -70.07 16.03
C LEU D 310 -24.81 -69.87 14.99
N PHE D 311 -23.55 -70.12 15.34
CA PHE D 311 -22.47 -69.98 14.36
C PHE D 311 -22.53 -71.06 13.30
N LYS D 312 -23.12 -72.21 13.61
CA LYS D 312 -23.33 -73.24 12.61
C LYS D 312 -24.51 -72.87 11.72
N GLU D 313 -24.49 -73.39 10.49
CA GLU D 313 -25.56 -73.13 9.54
C GLU D 313 -26.69 -74.15 9.63
N ASN D 314 -26.51 -75.22 10.40
CA ASN D 314 -27.51 -76.27 10.53
C ASN D 314 -28.39 -76.06 11.77
N VAL D 315 -29.03 -74.90 11.82
CA VAL D 315 -29.94 -74.54 12.92
C VAL D 315 -31.27 -74.11 12.32
N THR D 316 -32.36 -74.60 12.90
CA THR D 316 -33.70 -74.29 12.46
C THR D 316 -34.48 -73.66 13.61
N PRO D 317 -35.15 -72.53 13.38
CA PRO D 317 -35.93 -71.91 14.46
C PRO D 317 -37.33 -72.49 14.58
N ASP D 318 -37.82 -72.54 15.82
CA ASP D 318 -39.19 -72.96 16.11
C ASP D 318 -39.82 -71.91 17.02
N GLY D 319 -40.85 -71.25 16.50
CA GLY D 319 -41.52 -70.23 17.28
C GLY D 319 -42.88 -69.91 16.70
N SER D 320 -43.79 -69.46 17.56
CA SER D 320 -45.13 -69.09 17.11
C SER D 320 -45.11 -67.83 16.28
N SER D 321 -44.29 -66.86 16.66
CA SER D 321 -44.23 -65.57 15.99
C SER D 321 -42.80 -65.24 15.63
N ALA D 322 -42.63 -64.23 14.78
CA ALA D 322 -41.31 -63.80 14.34
C ALA D 322 -40.52 -63.20 15.50
N GLY D 323 -39.21 -63.38 15.46
CA GLY D 323 -38.34 -62.98 16.54
C GLY D 323 -38.09 -61.48 16.57
N ALA D 324 -37.15 -61.10 17.45
CA ALA D 324 -36.85 -59.69 17.65
C ALA D 324 -36.19 -59.08 16.42
N LEU D 325 -35.17 -59.74 15.88
CA LEU D 325 -34.44 -59.26 14.72
C LEU D 325 -34.84 -59.99 13.44
N ASN D 326 -36.03 -60.59 13.41
CA ASN D 326 -36.46 -61.35 12.25
C ASN D 326 -36.86 -60.38 11.14
N GLY D 327 -36.26 -60.56 9.96
CA GLY D 327 -36.57 -59.74 8.82
C GLY D 327 -35.92 -58.38 8.80
N LYS D 328 -35.01 -58.11 9.74
CA LYS D 328 -34.40 -56.79 9.85
C LYS D 328 -32.97 -56.74 9.37
N LEU D 329 -32.31 -57.89 9.22
CA LEU D 329 -30.90 -57.94 8.86
C LEU D 329 -30.67 -58.54 7.48
N LEU D 330 -31.66 -58.47 6.59
CA LEU D 330 -31.52 -59.09 5.28
C LEU D 330 -30.50 -58.35 4.41
N ASN D 331 -30.64 -57.02 4.32
CA ASN D 331 -29.65 -56.24 3.58
C ASN D 331 -28.35 -56.10 4.34
N PHE D 332 -28.37 -56.29 5.65
CA PHE D 332 -27.14 -56.18 6.44
C PHE D 332 -26.22 -57.37 6.17
N VAL D 333 -26.76 -58.57 6.06
CA VAL D 333 -25.97 -59.74 5.68
C VAL D 333 -25.53 -59.62 4.22
N ASP D 334 -26.42 -59.12 3.36
CA ASP D 334 -26.11 -58.99 1.94
C ASP D 334 -24.97 -58.02 1.70
N ARG D 335 -24.94 -56.90 2.44
CA ARG D 335 -23.84 -55.96 2.32
C ARG D 335 -22.58 -56.49 2.97
N LEU D 336 -22.71 -57.28 4.05
CA LEU D 336 -21.56 -57.85 4.72
C LEU D 336 -20.87 -58.89 3.85
N GLN D 337 -21.64 -59.71 3.14
CA GLN D 337 -21.05 -60.72 2.26
C GLN D 337 -20.39 -60.09 1.05
N SER D 338 -20.84 -58.91 0.63
CA SER D 338 -20.17 -58.19 -0.46
C SER D 338 -18.78 -57.73 -0.04
N LYS D 339 -18.63 -57.30 1.22
CA LYS D 339 -17.33 -56.89 1.72
C LYS D 339 -16.36 -58.06 1.82
N ILE D 340 -16.87 -59.22 2.26
CA ILE D 340 -16.02 -60.36 2.54
C ILE D 340 -15.48 -60.96 1.25
N PHE D 341 -16.33 -61.11 0.24
CA PHE D 341 -15.97 -61.74 -1.01
C PHE D 341 -15.29 -60.78 -1.99
N ASP D 342 -14.95 -59.57 -1.54
CA ASP D 342 -14.23 -58.63 -2.39
C ASP D 342 -12.80 -59.10 -2.59
N LYS D 343 -12.39 -59.24 -3.85
CA LYS D 343 -11.06 -59.74 -4.18
C LYS D 343 -9.97 -58.70 -3.94
N ARG D 344 -10.32 -57.42 -4.00
CA ARG D 344 -9.36 -56.36 -3.68
C ARG D 344 -8.95 -56.41 -2.22
N LEU D 345 -9.88 -56.77 -1.34
CA LEU D 345 -9.63 -56.96 0.08
C LEU D 345 -9.29 -58.40 0.43
N ASP D 346 -8.62 -59.12 -0.48
CA ASP D 346 -8.29 -60.52 -0.19
C ASP D 346 -7.16 -60.63 0.83
N PHE D 347 -6.30 -59.62 0.95
CA PHE D 347 -5.23 -59.68 1.93
C PHE D 347 -5.78 -59.59 3.35
N ILE D 348 -6.85 -58.83 3.55
CA ILE D 348 -7.44 -58.69 4.87
C ILE D 348 -8.48 -59.77 5.16
N LEU D 349 -9.15 -60.31 4.14
CA LEU D 349 -10.32 -61.16 4.35
C LEU D 349 -10.19 -62.53 3.68
N GLY D 350 -9.02 -62.89 3.18
CA GLY D 350 -8.84 -64.16 2.51
C GLY D 350 -8.63 -65.30 3.47
N GLU D 351 -8.32 -66.47 2.90
CA GLU D 351 -8.08 -67.66 3.71
C GLU D 351 -6.76 -67.61 4.44
N GLY D 352 -5.82 -66.74 4.00
CA GLY D 352 -4.55 -66.62 4.68
C GLY D 352 -4.63 -65.95 6.04
N SER D 353 -5.71 -65.20 6.30
CA SER D 353 -5.87 -64.57 7.60
C SER D 353 -6.17 -65.58 8.70
N LYS D 354 -6.74 -66.73 8.34
CA LYS D 354 -6.99 -67.77 9.34
C LYS D 354 -5.68 -68.39 9.80
N SER D 355 -4.75 -68.64 8.89
CA SER D 355 -3.53 -69.37 9.22
C SER D 355 -2.55 -68.49 9.99
N VAL D 356 -2.48 -67.19 9.66
CA VAL D 356 -1.50 -66.32 10.29
C VAL D 356 -1.93 -65.99 11.72
N THR D 357 -0.97 -65.53 12.51
CA THR D 357 -1.19 -65.15 13.89
C THR D 357 -0.80 -63.68 14.09
N PHE D 358 -0.97 -63.22 15.33
CA PHE D 358 -0.67 -61.82 15.65
C PHE D 358 0.83 -61.58 15.61
N LYS D 359 1.62 -62.53 16.14
CA LYS D 359 3.07 -62.35 16.18
C LYS D 359 3.68 -62.33 14.79
N GLU D 360 3.20 -63.20 13.89
CA GLU D 360 3.70 -63.23 12.52
C GLU D 360 3.40 -61.93 11.79
N THR D 361 2.26 -61.30 12.08
CA THR D 361 1.90 -60.05 11.42
C THR D 361 2.80 -58.91 11.88
N LEU D 362 3.06 -58.82 13.19
CA LEU D 362 3.94 -57.76 13.70
C LEU D 362 5.37 -57.96 13.21
N GLU D 363 5.86 -59.21 13.21
CA GLU D 363 7.22 -59.49 12.75
C GLU D 363 7.38 -59.23 11.26
N THR D 364 6.30 -59.42 10.48
CA THR D 364 6.37 -59.17 9.04
C THR D 364 6.50 -57.68 8.74
N LEU D 365 5.81 -56.83 9.52
CA LEU D 365 5.77 -55.41 9.22
C LEU D 365 7.11 -54.72 9.47
N ILE D 366 7.81 -55.10 10.54
CA ILE D 366 9.10 -54.48 10.85
C ILE D 366 10.25 -55.43 10.57
N SER D 367 10.03 -56.46 9.75
CA SER D 367 11.06 -57.40 9.29
C SER D 367 11.75 -58.10 10.46
N TYR D 368 10.95 -58.67 11.34
CA TYR D 368 11.45 -59.37 12.51
C TYR D 368 11.27 -60.88 12.41
N GLY D 369 11.01 -61.40 11.22
CA GLY D 369 10.79 -62.82 11.02
C GLY D 369 12.07 -63.60 10.92
N LYS D 370 12.04 -64.67 10.13
CA LYS D 370 13.25 -65.45 9.88
C LYS D 370 14.27 -64.62 9.09
N ASP D 371 13.80 -63.92 8.07
CA ASP D 371 14.64 -63.01 7.30
C ASP D 371 14.54 -61.62 7.91
N LYS D 372 15.65 -61.12 8.45
CA LYS D 372 15.69 -59.85 9.16
C LYS D 372 16.29 -58.79 8.26
N SER D 373 15.66 -57.62 8.23
CA SER D 373 16.16 -56.48 7.48
C SER D 373 15.91 -55.22 8.27
N ASN D 374 16.79 -54.24 8.10
CA ASN D 374 16.60 -52.94 8.73
C ASN D 374 15.48 -52.15 8.08
N ILE D 375 15.13 -52.47 6.84
CA ILE D 375 14.17 -51.70 6.07
C ILE D 375 13.10 -52.63 5.52
N THR D 376 11.83 -52.27 5.71
CA THR D 376 10.70 -52.96 5.13
C THR D 376 10.05 -52.05 4.11
N ILE D 377 9.91 -52.53 2.89
CA ILE D 377 9.27 -51.79 1.80
C ILE D 377 7.96 -52.45 1.45
N LEU D 378 6.90 -51.66 1.38
CA LEU D 378 5.56 -52.14 1.07
C LEU D 378 5.19 -51.68 -0.34
N ASP D 379 5.13 -52.63 -1.27
CA ASP D 379 4.77 -52.33 -2.65
C ASP D 379 3.27 -52.10 -2.74
N VAL D 380 2.88 -50.83 -2.86
CA VAL D 380 1.49 -50.44 -3.08
C VAL D 380 1.41 -49.67 -4.39
N SER D 381 2.21 -50.09 -5.37
CA SER D 381 2.51 -49.29 -6.56
C SER D 381 1.27 -49.07 -7.43
N GLY D 382 0.60 -50.14 -7.82
CA GLY D 382 -0.55 -50.01 -8.68
C GLY D 382 -1.81 -50.52 -8.03
N VAL D 383 -1.95 -50.22 -6.75
CA VAL D 383 -3.02 -50.78 -5.94
C VAL D 383 -4.08 -49.68 -5.88
N PRO D 384 -5.37 -50.02 -5.83
CA PRO D 384 -6.39 -48.97 -5.75
C PRO D 384 -6.38 -48.26 -4.40
N PHE D 385 -7.04 -47.10 -4.38
CA PHE D 385 -7.01 -46.26 -3.19
C PHE D 385 -7.80 -46.88 -2.04
N GLU D 386 -8.88 -47.62 -2.34
CA GLU D 386 -9.64 -48.25 -1.26
C GLU D 386 -8.83 -49.32 -0.54
N VAL D 387 -7.78 -49.84 -1.17
CA VAL D 387 -6.88 -50.76 -0.49
C VAL D 387 -5.65 -50.02 0.04
N LEU D 388 -5.17 -49.01 -0.70
CA LEU D 388 -4.04 -48.21 -0.23
C LEU D 388 -4.38 -47.47 1.06
N SER D 389 -5.61 -46.95 1.16
CA SER D 389 -6.02 -46.23 2.37
C SER D 389 -6.07 -47.15 3.58
N ILE D 390 -6.58 -48.37 3.42
CA ILE D 390 -6.65 -49.26 4.57
C ILE D 390 -5.29 -49.90 4.86
N CYS D 391 -4.46 -50.10 3.83
CA CYS D 391 -3.08 -50.53 4.07
C CYS D 391 -2.29 -49.47 4.82
N VAL D 392 -2.49 -48.19 4.47
CA VAL D 392 -1.83 -47.12 5.19
C VAL D 392 -2.36 -47.02 6.62
N SER D 393 -3.69 -47.09 6.78
CA SER D 393 -4.29 -46.86 8.09
C SER D 393 -3.98 -47.98 9.07
N LEU D 394 -3.99 -49.24 8.59
CA LEU D 394 -3.72 -50.36 9.48
C LEU D 394 -2.28 -50.36 9.97
N ILE D 395 -1.33 -50.26 9.05
CA ILE D 395 0.09 -50.35 9.41
C ILE D 395 0.53 -49.14 10.21
N SER D 396 -0.03 -47.97 9.93
CA SER D 396 0.26 -46.80 10.75
C SER D 396 -0.25 -46.97 12.18
N ARG D 397 -1.43 -47.56 12.34
CA ARG D 397 -1.95 -47.79 13.69
C ARG D 397 -1.23 -48.95 14.38
N LEU D 398 -0.97 -50.04 13.65
CA LEU D 398 -0.31 -51.20 14.25
C LEU D 398 1.10 -50.88 14.69
N ILE D 399 1.84 -50.12 13.89
CA ILE D 399 3.21 -49.75 14.27
C ILE D 399 3.20 -48.78 15.45
N PHE D 400 2.28 -47.81 15.44
CA PHE D 400 2.17 -46.87 16.55
C PHE D 400 1.75 -47.59 17.83
N GLU D 401 0.78 -48.50 17.72
CA GLU D 401 0.34 -49.23 18.92
C GLU D 401 1.39 -50.23 19.37
N PHE D 402 2.16 -50.79 18.44
CA PHE D 402 3.36 -51.54 18.85
C PHE D 402 4.36 -50.60 19.53
N GLY D 403 4.53 -49.39 19.01
CA GLY D 403 5.39 -48.43 19.64
C GLY D 403 4.88 -47.98 21.00
N TYR D 404 3.56 -47.88 21.16
CA TYR D 404 3.00 -47.53 22.46
C TYR D 404 3.19 -48.68 23.45
N HIS D 405 2.87 -49.90 23.04
CA HIS D 405 2.92 -51.03 23.96
C HIS D 405 4.34 -51.49 24.24
N SER D 406 5.29 -51.17 23.37
CA SER D 406 6.70 -51.44 23.67
C SER D 406 7.19 -50.55 24.81
N LYS D 407 6.70 -49.30 24.84
CA LYS D 407 7.14 -48.36 25.87
C LYS D 407 6.61 -48.74 27.25
N LYS D 408 5.36 -49.19 27.32
CA LYS D 408 4.77 -49.53 28.61
C LYS D 408 5.35 -50.82 29.18
N ILE D 409 5.72 -51.77 28.31
CA ILE D 409 6.50 -52.91 28.75
C ILE D 409 7.86 -52.48 29.27
N LYS D 410 8.52 -51.57 28.55
CA LYS D 410 9.84 -51.10 28.94
C LYS D 410 9.78 -50.25 30.20
N ARG D 411 8.70 -49.50 30.40
CA ARG D 411 8.58 -48.65 31.58
C ARG D 411 8.34 -49.45 32.86
N LYS D 412 7.91 -50.71 32.74
CA LYS D 412 7.77 -51.56 33.92
C LYS D 412 9.13 -51.91 34.51
N SER D 413 10.15 -52.07 33.66
CA SER D 413 11.50 -52.32 34.10
C SER D 413 12.34 -51.04 34.19
N ASN D 414 11.68 -49.88 34.14
CA ASN D 414 12.32 -48.55 34.25
C ASN D 414 13.37 -48.34 33.17
N GLU D 415 13.06 -48.77 31.95
CA GLU D 415 13.92 -48.55 30.79
C GLU D 415 13.13 -47.82 29.72
N ASN D 416 13.84 -47.03 28.92
CA ASN D 416 13.22 -46.36 27.79
C ASN D 416 13.05 -47.33 26.63
N GLN D 417 12.25 -46.92 25.65
CA GLN D 417 11.99 -47.75 24.48
C GLN D 417 13.22 -47.81 23.58
N ASP D 418 13.64 -49.02 23.24
CA ASP D 418 14.89 -49.24 22.53
C ASP D 418 14.70 -49.63 21.07
N ILE D 419 13.48 -49.55 20.54
CA ILE D 419 13.23 -49.68 19.12
C ILE D 419 12.62 -48.39 18.61
N PRO D 420 13.41 -47.54 17.96
CA PRO D 420 12.84 -46.43 17.20
C PRO D 420 12.38 -46.94 15.84
N ILE D 421 11.19 -46.51 15.42
CA ILE D 421 10.65 -46.88 14.12
C ILE D 421 10.41 -45.60 13.34
N LEU D 422 10.91 -45.56 12.11
CA LEU D 422 10.67 -44.45 11.19
C LEU D 422 9.83 -44.97 10.03
N ILE D 423 8.72 -44.30 9.75
CA ILE D 423 7.84 -44.67 8.66
C ILE D 423 7.97 -43.61 7.56
N VAL D 424 8.30 -44.05 6.36
CA VAL D 424 8.48 -43.14 5.22
C VAL D 424 7.21 -43.19 4.37
N TYR D 425 6.58 -42.03 4.20
CA TYR D 425 5.36 -41.89 3.41
C TYR D 425 5.73 -41.19 2.11
N GLU D 426 6.06 -41.96 1.09
CA GLU D 426 6.32 -41.40 -0.23
C GLU D 426 5.01 -40.96 -0.87
N GLU D 427 5.01 -39.74 -1.41
CA GLU D 427 3.85 -39.11 -2.04
C GLU D 427 2.64 -39.12 -1.10
N ALA D 428 2.80 -38.38 0.00
CA ALA D 428 1.80 -38.32 1.05
C ALA D 428 0.54 -37.56 0.63
N HIS D 429 0.57 -36.88 -0.52
CA HIS D 429 -0.63 -36.22 -1.04
C HIS D 429 -1.72 -37.19 -1.42
N LYS D 430 -1.37 -38.46 -1.69
CA LYS D 430 -2.38 -39.46 -1.98
C LYS D 430 -3.27 -39.74 -0.77
N TYR D 431 -2.67 -40.04 0.38
CA TYR D 431 -3.42 -40.52 1.52
C TYR D 431 -3.52 -39.53 2.67
N ALA D 432 -2.73 -38.45 2.67
CA ALA D 432 -2.84 -37.41 3.70
C ALA D 432 -2.89 -36.03 3.06
N PRO D 433 -4.02 -35.67 2.45
CA PRO D 433 -4.11 -34.36 1.79
C PRO D 433 -4.73 -33.28 2.68
N LYS D 434 -4.78 -32.07 2.13
CA LYS D 434 -5.46 -30.97 2.80
C LYS D 434 -6.97 -31.17 2.85
N SER D 435 -7.54 -31.80 1.82
CA SER D 435 -8.98 -31.92 1.69
C SER D 435 -9.57 -32.79 2.79
N ASP D 436 -10.86 -32.57 3.07
CA ASP D 436 -11.51 -33.23 4.18
C ASP D 436 -12.62 -34.05 3.54
N LEU D 437 -12.25 -34.87 2.56
CA LEU D 437 -13.17 -35.87 2.03
C LEU D 437 -13.20 -37.08 2.94
N SER D 438 -14.24 -37.91 2.75
CA SER D 438 -14.41 -39.08 3.60
C SER D 438 -13.40 -40.17 3.28
N LYS D 439 -12.94 -40.25 2.02
CA LYS D 439 -12.00 -41.30 1.64
C LYS D 439 -10.63 -41.10 2.29
N TYR D 440 -10.28 -39.87 2.61
CA TYR D 440 -9.00 -39.56 3.23
C TYR D 440 -9.05 -39.58 4.75
N ARG D 441 -10.23 -39.73 5.36
CA ARG D 441 -10.38 -39.50 6.78
C ARG D 441 -9.67 -40.55 7.62
N THR D 442 -9.80 -41.83 7.25
CA THR D 442 -9.22 -42.88 8.05
C THR D 442 -7.71 -43.03 7.85
N SER D 443 -7.16 -42.46 6.77
CA SER D 443 -5.72 -42.50 6.55
C SER D 443 -5.02 -41.24 7.04
N LYS D 444 -5.69 -40.09 7.01
CA LYS D 444 -5.13 -38.88 7.59
C LYS D 444 -4.97 -39.02 9.10
N GLU D 445 -6.01 -39.52 9.78
CA GLU D 445 -5.99 -39.60 11.23
C GLU D 445 -5.04 -40.67 11.75
N ALA D 446 -4.70 -41.66 10.93
CA ALA D 446 -3.68 -42.63 11.32
C ALA D 446 -2.29 -42.00 11.28
N ILE D 447 -2.01 -41.24 10.23
CA ILE D 447 -0.73 -40.55 10.11
C ILE D 447 -0.67 -39.37 11.08
N GLU D 448 -1.81 -38.70 11.31
CA GLU D 448 -1.85 -37.62 12.28
C GLU D 448 -1.59 -38.12 13.69
N ARG D 449 -2.01 -39.34 14.01
CA ARG D 449 -1.71 -39.92 15.31
C ARG D 449 -0.22 -40.12 15.49
N ILE D 450 0.49 -40.49 14.43
CA ILE D 450 1.94 -40.62 14.49
C ILE D 450 2.59 -39.26 14.62
N ALA D 451 2.09 -38.27 13.89
CA ALA D 451 2.69 -36.93 13.92
C ALA D 451 2.47 -36.25 15.26
N LYS D 452 1.32 -36.48 15.90
CA LYS D 452 1.00 -35.79 17.15
C LYS D 452 1.74 -36.40 18.33
N GLU D 453 1.55 -37.70 18.56
CA GLU D 453 2.01 -38.33 19.80
C GLU D 453 3.02 -39.44 19.56
N GLY D 454 3.45 -39.66 18.33
CA GLY D 454 4.41 -40.71 18.05
C GLY D 454 5.83 -40.39 18.45
N ARG D 455 6.11 -39.13 18.79
CA ARG D 455 7.43 -38.75 19.27
C ARG D 455 7.77 -39.42 20.59
N LYS D 456 6.78 -39.56 21.48
CA LYS D 456 7.02 -40.23 22.75
C LYS D 456 7.28 -41.72 22.55
N TYR D 457 6.54 -42.37 21.65
CA TYR D 457 6.49 -43.82 21.56
C TYR D 457 7.47 -44.37 20.52
N GLY D 458 8.42 -43.56 20.08
CA GLY D 458 9.45 -44.04 19.18
C GLY D 458 8.99 -44.34 17.77
N VAL D 459 7.85 -43.82 17.36
CA VAL D 459 7.34 -44.01 16.00
C VAL D 459 7.22 -42.62 15.40
N THR D 460 8.21 -42.24 14.60
CA THR D 460 8.21 -40.98 13.89
C THR D 460 8.05 -41.23 12.40
N LEU D 461 7.69 -40.19 11.67
CA LEU D 461 7.39 -40.30 10.26
C LEU D 461 8.33 -39.44 9.43
N LEU D 462 8.64 -39.92 8.23
CA LEU D 462 9.31 -39.12 7.21
C LEU D 462 8.30 -38.92 6.10
N LEU D 463 8.06 -37.65 5.75
CA LEU D 463 7.05 -37.29 4.77
C LEU D 463 7.72 -36.80 3.50
N ALA D 464 7.44 -37.46 2.38
CA ALA D 464 7.95 -37.04 1.08
C ALA D 464 6.76 -36.72 0.19
N SER D 465 6.73 -35.51 -0.34
CA SER D 465 5.64 -35.09 -1.22
C SER D 465 6.15 -34.01 -2.15
N GLN D 466 5.49 -33.90 -3.31
CA GLN D 466 5.89 -32.90 -4.29
C GLN D 466 5.63 -31.48 -3.79
N ARG D 467 4.53 -31.27 -3.06
CA ARG D 467 4.21 -29.95 -2.57
C ARG D 467 3.74 -29.99 -1.11
N PRO D 468 4.17 -29.03 -0.29
CA PRO D 468 3.58 -28.89 1.05
C PRO D 468 2.11 -28.50 1.02
N SER D 469 1.66 -27.88 -0.08
CA SER D 469 0.31 -27.33 -0.13
C SER D 469 -0.76 -28.41 -0.19
N GLU D 470 -0.46 -29.58 -0.78
CA GLU D 470 -1.43 -30.66 -0.74
C GLU D 470 -1.59 -31.24 0.66
N ILE D 471 -0.49 -31.35 1.40
CA ILE D 471 -0.50 -32.09 2.67
C ILE D 471 -1.27 -31.29 3.72
N SER D 472 -1.97 -32.01 4.61
CA SER D 472 -2.67 -31.39 5.72
C SER D 472 -1.71 -30.67 6.65
N GLU D 473 -2.14 -29.53 7.19
CA GLU D 473 -1.28 -28.71 8.04
C GLU D 473 -0.98 -29.35 9.38
N THR D 474 -1.84 -30.27 9.83
CA THR D 474 -1.61 -30.92 11.12
C THR D 474 -0.34 -31.77 11.09
N ILE D 475 -0.10 -32.48 9.99
CA ILE D 475 1.08 -33.34 9.90
C ILE D 475 2.34 -32.50 9.71
N PHE D 476 2.28 -31.47 8.86
CA PHE D 476 3.45 -30.63 8.59
C PHE D 476 3.82 -29.73 9.77
N SER D 477 2.84 -29.26 10.55
CA SER D 477 3.18 -28.45 11.70
C SER D 477 3.92 -29.26 12.77
N GLN D 478 3.69 -30.57 12.81
CA GLN D 478 4.40 -31.40 13.77
C GLN D 478 5.81 -31.74 13.31
N CYS D 479 6.04 -31.71 11.99
CA CYS D 479 7.38 -31.94 11.46
C CYS D 479 8.30 -30.79 11.84
N ASN D 480 9.51 -31.11 12.29
CA ASN D 480 10.47 -30.12 12.70
C ASN D 480 11.64 -29.98 11.72
N THR D 481 12.00 -31.06 11.03
CA THR D 481 13.04 -31.03 10.02
C THR D 481 12.40 -30.90 8.64
N PHE D 482 12.86 -29.92 7.87
CA PHE D 482 12.30 -29.64 6.54
C PHE D 482 13.44 -29.63 5.53
N ILE D 483 13.54 -30.71 4.74
CA ILE D 483 14.51 -30.81 3.67
C ILE D 483 13.80 -30.41 2.39
N SER D 484 14.00 -29.17 1.95
CA SER D 484 13.32 -28.64 0.78
C SER D 484 14.25 -28.73 -0.42
N MET D 485 13.79 -29.42 -1.46
CA MET D 485 14.48 -29.47 -2.74
C MET D 485 14.06 -28.26 -3.58
N ARG D 486 14.32 -28.28 -4.88
CA ARG D 486 13.94 -27.16 -5.73
C ARG D 486 12.42 -27.07 -5.82
N LEU D 487 11.87 -25.92 -5.42
CA LEU D 487 10.44 -25.68 -5.43
C LEU D 487 10.15 -24.56 -6.40
N THR D 488 9.50 -24.90 -7.52
CA THR D 488 9.26 -23.96 -8.60
C THR D 488 7.94 -23.21 -8.45
N ASN D 489 7.23 -23.40 -7.35
CA ASN D 489 5.92 -22.79 -7.16
C ASN D 489 6.03 -21.77 -6.04
N PRO D 490 5.71 -20.49 -6.27
CA PRO D 490 5.73 -19.51 -5.17
C PRO D 490 4.72 -19.80 -4.07
N ASP D 491 3.64 -20.53 -4.34
CA ASP D 491 2.78 -21.01 -3.27
C ASP D 491 3.51 -22.03 -2.40
N ASP D 492 4.31 -22.89 -3.04
CA ASP D 492 5.15 -23.81 -2.29
C ASP D 492 6.27 -23.07 -1.57
N GLN D 493 6.82 -22.05 -2.22
CA GLN D 493 7.97 -21.30 -1.69
C GLN D 493 7.57 -20.49 -0.46
N ASN D 494 6.36 -19.91 -0.46
CA ASN D 494 5.92 -19.05 0.64
C ASN D 494 5.71 -19.89 1.91
N TYR D 495 5.29 -21.15 1.77
CA TYR D 495 5.11 -22.02 2.93
C TYR D 495 6.44 -22.29 3.64
N VAL D 496 7.51 -22.51 2.87
CA VAL D 496 8.82 -22.76 3.46
C VAL D 496 9.36 -21.50 4.12
N LYS D 497 9.12 -20.33 3.51
CA LYS D 497 9.69 -19.08 3.99
C LYS D 497 9.12 -18.69 5.35
N ARG D 498 7.82 -18.94 5.57
CA ARG D 498 7.21 -18.62 6.86
C ARG D 498 7.75 -19.51 7.97
N LEU D 499 8.20 -20.72 7.64
CA LEU D 499 8.81 -21.61 8.63
C LEU D 499 10.14 -21.04 9.11
N LEU D 500 10.88 -20.39 8.23
CA LEU D 500 12.20 -19.87 8.55
C LEU D 500 12.08 -18.63 9.43
N PRO D 501 13.06 -18.38 10.32
CA PRO D 501 13.09 -17.13 11.09
C PRO D 501 13.73 -15.99 10.31
N ASP D 506 16.12 -14.69 3.34
CA ASP D 506 17.45 -14.44 2.81
C ASP D 506 18.07 -15.69 2.18
N ILE D 507 17.41 -16.83 2.39
CA ILE D 507 17.89 -18.10 1.84
C ILE D 507 16.81 -18.85 1.08
N THR D 508 15.52 -18.55 1.32
CA THR D 508 14.43 -19.11 0.52
C THR D 508 14.49 -18.64 -0.93
N ASN D 509 15.17 -17.51 -1.19
CA ASN D 509 15.28 -16.96 -2.54
C ASN D 509 15.98 -17.92 -3.51
N LEU D 510 16.84 -18.80 -3.00
CA LEU D 510 17.52 -19.77 -3.83
C LEU D 510 16.78 -21.09 -3.95
N LEU D 511 15.57 -21.21 -3.37
CA LEU D 511 14.81 -22.46 -3.49
C LEU D 511 14.42 -22.81 -4.92
N PRO D 512 13.84 -21.92 -5.76
CA PRO D 512 13.46 -22.37 -7.10
C PRO D 512 14.64 -22.63 -8.03
N SER D 513 15.82 -22.15 -7.70
CA SER D 513 16.99 -22.29 -8.55
C SER D 513 17.92 -23.41 -8.09
N LEU D 514 17.46 -24.29 -7.21
CA LEU D 514 18.29 -25.38 -6.73
C LEU D 514 18.54 -26.39 -7.84
N LYS D 515 19.75 -26.93 -7.88
CA LYS D 515 20.08 -27.96 -8.85
C LYS D 515 19.45 -29.29 -8.46
N GLU D 516 19.53 -30.25 -9.37
CA GLU D 516 19.04 -31.59 -9.10
C GLU D 516 19.93 -32.25 -8.05
N GLY D 517 19.34 -32.60 -6.91
CA GLY D 517 20.10 -33.12 -5.79
C GLY D 517 20.52 -32.07 -4.77
N GLU D 518 20.26 -30.80 -5.04
CA GLU D 518 20.54 -29.73 -4.09
C GLU D 518 19.32 -29.53 -3.20
N ALA D 519 19.57 -29.32 -1.90
CA ALA D 519 18.49 -29.27 -0.92
C ALA D 519 18.74 -28.13 0.06
N LEU D 520 17.65 -27.68 0.68
CA LEU D 520 17.69 -26.76 1.80
C LEU D 520 17.24 -27.51 3.04
N ILE D 521 18.07 -27.51 4.08
CA ILE D 521 17.80 -28.26 5.30
C ILE D 521 17.66 -27.26 6.44
N MET D 522 16.52 -27.30 7.12
CA MET D 522 16.27 -26.45 8.28
C MET D 522 15.60 -27.28 9.36
N GLY D 523 15.78 -26.87 10.60
CA GLY D 523 15.18 -27.53 11.74
C GLY D 523 16.12 -27.54 12.92
N ASP D 524 15.71 -28.25 13.96
CA ASP D 524 16.53 -28.35 15.18
C ASP D 524 17.79 -29.18 14.95
N SER D 525 17.77 -30.06 13.96
CA SER D 525 18.91 -30.95 13.72
C SER D 525 20.12 -30.18 13.22
N ILE D 526 19.92 -29.25 12.32
CA ILE D 526 21.02 -28.50 11.72
C ILE D 526 21.25 -27.23 12.54
N SER D 527 22.52 -26.81 12.62
CA SER D 527 22.85 -25.61 13.38
C SER D 527 22.28 -24.36 12.70
N ILE D 528 22.53 -24.22 11.41
CA ILE D 528 22.01 -23.10 10.63
C ILE D 528 21.34 -23.67 9.38
N PRO D 529 20.19 -23.15 8.97
CA PRO D 529 19.64 -23.53 7.67
C PRO D 529 20.59 -23.17 6.55
N SER D 530 20.87 -24.15 5.69
CA SER D 530 21.89 -23.98 4.66
C SER D 530 21.52 -24.79 3.44
N ILE D 531 22.06 -24.38 2.30
CA ILE D 531 21.88 -25.09 1.05
C ILE D 531 22.98 -26.14 0.95
N VAL D 532 22.57 -27.40 0.77
CA VAL D 532 23.51 -28.51 0.77
C VAL D 532 23.32 -29.32 -0.51
N LYS D 533 24.35 -30.09 -0.85
CA LYS D 533 24.32 -31.03 -1.95
C LYS D 533 24.25 -32.44 -1.37
N ILE D 534 23.13 -33.11 -1.57
CA ILE D 534 22.96 -34.48 -1.07
C ILE D 534 23.90 -35.41 -1.81
N GLU D 535 24.45 -36.38 -1.09
CA GLU D 535 25.42 -37.31 -1.66
C GLU D 535 24.78 -38.17 -2.73
N LYS D 536 25.54 -38.47 -3.78
CA LYS D 536 25.05 -39.32 -4.86
C LYS D 536 24.86 -40.75 -4.37
N CYS D 537 23.83 -41.41 -4.88
CA CYS D 537 23.52 -42.77 -4.49
C CYS D 537 24.30 -43.74 -5.37
N THR D 538 25.26 -44.44 -4.77
CA THR D 538 25.98 -45.49 -5.50
C THR D 538 25.07 -46.66 -5.83
N ILE D 539 24.10 -46.95 -4.96
CA ILE D 539 23.04 -47.91 -5.24
C ILE D 539 21.74 -47.13 -5.38
N PRO D 540 21.45 -46.54 -6.54
CA PRO D 540 20.31 -45.64 -6.66
C PRO D 540 19.00 -46.41 -6.69
N PRO D 541 17.90 -45.78 -6.28
CA PRO D 541 16.59 -46.40 -6.47
C PRO D 541 16.22 -46.48 -7.94
N SER D 542 15.39 -47.47 -8.26
CA SER D 542 15.00 -47.73 -9.66
C SER D 542 14.00 -46.67 -10.09
N SER D 543 14.54 -45.51 -10.48
CA SER D 543 13.76 -44.39 -10.99
C SER D 543 14.38 -44.00 -12.34
N ILE D 544 13.91 -44.63 -13.41
CA ILE D 544 14.46 -44.43 -14.75
C ILE D 544 13.57 -43.47 -15.51
N ASP D 545 14.15 -42.39 -16.02
CA ASP D 545 13.45 -41.44 -16.86
C ASP D 545 13.45 -41.94 -18.30
N ILE D 546 12.27 -42.11 -18.87
CA ILE D 546 12.15 -42.62 -20.23
C ILE D 546 12.51 -41.52 -21.21
N LYS D 547 13.38 -41.85 -22.16
CA LYS D 547 13.79 -40.92 -23.20
C LYS D 547 12.78 -41.01 -24.33
N TYR D 548 11.81 -40.09 -24.32
CA TYR D 548 10.76 -40.06 -25.35
C TYR D 548 11.33 -39.84 -26.74
N LEU D 549 12.27 -38.91 -26.89
CA LEU D 549 12.81 -38.63 -28.22
C LEU D 549 13.59 -39.84 -28.73
N ASP D 550 14.42 -40.44 -27.88
CA ASP D 550 15.24 -41.58 -28.30
C ASP D 550 14.38 -42.79 -28.63
N GLU D 551 13.34 -43.04 -27.84
CA GLU D 551 12.42 -44.14 -28.11
C GLU D 551 11.63 -43.89 -29.40
N TRP D 552 11.18 -42.65 -29.63
CA TRP D 552 10.36 -42.35 -30.79
C TRP D 552 11.15 -42.34 -32.09
N ARG D 553 12.47 -42.13 -32.02
CA ARG D 553 13.29 -42.21 -33.23
C ARG D 553 13.35 -43.62 -33.79
N LYS D 554 13.19 -44.63 -32.94
CA LYS D 554 13.33 -46.02 -33.33
C LYS D 554 12.22 -46.44 -34.28
N GLU D 555 12.35 -47.65 -34.80
CA GLU D 555 11.30 -48.23 -35.64
C GLU D 555 10.06 -48.47 -34.79
N TRP D 556 8.90 -48.51 -35.46
CA TRP D 556 7.64 -48.79 -34.78
C TRP D 556 7.70 -50.22 -34.28
N VAL D 557 7.79 -50.41 -32.97
CA VAL D 557 7.92 -51.73 -32.40
C VAL D 557 6.53 -52.34 -32.25
N ASP D 558 6.45 -53.64 -32.48
CA ASP D 558 5.19 -54.36 -32.37
C ASP D 558 5.04 -54.88 -30.94
N SER D 559 4.12 -54.29 -30.20
CA SER D 559 3.87 -54.68 -28.83
C SER D 559 2.76 -55.74 -28.82
N GLU D 560 3.01 -56.85 -28.13
CA GLU D 560 2.01 -57.88 -27.98
C GLU D 560 1.09 -57.49 -26.83
N PHE D 561 -0.15 -57.11 -27.16
CA PHE D 561 -1.09 -56.69 -26.14
C PHE D 561 -1.59 -57.86 -25.30
N ASP D 562 -1.57 -59.07 -25.85
CA ASP D 562 -2.16 -60.23 -25.19
C ASP D 562 -1.49 -60.51 -23.85
N LYS D 563 -0.16 -60.41 -23.80
CA LYS D 563 0.56 -60.60 -22.55
C LYS D 563 0.22 -59.52 -21.52
N ILE D 564 0.01 -58.29 -22.00
CA ILE D 564 -0.29 -57.17 -21.10
C ILE D 564 -1.69 -57.31 -20.51
N ILE D 565 -2.65 -57.72 -21.33
CA ILE D 565 -4.05 -57.72 -20.92
C ILE D 565 -4.34 -58.78 -19.87
N GLU D 566 -3.72 -59.96 -19.98
CA GLU D 566 -3.90 -60.97 -18.93
C GLU D 566 -3.35 -60.50 -17.60
N GLN D 567 -2.29 -59.70 -17.59
CA GLN D 567 -1.86 -59.13 -16.31
C GLN D 567 -2.84 -58.06 -15.85
N TRP D 568 -3.41 -57.32 -16.81
CA TRP D 568 -4.40 -56.29 -16.48
C TRP D 568 -5.71 -56.92 -16.01
N SER D 569 -6.16 -57.98 -16.70
CA SER D 569 -7.44 -58.58 -16.35
C SER D 569 -7.38 -59.29 -15.00
N LYS D 570 -6.26 -59.96 -14.70
CA LYS D 570 -6.10 -60.59 -13.40
C LYS D 570 -5.99 -59.55 -12.29
N SER D 571 -5.31 -58.44 -12.54
CA SER D 571 -5.17 -57.39 -11.52
C SER D 571 -5.63 -56.04 -12.06
N ASN E 5 32.21 3.99 -32.51
CA ASN E 5 31.67 2.96 -33.38
C ASN E 5 30.17 3.05 -33.49
N ASP E 6 29.56 1.98 -34.02
CA ASP E 6 28.10 1.97 -34.20
C ASP E 6 27.37 1.94 -32.86
N ILE E 7 27.85 1.13 -31.92
CA ILE E 7 27.25 1.02 -30.60
C ILE E 7 28.34 1.20 -29.55
N ASN E 8 28.05 2.00 -28.54
CA ASN E 8 28.96 2.24 -27.42
C ASN E 8 28.14 2.13 -26.14
N ALA E 9 28.07 0.92 -25.59
CA ALA E 9 27.35 0.66 -24.36
C ALA E 9 28.27 -0.03 -23.38
N GLU E 10 28.05 0.21 -22.10
CA GLU E 10 28.84 -0.47 -21.07
C GLU E 10 28.01 -0.64 -19.82
N VAL E 11 28.40 -1.62 -19.01
CA VAL E 11 27.72 -1.92 -17.76
C VAL E 11 28.12 -0.88 -16.72
N VAL E 12 27.13 -0.23 -16.13
CA VAL E 12 27.39 0.77 -15.11
C VAL E 12 27.09 0.26 -13.70
N SER E 13 26.29 -0.80 -13.58
CA SER E 13 25.96 -1.34 -12.26
C SER E 13 25.63 -2.82 -12.40
N VAL E 14 26.10 -3.63 -11.44
CA VAL E 14 25.80 -5.05 -11.40
C VAL E 14 25.08 -5.38 -10.09
N SER E 15 24.51 -6.56 -10.05
CA SER E 15 23.73 -7.10 -8.94
C SER E 15 23.85 -8.62 -9.07
N PRO E 16 23.30 -9.43 -8.14
CA PRO E 16 23.46 -10.89 -8.27
C PRO E 16 22.95 -11.50 -9.57
N ASN E 17 21.82 -11.05 -10.10
CA ASN E 17 21.26 -11.63 -11.31
C ASN E 17 20.77 -10.54 -12.24
N LYS E 18 21.54 -9.46 -12.35
CA LYS E 18 20.99 -8.19 -12.83
C LYS E 18 22.14 -7.27 -13.22
N LEU E 19 22.07 -6.72 -14.43
CA LEU E 19 23.04 -5.75 -14.93
C LEU E 19 22.30 -4.51 -15.40
N LYS E 20 22.87 -3.34 -15.11
CA LYS E 20 22.39 -2.07 -15.66
C LYS E 20 23.41 -1.56 -16.66
N ILE E 21 22.97 -1.35 -17.89
CA ILE E 21 23.83 -1.01 -19.02
C ILE E 21 23.42 0.34 -19.56
N SER E 22 24.38 1.23 -19.74
CA SER E 22 24.14 2.56 -20.27
C SER E 22 24.67 2.63 -21.70
N VAL E 23 23.77 2.86 -22.65
CA VAL E 23 24.15 3.09 -24.03
C VAL E 23 24.58 4.55 -24.17
N ASP E 24 25.81 4.77 -24.63
CA ASP E 24 26.41 6.10 -24.61
C ASP E 24 26.33 6.81 -25.95
N ASP E 25 26.48 6.10 -27.07
CA ASP E 25 26.54 6.75 -28.37
C ASP E 25 25.37 6.40 -29.27
N LEU E 26 25.18 5.12 -29.60
CA LEU E 26 24.16 4.62 -30.53
C LEU E 26 24.23 5.38 -31.86
N GLU E 27 25.33 5.15 -32.57
CA GLU E 27 25.53 5.84 -33.84
C GLU E 27 24.64 5.26 -34.94
N GLU E 28 24.54 3.94 -35.01
CA GLU E 28 23.77 3.25 -36.04
C GLU E 28 22.44 2.81 -35.46
N PHE E 29 21.35 3.32 -36.02
CA PHE E 29 20.04 3.21 -35.37
C PHE E 29 19.43 1.82 -35.46
N LYS E 30 19.77 1.04 -36.49
CA LYS E 30 19.20 -0.29 -36.62
C LYS E 30 19.79 -1.30 -35.65
N ILE E 31 20.86 -0.95 -34.93
CA ILE E 31 21.30 -1.76 -33.80
C ILE E 31 20.24 -1.74 -32.70
N ALA E 32 19.66 -0.57 -32.43
CA ALA E 32 18.68 -0.47 -31.36
C ALA E 32 17.36 -1.12 -31.73
N GLU E 33 17.04 -1.17 -33.04
CA GLU E 33 15.73 -1.67 -33.47
C GLU E 33 15.59 -3.16 -33.23
N GLU E 34 16.59 -3.96 -33.63
CA GLU E 34 16.47 -5.40 -33.56
C GLU E 34 17.45 -6.07 -32.61
N LYS E 35 18.54 -5.41 -32.22
CA LYS E 35 19.53 -6.03 -31.35
C LYS E 35 19.46 -5.54 -29.91
N LEU E 36 18.68 -4.49 -29.62
CA LEU E 36 18.59 -3.95 -28.27
C LEU E 36 17.16 -4.04 -27.71
N GLY E 37 16.31 -4.87 -28.31
CA GLY E 37 14.97 -5.04 -27.79
C GLY E 37 14.95 -5.97 -26.58
N VAL E 38 13.77 -6.06 -25.97
CA VAL E 38 13.61 -6.93 -24.80
C VAL E 38 13.66 -8.38 -25.24
N GLY E 39 14.53 -9.16 -24.62
CA GLY E 39 14.75 -10.53 -25.02
C GLY E 39 15.90 -10.73 -25.97
N SER E 40 16.59 -9.67 -26.36
CA SER E 40 17.78 -9.79 -27.20
C SER E 40 18.98 -10.17 -26.34
N TYR E 41 20.12 -10.36 -26.99
CA TYR E 41 21.31 -10.89 -26.34
C TYR E 41 22.44 -9.89 -26.43
N LEU E 42 23.19 -9.76 -25.35
CA LEU E 42 24.29 -8.82 -25.26
C LEU E 42 25.55 -9.55 -24.80
N ARG E 43 26.67 -9.20 -25.41
CA ARG E 43 27.98 -9.74 -25.02
C ARG E 43 28.64 -8.72 -24.10
N VAL E 44 28.99 -9.15 -22.89
CA VAL E 44 29.47 -8.27 -21.84
C VAL E 44 30.88 -8.70 -21.48
N SER E 45 31.89 -7.98 -21.97
CA SER E 45 33.28 -8.33 -21.71
C SER E 45 34.18 -7.14 -22.04
N ASP E 46 35.47 -7.34 -21.84
CA ASP E 46 36.51 -6.43 -22.31
C ASP E 46 37.40 -7.05 -23.38
N ASN E 47 37.36 -8.36 -23.57
CA ASN E 47 38.11 -9.06 -24.60
C ASN E 47 37.12 -9.78 -25.52
N GLN E 48 37.67 -10.50 -26.49
CA GLN E 48 36.85 -11.17 -27.50
C GLN E 48 36.96 -12.69 -27.41
N ASP E 49 37.27 -13.21 -26.24
CA ASP E 49 37.28 -14.67 -26.09
C ASP E 49 36.46 -15.16 -24.92
N VAL E 50 36.46 -14.44 -23.80
CA VAL E 50 35.68 -14.82 -22.62
C VAL E 50 34.68 -13.71 -22.32
N ALA E 51 33.40 -14.07 -22.25
CA ALA E 51 32.36 -13.06 -22.07
C ALA E 51 31.18 -13.69 -21.35
N LEU E 52 30.34 -12.83 -20.78
CA LEU E 52 29.02 -13.23 -20.37
C LEU E 52 28.01 -12.81 -21.41
N LEU E 53 26.89 -13.52 -21.42
CA LEU E 53 25.77 -13.22 -22.29
C LEU E 53 24.60 -12.83 -21.42
N ALA E 54 23.75 -11.94 -21.93
CA ALA E 54 22.70 -11.37 -21.10
C ALA E 54 21.43 -11.18 -21.91
N ILE E 55 20.32 -11.69 -21.38
CA ILE E 55 19.00 -11.30 -21.88
C ILE E 55 18.70 -9.87 -21.44
N ILE E 56 17.83 -9.22 -22.19
CA ILE E 56 17.41 -7.85 -21.90
C ILE E 56 16.03 -7.91 -21.25
N ASP E 57 15.95 -7.44 -20.00
CA ASP E 57 14.66 -7.44 -19.30
C ASP E 57 13.87 -6.18 -19.59
N ASN E 58 14.52 -5.02 -19.59
CA ASN E 58 13.82 -3.75 -19.64
C ASN E 58 14.77 -2.72 -20.20
N PHE E 59 14.22 -1.62 -20.72
CA PHE E 59 15.04 -0.50 -21.16
C PHE E 59 14.24 0.79 -20.97
N SER E 60 14.96 1.91 -21.04
CA SER E 60 14.33 3.22 -20.91
C SER E 60 15.20 4.23 -21.64
N ILE E 61 14.64 4.88 -22.66
CA ILE E 61 15.37 5.90 -23.40
C ILE E 61 14.80 7.27 -23.06
N GLU E 62 15.39 7.94 -22.07
CA GLU E 62 14.99 9.29 -21.69
C GLU E 62 15.73 10.28 -22.57
N VAL E 63 15.00 11.28 -23.06
CA VAL E 63 15.61 12.39 -23.78
C VAL E 63 15.08 13.69 -23.19
N LYS E 64 15.95 14.70 -23.09
CA LYS E 64 15.60 15.96 -22.44
C LYS E 64 16.17 17.11 -23.24
N GLU E 65 16.18 18.29 -22.61
CA GLU E 65 16.49 19.53 -23.29
C GLU E 65 17.95 19.62 -23.74
N SER E 66 18.87 19.64 -22.78
CA SER E 66 20.27 19.89 -23.08
C SER E 66 21.18 18.71 -22.81
N GLN E 67 20.86 17.89 -21.80
CA GLN E 67 21.74 16.77 -21.45
C GLN E 67 21.63 15.67 -22.50
N LYS E 68 22.55 14.72 -22.41
CA LYS E 68 22.61 13.62 -23.37
C LYS E 68 21.43 12.68 -23.19
N GLN E 69 21.16 11.90 -24.25
CA GLN E 69 20.10 10.91 -24.20
C GLN E 69 20.45 9.80 -23.23
N LYS E 70 19.50 9.46 -22.35
CA LYS E 70 19.75 8.49 -21.29
C LYS E 70 19.12 7.16 -21.71
N TYR E 71 19.88 6.37 -22.46
CA TYR E 71 19.49 5.01 -22.83
C TYR E 71 20.08 4.06 -21.80
N MET E 72 19.22 3.52 -20.94
CA MET E 72 19.60 2.55 -19.93
C MET E 72 18.97 1.22 -20.28
N ILE E 73 19.77 0.15 -20.26
CA ILE E 73 19.32 -1.20 -20.56
C ILE E 73 19.41 -2.03 -19.30
N GLU E 74 18.31 -2.68 -18.94
CA GLU E 74 18.23 -3.57 -17.80
C GLU E 74 18.43 -5.00 -18.30
N ALA E 75 19.55 -5.61 -17.93
CA ALA E 75 19.91 -6.92 -18.43
C ALA E 75 20.17 -7.88 -17.28
N SER E 76 20.00 -9.16 -17.55
CA SER E 76 20.29 -10.21 -16.59
C SER E 76 21.22 -11.23 -17.23
N PRO E 77 22.33 -11.58 -16.57
CA PRO E 77 23.30 -12.52 -17.16
C PRO E 77 22.71 -13.93 -17.25
N ILE E 78 22.66 -14.47 -18.47
CA ILE E 78 22.10 -15.80 -18.66
C ILE E 78 23.17 -16.89 -18.61
N GLY E 79 24.42 -16.55 -18.84
CA GLY E 79 25.46 -17.56 -18.84
C GLY E 79 26.81 -16.96 -19.16
N LEU E 80 27.72 -17.83 -19.59
CA LEU E 80 29.12 -17.46 -19.82
C LEU E 80 29.61 -18.16 -21.07
N VAL E 81 30.19 -17.40 -21.99
CA VAL E 81 30.73 -17.95 -23.23
C VAL E 81 32.25 -17.87 -23.16
N LYS E 82 32.90 -19.01 -23.43
CA LYS E 82 34.35 -19.13 -23.39
C LYS E 82 34.82 -19.81 -24.67
N ASN E 83 35.41 -19.01 -25.57
CA ASN E 83 36.07 -19.49 -26.78
C ASN E 83 35.13 -20.29 -27.68
N GLY E 84 33.90 -19.78 -27.85
CA GLY E 84 32.92 -20.41 -28.69
C GLY E 84 32.04 -21.43 -28.00
N LYS E 85 32.26 -21.70 -26.72
CA LYS E 85 31.45 -22.62 -25.95
C LYS E 85 30.68 -21.85 -24.88
N PHE E 86 29.37 -22.05 -24.82
CA PHE E 86 28.52 -21.36 -23.87
C PHE E 86 28.29 -22.21 -22.63
N TYR E 87 28.38 -21.58 -21.46
CA TYR E 87 28.19 -22.24 -20.17
C TYR E 87 27.10 -21.50 -19.42
N ARG E 88 26.03 -22.21 -19.08
CA ARG E 88 24.91 -21.58 -18.38
C ARG E 88 25.27 -21.23 -16.95
N GLY E 89 24.59 -20.23 -16.41
CA GLY E 89 24.79 -19.86 -15.02
C GLY E 89 25.08 -18.39 -14.80
N GLY E 90 24.36 -17.78 -13.87
CA GLY E 90 24.58 -16.41 -13.47
C GLY E 90 25.56 -16.21 -12.34
N ASP E 91 26.30 -17.26 -11.95
CA ASP E 91 27.24 -17.17 -10.84
C ASP E 91 28.43 -16.29 -11.18
N SER E 92 28.88 -16.30 -12.43
CA SER E 92 30.04 -15.51 -12.83
C SER E 92 29.73 -14.02 -12.78
N LEU E 93 30.71 -13.25 -12.32
CA LEU E 93 30.53 -11.83 -12.00
C LEU E 93 31.35 -10.97 -12.93
N ALA E 94 30.73 -9.94 -13.48
CA ALA E 94 31.41 -8.90 -14.24
C ALA E 94 31.64 -7.70 -13.34
N LEU E 95 32.89 -7.31 -13.18
CA LEU E 95 33.20 -6.10 -12.45
C LEU E 95 33.08 -4.91 -13.39
N PRO E 96 32.26 -3.90 -13.05
CA PRO E 96 32.04 -2.80 -13.99
C PRO E 96 33.24 -1.88 -14.04
N PRO E 97 33.44 -1.16 -15.15
CA PRO E 97 32.67 -1.19 -16.40
C PRO E 97 33.11 -2.30 -17.35
N LYS E 98 32.17 -2.84 -18.11
CA LYS E 98 32.45 -3.85 -19.11
C LYS E 98 31.79 -3.42 -20.41
N LYS E 99 32.53 -3.47 -21.51
CA LYS E 99 31.99 -3.06 -22.80
C LYS E 99 30.90 -4.03 -23.26
N VAL E 100 29.79 -3.48 -23.73
CA VAL E 100 28.62 -4.26 -24.10
C VAL E 100 28.36 -4.10 -25.59
N GLU E 101 28.28 -5.22 -26.29
CA GLU E 101 27.94 -5.27 -27.71
C GLU E 101 26.78 -6.24 -27.89
N PRO E 102 26.00 -6.09 -28.95
CA PRO E 102 25.04 -7.14 -29.30
C PRO E 102 25.77 -8.44 -29.62
N ALA E 103 25.16 -9.55 -29.21
CA ALA E 103 25.76 -10.86 -29.44
C ALA E 103 25.71 -11.20 -30.92
N LYS E 104 26.78 -11.83 -31.41
CA LYS E 104 26.84 -12.26 -32.80
C LYS E 104 25.96 -13.49 -33.00
N LEU E 105 25.79 -13.85 -34.27
CA LEU E 105 24.94 -14.99 -34.60
C LEU E 105 25.49 -16.29 -34.05
N ASP E 106 26.83 -16.44 -34.06
CA ASP E 106 27.45 -17.65 -33.53
C ASP E 106 27.29 -17.78 -32.02
N GLU E 107 27.24 -16.65 -31.32
CA GLU E 107 27.07 -16.69 -29.87
C GLU E 107 25.65 -17.10 -29.49
N ILE E 108 24.65 -16.57 -30.19
CA ILE E 108 23.26 -16.96 -29.94
C ILE E 108 23.01 -18.40 -30.36
N ILE E 109 23.65 -18.85 -31.43
CA ILE E 109 23.55 -20.24 -31.85
C ILE E 109 24.13 -21.16 -30.79
N SER E 110 25.28 -20.80 -30.23
CA SER E 110 25.95 -21.62 -29.23
C SER E 110 25.23 -21.64 -27.89
N ILE E 111 24.26 -20.74 -27.67
CA ILE E 111 23.48 -20.77 -26.43
C ILE E 111 22.60 -22.02 -26.39
N TYR E 112 21.96 -22.34 -27.51
CA TYR E 112 21.03 -23.46 -27.57
C TYR E 112 21.67 -24.74 -28.07
N SER E 113 22.80 -24.65 -28.76
CA SER E 113 23.45 -25.82 -29.36
C SER E 113 24.52 -26.41 -28.46
N ASP E 114 24.67 -25.93 -27.24
CA ASP E 114 25.66 -26.46 -26.30
C ASP E 114 25.05 -27.23 -25.14
N SER E 115 23.90 -26.78 -24.62
CA SER E 115 23.27 -27.47 -23.51
C SER E 115 22.59 -28.76 -23.94
N ILE E 116 22.33 -28.93 -25.23
CA ILE E 116 21.64 -30.10 -25.75
C ILE E 116 22.60 -30.85 -26.67
N ASP E 117 22.59 -32.18 -26.57
CA ASP E 117 23.40 -33.01 -27.45
C ASP E 117 22.85 -32.97 -28.87
N ILE E 118 23.67 -33.44 -29.82
CA ILE E 118 23.29 -33.38 -31.23
C ILE E 118 22.15 -34.34 -31.52
N ASN E 119 22.05 -35.44 -30.78
CA ASN E 119 20.97 -36.41 -30.97
C ASN E 119 19.77 -36.15 -30.07
N ASP E 120 19.86 -35.19 -29.15
CA ASP E 120 18.77 -34.86 -28.25
C ASP E 120 18.04 -33.60 -28.67
N ARG E 121 18.38 -33.02 -29.81
CA ARG E 121 17.80 -31.76 -30.25
C ARG E 121 16.49 -31.99 -30.96
N PHE E 122 15.47 -31.24 -30.58
CA PHE E 122 14.14 -31.30 -31.19
C PHE E 122 13.78 -29.88 -31.61
N THR E 123 14.00 -29.56 -32.89
CA THR E 123 13.81 -28.21 -33.39
C THR E 123 12.43 -28.12 -34.04
N PHE E 124 11.61 -27.18 -33.55
CA PHE E 124 10.34 -26.89 -34.19
C PHE E 124 10.07 -25.39 -34.24
N SER E 125 11.04 -24.55 -33.89
CA SER E 125 10.83 -23.12 -33.87
C SER E 125 12.18 -22.43 -34.02
N SER E 126 12.12 -21.14 -34.34
CA SER E 126 13.29 -20.29 -34.43
C SER E 126 13.07 -19.07 -33.54
N LEU E 127 14.17 -18.39 -33.23
CA LEU E 127 14.11 -17.21 -32.38
C LEU E 127 13.36 -16.09 -33.08
N SER E 128 12.53 -15.37 -32.33
CA SER E 128 11.66 -14.35 -32.93
C SER E 128 12.46 -13.14 -33.37
N LEU E 129 13.43 -12.71 -32.56
CA LEU E 129 14.23 -11.55 -32.93
C LEU E 129 15.28 -11.87 -33.98
N ASN E 130 15.83 -13.07 -33.98
CA ASN E 130 16.82 -13.49 -34.97
C ASN E 130 16.29 -14.76 -35.64
N THR E 131 15.85 -14.61 -36.89
CA THR E 131 15.28 -15.74 -37.62
C THR E 131 16.35 -16.79 -37.92
N LYS E 132 17.58 -16.35 -38.20
CA LYS E 132 18.64 -17.24 -38.66
C LYS E 132 19.12 -18.23 -37.61
N VAL E 133 18.76 -18.08 -36.35
CA VAL E 133 19.10 -19.04 -35.31
C VAL E 133 17.86 -19.85 -34.96
N SER E 134 18.00 -21.18 -35.03
CA SER E 134 16.94 -22.08 -34.63
C SER E 134 17.07 -22.39 -33.15
N VAL E 135 15.95 -22.70 -32.52
CA VAL E 135 15.92 -22.94 -31.08
C VAL E 135 15.53 -24.39 -30.82
N PRO E 136 16.50 -25.29 -30.66
CA PRO E 136 16.17 -26.66 -30.30
C PRO E 136 15.85 -26.78 -28.81
N VAL E 137 15.10 -27.84 -28.49
CA VAL E 137 14.82 -28.19 -27.11
C VAL E 137 15.30 -29.61 -26.88
N ASN E 138 15.53 -29.95 -25.62
CA ASN E 138 15.87 -31.32 -25.24
C ASN E 138 14.63 -32.17 -25.45
N GLY E 139 14.60 -32.90 -26.57
CA GLY E 139 13.40 -33.62 -26.95
C GLY E 139 13.02 -34.73 -26.00
N ASN E 140 14.01 -35.32 -25.32
CA ASN E 140 13.70 -36.24 -24.24
C ASN E 140 13.01 -35.52 -23.08
N ARG E 141 13.59 -34.41 -22.63
CA ARG E 141 13.00 -33.65 -21.54
C ARG E 141 11.81 -32.82 -21.98
N PHE E 142 11.62 -32.63 -23.29
CA PHE E 142 10.44 -31.93 -23.79
C PHE E 142 9.18 -32.76 -23.60
N PHE E 143 9.23 -34.05 -23.93
CA PHE E 143 8.04 -34.88 -23.93
C PHE E 143 7.87 -35.70 -22.67
N ASN E 144 8.98 -36.07 -22.01
CA ASN E 144 8.88 -36.88 -20.80
C ASN E 144 8.30 -36.09 -19.64
N LYS E 145 8.63 -34.83 -19.54
CA LYS E 145 7.93 -33.93 -18.64
C LYS E 145 6.79 -33.27 -19.41
N HIS E 146 5.65 -33.09 -18.74
CA HIS E 146 4.43 -32.71 -19.42
C HIS E 146 4.49 -31.29 -19.95
N ILE E 147 3.81 -31.07 -21.07
CA ILE E 147 3.83 -29.80 -21.78
C ILE E 147 2.49 -29.10 -21.57
N ALA E 148 2.54 -27.79 -21.41
CA ALA E 148 1.33 -26.97 -21.31
C ALA E 148 1.44 -25.82 -22.30
N ILE E 149 0.61 -25.85 -23.34
CA ILE E 149 0.58 -24.78 -24.34
C ILE E 149 -0.66 -23.94 -24.05
N VAL E 150 -0.44 -22.69 -23.65
CA VAL E 150 -1.53 -21.80 -23.27
C VAL E 150 -1.51 -20.57 -24.17
N GLY E 151 -2.62 -19.84 -24.16
CA GLY E 151 -2.75 -18.65 -24.96
C GLY E 151 -4.19 -18.38 -25.29
N SER E 152 -4.45 -17.15 -25.76
CA SER E 152 -5.80 -16.75 -26.10
C SER E 152 -6.25 -17.40 -27.40
N THR E 153 -7.53 -17.20 -27.73
CA THR E 153 -8.06 -17.74 -28.96
C THR E 153 -7.54 -16.94 -30.15
N GLY E 154 -7.10 -17.63 -31.19
CA GLY E 154 -6.52 -16.97 -32.34
C GLY E 154 -5.04 -16.67 -32.22
N SER E 155 -4.37 -17.20 -31.20
CA SER E 155 -2.95 -16.97 -30.99
C SER E 155 -2.06 -17.99 -31.69
N GLY E 156 -2.63 -19.08 -32.20
CA GLY E 156 -1.86 -20.13 -32.83
C GLY E 156 -1.56 -21.32 -31.96
N LYS E 157 -2.39 -21.59 -30.96
CA LYS E 157 -2.13 -22.70 -30.04
C LYS E 157 -2.25 -24.04 -30.74
N SER E 158 -3.24 -24.21 -31.62
CA SER E 158 -3.43 -25.49 -32.28
C SER E 158 -2.42 -25.73 -33.39
N HIS E 159 -1.98 -24.68 -34.09
CA HIS E 159 -0.91 -24.83 -35.06
C HIS E 159 0.39 -25.24 -34.38
N THR E 160 0.66 -24.68 -33.20
CA THR E 160 1.85 -25.03 -32.45
C THR E 160 1.80 -26.46 -31.96
N VAL E 161 0.62 -26.91 -31.52
CA VAL E 161 0.45 -28.31 -31.10
C VAL E 161 0.73 -29.25 -32.26
N ALA E 162 0.17 -28.95 -33.43
CA ALA E 162 0.35 -29.83 -34.58
C ALA E 162 1.79 -29.81 -35.07
N LYS E 163 2.43 -28.64 -35.10
CA LYS E 163 3.80 -28.55 -35.60
C LYS E 163 4.76 -29.31 -34.71
N ILE E 164 4.48 -29.39 -33.41
CA ILE E 164 5.27 -30.24 -32.53
C ILE E 164 5.06 -31.71 -32.91
N LEU E 165 3.82 -32.11 -33.19
CA LEU E 165 3.52 -33.50 -33.49
C LEU E 165 3.96 -33.92 -34.89
N GLN E 166 3.88 -33.02 -35.88
CA GLN E 166 4.38 -33.36 -37.21
C GLN E 166 5.90 -33.52 -37.21
N LYS E 167 6.61 -32.69 -36.44
CA LYS E 167 8.05 -32.89 -36.30
C LYS E 167 8.38 -34.14 -35.49
N ALA E 168 7.49 -34.55 -34.59
CA ALA E 168 7.70 -35.79 -33.86
C ALA E 168 7.47 -37.01 -34.76
N VAL E 169 6.49 -36.93 -35.66
CA VAL E 169 6.23 -38.04 -36.57
C VAL E 169 7.29 -38.11 -37.66
N ASP E 170 7.63 -36.96 -38.26
CA ASP E 170 8.52 -36.95 -39.42
C ASP E 170 9.95 -37.29 -39.05
N GLU E 171 10.35 -37.07 -37.80
CA GLU E 171 11.71 -37.42 -37.40
C GLU E 171 11.84 -38.93 -37.26
N LYS E 172 12.99 -39.45 -37.67
CA LYS E 172 13.23 -40.88 -37.77
C LYS E 172 14.69 -41.15 -37.47
N GLN E 173 14.98 -42.40 -37.14
CA GLN E 173 16.38 -42.83 -37.07
C GLN E 173 16.86 -43.25 -38.45
N GLU E 174 18.17 -43.16 -38.66
CA GLU E 174 18.73 -43.51 -39.94
C GLU E 174 18.74 -45.03 -40.14
N GLY E 175 18.56 -45.44 -41.39
CA GLY E 175 18.67 -46.84 -41.75
C GLY E 175 17.36 -47.59 -41.87
N TYR E 176 16.21 -46.92 -41.75
CA TYR E 176 14.93 -47.59 -41.86
C TYR E 176 13.94 -46.70 -42.60
N LYS E 177 13.03 -47.34 -43.33
CA LYS E 177 11.97 -46.67 -44.07
C LYS E 177 10.63 -47.19 -43.58
N GLY E 178 9.70 -46.28 -43.31
CA GLY E 178 8.40 -46.64 -42.80
C GLY E 178 8.01 -45.75 -41.64
N LEU E 179 7.06 -46.22 -40.84
CA LEU E 179 6.57 -45.45 -39.72
C LEU E 179 7.59 -45.43 -38.58
N ASN E 180 7.50 -44.40 -37.75
CA ASN E 180 8.34 -44.29 -36.56
C ASN E 180 7.55 -44.71 -35.33
N ASN E 181 8.22 -44.67 -34.18
CA ASN E 181 7.72 -45.32 -32.97
C ASN E 181 6.72 -44.43 -32.22
N SER E 182 6.64 -43.14 -32.55
CA SER E 182 5.86 -42.17 -31.77
C SER E 182 4.39 -42.54 -31.68
N HIS E 183 3.78 -42.26 -30.53
CA HIS E 183 2.37 -42.52 -30.29
C HIS E 183 1.75 -41.29 -29.64
N ILE E 184 0.80 -40.66 -30.34
CA ILE E 184 0.16 -39.44 -29.88
C ILE E 184 -1.35 -39.62 -29.97
N ILE E 185 -2.05 -39.36 -28.86
CA ILE E 185 -3.50 -39.36 -28.81
C ILE E 185 -3.96 -37.92 -28.64
N ILE E 186 -4.85 -37.46 -29.52
CA ILE E 186 -5.39 -36.11 -29.45
C ILE E 186 -6.88 -36.20 -29.14
N PHE E 187 -7.30 -35.51 -28.08
CA PHE E 187 -8.71 -35.28 -27.80
C PHE E 187 -9.15 -34.02 -28.54
N ASP E 188 -9.91 -34.21 -29.62
CA ASP E 188 -10.27 -33.13 -30.52
C ASP E 188 -11.70 -32.69 -30.26
N ILE E 189 -11.86 -31.53 -29.61
CA ILE E 189 -13.20 -30.98 -29.41
C ILE E 189 -13.68 -30.18 -30.60
N HIS E 190 -12.77 -29.65 -31.42
CA HIS E 190 -13.14 -28.78 -32.53
C HIS E 190 -12.84 -29.39 -33.89
N SER E 191 -12.39 -30.64 -33.93
CA SER E 191 -12.13 -31.40 -35.16
C SER E 191 -11.13 -30.72 -36.08
N GLU E 192 -10.07 -30.15 -35.50
CA GLU E 192 -9.12 -29.38 -36.30
C GLU E 192 -8.02 -30.26 -36.87
N TYR E 193 -7.54 -31.23 -36.11
CA TYR E 193 -6.33 -31.98 -36.47
C TYR E 193 -6.57 -33.05 -37.53
N GLU E 194 -7.80 -33.25 -37.98
CA GLU E 194 -8.04 -34.22 -39.06
C GLU E 194 -7.33 -33.81 -40.34
N ASN E 195 -7.40 -32.52 -40.68
CA ASN E 195 -6.74 -32.06 -41.90
C ASN E 195 -5.23 -31.97 -41.71
N ALA E 196 -4.79 -31.64 -40.49
CA ALA E 196 -3.36 -31.51 -40.21
C ALA E 196 -2.62 -32.83 -40.31
N PHE E 197 -3.30 -33.94 -40.02
CA PHE E 197 -2.72 -35.27 -40.13
C PHE E 197 -3.63 -36.10 -41.03
N PRO E 198 -3.43 -36.04 -42.34
CA PRO E 198 -4.34 -36.76 -43.26
C PRO E 198 -4.17 -38.27 -43.18
N ASN E 199 -2.94 -38.76 -43.06
CA ASN E 199 -2.68 -40.20 -43.01
C ASN E 199 -2.66 -40.72 -41.58
N SER E 200 -3.73 -40.45 -40.83
CA SER E 200 -3.84 -40.88 -39.45
C SER E 200 -5.25 -41.34 -39.18
N ASN E 201 -5.40 -42.18 -38.16
CA ASN E 201 -6.71 -42.72 -37.80
C ASN E 201 -7.50 -41.69 -37.00
N VAL E 202 -8.73 -41.42 -37.44
CA VAL E 202 -9.59 -40.43 -36.83
C VAL E 202 -10.87 -41.13 -36.37
N LEU E 203 -11.22 -40.95 -35.10
CA LEU E 203 -12.35 -41.65 -34.49
C LEU E 203 -13.32 -40.62 -33.92
N ASN E 204 -14.46 -40.45 -34.58
CA ASN E 204 -15.54 -39.65 -34.04
C ASN E 204 -16.59 -40.57 -33.41
N VAL E 205 -17.71 -39.98 -33.00
CA VAL E 205 -18.74 -40.71 -32.24
C VAL E 205 -19.36 -41.82 -33.08
N ASP E 206 -19.42 -41.63 -34.40
CA ASP E 206 -20.09 -42.58 -35.27
C ASP E 206 -19.32 -43.90 -35.37
N THR E 207 -17.99 -43.84 -35.36
CA THR E 207 -17.20 -45.06 -35.52
C THR E 207 -16.53 -45.54 -34.24
N LEU E 208 -16.16 -44.64 -33.33
CA LEU E 208 -15.46 -45.04 -32.11
C LEU E 208 -16.45 -45.72 -31.16
N THR E 209 -16.24 -47.01 -30.92
CA THR E 209 -17.05 -47.76 -29.97
C THR E 209 -16.24 -47.92 -28.69
N LEU E 210 -16.67 -47.24 -27.63
CA LEU E 210 -16.04 -47.37 -26.33
C LEU E 210 -16.87 -48.30 -25.47
N PRO E 211 -16.38 -49.49 -25.14
CA PRO E 211 -17.17 -50.40 -24.29
C PRO E 211 -17.42 -49.81 -22.91
N TYR E 212 -18.66 -49.95 -22.44
CA TYR E 212 -19.01 -49.48 -21.11
C TYR E 212 -18.46 -50.39 -20.03
N TRP E 213 -18.22 -51.68 -20.37
CA TRP E 213 -17.73 -52.61 -19.38
C TRP E 213 -16.26 -52.38 -19.05
N LEU E 214 -15.55 -51.60 -19.86
CA LEU E 214 -14.19 -51.19 -19.54
C LEU E 214 -14.14 -50.06 -18.53
N LEU E 215 -15.27 -49.46 -18.20
CA LEU E 215 -15.32 -48.44 -17.15
C LEU E 215 -15.04 -49.10 -15.81
N ASN E 216 -14.24 -48.45 -14.98
CA ASN E 216 -13.86 -49.03 -13.70
C ASN E 216 -14.97 -48.82 -12.66
N GLY E 217 -14.66 -49.06 -11.40
CA GLY E 217 -15.65 -48.90 -10.34
C GLY E 217 -16.09 -47.46 -10.16
N ASP E 218 -15.14 -46.52 -10.23
CA ASP E 218 -15.49 -45.11 -10.05
C ASP E 218 -16.29 -44.57 -11.23
N GLU E 219 -15.92 -44.96 -12.45
CA GLU E 219 -16.57 -44.40 -13.63
C GLU E 219 -17.96 -44.99 -13.86
N LEU E 220 -18.14 -46.29 -13.58
CA LEU E 220 -19.47 -46.89 -13.70
C LEU E 220 -20.44 -46.29 -12.69
N GLU E 221 -19.96 -46.06 -11.46
CA GLU E 221 -20.79 -45.40 -10.46
C GLU E 221 -21.02 -43.93 -10.80
N GLU E 222 -20.07 -43.28 -11.46
CA GLU E 222 -20.26 -41.90 -11.86
C GLU E 222 -21.28 -41.77 -12.99
N LEU E 223 -21.25 -42.72 -13.93
CA LEU E 223 -22.16 -42.65 -15.07
C LEU E 223 -23.60 -42.92 -14.67
N PHE E 224 -23.83 -43.85 -13.74
CA PHE E 224 -25.17 -44.29 -13.41
C PHE E 224 -25.64 -43.86 -12.02
N LEU E 225 -24.84 -44.06 -10.99
CA LEU E 225 -25.26 -43.73 -9.63
C LEU E 225 -25.18 -42.22 -9.40
N ASP E 226 -25.76 -41.79 -8.28
CA ASP E 226 -25.67 -40.41 -7.82
C ASP E 226 -24.70 -40.32 -6.64
N THR E 227 -23.70 -39.45 -6.77
CA THR E 227 -22.78 -39.22 -5.67
C THR E 227 -23.46 -38.47 -4.54
N GLU E 228 -24.33 -37.51 -4.87
CA GLU E 228 -25.00 -36.69 -3.86
C GLU E 228 -25.96 -37.53 -3.01
N ALA E 229 -26.63 -38.51 -3.63
CA ALA E 229 -27.53 -39.38 -2.87
C ALA E 229 -26.73 -40.27 -1.91
N ASN E 230 -25.71 -40.96 -2.43
CA ASN E 230 -24.82 -41.85 -1.68
C ASN E 230 -25.64 -42.92 -0.94
N ASP E 231 -26.34 -43.74 -1.72
CA ASP E 231 -27.19 -44.78 -1.18
C ASP E 231 -26.42 -46.09 -1.14
N HIS E 232 -26.25 -46.64 0.06
CA HIS E 232 -25.45 -47.85 0.23
C HIS E 232 -26.16 -49.09 -0.30
N ASN E 233 -27.49 -49.13 -0.23
CA ASN E 233 -28.22 -50.28 -0.77
C ASN E 233 -28.24 -50.25 -2.31
N GLN E 234 -28.41 -49.06 -2.89
CA GLN E 234 -28.37 -48.95 -4.35
C GLN E 234 -26.99 -49.23 -4.90
N ARG E 235 -25.95 -48.83 -4.17
CA ARG E 235 -24.58 -49.10 -4.60
C ARG E 235 -24.27 -50.59 -4.52
N ASN E 236 -24.74 -51.26 -3.47
CA ASN E 236 -24.41 -52.67 -3.26
C ASN E 236 -25.05 -53.57 -4.31
N VAL E 237 -26.32 -53.30 -4.66
CA VAL E 237 -26.99 -54.13 -5.67
C VAL E 237 -26.41 -53.86 -7.06
N PHE E 238 -25.95 -52.64 -7.32
CA PHE E 238 -25.34 -52.32 -8.60
C PHE E 238 -24.02 -53.06 -8.78
N ARG E 239 -23.25 -53.20 -7.71
CA ARG E 239 -21.99 -53.91 -7.78
C ARG E 239 -22.21 -55.42 -7.98
N GLN E 240 -23.14 -56.00 -7.21
CA GLN E 240 -23.34 -57.45 -7.28
C GLN E 240 -24.09 -57.89 -8.52
N ALA E 241 -24.90 -57.01 -9.13
CA ALA E 241 -25.48 -57.33 -10.42
C ALA E 241 -24.42 -57.33 -11.51
N ILE E 242 -23.52 -56.34 -11.47
CA ILE E 242 -22.48 -56.23 -12.49
C ILE E 242 -21.44 -57.33 -12.31
N THR E 243 -21.05 -57.63 -11.06
CA THR E 243 -20.06 -58.67 -10.79
C THR E 243 -20.55 -60.03 -11.25
N LEU E 244 -21.82 -60.35 -10.95
CA LEU E 244 -22.39 -61.62 -11.38
C LEU E 244 -22.49 -61.69 -12.90
N ASN E 245 -22.87 -60.59 -13.54
CA ASN E 245 -23.00 -60.57 -14.99
C ASN E 245 -21.65 -60.75 -15.69
N LYS E 246 -20.58 -60.23 -15.09
CA LYS E 246 -19.25 -60.47 -15.63
C LYS E 246 -18.86 -61.93 -15.51
N LYS E 247 -19.31 -62.61 -14.45
CA LYS E 247 -18.99 -64.02 -14.26
C LYS E 247 -19.71 -64.91 -15.25
N ILE E 248 -21.02 -64.69 -15.44
CA ILE E 248 -21.80 -65.62 -16.26
C ILE E 248 -21.46 -65.47 -17.74
N HIS E 249 -20.94 -64.32 -18.16
CA HIS E 249 -20.49 -64.16 -19.53
C HIS E 249 -19.04 -64.52 -19.74
N PHE E 250 -18.31 -64.84 -18.68
CA PHE E 250 -16.92 -65.23 -18.81
C PHE E 250 -16.80 -66.61 -19.45
N GLN E 251 -15.99 -66.71 -20.50
CA GLN E 251 -15.71 -67.94 -21.21
C GLN E 251 -14.21 -68.17 -21.11
N GLY E 252 -13.78 -68.82 -20.03
CA GLY E 252 -12.37 -69.00 -19.81
C GLY E 252 -12.09 -69.99 -18.71
N ASP E 253 -10.90 -69.86 -18.13
CA ASP E 253 -10.46 -70.78 -17.09
C ASP E 253 -11.24 -70.45 -15.82
N PRO E 254 -11.79 -71.46 -15.13
CA PRO E 254 -12.50 -71.19 -13.86
C PRO E 254 -11.66 -70.51 -12.79
N ALA E 255 -10.34 -70.68 -12.79
CA ALA E 255 -9.49 -69.98 -11.83
C ALA E 255 -9.52 -68.48 -12.06
N THR E 256 -9.56 -68.05 -13.32
CA THR E 256 -9.71 -66.64 -13.64
C THR E 256 -11.13 -66.16 -13.29
N LYS E 257 -12.11 -67.06 -13.38
CA LYS E 257 -13.50 -66.71 -13.10
C LYS E 257 -13.71 -66.29 -11.66
N GLU E 258 -13.02 -66.95 -10.72
CA GLU E 258 -13.26 -66.68 -9.30
C GLU E 258 -12.73 -65.31 -8.87
N ILE E 259 -11.68 -64.82 -9.53
CA ILE E 259 -11.11 -63.53 -9.16
C ILE E 259 -11.78 -62.36 -9.87
N ILE E 260 -12.79 -62.62 -10.70
CA ILE E 260 -13.52 -61.54 -11.36
C ILE E 260 -14.29 -60.73 -10.33
N SER E 261 -14.10 -59.42 -10.37
CA SER E 261 -14.71 -58.51 -9.41
C SER E 261 -15.52 -57.45 -10.16
N PHE E 262 -16.05 -56.50 -9.40
CA PHE E 262 -16.81 -55.40 -9.97
C PHE E 262 -15.92 -54.49 -10.82
N HIS E 263 -14.69 -54.28 -10.39
CA HIS E 263 -13.75 -53.40 -11.08
C HIS E 263 -12.95 -54.12 -12.17
N SER E 264 -13.03 -55.44 -12.25
CA SER E 264 -12.27 -56.17 -13.26
C SER E 264 -12.87 -55.92 -14.65
N PRO E 265 -12.04 -55.66 -15.65
CA PRO E 265 -12.52 -55.27 -17.00
C PRO E 265 -13.00 -56.45 -17.87
N TYR E 266 -14.20 -56.92 -17.58
CA TYR E 266 -14.81 -58.02 -18.32
C TYR E 266 -16.19 -57.60 -18.81
N TYR E 267 -16.64 -58.29 -19.87
CA TYR E 267 -17.89 -57.92 -20.52
C TYR E 267 -19.08 -58.32 -19.68
N PHE E 268 -19.94 -57.35 -19.39
CA PHE E 268 -21.26 -57.59 -18.83
C PHE E 268 -22.28 -56.86 -19.69
N ASP E 269 -23.52 -57.35 -19.69
CA ASP E 269 -24.57 -56.78 -20.52
C ASP E 269 -25.36 -55.85 -19.62
N ILE E 270 -25.46 -54.58 -20.03
CA ILE E 270 -26.12 -53.58 -19.21
C ILE E 270 -27.64 -53.76 -19.18
N ASN E 271 -28.22 -54.38 -20.21
CA ASN E 271 -29.66 -54.62 -20.20
C ASN E 271 -30.03 -55.66 -19.15
N GLU E 272 -29.19 -56.68 -18.98
CA GLU E 272 -29.44 -57.69 -17.96
C GLU E 272 -29.25 -57.12 -16.56
N VAL E 273 -28.31 -56.19 -16.38
CA VAL E 273 -28.10 -55.55 -15.09
C VAL E 273 -29.32 -54.72 -14.68
N ILE E 274 -29.91 -54.01 -15.64
CA ILE E 274 -31.13 -53.25 -15.37
C ILE E 274 -32.27 -54.19 -15.00
N ASN E 275 -32.38 -55.32 -15.70
CA ASN E 275 -33.42 -56.30 -15.41
C ASN E 275 -33.28 -56.88 -14.01
N TYR E 276 -32.03 -57.18 -13.60
CA TYR E 276 -31.79 -57.74 -12.28
C TYR E 276 -32.13 -56.72 -11.19
N ILE E 277 -31.74 -55.46 -11.38
CA ILE E 277 -32.01 -54.43 -10.39
C ILE E 277 -33.50 -54.11 -10.34
N ASN E 278 -34.16 -54.11 -11.49
CA ASN E 278 -35.62 -53.96 -11.53
C ASN E 278 -36.30 -55.16 -10.88
N ASN E 279 -35.72 -56.35 -11.03
CA ASN E 279 -36.26 -57.54 -10.38
C ASN E 279 -36.15 -57.43 -8.86
N ARG E 280 -34.97 -57.07 -8.36
CA ARG E 280 -34.79 -56.98 -6.91
C ARG E 280 -35.56 -55.81 -6.31
N ASN E 281 -36.00 -54.86 -7.13
CA ASN E 281 -36.97 -53.86 -6.69
C ASN E 281 -38.35 -54.47 -6.49
N ASN E 282 -38.65 -55.59 -7.14
CA ASN E 282 -39.92 -56.28 -7.00
C ASN E 282 -39.83 -57.48 -6.07
N GLU E 283 -38.88 -57.48 -5.16
CA GLU E 283 -38.61 -58.66 -4.34
C GLU E 283 -39.76 -58.94 -3.38
N ARG E 284 -40.08 -60.22 -3.22
CA ARG E 284 -41.07 -60.69 -2.26
C ARG E 284 -40.51 -61.92 -1.57
N LYS E 285 -40.74 -62.04 -0.26
CA LYS E 285 -40.26 -63.18 0.52
C LYS E 285 -41.42 -63.91 1.20
N ASN E 286 -41.15 -65.17 1.57
CA ASN E 286 -42.12 -65.97 2.30
C ASN E 286 -41.89 -65.76 3.79
N LYS E 287 -42.40 -66.66 4.61
CA LYS E 287 -42.19 -66.57 6.05
C LYS E 287 -40.91 -67.33 6.44
N ASP E 288 -39.86 -67.16 5.64
CA ASP E 288 -38.54 -67.66 5.98
C ASP E 288 -37.45 -66.72 5.44
N ASN E 289 -37.83 -65.48 5.13
CA ASN E 289 -36.92 -64.40 4.69
C ASN E 289 -36.05 -64.81 3.50
N GLU E 290 -36.60 -65.60 2.58
CA GLU E 290 -35.91 -65.99 1.36
C GLU E 290 -36.77 -65.60 0.17
N HIS E 291 -36.19 -64.87 -0.78
CA HIS E 291 -36.98 -64.36 -1.89
C HIS E 291 -37.25 -65.48 -2.90
N ILE E 292 -38.53 -65.74 -3.13
CA ILE E 292 -38.99 -66.87 -3.93
C ILE E 292 -39.51 -66.33 -5.26
N TRP E 293 -39.07 -66.93 -6.36
CA TRP E 293 -39.48 -66.52 -7.69
C TRP E 293 -39.96 -67.71 -8.49
N SER E 294 -40.73 -67.42 -9.54
CA SER E 294 -41.19 -68.44 -10.47
C SER E 294 -40.93 -67.97 -11.90
N ASP E 295 -40.24 -68.80 -12.67
CA ASP E 295 -40.03 -68.55 -14.09
C ASP E 295 -40.40 -69.77 -14.92
N GLU E 296 -39.97 -69.81 -16.19
CA GLU E 296 -40.41 -70.85 -17.11
C GLU E 296 -39.97 -72.25 -16.64
N GLU E 297 -38.74 -72.38 -16.15
CA GLU E 297 -38.27 -73.69 -15.73
C GLU E 297 -38.90 -74.15 -14.42
N GLY E 298 -39.33 -73.23 -13.57
CA GLY E 298 -40.03 -73.59 -12.37
C GLY E 298 -39.78 -72.58 -11.26
N ASN E 299 -40.25 -72.93 -10.07
CA ASN E 299 -40.04 -72.07 -8.91
C ASN E 299 -38.60 -72.18 -8.44
N PHE E 300 -38.05 -71.06 -7.95
CA PHE E 300 -36.70 -71.04 -7.42
C PHE E 300 -36.58 -69.96 -6.36
N LYS E 301 -35.54 -70.08 -5.54
CA LYS E 301 -35.28 -69.19 -4.44
C LYS E 301 -34.02 -68.39 -4.72
N PHE E 302 -34.06 -67.08 -4.45
CA PHE E 302 -32.93 -66.20 -4.69
C PHE E 302 -31.74 -66.58 -3.82
N ASP E 303 -30.69 -67.08 -4.46
CA ASP E 303 -29.42 -67.39 -3.80
C ASP E 303 -28.32 -67.24 -4.84
N ASN E 304 -27.09 -67.57 -4.44
CA ASN E 304 -25.94 -67.38 -5.33
C ASN E 304 -26.02 -68.26 -6.58
N GLU E 305 -26.60 -69.46 -6.45
CA GLU E 305 -26.75 -70.32 -7.62
C GLU E 305 -27.87 -69.85 -8.54
N ASN E 306 -28.91 -69.22 -7.99
CA ASN E 306 -30.09 -68.85 -8.76
C ASN E 306 -30.19 -67.35 -9.02
N ALA E 307 -29.18 -66.57 -8.64
CA ALA E 307 -29.26 -65.13 -8.87
C ALA E 307 -29.08 -64.75 -10.34
N HIS E 308 -28.48 -65.64 -11.14
CA HIS E 308 -28.34 -65.40 -12.57
C HIS E 308 -29.69 -65.47 -13.29
N ARG E 309 -30.69 -66.12 -12.69
CA ARG E 309 -32.02 -66.19 -13.29
C ARG E 309 -32.69 -64.83 -13.32
N LEU E 310 -32.32 -63.93 -12.41
CA LEU E 310 -32.96 -62.61 -12.34
C LEU E 310 -32.52 -61.67 -13.45
N PHE E 311 -31.51 -62.05 -14.24
CA PHE E 311 -31.14 -61.25 -15.41
C PHE E 311 -32.22 -61.31 -16.48
N LYS E 312 -32.99 -62.39 -16.54
CA LYS E 312 -34.12 -62.48 -17.45
C LYS E 312 -35.29 -61.68 -16.90
N GLU E 313 -35.95 -60.93 -17.79
CA GLU E 313 -37.06 -60.09 -17.37
C GLU E 313 -38.32 -60.91 -17.07
N ASN E 314 -38.47 -62.06 -17.72
CA ASN E 314 -39.69 -62.84 -17.65
C ASN E 314 -39.82 -63.72 -16.40
N VAL E 315 -39.60 -63.13 -15.23
CA VAL E 315 -39.76 -63.83 -13.96
C VAL E 315 -40.81 -63.10 -13.12
N THR E 316 -41.46 -63.86 -12.25
CA THR E 316 -42.50 -63.30 -11.40
C THR E 316 -42.18 -63.54 -9.93
N PRO E 317 -42.43 -62.56 -9.06
CA PRO E 317 -42.20 -62.76 -7.62
C PRO E 317 -43.34 -63.54 -6.99
N ASP E 318 -43.00 -64.40 -6.03
CA ASP E 318 -43.98 -65.20 -5.30
C ASP E 318 -43.63 -65.18 -3.81
N GLY E 319 -44.14 -64.21 -3.09
CA GLY E 319 -43.86 -64.11 -1.66
C GLY E 319 -44.95 -63.33 -0.95
N SER E 320 -45.16 -63.68 0.33
CA SER E 320 -46.23 -63.07 1.11
C SER E 320 -45.87 -61.66 1.57
N SER E 321 -44.61 -61.44 1.93
CA SER E 321 -44.14 -60.14 2.42
C SER E 321 -43.25 -59.48 1.37
N ALA E 322 -43.12 -58.17 1.49
CA ALA E 322 -42.23 -57.43 0.60
C ALA E 322 -40.79 -57.78 0.88
N GLY E 323 -39.98 -57.83 -0.18
CA GLY E 323 -38.61 -58.26 -0.07
C GLY E 323 -37.71 -57.23 0.58
N ALA E 324 -36.43 -57.58 0.68
CA ALA E 324 -35.45 -56.75 1.37
C ALA E 324 -35.22 -55.44 0.61
N LEU E 325 -35.03 -55.51 -0.70
CA LEU E 325 -34.78 -54.34 -1.53
C LEU E 325 -36.04 -53.89 -2.27
N ASN E 326 -37.21 -54.33 -1.82
CA ASN E 326 -38.46 -54.00 -2.52
C ASN E 326 -38.80 -52.54 -2.27
N GLY E 327 -39.15 -51.85 -3.35
CA GLY E 327 -39.56 -50.45 -3.25
C GLY E 327 -38.45 -49.51 -2.87
N LYS E 328 -37.20 -49.86 -3.15
CA LYS E 328 -36.06 -49.02 -2.84
C LYS E 328 -35.23 -48.65 -4.06
N LEU E 329 -35.51 -49.23 -5.21
CA LEU E 329 -34.68 -49.03 -6.40
C LEU E 329 -35.47 -48.44 -7.57
N LEU E 330 -36.70 -47.98 -7.32
CA LEU E 330 -37.54 -47.49 -8.41
C LEU E 330 -36.96 -46.24 -9.06
N ASN E 331 -36.41 -45.34 -8.25
CA ASN E 331 -35.73 -44.17 -8.81
C ASN E 331 -34.43 -44.56 -9.48
N PHE E 332 -33.78 -45.63 -9.00
CA PHE E 332 -32.50 -46.05 -9.55
C PHE E 332 -32.70 -46.65 -10.93
N VAL E 333 -33.71 -47.52 -11.08
CA VAL E 333 -33.97 -48.19 -12.35
C VAL E 333 -34.36 -47.19 -13.42
N ASP E 334 -35.18 -46.20 -13.07
CA ASP E 334 -35.58 -45.17 -14.02
C ASP E 334 -34.38 -44.35 -14.48
N ARG E 335 -33.46 -44.06 -13.56
CA ARG E 335 -32.22 -43.39 -13.94
C ARG E 335 -31.32 -44.32 -14.76
N LEU E 336 -31.35 -45.62 -14.45
CA LEU E 336 -30.47 -46.57 -15.11
C LEU E 336 -30.81 -46.72 -16.60
N GLN E 337 -32.08 -46.82 -16.94
CA GLN E 337 -32.50 -46.99 -18.31
C GLN E 337 -32.72 -45.68 -19.04
N SER E 338 -32.64 -44.55 -18.34
CA SER E 338 -32.66 -43.26 -19.02
C SER E 338 -31.37 -43.04 -19.80
N LYS E 339 -30.24 -43.50 -19.26
CA LYS E 339 -28.97 -43.37 -19.95
C LYS E 339 -28.88 -44.32 -21.13
N ILE E 340 -29.43 -45.53 -20.99
CA ILE E 340 -29.29 -46.56 -22.02
C ILE E 340 -30.10 -46.19 -23.26
N PHE E 341 -31.33 -45.73 -23.06
CA PHE E 341 -32.24 -45.50 -24.17
C PHE E 341 -31.90 -44.25 -24.98
N ASP E 342 -31.01 -43.39 -24.48
CA ASP E 342 -30.68 -42.16 -25.18
C ASP E 342 -29.75 -42.53 -26.34
N LYS E 343 -30.07 -42.04 -27.53
CA LYS E 343 -29.31 -42.37 -28.73
C LYS E 343 -27.97 -41.65 -28.80
N ARG E 344 -27.78 -40.58 -28.02
CA ARG E 344 -26.51 -39.88 -28.03
C ARG E 344 -25.41 -40.69 -27.37
N LEU E 345 -25.77 -41.65 -26.51
CA LEU E 345 -24.81 -42.49 -25.82
C LEU E 345 -24.65 -43.85 -26.49
N ASP E 346 -25.05 -43.95 -27.76
CA ASP E 346 -25.03 -45.24 -28.46
C ASP E 346 -23.62 -45.73 -28.71
N PHE E 347 -22.65 -44.83 -28.79
CA PHE E 347 -21.27 -45.25 -29.01
C PHE E 347 -20.68 -45.90 -27.76
N ILE E 348 -21.17 -45.54 -26.58
CA ILE E 348 -20.61 -46.04 -25.33
C ILE E 348 -21.51 -47.09 -24.70
N LEU E 349 -22.81 -47.05 -25.00
CA LEU E 349 -23.76 -47.94 -24.35
C LEU E 349 -24.63 -48.73 -25.33
N GLY E 350 -24.28 -48.76 -26.61
CA GLY E 350 -25.09 -49.39 -27.62
C GLY E 350 -24.76 -50.85 -27.85
N GLU E 351 -25.32 -51.39 -28.93
CA GLU E 351 -25.08 -52.78 -29.29
C GLU E 351 -23.66 -53.02 -29.80
N GLY E 352 -22.97 -51.97 -30.24
CA GLY E 352 -21.61 -52.14 -30.71
C GLY E 352 -20.62 -52.46 -29.61
N SER E 353 -20.94 -52.07 -28.38
CA SER E 353 -20.08 -52.41 -27.24
C SER E 353 -20.18 -53.87 -26.85
N LYS E 354 -21.22 -54.58 -27.30
CA LYS E 354 -21.33 -56.01 -27.03
C LYS E 354 -20.27 -56.80 -27.78
N SER E 355 -20.06 -56.49 -29.06
CA SER E 355 -19.21 -57.27 -29.92
C SER E 355 -17.74 -56.83 -29.90
N VAL E 356 -17.43 -55.72 -29.26
CA VAL E 356 -16.05 -55.24 -29.23
C VAL E 356 -15.26 -56.04 -28.18
N THR E 357 -13.95 -56.03 -28.34
CA THR E 357 -13.04 -56.79 -27.48
C THR E 357 -12.17 -55.83 -26.69
N PHE E 358 -11.72 -56.27 -25.52
CA PHE E 358 -10.82 -55.48 -24.68
C PHE E 358 -9.51 -55.22 -25.42
N LYS E 359 -8.98 -56.23 -26.10
CA LYS E 359 -7.78 -56.04 -26.90
C LYS E 359 -8.03 -55.12 -28.09
N GLU E 360 -9.19 -55.26 -28.74
CA GLU E 360 -9.52 -54.44 -29.89
C GLU E 360 -9.69 -52.97 -29.50
N THR E 361 -10.21 -52.72 -28.29
CA THR E 361 -10.35 -51.34 -27.81
C THR E 361 -8.99 -50.69 -27.59
N LEU E 362 -8.05 -51.43 -27.00
CA LEU E 362 -6.69 -50.90 -26.80
C LEU E 362 -6.00 -50.66 -28.14
N GLU E 363 -6.18 -51.56 -29.10
CA GLU E 363 -5.60 -51.35 -30.43
C GLU E 363 -6.21 -50.14 -31.12
N THR E 364 -7.49 -49.85 -30.84
CA THR E 364 -8.15 -48.69 -31.44
C THR E 364 -7.61 -47.39 -30.87
N LEU E 365 -7.32 -47.35 -29.57
CA LEU E 365 -6.97 -46.09 -28.91
C LEU E 365 -5.57 -45.60 -29.30
N ILE E 366 -4.59 -46.50 -29.35
CA ILE E 366 -3.23 -46.11 -29.72
C ILE E 366 -2.89 -46.51 -31.16
N SER E 367 -3.91 -46.84 -31.96
CA SER E 367 -3.76 -47.12 -33.40
C SER E 367 -2.80 -48.27 -33.66
N TYR E 368 -3.02 -49.38 -32.95
CA TYR E 368 -2.21 -50.57 -33.12
C TYR E 368 -2.95 -51.67 -33.89
N GLY E 369 -4.09 -51.35 -34.50
CA GLY E 369 -4.89 -52.35 -35.18
C GLY E 369 -4.41 -52.67 -36.57
N LYS E 370 -5.36 -52.87 -37.49
CA LYS E 370 -5.02 -53.15 -38.89
C LYS E 370 -4.31 -51.96 -39.52
N ASP E 371 -4.85 -50.76 -39.32
CA ASP E 371 -4.23 -49.53 -39.79
C ASP E 371 -3.50 -48.89 -38.63
N LYS E 372 -2.18 -48.78 -38.75
CA LYS E 372 -1.34 -48.24 -37.70
C LYS E 372 -0.89 -46.83 -38.07
N SER E 373 -0.97 -45.92 -37.10
CA SER E 373 -0.53 -44.55 -37.29
C SER E 373 0.03 -44.03 -35.98
N ASN E 374 0.95 -43.07 -36.09
CA ASN E 374 1.53 -42.46 -34.90
C ASN E 374 0.52 -41.56 -34.19
N ILE E 375 -0.39 -40.95 -34.94
CA ILE E 375 -1.32 -39.98 -34.42
C ILE E 375 -2.72 -40.59 -34.42
N THR E 376 -3.36 -40.60 -33.26
CA THR E 376 -4.75 -41.00 -33.13
C THR E 376 -5.56 -39.80 -32.69
N ILE E 377 -6.53 -39.40 -33.51
CA ILE E 377 -7.34 -38.23 -33.26
C ILE E 377 -8.72 -38.68 -32.83
N LEU E 378 -9.10 -38.30 -31.61
CA LEU E 378 -10.41 -38.64 -31.05
C LEU E 378 -11.30 -37.42 -31.22
N ASP E 379 -12.08 -37.40 -32.30
CA ASP E 379 -13.02 -36.31 -32.56
C ASP E 379 -14.21 -36.46 -31.63
N VAL E 380 -14.12 -35.82 -30.47
CA VAL E 380 -15.16 -35.91 -29.46
C VAL E 380 -16.04 -34.67 -29.53
N SER E 381 -16.12 -34.08 -30.72
CA SER E 381 -17.06 -32.98 -30.95
C SER E 381 -18.50 -33.45 -30.76
N GLY E 382 -18.83 -34.64 -31.26
CA GLY E 382 -20.16 -35.19 -31.15
C GLY E 382 -20.50 -35.82 -29.83
N VAL E 383 -19.54 -35.91 -28.91
CA VAL E 383 -19.80 -36.45 -27.58
C VAL E 383 -20.64 -35.44 -26.80
N PRO E 384 -21.77 -35.84 -26.22
CA PRO E 384 -22.52 -34.93 -25.35
C PRO E 384 -21.68 -34.54 -24.12
N PHE E 385 -21.84 -33.28 -23.68
CA PHE E 385 -20.91 -32.70 -22.73
C PHE E 385 -20.96 -33.36 -21.36
N GLU E 386 -22.08 -34.01 -21.01
CA GLU E 386 -22.17 -34.65 -19.69
C GLU E 386 -21.34 -35.92 -19.61
N VAL E 387 -21.01 -36.52 -20.74
CA VAL E 387 -20.16 -37.71 -20.77
C VAL E 387 -18.80 -37.41 -21.38
N LEU E 388 -18.50 -36.14 -21.68
CA LEU E 388 -17.14 -35.77 -22.07
C LEU E 388 -16.15 -36.04 -20.95
N SER E 389 -16.53 -35.73 -19.72
CA SER E 389 -15.68 -36.05 -18.58
C SER E 389 -15.58 -37.55 -18.36
N ILE E 390 -16.63 -38.30 -18.70
CA ILE E 390 -16.61 -39.74 -18.54
C ILE E 390 -15.68 -40.37 -19.58
N CYS E 391 -15.79 -39.91 -20.83
CA CYS E 391 -15.07 -40.53 -21.94
C CYS E 391 -13.59 -40.19 -21.91
N VAL E 392 -13.26 -38.95 -21.54
CA VAL E 392 -11.86 -38.56 -21.40
C VAL E 392 -11.21 -39.33 -20.25
N SER E 393 -11.93 -39.49 -19.15
CA SER E 393 -11.40 -40.24 -18.01
C SER E 393 -11.23 -41.72 -18.34
N LEU E 394 -12.12 -42.28 -19.17
CA LEU E 394 -11.99 -43.67 -19.55
C LEU E 394 -10.75 -43.91 -20.42
N ILE E 395 -10.56 -43.05 -21.43
CA ILE E 395 -9.45 -43.24 -22.35
C ILE E 395 -8.12 -42.92 -21.67
N SER E 396 -8.09 -41.88 -20.83
CA SER E 396 -6.86 -41.55 -20.11
C SER E 396 -6.47 -42.63 -19.12
N ARG E 397 -7.45 -43.23 -18.43
CA ARG E 397 -7.13 -44.31 -17.51
C ARG E 397 -6.81 -45.60 -18.25
N LEU E 398 -7.47 -45.85 -19.38
CA LEU E 398 -7.12 -46.99 -20.22
C LEU E 398 -5.72 -46.86 -20.80
N ILE E 399 -5.20 -45.65 -20.92
CA ILE E 399 -3.87 -45.44 -21.47
C ILE E 399 -2.82 -45.44 -20.36
N PHE E 400 -3.14 -44.81 -19.22
CA PHE E 400 -2.23 -44.82 -18.08
C PHE E 400 -2.03 -46.24 -17.55
N GLU E 401 -3.13 -46.99 -17.41
CA GLU E 401 -3.01 -48.34 -16.88
C GLU E 401 -2.34 -49.27 -17.90
N PHE E 402 -2.54 -49.02 -19.19
CA PHE E 402 -1.74 -49.73 -20.19
C PHE E 402 -0.28 -49.34 -20.08
N GLY E 403 -0.01 -48.06 -19.84
CA GLY E 403 1.37 -47.62 -19.62
C GLY E 403 1.95 -48.18 -18.35
N TYR E 404 1.13 -48.33 -17.30
CA TYR E 404 1.61 -48.96 -16.08
C TYR E 404 1.86 -50.45 -16.29
N HIS E 405 0.92 -51.14 -16.94
CA HIS E 405 1.07 -52.57 -17.15
C HIS E 405 2.11 -52.90 -18.21
N SER E 406 2.44 -51.94 -19.09
CA SER E 406 3.60 -52.11 -19.97
C SER E 406 4.89 -52.20 -19.17
N LYS E 407 5.02 -51.37 -18.14
CA LYS E 407 6.23 -51.37 -17.33
C LYS E 407 6.35 -52.63 -16.48
N LYS E 408 5.22 -53.17 -16.02
CA LYS E 408 5.28 -54.34 -15.15
C LYS E 408 5.57 -55.62 -15.93
N ILE E 409 5.21 -55.69 -17.21
CA ILE E 409 5.78 -56.73 -18.08
C ILE E 409 7.29 -56.52 -18.20
N LYS E 410 7.70 -55.28 -18.42
CA LYS E 410 9.09 -55.00 -18.79
C LYS E 410 10.04 -55.18 -17.61
N ARG E 411 9.54 -55.03 -16.37
CA ARG E 411 10.39 -55.29 -15.23
C ARG E 411 10.58 -56.78 -14.99
N LYS E 412 9.58 -57.60 -15.32
CA LYS E 412 9.77 -59.04 -15.27
C LYS E 412 10.77 -59.50 -16.32
N SER E 413 10.75 -58.88 -17.50
CA SER E 413 11.73 -59.14 -18.55
C SER E 413 12.99 -58.31 -18.41
N ASN E 414 13.05 -57.45 -17.38
CA ASN E 414 14.20 -56.58 -17.08
C ASN E 414 14.54 -55.67 -18.27
N GLU E 415 13.51 -55.01 -18.79
CA GLU E 415 13.65 -54.08 -19.91
C GLU E 415 12.98 -52.76 -19.56
N ASN E 416 13.25 -51.75 -20.38
CA ASN E 416 12.54 -50.48 -20.30
C ASN E 416 11.29 -50.54 -21.17
N GLN E 417 10.42 -49.55 -20.98
CA GLN E 417 9.15 -49.52 -21.71
C GLN E 417 9.41 -49.28 -23.20
N ASP E 418 8.80 -50.12 -24.03
CA ASP E 418 9.06 -50.07 -25.48
C ASP E 418 8.42 -48.85 -26.12
N ILE E 419 7.16 -48.56 -25.80
CA ILE E 419 6.43 -47.48 -26.42
C ILE E 419 6.12 -46.41 -25.37
N PRO E 420 6.42 -45.15 -25.63
CA PRO E 420 5.86 -44.07 -24.82
C PRO E 420 4.61 -43.51 -25.47
N ILE E 421 3.74 -42.87 -24.70
CA ILE E 421 2.48 -42.35 -25.22
C ILE E 421 2.32 -40.91 -24.77
N LEU E 422 2.04 -40.02 -25.72
CA LEU E 422 1.67 -38.64 -25.44
C LEU E 422 0.18 -38.48 -25.67
N ILE E 423 -0.51 -37.82 -24.74
CA ILE E 423 -1.91 -37.47 -24.90
C ILE E 423 -2.03 -35.96 -24.95
N VAL E 424 -2.72 -35.46 -25.97
CA VAL E 424 -2.95 -34.03 -26.15
C VAL E 424 -4.35 -33.70 -25.70
N TYR E 425 -4.47 -32.74 -24.80
CA TYR E 425 -5.75 -32.31 -24.24
C TYR E 425 -6.06 -30.91 -24.74
N GLU E 426 -6.74 -30.83 -25.89
CA GLU E 426 -7.30 -29.56 -26.31
C GLU E 426 -8.47 -29.17 -25.43
N GLU E 427 -8.57 -27.86 -25.13
CA GLU E 427 -9.57 -27.30 -24.23
C GLU E 427 -9.51 -27.99 -22.88
N ALA E 428 -8.31 -28.01 -22.30
CA ALA E 428 -8.01 -28.86 -21.15
C ALA E 428 -8.72 -28.44 -19.88
N HIS E 429 -9.25 -27.23 -19.80
CA HIS E 429 -9.93 -26.79 -18.59
C HIS E 429 -11.31 -27.43 -18.43
N LYS E 430 -11.91 -27.93 -19.51
CA LYS E 430 -13.20 -28.59 -19.37
C LYS E 430 -13.07 -29.94 -18.69
N TYR E 431 -12.00 -30.68 -19.00
CA TYR E 431 -11.80 -31.96 -18.32
C TYR E 431 -11.40 -31.75 -16.87
N ALA E 432 -10.47 -30.83 -16.64
CA ALA E 432 -9.82 -30.65 -15.34
C ALA E 432 -9.95 -29.21 -14.89
N PRO E 433 -11.09 -28.83 -14.32
CA PRO E 433 -11.28 -27.47 -13.85
C PRO E 433 -10.70 -27.26 -12.46
N LYS E 434 -10.55 -25.98 -12.10
CA LYS E 434 -10.18 -25.63 -10.73
C LYS E 434 -11.32 -25.94 -9.76
N SER E 435 -12.56 -25.89 -10.24
CA SER E 435 -13.71 -26.16 -9.39
C SER E 435 -13.74 -27.62 -8.95
N ASP E 436 -14.12 -27.85 -7.70
CA ASP E 436 -14.21 -29.17 -7.11
C ASP E 436 -15.57 -29.84 -7.35
N LEU E 437 -16.28 -29.45 -8.40
CA LEU E 437 -17.58 -30.03 -8.70
C LEU E 437 -17.44 -31.49 -9.12
N SER E 438 -18.44 -32.29 -8.76
CA SER E 438 -18.39 -33.73 -8.99
C SER E 438 -18.61 -34.13 -10.43
N LYS E 439 -19.17 -33.24 -11.26
CA LYS E 439 -19.51 -33.61 -12.63
C LYS E 439 -18.26 -33.75 -13.50
N TYR E 440 -17.19 -33.03 -13.17
CA TYR E 440 -15.90 -33.22 -13.81
C TYR E 440 -14.88 -33.86 -12.88
N ARG E 441 -15.33 -34.59 -11.86
CA ARG E 441 -14.41 -35.17 -10.89
C ARG E 441 -13.61 -36.31 -11.48
N THR E 442 -14.28 -37.20 -12.24
CA THR E 442 -13.63 -38.39 -12.75
C THR E 442 -12.58 -38.07 -13.81
N SER E 443 -12.79 -37.02 -14.61
CA SER E 443 -11.80 -36.63 -15.61
C SER E 443 -10.60 -35.95 -14.97
N LYS E 444 -10.80 -35.32 -13.79
CA LYS E 444 -9.69 -34.69 -13.09
C LYS E 444 -8.70 -35.72 -12.58
N GLU E 445 -9.19 -36.76 -11.90
CA GLU E 445 -8.31 -37.74 -11.29
C GLU E 445 -7.61 -38.61 -12.32
N ALA E 446 -8.21 -38.81 -13.49
CA ALA E 446 -7.52 -39.51 -14.57
C ALA E 446 -6.33 -38.70 -15.07
N ILE E 447 -6.52 -37.39 -15.24
CA ILE E 447 -5.43 -36.52 -15.65
C ILE E 447 -4.49 -36.23 -14.49
N GLU E 448 -5.00 -36.26 -13.25
CA GLU E 448 -4.15 -36.14 -12.06
C GLU E 448 -3.12 -37.26 -12.00
N ARG E 449 -3.56 -38.50 -12.21
CA ARG E 449 -2.64 -39.62 -12.04
C ARG E 449 -1.63 -39.70 -13.16
N ILE E 450 -1.97 -39.15 -14.34
CA ILE E 450 -0.99 -39.07 -15.42
C ILE E 450 -0.02 -37.92 -15.17
N ALA E 451 -0.53 -36.79 -14.68
CA ALA E 451 0.34 -35.66 -14.38
C ALA E 451 1.29 -35.96 -13.24
N LYS E 452 0.81 -36.64 -12.20
CA LYS E 452 1.65 -36.90 -11.04
C LYS E 452 2.52 -38.13 -11.21
N GLU E 453 2.02 -39.18 -11.88
CA GLU E 453 2.71 -40.45 -11.92
C GLU E 453 3.01 -40.98 -13.31
N GLY E 454 2.45 -40.38 -14.37
CA GLY E 454 2.62 -40.93 -15.70
C GLY E 454 4.01 -40.77 -16.28
N ARG E 455 4.83 -39.93 -15.66
CA ARG E 455 6.22 -39.74 -16.07
C ARG E 455 7.00 -41.06 -16.09
N LYS E 456 6.71 -41.94 -15.14
CA LYS E 456 7.41 -43.20 -14.99
C LYS E 456 6.78 -44.34 -15.80
N TYR E 457 5.61 -44.12 -16.40
CA TYR E 457 4.91 -45.17 -17.12
C TYR E 457 4.74 -44.88 -18.60
N GLY E 458 5.43 -43.88 -19.13
CA GLY E 458 5.36 -43.61 -20.55
C GLY E 458 4.08 -42.95 -21.00
N VAL E 459 3.37 -42.29 -20.10
CA VAL E 459 2.12 -41.60 -20.41
C VAL E 459 2.26 -40.15 -19.99
N THR E 460 2.15 -39.23 -20.94
CA THR E 460 2.38 -37.81 -20.65
C THR E 460 1.26 -36.96 -21.23
N LEU E 461 1.34 -35.66 -20.96
CA LEU E 461 0.28 -34.72 -21.30
C LEU E 461 0.78 -33.69 -22.31
N LEU E 462 -0.17 -33.13 -23.05
CA LEU E 462 0.02 -31.89 -23.80
C LEU E 462 -1.23 -31.06 -23.52
N LEU E 463 -1.17 -30.24 -22.48
CA LEU E 463 -2.31 -29.44 -22.04
C LEU E 463 -2.40 -28.20 -22.92
N ALA E 464 -3.33 -28.22 -23.87
CA ALA E 464 -3.57 -27.07 -24.75
C ALA E 464 -4.91 -26.44 -24.37
N SER E 465 -4.86 -25.30 -23.69
CA SER E 465 -6.07 -24.67 -23.19
C SER E 465 -6.03 -23.16 -23.43
N GLN E 466 -7.21 -22.59 -23.66
CA GLN E 466 -7.33 -21.15 -23.86
C GLN E 466 -7.31 -20.40 -22.54
N ARG E 467 -7.94 -20.96 -21.51
CA ARG E 467 -8.02 -20.35 -20.19
C ARG E 467 -7.21 -21.20 -19.22
N PRO E 468 -5.91 -20.96 -19.08
CA PRO E 468 -5.11 -21.75 -18.14
C PRO E 468 -5.52 -21.54 -16.69
N SER E 469 -6.14 -20.41 -16.36
CA SER E 469 -6.54 -20.14 -14.97
C SER E 469 -7.58 -21.15 -14.50
N GLU E 470 -8.46 -21.59 -15.40
CA GLU E 470 -9.47 -22.56 -15.01
C GLU E 470 -8.91 -23.97 -14.82
N ILE E 471 -7.74 -24.28 -15.40
CA ILE E 471 -7.10 -25.56 -15.13
C ILE E 471 -6.70 -25.62 -13.67
N SER E 472 -6.79 -26.82 -13.09
CA SER E 472 -6.36 -27.03 -11.72
C SER E 472 -4.87 -26.79 -11.58
N GLU E 473 -4.49 -26.10 -10.50
CA GLU E 473 -3.08 -25.80 -10.26
C GLU E 473 -2.28 -27.07 -10.01
N THR E 474 -2.92 -28.10 -9.49
CA THR E 474 -2.23 -29.35 -9.21
C THR E 474 -1.81 -30.09 -10.48
N ILE E 475 -2.61 -30.02 -11.54
CA ILE E 475 -2.22 -30.66 -12.79
C ILE E 475 -1.30 -29.75 -13.59
N PHE E 476 -1.53 -28.44 -13.51
CA PHE E 476 -0.70 -27.48 -14.25
C PHE E 476 0.71 -27.41 -13.69
N SER E 477 0.88 -27.63 -12.39
CA SER E 477 2.22 -27.57 -11.82
C SER E 477 3.06 -28.79 -12.18
N GLN E 478 2.41 -29.94 -12.38
CA GLN E 478 3.15 -31.14 -12.76
C GLN E 478 3.75 -31.02 -14.15
N CYS E 479 3.16 -30.19 -15.01
CA CYS E 479 3.79 -29.86 -16.27
C CYS E 479 5.08 -29.09 -16.01
N ASN E 480 6.10 -29.37 -16.82
CA ASN E 480 7.39 -28.68 -16.69
C ASN E 480 7.72 -27.82 -17.89
N THR E 481 7.27 -28.20 -19.08
CA THR E 481 7.47 -27.40 -20.28
C THR E 481 6.26 -26.50 -20.48
N PHE E 482 6.53 -25.21 -20.70
CA PHE E 482 5.48 -24.20 -20.76
C PHE E 482 5.66 -23.36 -22.02
N ILE E 483 4.66 -23.41 -22.89
CA ILE E 483 4.64 -22.62 -24.12
C ILE E 483 3.45 -21.67 -24.04
N SER E 484 3.72 -20.38 -24.10
CA SER E 484 2.68 -19.37 -23.98
C SER E 484 2.58 -18.60 -25.30
N MET E 485 1.48 -18.79 -26.01
CA MET E 485 1.30 -18.13 -27.30
C MET E 485 0.99 -16.64 -27.14
N ARG E 486 -0.14 -16.32 -26.54
CA ARG E 486 -0.53 -14.95 -26.28
C ARG E 486 -1.63 -14.92 -25.24
N LEU E 487 -1.38 -14.34 -24.08
CA LEU E 487 -2.39 -14.23 -23.04
C LEU E 487 -2.77 -12.78 -22.88
N THR E 488 -4.05 -12.47 -23.12
CA THR E 488 -4.57 -11.12 -22.97
C THR E 488 -5.51 -10.95 -21.79
N ASN E 489 -6.03 -12.05 -21.25
CA ASN E 489 -6.85 -11.96 -20.05
C ASN E 489 -5.94 -11.73 -18.84
N PRO E 490 -6.12 -10.63 -18.10
CA PRO E 490 -5.24 -10.37 -16.95
C PRO E 490 -5.28 -11.43 -15.87
N ASP E 491 -6.44 -12.07 -15.65
CA ASP E 491 -6.48 -13.20 -14.71
C ASP E 491 -5.69 -14.38 -15.24
N ASP E 492 -5.70 -14.58 -16.56
CA ASP E 492 -4.89 -15.63 -17.18
C ASP E 492 -3.41 -15.27 -17.10
N GLN E 493 -3.09 -13.99 -17.28
CA GLN E 493 -1.69 -13.54 -17.23
C GLN E 493 -1.12 -13.69 -15.84
N ASN E 494 -1.90 -13.32 -14.82
CA ASN E 494 -1.41 -13.37 -13.45
C ASN E 494 -1.29 -14.80 -12.94
N TYR E 495 -2.20 -15.69 -13.34
CA TYR E 495 -2.10 -17.10 -12.94
C TYR E 495 -0.85 -17.74 -13.52
N VAL E 496 -0.56 -17.49 -14.79
CA VAL E 496 0.62 -18.07 -15.42
C VAL E 496 1.90 -17.49 -14.82
N LYS E 497 1.89 -16.21 -14.47
CA LYS E 497 3.04 -15.61 -13.77
C LYS E 497 3.32 -16.33 -12.46
N ARG E 498 2.26 -16.67 -11.71
CA ARG E 498 2.42 -17.45 -10.49
C ARG E 498 2.75 -18.91 -10.76
N LEU E 499 2.58 -19.38 -11.99
CA LEU E 499 2.88 -20.77 -12.33
C LEU E 499 4.17 -20.93 -13.12
N LEU E 500 4.84 -19.83 -13.47
CA LEU E 500 6.08 -19.88 -14.24
C LEU E 500 7.27 -19.69 -13.30
N PRO E 501 8.21 -20.63 -13.25
CA PRO E 501 9.34 -20.47 -12.32
C PRO E 501 10.34 -19.41 -12.81
N ASP E 502 10.73 -18.55 -11.87
CA ASP E 502 11.76 -17.50 -12.04
C ASP E 502 11.39 -16.60 -13.22
N THR E 503 12.35 -16.23 -14.08
CA THR E 503 12.13 -15.58 -15.37
C THR E 503 11.37 -14.25 -15.21
N VAL E 504 12.01 -13.32 -14.51
CA VAL E 504 11.48 -11.98 -14.31
C VAL E 504 11.93 -11.09 -15.47
N GLY E 505 11.01 -10.29 -15.99
CA GLY E 505 11.27 -9.41 -17.10
C GLY E 505 10.95 -9.99 -18.46
N ASP E 506 10.85 -11.31 -18.57
CA ASP E 506 10.55 -11.98 -19.83
C ASP E 506 9.07 -12.37 -19.94
N ILE E 507 8.46 -12.83 -18.85
CA ILE E 507 7.06 -13.23 -18.86
C ILE E 507 6.12 -12.11 -18.45
N THR E 508 6.66 -10.95 -18.07
CA THR E 508 5.91 -9.90 -17.38
C THR E 508 4.76 -9.33 -18.22
N ASN E 509 5.09 -8.67 -19.32
CA ASN E 509 4.06 -8.17 -20.22
C ASN E 509 4.47 -8.35 -21.68
N LEU E 510 5.40 -9.28 -21.96
CA LEU E 510 5.66 -9.66 -23.33
C LEU E 510 4.51 -10.49 -23.91
N LEU E 511 3.85 -11.28 -23.05
CA LEU E 511 2.76 -12.16 -23.49
C LEU E 511 1.58 -11.44 -24.15
N PRO E 512 1.08 -10.29 -23.65
CA PRO E 512 0.05 -9.58 -24.44
C PRO E 512 0.51 -9.12 -25.81
N SER E 513 1.77 -8.73 -25.95
CA SER E 513 2.28 -8.14 -27.17
C SER E 513 2.85 -9.17 -28.14
N LEU E 514 2.76 -10.45 -27.83
CA LEU E 514 3.27 -11.48 -28.72
C LEU E 514 2.43 -11.56 -29.99
N LYS E 515 3.10 -11.67 -31.13
CA LYS E 515 2.39 -11.80 -32.39
C LYS E 515 1.84 -13.22 -32.54
N GLU E 516 1.08 -13.42 -33.61
CA GLU E 516 0.52 -14.73 -33.89
C GLU E 516 1.63 -15.71 -34.27
N GLY E 517 1.59 -16.90 -33.68
CA GLY E 517 2.64 -17.89 -33.87
C GLY E 517 3.90 -17.65 -33.07
N GLU E 518 3.96 -16.57 -32.30
CA GLU E 518 5.14 -16.23 -31.52
C GLU E 518 4.92 -16.68 -30.07
N ALA E 519 5.86 -17.45 -29.54
CA ALA E 519 5.65 -18.17 -28.30
C ALA E 519 6.85 -18.03 -27.37
N LEU E 520 6.58 -18.23 -26.08
CA LEU E 520 7.60 -18.27 -25.03
C LEU E 520 7.70 -19.68 -24.50
N ILE E 521 8.81 -20.36 -24.80
CA ILE E 521 9.06 -21.71 -24.33
C ILE E 521 9.97 -21.64 -23.11
N MET E 522 9.60 -22.37 -22.06
CA MET E 522 10.44 -22.50 -20.88
C MET E 522 10.27 -23.88 -20.29
N GLY E 523 11.21 -24.25 -19.43
CA GLY E 523 11.26 -25.55 -18.81
C GLY E 523 12.67 -26.07 -18.82
N ASP E 524 12.82 -27.32 -18.40
CA ASP E 524 14.14 -27.95 -18.40
C ASP E 524 14.57 -28.38 -19.80
N SER E 525 13.64 -28.46 -20.75
CA SER E 525 13.99 -28.85 -22.11
C SER E 525 14.80 -27.78 -22.82
N ILE E 526 14.45 -26.52 -22.62
CA ILE E 526 15.15 -25.41 -23.27
C ILE E 526 16.21 -24.89 -22.31
N SER E 527 17.30 -24.37 -22.87
CA SER E 527 18.41 -23.89 -22.04
C SER E 527 18.02 -22.64 -21.25
N ILE E 528 17.49 -21.63 -21.93
CA ILE E 528 16.97 -20.44 -21.24
C ILE E 528 15.55 -20.19 -21.75
N PRO E 529 14.68 -19.60 -20.93
CA PRO E 529 13.37 -19.19 -21.45
C PRO E 529 13.53 -18.08 -22.48
N SER E 530 12.98 -18.32 -23.67
CA SER E 530 13.17 -17.39 -24.78
C SER E 530 11.88 -17.26 -25.56
N ILE E 531 11.71 -16.10 -26.19
CA ILE E 531 10.61 -15.86 -27.11
C ILE E 531 11.01 -16.43 -28.47
N VAL E 532 10.22 -17.37 -28.98
CA VAL E 532 10.52 -18.02 -30.24
C VAL E 532 9.37 -17.76 -31.21
N LYS E 533 9.65 -18.00 -32.48
CA LYS E 533 8.66 -17.91 -33.54
C LYS E 533 8.43 -19.33 -34.06
N ILE E 534 7.27 -19.88 -33.77
CA ILE E 534 6.95 -21.25 -34.17
C ILE E 534 6.81 -21.29 -35.68
N GLU E 535 7.47 -22.25 -36.32
CA GLU E 535 7.55 -22.26 -37.77
C GLU E 535 6.20 -22.64 -38.38
N LYS E 536 5.96 -22.13 -39.59
CA LYS E 536 4.64 -22.18 -40.20
C LYS E 536 4.25 -23.62 -40.54
N CYS E 537 2.97 -23.93 -40.31
CA CYS E 537 2.42 -25.24 -40.68
C CYS E 537 2.08 -25.22 -42.16
N THR E 538 2.79 -26.03 -42.96
CA THR E 538 2.41 -26.21 -44.34
C THR E 538 1.09 -26.98 -44.46
N ILE E 539 0.79 -27.83 -43.49
CA ILE E 539 -0.47 -28.54 -43.40
C ILE E 539 -1.14 -28.09 -42.11
N PRO E 540 -2.00 -27.07 -42.16
CA PRO E 540 -2.48 -26.44 -40.93
C PRO E 540 -3.63 -27.22 -40.31
N PRO E 541 -3.90 -27.01 -39.02
CA PRO E 541 -5.11 -27.56 -38.38
C PRO E 541 -6.36 -26.75 -38.69
N SER E 542 -6.98 -27.04 -39.83
CA SER E 542 -8.20 -26.34 -40.22
C SER E 542 -9.40 -27.09 -39.69
N SER E 543 -10.28 -26.38 -39.01
CA SER E 543 -11.56 -26.92 -38.55
C SER E 543 -12.65 -26.44 -39.49
N ILE E 544 -13.45 -27.37 -40.01
CA ILE E 544 -14.54 -26.97 -40.87
C ILE E 544 -15.68 -26.50 -39.96
N ASP E 545 -15.94 -25.20 -40.00
CA ASP E 545 -16.97 -24.57 -39.20
C ASP E 545 -17.94 -23.83 -40.10
N ILE E 546 -19.11 -23.55 -39.56
CA ILE E 546 -20.18 -22.92 -40.32
C ILE E 546 -19.92 -21.42 -40.40
N LYS E 547 -19.84 -20.91 -41.62
CA LYS E 547 -19.69 -19.47 -41.86
C LYS E 547 -21.09 -18.89 -41.94
N TYR E 548 -21.57 -18.30 -40.84
CA TYR E 548 -22.95 -17.85 -40.76
C TYR E 548 -23.26 -16.76 -41.77
N LEU E 549 -22.34 -15.79 -41.93
CA LEU E 549 -22.60 -14.69 -42.84
C LEU E 549 -22.69 -15.16 -44.28
N ASP E 550 -21.83 -16.10 -44.67
CA ASP E 550 -21.90 -16.63 -46.03
C ASP E 550 -23.15 -17.47 -46.25
N GLU E 551 -23.59 -18.20 -45.22
CA GLU E 551 -24.86 -18.92 -45.32
C GLU E 551 -26.06 -18.00 -45.19
N TRP E 552 -25.97 -16.94 -44.38
CA TRP E 552 -27.11 -16.03 -44.24
C TRP E 552 -27.23 -15.10 -45.45
N ARG E 553 -26.13 -14.84 -46.15
CA ARG E 553 -26.19 -13.97 -47.32
C ARG E 553 -27.01 -14.58 -48.45
N LYS E 554 -26.90 -15.88 -48.64
CA LYS E 554 -27.54 -16.52 -49.78
C LYS E 554 -29.05 -16.66 -49.55
N GLU E 555 -29.70 -17.23 -50.56
CA GLU E 555 -31.15 -17.40 -50.58
C GLU E 555 -31.64 -18.23 -49.39
N TRP E 556 -32.78 -17.84 -48.84
CA TRP E 556 -33.55 -18.67 -47.92
C TRP E 556 -33.82 -20.03 -48.54
N VAL E 557 -33.28 -21.07 -47.92
CA VAL E 557 -33.42 -22.42 -48.47
C VAL E 557 -34.78 -22.96 -48.09
N ASP E 558 -35.39 -23.71 -49.02
CA ASP E 558 -36.72 -24.26 -48.82
C ASP E 558 -36.78 -25.77 -48.93
N SER E 559 -35.93 -26.39 -49.75
CA SER E 559 -35.92 -27.83 -49.90
C SER E 559 -35.30 -28.54 -48.69
N GLU E 560 -34.49 -27.83 -47.91
CA GLU E 560 -33.74 -28.48 -46.83
C GLU E 560 -34.61 -28.79 -45.62
N PHE E 561 -35.58 -27.92 -45.29
CA PHE E 561 -36.33 -28.07 -44.05
C PHE E 561 -37.17 -29.34 -44.02
N ASP E 562 -37.73 -29.72 -45.18
CA ASP E 562 -38.54 -30.94 -45.23
C ASP E 562 -37.69 -32.18 -45.00
N LYS E 563 -36.42 -32.16 -45.43
CA LYS E 563 -35.56 -33.32 -45.27
C LYS E 563 -35.10 -33.50 -43.83
N ILE E 564 -34.95 -32.40 -43.09
CA ILE E 564 -34.48 -32.48 -41.70
C ILE E 564 -35.54 -33.12 -40.81
N ILE E 565 -36.81 -32.74 -41.02
CA ILE E 565 -37.88 -33.20 -40.14
C ILE E 565 -38.15 -34.68 -40.36
N GLU E 566 -38.13 -35.14 -41.62
CA GLU E 566 -38.52 -36.52 -41.92
C GLU E 566 -37.47 -37.52 -41.44
N GLN E 567 -36.18 -37.16 -41.46
CA GLN E 567 -35.16 -38.07 -40.98
C GLN E 567 -35.12 -38.09 -39.45
N TRP E 568 -35.47 -36.96 -38.82
CA TRP E 568 -35.67 -36.91 -37.38
C TRP E 568 -36.74 -37.91 -36.96
N SER E 569 -37.81 -38.01 -37.75
CA SER E 569 -38.82 -39.04 -37.51
C SER E 569 -38.27 -40.43 -37.81
N LYS E 570 -37.43 -40.56 -38.84
CA LYS E 570 -36.82 -41.85 -39.16
C LYS E 570 -35.87 -42.30 -38.07
N SER E 571 -35.05 -41.39 -37.55
CA SER E 571 -34.10 -41.73 -36.50
C SER E 571 -34.74 -41.65 -35.12
N ASN F 5 2.16 25.53 -37.29
CA ASN F 5 1.64 24.18 -37.11
C ASN F 5 0.35 24.18 -36.30
N ASP F 6 -0.20 22.99 -36.08
CA ASP F 6 -1.41 22.84 -35.28
C ASP F 6 -1.11 22.31 -33.88
N ILE F 7 -0.34 21.24 -33.79
CA ILE F 7 0.10 20.68 -32.52
C ILE F 7 1.56 20.26 -32.66
N ASN F 8 2.37 20.60 -31.66
CA ASN F 8 3.78 20.21 -31.60
C ASN F 8 3.97 19.30 -30.39
N ALA F 9 3.73 18.02 -30.58
CA ALA F 9 3.97 17.00 -29.57
C ALA F 9 5.21 16.21 -29.95
N GLU F 10 5.77 15.52 -28.95
CA GLU F 10 7.08 14.90 -29.13
C GLU F 10 7.29 13.83 -28.08
N VAL F 11 7.82 12.67 -28.50
CA VAL F 11 8.12 11.60 -27.56
C VAL F 11 9.37 11.97 -26.77
N VAL F 12 9.27 11.86 -25.44
CA VAL F 12 10.38 12.19 -24.56
C VAL F 12 10.94 10.98 -23.83
N SER F 13 10.21 9.89 -23.74
CA SER F 13 10.68 8.70 -23.04
C SER F 13 10.08 7.47 -23.69
N VAL F 14 10.87 6.41 -23.80
CA VAL F 14 10.44 5.16 -24.43
C VAL F 14 10.70 4.01 -23.48
N SER F 15 9.69 3.20 -23.24
CA SER F 15 9.72 1.97 -22.46
C SER F 15 9.47 0.80 -23.40
N PRO F 16 9.57 -0.45 -22.91
CA PRO F 16 9.18 -1.59 -23.76
C PRO F 16 7.75 -1.55 -24.26
N ASN F 17 6.81 -1.07 -23.46
CA ASN F 17 5.42 -1.02 -23.91
C ASN F 17 4.74 0.29 -23.55
N LYS F 18 5.50 1.37 -23.38
CA LYS F 18 4.94 2.61 -22.86
C LYS F 18 5.65 3.78 -23.49
N LEU F 19 4.90 4.81 -23.85
CA LEU F 19 5.41 6.01 -24.50
C LEU F 19 4.97 7.23 -23.71
N LYS F 20 5.89 8.16 -23.48
CA LYS F 20 5.57 9.44 -22.86
C LYS F 20 5.77 10.55 -23.89
N ILE F 21 4.71 11.31 -24.13
CA ILE F 21 4.67 12.34 -25.16
C ILE F 21 4.48 13.69 -24.48
N SER F 22 5.35 14.64 -24.80
CA SER F 22 5.22 16.00 -24.28
C SER F 22 4.68 16.91 -25.37
N VAL F 23 3.54 17.54 -25.12
CA VAL F 23 2.94 18.48 -26.04
C VAL F 23 3.51 19.86 -25.74
N ASP F 24 4.37 20.35 -26.64
CA ASP F 24 5.07 21.60 -26.39
C ASP F 24 4.21 22.80 -26.76
N ASP F 25 3.61 22.79 -27.95
CA ASP F 25 2.74 23.88 -28.39
C ASP F 25 1.40 23.31 -28.82
N LEU F 26 0.32 23.95 -28.34
CA LEU F 26 -1.05 23.60 -28.73
C LEU F 26 -1.74 24.89 -29.16
N GLU F 27 -1.55 25.25 -30.43
CA GLU F 27 -2.18 26.44 -30.96
C GLU F 27 -3.66 26.21 -31.29
N GLU F 28 -4.03 25.00 -31.69
CA GLU F 28 -5.42 24.64 -31.93
C GLU F 28 -5.95 23.86 -30.73
N PHE F 29 -6.95 24.42 -30.05
CA PHE F 29 -7.50 23.79 -28.86
C PHE F 29 -8.36 22.58 -29.22
N LYS F 30 -8.95 22.59 -30.42
CA LYS F 30 -9.89 21.54 -30.83
C LYS F 30 -9.21 20.19 -31.00
N ILE F 31 -7.90 20.19 -31.25
CA ILE F 31 -7.15 18.93 -31.34
C ILE F 31 -7.11 18.25 -29.97
N ALA F 32 -6.96 19.03 -28.90
CA ALA F 32 -6.87 18.45 -27.57
C ALA F 32 -8.19 17.82 -27.14
N GLU F 33 -9.31 18.45 -27.50
CA GLU F 33 -10.61 17.96 -27.04
C GLU F 33 -10.98 16.64 -27.70
N GLU F 34 -10.85 16.56 -29.03
CA GLU F 34 -11.25 15.34 -29.74
C GLU F 34 -10.10 14.38 -29.98
N LYS F 35 -8.97 14.87 -30.47
CA LYS F 35 -7.92 14.00 -30.97
C LYS F 35 -6.91 13.58 -29.91
N LEU F 36 -6.96 14.16 -28.72
CA LEU F 36 -6.03 13.81 -27.65
C LEU F 36 -6.78 13.27 -26.44
N GLY F 37 -7.83 12.48 -26.68
CA GLY F 37 -8.64 11.94 -25.62
C GLY F 37 -7.98 10.79 -24.91
N VAL F 38 -8.75 10.10 -24.08
CA VAL F 38 -8.20 9.01 -23.28
C VAL F 38 -7.83 7.84 -24.17
N GLY F 39 -8.71 7.45 -25.08
CA GLY F 39 -8.43 6.30 -25.93
C GLY F 39 -8.08 6.62 -27.37
N SER F 40 -7.70 7.87 -27.65
CA SER F 40 -7.42 8.27 -29.01
C SER F 40 -6.10 7.68 -29.50
N TYR F 41 -5.92 7.70 -30.82
CA TYR F 41 -4.78 7.09 -31.48
C TYR F 41 -3.82 8.18 -31.94
N LEU F 42 -2.54 7.98 -31.64
CA LEU F 42 -1.47 8.89 -32.05
C LEU F 42 -0.56 8.17 -33.02
N ARG F 43 0.00 8.92 -33.97
CA ARG F 43 1.02 8.39 -34.88
C ARG F 43 2.37 8.99 -34.50
N VAL F 44 3.37 8.12 -34.37
CA VAL F 44 4.69 8.48 -33.85
C VAL F 44 5.70 8.23 -34.95
N SER F 45 6.13 9.29 -35.63
CA SER F 45 7.07 9.13 -36.73
C SER F 45 7.74 10.47 -37.02
N ASP F 46 8.87 10.39 -37.70
CA ASP F 46 9.54 11.56 -38.26
C ASP F 46 9.28 11.72 -39.75
N ASN F 47 8.45 10.85 -40.34
CA ASN F 47 8.14 10.89 -41.75
C ASN F 47 6.72 10.37 -41.95
N GLN F 48 6.11 10.76 -43.05
CA GLN F 48 4.73 10.36 -43.32
C GLN F 48 4.63 9.02 -44.04
N ASP F 49 5.75 8.32 -44.25
CA ASP F 49 5.72 7.03 -44.92
C ASP F 49 5.48 5.89 -43.94
N VAL F 50 6.34 5.75 -42.93
CA VAL F 50 6.25 4.68 -41.94
C VAL F 50 6.04 5.32 -40.57
N ALA F 51 5.04 4.84 -39.85
CA ALA F 51 4.69 5.40 -38.56
C ALA F 51 4.43 4.30 -37.55
N LEU F 52 4.53 4.66 -36.28
CA LEU F 52 4.21 3.80 -35.16
C LEU F 52 2.98 4.36 -34.47
N LEU F 53 1.87 3.61 -34.51
CA LEU F 53 0.67 4.05 -33.83
C LEU F 53 0.68 3.67 -32.37
N ALA F 54 0.23 4.60 -31.53
CA ALA F 54 0.06 4.37 -30.11
C ALA F 54 -1.30 4.88 -29.68
N ILE F 55 -1.96 4.17 -28.78
CA ILE F 55 -3.19 4.64 -28.19
C ILE F 55 -2.83 5.34 -26.88
N ILE F 56 -3.51 6.46 -26.61
CA ILE F 56 -3.28 7.16 -25.35
C ILE F 56 -3.79 6.29 -24.20
N ASP F 57 -3.12 6.39 -23.05
CA ASP F 57 -3.57 5.75 -21.83
C ASP F 57 -3.84 6.73 -20.71
N ASN F 58 -3.06 7.81 -20.62
CA ASN F 58 -3.22 8.79 -19.56
C ASN F 58 -2.63 10.11 -20.05
N PHE F 59 -3.02 11.19 -19.40
CA PHE F 59 -2.49 12.50 -19.72
C PHE F 59 -2.52 13.37 -18.48
N SER F 60 -1.76 14.45 -18.53
CA SER F 60 -1.75 15.43 -17.44
C SER F 60 -1.36 16.77 -18.02
N ILE F 61 -2.18 17.78 -17.77
CA ILE F 61 -1.92 19.15 -18.19
C ILE F 61 -1.76 19.97 -16.92
N GLU F 62 -0.54 20.38 -16.61
CA GLU F 62 -0.26 21.17 -15.42
C GLU F 62 0.25 22.54 -15.83
N VAL F 63 -0.32 23.58 -15.22
CA VAL F 63 0.10 24.95 -15.48
C VAL F 63 0.63 25.55 -14.18
N LYS F 64 1.65 26.39 -14.31
CA LYS F 64 2.26 27.07 -13.17
C LYS F 64 2.32 28.57 -13.41
N GLU F 65 2.74 29.29 -12.35
CA GLU F 65 2.49 30.73 -12.26
C GLU F 65 3.33 31.50 -13.27
N SER F 66 4.59 31.09 -13.48
CA SER F 66 5.44 31.69 -14.50
C SER F 66 6.00 30.69 -15.50
N GLN F 67 5.90 29.39 -15.22
CA GLN F 67 6.46 28.36 -16.09
C GLN F 67 5.51 28.06 -17.25
N LYS F 68 6.05 27.37 -18.26
CA LYS F 68 5.26 26.99 -19.42
C LYS F 68 4.36 25.79 -19.07
N GLN F 69 3.28 25.64 -19.83
CA GLN F 69 2.35 24.54 -19.64
C GLN F 69 3.03 23.20 -19.87
N LYS F 70 2.77 22.25 -18.98
CA LYS F 70 3.39 20.93 -19.01
C LYS F 70 2.32 19.92 -19.38
N TYR F 71 2.11 19.72 -20.69
CA TYR F 71 1.12 18.81 -21.21
C TYR F 71 1.85 17.51 -21.53
N MET F 72 1.61 16.47 -20.76
CA MET F 72 2.24 15.17 -20.96
C MET F 72 1.19 14.14 -21.34
N ILE F 73 1.51 13.33 -22.36
CA ILE F 73 0.63 12.28 -22.84
C ILE F 73 1.33 10.94 -22.67
N GLU F 74 0.65 10.00 -22.03
CA GLU F 74 1.17 8.65 -21.82
C GLU F 74 0.45 7.69 -22.77
N ALA F 75 1.22 6.98 -23.58
CA ALA F 75 0.69 6.17 -24.67
C ALA F 75 1.36 4.80 -24.70
N SER F 76 0.80 3.89 -25.49
CA SER F 76 1.31 2.53 -25.63
C SER F 76 1.31 2.11 -27.10
N PRO F 77 2.46 1.64 -27.62
CA PRO F 77 2.60 1.38 -29.06
C PRO F 77 1.91 0.10 -29.54
N ILE F 78 0.63 0.18 -29.89
CA ILE F 78 -0.11 -1.01 -30.30
C ILE F 78 0.34 -1.61 -31.62
N GLY F 79 1.02 -0.86 -32.49
CA GLY F 79 1.30 -1.39 -33.80
C GLY F 79 2.08 -0.40 -34.64
N LEU F 80 2.07 -0.66 -35.95
CA LEU F 80 2.92 0.06 -36.89
C LEU F 80 2.25 0.06 -38.25
N VAL F 81 2.38 1.17 -38.98
CA VAL F 81 1.87 1.28 -40.34
C VAL F 81 3.02 1.51 -41.30
N LYS F 82 2.89 0.94 -42.51
CA LYS F 82 3.78 1.21 -43.63
C LYS F 82 2.92 1.47 -44.85
N ASN F 83 2.94 2.71 -45.34
CA ASN F 83 2.23 3.13 -46.56
C ASN F 83 0.72 2.86 -46.46
N GLY F 84 0.16 3.11 -45.28
CA GLY F 84 -1.27 2.95 -45.08
C GLY F 84 -1.72 1.55 -44.72
N LYS F 85 -0.80 0.62 -44.50
CA LYS F 85 -1.13 -0.75 -44.11
C LYS F 85 -0.67 -0.97 -42.67
N PHE F 86 -1.60 -1.29 -41.78
CA PHE F 86 -1.30 -1.41 -40.36
C PHE F 86 -0.89 -2.83 -40.03
N TYR F 87 0.17 -2.97 -39.25
CA TYR F 87 0.63 -4.26 -38.75
C TYR F 87 0.62 -4.21 -37.22
N ARG F 88 -0.20 -5.04 -36.60
CA ARG F 88 -0.18 -5.11 -35.14
C ARG F 88 1.09 -5.81 -34.68
N GLY F 89 1.80 -5.19 -33.74
CA GLY F 89 3.06 -5.75 -33.30
C GLY F 89 3.33 -5.56 -31.82
N GLY F 90 4.57 -5.80 -31.42
CA GLY F 90 4.98 -5.64 -30.04
C GLY F 90 6.44 -5.26 -29.91
N ASP F 91 6.71 -4.23 -29.12
CA ASP F 91 8.07 -3.74 -28.85
C ASP F 91 8.81 -3.36 -30.12
N SER F 92 8.12 -2.68 -31.03
CA SER F 92 8.79 -2.00 -32.13
C SER F 92 9.32 -0.66 -31.63
N LEU F 93 10.57 -0.37 -31.90
CA LEU F 93 11.27 0.73 -31.24
C LEU F 93 11.15 2.02 -32.04
N ALA F 94 10.80 3.10 -31.33
CA ALA F 94 10.87 4.46 -31.85
C ALA F 94 11.88 5.21 -30.99
N LEU F 95 13.01 5.57 -31.58
CA LEU F 95 14.05 6.26 -30.83
C LEU F 95 13.68 7.70 -30.56
N PRO F 96 13.64 8.15 -29.30
CA PRO F 96 13.20 9.51 -29.01
C PRO F 96 14.27 10.50 -29.38
N PRO F 97 13.91 11.74 -29.70
CA PRO F 97 12.56 12.29 -29.80
C PRO F 97 11.89 12.04 -31.15
N LYS F 98 10.57 11.86 -31.15
CA LYS F 98 9.82 11.60 -32.38
C LYS F 98 8.62 12.52 -32.43
N LYS F 99 8.37 13.09 -33.61
CA LYS F 99 7.25 13.99 -33.78
C LYS F 99 5.94 13.23 -33.68
N VAL F 100 5.02 13.73 -32.86
CA VAL F 100 3.76 13.07 -32.58
C VAL F 100 2.63 13.98 -33.00
N GLU F 101 1.71 13.45 -33.79
CA GLU F 101 0.47 14.12 -34.17
C GLU F 101 -0.63 13.07 -34.08
N PRO F 102 -1.89 13.50 -33.95
CA PRO F 102 -3.00 12.53 -33.98
C PRO F 102 -3.07 11.79 -35.30
N ALA F 103 -3.44 10.52 -35.22
CA ALA F 103 -3.47 9.66 -36.40
C ALA F 103 -4.56 10.10 -37.36
N LYS F 104 -4.26 9.97 -38.66
CA LYS F 104 -5.20 10.38 -39.68
C LYS F 104 -6.37 9.39 -39.77
N LEU F 105 -7.39 9.79 -40.53
CA LEU F 105 -8.59 8.96 -40.67
C LEU F 105 -8.28 7.63 -41.34
N ASP F 106 -7.45 7.64 -42.38
CA ASP F 106 -7.11 6.41 -43.08
C ASP F 106 -6.26 5.48 -42.23
N GLU F 107 -5.48 6.03 -41.28
CA GLU F 107 -4.67 5.18 -40.41
C GLU F 107 -5.53 4.47 -39.38
N ILE F 108 -6.48 5.18 -38.77
CA ILE F 108 -7.35 4.56 -37.78
C ILE F 108 -8.29 3.54 -38.43
N ILE F 109 -8.74 3.85 -39.65
CA ILE F 109 -9.59 2.92 -40.39
C ILE F 109 -8.84 1.63 -40.69
N SER F 110 -7.56 1.75 -41.05
CA SER F 110 -6.76 0.58 -41.38
C SER F 110 -6.43 -0.31 -40.19
N ILE F 111 -6.65 0.15 -38.96
CA ILE F 111 -6.48 -0.73 -37.81
C ILE F 111 -7.59 -1.77 -37.78
N TYR F 112 -8.81 -1.38 -38.08
CA TYR F 112 -9.99 -2.24 -37.97
C TYR F 112 -10.37 -2.91 -39.28
N SER F 113 -10.06 -2.30 -40.42
CA SER F 113 -10.45 -2.84 -41.71
C SER F 113 -9.47 -3.86 -42.26
N ASP F 114 -8.19 -3.78 -41.87
CA ASP F 114 -7.19 -4.65 -42.45
C ASP F 114 -7.30 -6.08 -41.92
N SER F 115 -7.70 -6.24 -40.66
CA SER F 115 -7.72 -7.56 -40.03
C SER F 115 -8.80 -8.46 -40.62
N ILE F 116 -9.88 -7.88 -41.12
CA ILE F 116 -11.05 -8.64 -41.56
C ILE F 116 -11.22 -8.41 -43.05
N ASP F 117 -11.37 -9.49 -43.80
CA ASP F 117 -11.60 -9.40 -45.24
C ASP F 117 -12.95 -8.73 -45.50
N ILE F 118 -13.02 -7.99 -46.62
CA ILE F 118 -14.17 -7.14 -46.91
C ILE F 118 -15.45 -7.95 -47.06
N ASN F 119 -15.36 -9.18 -47.58
CA ASN F 119 -16.54 -10.02 -47.65
C ASN F 119 -16.95 -10.54 -46.27
N ASP F 120 -15.99 -10.64 -45.35
CA ASP F 120 -16.28 -11.08 -43.98
C ASP F 120 -16.75 -9.94 -43.09
N ARG F 121 -16.66 -8.70 -43.54
CA ARG F 121 -16.98 -7.55 -42.68
C ARG F 121 -18.47 -7.46 -42.37
N PHE F 122 -18.77 -7.15 -41.12
CA PHE F 122 -20.15 -6.96 -40.66
C PHE F 122 -20.13 -5.80 -39.67
N THR F 123 -20.67 -4.67 -40.08
CA THR F 123 -20.58 -3.44 -39.31
C THR F 123 -21.93 -3.10 -38.72
N PHE F 124 -21.96 -2.94 -37.40
CA PHE F 124 -23.15 -2.45 -36.70
C PHE F 124 -22.81 -1.32 -35.74
N SER F 125 -21.57 -0.84 -35.74
CA SER F 125 -21.14 0.18 -34.80
C SER F 125 -19.97 0.95 -35.41
N SER F 126 -19.68 2.10 -34.82
CA SER F 126 -18.55 2.92 -35.19
C SER F 126 -17.77 3.29 -33.93
N LEU F 127 -16.53 3.75 -34.12
CA LEU F 127 -15.69 4.12 -33.00
C LEU F 127 -16.29 5.28 -32.22
N SER F 128 -16.20 5.21 -30.89
CA SER F 128 -16.81 6.21 -30.05
C SER F 128 -16.05 7.54 -30.13
N LEU F 129 -14.73 7.48 -30.12
CA LEU F 129 -13.94 8.71 -30.17
C LEU F 129 -13.86 9.29 -31.58
N ASN F 130 -13.99 8.45 -32.61
CA ASN F 130 -14.00 8.90 -33.99
C ASN F 130 -15.23 8.31 -34.68
N THR F 131 -16.25 9.15 -34.88
CA THR F 131 -17.51 8.66 -35.46
C THR F 131 -17.34 8.23 -36.91
N LYS F 132 -16.35 8.78 -37.61
CA LYS F 132 -16.14 8.44 -39.02
C LYS F 132 -15.53 7.05 -39.20
N VAL F 133 -14.91 6.49 -38.16
CA VAL F 133 -14.33 5.16 -38.23
C VAL F 133 -15.40 4.16 -37.83
N SER F 134 -15.84 3.35 -38.77
CA SER F 134 -16.81 2.29 -38.50
C SER F 134 -16.06 1.00 -38.21
N VAL F 135 -16.40 0.36 -37.10
CA VAL F 135 -15.67 -0.80 -36.60
C VAL F 135 -16.38 -2.05 -37.14
N PRO F 136 -15.77 -2.81 -38.03
CA PRO F 136 -16.36 -4.08 -38.46
C PRO F 136 -15.85 -5.26 -37.65
N VAL F 137 -16.72 -6.25 -37.50
CA VAL F 137 -16.34 -7.51 -36.91
C VAL F 137 -16.32 -8.56 -38.01
N ASN F 138 -15.65 -9.67 -37.74
CA ASN F 138 -15.68 -10.81 -38.64
C ASN F 138 -17.07 -11.40 -38.63
N GLY F 139 -17.83 -11.17 -39.70
CA GLY F 139 -19.25 -11.48 -39.69
C GLY F 139 -19.56 -12.96 -39.59
N ASN F 140 -18.73 -13.80 -40.22
CA ASN F 140 -18.80 -15.23 -39.94
C ASN F 140 -18.56 -15.49 -38.46
N ARG F 141 -17.35 -15.18 -37.99
CA ARG F 141 -16.89 -15.47 -36.64
C ARG F 141 -17.75 -14.83 -35.55
N PHE F 142 -18.49 -13.77 -35.89
CA PHE F 142 -19.37 -13.13 -34.93
C PHE F 142 -20.51 -14.04 -34.52
N PHE F 143 -20.97 -14.91 -35.42
CA PHE F 143 -22.20 -15.64 -35.19
C PHE F 143 -22.05 -17.13 -34.93
N ASN F 144 -21.03 -17.81 -35.46
CA ASN F 144 -20.92 -19.23 -35.11
C ASN F 144 -20.32 -19.42 -33.73
N LYS F 145 -19.77 -18.37 -33.13
CA LYS F 145 -19.35 -18.36 -31.75
C LYS F 145 -20.32 -17.47 -30.99
N HIS F 146 -20.68 -17.88 -29.78
CA HIS F 146 -21.77 -17.25 -29.05
C HIS F 146 -21.43 -15.83 -28.64
N ILE F 147 -22.46 -15.00 -28.57
CA ILE F 147 -22.33 -13.58 -28.26
C ILE F 147 -22.95 -13.33 -26.89
N ALA F 148 -22.27 -12.53 -26.07
CA ALA F 148 -22.78 -12.13 -24.77
C ALA F 148 -22.84 -10.61 -24.72
N ILE F 149 -24.04 -10.06 -24.74
CA ILE F 149 -24.26 -8.63 -24.64
C ILE F 149 -24.67 -8.32 -23.21
N VAL F 150 -23.79 -7.63 -22.48
CA VAL F 150 -24.02 -7.36 -21.07
C VAL F 150 -24.04 -5.86 -20.84
N GLY F 151 -24.77 -5.45 -19.82
CA GLY F 151 -24.93 -4.05 -19.49
C GLY F 151 -25.82 -3.90 -18.30
N SER F 152 -26.11 -2.66 -17.95
CA SER F 152 -27.08 -2.39 -16.90
C SER F 152 -28.45 -2.15 -17.50
N THR F 153 -29.44 -1.95 -16.64
CA THR F 153 -30.76 -1.55 -17.11
C THR F 153 -30.71 -0.12 -17.62
N GLY F 154 -31.15 0.08 -18.85
CA GLY F 154 -31.05 1.38 -19.47
C GLY F 154 -29.70 1.66 -20.10
N SER F 155 -28.84 0.65 -20.24
CA SER F 155 -27.56 0.88 -20.91
C SER F 155 -27.71 0.89 -22.42
N GLY F 156 -28.67 0.13 -22.96
CA GLY F 156 -28.89 0.12 -24.39
C GLY F 156 -28.64 -1.23 -25.05
N LYS F 157 -28.83 -2.32 -24.32
CA LYS F 157 -28.53 -3.63 -24.87
C LYS F 157 -29.70 -4.23 -25.65
N SER F 158 -30.92 -3.73 -25.47
CA SER F 158 -32.02 -4.16 -26.32
C SER F 158 -31.91 -3.52 -27.70
N HIS F 159 -31.50 -2.25 -27.74
CA HIS F 159 -31.29 -1.57 -29.02
C HIS F 159 -30.11 -2.19 -29.76
N THR F 160 -29.08 -2.61 -29.02
CA THR F 160 -27.91 -3.24 -29.62
C THR F 160 -28.27 -4.58 -30.24
N VAL F 161 -29.10 -5.37 -29.56
CA VAL F 161 -29.56 -6.64 -30.12
C VAL F 161 -30.40 -6.39 -31.37
N ALA F 162 -31.29 -5.41 -31.31
CA ALA F 162 -32.15 -5.09 -32.46
C ALA F 162 -31.35 -4.59 -33.65
N LYS F 163 -30.33 -3.76 -33.40
CA LYS F 163 -29.51 -3.24 -34.50
C LYS F 163 -28.68 -4.33 -35.14
N ILE F 164 -28.15 -5.26 -34.34
CA ILE F 164 -27.36 -6.37 -34.89
C ILE F 164 -28.23 -7.24 -35.78
N LEU F 165 -29.46 -7.53 -35.35
CA LEU F 165 -30.33 -8.41 -36.11
C LEU F 165 -30.92 -7.72 -37.34
N GLN F 166 -31.18 -6.41 -37.29
CA GLN F 166 -31.57 -5.70 -38.50
C GLN F 166 -30.45 -5.66 -39.51
N LYS F 167 -29.20 -5.56 -39.05
CA LYS F 167 -28.07 -5.59 -39.97
C LYS F 167 -27.86 -7.00 -40.53
N ALA F 168 -28.22 -8.03 -39.76
CA ALA F 168 -28.04 -9.42 -40.20
C ALA F 168 -29.19 -9.96 -41.03
N VAL F 169 -30.35 -9.29 -41.01
CA VAL F 169 -31.48 -9.72 -41.82
C VAL F 169 -31.40 -9.11 -43.22
N ASP F 170 -30.96 -7.86 -43.35
CA ASP F 170 -30.92 -7.16 -44.62
C ASP F 170 -29.61 -7.36 -45.38
N GLU F 171 -28.79 -8.34 -44.98
CA GLU F 171 -27.56 -8.65 -45.68
C GLU F 171 -27.81 -9.78 -46.67
N LYS F 172 -27.56 -9.52 -47.95
CA LYS F 172 -27.87 -10.45 -49.02
C LYS F 172 -26.68 -10.56 -49.97
N GLN F 173 -26.71 -11.61 -50.79
CA GLN F 173 -25.69 -11.78 -51.82
C GLN F 173 -25.89 -10.83 -52.99
N GLU F 174 -27.06 -10.20 -53.09
CA GLU F 174 -27.48 -9.26 -54.14
C GLU F 174 -27.57 -9.92 -55.51
N GLY F 175 -27.61 -11.24 -55.57
CA GLY F 175 -27.97 -11.97 -56.78
C GLY F 175 -29.45 -12.27 -56.89
N TYR F 176 -30.27 -11.71 -56.01
CA TYR F 176 -31.68 -12.05 -55.90
C TYR F 176 -32.40 -10.91 -55.20
N LYS F 177 -33.74 -10.98 -55.23
CA LYS F 177 -34.60 -10.08 -54.48
C LYS F 177 -35.52 -10.93 -53.61
N GLY F 178 -35.46 -10.73 -52.30
CA GLY F 178 -36.31 -11.48 -51.39
C GLY F 178 -35.64 -11.67 -50.05
N LEU F 179 -36.20 -12.59 -49.28
CA LEU F 179 -35.69 -12.89 -47.94
C LEU F 179 -34.41 -13.70 -48.03
N ASN F 180 -33.46 -13.38 -47.14
CA ASN F 180 -32.21 -14.14 -47.07
C ASN F 180 -32.38 -15.31 -46.10
N ASN F 181 -31.27 -15.97 -45.76
CA ASN F 181 -31.28 -17.20 -44.98
C ASN F 181 -30.97 -16.98 -43.51
N SER F 182 -31.23 -15.79 -42.98
CA SER F 182 -31.07 -15.57 -41.55
C SER F 182 -32.18 -16.28 -40.79
N HIS F 183 -31.83 -16.90 -39.67
CA HIS F 183 -32.79 -17.58 -38.80
C HIS F 183 -32.45 -17.19 -37.37
N ILE F 184 -33.22 -16.24 -36.83
CA ILE F 184 -32.98 -15.69 -35.50
C ILE F 184 -34.24 -15.92 -34.66
N ILE F 185 -34.05 -16.43 -33.45
CA ILE F 185 -35.14 -16.65 -32.51
C ILE F 185 -34.87 -15.81 -31.28
N ILE F 186 -35.82 -14.97 -30.90
CA ILE F 186 -35.69 -14.08 -29.76
C ILE F 186 -36.66 -14.53 -28.68
N PHE F 187 -36.13 -14.78 -27.48
CA PHE F 187 -36.97 -15.05 -26.32
C PHE F 187 -37.32 -13.71 -25.68
N ASP F 188 -38.29 -13.04 -26.30
CA ASP F 188 -38.69 -11.69 -25.91
C ASP F 188 -39.58 -11.77 -24.67
N ILE F 189 -39.02 -11.42 -23.52
CA ILE F 189 -39.75 -11.51 -22.27
C ILE F 189 -40.43 -10.19 -21.91
N HIS F 190 -40.08 -9.09 -22.56
CA HIS F 190 -40.67 -7.79 -22.27
C HIS F 190 -41.58 -7.29 -23.37
N SER F 191 -41.83 -8.09 -24.42
CA SER F 191 -42.70 -7.75 -25.54
C SER F 191 -42.28 -6.46 -26.22
N GLU F 192 -40.98 -6.35 -26.50
CA GLU F 192 -40.41 -5.12 -27.04
C GLU F 192 -39.88 -5.23 -28.47
N TYR F 193 -39.59 -6.44 -28.95
CA TYR F 193 -38.98 -6.61 -30.26
C TYR F 193 -40.00 -6.72 -31.39
N GLU F 194 -41.30 -6.71 -31.09
CA GLU F 194 -42.30 -6.67 -32.14
C GLU F 194 -42.19 -5.38 -32.94
N ASN F 195 -41.95 -4.26 -32.25
CA ASN F 195 -41.82 -2.97 -32.92
C ASN F 195 -40.57 -2.92 -33.79
N ALA F 196 -39.48 -3.54 -33.34
CA ALA F 196 -38.23 -3.49 -34.09
C ALA F 196 -38.31 -4.27 -35.39
N PHE F 197 -39.06 -5.37 -35.40
CA PHE F 197 -39.19 -6.23 -36.58
C PHE F 197 -40.67 -6.37 -36.90
N PRO F 198 -41.24 -5.45 -37.67
CA PRO F 198 -42.69 -5.51 -37.93
C PRO F 198 -43.09 -6.63 -38.87
N ASN F 199 -42.28 -6.92 -39.88
CA ASN F 199 -42.62 -7.95 -40.86
C ASN F 199 -42.39 -9.36 -40.34
N SER F 200 -41.80 -9.52 -39.16
CA SER F 200 -41.47 -10.82 -38.62
C SER F 200 -42.70 -11.47 -37.98
N ASN F 201 -42.51 -12.71 -37.52
CA ASN F 201 -43.57 -13.48 -36.88
C ASN F 201 -43.42 -13.37 -35.36
N VAL F 202 -44.48 -12.93 -34.70
CA VAL F 202 -44.51 -12.75 -33.25
C VAL F 202 -45.48 -13.76 -32.68
N LEU F 203 -45.04 -14.52 -31.68
CA LEU F 203 -45.83 -15.58 -31.06
C LEU F 203 -45.97 -15.31 -29.57
N ASN F 204 -47.16 -14.91 -29.15
CA ASN F 204 -47.49 -14.76 -27.74
C ASN F 204 -48.19 -16.02 -27.24
N VAL F 205 -48.75 -15.96 -26.04
CA VAL F 205 -49.43 -17.12 -25.47
C VAL F 205 -50.68 -17.48 -26.25
N ASP F 206 -51.39 -16.48 -26.77
CA ASP F 206 -52.60 -16.73 -27.52
C ASP F 206 -52.30 -17.34 -28.89
N THR F 207 -51.18 -16.95 -29.50
CA THR F 207 -50.85 -17.43 -30.84
C THR F 207 -50.09 -18.75 -30.80
N LEU F 208 -49.10 -18.87 -29.91
CA LEU F 208 -48.25 -20.06 -29.89
C LEU F 208 -48.99 -21.25 -29.30
N THR F 209 -48.78 -22.42 -29.92
CA THR F 209 -49.22 -23.69 -29.38
C THR F 209 -47.99 -24.58 -29.23
N LEU F 210 -47.72 -25.01 -28.00
CA LEU F 210 -46.58 -25.87 -27.71
C LEU F 210 -47.10 -27.20 -27.20
N PRO F 211 -46.76 -28.32 -27.84
CA PRO F 211 -47.25 -29.62 -27.37
C PRO F 211 -46.54 -30.06 -26.09
N TYR F 212 -47.35 -30.44 -25.10
CA TYR F 212 -46.82 -30.90 -23.82
C TYR F 212 -46.08 -32.23 -23.93
N TRP F 213 -46.38 -33.02 -24.96
CA TRP F 213 -45.78 -34.35 -25.08
C TRP F 213 -44.37 -34.31 -25.68
N LEU F 214 -43.91 -33.17 -26.15
CA LEU F 214 -42.51 -33.03 -26.54
C LEU F 214 -41.61 -32.68 -25.37
N LEU F 215 -42.18 -32.48 -24.19
CA LEU F 215 -41.38 -32.27 -22.99
C LEU F 215 -40.70 -33.56 -22.57
N ASN F 216 -39.50 -33.42 -22.00
CA ASN F 216 -38.81 -34.58 -21.47
C ASN F 216 -39.35 -34.92 -20.07
N GLY F 217 -38.70 -35.88 -19.42
CA GLY F 217 -39.17 -36.31 -18.10
C GLY F 217 -39.01 -35.25 -17.04
N ASP F 218 -37.87 -34.54 -17.05
CA ASP F 218 -37.64 -33.49 -16.05
C ASP F 218 -38.60 -32.33 -16.23
N GLU F 219 -38.90 -31.97 -17.48
CA GLU F 219 -39.83 -30.87 -17.73
C GLU F 219 -41.27 -31.27 -17.42
N LEU F 220 -41.62 -32.53 -17.67
CA LEU F 220 -42.95 -33.01 -17.31
C LEU F 220 -43.14 -33.08 -15.81
N GLU F 221 -42.09 -33.47 -15.08
CA GLU F 221 -42.14 -33.48 -13.62
C GLU F 221 -42.29 -32.07 -13.07
N GLU F 222 -41.55 -31.10 -13.64
CA GLU F 222 -41.61 -29.74 -13.14
C GLU F 222 -42.94 -29.08 -13.46
N LEU F 223 -43.56 -29.42 -14.58
CA LEU F 223 -44.84 -28.82 -14.95
C LEU F 223 -45.96 -29.32 -14.06
N PHE F 224 -45.96 -30.60 -13.72
CA PHE F 224 -47.07 -31.23 -13.00
C PHE F 224 -46.76 -31.47 -11.53
N LEU F 225 -45.68 -32.16 -11.21
CA LEU F 225 -45.35 -32.44 -9.81
C LEU F 225 -44.89 -31.18 -9.09
N ASP F 226 -44.93 -31.24 -7.77
CA ASP F 226 -44.32 -30.25 -6.91
C ASP F 226 -43.20 -30.89 -6.09
N THR F 227 -42.06 -30.21 -6.03
CA THR F 227 -40.99 -30.68 -5.17
C THR F 227 -41.19 -30.31 -3.70
N GLU F 228 -42.16 -29.46 -3.40
CA GLU F 228 -42.47 -29.12 -2.01
C GLU F 228 -42.98 -30.33 -1.25
N ALA F 229 -44.00 -31.00 -1.78
CA ALA F 229 -44.54 -32.18 -1.12
C ALA F 229 -43.57 -33.35 -1.22
N ASN F 230 -43.03 -33.59 -2.42
CA ASN F 230 -42.05 -34.64 -2.70
C ASN F 230 -42.57 -36.01 -2.27
N ASP F 231 -43.80 -36.33 -2.68
CA ASP F 231 -44.41 -37.61 -2.38
C ASP F 231 -43.99 -38.59 -3.47
N HIS F 232 -43.28 -39.65 -3.08
CA HIS F 232 -42.82 -40.65 -4.04
C HIS F 232 -43.97 -41.41 -4.65
N ASN F 233 -45.06 -41.60 -3.90
CA ASN F 233 -46.16 -42.44 -4.37
C ASN F 233 -46.96 -41.75 -5.46
N GLN F 234 -46.98 -40.42 -5.47
CA GLN F 234 -47.52 -39.68 -6.61
C GLN F 234 -46.61 -39.79 -7.82
N ARG F 235 -45.30 -39.86 -7.60
CA ARG F 235 -44.33 -39.84 -8.69
C ARG F 235 -44.37 -41.12 -9.52
N ASN F 236 -44.49 -42.28 -8.87
CA ASN F 236 -44.41 -43.54 -9.61
C ASN F 236 -45.61 -43.75 -10.52
N VAL F 237 -46.82 -43.46 -10.03
CA VAL F 237 -48.01 -43.64 -10.83
C VAL F 237 -48.06 -42.61 -11.97
N PHE F 238 -47.46 -41.44 -11.77
CA PHE F 238 -47.43 -40.42 -12.81
C PHE F 238 -46.56 -40.86 -13.98
N ARG F 239 -45.37 -41.38 -13.68
CA ARG F 239 -44.48 -41.88 -14.73
C ARG F 239 -45.04 -43.13 -15.38
N GLN F 240 -45.67 -44.01 -14.59
CA GLN F 240 -46.23 -45.24 -15.12
C GLN F 240 -47.41 -44.98 -16.03
N ALA F 241 -48.20 -43.94 -15.76
CA ALA F 241 -49.34 -43.63 -16.61
C ALA F 241 -48.91 -43.06 -17.96
N ILE F 242 -47.94 -42.14 -17.95
CA ILE F 242 -47.49 -41.52 -19.20
C ILE F 242 -46.71 -42.50 -20.05
N THR F 243 -45.81 -43.28 -19.44
CA THR F 243 -45.00 -44.22 -20.21
C THR F 243 -45.87 -45.28 -20.88
N LEU F 244 -46.92 -45.73 -20.19
CA LEU F 244 -47.89 -46.62 -20.82
C LEU F 244 -48.65 -45.91 -21.93
N ASN F 245 -49.04 -44.66 -21.70
CA ASN F 245 -49.85 -43.95 -22.68
C ASN F 245 -49.03 -43.55 -23.90
N LYS F 246 -47.73 -43.33 -23.74
CA LYS F 246 -46.88 -43.09 -24.90
C LYS F 246 -46.73 -44.33 -25.77
N LYS F 247 -46.85 -45.53 -25.17
CA LYS F 247 -46.76 -46.76 -25.95
C LYS F 247 -48.02 -46.98 -26.79
N ILE F 248 -49.18 -46.59 -26.27
CA ILE F 248 -50.43 -46.77 -26.99
C ILE F 248 -50.48 -45.90 -28.24
N HIS F 249 -50.20 -44.61 -28.08
CA HIS F 249 -50.35 -43.63 -29.13
C HIS F 249 -49.15 -43.59 -30.07
N PHE F 250 -48.36 -44.65 -30.10
CA PHE F 250 -47.16 -44.74 -30.91
C PHE F 250 -47.45 -45.64 -32.11
N GLN F 251 -47.34 -45.08 -33.32
CA GLN F 251 -47.71 -45.78 -34.54
C GLN F 251 -46.53 -46.41 -35.27
N GLY F 252 -45.33 -46.35 -34.71
CA GLY F 252 -44.16 -46.89 -35.37
C GLY F 252 -44.02 -48.39 -35.14
N ASP F 253 -42.85 -48.90 -35.54
CA ASP F 253 -42.61 -50.33 -35.46
C ASP F 253 -42.32 -50.77 -34.03
N PRO F 254 -42.70 -52.00 -33.67
CA PRO F 254 -42.54 -52.48 -32.29
C PRO F 254 -41.12 -52.46 -31.74
N ALA F 255 -40.09 -52.53 -32.59
CA ALA F 255 -38.71 -52.67 -32.12
C ALA F 255 -38.21 -51.47 -31.34
N THR F 256 -38.83 -50.30 -31.50
CA THR F 256 -38.55 -49.13 -30.68
C THR F 256 -39.67 -48.82 -29.71
N LYS F 257 -40.65 -49.72 -29.55
CA LYS F 257 -41.66 -49.56 -28.51
C LYS F 257 -41.12 -49.95 -27.13
N GLU F 258 -40.18 -50.89 -27.07
CA GLU F 258 -39.62 -51.28 -25.77
C GLU F 258 -38.69 -50.22 -25.20
N ILE F 259 -38.21 -49.28 -26.01
CA ILE F 259 -37.38 -48.18 -25.51
C ILE F 259 -38.19 -46.91 -25.32
N ILE F 260 -39.53 -46.99 -25.39
CA ILE F 260 -40.38 -45.88 -24.98
C ILE F 260 -40.24 -45.69 -23.48
N SER F 261 -39.98 -44.44 -23.07
CA SER F 261 -39.75 -44.14 -21.66
C SER F 261 -40.60 -42.94 -21.27
N PHE F 262 -40.49 -42.57 -20.00
CA PHE F 262 -41.09 -41.34 -19.51
C PHE F 262 -40.47 -40.12 -20.18
N HIS F 263 -39.16 -40.18 -20.43
CA HIS F 263 -38.42 -39.07 -21.01
C HIS F 263 -38.50 -39.00 -22.52
N SER F 264 -39.01 -40.04 -23.18
CA SER F 264 -39.03 -40.06 -24.64
C SER F 264 -40.07 -39.06 -25.18
N PRO F 265 -39.75 -38.35 -26.27
CA PRO F 265 -40.66 -37.33 -26.83
C PRO F 265 -41.71 -37.88 -27.79
N TYR F 266 -42.73 -38.52 -27.22
CA TYR F 266 -43.77 -39.16 -28.00
C TYR F 266 -45.13 -38.73 -27.48
N TYR F 267 -46.13 -38.75 -28.37
CA TYR F 267 -47.42 -38.18 -28.04
C TYR F 267 -48.15 -39.06 -27.03
N PHE F 268 -48.72 -38.42 -26.01
CA PHE F 268 -49.56 -39.09 -25.03
C PHE F 268 -50.72 -38.17 -24.68
N ASP F 269 -51.82 -38.78 -24.25
CA ASP F 269 -53.04 -38.05 -23.95
C ASP F 269 -53.07 -37.73 -22.46
N ILE F 270 -52.99 -36.44 -22.12
CA ILE F 270 -52.94 -36.01 -20.73
C ILE F 270 -54.28 -36.22 -20.02
N ASN F 271 -55.39 -36.25 -20.76
CA ASN F 271 -56.67 -36.56 -20.11
C ASN F 271 -56.78 -38.05 -19.79
N GLU F 272 -56.21 -38.90 -20.63
CA GLU F 272 -56.18 -40.33 -20.34
C GLU F 272 -55.24 -40.64 -19.18
N VAL F 273 -54.14 -39.90 -19.08
CA VAL F 273 -53.21 -40.06 -17.96
C VAL F 273 -53.89 -39.69 -16.65
N ILE F 274 -54.67 -38.60 -16.65
CA ILE F 274 -55.43 -38.21 -15.47
C ILE F 274 -56.50 -39.25 -15.16
N ASN F 275 -57.14 -39.80 -16.20
CA ASN F 275 -58.16 -40.82 -16.00
C ASN F 275 -57.60 -42.09 -15.37
N TYR F 276 -56.42 -42.52 -15.82
CA TYR F 276 -55.76 -43.67 -15.20
C TYR F 276 -55.37 -43.36 -13.77
N ILE F 277 -54.87 -42.16 -13.53
CA ILE F 277 -54.42 -41.77 -12.19
C ILE F 277 -55.61 -41.63 -11.26
N ASN F 278 -56.71 -41.08 -11.77
CA ASN F 278 -57.95 -41.01 -11.01
C ASN F 278 -58.53 -42.41 -10.76
N ASN F 279 -58.43 -43.29 -11.75
CA ASN F 279 -58.90 -44.66 -11.56
C ASN F 279 -58.08 -45.39 -10.52
N ARG F 280 -56.75 -45.21 -10.52
CA ARG F 280 -55.89 -45.88 -9.55
C ARG F 280 -56.16 -45.40 -8.13
N ASN F 281 -56.77 -44.22 -7.96
CA ASN F 281 -57.28 -43.75 -6.69
C ASN F 281 -58.54 -44.48 -6.26
N ASN F 282 -59.18 -45.21 -7.18
CA ASN F 282 -60.37 -46.00 -6.90
C ASN F 282 -60.11 -47.50 -6.95
N GLU F 283 -58.90 -47.91 -6.58
CA GLU F 283 -58.51 -49.31 -6.65
C GLU F 283 -59.22 -50.14 -5.58
N ARG F 284 -59.47 -51.40 -5.89
CA ARG F 284 -60.08 -52.32 -4.94
C ARG F 284 -59.20 -53.54 -4.77
N LYS F 285 -59.05 -53.99 -3.52
CA LYS F 285 -58.23 -55.15 -3.18
C LYS F 285 -59.14 -56.32 -2.85
N ASN F 286 -58.93 -57.44 -3.53
CA ASN F 286 -59.77 -58.62 -3.36
C ASN F 286 -59.12 -59.58 -2.37
N LYS F 287 -59.80 -60.70 -2.09
CA LYS F 287 -59.24 -61.75 -1.27
C LYS F 287 -58.02 -62.38 -1.93
N ASP F 288 -58.02 -62.45 -3.26
CA ASP F 288 -56.89 -62.96 -4.02
C ASP F 288 -55.78 -61.93 -4.23
N ASN F 289 -55.97 -60.69 -3.73
CA ASN F 289 -55.00 -59.60 -3.78
C ASN F 289 -54.70 -59.15 -5.22
N GLU F 290 -55.61 -59.41 -6.14
CA GLU F 290 -55.59 -58.84 -7.48
C GLU F 290 -56.64 -57.74 -7.58
N HIS F 291 -56.41 -56.80 -8.50
CA HIS F 291 -57.34 -55.72 -8.74
C HIS F 291 -58.24 -56.07 -9.92
N ILE F 292 -59.54 -55.92 -9.73
CA ILE F 292 -60.55 -56.29 -10.72
C ILE F 292 -61.30 -55.03 -11.14
N TRP F 293 -61.48 -54.86 -12.45
CA TRP F 293 -62.19 -53.72 -13.01
C TRP F 293 -63.21 -54.21 -14.01
N SER F 294 -64.32 -53.48 -14.13
CA SER F 294 -65.40 -53.83 -15.03
C SER F 294 -65.50 -52.81 -16.15
N ASP F 295 -65.61 -53.29 -17.39
CA ASP F 295 -65.69 -52.44 -18.55
C ASP F 295 -66.67 -53.06 -19.55
N GLU F 296 -67.04 -52.27 -20.56
CA GLU F 296 -67.94 -52.76 -21.60
C GLU F 296 -67.27 -53.85 -22.43
N GLU F 297 -65.96 -53.71 -22.68
CA GLU F 297 -65.24 -54.73 -23.44
C GLU F 297 -65.18 -56.06 -22.70
N GLY F 298 -65.02 -56.00 -21.37
CA GLY F 298 -64.99 -57.22 -20.59
C GLY F 298 -64.57 -56.94 -19.16
N ASN F 299 -64.25 -58.03 -18.46
CA ASN F 299 -63.80 -57.97 -17.07
C ASN F 299 -62.36 -58.46 -17.04
N PHE F 300 -61.49 -57.74 -16.35
CA PHE F 300 -60.07 -58.04 -16.44
C PHE F 300 -59.41 -57.82 -15.09
N LYS F 301 -58.17 -58.30 -14.98
CA LYS F 301 -57.31 -58.11 -13.84
C LYS F 301 -56.27 -57.04 -14.17
N PHE F 302 -55.75 -56.37 -13.14
CA PHE F 302 -54.78 -55.30 -13.31
C PHE F 302 -53.42 -55.88 -13.74
N ASP F 303 -53.36 -56.27 -15.01
CA ASP F 303 -52.13 -56.71 -15.64
C ASP F 303 -51.61 -55.58 -16.54
N ASN F 304 -50.31 -55.63 -16.82
CA ASN F 304 -49.70 -54.61 -17.69
C ASN F 304 -50.29 -54.65 -19.11
N GLU F 305 -50.68 -55.84 -19.58
CA GLU F 305 -51.41 -55.94 -20.84
C GLU F 305 -52.80 -55.30 -20.68
N ASN F 306 -53.45 -55.53 -19.55
CA ASN F 306 -54.81 -55.10 -19.33
C ASN F 306 -54.92 -53.73 -18.65
N ALA F 307 -53.80 -53.11 -18.29
CA ALA F 307 -53.85 -51.78 -17.68
C ALA F 307 -54.21 -50.69 -18.68
N HIS F 308 -54.13 -50.98 -19.99
CA HIS F 308 -54.31 -49.95 -20.99
C HIS F 308 -55.77 -49.51 -21.08
N ARG F 309 -56.70 -50.34 -20.59
CA ARG F 309 -58.11 -49.98 -20.59
C ARG F 309 -58.54 -49.24 -19.33
N LEU F 310 -57.60 -48.89 -18.44
CA LEU F 310 -57.89 -47.95 -17.36
C LEU F 310 -57.92 -46.50 -17.84
N PHE F 311 -57.38 -46.22 -19.04
CA PHE F 311 -57.35 -44.85 -19.56
C PHE F 311 -58.74 -44.28 -19.85
N LYS F 312 -59.76 -45.12 -19.96
CA LYS F 312 -61.13 -44.63 -20.12
C LYS F 312 -61.78 -44.39 -18.77
N GLU F 313 -62.59 -43.33 -18.69
CA GLU F 313 -63.24 -42.93 -17.46
C GLU F 313 -64.43 -43.84 -17.11
N ASN F 314 -64.97 -44.56 -18.09
CA ASN F 314 -66.19 -45.33 -17.92
C ASN F 314 -65.98 -46.70 -17.24
N VAL F 315 -64.87 -46.92 -16.57
CA VAL F 315 -64.64 -48.17 -15.87
C VAL F 315 -65.24 -48.08 -14.46
N THR F 316 -65.56 -49.24 -13.90
CA THR F 316 -66.10 -49.33 -12.55
C THR F 316 -65.34 -50.44 -11.81
N PRO F 317 -64.76 -50.14 -10.66
CA PRO F 317 -63.96 -51.14 -9.95
C PRO F 317 -64.83 -52.19 -9.26
N ASP F 318 -64.21 -53.36 -9.04
CA ASP F 318 -64.86 -54.45 -8.32
C ASP F 318 -63.82 -55.08 -7.40
N GLY F 319 -64.20 -55.30 -6.14
CA GLY F 319 -63.29 -55.89 -5.19
C GLY F 319 -63.89 -55.88 -3.80
N SER F 320 -63.04 -56.18 -2.83
CA SER F 320 -63.45 -56.33 -1.43
C SER F 320 -62.95 -55.20 -0.53
N SER F 321 -61.66 -54.88 -0.58
CA SER F 321 -61.07 -53.90 0.32
C SER F 321 -60.34 -52.84 -0.50
N ALA F 322 -59.79 -51.85 0.19
CA ALA F 322 -59.14 -50.73 -0.48
C ALA F 322 -57.80 -51.18 -1.08
N GLY F 323 -57.48 -50.65 -2.26
CA GLY F 323 -56.32 -51.06 -3.00
C GLY F 323 -55.03 -50.45 -2.46
N ALA F 324 -53.96 -50.66 -3.22
CA ALA F 324 -52.64 -50.20 -2.79
C ALA F 324 -52.54 -48.67 -2.84
N LEU F 325 -53.08 -48.05 -3.89
CA LEU F 325 -53.04 -46.60 -4.06
C LEU F 325 -54.42 -45.97 -3.90
N ASN F 326 -55.20 -46.46 -2.94
CA ASN F 326 -56.51 -45.89 -2.65
C ASN F 326 -56.39 -44.74 -1.68
N GLY F 327 -56.97 -43.60 -2.06
CA GLY F 327 -57.05 -42.45 -1.18
C GLY F 327 -55.83 -41.56 -1.15
N LYS F 328 -54.76 -41.91 -1.84
CA LYS F 328 -53.52 -41.14 -1.79
C LYS F 328 -53.21 -40.43 -3.10
N LEU F 329 -54.16 -40.38 -4.04
CA LEU F 329 -53.94 -39.71 -5.32
C LEU F 329 -54.99 -38.65 -5.63
N LEU F 330 -55.91 -38.37 -4.71
CA LEU F 330 -56.96 -37.39 -5.02
C LEU F 330 -56.40 -35.98 -5.06
N ASN F 331 -55.51 -35.64 -4.12
CA ASN F 331 -54.82 -34.35 -4.19
C ASN F 331 -53.90 -34.28 -5.40
N PHE F 332 -53.42 -35.43 -5.88
CA PHE F 332 -52.61 -35.45 -7.08
C PHE F 332 -53.47 -35.27 -8.33
N VAL F 333 -54.70 -35.81 -8.31
CA VAL F 333 -55.62 -35.63 -9.44
C VAL F 333 -56.06 -34.17 -9.53
N ASP F 334 -56.43 -33.57 -8.39
CA ASP F 334 -56.94 -32.20 -8.39
C ASP F 334 -55.88 -31.20 -8.82
N ARG F 335 -54.61 -31.42 -8.46
CA ARG F 335 -53.57 -30.52 -8.90
C ARG F 335 -53.27 -30.70 -10.39
N LEU F 336 -53.28 -31.94 -10.88
CA LEU F 336 -53.17 -32.16 -12.32
C LEU F 336 -54.35 -31.58 -13.07
N GLN F 337 -55.55 -31.71 -12.52
CA GLN F 337 -56.73 -31.12 -13.15
C GLN F 337 -56.72 -29.61 -13.03
N SER F 338 -56.07 -29.06 -12.00
CA SER F 338 -55.93 -27.61 -11.91
C SER F 338 -55.02 -27.07 -13.00
N LYS F 339 -53.93 -27.79 -13.29
CA LYS F 339 -53.02 -27.36 -14.34
C LYS F 339 -53.66 -27.49 -15.73
N ILE F 340 -54.41 -28.56 -15.94
CA ILE F 340 -54.94 -28.84 -17.28
C ILE F 340 -56.03 -27.86 -17.65
N PHE F 341 -56.93 -27.57 -16.72
CA PHE F 341 -58.05 -26.69 -16.99
C PHE F 341 -57.72 -25.24 -16.65
N ASP F 342 -56.46 -24.94 -16.33
CA ASP F 342 -56.00 -23.57 -16.22
C ASP F 342 -55.95 -22.94 -17.60
N LYS F 343 -56.62 -21.80 -17.76
CA LYS F 343 -56.61 -21.11 -19.04
C LYS F 343 -55.30 -20.38 -19.29
N ARG F 344 -54.50 -20.15 -18.25
CA ARG F 344 -53.19 -19.55 -18.42
C ARG F 344 -52.23 -20.50 -19.13
N LEU F 345 -52.38 -21.81 -18.90
CA LEU F 345 -51.54 -22.83 -19.51
C LEU F 345 -52.18 -23.45 -20.74
N ASP F 346 -53.10 -22.73 -21.39
CA ASP F 346 -53.78 -23.27 -22.56
C ASP F 346 -52.85 -23.43 -23.75
N PHE F 347 -51.79 -22.63 -23.81
CA PHE F 347 -50.83 -22.74 -24.90
C PHE F 347 -50.00 -24.02 -24.82
N ILE F 348 -49.81 -24.57 -23.62
CA ILE F 348 -48.98 -25.74 -23.43
C ILE F 348 -49.85 -26.97 -23.16
N LEU F 349 -51.03 -26.77 -22.58
CA LEU F 349 -51.82 -27.89 -22.09
C LEU F 349 -53.26 -27.86 -22.61
N GLY F 350 -53.55 -27.05 -23.61
CA GLY F 350 -54.90 -26.94 -24.13
C GLY F 350 -55.21 -28.02 -25.15
N GLU F 351 -56.36 -27.85 -25.80
CA GLU F 351 -56.77 -28.78 -26.84
C GLU F 351 -55.93 -28.65 -28.10
N GLY F 352 -55.32 -27.48 -28.33
CA GLY F 352 -54.46 -27.31 -29.48
C GLY F 352 -53.14 -28.06 -29.36
N SER F 353 -52.65 -28.26 -28.13
CA SER F 353 -51.39 -28.97 -27.93
C SER F 353 -51.54 -30.45 -28.28
N LYS F 354 -52.73 -31.02 -28.02
CA LYS F 354 -52.97 -32.40 -28.40
C LYS F 354 -53.08 -32.55 -29.91
N SER F 355 -53.75 -31.63 -30.57
CA SER F 355 -54.01 -31.76 -32.00
C SER F 355 -52.80 -31.40 -32.86
N VAL F 356 -51.87 -30.61 -32.33
CA VAL F 356 -50.73 -30.15 -33.14
C VAL F 356 -49.77 -31.30 -33.38
N THR F 357 -49.14 -31.30 -34.56
CA THR F 357 -48.15 -32.30 -34.92
C THR F 357 -46.74 -31.78 -34.67
N PHE F 358 -45.78 -32.71 -34.72
CA PHE F 358 -44.39 -32.35 -34.42
C PHE F 358 -43.79 -31.46 -35.49
N LYS F 359 -44.15 -31.68 -36.76
CA LYS F 359 -43.62 -30.86 -37.84
C LYS F 359 -44.13 -29.43 -37.75
N GLU F 360 -45.39 -29.25 -37.34
CA GLU F 360 -45.97 -27.92 -37.25
C GLU F 360 -45.31 -27.08 -36.16
N THR F 361 -44.78 -27.73 -35.11
CA THR F 361 -44.11 -27.01 -34.05
C THR F 361 -42.80 -26.39 -34.54
N LEU F 362 -42.04 -27.14 -35.35
CA LEU F 362 -40.78 -26.61 -35.87
C LEU F 362 -40.98 -25.61 -37.00
N GLU F 363 -42.13 -25.64 -37.68
CA GLU F 363 -42.46 -24.55 -38.59
C GLU F 363 -42.86 -23.29 -37.85
N THR F 364 -43.33 -23.42 -36.61
CA THR F 364 -43.73 -22.26 -35.82
C THR F 364 -42.53 -21.59 -35.17
N LEU F 365 -41.63 -22.39 -34.58
CA LEU F 365 -40.50 -21.85 -33.84
C LEU F 365 -39.42 -21.30 -34.76
N ILE F 366 -39.37 -21.73 -36.01
CA ILE F 366 -38.31 -21.34 -36.92
C ILE F 366 -38.84 -20.39 -38.01
N SER F 367 -40.17 -20.30 -38.17
CA SER F 367 -40.88 -19.58 -39.23
C SER F 367 -40.58 -20.20 -40.59
N TYR F 368 -40.85 -21.50 -40.70
CA TYR F 368 -40.85 -22.22 -41.95
C TYR F 368 -42.25 -22.65 -42.34
N GLY F 369 -43.26 -21.94 -41.84
CA GLY F 369 -44.64 -22.28 -42.10
C GLY F 369 -45.20 -21.62 -43.35
N LYS F 370 -46.44 -21.15 -43.29
CA LYS F 370 -47.06 -20.53 -44.45
C LYS F 370 -46.42 -19.18 -44.76
N ASP F 371 -45.99 -18.45 -43.75
CA ASP F 371 -45.32 -17.15 -43.92
C ASP F 371 -43.90 -17.22 -43.38
N LYS F 372 -42.94 -17.34 -44.28
CA LYS F 372 -41.53 -17.43 -43.91
C LYS F 372 -41.04 -16.10 -43.33
N SER F 373 -40.22 -16.19 -42.29
CA SER F 373 -39.67 -15.00 -41.65
C SER F 373 -38.26 -15.28 -41.16
N ASN F 374 -37.40 -14.27 -41.28
CA ASN F 374 -36.03 -14.41 -40.81
C ASN F 374 -35.95 -14.44 -39.30
N ILE F 375 -36.83 -13.72 -38.62
CA ILE F 375 -36.81 -13.58 -37.17
C ILE F 375 -38.12 -14.09 -36.61
N THR F 376 -38.03 -15.01 -35.65
CA THR F 376 -39.19 -15.49 -34.92
C THR F 376 -39.10 -14.93 -33.51
N ILE F 377 -40.05 -14.08 -33.14
CA ILE F 377 -40.10 -13.50 -31.80
C ILE F 377 -41.07 -14.30 -30.96
N LEU F 378 -40.55 -14.95 -29.92
CA LEU F 378 -41.37 -15.68 -28.96
C LEU F 378 -41.69 -14.73 -27.81
N ASP F 379 -42.84 -14.10 -27.86
CA ASP F 379 -43.26 -13.18 -26.81
C ASP F 379 -43.73 -14.01 -25.62
N VAL F 380 -42.82 -14.25 -24.68
CA VAL F 380 -43.11 -15.08 -23.53
C VAL F 380 -43.46 -14.22 -22.30
N SER F 381 -43.88 -12.97 -22.52
CA SER F 381 -44.29 -12.12 -21.41
C SER F 381 -45.56 -12.63 -20.76
N GLY F 382 -46.51 -13.13 -21.55
CA GLY F 382 -47.73 -13.68 -21.02
C GLY F 382 -47.61 -15.07 -20.43
N VAL F 383 -46.47 -15.73 -20.63
CA VAL F 383 -46.24 -17.06 -20.05
C VAL F 383 -46.15 -16.94 -18.54
N PRO F 384 -46.83 -17.79 -17.76
CA PRO F 384 -46.66 -17.76 -16.31
C PRO F 384 -45.22 -18.06 -15.90
N PHE F 385 -44.79 -17.40 -14.83
CA PHE F 385 -43.38 -17.46 -14.43
C PHE F 385 -42.97 -18.85 -13.96
N GLU F 386 -43.92 -19.63 -13.44
CA GLU F 386 -43.59 -20.95 -12.92
C GLU F 386 -43.36 -21.97 -14.03
N VAL F 387 -43.86 -21.71 -15.24
CA VAL F 387 -43.66 -22.61 -16.37
C VAL F 387 -42.74 -21.99 -17.42
N LEU F 388 -42.18 -20.81 -17.15
CA LEU F 388 -41.41 -20.09 -18.18
C LEU F 388 -40.11 -20.81 -18.52
N SER F 389 -39.44 -21.40 -17.51
CA SER F 389 -38.24 -22.17 -17.78
C SER F 389 -38.56 -23.46 -18.52
N ILE F 390 -39.75 -24.02 -18.30
CA ILE F 390 -40.18 -25.21 -19.03
C ILE F 390 -40.36 -24.90 -20.51
N CYS F 391 -40.95 -23.74 -20.83
CA CYS F 391 -41.15 -23.36 -22.22
C CYS F 391 -39.84 -22.99 -22.90
N VAL F 392 -38.94 -22.33 -22.17
CA VAL F 392 -37.64 -21.97 -22.73
C VAL F 392 -36.81 -23.22 -23.01
N SER F 393 -36.82 -24.17 -22.07
CA SER F 393 -36.04 -25.40 -22.25
C SER F 393 -36.60 -26.28 -23.35
N LEU F 394 -37.93 -26.31 -23.49
CA LEU F 394 -38.53 -27.11 -24.55
C LEU F 394 -38.15 -26.57 -25.92
N ILE F 395 -38.22 -25.25 -26.09
CA ILE F 395 -37.91 -24.64 -27.38
C ILE F 395 -36.42 -24.73 -27.66
N SER F 396 -35.57 -24.46 -26.66
CA SER F 396 -34.14 -24.51 -26.86
C SER F 396 -33.65 -25.93 -27.16
N ARG F 397 -34.30 -26.94 -26.58
CA ARG F 397 -33.98 -28.32 -26.94
C ARG F 397 -34.43 -28.62 -28.36
N LEU F 398 -35.63 -28.17 -28.74
CA LEU F 398 -36.15 -28.45 -30.06
C LEU F 398 -35.34 -27.78 -31.15
N ILE F 399 -34.88 -26.54 -30.89
CA ILE F 399 -34.09 -25.83 -31.90
C ILE F 399 -32.72 -26.46 -32.03
N PHE F 400 -32.10 -26.84 -30.91
CA PHE F 400 -30.79 -27.47 -30.96
C PHE F 400 -30.85 -28.84 -31.64
N GLU F 401 -31.89 -29.63 -31.33
CA GLU F 401 -32.02 -30.94 -31.94
C GLU F 401 -32.33 -30.85 -33.43
N PHE F 402 -32.96 -29.75 -33.86
CA PHE F 402 -33.11 -29.51 -35.29
C PHE F 402 -31.76 -29.29 -35.94
N GLY F 403 -30.88 -28.52 -35.29
CA GLY F 403 -29.54 -28.35 -35.81
C GLY F 403 -28.69 -29.60 -35.68
N TYR F 404 -28.96 -30.42 -34.66
CA TYR F 404 -28.25 -31.68 -34.51
C TYR F 404 -28.59 -32.64 -35.65
N HIS F 405 -29.87 -32.74 -36.01
CA HIS F 405 -30.30 -33.55 -37.13
C HIS F 405 -30.10 -32.85 -38.47
N SER F 406 -29.76 -31.56 -38.46
CA SER F 406 -29.34 -30.88 -39.67
C SER F 406 -28.05 -31.49 -40.22
N LYS F 407 -27.11 -31.82 -39.34
CA LYS F 407 -25.84 -32.38 -39.77
C LYS F 407 -25.98 -33.83 -40.21
N LYS F 408 -26.97 -34.55 -39.71
CA LYS F 408 -27.16 -35.93 -40.12
C LYS F 408 -27.67 -36.00 -41.56
N ILE F 409 -28.45 -35.00 -41.98
CA ILE F 409 -28.79 -34.85 -43.39
C ILE F 409 -27.56 -34.52 -44.20
N LYS F 410 -26.70 -33.62 -43.69
CA LYS F 410 -25.69 -32.97 -44.51
C LYS F 410 -24.56 -33.91 -44.92
N ARG F 411 -24.23 -34.91 -44.09
CA ARG F 411 -23.25 -35.88 -44.55
C ARG F 411 -23.87 -36.90 -45.48
N LYS F 412 -25.17 -37.16 -45.37
CA LYS F 412 -25.82 -38.14 -46.23
C LYS F 412 -26.00 -37.61 -47.64
N SER F 413 -26.41 -36.35 -47.77
CA SER F 413 -26.64 -35.75 -49.08
C SER F 413 -25.40 -35.08 -49.66
N ASN F 414 -24.46 -34.67 -48.80
CA ASN F 414 -23.25 -33.93 -49.16
C ASN F 414 -23.64 -32.67 -49.95
N GLU F 415 -24.32 -31.78 -49.25
CA GLU F 415 -24.87 -30.58 -49.85
C GLU F 415 -24.44 -29.35 -49.06
N ASN F 416 -24.14 -28.27 -49.79
CA ASN F 416 -23.64 -27.05 -49.16
C ASN F 416 -24.74 -26.32 -48.40
N GLN F 417 -26.01 -26.51 -48.79
CA GLN F 417 -27.11 -25.76 -48.21
C GLN F 417 -27.30 -26.09 -46.73
N ASP F 418 -27.36 -25.05 -45.90
CA ASP F 418 -27.34 -25.21 -44.45
C ASP F 418 -28.26 -24.16 -43.84
N ILE F 419 -28.80 -24.49 -42.67
CA ILE F 419 -29.69 -23.61 -41.92
C ILE F 419 -28.99 -23.26 -40.61
N PRO F 420 -28.38 -22.08 -40.51
CA PRO F 420 -27.82 -21.64 -39.24
C PRO F 420 -28.82 -20.84 -38.42
N ILE F 421 -28.90 -21.16 -37.13
CA ILE F 421 -29.87 -20.56 -36.23
C ILE F 421 -29.13 -19.86 -35.10
N LEU F 422 -29.52 -18.61 -34.83
CA LEU F 422 -29.07 -17.86 -33.67
C LEU F 422 -30.25 -17.66 -32.74
N ILE F 423 -30.05 -17.93 -31.44
CA ILE F 423 -31.09 -17.79 -30.44
C ILE F 423 -30.72 -16.61 -29.54
N VAL F 424 -31.66 -15.70 -29.32
CA VAL F 424 -31.43 -14.54 -28.49
C VAL F 424 -32.14 -14.77 -27.16
N TYR F 425 -31.36 -14.80 -26.08
CA TYR F 425 -31.89 -14.97 -24.73
C TYR F 425 -31.82 -13.61 -24.02
N GLU F 426 -32.90 -12.86 -24.12
CA GLU F 426 -33.05 -11.68 -23.28
C GLU F 426 -33.30 -12.11 -21.85
N GLU F 427 -32.68 -11.40 -20.91
CA GLU F 427 -32.66 -11.76 -19.48
C GLU F 427 -32.14 -13.18 -19.30
N ALA F 428 -30.91 -13.40 -19.75
CA ALA F 428 -30.33 -14.73 -19.76
C ALA F 428 -29.90 -15.21 -18.37
N HIS F 429 -29.87 -14.32 -17.39
CA HIS F 429 -29.40 -14.71 -16.06
C HIS F 429 -30.41 -15.55 -15.31
N LYS F 430 -31.69 -15.44 -15.66
CA LYS F 430 -32.71 -16.20 -14.96
C LYS F 430 -33.04 -17.52 -15.65
N TYR F 431 -32.82 -17.63 -16.95
CA TYR F 431 -32.92 -18.94 -17.60
C TYR F 431 -31.72 -19.81 -17.27
N ALA F 432 -30.54 -19.21 -17.07
CA ALA F 432 -29.31 -19.94 -16.78
C ALA F 432 -28.63 -19.34 -15.56
N PRO F 433 -29.14 -19.61 -14.37
CA PRO F 433 -28.58 -19.00 -13.15
C PRO F 433 -27.35 -19.74 -12.67
N LYS F 434 -26.60 -19.07 -11.79
CA LYS F 434 -25.51 -19.74 -11.09
C LYS F 434 -26.02 -20.74 -10.07
N SER F 435 -27.19 -20.47 -9.48
CA SER F 435 -27.75 -21.36 -8.48
C SER F 435 -28.16 -22.68 -9.10
N ASP F 436 -27.96 -23.76 -8.34
CA ASP F 436 -28.29 -25.11 -8.79
C ASP F 436 -29.68 -25.55 -8.36
N LEU F 437 -30.60 -24.61 -8.18
CA LEU F 437 -31.97 -24.93 -7.81
C LEU F 437 -32.66 -25.68 -8.94
N SER F 438 -33.59 -26.57 -8.57
CA SER F 438 -34.30 -27.38 -9.55
C SER F 438 -35.31 -26.58 -10.36
N LYS F 439 -35.64 -25.36 -9.93
CA LYS F 439 -36.59 -24.53 -10.67
C LYS F 439 -36.04 -24.08 -12.02
N TYR F 440 -34.72 -24.08 -12.21
CA TYR F 440 -34.14 -23.58 -13.44
C TYR F 440 -33.14 -24.53 -14.09
N ARG F 441 -32.98 -25.75 -13.59
CA ARG F 441 -31.99 -26.64 -14.18
C ARG F 441 -32.44 -27.20 -15.53
N THR F 442 -33.74 -27.12 -15.84
CA THR F 442 -34.20 -27.53 -17.15
C THR F 442 -33.75 -26.53 -18.22
N SER F 443 -33.96 -25.24 -17.97
CA SER F 443 -33.54 -24.22 -18.92
C SER F 443 -32.03 -24.01 -18.89
N LYS F 444 -31.39 -24.27 -17.74
CA LYS F 444 -29.93 -24.24 -17.68
C LYS F 444 -29.32 -25.31 -18.58
N GLU F 445 -29.87 -26.52 -18.53
CA GLU F 445 -29.29 -27.63 -19.28
C GLU F 445 -29.48 -27.46 -20.79
N ALA F 446 -30.62 -26.91 -21.20
CA ALA F 446 -30.88 -26.69 -22.62
C ALA F 446 -29.97 -25.61 -23.20
N ILE F 447 -29.76 -24.53 -22.45
CA ILE F 447 -28.88 -23.46 -22.91
C ILE F 447 -27.42 -23.92 -22.89
N GLU F 448 -27.03 -24.68 -21.87
CA GLU F 448 -25.65 -25.12 -21.76
C GLU F 448 -25.31 -26.16 -22.83
N ARG F 449 -26.30 -26.95 -23.27
CA ARG F 449 -26.08 -27.81 -24.42
C ARG F 449 -25.83 -27.00 -25.70
N ILE F 450 -26.57 -25.91 -25.88
CA ILE F 450 -26.35 -25.04 -27.03
C ILE F 450 -25.02 -24.31 -26.91
N ALA F 451 -24.66 -23.90 -25.70
CA ALA F 451 -23.40 -23.17 -25.51
C ALA F 451 -22.19 -24.07 -25.71
N LYS F 452 -22.32 -25.37 -25.45
CA LYS F 452 -21.18 -26.28 -25.52
C LYS F 452 -21.13 -27.09 -26.80
N GLU F 453 -22.27 -27.47 -27.37
CA GLU F 453 -22.28 -28.29 -28.57
C GLU F 453 -22.85 -27.59 -29.80
N GLY F 454 -23.56 -26.48 -29.63
CA GLY F 454 -24.31 -25.90 -30.73
C GLY F 454 -23.47 -25.19 -31.77
N ARG F 455 -22.17 -25.04 -31.54
CA ARG F 455 -21.30 -24.40 -32.51
C ARG F 455 -21.22 -25.19 -33.81
N LYS F 456 -21.09 -26.52 -33.70
CA LYS F 456 -20.91 -27.37 -34.86
C LYS F 456 -22.22 -27.81 -35.51
N TYR F 457 -23.36 -27.55 -34.86
CA TYR F 457 -24.67 -27.92 -35.39
C TYR F 457 -25.45 -26.75 -35.93
N GLY F 458 -24.89 -25.55 -35.93
CA GLY F 458 -25.59 -24.40 -36.49
C GLY F 458 -26.63 -23.80 -35.59
N VAL F 459 -26.59 -24.06 -34.29
CA VAL F 459 -27.50 -23.46 -33.33
C VAL F 459 -26.64 -22.70 -32.33
N THR F 460 -26.52 -21.40 -32.51
CA THR F 460 -25.75 -20.56 -31.61
C THR F 460 -26.67 -19.67 -30.81
N LEU F 461 -26.11 -19.02 -29.80
CA LEU F 461 -26.92 -18.30 -28.83
C LEU F 461 -26.35 -16.91 -28.57
N LEU F 462 -27.25 -15.97 -28.31
CA LEU F 462 -26.91 -14.61 -27.91
C LEU F 462 -27.48 -14.39 -26.52
N LEU F 463 -26.62 -13.97 -25.59
CA LEU F 463 -27.01 -13.75 -24.21
C LEU F 463 -27.10 -12.25 -23.95
N ALA F 464 -28.27 -11.80 -23.50
CA ALA F 464 -28.50 -10.39 -23.19
C ALA F 464 -29.07 -10.32 -21.77
N SER F 465 -28.21 -9.98 -20.81
CA SER F 465 -28.59 -9.95 -19.41
C SER F 465 -28.17 -8.64 -18.77
N GLN F 466 -29.03 -8.09 -17.93
CA GLN F 466 -28.70 -6.90 -17.16
C GLN F 466 -28.00 -7.21 -15.85
N ARG F 467 -27.97 -8.48 -15.44
CA ARG F 467 -27.21 -8.92 -14.27
C ARG F 467 -26.33 -10.07 -14.71
N PRO F 468 -25.17 -9.77 -15.33
CA PRO F 468 -24.30 -10.84 -15.83
C PRO F 468 -23.73 -11.75 -14.75
N SER F 469 -23.55 -11.26 -13.53
CA SER F 469 -22.96 -12.08 -12.49
C SER F 469 -23.88 -13.18 -11.99
N GLU F 470 -25.15 -13.19 -12.39
CA GLU F 470 -26.05 -14.29 -12.08
C GLU F 470 -26.01 -15.39 -13.13
N ILE F 471 -25.48 -15.11 -14.32
CA ILE F 471 -25.32 -16.15 -15.33
C ILE F 471 -24.27 -17.15 -14.85
N SER F 472 -24.51 -18.43 -15.12
CA SER F 472 -23.56 -19.46 -14.74
C SER F 472 -22.27 -19.30 -15.51
N GLU F 473 -21.16 -19.57 -14.84
CA GLU F 473 -19.84 -19.33 -15.43
C GLU F 473 -19.55 -20.28 -16.57
N THR F 474 -20.11 -21.49 -16.54
CA THR F 474 -19.82 -22.46 -17.58
C THR F 474 -20.52 -22.13 -18.88
N ILE F 475 -21.58 -21.34 -18.84
CA ILE F 475 -22.28 -20.92 -20.05
C ILE F 475 -21.73 -19.59 -20.57
N PHE F 476 -21.46 -18.65 -19.67
CA PHE F 476 -20.97 -17.34 -20.06
C PHE F 476 -19.56 -17.42 -20.66
N SER F 477 -18.76 -18.39 -20.24
CA SER F 477 -17.43 -18.55 -20.79
C SER F 477 -17.42 -19.24 -22.15
N GLN F 478 -18.53 -19.85 -22.57
CA GLN F 478 -18.60 -20.42 -23.92
C GLN F 478 -18.73 -19.35 -24.99
N CYS F 479 -19.22 -18.17 -24.63
CA CYS F 479 -19.27 -17.07 -25.58
C CYS F 479 -17.86 -16.60 -25.91
N ASN F 480 -17.67 -16.19 -27.16
CA ASN F 480 -16.39 -15.67 -27.62
C ASN F 480 -16.38 -14.18 -27.84
N THR F 481 -17.43 -13.63 -28.45
CA THR F 481 -17.56 -12.20 -28.64
C THR F 481 -18.41 -11.63 -27.53
N PHE F 482 -17.89 -10.62 -26.83
CA PHE F 482 -18.56 -10.00 -25.71
C PHE F 482 -18.80 -8.54 -26.02
N ILE F 483 -20.07 -8.14 -26.06
CA ILE F 483 -20.43 -6.73 -26.27
C ILE F 483 -20.80 -6.19 -24.89
N SER F 484 -19.82 -5.62 -24.20
CA SER F 484 -20.00 -5.15 -22.84
C SER F 484 -20.43 -3.69 -22.87
N MET F 485 -21.70 -3.44 -22.57
CA MET F 485 -22.22 -2.08 -22.46
C MET F 485 -21.95 -1.57 -21.04
N ARG F 486 -22.62 -0.48 -20.67
CA ARG F 486 -22.35 0.19 -19.40
C ARG F 486 -22.73 -0.72 -18.23
N LEU F 487 -21.71 -1.25 -17.56
CA LEU F 487 -21.88 -2.10 -16.40
C LEU F 487 -21.64 -1.29 -15.15
N THR F 488 -22.54 -1.38 -14.22
CA THR F 488 -22.56 -0.38 -13.16
C THR F 488 -22.50 -0.98 -11.77
N ASN F 489 -23.12 -2.13 -11.55
CA ASN F 489 -22.96 -2.85 -10.29
C ASN F 489 -21.55 -3.42 -10.21
N PRO F 490 -20.84 -3.24 -9.09
CA PRO F 490 -19.48 -3.80 -8.96
C PRO F 490 -19.40 -5.31 -9.04
N ASP F 491 -20.45 -6.03 -8.62
CA ASP F 491 -20.44 -7.48 -8.74
C ASP F 491 -20.47 -7.92 -10.20
N ASP F 492 -21.22 -7.20 -11.04
CA ASP F 492 -21.24 -7.50 -12.46
C ASP F 492 -19.97 -7.02 -13.14
N GLN F 493 -19.35 -5.95 -12.63
CA GLN F 493 -18.06 -5.50 -13.16
C GLN F 493 -16.97 -6.52 -12.88
N ASN F 494 -16.92 -7.06 -11.66
CA ASN F 494 -15.88 -8.01 -11.30
C ASN F 494 -16.09 -9.36 -11.98
N TYR F 495 -17.35 -9.76 -12.20
CA TYR F 495 -17.63 -11.00 -12.91
C TYR F 495 -17.17 -10.92 -14.35
N VAL F 496 -17.46 -9.80 -15.02
CA VAL F 496 -17.20 -9.69 -16.45
C VAL F 496 -15.70 -9.58 -16.70
N LYS F 497 -14.99 -8.81 -15.86
CA LYS F 497 -13.56 -8.58 -16.07
C LYS F 497 -12.74 -9.86 -15.99
N ARG F 498 -13.18 -10.83 -15.19
CA ARG F 498 -12.44 -12.09 -15.09
C ARG F 498 -12.64 -12.94 -16.34
N LEU F 499 -13.86 -13.01 -16.86
CA LEU F 499 -14.17 -13.90 -17.97
C LEU F 499 -14.10 -13.22 -19.33
N LEU F 500 -13.67 -11.96 -19.37
CA LEU F 500 -13.40 -11.31 -20.64
C LEU F 500 -12.14 -11.87 -21.26
N PRO F 501 -12.10 -12.08 -22.59
CA PRO F 501 -10.91 -12.67 -23.21
C PRO F 501 -9.74 -11.71 -23.29
N ASP F 502 -9.98 -10.40 -23.17
CA ASP F 502 -8.95 -9.39 -23.30
C ASP F 502 -9.22 -8.31 -22.26
N THR F 503 -8.37 -7.29 -22.23
CA THR F 503 -8.57 -6.18 -21.33
C THR F 503 -8.26 -4.88 -22.06
N VAL F 504 -8.70 -3.77 -21.45
CA VAL F 504 -8.47 -2.44 -21.99
C VAL F 504 -7.95 -1.57 -20.84
N GLY F 505 -7.33 -0.45 -21.21
CA GLY F 505 -6.79 0.46 -20.22
C GLY F 505 -7.83 1.10 -19.32
N ASP F 506 -7.68 0.89 -18.01
CA ASP F 506 -8.58 1.41 -16.97
C ASP F 506 -10.02 0.96 -17.21
N ILE F 507 -10.18 -0.36 -17.30
CA ILE F 507 -11.51 -0.95 -17.51
C ILE F 507 -12.37 -0.83 -16.26
N THR F 508 -11.75 -0.64 -15.08
CA THR F 508 -12.50 -0.49 -13.84
C THR F 508 -13.33 0.79 -13.84
N ASN F 509 -12.72 1.90 -14.26
CA ASN F 509 -13.44 3.15 -14.34
C ASN F 509 -14.24 3.29 -15.63
N LEU F 510 -13.91 2.47 -16.64
CA LEU F 510 -14.54 2.62 -17.95
C LEU F 510 -15.99 2.14 -17.93
N LEU F 511 -16.22 0.96 -17.33
CA LEU F 511 -17.52 0.29 -17.44
C LEU F 511 -18.69 1.10 -16.87
N PRO F 512 -18.64 1.72 -15.69
CA PRO F 512 -19.75 2.58 -15.30
C PRO F 512 -19.76 3.93 -15.99
N SER F 513 -18.72 4.29 -16.73
CA SER F 513 -18.61 5.57 -17.40
C SER F 513 -19.03 5.52 -18.86
N LEU F 514 -19.51 4.37 -19.34
CA LEU F 514 -19.92 4.27 -20.73
C LEU F 514 -21.19 5.06 -20.97
N LYS F 515 -21.22 5.82 -22.07
CA LYS F 515 -22.36 6.64 -22.41
C LYS F 515 -23.46 5.77 -23.02
N GLU F 516 -24.44 6.40 -23.63
CA GLU F 516 -25.67 5.71 -24.02
C GLU F 516 -25.48 5.09 -25.40
N GLY F 517 -25.54 3.76 -25.48
CA GLY F 517 -25.16 3.04 -26.68
C GLY F 517 -23.68 2.74 -26.78
N GLU F 518 -22.88 3.27 -25.86
CA GLU F 518 -21.46 2.98 -25.81
C GLU F 518 -21.23 1.55 -25.38
N ALA F 519 -20.32 0.86 -26.07
CA ALA F 519 -20.09 -0.56 -25.83
C ALA F 519 -18.59 -0.83 -25.85
N LEU F 520 -18.24 -2.08 -25.57
CA LEU F 520 -16.85 -2.53 -25.55
C LEU F 520 -16.83 -3.96 -26.07
N ILE F 521 -16.35 -4.14 -27.30
CA ILE F 521 -16.42 -5.42 -27.98
C ILE F 521 -15.02 -6.03 -28.02
N MET F 522 -14.91 -7.25 -27.50
CA MET F 522 -13.73 -8.09 -27.67
C MET F 522 -14.15 -9.47 -28.13
N GLY F 523 -13.17 -10.21 -28.66
CA GLY F 523 -13.35 -11.60 -29.01
C GLY F 523 -12.63 -11.92 -30.29
N ASP F 524 -13.00 -13.06 -30.86
CA ASP F 524 -12.43 -13.49 -32.14
C ASP F 524 -12.89 -12.60 -33.27
N SER F 525 -14.05 -11.97 -33.11
CA SER F 525 -14.65 -11.20 -34.20
C SER F 525 -13.88 -9.93 -34.46
N ILE F 526 -13.45 -9.25 -33.40
CA ILE F 526 -12.82 -7.95 -33.49
C ILE F 526 -11.31 -8.13 -33.44
N SER F 527 -10.60 -7.11 -33.95
CA SER F 527 -9.14 -7.16 -33.93
C SER F 527 -8.60 -6.78 -32.56
N ILE F 528 -9.03 -5.63 -32.04
CA ILE F 528 -8.62 -5.18 -30.71
C ILE F 528 -9.86 -4.75 -29.93
N PRO F 529 -9.84 -4.79 -28.60
CA PRO F 529 -10.95 -4.19 -27.83
C PRO F 529 -11.07 -2.70 -28.06
N SER F 530 -12.18 -2.27 -28.64
CA SER F 530 -12.41 -0.88 -28.96
C SER F 530 -13.72 -0.41 -28.35
N ILE F 531 -13.75 0.86 -27.98
CA ILE F 531 -14.97 1.49 -27.48
C ILE F 531 -15.78 1.95 -28.67
N VAL F 532 -16.95 1.36 -28.85
CA VAL F 532 -17.76 1.61 -30.03
C VAL F 532 -19.05 2.32 -29.63
N LYS F 533 -19.62 3.00 -30.61
CA LYS F 533 -20.97 3.54 -30.53
C LYS F 533 -21.84 2.70 -31.45
N ILE F 534 -22.76 1.93 -30.85
CA ILE F 534 -23.68 1.14 -31.65
C ILE F 534 -24.60 2.05 -32.43
N GLU F 535 -24.86 1.68 -33.69
CA GLU F 535 -25.69 2.51 -34.57
C GLU F 535 -27.10 2.64 -34.03
N LYS F 536 -27.64 3.85 -34.12
CA LYS F 536 -28.97 4.13 -33.59
C LYS F 536 -30.02 3.40 -34.42
N CYS F 537 -31.01 2.85 -33.72
CA CYS F 537 -32.06 2.09 -34.38
C CYS F 537 -33.08 3.04 -35.00
N THR F 538 -33.22 2.97 -36.33
CA THR F 538 -34.25 3.75 -37.01
C THR F 538 -35.63 3.27 -36.61
N ILE F 539 -35.82 1.95 -36.55
CA ILE F 539 -37.03 1.35 -36.02
C ILE F 539 -36.71 0.76 -34.65
N PRO F 540 -36.88 1.52 -33.58
CA PRO F 540 -36.36 1.09 -32.27
C PRO F 540 -37.26 0.04 -31.64
N PRO F 541 -36.70 -0.84 -30.81
CA PRO F 541 -37.54 -1.75 -30.02
C PRO F 541 -38.24 -1.02 -28.88
N SER F 542 -39.55 -0.86 -28.99
CA SER F 542 -40.34 -0.12 -28.02
C SER F 542 -41.30 -1.06 -27.33
N SER F 543 -41.31 -1.03 -25.99
CA SER F 543 -42.20 -1.84 -25.19
C SER F 543 -43.37 -0.98 -24.70
N ILE F 544 -44.58 -1.54 -24.78
CA ILE F 544 -45.78 -0.84 -24.35
C ILE F 544 -45.80 -0.89 -22.83
N ASP F 545 -45.37 0.19 -22.20
CA ASP F 545 -45.24 0.27 -20.75
C ASP F 545 -46.30 1.22 -20.19
N ILE F 546 -46.78 0.89 -18.99
CA ILE F 546 -47.85 1.67 -18.36
C ILE F 546 -47.21 2.88 -17.69
N LYS F 547 -47.65 4.07 -18.08
CA LYS F 547 -47.17 5.31 -17.49
C LYS F 547 -48.02 5.59 -16.24
N TYR F 548 -47.50 5.23 -15.07
CA TYR F 548 -48.27 5.37 -13.82
C TYR F 548 -48.60 6.82 -13.52
N LEU F 549 -47.59 7.70 -13.53
CA LEU F 549 -47.85 9.09 -13.16
C LEU F 549 -48.75 9.78 -14.18
N ASP F 550 -48.67 9.39 -15.45
CA ASP F 550 -49.60 9.91 -16.44
C ASP F 550 -51.02 9.40 -16.19
N GLU F 551 -51.16 8.13 -15.85
CA GLU F 551 -52.50 7.58 -15.57
C GLU F 551 -53.01 8.05 -14.21
N TRP F 552 -52.13 8.15 -13.22
CA TRP F 552 -52.57 8.58 -11.90
C TRP F 552 -52.93 10.05 -11.85
N ARG F 553 -52.34 10.87 -12.73
CA ARG F 553 -52.69 12.28 -12.79
C ARG F 553 -54.10 12.48 -13.35
N LYS F 554 -54.59 11.53 -14.13
CA LYS F 554 -55.91 11.61 -14.74
C LYS F 554 -56.99 11.53 -13.67
N GLU F 555 -58.22 11.86 -14.07
CA GLU F 555 -59.36 11.75 -13.17
C GLU F 555 -59.60 10.29 -12.80
N TRP F 556 -60.25 10.10 -11.65
CA TRP F 556 -60.61 8.75 -11.22
C TRP F 556 -61.62 8.18 -12.21
N VAL F 557 -61.32 6.99 -12.72
CA VAL F 557 -62.11 6.38 -13.79
C VAL F 557 -63.15 5.46 -13.15
N ASP F 558 -64.35 5.43 -13.72
CA ASP F 558 -65.46 4.66 -13.18
C ASP F 558 -65.95 3.57 -14.12
N SER F 559 -65.97 3.84 -15.43
CA SER F 559 -66.56 2.91 -16.38
C SER F 559 -65.73 1.66 -16.56
N GLU F 560 -64.41 1.75 -16.36
CA GLU F 560 -63.54 0.63 -16.69
C GLU F 560 -63.62 -0.51 -15.69
N PHE F 561 -63.88 -0.21 -14.41
CA PHE F 561 -63.87 -1.24 -13.38
C PHE F 561 -65.01 -2.24 -13.59
N ASP F 562 -66.18 -1.76 -14.01
CA ASP F 562 -67.31 -2.67 -14.22
C ASP F 562 -67.07 -3.59 -15.41
N LYS F 563 -66.30 -3.14 -16.40
CA LYS F 563 -66.00 -3.97 -17.55
C LYS F 563 -65.00 -5.07 -17.21
N ILE F 564 -64.08 -4.81 -16.28
CA ILE F 564 -63.09 -5.81 -15.90
C ILE F 564 -63.73 -6.97 -15.15
N ILE F 565 -64.72 -6.67 -14.31
CA ILE F 565 -65.35 -7.71 -13.49
C ILE F 565 -66.17 -8.65 -14.35
N GLU F 566 -66.90 -8.13 -15.34
CA GLU F 566 -67.68 -8.98 -16.22
C GLU F 566 -66.80 -9.82 -17.14
N GLN F 567 -65.59 -9.34 -17.44
CA GLN F 567 -64.66 -10.15 -18.22
C GLN F 567 -64.06 -11.26 -17.37
N TRP F 568 -63.74 -10.96 -16.11
CA TRP F 568 -63.23 -11.96 -15.19
C TRP F 568 -64.27 -13.05 -14.95
N SER F 569 -65.53 -12.66 -14.81
CA SER F 569 -66.60 -13.62 -14.52
C SER F 569 -66.89 -14.51 -15.73
N LYS F 570 -66.88 -13.95 -16.94
CA LYS F 570 -67.20 -14.75 -18.12
C LYS F 570 -66.06 -15.71 -18.47
N SER F 571 -64.83 -15.38 -18.08
CA SER F 571 -63.68 -16.23 -18.39
C SER F 571 -62.57 -16.04 -17.37
N LYS G 151 49.72 -50.23 -33.48
CA LYS G 151 49.87 -48.95 -32.82
C LYS G 151 49.90 -47.80 -33.83
N SER G 152 48.77 -47.10 -33.96
CA SER G 152 48.65 -46.00 -34.89
C SER G 152 49.15 -44.71 -34.25
N PHE G 153 48.86 -43.57 -34.88
CA PHE G 153 49.33 -42.29 -34.37
C PHE G 153 48.60 -41.89 -33.09
N ASP G 154 47.30 -42.19 -33.01
CA ASP G 154 46.52 -41.80 -31.84
C ASP G 154 46.92 -42.58 -30.59
N ASP G 155 47.33 -43.84 -30.75
CA ASP G 155 47.82 -44.61 -29.62
C ASP G 155 49.16 -44.08 -29.11
N GLN G 156 50.02 -43.64 -30.03
CA GLN G 156 51.33 -43.13 -29.66
C GLN G 156 51.27 -41.71 -29.08
N LYS G 157 50.14 -41.01 -29.28
CA LYS G 157 50.04 -39.62 -28.82
C LYS G 157 49.95 -39.54 -27.30
N LYS G 158 49.09 -40.36 -26.69
CA LYS G 158 48.84 -40.25 -25.26
C LYS G 158 50.04 -40.71 -24.43
N GLU G 159 50.75 -41.73 -24.91
CA GLU G 159 51.91 -42.25 -24.18
C GLU G 159 53.05 -41.25 -24.22
N THR G 160 53.29 -40.62 -25.38
CA THR G 160 54.33 -39.63 -25.48
C THR G 160 54.03 -38.39 -24.65
N ILE G 161 52.75 -38.03 -24.53
CA ILE G 161 52.34 -36.96 -23.63
C ILE G 161 52.58 -37.37 -22.17
N GLN G 162 52.29 -38.63 -21.84
CA GLN G 162 52.36 -39.07 -20.45
C GLN G 162 53.79 -39.19 -19.96
N ILE G 163 54.71 -39.64 -20.82
CA ILE G 163 56.09 -39.87 -20.38
C ILE G 163 56.80 -38.56 -20.08
N ILE G 164 56.51 -37.50 -20.84
CA ILE G 164 57.18 -36.22 -20.62
C ILE G 164 56.56 -35.46 -19.45
N LYS G 165 55.37 -35.88 -19.00
CA LYS G 165 54.69 -35.20 -17.90
C LYS G 165 55.45 -35.36 -16.59
N ASN G 166 55.79 -36.60 -16.23
CA ASN G 166 56.55 -36.83 -15.01
C ASN G 166 58.06 -36.73 -15.21
N HIS G 167 58.52 -36.55 -16.45
CA HIS G 167 59.94 -36.34 -16.69
C HIS G 167 60.39 -35.01 -16.10
N PHE G 168 59.56 -33.97 -16.23
CA PHE G 168 59.86 -32.67 -15.66
C PHE G 168 59.06 -32.37 -14.39
N GLN G 169 58.09 -33.23 -14.05
CA GLN G 169 57.17 -33.03 -12.92
C GLN G 169 56.45 -31.70 -13.04
N CYS G 170 56.02 -31.37 -14.24
CA CYS G 170 55.38 -30.09 -14.53
C CYS G 170 53.86 -30.22 -14.34
N GLU G 171 53.13 -29.17 -14.68
CA GLU G 171 51.68 -29.12 -14.52
C GLU G 171 51.01 -29.71 -15.76
N ASP G 172 49.69 -29.48 -15.88
CA ASP G 172 48.89 -30.22 -16.86
C ASP G 172 49.11 -29.73 -18.28
N TYR G 173 48.76 -28.47 -18.56
CA TYR G 173 48.70 -28.02 -19.96
C TYR G 173 50.06 -27.60 -20.53
N GLU G 174 51.12 -27.61 -19.72
CA GLU G 174 52.45 -27.38 -20.27
C GLU G 174 52.89 -28.55 -21.15
N ALA G 175 52.56 -29.78 -20.74
CA ALA G 175 53.06 -30.96 -21.45
C ALA G 175 52.44 -31.13 -22.83
N GLU G 176 51.30 -30.50 -23.10
CA GLU G 176 50.66 -30.66 -24.41
C GLU G 176 51.40 -29.87 -25.48
N HIS G 177 51.86 -28.65 -25.17
CA HIS G 177 52.40 -27.78 -26.19
C HIS G 177 53.80 -27.27 -25.87
N TYR G 178 54.11 -27.06 -24.60
CA TYR G 178 55.38 -26.45 -24.26
C TYR G 178 56.53 -27.46 -24.28
N LEU G 179 56.27 -28.73 -23.95
CA LEU G 179 57.31 -29.75 -23.98
C LEU G 179 57.18 -30.74 -25.14
N TYR G 180 55.96 -31.16 -25.49
CA TYR G 180 55.80 -32.18 -26.52
C TYR G 180 56.14 -31.61 -27.90
N SER G 181 55.61 -30.43 -28.22
CA SER G 181 55.92 -29.81 -29.50
C SER G 181 57.36 -29.34 -29.57
N ASN G 182 57.95 -28.98 -28.43
CA ASN G 182 59.35 -28.56 -28.41
C ASN G 182 60.28 -29.76 -28.61
N ALA G 183 59.95 -30.90 -28.01
CA ALA G 183 60.76 -32.10 -28.18
C ALA G 183 60.57 -32.73 -29.56
N PHE G 184 59.43 -32.48 -30.21
CA PHE G 184 59.20 -33.04 -31.53
C PHE G 184 60.08 -32.35 -32.56
N ARG G 185 60.31 -31.05 -32.41
CA ARG G 185 61.14 -30.32 -33.37
C ARG G 185 62.61 -30.72 -33.25
N LYS G 186 63.13 -30.76 -32.03
CA LYS G 186 64.55 -31.03 -31.84
C LYS G 186 64.91 -32.47 -32.15
N THR G 187 63.96 -33.39 -32.00
CA THR G 187 64.18 -34.74 -32.50
C THR G 187 64.29 -34.76 -34.01
N TYR G 188 63.41 -34.02 -34.70
CA TYR G 188 63.47 -33.96 -36.15
C TYR G 188 64.68 -33.15 -36.61
N ASP G 189 65.01 -32.08 -35.88
CA ASP G 189 66.16 -31.25 -36.26
C ASP G 189 67.49 -32.00 -36.15
N ILE G 190 67.54 -33.07 -35.37
CA ILE G 190 68.71 -33.93 -35.35
C ILE G 190 68.51 -35.21 -36.17
N SER G 191 67.26 -35.57 -36.49
CA SER G 191 67.03 -36.69 -37.39
C SER G 191 67.32 -36.32 -38.84
N CYS G 192 66.95 -35.11 -39.25
CA CYS G 192 67.24 -34.64 -40.60
C CYS G 192 68.70 -34.24 -40.77
N ASN G 193 69.45 -34.10 -39.68
CA ASN G 193 70.88 -33.81 -39.75
C ASN G 193 71.61 -35.04 -40.25
N LYS G 194 72.20 -34.94 -41.44
CA LYS G 194 72.89 -36.06 -42.05
C LYS G 194 74.29 -36.28 -41.48
N LYS G 195 74.77 -35.37 -40.63
CA LYS G 195 76.10 -35.46 -40.08
C LYS G 195 76.17 -36.08 -38.70
N ASP G 196 75.07 -36.03 -37.92
CA ASP G 196 75.07 -36.58 -36.59
C ASP G 196 73.65 -37.05 -36.29
N ARG G 197 73.53 -38.27 -35.79
CA ARG G 197 72.25 -38.86 -35.42
C ARG G 197 72.23 -39.41 -34.01
N ARG G 198 73.34 -39.97 -33.54
CA ARG G 198 73.41 -40.60 -32.22
C ARG G 198 73.63 -39.52 -31.16
N ILE G 199 72.58 -39.18 -30.43
CA ILE G 199 72.64 -38.19 -29.35
C ILE G 199 72.20 -38.87 -28.07
N LYS G 200 72.99 -38.68 -27.01
CA LYS G 200 72.57 -39.11 -25.68
C LYS G 200 71.44 -38.22 -25.18
N LYS G 201 70.59 -38.78 -24.33
CA LYS G 201 69.42 -38.07 -23.82
C LYS G 201 69.73 -37.20 -22.61
N SER G 202 70.97 -37.20 -22.13
CA SER G 202 71.33 -36.38 -20.97
C SER G 202 71.27 -34.89 -21.30
N ASP G 203 71.85 -34.49 -22.43
CA ASP G 203 71.80 -33.10 -22.86
C ASP G 203 70.53 -32.76 -23.62
N PHE G 204 69.69 -33.76 -23.92
CA PHE G 204 68.42 -33.50 -24.59
C PHE G 204 67.42 -32.85 -23.63
N VAL G 205 67.57 -33.10 -22.33
CA VAL G 205 66.61 -32.61 -21.34
C VAL G 205 66.71 -31.08 -21.21
N GLU G 206 67.93 -30.56 -21.10
CA GLU G 206 68.10 -29.12 -20.86
C GLU G 206 67.83 -28.29 -22.10
N SER G 207 68.10 -28.84 -23.29
CA SER G 207 67.91 -28.08 -24.52
C SER G 207 66.43 -27.87 -24.81
N ILE G 208 65.60 -28.88 -24.53
CA ILE G 208 64.17 -28.77 -24.82
C ILE G 208 63.50 -27.80 -23.85
N ASN G 209 63.86 -27.87 -22.57
CA ASN G 209 63.20 -27.07 -21.53
C ASN G 209 63.77 -25.65 -21.55
N LYS G 210 63.39 -24.92 -22.60
CA LYS G 210 63.65 -23.49 -22.74
C LYS G 210 62.31 -22.79 -22.91
N SER G 211 62.17 -21.61 -22.29
CA SER G 211 60.87 -20.95 -22.18
C SER G 211 60.45 -20.31 -23.51
N LYS G 212 60.31 -21.16 -24.53
CA LYS G 212 59.87 -20.77 -25.86
C LYS G 212 58.97 -21.86 -26.41
N VAL G 213 57.93 -21.46 -27.13
CA VAL G 213 57.04 -22.40 -27.81
C VAL G 213 57.40 -22.35 -29.29
N LEU G 214 58.24 -23.29 -29.71
CA LEU G 214 58.76 -23.29 -31.08
C LEU G 214 57.70 -23.80 -32.05
N PHE G 215 57.66 -23.18 -33.22
CA PHE G 215 56.71 -23.56 -34.26
C PHE G 215 57.08 -24.90 -34.87
N ASN G 216 56.07 -25.69 -35.22
CA ASN G 216 56.25 -26.95 -35.91
C ASN G 216 55.36 -27.02 -37.14
N ILE G 217 55.93 -27.48 -38.25
CA ILE G 217 55.21 -27.54 -39.52
C ILE G 217 54.10 -28.58 -39.47
N TRP G 218 54.36 -29.72 -38.84
CA TRP G 218 53.50 -30.89 -38.98
C TRP G 218 52.18 -30.75 -38.23
N PHE G 219 52.16 -30.08 -37.07
CA PHE G 219 50.88 -29.74 -36.45
C PHE G 219 50.32 -28.41 -36.95
N TYR G 220 50.97 -27.78 -37.92
CA TYR G 220 50.27 -26.78 -38.72
C TYR G 220 49.57 -27.43 -39.91
N GLN G 221 50.11 -28.53 -40.43
CA GLN G 221 49.53 -29.21 -41.58
C GLN G 221 48.47 -30.23 -41.19
N TYR G 222 48.53 -30.78 -39.98
CA TYR G 222 47.59 -31.83 -39.57
C TYR G 222 46.22 -31.25 -39.24
N GLU G 223 46.15 -30.38 -38.24
CA GLU G 223 44.87 -29.82 -37.84
C GLU G 223 44.56 -28.49 -38.51
N GLY G 224 45.48 -27.93 -39.29
CA GLY G 224 45.25 -26.69 -40.00
C GLY G 224 45.53 -25.45 -39.17
N ARG G 225 45.47 -24.30 -39.84
CA ARG G 225 45.76 -23.04 -39.19
C ARG G 225 44.61 -22.55 -38.32
N LYS G 226 43.39 -23.04 -38.54
CA LYS G 226 42.25 -22.63 -37.73
C LYS G 226 42.12 -23.45 -36.45
N GLU G 227 42.93 -24.49 -36.30
CA GLU G 227 42.97 -25.26 -35.05
C GLU G 227 44.29 -25.11 -34.33
N TYR G 228 45.41 -25.01 -35.05
CA TYR G 228 46.70 -24.83 -34.40
C TYR G 228 46.83 -23.46 -33.75
N LEU G 229 46.42 -22.41 -34.46
CA LEU G 229 46.41 -21.09 -33.85
C LEU G 229 45.29 -20.99 -32.83
N ARG G 230 44.25 -21.79 -32.99
CA ARG G 230 43.21 -21.84 -31.96
C ARG G 230 43.72 -22.52 -30.69
N LYS G 231 44.44 -23.64 -30.83
CA LYS G 231 44.88 -24.39 -29.66
C LYS G 231 45.98 -23.64 -28.89
N LEU G 232 46.68 -22.72 -29.55
CA LEU G 232 47.63 -21.86 -28.86
C LEU G 232 46.93 -20.87 -27.93
N LYS G 233 45.62 -20.64 -28.12
CA LYS G 233 44.92 -19.60 -27.38
C LYS G 233 44.48 -20.05 -25.99
N GLU G 234 44.06 -21.31 -25.82
CA GLU G 234 43.73 -21.73 -24.46
C GLU G 234 44.93 -22.28 -23.71
N SER G 235 46.11 -22.31 -24.31
CA SER G 235 47.28 -22.82 -23.63
C SER G 235 48.05 -21.74 -22.87
N PHE G 236 48.23 -20.56 -23.47
CA PHE G 236 48.99 -19.48 -22.85
C PHE G 236 48.29 -18.13 -22.92
N ILE G 237 47.11 -18.04 -23.53
CA ILE G 237 46.46 -16.77 -23.78
C ILE G 237 45.15 -16.90 -22.99
N ARG G 238 45.22 -17.58 -21.85
CA ARG G 238 44.04 -17.83 -21.03
C ARG G 238 43.54 -16.52 -20.42
N ARG G 239 42.27 -16.18 -20.70
CA ARG G 239 41.65 -14.96 -20.21
C ARG G 239 40.48 -15.30 -19.31
N SER G 240 39.92 -14.25 -18.70
CA SER G 240 38.73 -14.36 -17.88
C SER G 240 37.79 -13.23 -18.24
N VAL G 241 36.69 -13.13 -17.50
CA VAL G 241 35.73 -12.05 -17.74
C VAL G 241 36.33 -10.72 -17.31
N ASN G 242 36.97 -10.69 -16.14
CA ASN G 242 37.54 -9.48 -15.57
C ASN G 242 39.05 -9.55 -15.77
N THR G 243 39.56 -8.76 -16.71
CA THR G 243 40.99 -8.68 -16.94
C THR G 243 41.59 -7.63 -16.02
N SER G 244 42.55 -8.04 -15.19
CA SER G 244 43.11 -7.16 -14.19
C SER G 244 44.06 -6.14 -14.83
N PRO G 245 44.15 -4.93 -14.25
CA PRO G 245 45.04 -3.91 -14.83
C PRO G 245 46.52 -4.19 -14.55
N TYR G 246 47.11 -5.08 -15.32
CA TYR G 246 48.52 -5.42 -15.21
C TYR G 246 49.31 -4.75 -16.33
N ALA G 247 50.61 -4.60 -16.10
CA ALA G 247 51.51 -4.01 -17.09
C ALA G 247 51.93 -5.11 -18.06
N ARG G 248 51.18 -5.25 -19.15
CA ARG G 248 51.41 -6.30 -20.13
C ARG G 248 52.27 -5.77 -21.27
N PHE G 249 53.31 -6.53 -21.61
CA PHE G 249 54.27 -6.15 -22.63
C PHE G 249 54.15 -7.10 -23.81
N PHE G 250 53.99 -6.54 -25.00
CA PHE G 250 53.84 -7.33 -26.23
C PHE G 250 55.06 -7.06 -27.10
N ILE G 251 55.91 -8.08 -27.23
CA ILE G 251 57.14 -7.99 -28.00
C ILE G 251 56.93 -8.76 -29.29
N LEU G 252 56.90 -8.06 -30.41
CA LEU G 252 56.62 -8.65 -31.71
C LEU G 252 57.79 -8.38 -32.65
N GLU G 253 58.11 -9.36 -33.49
CA GLU G 253 59.23 -9.25 -34.41
C GLU G 253 58.74 -8.61 -35.70
N PHE G 254 59.06 -7.33 -35.87
CA PHE G 254 58.80 -6.61 -37.11
C PHE G 254 59.98 -6.83 -38.05
N GLN G 255 59.69 -7.26 -39.27
CA GLN G 255 60.71 -7.44 -40.29
C GLN G 255 60.25 -6.81 -41.60
N ASP G 256 61.17 -6.75 -42.56
CA ASP G 256 60.89 -6.06 -43.82
C ASP G 256 59.95 -6.84 -44.74
N LYS G 257 59.85 -8.16 -44.58
CA LYS G 257 58.95 -8.93 -45.44
C LYS G 257 57.50 -8.66 -45.11
N THR G 258 57.19 -8.36 -43.85
CA THR G 258 55.84 -8.04 -43.43
C THR G 258 55.62 -6.53 -43.57
N ASP G 259 54.64 -6.13 -44.36
CA ASP G 259 54.35 -4.72 -44.56
C ASP G 259 53.61 -4.15 -43.36
N ILE G 260 53.35 -2.84 -43.40
CA ILE G 260 52.78 -2.13 -42.27
C ILE G 260 51.31 -2.50 -42.07
N LYS G 261 50.62 -2.92 -43.13
CA LYS G 261 49.19 -3.18 -43.03
C LYS G 261 48.88 -4.38 -42.13
N THR G 262 49.66 -5.45 -42.23
CA THR G 262 49.43 -6.62 -41.40
C THR G 262 50.05 -6.50 -40.00
N VAL G 263 50.77 -5.41 -39.73
CA VAL G 263 51.32 -5.17 -38.40
C VAL G 263 50.37 -4.23 -37.66
N LYS G 264 49.73 -3.33 -38.42
CA LYS G 264 48.83 -2.35 -37.82
C LYS G 264 47.59 -2.99 -37.21
N ASP G 265 46.96 -3.93 -37.91
CA ASP G 265 45.76 -4.56 -37.38
C ASP G 265 46.08 -5.53 -36.24
N CYS G 266 47.33 -6.00 -36.15
CA CYS G 266 47.74 -6.72 -34.96
C CYS G 266 47.80 -5.80 -33.75
N ILE G 267 48.26 -4.56 -33.96
CA ILE G 267 48.25 -3.56 -32.90
C ILE G 267 46.82 -3.20 -32.51
N TYR G 268 45.93 -3.10 -33.50
CA TYR G 268 44.53 -2.83 -33.21
C TYR G 268 43.88 -3.99 -32.45
N LYS G 269 44.31 -5.22 -32.71
CA LYS G 269 43.79 -6.36 -31.97
C LYS G 269 44.33 -6.39 -30.55
N ILE G 270 45.60 -6.05 -30.37
CA ILE G 270 46.21 -6.02 -29.04
C ILE G 270 45.60 -4.89 -28.21
N GLN G 271 45.43 -3.71 -28.81
CA GLN G 271 44.90 -2.56 -28.08
C GLN G 271 43.44 -2.79 -27.68
N SER G 272 42.65 -3.41 -28.56
CA SER G 272 41.23 -3.61 -28.25
C SER G 272 41.04 -4.67 -27.18
N ASN G 273 41.88 -5.71 -27.19
CA ASN G 273 41.68 -6.84 -26.29
C ASN G 273 42.26 -6.58 -24.91
N TRP G 274 43.41 -5.93 -24.84
CA TRP G 274 44.20 -5.84 -23.62
C TRP G 274 44.19 -4.45 -23.00
N SER G 275 43.09 -3.72 -23.16
CA SER G 275 42.98 -2.39 -22.58
C SER G 275 41.54 -2.10 -22.24
N ASN G 276 41.34 -1.29 -21.20
CA ASN G 276 40.03 -0.77 -20.82
C ASN G 276 40.23 0.70 -20.50
N LEU G 277 40.06 1.53 -21.53
CA LEU G 277 40.12 2.99 -21.39
C LEU G 277 38.75 3.60 -21.13
N SER G 278 37.85 2.85 -20.51
CA SER G 278 36.50 3.34 -20.27
C SER G 278 36.53 4.52 -19.32
N LYS G 279 35.73 5.54 -19.64
CA LYS G 279 35.69 6.78 -18.89
C LYS G 279 35.15 6.61 -17.47
N ARG G 280 34.50 5.49 -17.16
CA ARG G 280 33.99 5.26 -15.81
C ARG G 280 34.94 4.48 -14.92
N THR G 281 35.91 3.75 -15.50
CA THR G 281 36.80 2.94 -14.70
C THR G 281 37.74 3.81 -13.87
N ASP G 282 38.22 3.25 -12.77
CA ASP G 282 39.16 3.95 -11.90
C ASP G 282 40.58 3.41 -12.02
N ARG G 283 40.75 2.23 -12.61
CA ARG G 283 42.08 1.65 -12.85
C ARG G 283 42.19 1.31 -14.33
N PRO G 284 42.42 2.31 -15.18
CA PRO G 284 42.61 2.03 -16.60
C PRO G 284 43.97 1.38 -16.84
N TYR G 285 44.03 0.59 -17.91
CA TYR G 285 45.26 -0.06 -18.33
C TYR G 285 45.35 -0.08 -19.85
N SER G 286 46.58 -0.08 -20.34
CA SER G 286 46.89 -0.09 -21.76
C SER G 286 48.04 -1.06 -21.99
N PRO G 287 48.11 -1.68 -23.16
CA PRO G 287 49.24 -2.58 -23.45
C PRO G 287 50.51 -1.81 -23.77
N PHE G 288 51.64 -2.47 -23.57
CA PHE G 288 52.94 -1.97 -23.98
C PHE G 288 53.35 -2.70 -25.25
N LEU G 289 53.73 -1.96 -26.28
CA LEU G 289 54.10 -2.53 -27.56
C LEU G 289 55.59 -2.34 -27.80
N LEU G 290 56.29 -3.44 -28.07
CA LEU G 290 57.71 -3.42 -28.39
C LEU G 290 57.92 -4.15 -29.70
N PHE G 291 58.69 -3.54 -30.59
CA PHE G 291 59.02 -4.14 -31.88
C PHE G 291 60.53 -4.21 -32.02
N HIS G 292 61.01 -5.29 -32.64
CA HIS G 292 62.44 -5.51 -32.82
C HIS G 292 62.70 -6.14 -34.18
N GLY G 293 63.95 -6.05 -34.62
CA GLY G 293 64.39 -6.68 -35.84
C GLY G 293 64.12 -5.90 -37.11
N THR G 294 63.52 -4.72 -37.01
CA THR G 294 63.20 -3.90 -38.17
C THR G 294 64.07 -2.66 -38.20
N SER G 295 64.10 -2.01 -39.37
CA SER G 295 64.81 -0.76 -39.51
C SER G 295 64.06 0.37 -38.80
N ASP G 296 64.79 1.41 -38.43
CA ASP G 296 64.18 2.55 -37.74
C ASP G 296 63.27 3.33 -38.68
N ALA G 297 63.57 3.32 -39.98
CA ALA G 297 62.70 3.98 -40.95
C ALA G 297 61.35 3.28 -41.05
N ASN G 298 61.36 1.95 -41.02
CA ASN G 298 60.10 1.21 -41.04
C ASN G 298 59.35 1.34 -39.73
N LEU G 299 60.06 1.46 -38.62
CA LEU G 299 59.41 1.62 -37.32
C LEU G 299 58.76 3.00 -37.19
N TYR G 300 59.45 4.04 -37.65
CA TYR G 300 58.89 5.39 -37.57
C TYR G 300 57.74 5.57 -38.56
N GLU G 301 57.78 4.86 -39.69
CA GLU G 301 56.70 4.95 -40.66
C GLU G 301 55.44 4.28 -40.11
N LEU G 302 55.60 3.17 -39.40
CA LEU G 302 54.47 2.51 -38.74
C LEU G 302 53.89 3.38 -37.65
N LYS G 303 54.75 4.06 -36.89
CA LYS G 303 54.28 4.96 -35.82
C LYS G 303 53.54 6.17 -36.39
N ASN G 304 53.94 6.63 -37.58
CA ASN G 304 53.30 7.81 -38.16
C ASN G 304 51.89 7.50 -38.65
N GLN G 305 51.68 6.30 -39.21
CA GLN G 305 50.33 5.94 -39.64
C GLN G 305 49.40 5.69 -38.45
N LEU G 306 49.94 5.19 -37.34
CA LEU G 306 49.11 4.94 -36.17
C LEU G 306 48.60 6.24 -35.56
N PHE G 307 49.41 7.31 -35.61
CA PHE G 307 48.98 8.57 -35.05
C PHE G 307 47.96 9.27 -35.93
N ASN G 308 47.96 8.99 -37.24
CA ASN G 308 47.03 9.64 -38.15
C ASN G 308 45.61 9.11 -38.04
N GLU G 309 45.43 7.93 -37.44
CA GLU G 309 44.10 7.34 -37.27
C GLU G 309 43.65 7.37 -35.82
N ASP G 310 44.11 8.39 -35.06
CA ASP G 310 43.69 8.67 -33.69
C ASP G 310 43.96 7.50 -32.75
N LEU G 311 45.01 6.73 -33.01
CA LEU G 311 45.51 5.73 -32.06
C LEU G 311 46.68 6.36 -31.33
N ILE G 312 46.34 7.18 -30.33
CA ILE G 312 47.34 7.98 -29.64
C ILE G 312 48.16 7.10 -28.72
N PHE G 313 49.48 7.20 -28.83
CA PHE G 313 50.41 6.41 -28.03
C PHE G 313 51.51 7.32 -27.50
N THR G 314 52.29 6.79 -26.57
CA THR G 314 53.47 7.46 -26.04
C THR G 314 54.65 6.51 -26.11
N ASP G 315 55.86 7.09 -26.16
CA ASP G 315 57.08 6.29 -26.23
C ASP G 315 58.13 6.75 -25.23
N GLY G 316 57.79 7.62 -24.29
CA GLY G 316 58.80 8.20 -23.44
C GLY G 316 59.61 9.30 -24.09
N TYR G 317 59.22 9.76 -25.28
CA TYR G 317 59.89 10.84 -26.00
C TYR G 317 58.84 11.90 -26.29
N PRO G 318 58.48 12.70 -25.28
CA PRO G 318 57.36 13.64 -25.47
C PRO G 318 57.68 14.80 -26.39
N PHE G 319 58.94 15.08 -26.66
CA PHE G 319 59.31 16.17 -27.56
C PHE G 319 60.54 15.76 -28.35
N LYS G 320 60.83 16.53 -29.40
CA LYS G 320 61.96 16.22 -30.26
C LYS G 320 63.27 16.56 -29.55
N GLY G 321 64.20 15.61 -29.56
CA GLY G 321 65.44 15.78 -28.84
C GLY G 321 65.39 15.40 -27.38
N SER G 322 64.28 14.81 -26.92
CA SER G 322 64.16 14.42 -25.53
C SER G 322 64.97 13.17 -25.23
N VAL G 323 65.46 13.09 -23.99
CA VAL G 323 65.95 11.82 -23.48
C VAL G 323 64.75 10.91 -23.20
N PHE G 324 65.03 9.61 -23.11
CA PHE G 324 63.97 8.66 -22.81
C PHE G 324 63.56 8.81 -21.35
N THR G 325 62.38 9.36 -21.12
CA THR G 325 61.82 9.42 -19.78
C THR G 325 60.77 8.33 -19.66
N PRO G 326 61.02 7.26 -18.89
CA PRO G 326 60.02 6.19 -18.77
C PRO G 326 58.79 6.58 -17.96
N LYS G 327 58.80 7.74 -17.31
CA LYS G 327 57.66 8.17 -16.51
C LYS G 327 56.44 8.44 -17.38
N MET G 328 56.65 8.97 -18.60
CA MET G 328 55.53 9.20 -19.50
C MET G 328 54.93 7.89 -20.00
N LEU G 329 55.72 6.82 -20.06
CA LEU G 329 55.15 5.51 -20.35
C LEU G 329 54.31 5.01 -19.17
N ILE G 330 54.66 5.42 -17.95
CA ILE G 330 53.96 4.93 -16.78
C ILE G 330 52.59 5.59 -16.66
N GLU G 331 52.53 6.91 -16.87
CA GLU G 331 51.24 7.58 -16.79
C GLU G 331 50.37 7.30 -18.00
N GLY G 332 50.99 7.02 -19.15
CA GLY G 332 50.22 6.63 -20.33
C GLY G 332 49.55 5.28 -20.16
N PHE G 333 50.10 4.43 -19.30
CA PHE G 333 49.43 3.20 -18.91
C PHE G 333 48.12 3.50 -18.19
N SER G 334 48.13 4.48 -17.31
CA SER G 334 46.93 4.88 -16.56
C SER G 334 46.14 5.97 -17.24
N ASN G 335 46.62 6.51 -18.35
CA ASN G 335 45.90 7.55 -19.07
C ASN G 335 44.81 6.94 -19.94
N LYS G 336 43.59 7.46 -19.81
CA LYS G 336 42.48 6.99 -20.60
C LYS G 336 42.57 7.46 -22.05
N GLU G 337 43.29 8.54 -22.30
CA GLU G 337 43.45 9.09 -23.64
C GLU G 337 44.62 8.49 -24.40
N ILE G 338 45.46 7.69 -23.74
CA ILE G 338 46.59 7.02 -24.39
C ILE G 338 46.20 5.57 -24.61
N HIS G 339 46.14 5.16 -25.88
CA HIS G 339 45.60 3.86 -26.23
C HIS G 339 46.58 2.74 -25.90
N PHE G 340 47.86 2.93 -26.17
CA PHE G 340 48.88 1.93 -25.88
C PHE G 340 50.21 2.64 -25.72
N GLN G 341 51.24 1.87 -25.38
CA GLN G 341 52.57 2.39 -25.16
C GLN G 341 53.54 1.73 -26.14
N PHE G 342 54.33 2.54 -26.82
CA PHE G 342 55.21 2.07 -27.89
C PHE G 342 56.65 2.13 -27.36
N ILE G 343 57.20 0.98 -27.00
CA ILE G 343 58.59 0.92 -26.57
C ILE G 343 59.48 0.85 -27.81
N ASN G 344 60.42 1.78 -27.91
CA ASN G 344 61.21 1.92 -29.14
C ASN G 344 62.30 0.85 -29.25
N ASP G 345 63.00 0.56 -28.16
CA ASP G 345 64.20 -0.26 -28.22
C ASP G 345 64.24 -1.16 -27.00
N ILE G 346 65.11 -2.17 -27.05
CA ILE G 346 65.28 -3.10 -25.94
C ILE G 346 65.84 -2.37 -24.72
N ASP G 347 66.73 -1.39 -24.94
CA ASP G 347 67.24 -0.59 -23.84
C ASP G 347 66.14 0.24 -23.20
N ASP G 348 65.19 0.72 -24.02
CA ASP G 348 64.02 1.40 -23.47
C ASP G 348 63.11 0.43 -22.74
N PHE G 349 63.14 -0.86 -23.12
CA PHE G 349 62.29 -1.85 -22.49
C PHE G 349 62.77 -2.20 -21.09
N ASN G 350 64.09 -2.30 -20.90
CA ASN G 350 64.62 -2.66 -19.59
C ASN G 350 64.44 -1.53 -18.58
N GLU G 351 64.49 -0.28 -19.04
CA GLU G 351 64.27 0.85 -18.14
C GLU G 351 62.81 0.94 -17.71
N THR G 352 61.89 0.55 -18.57
CA THR G 352 60.47 0.59 -18.21
C THR G 352 60.10 -0.52 -17.24
N LEU G 353 60.83 -1.64 -17.27
CA LEU G 353 60.56 -2.73 -16.35
C LEU G 353 60.87 -2.35 -14.91
N ASN G 354 61.96 -1.60 -14.70
CA ASN G 354 62.39 -1.21 -13.36
C ASN G 354 61.53 -0.09 -12.78
N SER G 355 60.74 0.60 -13.60
CA SER G 355 59.90 1.69 -13.14
C SER G 355 58.49 1.25 -12.79
N ILE G 356 58.20 -0.05 -12.85
CA ILE G 356 56.86 -0.58 -12.65
C ILE G 356 56.85 -1.46 -11.42
N ASN G 357 55.91 -1.20 -10.52
CA ASN G 357 55.77 -1.99 -9.30
C ASN G 357 54.62 -2.97 -9.34
N ILE G 358 53.64 -2.79 -10.22
CA ILE G 358 52.52 -3.71 -10.35
C ILE G 358 52.99 -4.95 -11.12
N ARG G 359 52.15 -5.99 -11.15
CA ARG G 359 52.53 -7.24 -11.77
C ARG G 359 52.72 -7.07 -13.28
N LYS G 360 53.86 -7.53 -13.78
CA LYS G 360 54.22 -7.38 -15.18
C LYS G 360 54.04 -8.70 -15.91
N GLU G 361 53.63 -8.61 -17.17
CA GLU G 361 53.49 -9.77 -18.03
C GLU G 361 54.14 -9.47 -19.37
N VAL G 362 54.83 -10.46 -19.93
CA VAL G 362 55.52 -10.33 -21.21
C VAL G 362 54.91 -11.34 -22.17
N TYR G 363 54.46 -10.88 -23.33
CA TYR G 363 53.87 -11.74 -24.35
C TYR G 363 54.71 -11.56 -25.62
N GLN G 364 55.62 -12.49 -25.87
CA GLN G 364 56.53 -12.40 -26.99
C GLN G 364 56.04 -13.28 -28.14
N PHE G 365 55.90 -12.68 -29.32
CA PHE G 365 55.46 -13.39 -30.52
C PHE G 365 56.47 -13.06 -31.62
N TYR G 366 57.35 -14.00 -31.92
CA TYR G 366 58.45 -13.76 -32.85
C TYR G 366 58.32 -14.69 -34.05
N THR G 367 59.28 -14.58 -34.98
CA THR G 367 59.38 -15.49 -36.10
C THR G 367 60.69 -16.26 -36.11
N GLU G 368 61.83 -15.56 -36.07
CA GLU G 368 63.13 -16.23 -36.00
C GLU G 368 63.90 -15.89 -34.73
N ASN G 369 64.07 -14.61 -34.42
CA ASN G 369 64.90 -14.19 -33.30
C ASN G 369 64.03 -13.80 -32.11
N CYS G 370 64.45 -14.21 -30.91
CA CYS G 370 63.74 -13.92 -29.68
C CYS G 370 64.65 -13.17 -28.73
N LEU G 371 64.15 -12.06 -28.19
CA LEU G 371 64.90 -11.29 -27.21
C LEU G 371 64.96 -12.02 -25.89
N ASP G 372 66.09 -11.91 -25.20
CA ASP G 372 66.29 -12.53 -23.90
C ASP G 372 65.51 -11.73 -22.87
N ILE G 373 64.43 -12.30 -22.36
CA ILE G 373 63.60 -11.64 -21.36
C ILE G 373 64.04 -12.15 -19.98
N PRO G 374 64.19 -11.28 -18.98
CA PRO G 374 64.57 -11.75 -17.65
C PRO G 374 63.56 -12.73 -17.06
N SER G 375 64.10 -13.73 -16.34
CA SER G 375 63.37 -14.95 -16.07
C SER G 375 62.30 -14.82 -14.99
N GLN G 376 62.37 -13.82 -14.11
CA GLN G 376 61.39 -13.76 -13.04
C GLN G 376 60.05 -13.22 -13.52
N LEU G 377 60.01 -12.60 -14.69
CA LEU G 377 58.76 -12.13 -15.27
C LEU G 377 57.97 -13.31 -15.83
N PRO G 378 56.64 -13.24 -15.76
CA PRO G 378 55.82 -14.21 -16.49
C PRO G 378 55.88 -13.99 -17.99
N GLN G 379 56.47 -14.92 -18.72
CA GLN G 379 56.67 -14.77 -20.15
C GLN G 379 55.87 -15.80 -20.93
N VAL G 380 55.47 -15.42 -22.14
CA VAL G 380 54.90 -16.32 -23.12
C VAL G 380 55.65 -16.05 -24.42
N ASN G 381 56.50 -16.97 -24.83
CA ASN G 381 57.27 -16.86 -26.07
C ASN G 381 56.71 -17.87 -27.06
N ILE G 382 56.07 -17.38 -28.11
CA ILE G 382 55.42 -18.23 -29.11
C ILE G 382 56.06 -17.94 -30.46
N GLN G 383 56.59 -18.98 -31.10
CA GLN G 383 57.17 -18.86 -32.43
C GLN G 383 56.09 -19.10 -33.47
N VAL G 384 55.94 -18.15 -34.40
CA VAL G 384 54.97 -18.24 -35.48
C VAL G 384 55.73 -18.11 -36.80
N LYS G 385 55.01 -18.36 -37.90
CA LYS G 385 55.62 -18.23 -39.22
C LYS G 385 55.69 -16.77 -39.66
N ASP G 386 54.56 -16.07 -39.64
CA ASP G 386 54.49 -14.70 -40.12
C ASP G 386 53.64 -13.87 -39.16
N PHE G 387 53.62 -12.56 -39.42
CA PHE G 387 52.87 -11.63 -38.58
C PHE G 387 51.36 -11.83 -38.66
N ALA G 388 50.86 -12.50 -39.70
CA ALA G 388 49.43 -12.71 -39.82
C ALA G 388 48.90 -13.67 -38.76
N ASP G 389 49.76 -14.56 -38.26
CA ASP G 389 49.32 -15.54 -37.27
C ASP G 389 49.24 -14.98 -35.86
N ILE G 390 49.86 -13.83 -35.60
CA ILE G 390 49.88 -13.26 -34.25
C ILE G 390 48.50 -12.77 -33.85
N LYS G 391 47.72 -12.25 -34.82
CA LYS G 391 46.44 -11.60 -34.51
C LYS G 391 45.42 -12.58 -33.95
N GLU G 392 45.34 -13.79 -34.50
CA GLU G 392 44.35 -14.75 -34.01
C GLU G 392 44.80 -15.48 -32.75
N ILE G 393 46.04 -15.29 -32.30
CA ILE G 393 46.44 -15.77 -30.98
C ILE G 393 46.10 -14.75 -29.91
N VAL G 394 46.52 -13.50 -30.08
CA VAL G 394 46.25 -12.46 -29.09
C VAL G 394 44.78 -12.06 -29.09
N LYS H 151 53.42 -39.97 41.22
CA LYS H 151 52.24 -40.46 40.52
C LYS H 151 52.34 -40.18 39.02
N SER H 152 51.21 -40.27 38.33
CA SER H 152 51.15 -39.98 36.91
C SER H 152 51.22 -38.48 36.66
N PHE H 153 51.43 -38.13 35.39
CA PHE H 153 51.47 -36.72 35.01
C PHE H 153 50.11 -36.05 35.18
N ASP H 154 49.04 -36.72 34.76
CA ASP H 154 47.70 -36.19 34.92
C ASP H 154 47.18 -36.33 36.35
N ASP H 155 47.74 -37.24 37.14
CA ASP H 155 47.27 -37.49 38.50
C ASP H 155 47.66 -36.41 39.49
N GLN H 156 48.54 -35.47 39.10
CA GLN H 156 48.95 -34.39 39.98
C GLN H 156 48.56 -33.01 39.47
N LYS H 157 47.93 -32.91 38.29
CA LYS H 157 47.59 -31.61 37.74
C LYS H 157 46.45 -30.95 38.53
N LYS H 158 45.39 -31.71 38.81
CA LYS H 158 44.21 -31.14 39.45
C LYS H 158 44.34 -31.03 40.96
N GLU H 159 45.48 -31.37 41.53
CA GLU H 159 45.73 -31.19 42.96
C GLU H 159 46.61 -29.99 43.26
N THR H 160 47.54 -29.66 42.37
CA THR H 160 48.45 -28.55 42.60
C THR H 160 47.75 -27.20 42.41
N ILE H 161 46.74 -27.15 41.55
CA ILE H 161 46.04 -25.88 41.29
C ILE H 161 45.20 -25.47 42.49
N GLN H 162 44.49 -26.42 43.11
CA GLN H 162 43.52 -26.07 44.15
C GLN H 162 44.17 -25.59 45.43
N ILE H 163 45.41 -26.02 45.72
CA ILE H 163 46.03 -25.60 46.97
C ILE H 163 46.49 -24.16 46.92
N ILE H 164 46.66 -23.59 45.73
CA ILE H 164 46.97 -22.16 45.59
C ILE H 164 45.77 -21.37 45.07
N LYS H 165 44.72 -22.04 44.60
CA LYS H 165 43.52 -21.34 44.17
C LYS H 165 42.80 -20.70 45.35
N ASN H 166 42.62 -21.47 46.44
CA ASN H 166 41.99 -20.94 47.64
C ASN H 166 42.94 -20.09 48.48
N HIS H 167 44.24 -20.24 48.30
CA HIS H 167 45.20 -19.48 49.10
C HIS H 167 45.24 -18.02 48.66
N PHE H 168 45.15 -17.76 47.35
CA PHE H 168 45.21 -16.40 46.83
C PHE H 168 43.83 -15.86 46.45
N GLN H 169 42.81 -16.72 46.37
CA GLN H 169 41.43 -16.34 46.04
C GLN H 169 41.35 -15.61 44.70
N CYS H 170 41.94 -16.21 43.67
CA CYS H 170 41.98 -15.64 42.33
C CYS H 170 41.16 -16.51 41.37
N GLU H 171 41.18 -16.12 40.10
CA GLU H 171 40.43 -16.82 39.07
C GLU H 171 41.24 -18.00 38.54
N ASP H 172 40.71 -18.67 37.52
CA ASP H 172 41.33 -19.91 37.03
C ASP H 172 42.61 -19.62 36.23
N TYR H 173 42.60 -18.57 35.41
CA TYR H 173 43.79 -18.25 34.63
C TYR H 173 44.88 -17.63 35.49
N GLU H 174 44.51 -17.02 36.61
CA GLU H 174 45.48 -16.42 37.53
C GLU H 174 46.18 -17.45 38.41
N ALA H 175 45.77 -18.72 38.33
CA ALA H 175 46.38 -19.77 39.13
C ALA H 175 47.06 -20.84 38.29
N GLU H 176 46.42 -21.31 37.22
CA GLU H 176 46.98 -22.40 36.44
C GLU H 176 48.03 -21.88 35.46
N HIS H 177 47.75 -20.76 34.80
CA HIS H 177 48.69 -20.15 33.86
C HIS H 177 49.67 -19.19 34.51
N TYR H 178 49.33 -18.65 35.69
CA TYR H 178 50.10 -17.57 36.31
C TYR H 178 50.87 -18.00 37.54
N LEU H 179 50.29 -18.86 38.39
CA LEU H 179 50.95 -19.27 39.62
C LEU H 179 51.51 -20.69 39.57
N TYR H 180 50.84 -21.60 38.86
CA TYR H 180 51.38 -22.94 38.69
C TYR H 180 52.66 -22.89 37.87
N SER H 181 52.68 -22.08 36.81
CA SER H 181 53.83 -22.03 35.91
C SER H 181 55.06 -21.46 36.60
N ASN H 182 54.90 -20.39 37.39
CA ASN H 182 56.05 -19.79 38.06
C ASN H 182 56.59 -20.67 39.17
N ALA H 183 55.71 -21.39 39.88
CA ALA H 183 56.14 -22.24 40.98
C ALA H 183 56.85 -23.50 40.51
N PHE H 184 56.74 -23.85 39.22
CA PHE H 184 57.36 -25.08 38.73
C PHE H 184 58.87 -24.94 38.62
N ARG H 185 59.36 -23.81 38.09
CA ARG H 185 60.80 -23.65 37.95
C ARG H 185 61.48 -23.32 39.28
N LYS H 186 60.82 -22.52 40.14
CA LYS H 186 61.39 -22.27 41.46
C LYS H 186 61.41 -23.51 42.33
N THR H 187 60.53 -24.49 42.06
CA THR H 187 60.72 -25.82 42.60
C THR H 187 61.88 -26.53 41.93
N TYR H 188 62.00 -26.36 40.61
CA TYR H 188 63.07 -27.03 39.87
C TYR H 188 64.42 -26.38 40.10
N ASP H 189 64.47 -25.06 40.34
CA ASP H 189 65.74 -24.36 40.48
C ASP H 189 66.49 -24.82 41.73
N ILE H 190 65.78 -25.02 42.84
CA ILE H 190 66.44 -25.52 44.03
C ILE H 190 66.69 -27.02 43.92
N SER H 191 65.89 -27.74 43.13
CA SER H 191 66.10 -29.16 42.93
C SER H 191 67.29 -29.45 42.02
N CYS H 192 67.53 -28.59 41.02
CA CYS H 192 68.63 -28.76 40.09
C CYS H 192 69.94 -28.16 40.61
N ASN H 193 69.91 -27.52 41.77
CA ASN H 193 71.13 -26.94 42.32
C ASN H 193 72.08 -28.03 42.80
N LYS H 194 73.38 -27.74 42.68
CA LYS H 194 74.39 -28.75 42.99
C LYS H 194 74.51 -28.99 44.48
N LYS H 195 74.40 -27.94 45.30
CA LYS H 195 74.67 -28.05 46.73
C LYS H 195 73.40 -27.88 47.57
N ASP H 196 72.68 -26.77 47.40
CA ASP H 196 71.52 -26.46 48.24
C ASP H 196 70.30 -27.03 47.52
N ARG H 197 69.82 -28.18 47.99
CA ARG H 197 68.65 -28.82 47.42
C ARG H 197 67.36 -28.52 48.18
N ARG H 198 67.41 -28.57 49.51
CA ARG H 198 66.25 -28.33 50.35
C ARG H 198 66.32 -26.93 50.94
N ILE H 199 65.32 -26.10 50.62
CA ILE H 199 65.18 -24.78 51.21
C ILE H 199 63.81 -24.71 51.88
N LYS H 200 63.65 -23.70 52.74
CA LYS H 200 62.38 -23.47 53.40
C LYS H 200 61.46 -22.67 52.51
N LYS H 201 60.16 -23.02 52.53
CA LYS H 201 59.17 -22.41 51.66
C LYS H 201 58.48 -21.21 52.30
N SER H 202 59.13 -20.56 53.27
CA SER H 202 58.56 -19.35 53.87
C SER H 202 58.53 -18.20 52.86
N ASP H 203 59.59 -18.02 52.08
CA ASP H 203 59.66 -16.99 51.06
C ASP H 203 59.31 -17.51 49.68
N PHE H 204 58.87 -18.76 49.58
CA PHE H 204 58.51 -19.33 48.27
C PHE H 204 57.17 -18.79 47.78
N VAL H 205 56.26 -18.46 48.71
CA VAL H 205 54.93 -18.01 48.31
C VAL H 205 54.95 -16.57 47.79
N GLU H 206 55.94 -15.76 48.19
CA GLU H 206 56.04 -14.41 47.67
C GLU H 206 56.89 -14.30 46.42
N SER H 207 57.74 -15.30 46.15
CA SER H 207 58.52 -15.28 44.91
C SER H 207 57.65 -15.63 43.71
N ILE H 208 56.64 -16.48 43.90
CA ILE H 208 55.77 -16.88 42.79
C ILE H 208 54.67 -15.87 42.52
N ASN H 209 54.51 -14.86 43.38
CA ASN H 209 53.45 -13.87 43.25
C ASN H 209 53.87 -12.66 42.43
N LYS H 210 55.05 -12.70 41.82
CA LYS H 210 55.50 -11.62 40.95
C LYS H 210 54.63 -11.54 39.72
N SER H 211 54.53 -10.33 39.15
CA SER H 211 53.64 -10.09 38.02
C SER H 211 54.08 -10.79 36.75
N LYS H 212 55.33 -11.24 36.68
CA LYS H 212 55.86 -11.87 35.48
C LYS H 212 55.32 -13.30 35.34
N VAL H 213 54.85 -13.64 34.16
CA VAL H 213 54.49 -15.01 33.83
C VAL H 213 55.74 -15.68 33.28
N LEU H 214 56.31 -16.60 34.05
CA LEU H 214 57.62 -17.15 33.76
C LEU H 214 57.54 -18.26 32.72
N PHE H 215 58.58 -18.35 31.88
CA PHE H 215 58.66 -19.44 30.93
C PHE H 215 58.91 -20.77 31.65
N ASN H 216 58.32 -21.83 31.10
CA ASN H 216 58.46 -23.17 31.66
C ASN H 216 58.87 -24.11 30.53
N ILE H 217 60.10 -24.64 30.60
CA ILE H 217 60.63 -25.46 29.52
C ILE H 217 59.93 -26.82 29.48
N TRP H 218 59.48 -27.34 30.63
CA TRP H 218 58.89 -28.68 30.66
C TRP H 218 57.52 -28.71 29.99
N PHE H 219 56.74 -27.64 30.07
CA PHE H 219 55.54 -27.51 29.25
C PHE H 219 55.81 -26.73 27.97
N TYR H 220 57.02 -26.82 27.44
CA TYR H 220 57.31 -26.43 26.06
C TYR H 220 57.67 -27.62 25.19
N GLN H 221 58.42 -28.58 25.71
CA GLN H 221 58.72 -29.81 25.00
C GLN H 221 57.63 -30.86 25.13
N TYR H 222 56.66 -30.65 26.01
CA TYR H 222 55.59 -31.63 26.21
C TYR H 222 54.52 -31.52 25.13
N GLU H 223 53.93 -30.33 24.96
CA GLU H 223 52.87 -30.14 23.98
C GLU H 223 53.32 -29.28 22.79
N GLY H 224 54.60 -28.94 22.72
CA GLY H 224 55.13 -28.22 21.57
C GLY H 224 54.85 -26.73 21.63
N ARG H 225 55.39 -26.03 20.63
CA ARG H 225 55.20 -24.60 20.53
C ARG H 225 53.84 -24.22 19.95
N LYS H 226 53.13 -25.16 19.34
CA LYS H 226 51.82 -24.88 18.79
C LYS H 226 50.71 -24.90 19.85
N GLU H 227 51.02 -25.38 21.05
CA GLU H 227 50.04 -25.45 22.13
C GLU H 227 50.38 -24.56 23.32
N TYR H 228 51.67 -24.39 23.64
CA TYR H 228 52.04 -23.49 24.73
C TYR H 228 51.78 -22.04 24.37
N LEU H 229 52.12 -21.64 23.14
CA LEU H 229 51.79 -20.30 22.68
C LEU H 229 50.29 -20.12 22.50
N ARG H 230 49.59 -21.20 22.14
CA ARG H 230 48.14 -21.18 22.12
C ARG H 230 47.54 -21.19 23.52
N LYS H 231 48.30 -21.62 24.53
CA LYS H 231 47.83 -21.59 25.91
C LYS H 231 47.94 -20.19 26.50
N LEU H 232 48.94 -19.42 26.07
CA LEU H 232 49.09 -18.05 26.56
C LEU H 232 48.19 -17.06 25.84
N LYS H 233 47.62 -17.44 24.70
CA LYS H 233 46.85 -16.48 23.90
C LYS H 233 45.47 -16.21 24.49
N GLU H 234 44.82 -17.22 25.05
CA GLU H 234 43.49 -17.03 25.63
C GLU H 234 43.54 -16.78 27.13
N SER H 235 44.74 -16.73 27.72
CA SER H 235 44.86 -16.47 29.15
C SER H 235 45.04 -14.98 29.46
N PHE H 236 46.00 -14.32 28.82
CA PHE H 236 46.27 -12.91 29.06
C PHE H 236 46.10 -12.02 27.84
N ILE H 237 45.81 -12.60 26.67
CA ILE H 237 45.69 -11.83 25.45
C ILE H 237 44.24 -12.01 25.02
N ARG H 238 43.35 -12.03 26.02
CA ARG H 238 41.92 -12.17 25.77
C ARG H 238 41.39 -11.02 24.92
N ARG H 239 40.57 -11.36 23.93
CA ARG H 239 40.09 -10.41 22.94
C ARG H 239 38.57 -10.46 22.90
N SER H 240 37.99 -9.37 22.43
CA SER H 240 36.56 -9.24 22.24
C SER H 240 36.27 -8.97 20.78
N VAL H 241 34.98 -8.87 20.46
CA VAL H 241 34.58 -8.54 19.10
C VAL H 241 34.96 -7.10 18.78
N ASN H 242 34.67 -6.19 19.69
CA ASN H 242 35.00 -4.78 19.55
C ASN H 242 36.17 -4.46 20.46
N THR H 243 37.26 -3.98 19.89
CA THR H 243 38.43 -3.57 20.65
C THR H 243 38.34 -2.08 20.95
N SER H 244 38.39 -1.74 22.22
CA SER H 244 38.20 -0.37 22.66
C SER H 244 39.44 0.48 22.39
N PRO H 245 39.26 1.78 22.16
CA PRO H 245 40.43 2.64 21.92
C PRO H 245 41.25 2.90 23.18
N TYR H 246 42.03 1.92 23.60
CA TYR H 246 42.91 2.04 24.75
C TYR H 246 44.34 2.29 24.31
N ALA H 247 45.11 2.90 25.21
CA ALA H 247 46.53 3.16 24.97
C ALA H 247 47.29 1.91 25.37
N ARG H 248 47.47 1.00 24.42
CA ARG H 248 48.15 -0.26 24.66
C ARG H 248 49.65 -0.10 24.40
N PHE H 249 50.46 -0.58 25.34
CA PHE H 249 51.90 -0.48 25.26
C PHE H 249 52.49 -1.87 25.10
N PHE H 250 53.33 -2.04 24.09
CA PHE H 250 53.93 -3.33 23.77
C PHE H 250 55.44 -3.22 23.96
N ILE H 251 55.93 -3.70 25.08
CA ILE H 251 57.35 -3.67 25.40
C ILE H 251 57.95 -5.01 25.00
N LEU H 252 58.70 -5.02 23.91
CA LEU H 252 59.35 -6.21 23.40
C LEU H 252 60.85 -6.09 23.61
N GLU H 253 61.50 -7.22 23.92
CA GLU H 253 62.92 -7.21 24.24
C GLU H 253 63.71 -7.64 23.02
N PHE H 254 64.65 -6.80 22.60
CA PHE H 254 65.37 -6.95 21.35
C PHE H 254 66.86 -6.98 21.71
N GLN H 255 67.54 -8.05 21.34
CA GLN H 255 68.98 -8.17 21.55
C GLN H 255 69.69 -8.39 20.23
N ASP H 256 71.01 -8.52 20.31
CA ASP H 256 71.85 -8.49 19.10
C ASP H 256 71.71 -9.75 18.26
N LYS H 257 71.39 -10.89 18.88
CA LYS H 257 71.24 -12.11 18.09
C LYS H 257 69.90 -12.18 17.38
N THR H 258 68.94 -11.35 17.77
CA THR H 258 67.64 -11.32 17.10
C THR H 258 67.77 -10.58 15.78
N ASP H 259 67.26 -11.20 14.71
CA ASP H 259 67.34 -10.60 13.39
C ASP H 259 66.35 -9.43 13.33
N ILE H 260 66.69 -8.43 12.51
CA ILE H 260 65.80 -7.27 12.32
C ILE H 260 64.51 -7.72 11.65
N LYS H 261 64.60 -8.64 10.69
CA LYS H 261 63.42 -9.11 9.96
C LYS H 261 62.43 -9.81 10.88
N THR H 262 62.92 -10.67 11.78
CA THR H 262 62.04 -11.33 12.73
C THR H 262 61.42 -10.35 13.72
N VAL H 263 62.14 -9.27 14.04
CA VAL H 263 61.55 -8.20 14.83
C VAL H 263 60.51 -7.46 14.01
N LYS H 264 60.78 -7.29 12.72
CA LYS H 264 59.90 -6.52 11.83
C LYS H 264 58.55 -7.21 11.64
N ASP H 265 58.53 -8.55 11.62
CA ASP H 265 57.26 -9.26 11.43
C ASP H 265 56.35 -9.12 12.66
N CYS H 266 56.93 -9.03 13.85
CA CYS H 266 56.11 -8.85 15.05
C CYS H 266 55.50 -7.47 15.11
N ILE H 267 56.22 -6.45 14.62
CA ILE H 267 55.68 -5.09 14.56
C ILE H 267 54.50 -5.04 13.61
N TYR H 268 54.60 -5.73 12.47
CA TYR H 268 53.48 -5.82 11.53
C TYR H 268 52.32 -6.61 12.13
N LYS H 269 52.61 -7.59 12.99
CA LYS H 269 51.54 -8.35 13.62
C LYS H 269 50.85 -7.56 14.71
N ILE H 270 51.62 -6.81 15.51
CA ILE H 270 51.05 -6.01 16.59
C ILE H 270 50.22 -4.87 16.04
N GLN H 271 50.71 -4.19 15.01
CA GLN H 271 50.01 -3.05 14.43
C GLN H 271 48.71 -3.48 13.73
N SER H 272 48.70 -4.66 13.12
CA SER H 272 47.49 -5.11 12.42
C SER H 272 46.38 -5.46 13.41
N ASN H 273 46.73 -6.10 14.53
CA ASN H 273 45.72 -6.58 15.46
C ASN H 273 45.26 -5.49 16.42
N TRP H 274 46.16 -4.62 16.86
CA TRP H 274 45.89 -3.71 17.95
C TRP H 274 45.74 -2.25 17.48
N SER H 275 45.35 -2.05 16.23
CA SER H 275 45.09 -0.71 15.72
C SER H 275 43.90 -0.75 14.78
N ASN H 276 43.09 0.31 14.82
CA ASN H 276 41.98 0.51 13.90
C ASN H 276 42.13 1.91 13.33
N LEU H 277 42.85 2.01 12.22
CA LEU H 277 43.13 3.27 11.54
C LEU H 277 42.12 3.57 10.44
N SER H 278 40.89 3.12 10.59
CA SER H 278 39.90 3.23 9.53
C SER H 278 39.50 4.66 9.28
N LYS H 279 39.27 4.98 8.00
CA LYS H 279 38.82 6.29 7.57
C LYS H 279 37.43 6.66 8.07
N ARG H 280 36.66 5.69 8.58
CA ARG H 280 35.32 5.93 9.08
C ARG H 280 35.26 5.88 10.61
N THR H 281 36.40 5.76 11.29
CA THR H 281 36.43 5.83 12.75
C THR H 281 36.34 7.26 13.23
N ASP H 282 35.54 7.48 14.27
CA ASP H 282 35.61 8.71 15.02
C ASP H 282 36.62 8.63 16.17
N ARG H 283 37.05 7.43 16.53
CA ARG H 283 38.05 7.23 17.58
C ARG H 283 39.08 6.19 17.12
N PRO H 284 40.02 6.60 16.28
CA PRO H 284 41.10 5.68 15.89
C PRO H 284 42.08 5.47 17.04
N TYR H 285 42.76 4.32 17.01
CA TYR H 285 43.75 4.00 18.03
C TYR H 285 44.90 3.23 17.40
N SER H 286 46.08 3.39 17.97
CA SER H 286 47.29 2.74 17.52
C SER H 286 48.09 2.30 18.74
N PRO H 287 48.83 1.20 18.64
CA PRO H 287 49.62 0.75 19.78
C PRO H 287 50.92 1.52 19.92
N PHE H 288 51.43 1.54 21.15
CA PHE H 288 52.75 2.07 21.45
C PHE H 288 53.74 0.92 21.55
N LEU H 289 54.93 1.12 20.99
CA LEU H 289 55.94 0.07 20.93
C LEU H 289 57.22 0.54 21.60
N LEU H 290 57.76 -0.29 22.49
CA LEU H 290 59.00 -0.01 23.19
C LEU H 290 59.93 -1.19 23.00
N PHE H 291 61.16 -0.92 22.56
CA PHE H 291 62.20 -1.93 22.42
C PHE H 291 63.39 -1.55 23.31
N HIS H 292 63.99 -2.56 23.93
CA HIS H 292 65.04 -2.34 24.91
C HIS H 292 66.06 -3.48 24.84
N GLY H 293 67.22 -3.24 25.45
CA GLY H 293 68.27 -4.24 25.48
C GLY H 293 69.13 -4.32 24.24
N THR H 294 68.97 -3.39 23.31
CA THR H 294 69.77 -3.35 22.09
C THR H 294 70.48 -2.02 21.98
N SER H 295 71.51 -1.99 21.13
CA SER H 295 72.23 -0.76 20.87
C SER H 295 71.37 0.20 20.06
N ASP H 296 71.70 1.49 20.16
CA ASP H 296 70.97 2.51 19.42
C ASP H 296 71.17 2.38 17.92
N ALA H 297 72.38 1.99 17.49
CA ALA H 297 72.64 1.80 16.07
C ALA H 297 71.82 0.65 15.50
N ASN H 298 71.67 -0.43 16.27
CA ASN H 298 70.82 -1.54 15.83
C ASN H 298 69.35 -1.17 15.92
N LEU H 299 68.99 -0.29 16.85
CA LEU H 299 67.60 0.15 16.96
C LEU H 299 67.23 1.12 15.85
N TYR H 300 68.15 2.02 15.49
CA TYR H 300 67.87 3.00 14.44
C TYR H 300 67.74 2.35 13.07
N GLU H 301 68.42 1.21 12.87
CA GLU H 301 68.29 0.49 11.61
C GLU H 301 66.90 -0.12 11.45
N LEU H 302 66.30 -0.55 12.56
CA LEU H 302 64.92 -1.04 12.52
C LEU H 302 63.94 0.08 12.19
N LYS H 303 64.12 1.24 12.84
CA LYS H 303 63.24 2.38 12.57
C LYS H 303 63.40 2.88 11.14
N ASN H 304 64.63 2.85 10.62
CA ASN H 304 64.86 3.33 9.27
C ASN H 304 64.24 2.41 8.23
N GLN H 305 64.25 1.11 8.48
CA GLN H 305 63.65 0.17 7.53
C GLN H 305 62.14 0.27 7.54
N LEU H 306 61.53 0.47 8.71
CA LEU H 306 60.07 0.54 8.80
C LEU H 306 59.52 1.76 8.07
N PHE H 307 60.28 2.84 7.98
CA PHE H 307 59.82 4.03 7.27
C PHE H 307 59.86 3.85 5.76
N ASN H 308 60.77 3.03 5.24
CA ASN H 308 60.85 2.82 3.79
C ASN H 308 59.73 1.92 3.28
N GLU H 309 59.19 1.04 4.12
CA GLU H 309 58.04 0.22 3.73
C GLU H 309 56.72 0.84 4.13
N ASP H 310 56.67 2.18 4.24
CA ASP H 310 55.43 2.95 4.42
C ASP H 310 54.70 2.58 5.70
N LEU H 311 55.43 2.17 6.73
CA LEU H 311 54.87 2.00 8.07
C LEU H 311 55.22 3.23 8.88
N ILE H 312 54.42 4.28 8.70
CA ILE H 312 54.70 5.58 9.29
C ILE H 312 54.42 5.53 10.79
N PHE H 313 55.38 6.00 11.58
CA PHE H 313 55.26 6.03 13.03
C PHE H 313 55.75 7.37 13.56
N THR H 314 55.56 7.57 14.86
CA THR H 314 56.06 8.75 15.55
C THR H 314 56.75 8.31 16.82
N ASP H 315 57.68 9.14 17.28
CA ASP H 315 58.54 8.77 18.39
C ASP H 315 58.82 9.92 19.34
N GLY H 316 58.14 11.05 19.19
CA GLY H 316 58.37 12.21 20.02
C GLY H 316 59.52 13.10 19.61
N TYR H 317 60.20 12.78 18.51
CA TYR H 317 61.33 13.57 18.01
C TYR H 317 61.06 13.90 16.54
N PRO H 318 60.30 14.97 16.28
CA PRO H 318 59.99 15.32 14.87
C PRO H 318 61.14 15.91 14.08
N PHE H 319 62.24 16.31 14.73
CA PHE H 319 63.38 16.87 14.02
C PHE H 319 64.62 16.67 14.87
N LYS H 320 65.79 16.88 14.26
CA LYS H 320 67.05 16.75 14.99
C LYS H 320 67.18 17.83 16.05
N GLY H 321 67.68 17.44 17.21
CA GLY H 321 67.82 18.34 18.33
C GLY H 321 66.56 18.64 19.07
N SER H 322 65.44 18.02 18.68
CA SER H 322 64.19 18.23 19.40
C SER H 322 64.22 17.53 20.74
N VAL H 323 63.71 18.20 21.77
CA VAL H 323 63.43 17.51 23.01
C VAL H 323 62.27 16.53 22.79
N PHE H 324 62.18 15.54 23.66
CA PHE H 324 61.14 14.53 23.51
C PHE H 324 59.80 15.16 23.85
N THR H 325 58.86 15.09 22.92
CA THR H 325 57.52 15.64 23.11
C THR H 325 56.53 14.51 23.30
N PRO H 326 55.99 14.32 24.52
CA PRO H 326 54.93 13.33 24.70
C PRO H 326 53.73 13.55 23.79
N LYS H 327 53.36 14.81 23.56
CA LYS H 327 52.14 15.14 22.83
C LYS H 327 52.19 14.73 21.36
N MET H 328 53.39 14.55 20.79
CA MET H 328 53.49 13.97 19.45
C MET H 328 53.01 12.53 19.44
N LEU H 329 53.30 11.78 20.51
CA LEU H 329 52.83 10.40 20.59
C LEU H 329 51.32 10.33 20.84
N ILE H 330 50.76 11.28 21.58
CA ILE H 330 49.33 11.28 21.84
C ILE H 330 48.56 11.63 20.56
N GLU H 331 49.09 12.56 19.78
CA GLU H 331 48.47 12.85 18.49
C GLU H 331 48.59 11.67 17.54
N GLY H 332 49.72 10.95 17.58
CA GLY H 332 49.88 9.76 16.77
C GLY H 332 48.97 8.62 17.16
N PHE H 333 48.53 8.60 18.42
CA PHE H 333 47.52 7.65 18.85
C PHE H 333 46.20 7.89 18.13
N SER H 334 45.81 9.15 17.98
CA SER H 334 44.57 9.51 17.31
C SER H 334 44.74 9.84 15.83
N ASN H 335 45.95 9.69 15.31
CA ASN H 335 46.21 9.97 13.89
C ASN H 335 45.99 8.70 13.08
N LYS H 336 45.16 8.81 12.04
CA LYS H 336 44.92 7.67 11.16
C LYS H 336 46.09 7.43 10.22
N GLU H 337 46.93 8.44 9.99
CA GLU H 337 48.08 8.31 9.10
C GLU H 337 49.34 7.84 9.81
N ILE H 338 49.30 7.70 11.14
CA ILE H 338 50.42 7.20 11.91
C ILE H 338 50.02 5.81 12.43
N HIS H 339 50.78 4.80 12.01
CA HIS H 339 50.39 3.42 12.22
C HIS H 339 50.62 2.96 13.66
N PHE H 340 51.72 3.39 14.27
CA PHE H 340 52.03 3.04 15.65
C PHE H 340 52.96 4.10 16.21
N GLN H 341 53.31 3.96 17.48
CA GLN H 341 54.21 4.87 18.16
C GLN H 341 55.42 4.11 18.69
N PHE H 342 56.59 4.70 18.49
CA PHE H 342 57.87 4.07 18.84
C PHE H 342 58.45 4.80 20.04
N ILE H 343 58.30 4.22 21.23
CA ILE H 343 58.93 4.76 22.42
C ILE H 343 60.41 4.36 22.40
N ASN H 344 61.29 5.36 22.47
CA ASN H 344 62.71 5.09 22.29
C ASN H 344 63.32 4.35 23.48
N ASP H 345 63.04 4.82 24.69
CA ASP H 345 63.69 4.28 25.87
C ASP H 345 62.80 4.49 27.09
N ILE H 346 63.35 4.17 28.27
CA ILE H 346 62.59 4.18 29.52
C ILE H 346 62.24 5.61 29.91
N ASP H 347 63.18 6.54 29.70
CA ASP H 347 62.93 7.94 30.04
C ASP H 347 61.80 8.52 29.19
N ASP H 348 61.72 8.13 27.92
CA ASP H 348 60.61 8.52 27.07
C ASP H 348 59.35 7.71 27.37
N PHE H 349 59.48 6.57 28.06
CA PHE H 349 58.32 5.77 28.40
C PHE H 349 57.51 6.43 29.51
N ASN H 350 58.12 6.62 30.69
CA ASN H 350 57.40 7.09 31.87
C ASN H 350 56.86 8.51 31.71
N GLU H 351 57.44 9.31 30.82
CA GLU H 351 56.86 10.62 30.54
C GLU H 351 55.60 10.52 29.68
N THR H 352 55.41 9.40 28.99
CA THR H 352 54.20 9.23 28.19
C THR H 352 53.03 8.70 28.99
N LEU H 353 53.29 7.96 30.08
CA LEU H 353 52.21 7.49 30.94
C LEU H 353 51.51 8.66 31.62
N ASN H 354 52.26 9.68 32.03
CA ASN H 354 51.67 10.83 32.70
C ASN H 354 50.85 11.71 31.76
N SER H 355 51.10 11.62 30.46
CA SER H 355 50.39 12.44 29.48
C SER H 355 49.13 11.77 28.94
N ILE H 356 48.80 10.56 29.41
CA ILE H 356 47.66 9.80 28.92
C ILE H 356 46.63 9.69 30.04
N ASN H 357 45.41 10.12 29.76
CA ASN H 357 44.32 10.05 30.74
C ASN H 357 43.37 8.89 30.48
N ILE H 358 43.39 8.28 29.29
CA ILE H 358 42.51 7.17 28.97
C ILE H 358 43.07 5.88 29.53
N ARG H 359 42.28 4.81 29.48
CA ARG H 359 42.65 3.52 30.02
C ARG H 359 43.90 2.97 29.34
N LYS H 360 44.84 2.49 30.14
CA LYS H 360 46.17 2.12 29.67
C LYS H 360 46.44 0.65 29.95
N GLU H 361 46.99 -0.06 28.96
CA GLU H 361 47.36 -1.45 29.11
C GLU H 361 48.80 -1.63 28.67
N VAL H 362 49.54 -2.48 29.38
CA VAL H 362 50.93 -2.79 29.08
C VAL H 362 51.04 -4.27 28.78
N TYR H 363 51.67 -4.61 27.65
CA TYR H 363 51.92 -5.99 27.26
C TYR H 363 53.42 -6.13 27.08
N GLN H 364 54.09 -6.79 28.02
CA GLN H 364 55.54 -6.94 27.96
C GLN H 364 55.90 -8.38 27.58
N PHE H 365 56.75 -8.52 26.58
CA PHE H 365 57.24 -9.81 26.13
C PHE H 365 58.76 -9.75 26.08
N TYR H 366 59.42 -10.64 26.82
CA TYR H 366 60.87 -10.61 26.94
C TYR H 366 61.39 -12.03 27.05
N THR H 367 62.71 -12.17 27.11
CA THR H 367 63.35 -13.46 27.24
C THR H 367 64.11 -13.61 28.54
N GLU H 368 64.97 -12.65 28.92
CA GLU H 368 65.50 -12.72 30.27
C GLU H 368 65.35 -11.42 31.06
N ASN H 369 65.47 -10.26 30.43
CA ASN H 369 65.45 -8.98 31.13
C ASN H 369 64.06 -8.37 31.12
N CYS H 370 63.58 -7.97 32.29
CA CYS H 370 62.28 -7.35 32.45
C CYS H 370 62.42 -6.08 33.28
N LEU H 371 61.51 -5.13 33.07
CA LEU H 371 61.59 -3.84 33.72
C LEU H 371 60.54 -3.71 34.82
N ASP H 372 60.57 -2.57 35.51
CA ASP H 372 59.66 -2.28 36.60
C ASP H 372 58.59 -1.31 36.07
N ILE H 373 57.59 -1.89 35.40
CA ILE H 373 56.41 -1.10 35.03
C ILE H 373 55.65 -0.74 36.30
N PRO H 374 55.12 0.48 36.42
CA PRO H 374 54.34 0.84 37.60
C PRO H 374 53.12 -0.05 37.78
N SER H 375 52.80 -0.33 39.05
CA SER H 375 51.89 -1.42 39.39
C SER H 375 50.41 -1.07 39.22
N GLN H 376 50.05 0.22 39.18
CA GLN H 376 48.63 0.55 39.07
C GLN H 376 48.09 0.28 37.66
N LEU H 377 48.97 0.14 36.68
CA LEU H 377 48.55 -0.27 35.35
C LEU H 377 48.23 -1.76 35.33
N PRO H 378 47.55 -2.23 34.29
CA PRO H 378 47.55 -3.66 34.00
C PRO H 378 48.81 -4.07 33.23
N GLN H 379 49.54 -5.04 33.76
CA GLN H 379 50.69 -5.62 33.08
C GLN H 379 50.39 -7.04 32.61
N VAL H 380 51.04 -7.41 31.53
CA VAL H 380 51.16 -8.78 31.07
C VAL H 380 52.62 -8.99 30.71
N ASN H 381 53.35 -9.76 31.53
CA ASN H 381 54.76 -10.01 31.33
C ASN H 381 54.96 -11.49 31.05
N ILE H 382 55.32 -11.82 29.82
CA ILE H 382 55.40 -13.21 29.35
C ILE H 382 56.83 -13.47 28.89
N GLN H 383 57.42 -14.55 29.43
CA GLN H 383 58.74 -15.02 29.00
C GLN H 383 58.60 -16.03 27.87
N VAL H 384 59.37 -15.83 26.81
CA VAL H 384 59.43 -16.71 25.65
C VAL H 384 60.88 -17.09 25.40
N LYS H 385 61.08 -18.11 24.55
CA LYS H 385 62.44 -18.48 24.17
C LYS H 385 63.00 -17.51 23.13
N ASP H 386 62.40 -17.48 21.96
CA ASP H 386 62.85 -16.67 20.84
C ASP H 386 61.81 -15.61 20.53
N PHE H 387 62.26 -14.54 19.88
CA PHE H 387 61.39 -13.40 19.65
C PHE H 387 60.25 -13.74 18.70
N ALA H 388 60.40 -14.77 17.87
CA ALA H 388 59.33 -15.23 16.99
C ALA H 388 58.17 -15.87 17.75
N ASP H 389 58.36 -16.24 19.02
CA ASP H 389 57.25 -16.76 19.81
C ASP H 389 56.27 -15.65 20.16
N ILE H 390 56.72 -14.39 20.19
CA ILE H 390 55.87 -13.25 20.53
C ILE H 390 54.80 -13.03 19.47
N LYS H 391 55.12 -13.34 18.21
CA LYS H 391 54.19 -13.14 17.10
C LYS H 391 52.93 -13.99 17.26
N GLU H 392 53.09 -15.23 17.73
CA GLU H 392 51.98 -16.15 17.86
C GLU H 392 51.12 -15.90 19.10
N ILE H 393 51.56 -15.04 20.01
CA ILE H 393 50.76 -14.72 21.19
C ILE H 393 49.92 -13.46 20.97
N VAL H 394 50.51 -12.42 20.39
CA VAL H 394 49.78 -11.17 20.15
C VAL H 394 48.84 -11.32 18.96
N LYS I 151 0.82 -17.61 -71.98
CA LYS I 151 1.55 -16.36 -72.03
C LYS I 151 0.60 -15.18 -72.16
N SER I 152 -0.11 -14.86 -71.08
CA SER I 152 -1.06 -13.76 -71.07
C SER I 152 -0.31 -12.47 -70.76
N PHE I 153 -1.05 -11.38 -70.49
CA PHE I 153 -0.43 -10.11 -70.16
C PHE I 153 0.29 -10.18 -68.82
N ASP I 154 -0.37 -10.74 -67.80
CA ASP I 154 0.26 -10.90 -66.50
C ASP I 154 1.22 -12.09 -66.47
N ASP I 155 0.93 -13.15 -67.23
CA ASP I 155 1.79 -14.34 -67.22
C ASP I 155 3.14 -14.05 -67.87
N GLN I 156 3.15 -13.27 -68.95
CA GLN I 156 4.42 -12.91 -69.59
C GLN I 156 5.21 -11.93 -68.72
N LYS I 157 4.53 -11.08 -67.95
CA LYS I 157 5.22 -10.16 -67.05
C LYS I 157 5.96 -10.90 -65.94
N LYS I 158 5.41 -12.02 -65.48
CA LYS I 158 6.10 -12.82 -64.47
C LYS I 158 7.33 -13.52 -65.04
N GLU I 159 7.30 -13.87 -66.33
CA GLU I 159 8.41 -14.60 -66.92
C GLU I 159 9.62 -13.71 -67.17
N THR I 160 9.40 -12.47 -67.62
CA THR I 160 10.53 -11.61 -67.91
C THR I 160 11.23 -11.12 -66.64
N ILE I 161 10.50 -11.09 -65.52
CA ILE I 161 11.11 -10.73 -64.24
C ILE I 161 12.05 -11.84 -63.79
N GLN I 162 11.63 -13.11 -63.94
CA GLN I 162 12.45 -14.23 -63.50
C GLN I 162 13.69 -14.39 -64.35
N ILE I 163 13.60 -14.14 -65.66
CA ILE I 163 14.77 -14.26 -66.52
C ILE I 163 15.71 -13.07 -66.31
N ILE I 164 15.18 -11.93 -65.86
CA ILE I 164 16.05 -10.82 -65.46
C ILE I 164 16.76 -11.14 -64.16
N LYS I 165 16.02 -11.71 -63.19
CA LYS I 165 16.62 -12.10 -61.92
C LYS I 165 17.66 -13.20 -62.08
N ASN I 166 17.48 -14.07 -63.08
CA ASN I 166 18.48 -15.11 -63.35
C ASN I 166 19.73 -14.51 -63.99
N HIS I 167 19.59 -13.43 -64.74
CA HIS I 167 20.73 -12.85 -65.44
C HIS I 167 21.63 -12.08 -64.46
N PHE I 168 21.04 -11.35 -63.52
CA PHE I 168 21.80 -10.48 -62.64
C PHE I 168 22.03 -11.07 -61.25
N GLN I 169 21.23 -12.06 -60.85
CA GLN I 169 21.26 -12.65 -59.50
C GLN I 169 21.10 -11.59 -58.42
N CYS I 170 20.21 -10.65 -58.67
CA CYS I 170 19.98 -9.49 -57.82
C CYS I 170 18.63 -9.60 -57.11
N GLU I 171 18.28 -8.56 -56.37
CA GLU I 171 17.06 -8.55 -55.59
C GLU I 171 15.85 -8.30 -56.47
N ASP I 172 14.67 -8.58 -55.92
CA ASP I 172 13.44 -8.52 -56.69
C ASP I 172 12.76 -7.17 -56.66
N TYR I 173 13.13 -6.29 -55.73
CA TYR I 173 12.50 -4.98 -55.66
C TYR I 173 12.90 -4.08 -56.81
N GLU I 174 14.15 -4.18 -57.27
CA GLU I 174 14.64 -3.41 -58.41
C GLU I 174 14.72 -4.23 -59.68
N ALA I 175 14.37 -5.52 -59.64
CA ALA I 175 14.25 -6.28 -60.87
C ALA I 175 12.98 -5.95 -61.63
N GLU I 176 11.94 -5.53 -60.91
CA GLU I 176 10.65 -5.18 -61.50
C GLU I 176 10.52 -3.67 -61.68
N HIS I 177 10.97 -2.88 -60.71
CA HIS I 177 10.76 -1.44 -60.73
C HIS I 177 11.94 -0.66 -61.33
N TYR I 178 13.11 -1.27 -61.44
CA TYR I 178 14.29 -0.58 -61.97
C TYR I 178 14.89 -1.25 -63.19
N LEU I 179 14.97 -2.58 -63.21
CA LEU I 179 15.56 -3.27 -64.36
C LEU I 179 14.55 -3.51 -65.47
N TYR I 180 13.29 -3.82 -65.11
CA TYR I 180 12.27 -4.06 -66.12
C TYR I 180 11.87 -2.77 -66.82
N SER I 181 11.81 -1.67 -66.07
CA SER I 181 11.35 -0.40 -66.64
C SER I 181 12.37 0.16 -67.63
N ASN I 182 13.67 0.01 -67.34
CA ASN I 182 14.68 0.51 -68.26
C ASN I 182 14.77 -0.35 -69.52
N ALA I 183 14.48 -1.65 -69.41
CA ALA I 183 14.50 -2.51 -70.59
C ALA I 183 13.36 -2.18 -71.55
N PHE I 184 12.20 -1.82 -71.01
CA PHE I 184 11.05 -1.48 -71.86
C PHE I 184 11.29 -0.15 -72.57
N ARG I 185 11.99 0.79 -71.91
CA ARG I 185 12.26 2.08 -72.52
C ARG I 185 13.16 1.96 -73.74
N LYS I 186 14.18 1.10 -73.68
CA LYS I 186 15.04 0.88 -74.82
C LYS I 186 14.33 0.15 -75.96
N THR I 187 13.26 -0.60 -75.64
CA THR I 187 12.48 -1.25 -76.69
C THR I 187 11.77 -0.23 -77.56
N TYR I 188 11.12 0.77 -76.94
CA TYR I 188 10.48 1.83 -77.70
C TYR I 188 11.48 2.84 -78.24
N ASP I 189 12.67 2.94 -77.63
CA ASP I 189 13.69 3.83 -78.18
C ASP I 189 14.23 3.32 -79.51
N ILE I 190 14.25 2.00 -79.72
CA ILE I 190 14.67 1.44 -81.00
C ILE I 190 13.47 1.15 -81.89
N SER I 191 12.26 1.56 -81.48
CA SER I 191 11.09 1.41 -82.34
C SER I 191 11.04 2.46 -83.44
N CYS I 192 11.70 3.61 -83.25
CA CYS I 192 11.73 4.63 -84.29
C CYS I 192 12.57 4.19 -85.48
N ASN I 193 13.76 3.66 -85.22
CA ASN I 193 14.63 3.08 -86.23
C ASN I 193 14.85 1.62 -85.84
N LYS I 194 14.22 0.70 -86.58
CA LYS I 194 14.13 -0.70 -86.20
C LYS I 194 14.88 -1.61 -87.16
N LYS I 195 16.09 -1.20 -87.55
CA LYS I 195 16.92 -2.01 -88.43
C LYS I 195 17.61 -3.16 -87.71
N ASP I 196 17.54 -3.21 -86.39
CA ASP I 196 18.31 -4.17 -85.60
C ASP I 196 17.35 -5.02 -84.77
N ARG I 197 17.34 -6.34 -85.03
CA ARG I 197 16.58 -7.28 -84.23
C ARG I 197 17.44 -8.24 -83.42
N ARG I 198 18.71 -8.41 -83.79
CA ARG I 198 19.64 -9.29 -83.06
C ARG I 198 20.72 -8.35 -82.55
N ILE I 199 20.67 -8.05 -81.26
CA ILE I 199 21.67 -7.22 -80.60
C ILE I 199 22.35 -8.06 -79.52
N LYS I 200 23.67 -7.99 -79.47
CA LYS I 200 24.43 -8.77 -78.50
C LYS I 200 24.14 -8.29 -77.08
N LYS I 201 24.24 -9.22 -76.13
CA LYS I 201 23.91 -8.93 -74.75
C LYS I 201 24.93 -8.03 -74.06
N SER I 202 26.09 -7.79 -74.67
CA SER I 202 27.07 -6.87 -74.12
C SER I 202 26.74 -5.41 -74.42
N ASP I 203 25.72 -5.14 -75.22
CA ASP I 203 25.35 -3.77 -75.59
C ASP I 203 23.96 -3.39 -75.11
N PHE I 204 22.95 -4.21 -75.40
CA PHE I 204 21.58 -3.87 -75.02
C PHE I 204 21.39 -3.99 -73.51
N VAL I 205 21.85 -5.10 -72.92
CA VAL I 205 21.70 -5.29 -71.48
C VAL I 205 22.60 -4.35 -70.71
N GLU I 206 23.75 -3.99 -71.28
CA GLU I 206 24.64 -3.02 -70.63
C GLU I 206 24.01 -1.64 -70.59
N SER I 207 23.31 -1.25 -71.66
CA SER I 207 22.72 0.09 -71.75
C SER I 207 21.57 0.25 -70.76
N ILE I 208 20.77 -0.80 -70.56
CA ILE I 208 19.62 -0.68 -69.66
C ILE I 208 20.02 -0.85 -68.20
N ASN I 209 21.22 -1.38 -67.94
CA ASN I 209 21.69 -1.55 -66.56
C ASN I 209 22.49 -0.33 -66.11
N LYS I 210 21.84 0.84 -66.18
CA LYS I 210 22.42 2.08 -65.72
C LYS I 210 22.13 2.25 -64.23
N SER I 211 22.53 3.39 -63.68
CA SER I 211 22.16 3.76 -62.32
C SER I 211 20.91 4.64 -62.29
N LYS I 212 20.22 4.77 -63.42
CA LYS I 212 19.12 5.70 -63.60
C LYS I 212 17.83 4.92 -63.85
N VAL I 213 16.74 5.40 -63.27
CA VAL I 213 15.42 4.80 -63.46
C VAL I 213 14.64 5.74 -64.36
N LEU I 214 14.46 5.34 -65.62
CA LEU I 214 13.84 6.20 -66.61
C LEU I 214 12.32 6.17 -66.48
N PHE I 215 11.68 7.25 -66.93
CA PHE I 215 10.25 7.43 -66.79
C PHE I 215 9.53 6.72 -67.93
N ASN I 216 8.69 5.75 -67.60
CA ASN I 216 7.93 5.00 -68.59
C ASN I 216 6.51 5.56 -68.66
N ILE I 217 6.08 5.93 -69.86
CA ILE I 217 4.78 6.57 -70.01
C ILE I 217 3.64 5.55 -70.02
N TRP I 218 3.91 4.30 -70.42
CA TRP I 218 2.83 3.33 -70.56
C TRP I 218 2.34 2.81 -69.22
N PHE I 219 3.25 2.47 -68.30
CA PHE I 219 2.79 2.14 -66.96
C PHE I 219 2.38 3.38 -66.17
N TYR I 220 2.82 4.57 -66.60
CA TYR I 220 2.25 5.79 -66.04
C TYR I 220 0.78 5.91 -66.38
N GLN I 221 0.38 5.43 -67.56
CA GLN I 221 -1.02 5.43 -67.98
C GLN I 221 -1.77 4.19 -67.53
N TYR I 222 -1.10 3.04 -67.45
CA TYR I 222 -1.79 1.80 -67.10
C TYR I 222 -2.04 1.71 -65.60
N GLU I 223 -1.00 1.93 -64.79
CA GLU I 223 -1.21 1.99 -63.34
C GLU I 223 -1.97 3.25 -62.95
N GLY I 224 -1.61 4.38 -63.54
CA GLY I 224 -2.16 5.67 -63.16
C GLY I 224 -1.12 6.56 -62.51
N ARG I 225 -1.53 7.80 -62.25
CA ARG I 225 -0.62 8.75 -61.63
C ARG I 225 -0.33 8.40 -60.19
N LYS I 226 -1.36 8.03 -59.43
CA LYS I 226 -1.18 7.71 -58.02
C LYS I 226 -0.50 6.36 -57.82
N GLU I 227 -0.81 5.39 -58.69
CA GLU I 227 -0.28 4.04 -58.53
C GLU I 227 1.20 3.96 -58.91
N TYR I 228 1.61 4.71 -59.94
CA TYR I 228 3.00 4.71 -60.38
C TYR I 228 3.90 5.36 -59.34
N LEU I 229 3.46 6.48 -58.76
CA LEU I 229 4.26 7.13 -57.74
C LEU I 229 4.29 6.32 -56.45
N ARG I 230 3.24 5.54 -56.19
CA ARG I 230 3.21 4.65 -55.04
C ARG I 230 4.20 3.50 -55.21
N LYS I 231 4.40 3.01 -56.44
CA LYS I 231 5.38 1.96 -56.64
C LYS I 231 6.81 2.49 -56.61
N LEU I 232 6.99 3.81 -56.76
CA LEU I 232 8.30 4.41 -56.53
C LEU I 232 8.55 4.74 -55.07
N LYS I 233 7.51 4.79 -54.25
CA LYS I 233 7.71 4.88 -52.80
C LYS I 233 8.28 3.59 -52.25
N GLU I 234 7.56 2.48 -52.44
CA GLU I 234 7.93 1.23 -51.78
C GLU I 234 9.17 0.59 -52.37
N SER I 235 9.69 1.07 -53.49
CA SER I 235 10.81 0.40 -54.14
C SER I 235 12.14 1.09 -53.89
N PHE I 236 12.20 2.42 -53.93
CA PHE I 236 13.45 3.15 -53.75
C PHE I 236 13.52 3.95 -52.46
N ILE I 237 12.54 4.81 -52.19
CA ILE I 237 12.57 5.67 -50.99
C ILE I 237 11.87 4.87 -49.90
N ARG I 238 12.65 4.02 -49.24
CA ARG I 238 12.15 3.20 -48.16
C ARG I 238 12.50 3.88 -46.84
N ARG I 239 11.50 4.01 -45.97
CA ARG I 239 11.69 4.66 -44.68
C ARG I 239 11.51 3.65 -43.57
N SER I 240 12.02 4.02 -42.41
CA SER I 240 11.82 3.27 -41.18
C SER I 240 11.23 4.23 -40.16
N VAL I 241 10.91 3.70 -38.97
CA VAL I 241 10.45 4.56 -37.90
C VAL I 241 11.61 5.41 -37.36
N ASN I 242 12.85 4.93 -37.51
CA ASN I 242 14.03 5.46 -36.84
C ASN I 242 15.11 5.81 -37.85
N THR I 243 14.78 6.65 -38.83
CA THR I 243 15.74 7.07 -39.84
C THR I 243 16.95 7.77 -39.20
N SER I 244 18.13 7.33 -39.61
CA SER I 244 19.38 7.71 -38.97
C SER I 244 19.89 9.06 -39.48
N PRO I 245 20.71 9.76 -38.69
CA PRO I 245 21.29 11.03 -39.16
C PRO I 245 22.38 10.85 -40.19
N TYR I 246 21.99 10.62 -41.45
CA TYR I 246 22.91 10.55 -42.56
C TYR I 246 22.86 11.85 -43.36
N ALA I 247 23.95 12.12 -44.07
CA ALA I 247 24.03 13.31 -44.92
C ALA I 247 23.30 13.01 -46.21
N ARG I 248 22.02 13.34 -46.27
CA ARG I 248 21.19 13.08 -47.43
C ARG I 248 21.27 14.24 -48.39
N PHE I 249 21.50 13.93 -49.67
CA PHE I 249 21.63 14.94 -50.71
C PHE I 249 20.47 14.79 -51.68
N PHE I 250 19.78 15.90 -51.96
CA PHE I 250 18.63 15.90 -52.84
C PHE I 250 18.93 16.79 -54.04
N ILE I 251 19.19 16.17 -55.19
CA ILE I 251 19.46 16.88 -56.43
C ILE I 251 18.17 16.90 -57.25
N LEU I 252 17.66 18.09 -57.50
CA LEU I 252 16.40 18.27 -58.21
C LEU I 252 16.64 19.09 -59.47
N GLU I 253 15.98 18.71 -60.55
CA GLU I 253 16.22 19.32 -61.85
C GLU I 253 15.26 20.48 -62.07
N PHE I 254 15.82 21.64 -62.41
CA PHE I 254 15.07 22.89 -62.52
C PHE I 254 15.08 23.38 -63.96
N GLN I 255 13.89 23.62 -64.51
CA GLN I 255 13.68 24.38 -65.73
C GLN I 255 13.04 25.72 -65.40
N ASP I 256 13.04 26.60 -66.41
CA ASP I 256 12.39 27.90 -66.25
C ASP I 256 10.87 27.81 -66.36
N LYS I 257 10.34 26.74 -66.95
CA LYS I 257 8.90 26.60 -67.05
C LYS I 257 8.26 26.24 -65.72
N THR I 258 9.02 25.63 -64.81
CA THR I 258 8.50 25.28 -63.50
C THR I 258 8.41 26.52 -62.62
N ASP I 259 7.25 26.73 -62.00
CA ASP I 259 7.09 27.87 -61.12
C ASP I 259 7.70 27.60 -59.75
N ILE I 260 7.88 28.67 -58.97
CA ILE I 260 8.54 28.57 -57.69
C ILE I 260 7.65 27.87 -56.66
N LYS I 261 6.33 28.09 -56.73
CA LYS I 261 5.42 27.60 -55.69
C LYS I 261 5.36 26.08 -55.64
N THR I 262 5.40 25.42 -56.80
CA THR I 262 5.41 23.96 -56.80
C THR I 262 6.70 23.43 -56.19
N VAL I 263 7.82 24.03 -56.55
CA VAL I 263 9.13 23.57 -56.06
C VAL I 263 9.30 23.89 -54.58
N LYS I 264 8.69 24.98 -54.10
CA LYS I 264 8.65 25.21 -52.66
C LYS I 264 7.96 24.06 -51.94
N ASP I 265 6.82 23.60 -52.48
CA ASP I 265 6.07 22.52 -51.85
C ASP I 265 6.84 21.22 -51.81
N CYS I 266 7.81 21.03 -52.72
CA CYS I 266 8.73 19.92 -52.63
C CYS I 266 9.79 20.13 -51.56
N ILE I 267 10.21 21.38 -51.33
CA ILE I 267 11.23 21.66 -50.33
C ILE I 267 10.67 21.45 -48.92
N TYR I 268 9.47 21.98 -48.64
CA TYR I 268 8.84 21.69 -47.36
C TYR I 268 8.45 20.23 -47.22
N LYS I 269 8.23 19.52 -48.33
CA LYS I 269 8.06 18.08 -48.24
C LYS I 269 9.36 17.39 -47.87
N ILE I 270 10.47 17.82 -48.48
CA ILE I 270 11.77 17.24 -48.17
C ILE I 270 12.23 17.62 -46.77
N GLN I 271 12.02 18.89 -46.39
CA GLN I 271 12.49 19.37 -45.09
C GLN I 271 11.73 18.70 -43.95
N SER I 272 10.41 18.54 -44.08
CA SER I 272 9.63 17.97 -43.00
C SER I 272 9.83 16.47 -42.86
N ASN I 273 10.27 15.78 -43.92
CA ASN I 273 10.38 14.34 -43.90
C ASN I 273 11.79 13.84 -43.66
N TRP I 274 12.80 14.63 -44.04
CA TRP I 274 14.19 14.18 -44.01
C TRP I 274 15.02 14.94 -42.99
N SER I 275 14.40 15.60 -42.03
CA SER I 275 15.12 16.35 -41.01
C SER I 275 14.49 16.10 -39.66
N ASN I 276 15.34 16.08 -38.64
CA ASN I 276 14.90 16.03 -37.24
C ASN I 276 15.66 17.14 -36.53
N LEU I 277 15.09 18.34 -36.56
CA LEU I 277 15.65 19.50 -35.87
C LEU I 277 15.06 19.67 -34.48
N SER I 278 14.71 18.58 -33.82
CA SER I 278 14.05 18.63 -32.53
C SER I 278 14.96 19.26 -31.49
N LYS I 279 14.34 20.05 -30.61
CA LYS I 279 15.10 20.78 -29.60
C LYS I 279 15.65 19.84 -28.53
N ARG I 280 15.14 18.61 -28.45
CA ARG I 280 15.61 17.62 -27.50
C ARG I 280 16.62 16.64 -28.09
N THR I 281 16.73 16.55 -29.41
CA THR I 281 17.61 15.56 -30.01
C THR I 281 19.07 15.96 -29.83
N ASP I 282 19.95 14.95 -29.91
CA ASP I 282 21.38 15.15 -29.79
C ASP I 282 22.11 15.05 -31.11
N ARG I 283 21.51 14.40 -32.11
CA ARG I 283 22.10 14.28 -33.45
C ARG I 283 21.08 14.78 -34.47
N PRO I 284 20.92 16.09 -34.61
CA PRO I 284 20.00 16.61 -35.63
C PRO I 284 20.59 16.46 -37.02
N TYR I 285 19.71 16.31 -38.00
CA TYR I 285 20.11 16.21 -39.39
C TYR I 285 19.22 17.11 -40.24
N SER I 286 19.79 17.63 -41.31
CA SER I 286 19.07 18.47 -42.26
C SER I 286 19.40 18.02 -43.68
N PRO I 287 18.45 18.09 -44.60
CA PRO I 287 18.73 17.67 -45.97
C PRO I 287 19.63 18.66 -46.70
N PHE I 288 20.37 18.13 -47.67
CA PHE I 288 21.14 18.94 -48.59
C PHE I 288 20.38 19.03 -49.90
N LEU I 289 20.17 20.25 -50.39
CA LEU I 289 19.41 20.48 -51.61
C LEU I 289 20.32 21.06 -52.68
N LEU I 290 20.30 20.45 -53.87
CA LEU I 290 21.00 20.97 -55.03
C LEU I 290 20.01 21.16 -56.17
N PHE I 291 20.04 22.34 -56.79
CA PHE I 291 19.23 22.65 -57.95
C PHE I 291 20.15 23.00 -59.10
N HIS I 292 19.78 22.60 -60.32
CA HIS I 292 20.66 22.75 -61.47
C HIS I 292 19.84 22.96 -62.73
N GLY I 293 20.54 23.31 -63.80
CA GLY I 293 19.90 23.49 -65.09
C GLY I 293 19.11 24.76 -65.25
N THR I 294 19.30 25.73 -64.37
CA THR I 294 18.48 26.94 -64.35
C THR I 294 19.34 28.19 -64.43
N SER I 295 18.67 29.31 -64.69
CA SER I 295 19.29 30.61 -64.60
C SER I 295 19.55 30.97 -63.14
N ASP I 296 20.58 31.79 -62.92
CA ASP I 296 20.90 32.22 -61.56
C ASP I 296 19.83 33.15 -61.01
N ALA I 297 19.16 33.92 -61.86
CA ALA I 297 18.09 34.79 -61.40
C ALA I 297 16.92 34.00 -60.85
N ASN I 298 16.56 32.90 -61.52
CA ASN I 298 15.50 32.05 -61.01
C ASN I 298 15.94 31.28 -59.77
N LEU I 299 17.22 30.91 -59.70
CA LEU I 299 17.71 30.19 -58.54
C LEU I 299 17.80 31.10 -57.32
N TYR I 300 18.26 32.35 -57.52
CA TYR I 300 18.32 33.29 -56.42
C TYR I 300 16.92 33.76 -55.99
N GLU I 301 15.96 33.75 -56.93
CA GLU I 301 14.60 34.11 -56.58
C GLU I 301 13.98 33.09 -55.64
N LEU I 302 14.22 31.80 -55.88
CA LEU I 302 13.69 30.75 -55.02
C LEU I 302 14.28 30.83 -53.62
N LYS I 303 15.58 31.17 -53.52
CA LYS I 303 16.23 31.29 -52.23
C LYS I 303 15.68 32.45 -51.42
N ASN I 304 15.27 33.54 -52.08
CA ASN I 304 14.81 34.72 -51.36
C ASN I 304 13.47 34.48 -50.68
N GLN I 305 12.52 33.88 -51.40
CA GLN I 305 11.21 33.60 -50.79
C GLN I 305 11.27 32.47 -49.79
N LEU I 306 12.29 31.60 -49.86
CA LEU I 306 12.45 30.57 -48.83
C LEU I 306 12.87 31.20 -47.51
N PHE I 307 13.69 32.26 -47.57
CA PHE I 307 14.14 32.91 -46.35
C PHE I 307 13.03 33.76 -45.71
N ASN I 308 12.11 34.30 -46.52
CA ASN I 308 11.11 35.20 -45.99
C ASN I 308 10.04 34.46 -45.18
N GLU I 309 9.77 33.19 -45.51
CA GLU I 309 8.79 32.39 -44.79
C GLU I 309 9.44 31.51 -43.72
N ASP I 310 10.53 31.99 -43.12
CA ASP I 310 11.15 31.39 -41.93
C ASP I 310 11.64 29.96 -42.19
N LEU I 311 12.22 29.74 -43.36
CA LEU I 311 12.92 28.49 -43.66
C LEU I 311 14.38 28.85 -43.83
N ILE I 312 15.10 28.89 -42.71
CA ILE I 312 16.48 29.34 -42.67
C ILE I 312 17.38 28.25 -43.23
N PHE I 313 18.23 28.61 -44.18
CA PHE I 313 19.15 27.67 -44.80
C PHE I 313 20.54 28.30 -44.88
N THR I 314 21.51 27.49 -45.30
CA THR I 314 22.87 27.94 -45.53
C THR I 314 23.36 27.41 -46.87
N ASP I 315 24.29 28.14 -47.49
CA ASP I 315 24.86 27.73 -48.77
C ASP I 315 26.37 27.80 -48.81
N GLY I 316 27.04 27.98 -47.67
CA GLY I 316 28.47 28.15 -47.68
C GLY I 316 28.93 29.53 -48.06
N TYR I 317 28.02 30.49 -48.22
CA TYR I 317 28.33 31.87 -48.54
C TYR I 317 27.70 32.75 -47.47
N PRO I 318 28.37 32.89 -46.31
CA PRO I 318 27.76 33.63 -45.20
C PRO I 318 27.71 35.14 -45.40
N PHE I 319 28.39 35.68 -46.41
CA PHE I 319 28.38 37.10 -46.68
C PHE I 319 28.74 37.31 -48.15
N LYS I 320 28.52 38.53 -48.64
CA LYS I 320 28.92 38.86 -50.00
C LYS I 320 30.42 38.92 -50.12
N GLY I 321 30.95 38.37 -51.21
CA GLY I 321 32.37 38.27 -51.41
C GLY I 321 33.02 37.08 -50.74
N SER I 322 32.24 36.25 -50.03
CA SER I 322 32.80 35.07 -49.41
C SER I 322 33.12 34.01 -50.45
N VAL I 323 34.19 33.27 -50.20
CA VAL I 323 34.48 32.06 -50.97
C VAL I 323 33.54 30.98 -50.45
N PHE I 324 33.39 29.90 -51.19
CA PHE I 324 32.55 28.81 -50.73
C PHE I 324 33.25 28.09 -49.60
N THR I 325 32.91 28.43 -48.36
CA THR I 325 33.40 27.70 -47.21
C THR I 325 32.47 26.52 -46.97
N PRO I 326 32.92 25.28 -47.17
CA PRO I 326 31.99 24.15 -47.04
C PRO I 326 31.62 23.84 -45.60
N LYS I 327 32.40 24.30 -44.63
CA LYS I 327 32.16 23.91 -43.24
C LYS I 327 30.93 24.57 -42.63
N MET I 328 30.35 25.57 -43.29
CA MET I 328 29.02 26.04 -42.89
C MET I 328 27.94 25.02 -43.21
N LEU I 329 28.14 24.19 -44.23
CA LEU I 329 27.13 23.19 -44.57
C LEU I 329 27.13 22.03 -43.58
N ILE I 330 28.30 21.58 -43.15
CA ILE I 330 28.37 20.51 -42.15
C ILE I 330 27.91 21.03 -40.78
N GLU I 331 28.31 22.27 -40.44
CA GLU I 331 27.80 22.87 -39.21
C GLU I 331 26.30 23.14 -39.30
N GLY I 332 25.83 23.52 -40.48
CA GLY I 332 24.40 23.66 -40.70
C GLY I 332 23.65 22.36 -40.73
N PHE I 333 24.34 21.25 -41.03
CA PHE I 333 23.72 19.93 -40.95
C PHE I 333 23.35 19.59 -39.51
N SER I 334 24.22 19.89 -38.56
CA SER I 334 23.98 19.62 -37.15
C SER I 334 23.43 20.84 -36.42
N ASN I 335 23.08 21.90 -37.13
CA ASN I 335 22.48 23.07 -36.53
C ASN I 335 20.96 22.89 -36.45
N LYS I 336 20.41 23.07 -35.25
CA LYS I 336 18.98 22.93 -35.06
C LYS I 336 18.19 24.08 -35.67
N GLU I 337 18.82 25.24 -35.84
CA GLU I 337 18.15 26.43 -36.37
C GLU I 337 18.30 26.57 -37.88
N ILE I 338 19.04 25.68 -38.53
CA ILE I 338 19.15 25.65 -39.99
C ILE I 338 18.31 24.49 -40.48
N HIS I 339 17.28 24.79 -41.27
CA HIS I 339 16.31 23.77 -41.63
C HIS I 339 16.86 22.82 -42.69
N PHE I 340 17.61 23.34 -43.66
CA PHE I 340 18.17 22.52 -44.72
C PHE I 340 19.39 23.23 -45.28
N GLN I 341 20.17 22.50 -46.07
CA GLN I 341 21.32 23.06 -46.76
C GLN I 341 20.97 23.29 -48.21
N PHE I 342 21.64 24.27 -48.82
CA PHE I 342 21.36 24.67 -50.20
C PHE I 342 22.67 24.70 -50.97
N ILE I 343 23.02 23.57 -51.59
CA ILE I 343 24.20 23.55 -52.46
C ILE I 343 23.90 24.31 -53.73
N ASN I 344 24.76 25.29 -54.04
CA ASN I 344 24.44 26.26 -55.08
C ASN I 344 24.55 25.65 -56.48
N ASP I 345 25.64 24.93 -56.74
CA ASP I 345 25.86 24.40 -58.09
C ASP I 345 26.62 23.08 -57.99
N ILE I 346 27.10 22.60 -59.14
CA ILE I 346 27.80 21.33 -59.21
C ILE I 346 29.14 21.41 -58.49
N ASP I 347 29.85 22.54 -58.65
CA ASP I 347 31.20 22.66 -58.13
C ASP I 347 31.23 22.62 -56.60
N ASP I 348 30.17 23.08 -55.95
CA ASP I 348 30.09 23.00 -54.49
C ASP I 348 29.67 21.62 -54.00
N PHE I 349 29.13 20.77 -54.88
CA PHE I 349 28.68 19.45 -54.45
C PHE I 349 29.87 18.54 -54.18
N ASN I 350 30.85 18.52 -55.08
CA ASN I 350 32.01 17.66 -54.87
C ASN I 350 32.91 18.17 -53.76
N GLU I 351 32.96 19.50 -53.57
CA GLU I 351 33.74 20.05 -52.46
C GLU I 351 33.11 19.72 -51.11
N THR I 352 31.79 19.57 -51.06
CA THR I 352 31.13 19.22 -49.81
C THR I 352 31.34 17.76 -49.46
N LEU I 353 31.37 16.87 -50.46
CA LEU I 353 31.43 15.43 -50.19
C LEU I 353 32.72 15.01 -49.50
N ASN I 354 33.83 15.66 -49.80
CA ASN I 354 35.10 15.29 -49.18
C ASN I 354 35.22 15.77 -47.74
N SER I 355 34.31 16.61 -47.27
CA SER I 355 34.37 17.16 -45.92
C SER I 355 33.41 16.50 -44.95
N ILE I 356 32.69 15.46 -45.37
CA ILE I 356 31.77 14.73 -44.50
C ILE I 356 32.27 13.29 -44.38
N ASN I 357 32.26 12.78 -43.14
CA ASN I 357 32.73 11.43 -42.86
C ASN I 357 31.62 10.43 -42.58
N ILE I 358 30.40 10.90 -42.28
CA ILE I 358 29.28 10.00 -42.01
C ILE I 358 28.71 9.51 -43.33
N ARG I 359 27.80 8.55 -43.26
CA ARG I 359 27.20 7.96 -44.45
C ARG I 359 26.43 9.01 -45.25
N LYS I 360 26.63 8.99 -46.56
CA LYS I 360 26.01 9.95 -47.47
C LYS I 360 25.11 9.21 -48.45
N GLU I 361 23.88 9.68 -48.60
CA GLU I 361 22.94 9.15 -49.58
C GLU I 361 22.52 10.28 -50.52
N VAL I 362 22.35 9.96 -51.80
CA VAL I 362 21.96 10.92 -52.81
C VAL I 362 20.64 10.47 -53.42
N TYR I 363 19.64 11.33 -53.39
CA TYR I 363 18.34 11.09 -54.01
C TYR I 363 18.17 12.09 -55.15
N GLN I 364 18.57 11.67 -56.35
CA GLN I 364 18.43 12.52 -57.53
C GLN I 364 17.05 12.35 -58.14
N PHE I 365 16.45 13.47 -58.56
CA PHE I 365 15.16 13.44 -59.24
C PHE I 365 15.24 14.42 -60.41
N TYR I 366 15.06 13.90 -61.62
CA TYR I 366 15.33 14.67 -62.83
C TYR I 366 14.20 14.45 -63.83
N THR I 367 14.16 15.31 -64.84
CA THR I 367 13.23 15.16 -65.95
C THR I 367 13.92 15.09 -67.30
N GLU I 368 14.97 15.88 -67.52
CA GLU I 368 15.73 15.86 -68.76
C GLU I 368 17.14 15.32 -68.58
N ASN I 369 17.93 15.94 -67.69
CA ASN I 369 19.36 15.66 -67.60
C ASN I 369 19.73 15.23 -66.19
N CYS I 370 20.77 14.41 -66.10
CA CYS I 370 21.27 13.91 -64.83
C CYS I 370 22.79 13.99 -64.81
N LEU I 371 23.35 14.18 -63.62
CA LEU I 371 24.78 14.40 -63.46
C LEU I 371 25.53 13.11 -63.17
N ASP I 372 26.81 13.12 -63.50
CA ASP I 372 27.71 11.98 -63.25
C ASP I 372 28.35 12.14 -61.88
N ILE I 373 27.54 11.93 -60.85
CA ILE I 373 27.99 11.97 -59.46
C ILE I 373 28.83 10.72 -59.21
N PRO I 374 29.75 10.73 -58.24
CA PRO I 374 30.61 9.56 -58.01
C PRO I 374 29.82 8.34 -57.55
N SER I 375 30.40 7.16 -57.79
CA SER I 375 29.66 5.91 -57.72
C SER I 375 29.80 5.16 -56.39
N GLN I 376 30.70 5.58 -55.51
CA GLN I 376 30.85 4.84 -54.25
C GLN I 376 29.70 5.13 -53.29
N LEU I 377 29.18 6.35 -53.27
CA LEU I 377 28.07 6.63 -52.39
C LEU I 377 26.76 6.09 -52.98
N PRO I 378 25.80 5.71 -52.14
CA PRO I 378 24.51 5.24 -52.66
C PRO I 378 23.76 6.33 -53.42
N GLN I 379 23.26 5.96 -54.60
CA GLN I 379 22.49 6.85 -55.45
C GLN I 379 21.10 6.28 -55.66
N VAL I 380 20.11 7.17 -55.69
CA VAL I 380 18.71 6.80 -55.95
C VAL I 380 18.20 7.82 -56.95
N ASN I 381 18.13 7.44 -58.22
CA ASN I 381 17.74 8.34 -59.31
C ASN I 381 16.41 7.92 -59.88
N ILE I 382 15.45 8.85 -59.93
CA ILE I 382 14.16 8.64 -60.56
C ILE I 382 13.97 9.72 -61.62
N GLN I 383 13.63 9.30 -62.84
CA GLN I 383 13.15 10.24 -63.84
C GLN I 383 11.65 10.43 -63.67
N VAL I 384 11.22 11.69 -63.63
CA VAL I 384 9.83 12.05 -63.42
C VAL I 384 9.33 12.84 -64.62
N LYS I 385 8.00 12.91 -64.74
CA LYS I 385 7.40 13.70 -65.80
C LYS I 385 7.49 15.20 -65.50
N ASP I 386 7.25 15.57 -64.25
CA ASP I 386 7.27 16.97 -63.85
C ASP I 386 7.63 17.08 -62.38
N PHE I 387 7.90 18.31 -61.95
CA PHE I 387 8.30 18.57 -60.56
C PHE I 387 7.21 18.22 -59.56
N ALA I 388 5.94 18.24 -59.97
CA ALA I 388 4.85 17.95 -59.04
C ALA I 388 4.82 16.49 -58.61
N ASP I 389 5.51 15.60 -59.33
CA ASP I 389 5.55 14.19 -58.97
C ASP I 389 6.61 13.88 -57.91
N ILE I 390 7.55 14.80 -57.68
CA ILE I 390 8.61 14.54 -56.71
C ILE I 390 8.07 14.58 -55.29
N LYS I 391 7.08 15.44 -55.03
CA LYS I 391 6.54 15.58 -53.69
C LYS I 391 5.83 14.30 -53.23
N GLU I 392 5.10 13.65 -54.11
CA GLU I 392 4.44 12.39 -53.78
C GLU I 392 5.39 11.20 -53.81
N ILE I 393 6.66 11.41 -54.09
CA ILE I 393 7.64 10.33 -54.12
C ILE I 393 8.49 10.31 -52.85
N VAL I 394 9.03 11.47 -52.47
CA VAL I 394 9.90 11.57 -51.30
C VAL I 394 9.07 11.52 -50.02
N LYS J 151 -2.37 0.35 71.22
CA LYS J 151 -2.25 1.45 72.18
C LYS J 151 -0.88 1.44 72.85
N SER J 152 0.15 1.21 72.05
CA SER J 152 1.53 1.19 72.53
C SER J 152 2.31 2.30 71.84
N PHE J 153 3.62 2.32 72.07
CA PHE J 153 4.48 3.35 71.48
C PHE J 153 4.60 3.18 69.97
N ASP J 154 4.45 1.96 69.47
CA ASP J 154 4.56 1.68 68.05
C ASP J 154 3.21 1.31 67.41
N ASP J 155 2.11 1.52 68.12
CA ASP J 155 0.80 1.08 67.65
C ASP J 155 -0.18 2.22 67.46
N GLN J 156 -0.33 3.11 68.44
CA GLN J 156 -1.36 4.14 68.41
C GLN J 156 -0.85 5.48 67.87
N LYS J 157 0.27 5.47 67.14
CA LYS J 157 0.82 6.68 66.56
C LYS J 157 0.29 6.97 65.16
N LYS J 158 -0.89 6.46 64.83
CA LYS J 158 -1.47 6.66 63.51
C LYS J 158 -2.80 7.40 63.50
N GLU J 159 -3.54 7.41 64.62
CA GLU J 159 -4.80 8.12 64.66
C GLU J 159 -4.65 9.59 65.04
N THR J 160 -3.46 10.01 65.48
CA THR J 160 -3.19 11.41 65.73
C THR J 160 -2.97 12.21 64.45
N ILE J 161 -2.75 11.54 63.32
CA ILE J 161 -2.59 12.22 62.05
C ILE J 161 -3.90 12.89 61.65
N GLN J 162 -5.03 12.21 61.86
CA GLN J 162 -6.32 12.75 61.44
C GLN J 162 -6.73 13.97 62.25
N ILE J 163 -6.37 14.01 63.54
CA ILE J 163 -6.72 15.16 64.39
C ILE J 163 -5.99 16.41 63.92
N ILE J 164 -4.70 16.29 63.62
CA ILE J 164 -3.93 17.44 63.15
C ILE J 164 -4.38 17.85 61.75
N LYS J 165 -4.75 16.88 60.91
CA LYS J 165 -5.06 17.16 59.51
C LYS J 165 -6.32 18.00 59.36
N ASN J 166 -7.37 17.70 60.13
CA ASN J 166 -8.57 18.53 60.08
C ASN J 166 -8.46 19.78 60.91
N HIS J 167 -7.44 19.89 61.77
CA HIS J 167 -7.24 21.09 62.56
C HIS J 167 -6.77 22.25 61.70
N PHE J 168 -6.05 21.96 60.61
CA PHE J 168 -5.57 22.99 59.70
C PHE J 168 -6.20 22.88 58.32
N GLN J 169 -7.01 21.85 58.07
CA GLN J 169 -7.61 21.55 56.77
C GLN J 169 -6.56 21.45 55.67
N CYS J 170 -5.48 20.74 56.00
CA CYS J 170 -4.33 20.61 55.12
C CYS J 170 -4.39 19.29 54.35
N GLU J 171 -3.40 19.08 53.50
CA GLU J 171 -3.32 17.86 52.71
C GLU J 171 -2.73 16.72 53.54
N ASP J 172 -2.75 15.52 52.94
CA ASP J 172 -2.28 14.33 53.66
C ASP J 172 -0.76 14.28 53.73
N TYR J 173 -0.06 14.80 52.73
CA TYR J 173 1.40 14.70 52.72
C TYR J 173 2.04 15.64 53.72
N GLU J 174 1.47 16.82 53.95
CA GLU J 174 2.03 17.79 54.86
C GLU J 174 1.48 17.66 56.28
N ALA J 175 0.66 16.65 56.54
CA ALA J 175 0.16 16.41 57.88
C ALA J 175 1.04 15.44 58.66
N GLU J 176 1.40 14.31 58.05
CA GLU J 176 2.16 13.29 58.74
C GLU J 176 3.67 13.53 58.66
N HIS J 177 4.15 14.16 57.58
CA HIS J 177 5.57 14.44 57.42
C HIS J 177 5.98 15.85 57.81
N TYR J 178 5.03 16.80 57.90
CA TYR J 178 5.38 18.18 58.17
C TYR J 178 4.75 18.74 59.42
N LEU J 179 3.48 18.41 59.70
CA LEU J 179 2.80 18.98 60.86
C LEU J 179 2.95 18.11 62.10
N TYR J 180 2.74 16.80 61.96
CA TYR J 180 2.89 15.90 63.10
C TYR J 180 4.36 15.76 63.49
N SER J 181 5.25 15.79 62.49
CA SER J 181 6.69 15.72 62.77
C SER J 181 7.17 16.95 63.53
N ASN J 182 6.62 18.12 63.21
CA ASN J 182 6.96 19.34 63.95
C ASN J 182 6.32 19.34 65.34
N ALA J 183 5.16 18.69 65.48
CA ALA J 183 4.45 18.70 66.76
C ALA J 183 5.18 17.88 67.82
N PHE J 184 5.83 16.79 67.43
CA PHE J 184 6.55 15.96 68.38
C PHE J 184 7.79 16.71 68.89
N ARG J 185 8.49 17.40 67.99
CA ARG J 185 9.74 18.06 68.36
C ARG J 185 9.52 19.17 69.39
N LYS J 186 8.44 19.94 69.23
CA LYS J 186 8.13 20.95 70.24
C LYS J 186 7.58 20.32 71.51
N THR J 187 6.89 19.18 71.40
CA THR J 187 6.45 18.45 72.57
C THR J 187 7.63 17.91 73.37
N TYR J 188 8.62 17.35 72.68
CA TYR J 188 9.82 16.87 73.36
C TYR J 188 10.70 18.01 73.87
N ASP J 189 10.54 19.21 73.32
CA ASP J 189 11.28 20.36 73.84
C ASP J 189 10.83 20.72 75.26
N ILE J 190 9.52 20.66 75.52
CA ILE J 190 9.01 20.96 76.85
C ILE J 190 9.03 19.75 77.77
N SER J 191 9.39 18.58 77.26
CA SER J 191 9.46 17.37 78.06
C SER J 191 10.88 16.94 78.41
N CYS J 192 11.87 17.28 77.57
CA CYS J 192 13.25 16.92 77.87
C CYS J 192 13.79 17.74 79.03
N ASN J 193 13.49 19.03 79.08
CA ASN J 193 13.94 19.86 80.18
C ASN J 193 13.16 19.54 81.45
N LYS J 194 13.84 19.65 82.59
CA LYS J 194 13.25 19.35 83.88
C LYS J 194 12.79 20.60 84.61
N LYS J 195 12.78 21.75 83.96
CA LYS J 195 12.40 23.01 84.60
C LYS J 195 10.94 23.35 84.36
N ASP J 196 10.52 23.46 83.10
CA ASP J 196 9.16 23.85 82.74
C ASP J 196 8.50 22.66 82.01
N ARG J 197 7.82 21.83 82.77
CA ARG J 197 7.11 20.67 82.22
C ARG J 197 5.65 20.94 81.96
N ARG J 198 5.18 22.16 82.17
CA ARG J 198 3.78 22.50 81.91
C ARG J 198 3.54 22.61 80.41
N ILE J 199 2.28 22.45 80.02
CA ILE J 199 1.86 22.41 78.62
C ILE J 199 0.98 23.61 78.33
N LYS J 200 1.32 24.35 77.28
CA LYS J 200 0.54 25.47 76.80
C LYS J 200 -0.11 25.13 75.46
N LYS J 201 -1.19 25.85 75.15
CA LYS J 201 -2.00 25.53 73.98
C LYS J 201 -2.10 26.67 72.98
N SER J 202 -2.23 27.92 73.45
CA SER J 202 -2.48 29.05 72.56
C SER J 202 -1.29 29.32 71.64
N ASP J 203 -0.07 29.24 72.16
CA ASP J 203 1.12 29.46 71.34
C ASP J 203 1.62 28.19 70.66
N PHE J 204 1.08 27.03 71.01
CA PHE J 204 1.54 25.78 70.41
C PHE J 204 1.02 25.58 68.99
N VAL J 205 -0.16 26.13 68.68
CA VAL J 205 -0.76 25.92 67.37
C VAL J 205 0.01 26.66 66.29
N GLU J 206 0.38 27.91 66.54
CA GLU J 206 1.12 28.70 65.57
C GLU J 206 2.61 28.39 65.56
N SER J 207 3.12 27.66 66.57
CA SER J 207 4.55 27.39 66.63
C SER J 207 4.95 26.32 65.61
N ILE J 208 4.10 25.33 65.39
CA ILE J 208 4.46 24.23 64.49
C ILE J 208 4.30 24.61 63.03
N ASN J 209 3.49 25.62 62.71
CA ASN J 209 3.27 26.03 61.32
C ASN J 209 4.16 27.22 60.96
N LYS J 210 5.47 26.98 61.00
CA LYS J 210 6.45 27.99 60.63
C LYS J 210 7.02 27.77 59.23
N SER J 211 6.41 26.88 58.44
CA SER J 211 6.80 26.56 57.06
C SER J 211 8.21 25.96 56.98
N LYS J 212 8.68 25.36 58.07
CA LYS J 212 9.93 24.63 58.10
C LYS J 212 9.69 23.24 58.68
N VAL J 213 10.29 22.23 58.07
CA VAL J 213 10.18 20.86 58.56
C VAL J 213 11.29 20.63 59.56
N LEU J 214 10.93 20.44 60.83
CA LEU J 214 11.91 20.23 61.88
C LEU J 214 12.28 18.75 61.97
N PHE J 215 13.57 18.51 62.17
CA PHE J 215 14.07 17.15 62.27
C PHE J 215 13.67 16.54 63.61
N ASN J 216 13.37 15.24 63.59
CA ASN J 216 13.11 14.48 64.81
C ASN J 216 14.14 13.36 64.90
N ILE J 217 14.81 13.28 66.05
CA ILE J 217 15.81 12.23 66.27
C ILE J 217 15.14 10.86 66.40
N TRP J 218 13.91 10.82 66.91
CA TRP J 218 13.25 9.54 67.16
C TRP J 218 12.77 8.88 65.87
N PHE J 219 12.30 9.66 64.90
CA PHE J 219 11.98 9.10 63.59
C PHE J 219 13.23 8.66 62.84
N TYR J 220 14.40 9.20 63.20
CA TYR J 220 15.67 8.72 62.66
C TYR J 220 16.08 7.37 63.24
N GLN J 221 15.41 6.92 64.31
CA GLN J 221 15.88 5.79 65.10
C GLN J 221 15.15 4.48 64.79
N TYR J 222 13.82 4.48 64.85
CA TYR J 222 13.08 3.21 64.77
C TYR J 222 12.77 2.76 63.35
N GLU J 223 13.22 3.49 62.33
CA GLU J 223 13.27 2.97 60.98
C GLU J 223 14.59 3.25 60.28
N GLY J 224 15.47 4.04 60.89
CA GLY J 224 16.83 4.17 60.39
C GLY J 224 17.03 5.33 59.43
N ARG J 225 18.29 5.44 58.99
CA ARG J 225 18.70 6.50 58.08
C ARG J 225 18.05 6.36 56.71
N LYS J 226 18.01 5.13 56.17
CA LYS J 226 17.52 4.94 54.80
C LYS J 226 16.02 5.18 54.70
N GLU J 227 15.25 4.70 55.68
CA GLU J 227 13.81 4.83 55.61
C GLU J 227 13.34 6.26 55.89
N TYR J 228 13.95 6.92 56.88
CA TYR J 228 13.51 8.27 57.26
C TYR J 228 13.77 9.28 56.14
N LEU J 229 14.95 9.22 55.54
CA LEU J 229 15.28 10.17 54.47
C LEU J 229 14.50 9.86 53.20
N ARG J 230 14.09 8.61 53.01
CA ARG J 230 13.29 8.28 51.84
C ARG J 230 11.86 8.77 52.01
N LYS J 231 11.36 8.86 53.25
CA LYS J 231 10.05 9.44 53.49
C LYS J 231 9.99 10.91 53.13
N LEU J 232 11.10 11.63 53.36
CA LEU J 232 11.19 13.04 53.01
C LEU J 232 11.27 13.27 51.51
N LYS J 233 11.45 12.21 50.72
CA LYS J 233 11.70 12.39 49.30
C LYS J 233 10.41 12.57 48.51
N GLU J 234 9.39 11.75 48.77
CA GLU J 234 8.14 11.93 48.04
C GLU J 234 7.24 12.99 48.67
N SER J 235 7.62 13.52 49.84
CA SER J 235 6.78 14.50 50.52
C SER J 235 6.92 15.88 49.90
N PHE J 236 8.16 16.36 49.78
CA PHE J 236 8.41 17.73 49.31
C PHE J 236 9.35 17.80 48.13
N ILE J 237 9.90 16.68 47.67
CA ILE J 237 10.83 16.65 46.55
C ILE J 237 10.15 15.88 45.42
N ARG J 238 8.83 16.07 45.29
CA ARG J 238 8.04 15.42 44.26
C ARG J 238 8.58 15.73 42.87
N ARG J 239 9.03 14.69 42.16
CA ARG J 239 9.59 14.83 40.83
C ARG J 239 8.59 14.31 39.81
N SER J 240 8.94 14.50 38.53
CA SER J 240 8.11 14.03 37.44
C SER J 240 9.03 13.62 36.30
N VAL J 241 8.43 13.09 35.23
CA VAL J 241 9.22 12.74 34.06
C VAL J 241 9.75 13.98 33.37
N ASN J 242 8.91 15.02 33.32
CA ASN J 242 9.12 16.17 32.44
C ASN J 242 9.28 17.45 33.24
N THR J 243 10.20 17.44 34.21
CA THR J 243 10.48 18.59 35.05
C THR J 243 10.77 19.84 34.23
N SER J 244 10.00 20.88 34.48
CA SER J 244 9.99 22.08 33.66
C SER J 244 11.18 22.97 33.97
N PRO J 245 11.59 23.83 33.01
CA PRO J 245 12.69 24.76 33.28
C PRO J 245 12.31 25.88 34.22
N TYR J 246 12.34 25.59 35.53
CA TYR J 246 12.03 26.55 36.57
C TYR J 246 13.31 27.00 37.26
N ALA J 247 13.28 28.22 37.79
CA ALA J 247 14.43 28.79 38.48
C ALA J 247 14.46 28.23 39.89
N ARG J 248 15.13 27.08 40.05
CA ARG J 248 15.18 26.39 41.33
C ARG J 248 16.39 26.85 42.13
N PHE J 249 16.16 27.21 43.38
CA PHE J 249 17.21 27.69 44.28
C PHE J 249 17.45 26.66 45.37
N PHE J 250 18.72 26.39 45.64
CA PHE J 250 19.13 25.36 46.60
C PHE J 250 20.00 26.03 47.66
N ILE J 251 19.40 26.35 48.81
CA ILE J 251 20.11 27.01 49.91
C ILE J 251 20.55 25.92 50.87
N LEU J 252 21.85 25.66 50.93
CA LEU J 252 22.41 24.57 51.73
C LEU J 252 23.33 25.14 52.80
N GLU J 253 23.26 24.58 54.00
CA GLU J 253 24.01 25.10 55.14
C GLU J 253 25.39 24.47 55.18
N PHE J 254 26.42 25.31 55.08
CA PHE J 254 27.81 24.87 55.07
C PHE J 254 28.46 25.31 56.37
N GLN J 255 29.04 24.37 57.10
CA GLN J 255 29.78 24.65 58.32
C GLN J 255 31.26 24.35 58.14
N ASP J 256 32.04 24.72 59.15
CA ASP J 256 33.48 24.51 59.10
C ASP J 256 33.82 23.02 59.22
N LYS J 257 33.07 22.29 60.03
CA LYS J 257 33.36 20.87 60.25
C LYS J 257 33.04 20.01 59.04
N THR J 258 32.26 20.52 58.10
CA THR J 258 31.90 19.76 56.91
C THR J 258 33.07 19.74 55.93
N ASP J 259 33.41 18.55 55.46
CA ASP J 259 34.52 18.38 54.52
C ASP J 259 34.04 18.87 53.16
N ILE J 260 34.98 19.37 52.36
CA ILE J 260 34.67 19.86 51.02
C ILE J 260 34.13 18.74 50.14
N LYS J 261 34.69 17.53 50.30
CA LYS J 261 34.32 16.42 49.43
C LYS J 261 32.88 16.01 49.62
N THR J 262 32.37 16.06 50.86
CA THR J 262 30.97 15.70 51.09
C THR J 262 30.04 16.75 50.48
N VAL J 263 30.44 18.02 50.50
CA VAL J 263 29.65 19.07 49.87
C VAL J 263 29.68 18.91 48.35
N LYS J 264 30.82 18.50 47.80
CA LYS J 264 30.96 18.36 46.35
C LYS J 264 30.04 17.28 45.80
N ASP J 265 29.91 16.16 46.52
CA ASP J 265 29.02 15.09 46.06
C ASP J 265 27.57 15.52 46.04
N CYS J 266 27.19 16.48 46.87
CA CYS J 266 25.85 17.04 46.80
C CYS J 266 25.68 17.97 45.62
N ILE J 267 26.74 18.68 45.24
CA ILE J 267 26.66 19.61 44.10
C ILE J 267 26.51 18.84 42.80
N TYR J 268 27.28 17.77 42.62
CA TYR J 268 27.11 16.91 41.45
C TYR J 268 25.77 16.19 41.47
N LYS J 269 25.25 15.89 42.65
CA LYS J 269 23.92 15.29 42.74
C LYS J 269 22.84 16.29 42.36
N ILE J 270 22.98 17.54 42.83
CA ILE J 270 21.99 18.57 42.50
C ILE J 270 22.05 18.94 41.03
N GLN J 271 23.26 19.11 40.49
CA GLN J 271 23.43 19.54 39.11
C GLN J 271 22.93 18.49 38.13
N SER J 272 23.18 17.20 38.41
CA SER J 272 22.76 16.16 37.48
C SER J 272 21.25 15.96 37.53
N ASN J 273 20.66 16.05 38.72
CA ASN J 273 19.23 15.78 38.86
C ASN J 273 18.37 16.95 38.41
N TRP J 274 18.84 18.18 38.60
CA TRP J 274 18.01 19.37 38.42
C TRP J 274 18.47 20.25 37.26
N SER J 275 19.01 19.66 36.19
CA SER J 275 19.40 20.44 35.04
C SER J 275 19.25 19.61 33.78
N ASN J 276 19.09 20.29 32.65
CA ASN J 276 19.02 19.67 31.32
C ASN J 276 19.81 20.59 30.39
N LEU J 277 21.09 20.27 30.21
CA LEU J 277 21.98 21.04 29.34
C LEU J 277 22.21 20.34 28.01
N SER J 278 21.22 19.61 27.52
CA SER J 278 21.36 18.90 26.25
C SER J 278 21.40 19.89 25.10
N LYS J 279 22.20 19.56 24.08
CA LYS J 279 22.34 20.43 22.92
C LYS J 279 21.06 20.51 22.09
N ARG J 280 20.18 19.52 22.21
CA ARG J 280 18.95 19.49 21.43
C ARG J 280 17.77 20.13 22.15
N THR J 281 17.95 20.60 23.39
CA THR J 281 16.86 21.27 24.08
C THR J 281 16.80 22.74 23.66
N ASP J 282 15.60 23.30 23.71
CA ASP J 282 15.38 24.70 23.39
C ASP J 282 15.30 25.57 24.63
N ARG J 283 14.96 25.01 25.78
CA ARG J 283 14.95 25.72 27.06
C ARG J 283 15.76 24.95 28.07
N PRO J 284 17.09 25.13 28.07
CA PRO J 284 17.90 24.52 29.12
C PRO J 284 17.70 25.24 30.45
N TYR J 285 17.90 24.49 31.53
CA TYR J 285 17.78 25.05 32.87
C TYR J 285 18.90 24.49 33.74
N SER J 286 19.32 25.30 34.71
CA SER J 286 20.38 24.95 35.64
C SER J 286 19.96 25.40 37.04
N PRO J 287 20.35 24.65 38.07
CA PRO J 287 19.99 25.05 39.43
C PRO J 287 20.84 26.19 39.94
N PHE J 288 20.28 26.93 40.90
CA PHE J 288 20.99 27.95 41.64
C PHE J 288 21.39 27.40 42.99
N LEU J 289 22.64 27.65 43.38
CA LEU J 289 23.16 27.15 44.65
C LEU J 289 23.56 28.32 45.55
N LEU J 290 23.20 28.22 46.82
CA LEU J 290 23.57 29.22 47.82
C LEU J 290 24.07 28.50 49.06
N PHE J 291 25.21 28.93 49.58
CA PHE J 291 25.80 28.38 50.79
C PHE J 291 25.96 29.48 51.83
N HIS J 292 25.68 29.14 53.09
CA HIS J 292 25.75 30.10 54.18
C HIS J 292 26.38 29.44 55.39
N GLY J 293 26.83 30.28 56.32
CA GLY J 293 27.39 29.82 57.57
C GLY J 293 28.85 29.42 57.54
N THR J 294 29.50 29.53 56.39
CA THR J 294 30.90 29.15 56.25
C THR J 294 31.74 30.39 55.99
N SER J 295 33.04 30.26 56.30
CA SER J 295 33.97 31.35 56.04
C SER J 295 34.20 31.50 54.55
N ASP J 296 34.60 32.71 54.15
CA ASP J 296 34.84 32.99 52.74
C ASP J 296 36.03 32.20 52.21
N ALA J 297 37.08 32.03 53.03
CA ALA J 297 38.25 31.27 52.61
C ALA J 297 37.89 29.80 52.38
N ASN J 298 37.04 29.24 53.23
CA ASN J 298 36.59 27.86 53.01
C ASN J 298 35.56 27.79 51.90
N LEU J 299 34.79 28.86 51.69
CA LEU J 299 33.82 28.87 50.60
C LEU J 299 34.51 29.02 49.25
N TYR J 300 35.51 29.89 49.16
CA TYR J 300 36.26 30.04 47.92
C TYR J 300 37.06 28.78 47.59
N GLU J 301 37.45 28.02 48.61
CA GLU J 301 38.14 26.75 48.34
C GLU J 301 37.22 25.75 47.64
N LEU J 302 35.96 25.69 48.05
CA LEU J 302 35.01 24.81 47.36
C LEU J 302 34.78 25.25 45.92
N LYS J 303 34.78 26.56 45.69
CA LYS J 303 34.56 27.10 44.35
C LYS J 303 35.70 26.75 43.41
N ASN J 304 36.94 26.73 43.92
CA ASN J 304 38.09 26.48 43.04
C ASN J 304 38.19 25.02 42.61
N GLN J 305 37.97 24.07 43.53
CA GLN J 305 38.01 22.68 43.11
C GLN J 305 36.79 22.30 42.30
N LEU J 306 35.69 23.03 42.43
CA LEU J 306 34.56 22.83 41.53
C LEU J 306 34.92 23.24 40.10
N PHE J 307 35.69 24.33 39.95
CA PHE J 307 36.08 24.78 38.63
C PHE J 307 37.18 23.91 38.04
N ASN J 308 37.97 23.24 38.87
CA ASN J 308 39.08 22.44 38.36
C ASN J 308 38.62 21.12 37.75
N GLU J 309 37.49 20.58 38.22
CA GLU J 309 36.93 19.34 37.66
C GLU J 309 35.85 19.61 36.61
N ASP J 310 36.00 20.70 35.86
CA ASP J 310 35.19 21.01 34.67
C ASP J 310 33.70 21.13 35.00
N LEU J 311 33.40 21.71 36.15
CA LEU J 311 32.03 22.06 36.52
C LEU J 311 31.94 23.58 36.50
N ILE J 312 31.64 24.11 35.32
CA ILE J 312 31.66 25.55 35.08
C ILE J 312 30.39 26.17 35.68
N PHE J 313 30.56 27.28 36.38
CA PHE J 313 29.44 27.98 37.00
C PHE J 313 29.66 29.48 36.87
N THR J 314 28.60 30.23 37.18
CA THR J 314 28.66 31.68 37.27
C THR J 314 28.23 32.11 38.67
N ASP J 315 28.85 33.18 39.15
CA ASP J 315 28.54 33.72 40.48
C ASP J 315 28.15 35.19 40.45
N GLY J 316 27.99 35.78 39.28
CA GLY J 316 27.66 37.19 39.16
C GLY J 316 28.85 38.12 39.14
N TYR J 317 30.07 37.61 39.26
CA TYR J 317 31.29 38.40 39.17
C TYR J 317 32.15 37.82 38.08
N PRO J 318 31.96 38.26 36.82
CA PRO J 318 32.71 37.65 35.70
C PRO J 318 34.18 37.99 35.68
N PHE J 319 34.63 38.99 36.44
CA PHE J 319 36.03 39.37 36.45
C PHE J 319 36.40 39.87 37.84
N LYS J 320 37.68 40.10 38.06
CA LYS J 320 38.16 40.56 39.36
C LYS J 320 37.78 42.02 39.56
N GLY J 321 37.28 42.34 40.75
CA GLY J 321 36.80 43.68 41.03
C GLY J 321 35.45 44.00 40.45
N SER J 322 34.72 43.01 39.97
CA SER J 322 33.42 43.24 39.36
C SER J 322 32.36 43.51 40.44
N VAL J 323 31.43 44.40 40.10
CA VAL J 323 30.21 44.49 40.89
C VAL J 323 29.34 43.28 40.59
N PHE J 324 28.35 43.05 41.45
CA PHE J 324 27.49 41.90 41.30
C PHE J 324 26.52 42.14 40.14
N THR J 325 26.68 41.38 39.07
CA THR J 325 25.79 41.48 37.92
C THR J 325 24.86 40.29 37.90
N PRO J 326 23.57 40.46 38.22
CA PRO J 326 22.66 39.32 38.23
C PRO J 326 22.31 38.78 36.85
N LYS J 327 22.52 39.55 35.78
CA LYS J 327 22.15 39.08 34.46
C LYS J 327 23.08 37.99 33.95
N MET J 328 24.28 37.86 34.51
CA MET J 328 25.11 36.70 34.20
C MET J 328 24.51 35.42 34.76
N LEU J 329 23.88 35.51 35.93
CA LEU J 329 23.21 34.35 36.51
C LEU J 329 21.99 33.96 35.70
N ILE J 330 21.25 34.95 35.20
CA ILE J 330 20.08 34.67 34.36
C ILE J 330 20.50 34.07 33.02
N GLU J 331 21.58 34.60 32.43
CA GLU J 331 22.09 34.03 31.19
C GLU J 331 22.68 32.65 31.41
N GLY J 332 23.27 32.41 32.59
CA GLY J 332 23.77 31.08 32.90
C GLY J 332 22.69 30.06 33.13
N PHE J 333 21.47 30.50 33.44
CA PHE J 333 20.33 29.60 33.53
C PHE J 333 20.01 28.98 32.18
N SER J 334 20.07 29.76 31.11
CA SER J 334 19.81 29.30 29.76
C SER J 334 21.07 28.95 29.00
N ASN J 335 22.22 28.94 29.66
CA ASN J 335 23.48 28.61 29.02
C ASN J 335 23.77 27.12 29.23
N LYS J 336 23.98 26.41 28.13
CA LYS J 336 24.25 24.98 28.20
C LYS J 336 25.67 24.68 28.67
N GLU J 337 26.59 25.63 28.53
CA GLU J 337 27.96 25.45 29.00
C GLU J 337 28.14 25.81 30.46
N ILE J 338 27.12 26.37 31.10
CA ILE J 338 27.17 26.71 32.52
C ILE J 338 26.33 25.68 33.26
N HIS J 339 26.99 24.88 34.10
CA HIS J 339 26.34 23.72 34.69
C HIS J 339 25.37 24.13 35.80
N PHE J 340 25.74 25.12 36.60
CA PHE J 340 24.91 25.59 37.70
C PHE J 340 25.33 27.02 38.01
N GLN J 341 24.71 27.59 39.05
CA GLN J 341 24.98 28.95 39.47
C GLN J 341 25.34 28.97 40.95
N PHE J 342 26.30 29.81 41.30
CA PHE J 342 26.85 29.89 42.64
C PHE J 342 26.51 31.26 43.23
N ILE J 343 25.37 31.37 43.91
CA ILE J 343 25.05 32.60 44.62
C ILE J 343 25.95 32.71 45.85
N ASN J 344 26.59 33.87 46.00
CA ASN J 344 27.63 34.02 47.03
C ASN J 344 27.02 34.06 48.43
N ASP J 345 26.17 35.04 48.70
CA ASP J 345 25.55 35.14 50.01
C ASP J 345 24.16 35.77 49.86
N ILE J 346 23.58 36.21 50.97
CA ILE J 346 22.17 36.61 51.01
C ILE J 346 21.95 37.89 50.22
N ASP J 347 22.90 38.83 50.26
CA ASP J 347 22.74 40.09 49.55
C ASP J 347 22.65 39.88 48.05
N ASP J 348 23.48 38.99 47.51
CA ASP J 348 23.36 38.61 46.11
C ASP J 348 22.19 37.67 45.87
N PHE J 349 21.67 37.02 46.92
CA PHE J 349 20.55 36.10 46.74
C PHE J 349 19.27 36.86 46.39
N ASN J 350 18.94 37.91 47.15
CA ASN J 350 17.69 38.62 46.92
C ASN J 350 17.72 39.47 45.66
N GLU J 351 18.90 39.77 45.13
CA GLU J 351 18.96 40.60 43.92
C GLU J 351 18.52 39.81 42.68
N THR J 352 18.85 38.53 42.61
CA THR J 352 18.39 37.70 41.50
C THR J 352 16.91 37.36 41.60
N LEU J 353 16.34 37.40 42.80
CA LEU J 353 14.91 37.16 42.95
C LEU J 353 14.07 38.16 42.17
N ASN J 354 14.49 39.43 42.17
CA ASN J 354 13.78 40.44 41.38
C ASN J 354 14.06 40.30 39.89
N SER J 355 15.13 39.61 39.52
CA SER J 355 15.53 39.54 38.11
C SER J 355 14.76 38.48 37.34
N ILE J 356 14.49 37.32 37.96
CA ILE J 356 13.84 36.22 37.26
C ILE J 356 12.32 36.41 37.31
N ASN J 357 11.68 36.32 36.15
CA ASN J 357 10.24 36.43 36.06
C ASN J 357 9.54 35.09 35.82
N ILE J 358 10.30 34.03 35.59
CA ILE J 358 9.75 32.69 35.36
C ILE J 358 9.39 32.05 36.69
N ARG J 359 8.66 30.92 36.63
CA ARG J 359 8.22 30.22 37.83
C ARG J 359 9.46 29.78 38.63
N LYS J 360 9.43 30.03 39.93
CA LYS J 360 10.62 30.03 40.76
C LYS J 360 10.37 29.18 42.00
N GLU J 361 11.29 28.28 42.32
CA GLU J 361 11.17 27.41 43.48
C GLU J 361 12.41 27.52 44.36
N VAL J 362 12.25 27.14 45.62
CA VAL J 362 13.31 27.22 46.62
C VAL J 362 13.35 25.89 47.37
N TYR J 363 14.54 25.30 47.47
CA TYR J 363 14.75 24.07 48.23
C TYR J 363 15.86 24.35 49.25
N GLN J 364 15.48 24.60 50.50
CA GLN J 364 16.45 24.89 51.55
C GLN J 364 16.70 23.65 52.40
N PHE J 365 17.96 23.35 52.66
CA PHE J 365 18.35 22.23 53.50
C PHE J 365 19.39 22.73 54.49
N TYR J 366 19.07 22.70 55.78
CA TYR J 366 19.91 23.30 56.80
C TYR J 366 20.19 22.27 57.89
N THR J 367 21.03 22.65 58.85
CA THR J 367 21.30 21.83 60.02
C THR J 367 20.94 22.56 61.31
N GLU J 368 21.39 23.81 61.48
CA GLU J 368 21.08 24.60 62.66
C GLU J 368 20.35 25.89 62.34
N ASN J 369 20.86 26.69 61.41
CA ASN J 369 20.30 28.00 61.10
C ASN J 369 19.57 27.96 59.76
N CYS J 370 18.36 28.50 59.74
CA CYS J 370 17.58 28.68 58.53
C CYS J 370 17.67 30.13 58.07
N LEU J 371 17.49 30.32 56.76
CA LEU J 371 17.55 31.64 56.15
C LEU J 371 16.15 32.11 55.78
N ASP J 372 15.88 33.39 56.04
CA ASP J 372 14.56 33.97 55.80
C ASP J 372 14.34 34.15 54.30
N ILE J 373 13.54 33.28 53.71
CA ILE J 373 13.15 33.39 52.31
C ILE J 373 11.79 34.08 52.29
N PRO J 374 11.50 34.93 51.29
CA PRO J 374 10.15 35.49 51.17
C PRO J 374 9.08 34.42 51.02
N SER J 375 7.85 34.79 51.38
CA SER J 375 6.75 33.84 51.43
C SER J 375 5.88 33.83 50.19
N GLN J 376 6.16 34.67 49.20
CA GLN J 376 5.32 34.73 48.01
C GLN J 376 5.68 33.69 46.96
N LEU J 377 6.74 32.91 47.18
CA LEU J 377 7.13 31.81 46.30
C LEU J 377 7.25 30.54 47.13
N PRO J 378 7.07 29.36 46.53
CA PRO J 378 7.16 28.12 47.32
C PRO J 378 8.56 27.85 47.83
N GLN J 379 8.62 27.25 49.01
CA GLN J 379 9.87 26.84 49.63
C GLN J 379 9.76 25.40 50.12
N VAL J 380 10.92 24.77 50.28
CA VAL J 380 11.04 23.48 50.98
C VAL J 380 12.18 23.65 51.98
N ASN J 381 11.86 23.61 53.27
CA ASN J 381 12.84 23.80 54.33
C ASN J 381 12.92 22.50 55.13
N ILE J 382 14.09 21.84 55.08
CA ILE J 382 14.27 20.51 55.68
C ILE J 382 15.51 20.54 56.56
N GLN J 383 15.38 20.07 57.79
CA GLN J 383 16.49 19.95 58.72
C GLN J 383 17.02 18.52 58.73
N VAL J 384 18.35 18.38 58.67
CA VAL J 384 19.02 17.09 58.58
C VAL J 384 20.10 17.01 59.66
N LYS J 385 20.70 15.81 59.79
CA LYS J 385 21.88 15.67 60.64
C LYS J 385 23.14 16.23 60.00
N ASP J 386 23.62 15.61 58.92
CA ASP J 386 24.85 16.04 58.28
C ASP J 386 24.58 16.39 56.83
N PHE J 387 25.63 16.87 56.16
CA PHE J 387 25.52 17.25 54.76
C PHE J 387 25.36 16.04 53.84
N ALA J 388 25.78 14.86 54.29
CA ALA J 388 25.61 13.66 53.48
C ALA J 388 24.14 13.25 53.38
N ASP J 389 23.32 13.66 54.36
CA ASP J 389 21.89 13.41 54.29
C ASP J 389 21.19 14.25 53.24
N ILE J 390 21.80 15.36 52.83
CA ILE J 390 21.18 16.25 51.84
C ILE J 390 21.20 15.59 50.47
N LYS J 391 22.28 14.88 50.15
CA LYS J 391 22.47 14.31 48.81
C LYS J 391 21.43 13.24 48.50
N GLU J 392 21.09 12.40 49.48
CA GLU J 392 20.11 11.34 49.26
C GLU J 392 18.67 11.83 49.21
N ILE J 393 18.42 13.10 49.51
CA ILE J 393 17.08 13.67 49.45
C ILE J 393 16.80 14.30 48.10
N VAL J 394 17.74 15.09 47.59
CA VAL J 394 17.57 15.79 46.32
C VAL J 394 17.77 14.83 45.15
N LYS K 151 -52.74 36.25 31.40
CA LYS K 151 -52.71 35.18 32.39
C LYS K 151 -51.36 34.48 32.39
N SER K 152 -51.21 33.49 31.51
CA SER K 152 -49.95 32.77 31.40
C SER K 152 -48.87 33.64 30.78
N PHE K 153 -47.64 33.50 31.29
CA PHE K 153 -46.54 34.35 30.83
C PHE K 153 -46.11 33.98 29.42
N ASP K 154 -46.08 32.68 29.10
CA ASP K 154 -45.56 32.24 27.81
C ASP K 154 -46.52 32.58 26.67
N ASP K 155 -47.83 32.45 26.91
CA ASP K 155 -48.80 32.74 25.85
C ASP K 155 -48.98 34.24 25.64
N GLN K 156 -48.88 35.03 26.71
CA GLN K 156 -49.02 36.48 26.56
C GLN K 156 -47.79 37.10 25.93
N LYS K 157 -46.61 36.52 26.16
CA LYS K 157 -45.39 37.06 25.56
C LYS K 157 -45.35 36.81 24.06
N LYS K 158 -45.88 35.66 23.61
CA LYS K 158 -45.85 35.34 22.19
C LYS K 158 -46.76 36.26 21.38
N GLU K 159 -47.97 36.52 21.88
CA GLU K 159 -48.90 37.36 21.11
C GLU K 159 -48.46 38.81 21.08
N THR K 160 -47.72 39.27 22.09
CA THR K 160 -47.18 40.62 22.05
C THR K 160 -46.02 40.73 21.05
N ILE K 161 -45.26 39.64 20.88
CA ILE K 161 -44.16 39.66 19.93
C ILE K 161 -44.69 39.67 18.49
N GLN K 162 -45.74 38.88 18.22
CA GLN K 162 -46.31 38.82 16.88
C GLN K 162 -46.98 40.12 16.46
N ILE K 163 -47.34 40.99 17.42
CA ILE K 163 -47.88 42.30 17.06
C ILE K 163 -46.83 43.15 16.38
N ILE K 164 -45.62 43.21 16.95
CA ILE K 164 -44.53 43.99 16.36
C ILE K 164 -43.73 43.19 15.35
N LYS K 165 -43.90 41.87 15.30
CA LYS K 165 -43.19 41.08 14.30
C LYS K 165 -43.70 41.40 12.89
N ASN K 166 -45.02 41.52 12.72
CA ASN K 166 -45.59 41.90 11.45
C ASN K 166 -45.59 43.41 11.23
N HIS K 167 -45.31 44.20 12.28
CA HIS K 167 -45.30 45.65 12.13
C HIS K 167 -44.06 46.11 11.39
N PHE K 168 -42.90 45.52 11.69
CA PHE K 168 -41.65 45.92 11.08
C PHE K 168 -41.03 44.82 10.22
N GLN K 169 -41.77 43.73 9.97
CA GLN K 169 -41.34 42.52 9.25
C GLN K 169 -39.91 42.10 9.59
N CYS K 170 -39.61 42.07 10.88
CA CYS K 170 -38.28 41.74 11.35
C CYS K 170 -38.10 40.23 11.43
N GLU K 171 -36.91 39.80 11.85
CA GLU K 171 -36.57 38.40 11.96
C GLU K 171 -36.86 37.91 13.39
N ASP K 172 -36.44 36.67 13.69
CA ASP K 172 -36.80 36.05 14.96
C ASP K 172 -36.04 36.69 16.13
N TYR K 173 -34.73 36.87 15.99
CA TYR K 173 -33.94 37.44 17.08
C TYR K 173 -34.13 38.94 17.23
N GLU K 174 -34.71 39.61 16.23
CA GLU K 174 -34.87 41.05 16.26
C GLU K 174 -36.16 41.50 16.92
N ALA K 175 -36.99 40.58 17.41
CA ALA K 175 -38.28 40.94 17.98
C ALA K 175 -38.23 41.04 19.51
N GLU K 176 -37.91 39.95 20.21
CA GLU K 176 -37.99 39.96 21.66
C GLU K 176 -36.76 40.57 22.33
N HIS K 177 -35.67 40.77 21.58
CA HIS K 177 -34.46 41.34 22.15
C HIS K 177 -34.17 42.76 21.68
N TYR K 178 -34.81 43.21 20.60
CA TYR K 178 -34.56 44.52 20.03
C TYR K 178 -35.78 45.43 20.09
N LEU K 179 -36.96 44.93 19.74
CA LEU K 179 -38.17 45.73 19.70
C LEU K 179 -39.04 45.56 20.94
N TYR K 180 -39.27 44.31 21.36
CA TYR K 180 -40.10 44.07 22.53
C TYR K 180 -39.43 44.54 23.81
N SER K 181 -38.11 44.38 23.90
CA SER K 181 -37.37 44.83 25.07
C SER K 181 -37.40 46.35 25.20
N ASN K 182 -37.28 47.06 24.07
CA ASN K 182 -37.34 48.52 24.11
C ASN K 182 -38.77 49.00 24.36
N ALA K 183 -39.77 48.26 23.89
CA ALA K 183 -41.16 48.65 24.11
C ALA K 183 -41.56 48.48 25.56
N PHE K 184 -40.96 47.52 26.28
CA PHE K 184 -41.29 47.33 27.69
C PHE K 184 -40.76 48.50 28.52
N ARG K 185 -39.58 49.00 28.19
CA ARG K 185 -39.02 50.11 28.96
C ARG K 185 -39.77 51.41 28.68
N LYS K 186 -40.13 51.65 27.42
CA LYS K 186 -40.85 52.88 27.07
C LYS K 186 -42.25 52.90 27.68
N THR K 187 -42.91 51.75 27.75
CA THR K 187 -44.20 51.68 28.44
C THR K 187 -44.01 51.89 29.94
N TYR K 188 -42.94 51.33 30.52
CA TYR K 188 -42.67 51.57 31.93
C TYR K 188 -42.25 53.00 32.20
N ASP K 189 -41.53 53.63 31.26
CA ASP K 189 -41.14 55.02 31.44
C ASP K 189 -42.34 55.95 31.36
N ILE K 190 -43.30 55.65 30.46
CA ILE K 190 -44.50 56.48 30.35
C ILE K 190 -45.51 56.18 31.44
N SER K 191 -45.37 55.07 32.16
CA SER K 191 -46.28 54.73 33.25
C SER K 191 -45.86 55.32 34.58
N CYS K 192 -44.56 55.45 34.83
CA CYS K 192 -44.07 56.05 36.06
C CYS K 192 -44.11 57.57 36.04
N ASN K 193 -44.38 58.17 34.88
CA ASN K 193 -44.48 59.62 34.79
C ASN K 193 -45.82 60.07 35.36
N LYS K 194 -45.78 60.86 36.43
CA LYS K 194 -46.99 61.35 37.07
C LYS K 194 -47.65 62.49 36.30
N LYS K 195 -46.95 63.08 35.33
CA LYS K 195 -47.50 64.21 34.59
C LYS K 195 -48.18 63.80 33.30
N ASP K 196 -47.76 62.68 32.70
CA ASP K 196 -48.31 62.22 31.43
C ASP K 196 -48.53 60.72 31.52
N ARG K 197 -49.70 60.26 31.07
CA ARG K 197 -50.01 58.84 31.00
C ARG K 197 -50.62 58.40 29.68
N ARG K 198 -51.22 59.31 28.91
CA ARG K 198 -51.84 58.98 27.64
C ARG K 198 -50.85 59.28 26.51
N ILE K 199 -50.53 58.26 25.72
CA ILE K 199 -49.63 58.39 24.59
C ILE K 199 -50.28 57.75 23.37
N LYS K 200 -49.81 58.15 22.19
CA LYS K 200 -50.37 57.70 20.94
C LYS K 200 -49.46 56.67 20.27
N LYS K 201 -50.04 55.88 19.37
CA LYS K 201 -49.31 54.84 18.67
C LYS K 201 -48.43 55.41 17.55
N SER K 202 -48.68 56.65 17.12
CA SER K 202 -47.89 57.24 16.04
C SER K 202 -46.46 57.55 16.50
N ASP K 203 -46.32 58.19 17.66
CA ASP K 203 -45.00 58.51 18.17
C ASP K 203 -44.31 57.31 18.82
N PHE K 204 -45.09 56.36 19.36
CA PHE K 204 -44.51 55.21 20.04
C PHE K 204 -43.82 54.29 19.05
N VAL K 205 -44.38 54.14 17.84
CA VAL K 205 -43.74 53.33 16.81
C VAL K 205 -42.41 53.96 16.37
N GLU K 206 -42.40 55.28 16.18
CA GLU K 206 -41.18 55.96 15.76
C GLU K 206 -40.15 56.06 16.89
N SER K 207 -40.57 55.94 18.15
CA SER K 207 -39.66 55.99 19.28
C SER K 207 -39.08 54.63 19.63
N ILE K 208 -39.42 53.58 18.88
CA ILE K 208 -38.94 52.23 19.12
C ILE K 208 -37.98 51.78 18.02
N ASN K 209 -38.35 52.00 16.77
CA ASN K 209 -37.55 51.54 15.63
C ASN K 209 -36.34 52.47 15.43
N LYS K 210 -35.41 52.36 16.37
CA LYS K 210 -34.14 53.06 16.31
C LYS K 210 -33.03 52.03 16.51
N SER K 211 -31.87 52.29 15.91
CA SER K 211 -30.75 51.35 16.00
C SER K 211 -30.13 51.40 17.39
N LYS K 212 -30.84 50.87 18.38
CA LYS K 212 -30.50 51.06 19.79
C LYS K 212 -31.23 50.01 20.61
N VAL K 213 -30.49 49.26 21.41
CA VAL K 213 -31.06 48.27 22.31
C VAL K 213 -30.94 48.82 23.73
N LEU K 214 -32.09 49.04 24.37
CA LEU K 214 -32.12 49.65 25.70
C LEU K 214 -32.11 48.59 26.79
N PHE K 215 -31.62 48.98 27.95
CA PHE K 215 -31.54 48.08 29.09
C PHE K 215 -32.91 47.92 29.75
N ASN K 216 -33.17 46.70 30.22
CA ASN K 216 -34.37 46.39 31.00
C ASN K 216 -33.96 45.99 32.40
N ILE K 217 -34.35 46.80 33.39
CA ILE K 217 -33.98 46.52 34.78
C ILE K 217 -34.74 45.30 35.29
N TRP K 218 -36.03 45.19 34.93
CA TRP K 218 -36.84 44.08 35.44
C TRP K 218 -36.47 42.76 34.80
N PHE K 219 -36.14 42.77 33.50
CA PHE K 219 -35.67 41.55 32.85
C PHE K 219 -34.31 41.12 33.38
N TYR K 220 -33.50 42.08 33.86
CA TYR K 220 -32.26 41.74 34.55
C TYR K 220 -32.56 41.01 35.86
N GLN K 221 -33.58 41.46 36.59
CA GLN K 221 -33.96 40.76 37.82
C GLN K 221 -34.73 39.49 37.53
N TYR K 222 -35.48 39.44 36.43
CA TYR K 222 -36.24 38.25 36.08
C TYR K 222 -35.31 37.10 35.65
N GLU K 223 -34.28 37.42 34.87
CA GLU K 223 -33.42 36.40 34.29
C GLU K 223 -32.09 36.24 35.01
N GLY K 224 -31.50 37.34 35.49
CA GLY K 224 -30.19 37.30 36.11
C GLY K 224 -29.09 37.74 35.15
N ARG K 225 -27.92 38.01 35.73
CA ARG K 225 -26.77 38.43 34.94
C ARG K 225 -26.06 37.26 34.24
N LYS K 226 -26.42 36.02 34.56
CA LYS K 226 -25.95 34.87 33.78
C LYS K 226 -26.91 34.51 32.65
N GLU K 227 -28.03 35.19 32.53
CA GLU K 227 -29.01 34.88 31.49
C GLU K 227 -29.33 36.08 30.61
N TYR K 228 -29.42 37.28 31.18
CA TYR K 228 -29.62 38.47 30.35
C TYR K 228 -28.37 38.78 29.54
N LEU K 229 -27.19 38.71 30.16
CA LEU K 229 -25.95 38.87 29.41
C LEU K 229 -25.73 37.71 28.45
N ARG K 230 -26.24 36.52 28.80
CA ARG K 230 -26.22 35.40 27.86
C ARG K 230 -27.11 35.69 26.66
N LYS K 231 -28.33 36.17 26.90
CA LYS K 231 -29.28 36.42 25.82
C LYS K 231 -28.80 37.50 24.87
N LEU K 232 -28.00 38.45 25.36
CA LEU K 232 -27.47 39.50 24.51
C LEU K 232 -26.34 39.02 23.62
N LYS K 233 -25.79 37.83 23.87
CA LYS K 233 -24.62 37.39 23.15
C LYS K 233 -24.98 36.72 21.83
N GLU K 234 -25.97 35.82 21.82
CA GLU K 234 -26.34 35.15 20.58
C GLU K 234 -27.37 35.93 19.77
N SER K 235 -27.76 37.13 20.20
CA SER K 235 -28.70 37.92 19.43
C SER K 235 -27.98 38.79 18.39
N PHE K 236 -27.02 39.61 18.82
CA PHE K 236 -26.36 40.56 17.95
C PHE K 236 -24.87 40.30 17.76
N ILE K 237 -24.28 39.39 18.53
CA ILE K 237 -22.85 39.11 18.51
C ILE K 237 -22.72 37.64 18.09
N ARG K 238 -23.58 37.23 17.15
CA ARG K 238 -23.47 35.91 16.55
C ARG K 238 -22.10 35.71 15.93
N ARG K 239 -21.52 34.54 16.17
CA ARG K 239 -20.16 34.22 15.75
C ARG K 239 -20.14 32.96 14.91
N SER K 240 -19.11 32.82 14.11
CA SER K 240 -18.86 31.64 13.29
C SER K 240 -17.52 31.03 13.69
N VAL K 241 -17.18 29.93 13.03
CA VAL K 241 -15.91 29.27 13.30
C VAL K 241 -14.75 30.13 12.80
N ASN K 242 -14.85 30.60 11.57
CA ASN K 242 -13.82 31.43 10.96
C ASN K 242 -14.26 32.89 11.00
N THR K 243 -13.62 33.67 11.86
CA THR K 243 -13.91 35.09 11.94
C THR K 243 -13.23 35.81 10.78
N SER K 244 -14.02 36.53 9.99
CA SER K 244 -13.50 37.17 8.79
C SER K 244 -12.67 38.40 9.15
N PRO K 245 -11.67 38.74 8.33
CA PRO K 245 -10.87 39.93 8.60
C PRO K 245 -11.61 41.22 8.32
N TYR K 246 -12.47 41.63 9.25
CA TYR K 246 -13.29 42.82 9.11
C TYR K 246 -12.75 43.92 10.01
N ALA K 247 -12.98 45.16 9.60
CA ALA K 247 -12.59 46.33 10.40
C ALA K 247 -13.67 46.55 11.43
N ARG K 248 -13.48 45.96 12.61
CA ARG K 248 -14.49 45.96 13.66
C ARG K 248 -14.16 47.01 14.70
N PHE K 249 -15.13 47.88 14.99
CA PHE K 249 -14.94 49.04 15.84
C PHE K 249 -15.71 48.83 17.14
N PHE K 250 -15.02 48.96 18.27
CA PHE K 250 -15.60 48.74 19.58
C PHE K 250 -15.62 50.07 20.32
N ILE K 251 -16.82 50.64 20.46
CA ILE K 251 -17.01 51.92 21.12
C ILE K 251 -17.55 51.63 22.52
N LEU K 252 -16.77 51.97 23.54
CA LEU K 252 -17.13 51.70 24.91
C LEU K 252 -17.19 53.01 25.69
N GLU K 253 -18.04 53.05 26.71
CA GLU K 253 -18.22 54.23 27.53
C GLU K 253 -17.32 54.13 28.76
N PHE K 254 -16.31 54.98 28.83
CA PHE K 254 -15.41 55.05 29.97
C PHE K 254 -15.84 56.24 30.83
N GLN K 255 -16.03 56.01 32.12
CA GLN K 255 -16.39 57.07 33.05
C GLN K 255 -15.41 57.07 34.20
N ASP K 256 -15.54 58.09 35.06
CA ASP K 256 -14.67 58.22 36.22
C ASP K 256 -15.05 57.26 37.35
N LYS K 257 -16.29 56.74 37.35
CA LYS K 257 -16.69 55.80 38.38
C LYS K 257 -16.09 54.42 38.14
N THR K 258 -15.90 54.03 36.88
CA THR K 258 -15.32 52.74 36.54
C THR K 258 -13.80 52.87 36.53
N ASP K 259 -13.13 52.06 37.33
CA ASP K 259 -11.69 52.13 37.46
C ASP K 259 -11.00 51.47 36.27
N ILE K 260 -9.68 51.67 36.21
CA ILE K 260 -8.89 51.25 35.05
C ILE K 260 -8.70 49.74 35.03
N LYS K 261 -8.80 49.07 36.18
CA LYS K 261 -8.64 47.62 36.19
C LYS K 261 -9.79 46.93 35.46
N THR K 262 -11.03 47.37 35.72
CA THR K 262 -12.19 46.73 35.09
C THR K 262 -12.36 47.11 33.62
N VAL K 263 -11.68 48.14 33.14
CA VAL K 263 -11.73 48.44 31.72
C VAL K 263 -10.60 47.72 30.97
N LYS K 264 -9.51 47.36 31.66
CA LYS K 264 -8.38 46.74 31.00
C LYS K 264 -8.70 45.31 30.57
N ASP K 265 -9.32 44.52 31.45
CA ASP K 265 -9.60 43.13 31.11
C ASP K 265 -10.69 43.01 30.05
N CYS K 266 -11.53 44.03 29.90
CA CYS K 266 -12.44 44.08 28.77
C CYS K 266 -11.69 44.20 27.45
N ILE K 267 -10.63 45.02 27.43
CA ILE K 267 -9.81 45.15 26.23
C ILE K 267 -9.08 43.85 25.93
N TYR K 268 -8.64 43.13 26.97
CA TYR K 268 -8.08 41.80 26.77
C TYR K 268 -9.10 40.83 26.19
N LYS K 269 -10.35 40.91 26.64
CA LYS K 269 -11.39 40.07 26.08
C LYS K 269 -11.69 40.43 24.63
N ILE K 270 -11.70 41.72 24.31
CA ILE K 270 -11.93 42.15 22.93
C ILE K 270 -10.77 41.77 22.04
N GLN K 271 -9.53 41.96 22.53
CA GLN K 271 -8.35 41.68 21.71
C GLN K 271 -8.18 40.18 21.46
N SER K 272 -8.47 39.35 22.47
CA SER K 272 -8.30 37.92 22.29
C SER K 272 -9.35 37.33 21.37
N ASN K 273 -10.57 37.83 21.44
CA ASN K 273 -11.66 37.24 20.66
C ASN K 273 -11.68 37.74 19.23
N TRP K 274 -11.42 39.03 19.03
CA TRP K 274 -11.68 39.69 17.74
C TRP K 274 -10.41 39.95 16.95
N SER K 275 -9.29 39.33 17.32
CA SER K 275 -8.06 39.46 16.55
C SER K 275 -7.47 38.08 16.30
N ASN K 276 -6.79 37.95 15.17
CA ASN K 276 -6.04 36.75 14.82
C ASN K 276 -4.70 37.26 14.33
N LEU K 277 -3.74 37.39 15.26
CA LEU K 277 -2.39 37.85 14.96
C LEU K 277 -1.42 36.70 14.75
N SER K 278 -1.91 35.55 14.28
CA SER K 278 -1.06 34.41 14.03
C SER K 278 -0.05 34.72 12.94
N LYS K 279 1.19 34.27 13.14
CA LYS K 279 2.25 34.53 12.16
C LYS K 279 2.01 33.78 10.86
N ARG K 280 1.18 32.75 10.86
CA ARG K 280 0.88 31.99 9.65
C ARG K 280 -0.31 32.54 8.88
N THR K 281 -0.92 33.64 9.34
CA THR K 281 -1.99 34.27 8.59
C THR K 281 -1.46 35.05 7.41
N ASP K 282 -2.27 35.12 6.36
CA ASP K 282 -2.07 36.08 5.28
C ASP K 282 -2.97 37.28 5.40
N ARG K 283 -4.05 37.18 6.19
CA ARG K 283 -4.98 38.28 6.43
C ARG K 283 -5.18 38.44 7.93
N PRO K 284 -4.23 39.07 8.62
CA PRO K 284 -4.42 39.35 10.05
C PRO K 284 -5.38 40.50 10.27
N TYR K 285 -6.02 40.49 11.43
CA TYR K 285 -6.95 41.55 11.80
C TYR K 285 -6.82 41.86 13.29
N SER K 286 -7.12 43.09 13.65
CA SER K 286 -7.09 43.56 15.03
C SER K 286 -8.29 44.45 15.26
N PRO K 287 -8.83 44.48 16.48
CA PRO K 287 -9.99 45.33 16.76
C PRO K 287 -9.60 46.80 16.88
N PHE K 288 -10.58 47.65 16.63
CA PHE K 288 -10.47 49.08 16.86
C PHE K 288 -11.19 49.42 18.16
N LEU K 289 -10.52 50.16 19.04
CA LEU K 289 -11.05 50.50 20.35
C LEU K 289 -11.28 52.00 20.43
N LEU K 290 -12.48 52.40 20.82
CA LEU K 290 -12.85 53.79 20.99
C LEU K 290 -13.48 53.97 22.35
N PHE K 291 -13.11 55.05 23.04
CA PHE K 291 -13.64 55.36 24.36
C PHE K 291 -14.14 56.80 24.38
N HIS K 292 -15.15 57.04 25.21
CA HIS K 292 -15.78 58.36 25.26
C HIS K 292 -16.29 58.61 26.66
N GLY K 293 -16.56 59.90 26.94
CA GLY K 293 -17.16 60.27 28.21
C GLY K 293 -16.23 60.31 29.39
N THR K 294 -14.92 60.22 29.16
CA THR K 294 -13.94 60.28 30.24
C THR K 294 -12.95 61.42 29.99
N SER K 295 -12.25 61.80 31.04
CA SER K 295 -11.21 62.81 30.93
C SER K 295 -10.03 62.25 30.15
N ASP K 296 -9.27 63.16 29.52
CA ASP K 296 -8.08 62.74 28.79
C ASP K 296 -7.01 62.19 29.73
N ALA K 297 -6.97 62.66 30.97
CA ALA K 297 -6.00 62.15 31.94
C ALA K 297 -6.28 60.68 32.27
N ASN K 298 -7.56 60.31 32.40
CA ASN K 298 -7.89 58.92 32.65
C ASN K 298 -7.69 58.06 31.41
N LEU K 299 -7.94 58.62 30.22
CA LEU K 299 -7.70 57.88 28.99
C LEU K 299 -6.21 57.66 28.75
N TYR K 300 -5.40 58.66 29.04
CA TYR K 300 -3.95 58.52 28.84
C TYR K 300 -3.34 57.59 29.87
N GLU K 301 -3.90 57.56 31.08
CA GLU K 301 -3.40 56.66 32.11
C GLU K 301 -3.74 55.20 31.78
N LEU K 302 -4.92 54.97 31.19
CA LEU K 302 -5.27 53.64 30.73
C LEU K 302 -4.36 53.18 29.60
N LYS K 303 -4.04 54.08 28.67
CA LYS K 303 -3.15 53.73 27.56
C LYS K 303 -1.74 53.43 28.05
N ASN K 304 -1.31 54.09 29.13
CA ASN K 304 0.03 53.86 29.64
C ASN K 304 0.13 52.50 30.34
N GLN K 305 -0.93 52.10 31.04
CA GLN K 305 -0.90 50.79 31.70
C GLN K 305 -1.00 49.66 30.68
N LEU K 306 -1.79 49.86 29.62
CA LEU K 306 -1.87 48.85 28.56
C LEU K 306 -0.53 48.68 27.86
N PHE K 307 0.20 49.78 27.67
CA PHE K 307 1.48 49.72 26.99
C PHE K 307 2.54 49.05 27.84
N ASN K 308 2.43 49.15 29.16
CA ASN K 308 3.46 48.62 30.06
C ASN K 308 3.41 47.10 30.20
N GLU K 309 2.33 46.45 29.82
CA GLU K 309 2.21 45.00 29.90
C GLU K 309 2.14 44.37 28.52
N ASP K 310 2.86 44.97 27.57
CA ASP K 310 3.09 44.42 26.23
C ASP K 310 1.79 44.21 25.44
N LEU K 311 0.82 45.09 25.63
CA LEU K 311 -0.37 45.13 24.76
C LEU K 311 -0.16 46.30 23.81
N ILE K 312 0.63 46.06 22.78
CA ILE K 312 1.09 47.11 21.87
C ILE K 312 -0.07 47.53 20.97
N PHE K 313 -0.32 48.84 20.91
CA PHE K 313 -1.40 49.40 20.12
C PHE K 313 -0.89 50.62 19.36
N THR K 314 -1.78 51.20 18.55
CA THR K 314 -1.50 52.44 17.85
C THR K 314 -2.74 53.32 17.90
N ASP K 315 -2.54 54.64 17.88
CA ASP K 315 -3.64 55.58 17.86
C ASP K 315 -3.63 56.49 16.64
N GLY K 316 -2.71 56.30 15.72
CA GLY K 316 -2.55 57.24 14.62
C GLY K 316 -1.68 58.43 14.94
N TYR K 317 -1.08 58.48 16.13
CA TYR K 317 -0.11 59.52 16.50
C TYR K 317 1.20 58.83 16.81
N PRO K 318 2.06 58.61 15.81
CA PRO K 318 3.28 57.83 16.03
C PRO K 318 4.35 58.54 16.85
N PHE K 319 4.25 59.85 17.06
CA PHE K 319 5.27 60.58 17.81
C PHE K 319 4.63 61.79 18.48
N LYS K 320 5.40 62.44 19.33
CA LYS K 320 4.91 63.62 20.04
C LYS K 320 4.79 64.79 19.08
N GLY K 321 3.63 65.46 19.12
CA GLY K 321 3.36 66.55 18.20
C GLY K 321 2.88 66.13 16.84
N SER K 322 2.57 64.85 16.65
CA SER K 322 2.09 64.37 15.36
C SER K 322 0.64 64.79 15.13
N VAL K 323 0.29 64.98 13.86
CA VAL K 323 -1.10 65.10 13.46
C VAL K 323 -1.67 63.69 13.40
N PHE K 324 -2.99 63.57 13.33
CA PHE K 324 -3.60 62.25 13.27
C PHE K 324 -3.34 61.62 11.92
N THR K 325 -2.64 60.49 11.91
CA THR K 325 -2.39 59.74 10.69
C THR K 325 -3.31 58.53 10.69
N PRO K 326 -4.42 58.55 9.94
CA PRO K 326 -5.28 57.37 9.89
C PRO K 326 -4.61 56.17 9.25
N LYS K 327 -3.60 56.40 8.39
CA LYS K 327 -2.89 55.31 7.72
C LYS K 327 -2.18 54.40 8.71
N MET K 328 -1.70 54.96 9.83
CA MET K 328 -1.07 54.14 10.86
C MET K 328 -2.07 53.23 11.54
N LEU K 329 -3.34 53.64 11.61
CA LEU K 329 -4.38 52.75 12.14
C LEU K 329 -4.70 51.64 11.16
N ILE K 330 -4.75 51.94 9.86
CA ILE K 330 -5.06 50.92 8.87
C ILE K 330 -3.91 49.93 8.74
N GLU K 331 -2.68 50.43 8.80
CA GLU K 331 -1.53 49.54 8.75
C GLU K 331 -1.40 48.72 10.03
N GLY K 332 -1.81 49.28 11.16
CA GLY K 332 -1.84 48.51 12.40
C GLY K 332 -2.93 47.47 12.46
N PHE K 333 -3.97 47.63 11.63
CA PHE K 333 -5.00 46.60 11.51
C PHE K 333 -4.42 45.31 10.94
N SER K 334 -3.57 45.42 9.93
CA SER K 334 -2.95 44.26 9.29
C SER K 334 -1.56 43.96 9.84
N ASN K 335 -1.09 44.71 10.83
CA ASN K 335 0.21 44.44 11.43
C ASN K 335 0.07 43.38 12.50
N LYS K 336 0.92 42.36 12.43
CA LYS K 336 0.85 41.24 13.36
C LYS K 336 1.37 41.61 14.74
N GLU K 337 2.20 42.63 14.85
CA GLU K 337 2.76 43.07 16.12
C GLU K 337 1.93 44.15 16.80
N ILE K 338 0.84 44.60 16.19
CA ILE K 338 -0.06 45.58 16.78
C ILE K 338 -1.31 44.83 17.22
N HIS K 339 -1.58 44.83 18.53
CA HIS K 339 -2.65 44.01 19.07
C HIS K 339 -4.02 44.60 18.80
N PHE K 340 -4.17 45.91 18.91
CA PHE K 340 -5.44 46.58 18.64
C PHE K 340 -5.14 48.03 18.30
N GLN K 341 -6.18 48.77 17.96
CA GLN K 341 -6.06 50.18 17.59
C GLN K 341 -6.90 51.01 18.56
N PHE K 342 -6.30 52.09 19.06
CA PHE K 342 -6.90 52.92 20.10
C PHE K 342 -7.32 54.24 19.47
N ILE K 343 -8.56 54.32 18.99
CA ILE K 343 -9.07 55.58 18.48
C ILE K 343 -9.30 56.54 19.64
N ASN K 344 -8.82 57.77 19.51
CA ASN K 344 -8.81 58.70 20.63
C ASN K 344 -10.22 59.21 20.92
N ASP K 345 -10.86 59.83 19.94
CA ASP K 345 -12.21 60.35 20.15
C ASP K 345 -12.96 60.28 18.82
N ILE K 346 -14.08 61.00 18.74
CA ILE K 346 -14.97 60.93 17.57
C ILE K 346 -14.29 61.51 16.34
N ASP K 347 -13.46 62.55 16.52
CA ASP K 347 -12.83 63.21 15.38
C ASP K 347 -11.90 62.27 14.61
N ASP K 348 -11.15 61.45 15.32
CA ASP K 348 -10.34 60.43 14.66
C ASP K 348 -11.16 59.20 14.28
N PHE K 349 -12.37 59.04 14.81
CA PHE K 349 -13.21 57.91 14.44
C PHE K 349 -13.76 58.07 13.04
N ASN K 350 -14.24 59.28 12.70
CA ASN K 350 -14.83 59.49 11.38
C ASN K 350 -13.78 59.51 10.28
N GLU K 351 -12.57 60.01 10.58
CA GLU K 351 -11.51 60.02 9.58
C GLU K 351 -11.01 58.61 9.29
N THR K 352 -11.03 57.73 10.28
CA THR K 352 -10.62 56.34 10.06
C THR K 352 -11.62 55.60 9.19
N LEU K 353 -12.91 55.90 9.33
CA LEU K 353 -13.95 55.24 8.55
C LEU K 353 -13.83 55.57 7.06
N ASN K 354 -13.42 56.79 6.74
CA ASN K 354 -13.31 57.21 5.34
C ASN K 354 -12.12 56.58 4.64
N SER K 355 -11.16 56.04 5.38
CA SER K 355 -9.95 55.47 4.81
C SER K 355 -9.99 53.95 4.73
N ILE K 356 -11.16 53.35 4.92
CA ILE K 356 -11.31 51.90 4.93
C ILE K 356 -12.20 51.49 3.77
N ASN K 357 -11.68 50.60 2.92
CA ASN K 357 -12.46 50.06 1.82
C ASN K 357 -13.03 48.68 2.11
N ILE K 358 -12.53 48.00 3.13
CA ILE K 358 -13.02 46.67 3.49
C ILE K 358 -14.27 46.80 4.34
N ARG K 359 -14.96 45.68 4.56
CA ARG K 359 -16.21 45.66 5.29
C ARG K 359 -16.00 46.05 6.75
N LYS K 360 -16.88 46.93 7.26
CA LYS K 360 -16.77 47.45 8.61
C LYS K 360 -17.95 47.01 9.46
N GLU K 361 -17.68 46.75 10.73
CA GLU K 361 -18.71 46.49 11.73
C GLU K 361 -18.46 47.35 12.95
N VAL K 362 -19.53 47.77 13.61
CA VAL K 362 -19.44 48.61 14.80
C VAL K 362 -20.16 47.91 15.94
N TYR K 363 -19.51 47.85 17.10
CA TYR K 363 -20.08 47.27 18.31
C TYR K 363 -19.98 48.30 19.42
N GLN K 364 -21.07 48.99 19.71
CA GLN K 364 -21.11 50.00 20.76
C GLN K 364 -21.74 49.43 22.02
N PHE K 365 -21.07 49.60 23.15
CA PHE K 365 -21.60 49.22 24.45
C PHE K 365 -21.38 50.37 25.41
N TYR K 366 -22.45 50.81 26.07
CA TYR K 366 -22.43 52.02 26.88
C TYR K 366 -23.26 51.81 28.13
N THR K 367 -23.33 52.86 28.95
CA THR K 367 -24.18 52.88 30.14
C THR K 367 -25.31 53.89 30.02
N GLU K 368 -24.99 55.16 29.77
CA GLU K 368 -26.00 56.20 29.62
C GLU K 368 -25.95 56.88 28.26
N ASN K 369 -24.76 57.29 27.81
CA ASN K 369 -24.62 58.10 26.61
C ASN K 369 -24.12 57.25 25.45
N CYS K 370 -24.80 57.36 24.31
CA CYS K 370 -24.44 56.65 23.09
C CYS K 370 -24.22 57.65 21.97
N LEU K 371 -23.22 57.39 21.13
CA LEU K 371 -22.86 58.33 20.07
C LEU K 371 -23.67 58.05 18.81
N ASP K 372 -23.69 59.04 17.93
CA ASP K 372 -24.37 58.93 16.64
C ASP K 372 -23.40 58.37 15.61
N ILE K 373 -23.79 57.27 14.98
CA ILE K 373 -22.97 56.59 13.98
C ILE K 373 -23.68 56.75 12.64
N PRO K 374 -22.95 56.82 11.53
CA PRO K 374 -23.60 56.74 10.21
C PRO K 374 -24.39 55.45 10.05
N SER K 375 -25.57 55.57 9.43
CA SER K 375 -26.56 54.51 9.47
C SER K 375 -26.24 53.33 8.55
N GLN K 376 -25.43 53.54 7.50
CA GLN K 376 -25.12 52.44 6.61
C GLN K 376 -24.12 51.45 7.19
N LEU K 377 -23.46 51.80 8.29
CA LEU K 377 -22.61 50.82 8.96
C LEU K 377 -23.44 49.84 9.78
N PRO K 378 -23.12 48.55 9.74
CA PRO K 378 -23.79 47.61 10.63
C PRO K 378 -23.36 47.81 12.07
N GLN K 379 -24.26 48.34 12.89
CA GLN K 379 -23.94 48.74 14.25
C GLN K 379 -24.73 47.92 15.25
N VAL K 380 -24.14 47.70 16.41
CA VAL K 380 -24.79 47.05 17.54
C VAL K 380 -24.60 47.96 18.74
N ASN K 381 -25.71 48.51 19.24
CA ASN K 381 -25.69 49.40 20.41
C ASN K 381 -26.40 48.71 21.55
N ILE K 382 -25.68 48.44 22.63
CA ILE K 382 -26.19 47.68 23.77
C ILE K 382 -25.93 48.47 25.04
N GLN K 383 -26.97 48.66 25.85
CA GLN K 383 -26.85 49.37 27.12
C GLN K 383 -26.74 48.36 28.25
N VAL K 384 -25.81 48.61 29.17
CA VAL K 384 -25.53 47.73 30.30
C VAL K 384 -25.54 48.55 31.59
N LYS K 385 -25.60 47.84 32.72
CA LYS K 385 -25.57 48.52 34.01
C LYS K 385 -24.20 49.11 34.30
N ASP K 386 -23.14 48.32 34.13
CA ASP K 386 -21.79 48.75 34.46
C ASP K 386 -20.83 48.19 33.41
N PHE K 387 -19.59 48.67 33.45
CA PHE K 387 -18.60 48.20 32.50
C PHE K 387 -18.21 46.74 32.72
N ALA K 388 -18.39 46.21 33.92
CA ALA K 388 -18.07 44.80 34.15
C ALA K 388 -19.01 43.89 33.39
N ASP K 389 -20.24 44.35 33.08
CA ASP K 389 -21.17 43.57 32.30
C ASP K 389 -20.77 43.45 30.84
N ILE K 390 -19.90 44.34 30.36
CA ILE K 390 -19.58 44.42 28.93
C ILE K 390 -18.77 43.20 28.50
N LYS K 391 -17.86 42.74 29.38
CA LYS K 391 -16.89 41.71 29.02
C LYS K 391 -17.56 40.38 28.70
N GLU K 392 -18.57 39.97 29.48
CA GLU K 392 -19.22 38.70 29.22
C GLU K 392 -20.12 38.76 27.99
N ILE K 393 -20.44 39.96 27.49
CA ILE K 393 -21.29 40.08 26.32
C ILE K 393 -20.47 39.87 25.05
N VAL K 394 -19.30 40.49 24.96
CA VAL K 394 -18.43 40.32 23.80
C VAL K 394 -17.77 38.95 23.84
N LYS L 151 -52.94 26.43 -44.58
CA LYS L 151 -52.02 25.73 -43.70
C LYS L 151 -52.12 26.26 -42.27
N SER L 152 -52.02 25.36 -41.30
CA SER L 152 -52.10 25.74 -39.90
C SER L 152 -50.80 26.44 -39.47
N PHE L 153 -50.85 27.07 -38.29
CA PHE L 153 -49.70 27.80 -37.77
C PHE L 153 -48.53 26.88 -37.44
N ASP L 154 -48.77 25.60 -37.20
CA ASP L 154 -47.72 24.63 -36.94
C ASP L 154 -47.23 23.94 -38.22
N ASP L 155 -47.56 24.48 -39.38
CA ASP L 155 -47.13 23.85 -40.62
C ASP L 155 -46.41 24.78 -41.58
N GLN L 156 -46.83 26.04 -41.69
CA GLN L 156 -46.29 26.90 -42.74
C GLN L 156 -45.01 27.60 -42.34
N LYS L 157 -44.66 27.62 -41.05
CA LYS L 157 -43.43 28.26 -40.64
C LYS L 157 -42.22 27.41 -41.00
N LYS L 158 -42.31 26.10 -40.80
CA LYS L 158 -41.22 25.18 -41.11
C LYS L 158 -41.18 24.77 -42.57
N GLU L 159 -42.00 25.38 -43.42
CA GLU L 159 -41.75 25.39 -44.85
C GLU L 159 -41.32 26.77 -45.34
N THR L 160 -41.41 27.81 -44.50
CA THR L 160 -41.00 29.14 -44.90
C THR L 160 -39.49 29.25 -45.03
N ILE L 161 -38.74 28.48 -44.23
CA ILE L 161 -37.28 28.49 -44.34
C ILE L 161 -36.76 27.58 -45.45
N GLN L 162 -37.52 26.53 -45.80
CA GLN L 162 -37.02 25.52 -46.73
C GLN L 162 -36.78 26.06 -48.14
N ILE L 163 -37.47 27.15 -48.52
CA ILE L 163 -37.18 27.76 -49.81
C ILE L 163 -35.81 28.45 -49.80
N ILE L 164 -35.51 29.18 -48.72
CA ILE L 164 -34.19 29.81 -48.62
C ILE L 164 -33.11 28.77 -48.36
N LYS L 165 -33.39 27.77 -47.52
CA LYS L 165 -32.36 26.81 -47.10
C LYS L 165 -31.86 25.97 -48.27
N ASN L 166 -32.77 25.48 -49.12
CA ASN L 166 -32.35 24.68 -50.26
C ASN L 166 -31.71 25.54 -51.34
N HIS L 167 -32.10 26.81 -51.44
CA HIS L 167 -31.56 27.69 -52.47
C HIS L 167 -30.12 28.09 -52.17
N PHE L 168 -29.83 28.42 -50.91
CA PHE L 168 -28.49 28.88 -50.53
C PHE L 168 -27.59 27.77 -50.01
N GLN L 169 -28.13 26.58 -49.76
CA GLN L 169 -27.40 25.43 -49.21
C GLN L 169 -26.72 25.79 -47.89
N CYS L 170 -27.49 26.44 -47.01
CA CYS L 170 -26.99 26.92 -45.74
C CYS L 170 -27.35 25.95 -44.61
N GLU L 171 -26.92 26.28 -43.40
CA GLU L 171 -27.11 25.45 -42.23
C GLU L 171 -28.36 25.89 -41.46
N ASP L 172 -28.56 25.30 -40.28
CA ASP L 172 -29.79 25.53 -39.52
C ASP L 172 -29.80 26.93 -38.90
N TYR L 173 -28.70 27.34 -38.28
CA TYR L 173 -28.71 28.55 -37.46
C TYR L 173 -28.71 29.82 -38.30
N GLU L 174 -28.06 29.81 -39.46
CA GLU L 174 -27.99 30.98 -40.32
C GLU L 174 -29.15 31.07 -41.29
N ALA L 175 -30.14 30.18 -41.16
CA ALA L 175 -31.34 30.21 -42.00
C ALA L 175 -32.58 30.68 -41.25
N GLU L 176 -32.86 30.08 -40.09
CA GLU L 176 -34.06 30.45 -39.34
C GLU L 176 -33.88 31.76 -38.58
N HIS L 177 -32.67 32.03 -38.09
CA HIS L 177 -32.41 33.22 -37.29
C HIS L 177 -31.74 34.35 -38.06
N TYR L 178 -31.17 34.07 -39.22
CA TYR L 178 -30.42 35.07 -39.98
C TYR L 178 -31.07 35.44 -41.30
N LEU L 179 -31.68 34.48 -42.01
CA LEU L 179 -32.30 34.76 -43.30
C LEU L 179 -33.81 34.84 -43.23
N TYR L 180 -34.45 34.08 -42.33
CA TYR L 180 -35.89 34.20 -42.16
C TYR L 180 -36.23 35.54 -41.52
N SER L 181 -35.50 35.92 -40.46
CA SER L 181 -35.81 37.12 -39.70
C SER L 181 -35.62 38.39 -40.53
N ASN L 182 -34.62 38.40 -41.41
CA ASN L 182 -34.46 39.54 -42.31
C ASN L 182 -35.58 39.59 -43.34
N ALA L 183 -36.05 38.43 -43.80
CA ALA L 183 -37.11 38.39 -44.80
C ALA L 183 -38.45 38.87 -44.23
N PHE L 184 -38.70 38.59 -42.95
CA PHE L 184 -39.92 39.06 -42.30
C PHE L 184 -39.88 40.58 -42.19
N ARG L 185 -38.74 41.15 -41.80
CA ARG L 185 -38.63 42.60 -41.68
C ARG L 185 -38.61 43.27 -43.06
N LYS L 186 -38.02 42.61 -44.06
CA LYS L 186 -37.99 43.18 -45.41
C LYS L 186 -39.32 43.10 -46.12
N THR L 187 -40.31 42.37 -45.58
CA THR L 187 -41.63 42.33 -46.18
C THR L 187 -42.58 43.37 -45.59
N TYR L 188 -42.43 43.71 -44.31
CA TYR L 188 -43.34 44.67 -43.69
C TYR L 188 -43.06 46.08 -44.21
N ASP L 189 -41.78 46.47 -44.28
CA ASP L 189 -41.45 47.81 -44.71
C ASP L 189 -41.71 48.04 -46.20
N ILE L 190 -41.89 46.96 -46.97
CA ILE L 190 -42.32 47.09 -48.36
C ILE L 190 -43.84 46.95 -48.50
N SER L 191 -44.52 46.45 -47.47
CA SER L 191 -45.98 46.36 -47.49
C SER L 191 -46.63 47.56 -46.81
N CYS L 192 -46.02 48.06 -45.72
CA CYS L 192 -46.54 49.26 -45.09
C CYS L 192 -46.34 50.50 -45.95
N ASN L 193 -45.35 50.46 -46.84
CA ASN L 193 -45.15 51.54 -47.80
C ASN L 193 -46.27 51.49 -48.85
N LYS L 194 -46.87 52.65 -49.13
CA LYS L 194 -47.96 52.76 -50.08
C LYS L 194 -47.50 53.28 -51.44
N LYS L 195 -46.27 52.95 -51.84
CA LYS L 195 -45.71 53.40 -53.10
C LYS L 195 -45.48 52.26 -54.07
N ASP L 196 -44.74 51.23 -53.66
CA ASP L 196 -44.41 50.10 -54.53
C ASP L 196 -44.62 48.79 -53.79
N ARG L 197 -45.11 47.79 -54.52
CA ARG L 197 -45.28 46.45 -53.99
C ARG L 197 -44.53 45.39 -54.80
N ARG L 198 -44.46 45.55 -56.12
CA ARG L 198 -43.77 44.59 -56.97
C ARG L 198 -42.27 44.63 -56.71
N ILE L 199 -41.68 43.45 -56.51
CA ILE L 199 -40.24 43.31 -56.31
C ILE L 199 -39.80 41.98 -56.91
N LYS L 200 -38.69 42.01 -57.65
CA LYS L 200 -38.17 40.79 -58.26
C LYS L 200 -37.63 39.85 -57.19
N LYS L 201 -37.72 38.55 -57.46
CA LYS L 201 -37.21 37.56 -56.52
C LYS L 201 -35.69 37.61 -56.41
N SER L 202 -35.01 37.96 -57.50
CA SER L 202 -33.56 38.16 -57.43
C SER L 202 -33.21 39.41 -56.64
N ASP L 203 -34.05 40.44 -56.70
CA ASP L 203 -33.84 41.63 -55.89
C ASP L 203 -34.04 41.29 -54.41
N PHE L 204 -35.06 40.48 -54.12
CA PHE L 204 -35.32 40.06 -52.73
C PHE L 204 -34.23 39.14 -52.20
N VAL L 205 -33.50 38.45 -53.08
CA VAL L 205 -32.40 37.58 -52.64
C VAL L 205 -31.26 38.40 -52.07
N GLU L 206 -30.85 39.46 -52.79
CA GLU L 206 -29.76 40.30 -52.33
C GLU L 206 -30.17 41.30 -51.27
N SER L 207 -31.46 41.53 -51.08
CA SER L 207 -31.92 42.46 -50.06
C SER L 207 -31.81 41.87 -48.65
N ILE L 208 -31.99 40.55 -48.52
CA ILE L 208 -31.94 39.92 -47.21
C ILE L 208 -30.61 39.20 -46.95
N ASN L 209 -29.81 38.93 -47.98
CA ASN L 209 -28.53 38.24 -47.80
C ASN L 209 -27.39 39.24 -47.60
N LYS L 210 -27.58 40.14 -46.63
CA LYS L 210 -26.51 41.04 -46.19
C LYS L 210 -25.91 40.49 -44.91
N SER L 211 -24.67 40.90 -44.64
CA SER L 211 -23.96 40.45 -43.44
C SER L 211 -24.45 41.23 -42.21
N LYS L 212 -25.72 41.01 -41.88
CA LYS L 212 -26.40 41.76 -40.84
C LYS L 212 -27.56 40.92 -40.32
N VAL L 213 -27.77 40.94 -39.01
CA VAL L 213 -28.93 40.33 -38.39
C VAL L 213 -29.88 41.47 -38.06
N LEU L 214 -30.89 41.66 -38.91
CA LEU L 214 -31.80 42.78 -38.74
C LEU L 214 -32.72 42.55 -37.55
N PHE L 215 -32.99 43.63 -36.82
CA PHE L 215 -33.92 43.55 -35.71
C PHE L 215 -35.35 43.36 -36.22
N ASN L 216 -36.11 42.54 -35.52
CA ASN L 216 -37.51 42.28 -35.87
C ASN L 216 -38.38 42.62 -34.67
N ILE L 217 -39.31 43.56 -34.86
CA ILE L 217 -40.16 44.01 -33.77
C ILE L 217 -41.14 42.91 -33.37
N TRP L 218 -41.76 42.24 -34.36
CA TRP L 218 -42.74 41.20 -34.07
C TRP L 218 -42.15 39.99 -33.37
N PHE L 219 -40.83 39.77 -33.45
CA PHE L 219 -40.18 38.73 -32.67
C PHE L 219 -39.67 39.25 -31.33
N TYR L 220 -40.31 40.26 -30.76
CA TYR L 220 -39.96 40.77 -29.44
C TYR L 220 -41.06 40.61 -28.41
N GLN L 221 -42.33 40.72 -28.79
CA GLN L 221 -43.42 40.43 -27.87
C GLN L 221 -44.01 39.03 -28.04
N TYR L 222 -43.73 38.37 -29.17
CA TYR L 222 -44.25 37.03 -29.38
C TYR L 222 -43.62 36.04 -28.42
N GLU L 223 -42.31 36.12 -28.23
CA GLU L 223 -41.60 35.25 -27.28
C GLU L 223 -41.11 35.97 -26.05
N GLY L 224 -40.91 37.28 -26.11
CA GLY L 224 -40.52 38.07 -24.96
C GLY L 224 -39.11 38.59 -25.08
N ARG L 225 -38.75 39.44 -24.11
CA ARG L 225 -37.40 39.97 -24.02
C ARG L 225 -36.38 38.87 -23.74
N LYS L 226 -36.69 37.98 -22.79
CA LYS L 226 -35.73 36.96 -22.39
C LYS L 226 -35.55 35.91 -23.47
N GLU L 227 -36.63 35.52 -24.14
CA GLU L 227 -36.55 34.42 -25.11
C GLU L 227 -35.87 34.86 -26.41
N TYR L 228 -36.02 36.13 -26.79
CA TYR L 228 -35.39 36.59 -28.03
C TYR L 228 -33.88 36.69 -27.89
N LEU L 229 -33.40 37.22 -26.75
CA LEU L 229 -31.96 37.31 -26.53
C LEU L 229 -31.34 35.95 -26.29
N ARG L 230 -32.10 35.02 -25.71
CA ARG L 230 -31.67 33.63 -25.61
C ARG L 230 -31.54 33.01 -27.00
N LYS L 231 -32.46 33.35 -27.91
CA LYS L 231 -32.40 32.83 -29.27
C LYS L 231 -31.19 33.39 -30.01
N LEU L 232 -30.87 34.67 -29.81
CA LEU L 232 -29.70 35.27 -30.43
C LEU L 232 -28.39 34.86 -29.76
N LYS L 233 -28.46 34.36 -28.53
CA LYS L 233 -27.25 33.94 -27.82
C LYS L 233 -26.63 32.69 -28.44
N GLU L 234 -27.41 31.62 -28.54
CA GLU L 234 -26.90 30.33 -28.96
C GLU L 234 -26.81 30.17 -30.47
N SER L 235 -27.23 31.19 -31.23
CA SER L 235 -27.23 31.08 -32.69
C SER L 235 -25.91 31.54 -33.30
N PHE L 236 -25.43 32.73 -32.92
CA PHE L 236 -24.22 33.29 -33.50
C PHE L 236 -23.08 33.46 -32.53
N ILE L 237 -23.34 33.37 -31.22
CA ILE L 237 -22.33 33.59 -30.19
C ILE L 237 -22.18 32.26 -29.44
N ARG L 238 -22.22 31.16 -30.19
CA ARG L 238 -21.97 29.85 -29.62
C ARG L 238 -20.58 29.80 -28.96
N ARG L 239 -20.52 29.14 -27.81
CA ARG L 239 -19.32 29.09 -26.99
C ARG L 239 -18.90 27.64 -26.79
N SER L 240 -17.68 27.46 -26.36
CA SER L 240 -17.11 26.16 -26.04
C SER L 240 -16.60 26.17 -24.60
N VAL L 241 -16.14 25.01 -24.15
CA VAL L 241 -15.53 24.91 -22.83
C VAL L 241 -14.23 25.68 -22.80
N ASN L 242 -13.37 25.46 -23.79
CA ASN L 242 -12.10 26.15 -23.93
C ASN L 242 -12.25 27.23 -24.99
N THR L 243 -11.95 28.47 -24.62
CA THR L 243 -12.05 29.60 -25.53
C THR L 243 -10.66 29.91 -26.07
N SER L 244 -10.54 29.94 -27.40
CA SER L 244 -9.25 30.10 -28.04
C SER L 244 -8.74 31.53 -27.90
N PRO L 245 -7.41 31.72 -27.80
CA PRO L 245 -6.86 33.07 -27.71
C PRO L 245 -6.94 33.83 -29.03
N TYR L 246 -8.12 34.30 -29.38
CA TYR L 246 -8.35 34.95 -30.66
C TYR L 246 -8.49 36.45 -30.45
N ALA L 247 -8.19 37.21 -31.50
CA ALA L 247 -8.29 38.66 -31.45
C ALA L 247 -9.73 39.06 -31.75
N ARG L 248 -10.57 39.05 -30.72
CA ARG L 248 -11.98 39.34 -30.88
C ARG L 248 -12.23 40.84 -30.78
N PHE L 249 -12.87 41.39 -31.80
CA PHE L 249 -13.17 42.82 -31.89
C PHE L 249 -14.65 43.03 -31.63
N PHE L 250 -14.96 43.91 -30.69
CA PHE L 250 -16.34 44.20 -30.31
C PHE L 250 -16.66 45.64 -30.68
N ILE L 251 -17.54 45.82 -31.65
CA ILE L 251 -17.93 47.13 -32.14
C ILE L 251 -19.34 47.41 -31.62
N LEU L 252 -19.44 48.29 -30.63
CA LEU L 252 -20.72 48.64 -30.02
C LEU L 252 -21.07 50.08 -30.38
N GLU L 253 -22.34 50.30 -30.73
CA GLU L 253 -22.79 51.63 -31.11
C GLU L 253 -23.17 52.42 -29.86
N PHE L 254 -22.36 53.44 -29.55
CA PHE L 254 -22.62 54.37 -28.47
C PHE L 254 -23.31 55.60 -29.05
N GLN L 255 -24.47 55.94 -28.51
CA GLN L 255 -25.19 57.14 -28.90
C GLN L 255 -25.45 58.00 -27.67
N ASP L 256 -25.90 59.23 -27.91
CA ASP L 256 -26.02 60.20 -26.84
C ASP L 256 -27.17 59.91 -25.88
N LYS L 257 -28.18 59.15 -26.32
CA LYS L 257 -29.27 58.82 -25.41
C LYS L 257 -28.91 57.69 -24.46
N THR L 258 -27.79 57.02 -24.67
CA THR L 258 -27.38 55.91 -23.82
C THR L 258 -26.66 56.43 -22.59
N ASP L 259 -27.06 55.92 -21.42
CA ASP L 259 -26.38 56.25 -20.19
C ASP L 259 -24.99 55.62 -20.20
N ILE L 260 -24.06 56.28 -19.52
CA ILE L 260 -22.70 55.77 -19.43
C ILE L 260 -22.67 54.48 -18.63
N LYS L 261 -23.53 54.39 -17.60
CA LYS L 261 -23.57 53.21 -16.75
C LYS L 261 -23.99 51.96 -17.53
N THR L 262 -25.00 52.08 -18.40
CA THR L 262 -25.45 50.92 -19.16
C THR L 262 -24.40 50.47 -20.17
N VAL L 263 -23.58 51.39 -20.67
CA VAL L 263 -22.44 51.01 -21.50
C VAL L 263 -21.38 50.31 -20.64
N LYS L 264 -21.26 50.71 -19.38
CA LYS L 264 -20.18 50.21 -18.52
C LYS L 264 -20.37 48.72 -18.21
N ASP L 265 -21.58 48.33 -17.78
CA ASP L 265 -21.82 46.90 -17.50
C ASP L 265 -21.78 46.04 -18.75
N CYS L 266 -21.94 46.62 -19.94
CA CYS L 266 -21.67 45.86 -21.15
C CYS L 266 -20.18 45.59 -21.31
N ILE L 267 -19.34 46.53 -20.88
CA ILE L 267 -17.89 46.35 -21.02
C ILE L 267 -17.39 45.30 -20.04
N TYR L 268 -17.86 45.33 -18.78
CA TYR L 268 -17.52 44.28 -17.83
C TYR L 268 -18.08 42.93 -18.23
N LYS L 269 -19.23 42.90 -18.91
CA LYS L 269 -19.75 41.63 -19.40
C LYS L 269 -18.89 41.07 -20.52
N ILE L 270 -18.39 41.94 -21.39
CA ILE L 270 -17.47 41.51 -22.44
C ILE L 270 -16.12 41.13 -21.86
N GLN L 271 -15.63 41.92 -20.90
CA GLN L 271 -14.33 41.67 -20.28
C GLN L 271 -14.31 40.34 -19.52
N SER L 272 -15.36 40.05 -18.76
CA SER L 272 -15.38 38.83 -17.98
C SER L 272 -15.68 37.59 -18.81
N ASN L 273 -16.11 37.75 -20.06
CA ASN L 273 -16.49 36.64 -20.91
C ASN L 273 -15.41 36.28 -21.93
N TRP L 274 -14.72 37.27 -22.48
CA TRP L 274 -13.85 37.07 -23.62
C TRP L 274 -12.38 37.33 -23.28
N SER L 275 -12.00 37.13 -22.03
CA SER L 275 -10.63 37.34 -21.62
C SER L 275 -10.23 36.27 -20.61
N ASN L 276 -8.97 35.83 -20.70
CA ASN L 276 -8.36 34.95 -19.70
C ASN L 276 -7.02 35.60 -19.34
N LEU L 277 -7.06 36.50 -18.37
CA LEU L 277 -5.87 37.21 -17.90
C LEU L 277 -5.26 36.56 -16.67
N SER L 278 -5.40 35.25 -16.56
CA SER L 278 -4.81 34.54 -15.43
C SER L 278 -3.30 34.58 -15.52
N LYS L 279 -2.66 34.52 -14.36
CA LYS L 279 -1.21 34.58 -14.36
C LYS L 279 -0.59 33.30 -14.89
N ARG L 280 -1.30 32.17 -14.77
CA ARG L 280 -0.80 30.89 -15.25
C ARG L 280 -1.08 30.65 -16.73
N THR L 281 -1.69 31.59 -17.43
CA THR L 281 -1.86 31.45 -18.87
C THR L 281 -0.53 31.67 -19.58
N ASP L 282 -0.19 30.76 -20.47
CA ASP L 282 0.90 30.99 -21.42
C ASP L 282 0.42 31.65 -22.70
N ARG L 283 -0.90 31.71 -22.92
CA ARG L 283 -1.51 32.44 -24.04
C ARG L 283 -2.65 33.30 -23.50
N PRO L 284 -2.35 34.46 -22.92
CA PRO L 284 -3.42 35.35 -22.48
C PRO L 284 -4.09 36.03 -23.66
N TYR L 285 -5.37 36.36 -23.48
CA TYR L 285 -6.12 37.10 -24.48
C TYR L 285 -7.10 38.03 -23.78
N SER L 286 -7.49 39.09 -24.49
CA SER L 286 -8.38 40.11 -23.97
C SER L 286 -9.09 40.75 -25.15
N PRO L 287 -10.37 41.11 -25.00
CA PRO L 287 -11.15 41.60 -26.15
C PRO L 287 -10.79 43.02 -26.54
N PHE L 288 -11.02 43.32 -27.81
CA PHE L 288 -10.88 44.67 -28.36
C PHE L 288 -12.25 45.34 -28.36
N LEU L 289 -12.30 46.58 -27.86
CA LEU L 289 -13.55 47.32 -27.78
C LEU L 289 -13.50 48.52 -28.71
N LEU L 290 -14.52 48.65 -29.55
CA LEU L 290 -14.66 49.78 -30.45
C LEU L 290 -16.04 50.42 -30.26
N PHE L 291 -16.07 51.74 -30.15
CA PHE L 291 -17.30 52.49 -30.01
C PHE L 291 -17.37 53.55 -31.10
N HIS L 292 -18.57 53.73 -31.67
CA HIS L 292 -18.77 54.67 -32.76
C HIS L 292 -20.11 55.37 -32.60
N GLY L 293 -20.25 56.51 -33.27
CA GLY L 293 -21.48 57.26 -33.26
C GLY L 293 -21.68 58.21 -32.10
N THR L 294 -20.71 58.29 -31.19
CA THR L 294 -20.82 59.16 -30.03
C THR L 294 -19.82 60.31 -30.12
N SER L 295 -20.10 61.37 -29.39
CA SER L 295 -19.17 62.49 -29.30
C SER L 295 -17.94 62.09 -28.50
N ASP L 296 -16.81 62.72 -28.83
CA ASP L 296 -15.56 62.39 -28.15
C ASP L 296 -15.57 62.81 -26.69
N ALA L 297 -16.30 63.88 -26.35
CA ALA L 297 -16.43 64.28 -24.96
C ALA L 297 -17.16 63.22 -24.14
N ASN L 298 -18.24 62.66 -24.69
CA ASN L 298 -18.91 61.54 -24.03
C ASN L 298 -18.08 60.27 -24.13
N LEU L 299 -17.27 60.14 -25.18
CA LEU L 299 -16.44 58.95 -25.32
C LEU L 299 -15.29 58.96 -24.31
N TYR L 300 -14.62 60.12 -24.17
CA TYR L 300 -13.51 60.23 -23.22
C TYR L 300 -13.99 60.13 -21.78
N GLU L 301 -15.24 60.54 -21.51
CA GLU L 301 -15.81 60.41 -20.18
C GLU L 301 -15.97 58.94 -19.79
N LEU L 302 -16.35 58.09 -20.75
CA LEU L 302 -16.48 56.67 -20.49
C LEU L 302 -15.13 56.02 -20.15
N LYS L 303 -14.08 56.40 -20.88
CA LYS L 303 -12.75 55.85 -20.60
C LYS L 303 -12.21 56.30 -19.26
N ASN L 304 -12.55 57.52 -18.82
CA ASN L 304 -12.03 58.01 -17.55
C ASN L 304 -12.64 57.26 -16.37
N GLN L 305 -13.94 56.98 -16.43
CA GLN L 305 -14.56 56.22 -15.34
C GLN L 305 -14.11 54.77 -15.33
N LEU L 306 -13.74 54.21 -16.49
CA LEU L 306 -13.23 52.85 -16.51
C LEU L 306 -11.86 52.75 -15.84
N PHE L 307 -11.07 53.82 -15.90
CA PHE L 307 -9.74 53.80 -15.31
C PHE L 307 -9.76 53.94 -13.79
N ASN L 308 -10.73 54.67 -13.25
CA ASN L 308 -10.77 54.89 -11.80
C ASN L 308 -11.08 53.62 -11.03
N GLU L 309 -11.95 52.76 -11.56
CA GLU L 309 -12.30 51.52 -10.88
C GLU L 309 -11.49 50.32 -11.38
N ASP L 310 -10.24 50.57 -11.82
CA ASP L 310 -9.22 49.55 -12.01
C ASP L 310 -9.57 48.57 -13.13
N LEU L 311 -10.15 49.08 -14.20
CA LEU L 311 -10.27 48.33 -15.46
C LEU L 311 -9.23 48.91 -16.41
N ILE L 312 -8.00 48.40 -16.30
CA ILE L 312 -6.88 48.95 -17.04
C ILE L 312 -6.98 48.53 -18.50
N PHE L 313 -6.89 49.50 -19.40
CA PHE L 313 -6.96 49.25 -20.83
C PHE L 313 -5.87 50.02 -21.56
N THR L 314 -5.67 49.66 -22.82
CA THR L 314 -4.78 50.38 -23.71
C THR L 314 -5.56 50.75 -24.96
N ASP L 315 -5.13 51.82 -25.62
CA ASP L 315 -5.88 52.38 -26.74
C ASP L 315 -4.97 52.73 -27.91
N GLY L 316 -3.69 52.40 -27.83
CA GLY L 316 -2.73 52.76 -28.84
C GLY L 316 -2.11 54.14 -28.70
N TYR L 317 -2.43 54.87 -27.64
CA TYR L 317 -1.86 56.18 -27.37
C TYR L 317 -1.26 56.16 -25.98
N PRO L 318 0.01 55.76 -25.85
CA PRO L 318 0.60 55.58 -24.51
C PRO L 318 0.87 56.88 -23.77
N PHE L 319 0.91 58.02 -24.44
CA PHE L 319 1.16 59.29 -23.78
C PHE L 319 0.43 60.38 -24.55
N LYS L 320 0.37 61.57 -23.94
CA LYS L 320 -0.31 62.69 -24.56
C LYS L 320 0.53 63.25 -25.69
N GLY L 321 -0.11 63.49 -26.83
CA GLY L 321 0.59 63.91 -28.03
C GLY L 321 1.17 62.78 -28.85
N SER L 322 0.94 61.53 -28.46
CA SER L 322 1.45 60.40 -29.21
C SER L 322 0.68 60.22 -30.52
N VAL L 323 1.36 59.65 -31.50
CA VAL L 323 0.68 59.17 -32.70
C VAL L 323 0.10 57.80 -32.37
N PHE L 324 -0.81 57.32 -33.20
CA PHE L 324 -1.44 56.03 -32.92
C PHE L 324 -0.45 54.94 -33.26
N THR L 325 0.15 54.35 -32.23
CA THR L 325 0.95 53.16 -32.42
C THR L 325 0.09 51.93 -32.20
N PRO L 326 -0.15 51.11 -33.22
CA PRO L 326 -1.04 49.96 -33.07
C PRO L 326 -0.41 48.82 -32.29
N LYS L 327 0.90 48.87 -32.05
CA LYS L 327 1.55 47.77 -31.34
C LYS L 327 1.30 47.82 -29.84
N MET L 328 0.84 48.96 -29.29
CA MET L 328 0.44 48.97 -27.89
C MET L 328 -0.82 48.16 -27.67
N LEU L 329 -1.70 48.11 -28.67
CA LEU L 329 -2.84 47.20 -28.60
C LEU L 329 -2.41 45.75 -28.74
N ILE L 330 -1.30 45.51 -29.44
CA ILE L 330 -0.85 44.14 -29.68
C ILE L 330 -0.25 43.52 -28.43
N GLU L 331 0.65 44.24 -27.74
CA GLU L 331 1.18 43.72 -26.48
C GLU L 331 0.14 43.69 -25.38
N GLY L 332 -0.83 44.60 -25.43
CA GLY L 332 -1.91 44.57 -24.45
C GLY L 332 -2.82 43.36 -24.60
N PHE L 333 -2.88 42.78 -25.81
CA PHE L 333 -3.62 41.54 -26.02
C PHE L 333 -3.02 40.40 -25.20
N SER L 334 -1.69 40.32 -25.17
CA SER L 334 -0.99 39.30 -24.40
C SER L 334 -0.62 39.77 -23.00
N ASN L 335 -0.92 41.01 -22.64
CA ASN L 335 -0.60 41.52 -21.32
C ASN L 335 -1.68 41.09 -20.33
N LYS L 336 -1.24 40.50 -19.21
CA LYS L 336 -2.17 40.07 -18.19
C LYS L 336 -2.75 41.24 -17.41
N GLU L 337 -2.01 42.33 -17.30
CA GLU L 337 -2.44 43.48 -16.51
C GLU L 337 -3.34 44.43 -17.28
N ILE L 338 -3.48 44.25 -18.60
CA ILE L 338 -4.36 45.07 -19.41
C ILE L 338 -5.63 44.26 -19.67
N HIS L 339 -6.77 44.80 -19.23
CA HIS L 339 -8.01 44.04 -19.23
C HIS L 339 -8.65 43.96 -20.61
N PHE L 340 -8.56 45.03 -21.39
CA PHE L 340 -9.11 45.03 -22.75
C PHE L 340 -8.40 46.12 -23.54
N GLN L 341 -8.68 46.15 -24.84
CA GLN L 341 -8.16 47.20 -25.71
C GLN L 341 -9.31 48.09 -26.13
N PHE L 342 -9.03 49.39 -26.27
CA PHE L 342 -10.07 50.37 -26.53
C PHE L 342 -9.71 51.09 -27.83
N ILE L 343 -10.16 50.53 -28.96
CA ILE L 343 -9.98 51.21 -30.23
C ILE L 343 -10.88 52.44 -30.28
N ASN L 344 -10.31 53.59 -30.64
CA ASN L 344 -11.03 54.84 -30.53
C ASN L 344 -12.02 55.03 -31.69
N ASP L 345 -11.52 55.04 -32.91
CA ASP L 345 -12.35 55.29 -34.08
C ASP L 345 -12.15 54.18 -35.12
N ILE L 346 -12.85 54.34 -36.26
CA ILE L 346 -12.79 53.33 -37.31
C ILE L 346 -11.43 53.33 -38.01
N ASP L 347 -10.78 54.50 -38.11
CA ASP L 347 -9.46 54.56 -38.73
C ASP L 347 -8.41 53.86 -37.88
N ASP L 348 -8.59 53.87 -36.56
CA ASP L 348 -7.72 53.09 -35.68
C ASP L 348 -8.00 51.60 -35.79
N PHE L 349 -9.21 51.23 -36.19
CA PHE L 349 -9.61 49.82 -36.25
C PHE L 349 -8.96 49.09 -37.41
N ASN L 350 -8.92 49.72 -38.59
CA ASN L 350 -8.34 49.06 -39.76
C ASN L 350 -6.83 48.92 -39.64
N GLU L 351 -6.18 49.87 -38.97
CA GLU L 351 -4.74 49.76 -38.73
C GLU L 351 -4.41 48.61 -37.80
N THR L 352 -5.27 48.36 -36.81
CA THR L 352 -5.03 47.27 -35.87
C THR L 352 -5.22 45.90 -36.52
N LEU L 353 -6.09 45.82 -37.53
CA LEU L 353 -6.34 44.54 -38.20
C LEU L 353 -5.13 44.06 -38.98
N ASN L 354 -4.35 44.98 -39.57
CA ASN L 354 -3.17 44.59 -40.31
C ASN L 354 -2.02 44.15 -39.40
N SER L 355 -2.08 44.49 -38.11
CA SER L 355 -1.04 44.10 -37.16
C SER L 355 -1.35 42.79 -36.45
N ILE L 356 -2.51 42.20 -36.71
CA ILE L 356 -2.90 40.93 -36.10
C ILE L 356 -2.69 39.83 -37.14
N ASN L 357 -1.90 38.82 -36.78
CA ASN L 357 -1.67 37.68 -37.65
C ASN L 357 -2.45 36.44 -37.22
N ILE L 358 -2.92 36.39 -35.98
CA ILE L 358 -3.72 35.26 -35.51
C ILE L 358 -5.16 35.43 -35.98
N ARG L 359 -5.96 34.38 -35.80
CA ARG L 359 -7.35 34.42 -36.23
C ARG L 359 -8.11 35.45 -35.40
N LYS L 360 -8.89 36.30 -36.08
CA LYS L 360 -9.61 37.37 -35.44
C LYS L 360 -11.09 37.29 -35.81
N GLU L 361 -11.94 37.72 -34.88
CA GLU L 361 -13.38 37.73 -35.08
C GLU L 361 -13.93 39.10 -34.74
N VAL L 362 -15.04 39.46 -35.38
CA VAL L 362 -15.69 40.74 -35.19
C VAL L 362 -17.12 40.51 -34.74
N TYR L 363 -17.52 41.16 -33.65
CA TYR L 363 -18.88 41.15 -33.16
C TYR L 363 -19.38 42.59 -33.11
N GLN L 364 -20.32 42.92 -33.99
CA GLN L 364 -20.92 44.25 -34.00
C GLN L 364 -22.33 44.19 -33.42
N PHE L 365 -22.62 45.11 -32.49
CA PHE L 365 -23.95 45.26 -31.92
C PHE L 365 -24.33 46.73 -32.05
N TYR L 366 -25.42 46.99 -32.78
CA TYR L 366 -25.80 48.35 -33.11
C TYR L 366 -27.31 48.48 -33.00
N THR L 367 -27.79 49.71 -33.16
CA THR L 367 -29.22 50.01 -33.16
C THR L 367 -29.68 50.56 -34.50
N GLU L 368 -29.03 51.60 -35.02
CA GLU L 368 -29.43 52.22 -36.27
C GLU L 368 -28.35 52.16 -37.34
N ASN L 369 -27.12 52.54 -37.00
CA ASN L 369 -26.03 52.60 -37.97
C ASN L 369 -25.00 51.51 -37.67
N CYS L 370 -24.49 50.88 -38.72
CA CYS L 370 -23.57 49.77 -38.59
C CYS L 370 -22.34 50.02 -39.46
N LEU L 371 -21.16 49.89 -38.86
CA LEU L 371 -19.92 50.09 -39.61
C LEU L 371 -19.64 48.90 -40.53
N ASP L 372 -18.84 49.16 -41.56
CA ASP L 372 -18.51 48.17 -42.57
C ASP L 372 -17.13 47.58 -42.27
N ILE L 373 -17.11 46.33 -41.84
CA ILE L 373 -15.87 45.58 -41.64
C ILE L 373 -15.55 44.91 -42.98
N PRO L 374 -14.28 44.75 -43.35
CA PRO L 374 -13.95 43.92 -44.51
C PRO L 374 -14.46 42.50 -44.35
N SER L 375 -14.94 41.92 -45.45
CA SER L 375 -15.80 40.75 -45.42
C SER L 375 -15.06 39.42 -45.23
N GLN L 376 -13.74 39.39 -45.37
CA GLN L 376 -13.02 38.14 -45.19
C GLN L 376 -12.97 37.70 -43.73
N LEU L 377 -13.19 38.61 -42.80
CA LEU L 377 -13.17 38.26 -41.39
C LEU L 377 -14.49 37.61 -40.99
N PRO L 378 -14.47 36.77 -39.95
CA PRO L 378 -15.74 36.32 -39.35
C PRO L 378 -16.50 37.50 -38.78
N GLN L 379 -17.80 37.54 -39.05
CA GLN L 379 -18.64 38.69 -38.74
C GLN L 379 -19.88 38.25 -37.97
N VAL L 380 -20.23 39.03 -36.95
CA VAL L 380 -21.51 38.90 -36.26
C VAL L 380 -22.04 40.32 -36.08
N ASN L 381 -23.05 40.68 -36.87
CA ASN L 381 -23.64 42.01 -36.85
C ASN L 381 -25.11 41.87 -36.47
N ILE L 382 -25.43 42.16 -35.21
CA ILE L 382 -26.76 41.92 -34.65
C ILE L 382 -27.35 43.25 -34.23
N GLN L 383 -28.55 43.55 -34.71
CA GLN L 383 -29.29 44.73 -34.30
C GLN L 383 -30.13 44.43 -33.08
N VAL L 384 -30.21 45.40 -32.18
CA VAL L 384 -30.95 45.25 -30.93
C VAL L 384 -31.85 46.46 -30.74
N LYS L 385 -32.82 46.33 -29.84
CA LYS L 385 -33.71 47.44 -29.52
C LYS L 385 -32.96 48.57 -28.83
N ASP L 386 -32.19 48.24 -27.79
CA ASP L 386 -31.41 49.24 -27.07
C ASP L 386 -30.07 48.62 -26.68
N PHE L 387 -29.23 49.44 -26.03
CA PHE L 387 -27.90 48.98 -25.65
C PHE L 387 -27.94 47.96 -24.52
N ALA L 388 -29.00 47.97 -23.70
CA ALA L 388 -29.08 47.04 -22.57
C ALA L 388 -29.29 45.59 -23.01
N ASP L 389 -29.68 45.37 -24.26
CA ASP L 389 -29.78 44.00 -24.76
C ASP L 389 -28.40 43.38 -24.99
N ILE L 390 -27.38 44.20 -25.25
CA ILE L 390 -26.05 43.68 -25.57
C ILE L 390 -25.43 42.99 -24.37
N LYS L 391 -25.80 43.38 -23.15
CA LYS L 391 -25.28 42.73 -21.95
C LYS L 391 -25.75 41.28 -21.83
N GLU L 392 -26.92 40.96 -22.38
CA GLU L 392 -27.53 39.65 -22.19
C GLU L 392 -27.34 38.69 -23.37
N ILE L 393 -26.60 39.10 -24.40
CA ILE L 393 -26.37 38.24 -25.55
C ILE L 393 -24.90 37.84 -25.68
N VAL L 394 -23.98 38.74 -25.35
CA VAL L 394 -22.55 38.43 -25.41
C VAL L 394 -22.16 37.46 -24.29
N GLY M 224 68.96 58.15 3.87
CA GLY M 224 68.25 57.62 5.02
C GLY M 224 68.01 56.13 4.94
N ARG M 225 67.85 55.50 6.10
CA ARG M 225 67.75 54.04 6.19
C ARG M 225 66.50 53.50 5.50
N LYS M 226 65.46 54.32 5.32
CA LYS M 226 64.30 53.89 4.55
C LYS M 226 64.64 53.70 3.08
N GLU M 227 65.62 54.44 2.57
CA GLU M 227 65.99 54.31 1.16
C GLU M 227 66.80 53.04 0.89
N TYR M 228 67.70 52.66 1.82
CA TYR M 228 68.46 51.42 1.65
C TYR M 228 67.54 50.21 1.66
N LEU M 229 66.51 50.22 2.51
CA LEU M 229 65.55 49.12 2.51
C LEU M 229 64.75 49.10 1.21
N ARG M 230 64.38 50.28 0.69
CA ARG M 230 63.58 50.34 -0.53
C ARG M 230 64.38 49.87 -1.74
N LYS M 231 65.67 50.19 -1.78
CA LYS M 231 66.51 49.72 -2.89
C LYS M 231 66.69 48.21 -2.85
N LEU M 232 66.95 47.65 -1.66
CA LEU M 232 67.13 46.22 -1.54
C LEU M 232 65.83 45.44 -1.70
N LYS M 233 64.68 46.07 -1.44
CA LYS M 233 63.42 45.37 -1.57
C LYS M 233 63.05 45.18 -3.04
N GLU M 234 63.53 46.05 -3.93
CA GLU M 234 63.17 45.99 -5.34
C GLU M 234 64.28 45.52 -6.27
N SER M 235 65.55 45.61 -5.86
CA SER M 235 66.65 45.31 -6.78
C SER M 235 66.73 43.81 -7.08
N PHE M 236 66.66 42.97 -6.05
CA PHE M 236 66.73 41.53 -6.21
C PHE M 236 65.42 40.83 -5.87
N ILE M 237 64.88 41.11 -4.68
CA ILE M 237 63.61 40.52 -4.26
C ILE M 237 62.47 41.12 -5.06
N ARG M 238 61.52 40.29 -5.43
CA ARG M 238 60.25 40.75 -5.98
C ARG M 238 59.17 40.61 -4.91
N ARG M 239 58.09 41.37 -5.08
CA ARG M 239 57.07 41.45 -4.04
C ARG M 239 56.34 40.13 -3.86
N SER M 240 56.02 39.44 -4.95
CA SER M 240 55.31 38.16 -4.88
C SER M 240 55.89 37.08 -5.78
N VAL M 241 56.63 37.43 -6.84
CA VAL M 241 57.11 36.53 -7.88
C VAL M 241 55.91 35.77 -8.44
N ASN M 242 54.86 36.51 -8.77
CA ASN M 242 53.62 36.05 -9.42
C ASN M 242 52.83 35.04 -8.59
N THR M 243 53.22 34.83 -7.32
CA THR M 243 52.58 33.86 -6.41
C THR M 243 52.49 32.46 -7.02
N SER M 244 53.55 32.05 -7.71
CA SER M 244 53.53 30.74 -8.32
C SER M 244 54.17 29.71 -7.41
N PRO M 245 53.72 28.45 -7.44
CA PRO M 245 54.31 27.45 -6.56
C PRO M 245 55.70 27.05 -7.02
N TYR M 246 56.72 27.58 -6.36
CA TYR M 246 58.11 27.36 -6.73
C TYR M 246 58.87 26.90 -5.49
N ALA M 247 59.94 26.14 -5.71
CA ALA M 247 60.79 25.71 -4.62
C ALA M 247 61.69 26.89 -4.23
N ARG M 248 61.14 27.78 -3.43
CA ARG M 248 61.88 28.96 -2.99
C ARG M 248 62.78 28.60 -1.82
N PHE M 249 64.08 28.85 -1.97
CA PHE M 249 65.06 28.56 -0.93
C PHE M 249 65.55 29.88 -0.34
N PHE M 250 65.38 30.03 0.96
CA PHE M 250 65.80 31.24 1.67
C PHE M 250 66.98 30.85 2.56
N ILE M 251 68.17 31.30 2.17
CA ILE M 251 69.40 30.99 2.89
C ILE M 251 69.77 32.23 3.71
N LEU M 252 69.63 32.12 5.03
CA LEU M 252 69.89 33.22 5.94
C LEU M 252 71.13 32.89 6.76
N GLU M 253 72.06 33.83 6.85
CA GLU M 253 73.35 33.54 7.46
C GLU M 253 73.27 33.91 8.92
N PHE M 254 73.15 32.89 9.77
CA PHE M 254 72.98 33.03 11.21
C PHE M 254 74.34 33.07 11.88
N GLN M 255 74.57 34.10 12.70
CA GLN M 255 75.81 34.24 13.46
C GLN M 255 75.59 33.88 14.92
N ASP M 256 76.70 33.75 15.65
CA ASP M 256 76.62 33.64 17.10
C ASP M 256 76.19 34.95 17.73
N LYS M 257 76.53 36.09 17.11
CA LYS M 257 76.13 37.37 17.63
C LYS M 257 74.66 37.68 17.38
N THR M 258 74.03 37.01 16.41
CA THR M 258 72.64 37.27 16.10
C THR M 258 71.75 36.66 17.16
N ASP M 259 70.82 37.46 17.67
CA ASP M 259 69.90 37.01 18.71
C ASP M 259 68.92 36.00 18.09
N ILE M 260 68.40 35.12 18.92
CA ILE M 260 67.50 34.07 18.44
C ILE M 260 66.18 34.67 17.97
N LYS M 261 65.64 35.65 18.69
CA LYS M 261 64.29 36.11 18.42
C LYS M 261 64.19 36.96 17.15
N THR M 262 65.29 37.61 16.74
CA THR M 262 65.25 38.36 15.49
C THR M 262 65.35 37.44 14.28
N VAL M 263 65.86 36.22 14.47
CA VAL M 263 65.75 35.20 13.43
C VAL M 263 64.31 34.73 13.31
N LYS M 264 63.63 34.59 14.45
CA LYS M 264 62.25 34.11 14.46
C LYS M 264 61.31 35.10 13.77
N ASP M 265 61.56 36.40 13.93
CA ASP M 265 60.77 37.41 13.23
C ASP M 265 61.00 37.33 11.72
N CYS M 266 62.22 37.02 11.31
CA CYS M 266 62.51 36.85 9.88
C CYS M 266 61.86 35.58 9.33
N ILE M 267 61.84 34.51 10.12
CA ILE M 267 61.23 33.26 9.69
C ILE M 267 59.72 33.42 9.57
N TYR M 268 59.09 34.10 10.53
CA TYR M 268 57.65 34.32 10.47
C TYR M 268 57.26 35.23 9.31
N LYS M 269 58.12 36.21 8.99
CA LYS M 269 57.82 37.08 7.85
C LYS M 269 58.02 36.37 6.52
N ILE M 270 59.05 35.51 6.44
CA ILE M 270 59.27 34.73 5.23
C ILE M 270 58.13 33.74 5.02
N GLN M 271 57.71 33.06 6.09
CA GLN M 271 56.64 32.07 5.98
C GLN M 271 55.31 32.71 5.61
N SER M 272 55.01 33.89 6.16
CA SER M 272 53.72 34.52 5.88
C SER M 272 53.65 35.03 4.44
N ASN M 273 54.75 35.54 3.92
CA ASN M 273 54.76 36.15 2.59
C ASN M 273 54.95 35.13 1.48
N TRP M 274 55.68 34.05 1.72
CA TRP M 274 56.14 33.17 0.65
C TRP M 274 55.53 31.77 0.74
N SER M 275 54.34 31.66 1.29
CA SER M 275 53.59 30.40 1.24
C SER M 275 52.12 30.70 1.03
N ASN M 276 51.42 29.70 0.51
CA ASN M 276 49.97 29.80 0.28
C ASN M 276 49.40 28.47 0.76
N LEU M 277 48.97 28.44 2.02
CA LEU M 277 48.39 27.26 2.62
C LEU M 277 46.89 27.40 2.88
N SER M 278 46.23 28.30 2.16
CA SER M 278 44.80 28.45 2.29
C SER M 278 44.08 27.26 1.65
N LYS M 279 42.86 27.01 2.12
CA LYS M 279 42.08 25.89 1.61
C LYS M 279 41.46 26.18 0.25
N ARG M 280 41.46 27.45 -0.18
CA ARG M 280 40.87 27.78 -1.48
C ARG M 280 41.74 27.32 -2.64
N THR M 281 43.06 27.26 -2.42
CA THR M 281 43.97 26.93 -3.51
C THR M 281 44.01 25.42 -3.75
N ASP M 282 44.51 25.05 -4.92
CA ASP M 282 44.78 23.66 -5.25
C ASP M 282 46.25 23.43 -5.57
N ARG M 283 47.08 24.48 -5.53
CA ARG M 283 48.51 24.39 -5.81
C ARG M 283 49.26 25.09 -4.69
N PRO M 284 49.36 24.47 -3.52
CA PRO M 284 50.00 25.13 -2.38
C PRO M 284 51.52 25.04 -2.47
N TYR M 285 52.17 25.91 -1.72
CA TYR M 285 53.62 25.94 -1.65
C TYR M 285 54.07 26.49 -0.31
N SER M 286 55.31 26.19 0.04
CA SER M 286 55.92 26.60 1.30
C SER M 286 57.40 26.87 1.06
N PRO M 287 57.98 27.83 1.77
CA PRO M 287 59.39 28.15 1.56
C PRO M 287 60.32 27.12 2.20
N PHE M 288 61.55 27.11 1.71
CA PHE M 288 62.62 26.28 2.26
C PHE M 288 63.60 27.20 2.98
N LEU M 289 63.95 26.84 4.22
CA LEU M 289 64.82 27.66 5.05
C LEU M 289 66.13 26.92 5.31
N LEU M 290 67.24 27.62 5.10
CA LEU M 290 68.57 27.09 5.39
C LEU M 290 69.36 28.13 6.16
N PHE M 291 70.06 27.68 7.21
CA PHE M 291 70.89 28.54 8.03
C PHE M 291 72.32 28.01 8.05
N HIS M 292 73.27 28.94 8.08
CA HIS M 292 74.68 28.58 8.10
C HIS M 292 75.45 29.62 8.89
N GLY M 293 76.67 29.25 9.28
CA GLY M 293 77.54 30.12 10.05
C GLY M 293 77.36 30.06 11.54
N THR M 294 76.40 29.27 12.03
CA THR M 294 76.13 29.16 13.46
C THR M 294 76.33 27.72 13.92
N SER M 295 76.49 27.56 15.23
CA SER M 295 76.65 26.24 15.82
C SER M 295 75.32 25.51 15.86
N ASP M 296 75.38 24.20 16.08
CA ASP M 296 74.18 23.38 16.19
C ASP M 296 73.46 23.55 17.52
N ALA M 297 74.13 24.14 18.52
CA ALA M 297 73.50 24.31 19.83
C ALA M 297 72.35 25.31 19.76
N ASN M 298 72.59 26.48 19.17
CA ASN M 298 71.54 27.47 19.00
C ASN M 298 70.75 27.28 17.73
N LEU M 299 71.22 26.45 16.79
CA LEU M 299 70.41 26.09 15.64
C LEU M 299 69.27 25.18 16.07
N TYR M 300 69.59 24.14 16.85
CA TYR M 300 68.56 23.24 17.38
C TYR M 300 67.67 23.95 18.38
N GLU M 301 68.18 24.98 19.06
CA GLU M 301 67.39 25.71 20.04
C GLU M 301 66.34 26.55 19.32
N LEU M 302 66.70 27.13 18.17
CA LEU M 302 65.74 27.89 17.36
C LEU M 302 64.63 26.99 16.83
N LYS M 303 64.98 25.80 16.36
CA LYS M 303 64.00 24.86 15.83
C LYS M 303 63.05 24.37 16.91
N ASN M 304 63.54 24.26 18.14
CA ASN M 304 62.67 23.83 19.24
C ASN M 304 61.64 24.89 19.59
N GLN M 305 62.04 26.16 19.55
CA GLN M 305 61.08 27.24 19.85
C GLN M 305 60.03 27.36 18.76
N LEU M 306 60.42 27.19 17.49
CA LEU M 306 59.47 27.31 16.38
C LEU M 306 58.42 26.21 16.43
N PHE M 307 58.76 25.03 16.95
CA PHE M 307 57.79 23.96 17.04
C PHE M 307 56.79 24.18 18.17
N ASN M 308 57.21 24.81 19.26
CA ASN M 308 56.29 25.08 20.36
C ASN M 308 55.28 26.17 20.03
N GLU M 309 55.61 27.06 19.10
CA GLU M 309 54.70 28.12 18.68
C GLU M 309 53.87 27.71 17.46
N ASP M 310 53.69 26.41 17.25
CA ASP M 310 52.82 25.83 16.22
C ASP M 310 53.23 26.22 14.80
N LEU M 311 54.49 26.60 14.61
CA LEU M 311 55.03 26.80 13.26
C LEU M 311 55.61 25.47 12.83
N ILE M 312 54.75 24.62 12.27
CA ILE M 312 55.10 23.24 11.99
C ILE M 312 56.02 23.20 10.77
N PHE M 313 57.17 22.55 10.91
CA PHE M 313 58.11 22.40 9.82
C PHE M 313 58.58 20.96 9.73
N THR M 314 59.42 20.70 8.73
CA THR M 314 60.04 19.39 8.56
C THR M 314 61.45 19.61 8.04
N ASP M 315 62.32 18.63 8.30
CA ASP M 315 63.68 18.71 7.77
C ASP M 315 64.18 17.39 7.23
N GLY M 316 63.29 16.46 6.89
CA GLY M 316 63.73 15.17 6.41
C GLY M 316 64.23 14.22 7.45
N TYR M 317 64.02 14.52 8.74
CA TYR M 317 64.40 13.66 9.85
C TYR M 317 63.16 13.41 10.69
N PRO M 318 62.27 12.51 10.26
CA PRO M 318 61.01 12.32 10.99
C PRO M 318 61.16 11.62 12.33
N PHE M 319 62.28 10.94 12.58
CA PHE M 319 62.48 10.25 13.84
C PHE M 319 63.95 10.36 14.25
N LYS M 320 64.23 9.98 15.50
CA LYS M 320 65.60 10.03 15.99
C LYS M 320 66.44 8.94 15.34
N GLY M 321 67.67 9.28 15.00
CA GLY M 321 68.55 8.36 14.29
C GLY M 321 68.07 8.03 12.89
N SER M 322 67.48 9.01 12.20
CA SER M 322 67.01 8.82 10.85
C SER M 322 68.04 9.39 9.87
N VAL M 323 68.10 8.78 8.69
CA VAL M 323 68.86 9.34 7.58
C VAL M 323 68.06 10.49 7.01
N PHE M 324 68.68 11.32 6.19
CA PHE M 324 67.97 12.41 5.53
C PHE M 324 66.99 11.83 4.52
N THR M 325 65.70 12.14 4.70
CA THR M 325 64.64 11.72 3.81
C THR M 325 64.16 12.93 3.04
N PRO M 326 64.68 13.18 1.83
CA PRO M 326 64.27 14.37 1.09
C PRO M 326 62.82 14.34 0.63
N LYS M 327 62.19 13.17 0.59
CA LYS M 327 60.78 13.11 0.22
C LYS M 327 59.88 13.69 1.30
N MET M 328 60.35 13.78 2.55
CA MET M 328 59.58 14.46 3.58
C MET M 328 59.50 15.96 3.31
N LEU M 329 60.57 16.53 2.74
CA LEU M 329 60.52 17.92 2.30
C LEU M 329 59.65 18.09 1.07
N ILE M 330 59.54 17.05 0.25
CA ILE M 330 58.71 17.12 -0.96
C ILE M 330 57.23 17.15 -0.57
N GLU M 331 56.83 16.29 0.37
CA GLU M 331 55.44 16.27 0.81
C GLU M 331 55.09 17.50 1.62
N GLY M 332 56.03 17.99 2.44
CA GLY M 332 55.79 19.19 3.23
C GLY M 332 55.68 20.45 2.40
N PHE M 333 56.27 20.45 1.20
CA PHE M 333 56.10 21.58 0.29
C PHE M 333 54.66 21.73 -0.15
N SER M 334 53.99 20.61 -0.44
CA SER M 334 52.59 20.61 -0.85
C SER M 334 51.63 20.43 0.32
N ASN M 335 52.14 20.27 1.53
CA ASN M 335 51.28 20.11 2.70
C ASN M 335 50.88 21.47 3.25
N LYS M 336 49.58 21.67 3.46
CA LYS M 336 49.09 22.92 4.02
C LYS M 336 49.26 22.98 5.53
N GLU M 337 49.46 21.84 6.19
CA GLU M 337 49.70 21.82 7.62
C GLU M 337 51.16 22.02 7.99
N ILE M 338 52.07 21.89 7.03
CA ILE M 338 53.49 22.15 7.25
C ILE M 338 53.80 23.52 6.68
N HIS M 339 54.22 24.44 7.54
CA HIS M 339 54.32 25.84 7.18
C HIS M 339 55.53 26.14 6.32
N PHE M 340 56.67 25.53 6.63
CA PHE M 340 57.89 25.72 5.85
C PHE M 340 58.76 24.48 6.02
N GLN M 341 59.85 24.45 5.28
CA GLN M 341 60.78 23.32 5.31
C GLN M 341 62.14 23.80 5.81
N PHE M 342 62.62 23.16 6.85
CA PHE M 342 63.94 23.46 7.38
C PHE M 342 64.98 22.59 6.69
N ILE M 343 66.17 23.13 6.49
CA ILE M 343 67.30 22.38 5.95
C ILE M 343 68.47 22.58 6.89
N ASN M 344 69.05 21.48 7.36
CA ASN M 344 70.03 21.55 8.44
C ASN M 344 71.35 22.17 7.96
N ASP M 345 71.88 21.69 6.84
CA ASP M 345 73.20 22.13 6.40
C ASP M 345 73.33 21.94 4.90
N ILE M 346 74.58 22.01 4.41
CA ILE M 346 74.86 21.97 2.98
C ILE M 346 74.53 20.59 2.39
N ASP M 347 74.90 19.52 3.08
CA ASP M 347 74.74 18.18 2.53
C ASP M 347 73.27 17.81 2.36
N ASP M 348 72.41 18.26 3.27
CA ASP M 348 70.98 18.11 3.08
C ASP M 348 70.42 19.12 2.09
N PHE M 349 71.11 20.24 1.87
CA PHE M 349 70.63 21.23 0.91
C PHE M 349 70.81 20.76 -0.53
N ASN M 350 71.97 20.18 -0.84
CA ASN M 350 72.18 19.63 -2.18
C ASN M 350 71.41 18.35 -2.41
N GLU M 351 71.09 17.61 -1.34
CA GLU M 351 70.34 16.37 -1.49
C GLU M 351 68.88 16.65 -1.86
N THR M 352 68.27 17.68 -1.27
CA THR M 352 66.92 18.03 -1.62
C THR M 352 66.84 18.86 -2.90
N LEU M 353 67.97 19.38 -3.38
CA LEU M 353 67.98 20.07 -4.66
C LEU M 353 67.72 19.10 -5.81
N ASN M 354 68.31 17.91 -5.75
CA ASN M 354 68.11 16.90 -6.77
C ASN M 354 66.80 16.14 -6.61
N SER M 355 66.12 16.28 -5.47
CA SER M 355 64.84 15.61 -5.26
C SER M 355 63.67 16.46 -5.71
N ILE M 356 63.82 17.78 -5.77
CA ILE M 356 62.78 18.67 -6.27
C ILE M 356 62.94 18.78 -7.78
N ASN M 357 61.88 18.43 -8.51
CA ASN M 357 61.94 18.51 -9.97
C ASN M 357 61.47 19.85 -10.50
N ILE M 358 60.54 20.53 -9.81
CA ILE M 358 59.97 21.80 -10.25
C ILE M 358 61.00 22.91 -10.13
N ARG M 359 60.66 24.09 -10.65
CA ARG M 359 61.57 25.24 -10.64
C ARG M 359 61.94 25.64 -9.22
N LYS M 360 63.24 25.80 -8.98
CA LYS M 360 63.76 26.16 -7.68
C LYS M 360 64.53 27.48 -7.79
N GLU M 361 64.26 28.40 -6.86
CA GLU M 361 64.99 29.65 -6.76
C GLU M 361 65.60 29.78 -5.37
N VAL M 362 66.79 30.36 -5.32
CA VAL M 362 67.54 30.53 -4.09
C VAL M 362 67.66 32.01 -3.79
N TYR M 363 67.24 32.40 -2.60
CA TYR M 363 67.39 33.77 -2.11
C TYR M 363 68.37 33.76 -0.94
N GLN M 364 69.42 34.57 -1.05
CA GLN M 364 70.48 34.59 -0.07
C GLN M 364 70.50 35.94 0.64
N PHE M 365 70.57 35.91 1.97
CA PHE M 365 70.64 37.12 2.78
C PHE M 365 71.80 36.92 3.76
N TYR M 366 72.92 37.58 3.48
CA TYR M 366 74.14 37.38 4.25
C TYR M 366 74.77 38.72 4.61
N THR M 367 75.54 38.70 5.69
CA THR M 367 76.27 39.88 6.15
C THR M 367 77.76 39.79 5.85
N GLU M 368 78.40 38.70 6.23
CA GLU M 368 79.84 38.54 6.04
C GLU M 368 80.21 37.34 5.20
N ASN M 369 79.58 36.19 5.41
CA ASN M 369 79.93 34.95 4.73
C ASN M 369 78.84 34.56 3.74
N CYS M 370 79.22 34.32 2.50
CA CYS M 370 78.31 33.93 1.44
C CYS M 370 78.53 32.48 1.06
N LEU M 371 77.46 31.71 1.03
CA LEU M 371 77.51 30.32 0.61
C LEU M 371 77.69 30.22 -0.91
N ASP M 372 78.11 29.03 -1.34
CA ASP M 372 78.28 28.74 -2.76
C ASP M 372 77.03 27.99 -3.21
N ILE M 373 76.37 28.52 -4.24
CA ILE M 373 75.16 27.93 -4.79
C ILE M 373 75.52 27.31 -6.13
N PRO M 374 74.93 26.18 -6.53
CA PRO M 374 75.15 25.66 -7.88
C PRO M 374 74.69 26.65 -8.95
N SER M 375 75.47 26.73 -10.02
CA SER M 375 75.30 27.78 -11.03
C SER M 375 74.09 27.59 -11.92
N GLN M 376 73.39 26.46 -11.83
CA GLN M 376 72.23 26.21 -12.66
C GLN M 376 70.93 26.71 -12.04
N LEU M 377 70.98 27.32 -10.85
CA LEU M 377 69.77 27.79 -10.19
C LEU M 377 69.67 29.30 -10.25
N PRO M 378 68.45 29.84 -10.38
CA PRO M 378 68.27 31.29 -10.24
C PRO M 378 68.53 31.76 -8.83
N GLN M 379 69.57 32.57 -8.64
CA GLN M 379 70.00 32.98 -7.32
C GLN M 379 70.10 34.49 -7.24
N VAL M 380 69.71 35.05 -6.10
CA VAL M 380 70.03 36.43 -5.75
C VAL M 380 70.89 36.39 -4.49
N ASN M 381 71.81 37.35 -4.41
CA ASN M 381 72.67 37.51 -3.24
C ASN M 381 72.51 38.94 -2.76
N ILE M 382 72.03 39.11 -1.53
CA ILE M 382 71.74 40.44 -0.98
C ILE M 382 72.57 40.62 0.28
N GLN M 383 73.41 41.66 0.27
CA GLN M 383 74.19 42.02 1.45
C GLN M 383 73.33 42.86 2.38
N VAL M 384 73.39 42.53 3.67
CA VAL M 384 72.62 43.23 4.69
C VAL M 384 73.57 43.65 5.81
N LYS M 385 73.27 44.82 6.41
CA LYS M 385 74.12 45.35 7.47
C LYS M 385 74.05 44.47 8.72
N ASP M 386 72.89 43.94 9.04
CA ASP M 386 72.70 43.04 10.17
C ASP M 386 71.64 42.02 9.78
N PHE M 387 71.07 41.33 10.75
CA PHE M 387 70.01 40.38 10.47
C PHE M 387 68.62 41.01 10.54
N ALA M 388 68.51 42.18 11.18
CA ALA M 388 67.19 42.76 11.42
C ALA M 388 66.56 43.32 10.15
N ASP M 389 67.36 43.80 9.21
CA ASP M 389 66.81 44.41 8.00
C ASP M 389 66.40 43.39 6.94
N ILE M 390 66.65 42.10 7.18
CA ILE M 390 66.17 41.07 6.27
C ILE M 390 64.65 40.97 6.32
N LYS M 391 64.05 41.34 7.45
CA LYS M 391 62.62 41.12 7.67
C LYS M 391 61.75 41.96 6.75
N GLU M 392 62.08 43.24 6.55
CA GLU M 392 61.28 44.09 5.68
C GLU M 392 61.66 43.99 4.22
N ILE M 393 62.80 43.36 3.89
CA ILE M 393 63.14 43.12 2.49
C ILE M 393 62.20 42.09 1.89
N VAL M 394 61.98 40.99 2.59
CA VAL M 394 61.09 39.94 2.13
C VAL M 394 59.64 40.34 2.34
N GLY N 224 53.52 69.61 12.49
CA GLY N 224 52.33 69.65 13.32
C GLY N 224 52.13 68.39 14.13
N ARG N 225 51.11 68.41 15.00
CA ARG N 225 50.85 67.28 15.90
C ARG N 225 50.48 66.02 15.13
N LYS N 226 49.87 66.17 13.95
CA LYS N 226 49.57 65.00 13.13
C LYS N 226 50.82 64.42 12.48
N GLU N 227 51.89 65.21 12.35
CA GLU N 227 53.09 64.73 11.68
C GLU N 227 53.93 63.82 12.57
N TYR N 228 54.05 64.14 13.86
CA TYR N 228 54.83 63.28 14.75
C TYR N 228 54.15 61.93 14.98
N LEU N 229 52.82 61.91 14.96
CA LEU N 229 52.12 60.63 15.09
C LEU N 229 52.06 59.87 13.78
N ARG N 230 52.24 60.53 12.64
CA ARG N 230 52.18 59.83 11.35
C ARG N 230 53.41 58.94 11.16
N LYS N 231 54.59 59.44 11.51
CA LYS N 231 55.78 58.60 11.46
C LYS N 231 55.73 57.51 12.53
N LEU N 232 55.06 57.77 13.65
CA LEU N 232 54.93 56.77 14.70
C LEU N 232 53.90 55.71 14.33
N LYS N 233 52.91 56.07 13.51
CA LYS N 233 51.89 55.13 13.06
C LYS N 233 52.40 54.17 12.00
N GLU N 234 53.57 54.43 11.43
CA GLU N 234 54.11 53.61 10.34
C GLU N 234 55.45 52.97 10.66
N SER N 235 56.37 53.71 11.29
CA SER N 235 57.73 53.23 11.49
C SER N 235 57.85 52.35 12.74
N PHE N 236 57.53 52.92 13.91
CA PHE N 236 57.67 52.17 15.16
C PHE N 236 56.66 51.02 15.24
N ILE N 237 55.39 51.31 14.98
CA ILE N 237 54.35 50.30 14.89
C ILE N 237 53.68 50.48 13.54
N ARG N 238 53.14 49.40 13.00
CA ARG N 238 52.41 49.45 11.74
C ARG N 238 51.42 48.30 11.72
N ARG N 239 50.63 48.25 10.64
CA ARG N 239 49.73 47.12 10.45
C ARG N 239 50.52 45.83 10.24
N SER N 240 51.48 45.86 9.31
CA SER N 240 52.53 44.84 9.03
C SER N 240 51.87 43.48 8.88
N VAL N 241 52.30 42.46 9.62
CA VAL N 241 51.66 41.15 9.63
C VAL N 241 50.42 41.24 10.52
N ASN N 242 49.26 41.28 9.88
CA ASN N 242 47.97 41.29 10.57
C ASN N 242 47.11 40.20 9.96
N THR N 243 45.92 40.03 10.55
CA THR N 243 45.02 38.91 10.25
C THR N 243 45.75 37.59 10.45
N SER N 244 46.58 37.54 11.50
CA SER N 244 47.35 36.38 11.88
C SER N 244 47.11 36.14 13.37
N PRO N 245 46.74 34.95 13.77
CA PRO N 245 46.40 34.72 15.18
C PRO N 245 47.64 34.63 16.08
N TYR N 246 48.19 35.80 16.39
CA TYR N 246 49.29 35.94 17.32
C TYR N 246 48.79 36.51 18.63
N ALA N 247 49.45 36.13 19.72
CA ALA N 247 49.10 36.63 21.05
C ALA N 247 49.71 38.01 21.20
N ARG N 248 48.96 39.03 20.80
CA ARG N 248 49.44 40.41 20.83
C ARG N 248 49.11 41.02 22.19
N PHE N 249 50.14 41.44 22.91
CA PHE N 249 49.99 42.03 24.24
C PHE N 249 50.17 43.54 24.12
N PHE N 250 49.13 44.29 24.49
CA PHE N 250 49.17 45.74 24.46
C PHE N 250 49.28 46.23 25.90
N ILE N 251 50.36 46.95 26.19
CA ILE N 251 50.64 47.45 27.53
C ILE N 251 50.57 48.96 27.50
N LEU N 252 49.63 49.53 28.25
CA LEU N 252 49.39 50.96 28.25
C LEU N 252 49.59 51.50 29.66
N GLU N 253 50.12 52.72 29.75
CA GLU N 253 50.36 53.38 31.03
C GLU N 253 49.11 54.14 31.43
N PHE N 254 48.30 53.53 32.30
CA PHE N 254 47.18 54.23 32.91
C PHE N 254 47.72 55.03 34.09
N GLN N 255 47.54 56.35 34.04
CA GLN N 255 47.99 57.23 35.11
C GLN N 255 46.78 57.90 35.76
N ASP N 256 47.05 58.59 36.87
CA ASP N 256 45.98 59.27 37.58
C ASP N 256 45.45 60.47 36.80
N LYS N 257 46.35 61.22 36.15
CA LYS N 257 45.91 62.40 35.39
C LYS N 257 45.15 62.03 34.13
N THR N 258 45.33 60.82 33.62
CA THR N 258 44.56 60.35 32.46
C THR N 258 43.21 59.84 32.95
N ASP N 259 42.14 60.44 32.44
CA ASP N 259 40.81 60.09 32.92
C ASP N 259 40.34 58.79 32.27
N ILE N 260 39.14 58.34 32.67
CA ILE N 260 38.64 57.04 32.29
C ILE N 260 38.25 57.02 30.81
N LYS N 261 37.72 58.13 30.31
CA LYS N 261 37.07 58.17 29.00
C LYS N 261 38.06 57.88 27.87
N THR N 262 39.22 58.55 27.88
CA THR N 262 40.18 58.36 26.80
C THR N 262 40.85 56.99 26.84
N VAL N 263 40.83 56.31 27.99
CA VAL N 263 41.30 54.93 28.02
C VAL N 263 40.32 54.02 27.28
N LYS N 264 39.03 54.26 27.45
CA LYS N 264 38.01 53.46 26.78
C LYS N 264 38.06 53.64 25.26
N ASP N 265 38.29 54.88 24.81
CA ASP N 265 38.45 55.13 23.37
C ASP N 265 39.70 54.46 22.82
N CYS N 266 40.74 54.32 23.65
CA CYS N 266 41.93 53.60 23.21
C CYS N 266 41.69 52.10 23.18
N ILE N 267 40.98 51.56 24.17
CA ILE N 267 40.70 50.13 24.23
C ILE N 267 39.78 49.71 23.09
N TYR N 268 38.78 50.52 22.78
CA TYR N 268 37.88 50.22 21.66
C TYR N 268 38.60 50.26 20.32
N LYS N 269 39.61 51.12 20.18
CA LYS N 269 40.35 51.17 18.92
C LYS N 269 41.33 50.00 18.81
N ILE N 270 41.93 49.58 19.92
CA ILE N 270 42.79 48.40 19.91
C ILE N 270 41.99 47.15 19.59
N GLN N 271 40.79 47.02 20.20
CA GLN N 271 39.94 45.86 19.95
C GLN N 271 39.43 45.84 18.52
N SER N 272 39.06 46.99 17.97
CA SER N 272 38.51 47.03 16.62
C SER N 272 39.57 46.69 15.57
N ASN N 273 40.80 47.14 15.79
CA ASN N 273 41.85 46.94 14.78
C ASN N 273 42.53 45.60 14.92
N TRP N 274 42.91 45.22 16.15
CA TRP N 274 43.79 44.09 16.37
C TRP N 274 43.04 42.84 16.85
N SER N 275 41.77 42.70 16.48
CA SER N 275 41.05 41.47 16.67
C SER N 275 40.25 41.17 15.41
N ASN N 276 39.99 39.88 15.17
CA ASN N 276 39.17 39.46 14.04
C ASN N 276 38.30 38.35 14.60
N LEU N 277 37.03 38.67 14.85
CA LEU N 277 36.08 37.73 15.44
C LEU N 277 34.88 37.50 14.52
N SER N 278 35.08 37.68 13.22
CA SER N 278 34.02 37.43 12.25
C SER N 278 33.75 35.94 12.14
N LYS N 279 32.50 35.61 11.80
CA LYS N 279 32.10 34.21 11.69
C LYS N 279 32.70 33.53 10.47
N ARG N 280 33.20 34.30 9.50
CA ARG N 280 33.81 33.72 8.31
C ARG N 280 35.10 32.97 8.64
N THR N 281 35.93 33.54 9.51
CA THR N 281 37.23 32.95 9.80
C THR N 281 37.10 31.72 10.67
N ASP N 282 38.19 30.96 10.73
CA ASP N 282 38.31 29.85 11.66
C ASP N 282 39.55 29.95 12.53
N ARG N 283 40.31 31.04 12.42
CA ARG N 283 41.48 31.30 13.26
C ARG N 283 41.32 32.69 13.86
N PRO N 284 40.47 32.83 14.88
CA PRO N 284 40.25 34.15 15.47
C PRO N 284 41.35 34.52 16.46
N TYR N 285 41.41 35.81 16.76
CA TYR N 285 42.38 36.31 17.72
C TYR N 285 41.84 37.58 18.37
N SER N 286 42.26 37.81 19.60
CA SER N 286 41.88 38.99 20.37
C SER N 286 43.11 39.54 21.06
N PRO N 287 43.20 40.86 21.25
CA PRO N 287 44.37 41.43 21.91
C PRO N 287 44.33 41.24 23.41
N PHE N 288 45.49 41.35 24.02
CA PHE N 288 45.65 41.30 25.47
C PHE N 288 45.95 42.71 25.97
N LEU N 289 45.22 43.15 26.98
CA LEU N 289 45.36 44.50 27.52
C LEU N 289 45.92 44.44 28.93
N LEU N 290 46.98 45.22 29.17
CA LEU N 290 47.60 45.33 30.48
C LEU N 290 47.78 46.81 30.82
N PHE N 291 47.46 47.17 32.05
CA PHE N 291 47.60 48.53 32.53
C PHE N 291 48.46 48.56 33.79
N HIS N 292 49.25 49.61 33.92
CA HIS N 292 50.14 49.76 35.05
C HIS N 292 50.24 51.23 35.42
N GLY N 293 50.70 51.48 36.64
CA GLY N 293 50.85 52.84 37.12
C GLY N 293 49.60 53.48 37.66
N THR N 294 48.50 52.75 37.76
CA THR N 294 47.24 53.28 38.26
C THR N 294 46.81 52.50 39.49
N SER N 295 45.87 53.09 40.23
CA SER N 295 45.32 52.43 41.39
C SER N 295 44.30 51.37 40.96
N ASP N 296 43.98 50.47 41.90
CA ASP N 296 42.99 49.44 41.62
C ASP N 296 41.57 49.97 41.61
N ALA N 297 41.34 51.16 42.17
CA ALA N 297 40.00 51.73 42.21
C ALA N 297 39.52 52.11 40.83
N ASN N 298 40.34 52.85 40.08
CA ASN N 298 39.95 53.23 38.72
C ASN N 298 40.25 52.15 37.69
N LEU N 299 41.05 51.14 38.05
CA LEU N 299 41.19 49.98 37.18
C LEU N 299 39.91 49.16 37.16
N TYR N 300 39.30 48.95 38.33
CA TYR N 300 38.04 48.23 38.38
C TYR N 300 36.89 49.06 37.86
N GLU N 301 37.00 50.40 37.95
CA GLU N 301 35.99 51.27 37.34
C GLU N 301 36.03 51.17 35.82
N LEU N 302 37.23 51.07 35.24
CA LEU N 302 37.36 50.90 33.80
C LEU N 302 36.85 49.53 33.36
N LYS N 303 37.15 48.49 34.15
CA LYS N 303 36.68 47.15 33.81
C LYS N 303 35.17 47.03 33.92
N ASN N 304 34.58 47.71 34.90
CA ASN N 304 33.13 47.65 35.08
C ASN N 304 32.39 48.36 33.96
N GLN N 305 32.94 49.46 33.47
CA GLN N 305 32.27 50.22 32.41
C GLN N 305 32.37 49.52 31.07
N LEU N 306 33.51 48.86 30.80
CA LEU N 306 33.65 48.12 29.55
C LEU N 306 32.72 46.92 29.49
N PHE N 307 32.53 46.23 30.61
CA PHE N 307 31.60 45.11 30.64
C PHE N 307 30.15 45.55 30.54
N ASN N 308 29.84 46.81 30.91
CA ASN N 308 28.49 47.30 30.79
C ASN N 308 28.09 47.55 29.34
N GLU N 309 29.05 47.96 28.50
CA GLU N 309 28.78 48.21 27.09
C GLU N 309 29.06 47.02 26.21
N ASP N 310 28.93 45.80 26.75
CA ASP N 310 29.03 44.54 26.00
C ASP N 310 30.39 44.37 25.31
N LEU N 311 31.44 44.95 25.90
CA LEU N 311 32.81 44.65 25.49
C LEU N 311 33.32 43.57 26.43
N ILE N 312 32.93 42.33 26.13
CA ILE N 312 33.15 41.22 27.06
C ILE N 312 34.61 40.81 27.03
N PHE N 313 35.22 40.73 28.21
CA PHE N 313 36.62 40.34 28.35
C PHE N 313 36.75 39.31 29.47
N THR N 314 37.96 38.74 29.56
CA THR N 314 38.33 37.85 30.65
C THR N 314 39.67 38.30 31.22
N ASP N 315 39.81 38.20 32.54
CA ASP N 315 41.07 38.49 33.20
C ASP N 315 41.63 37.30 33.96
N GLY N 316 41.11 36.09 33.73
CA GLY N 316 41.57 34.93 34.44
C GLY N 316 40.94 34.73 35.80
N TYR N 317 39.92 35.50 36.15
CA TYR N 317 39.20 35.37 37.42
C TYR N 317 37.74 35.17 37.10
N PRO N 318 37.33 33.94 36.77
CA PRO N 318 35.94 33.71 36.34
C PRO N 318 34.91 33.85 37.44
N PHE N 319 35.31 33.85 38.71
CA PHE N 319 34.37 34.03 39.80
C PHE N 319 35.08 34.76 40.94
N LYS N 320 34.29 35.16 41.94
CA LYS N 320 34.84 35.89 43.08
C LYS N 320 35.69 34.97 43.95
N GLY N 321 36.84 35.47 44.38
CA GLY N 321 37.75 34.66 45.17
C GLY N 321 38.48 33.59 44.39
N SER N 322 38.56 33.74 43.07
CA SER N 322 39.22 32.74 42.24
C SER N 322 40.72 32.99 42.18
N VAL N 323 41.48 31.90 42.10
CA VAL N 323 42.87 32.02 41.71
C VAL N 323 42.95 32.37 40.23
N PHE N 324 44.11 32.83 39.80
CA PHE N 324 44.29 33.24 38.42
C PHE N 324 44.31 32.02 37.50
N THR N 325 43.39 31.99 36.54
CA THR N 325 43.30 30.89 35.58
C THR N 325 43.71 31.38 34.21
N PRO N 326 44.94 31.11 33.77
CA PRO N 326 45.33 31.50 32.41
C PRO N 326 44.62 30.71 31.32
N LYS N 327 44.00 29.58 31.65
CA LYS N 327 43.23 28.82 30.68
C LYS N 327 42.02 29.62 30.18
N MET N 328 41.48 30.50 31.02
CA MET N 328 40.38 31.36 30.58
C MET N 328 40.83 32.33 29.49
N LEU N 329 42.07 32.81 29.58
CA LEU N 329 42.63 33.64 28.52
C LEU N 329 43.05 32.83 27.30
N ILE N 330 43.32 31.53 27.46
CA ILE N 330 43.53 30.66 26.31
C ILE N 330 42.23 30.56 25.51
N GLU N 331 41.12 30.32 26.20
CA GLU N 331 39.85 30.16 25.52
C GLU N 331 39.32 31.50 25.00
N GLY N 332 39.51 32.56 25.77
CA GLY N 332 39.06 33.88 25.36
C GLY N 332 39.82 34.44 24.17
N PHE N 333 41.06 33.99 23.96
CA PHE N 333 41.82 34.43 22.80
C PHE N 333 41.19 33.92 21.50
N SER N 334 40.73 32.66 21.50
CA SER N 334 40.10 32.07 20.33
C SER N 334 38.58 32.18 20.36
N ASN N 335 38.00 32.76 21.42
CA ASN N 335 36.56 32.89 21.49
C ASN N 335 36.11 34.10 20.70
N LYS N 336 35.12 33.91 19.83
CA LYS N 336 34.60 35.00 19.04
C LYS N 336 33.71 35.94 19.86
N GLU N 337 33.14 35.44 20.95
CA GLU N 337 32.27 36.23 21.80
C GLU N 337 33.02 37.02 22.86
N ILE N 338 34.31 36.76 23.04
CA ILE N 338 35.13 37.49 24.00
C ILE N 338 36.04 38.42 23.21
N HIS N 339 35.85 39.73 23.41
CA HIS N 339 36.42 40.72 22.50
C HIS N 339 37.90 40.93 22.73
N PHE N 340 38.36 40.91 23.97
CA PHE N 340 39.77 41.07 24.29
C PHE N 340 40.02 40.42 25.65
N GLN N 341 41.26 40.54 26.12
CA GLN N 341 41.67 39.96 27.39
C GLN N 341 42.28 41.03 28.26
N PHE N 342 41.94 41.01 29.54
CA PHE N 342 42.45 41.95 30.52
C PHE N 342 43.52 41.29 31.36
N ILE N 343 44.57 42.04 31.68
CA ILE N 343 45.62 41.60 32.59
C ILE N 343 45.73 42.63 33.70
N ASN N 344 45.73 42.17 34.95
CA ASN N 344 45.64 43.08 36.08
C ASN N 344 46.98 43.74 36.39
N ASP N 345 48.01 42.93 36.62
CA ASP N 345 49.32 43.49 36.96
C ASP N 345 50.40 42.56 36.42
N ILE N 346 51.64 42.75 36.90
CA ILE N 346 52.78 42.08 36.31
C ILE N 346 52.82 40.59 36.63
N ASP N 347 52.31 40.18 37.80
CA ASP N 347 52.32 38.75 38.12
C ASP N 347 51.33 37.98 37.27
N ASP N 348 50.22 38.62 36.91
CA ASP N 348 49.27 37.98 36.00
C ASP N 348 49.81 37.93 34.59
N PHE N 349 50.65 38.91 34.22
CA PHE N 349 51.18 39.00 32.86
C PHE N 349 52.25 37.94 32.60
N ASN N 350 53.17 37.73 33.56
CA ASN N 350 54.24 36.77 33.35
C ASN N 350 53.71 35.33 33.31
N GLU N 351 52.73 35.02 34.15
CA GLU N 351 52.17 33.68 34.14
C GLU N 351 51.34 33.42 32.88
N THR N 352 50.73 34.47 32.32
CA THR N 352 50.03 34.35 31.05
C THR N 352 50.99 34.07 29.90
N LEU N 353 52.19 34.65 29.96
CA LEU N 353 53.17 34.45 28.89
C LEU N 353 53.63 33.00 28.82
N ASN N 354 53.82 32.37 29.98
CA ASN N 354 54.23 30.97 30.02
C ASN N 354 53.11 30.05 29.53
N SER N 355 51.86 30.43 29.76
CA SER N 355 50.75 29.59 29.34
C SER N 355 50.47 29.69 27.85
N ILE N 356 50.76 30.85 27.23
CA ILE N 356 50.60 30.97 25.79
C ILE N 356 51.73 30.18 25.12
N ASN N 357 51.38 29.32 24.16
CA ASN N 357 52.40 28.63 23.38
C ASN N 357 52.71 29.30 22.06
N ILE N 358 51.73 29.99 21.45
CA ILE N 358 51.90 30.64 20.14
C ILE N 358 52.78 31.88 20.25
N ARG N 359 53.11 32.45 19.10
CA ARG N 359 53.96 33.64 19.02
C ARG N 359 53.35 34.82 19.77
N LYS N 360 54.17 35.49 20.57
CA LYS N 360 53.75 36.63 21.36
C LYS N 360 54.48 37.89 20.87
N GLU N 361 53.76 39.01 20.86
CA GLU N 361 54.36 40.31 20.64
C GLU N 361 53.86 41.26 21.71
N VAL N 362 54.77 42.07 22.25
CA VAL N 362 54.45 43.04 23.29
C VAL N 362 54.52 44.42 22.68
N TYR N 363 53.37 45.11 22.68
CA TYR N 363 53.27 46.48 22.19
C TYR N 363 53.12 47.38 23.40
N GLN N 364 54.14 48.18 23.68
CA GLN N 364 54.19 49.00 24.87
C GLN N 364 53.96 50.47 24.51
N PHE N 365 52.98 51.07 25.17
CA PHE N 365 52.69 52.49 25.02
C PHE N 365 52.78 53.12 26.40
N TYR N 366 53.63 54.13 26.55
CA TYR N 366 53.86 54.74 27.85
C TYR N 366 54.18 56.21 27.65
N THR N 367 54.11 56.95 28.75
CA THR N 367 54.48 58.36 28.77
C THR N 367 55.71 58.62 29.62
N GLU N 368 55.73 58.17 30.87
CA GLU N 368 56.85 58.41 31.77
C GLU N 368 57.55 57.13 32.20
N ASN N 369 56.81 56.16 32.76
CA ASN N 369 57.40 54.91 33.24
C ASN N 369 57.12 53.79 32.25
N CYS N 370 58.15 52.99 32.00
CA CYS N 370 58.08 51.86 31.08
C CYS N 370 58.25 50.56 31.86
N LEU N 371 57.41 49.58 31.56
CA LEU N 371 57.43 48.32 32.26
C LEU N 371 58.56 47.43 31.75
N ASP N 372 59.04 46.53 32.61
CA ASP N 372 60.11 45.62 32.25
C ASP N 372 59.52 44.38 31.57
N ILE N 373 60.05 44.05 30.39
CA ILE N 373 59.53 42.95 29.59
C ILE N 373 60.64 41.91 29.45
N PRO N 374 60.33 40.61 29.49
CA PRO N 374 61.35 39.60 29.22
C PRO N 374 61.95 39.76 27.83
N SER N 375 63.26 39.55 27.73
CA SER N 375 64.00 39.84 26.52
C SER N 375 63.78 38.83 25.40
N GLN N 376 63.20 37.67 25.71
CA GLN N 376 62.95 36.65 24.70
C GLN N 376 61.76 36.99 23.79
N LEU N 377 60.99 38.03 24.12
CA LEU N 377 59.81 38.42 23.39
C LEU N 377 60.09 39.56 22.44
N PRO N 378 59.42 39.59 21.29
CA PRO N 378 59.49 40.78 20.42
C PRO N 378 58.79 41.97 21.04
N GLN N 379 59.56 43.01 21.40
CA GLN N 379 59.03 44.19 22.06
C GLN N 379 59.19 45.41 21.17
N VAL N 380 58.19 46.30 21.22
CA VAL N 380 58.31 47.63 20.68
C VAL N 380 57.85 48.61 21.75
N ASN N 381 58.57 49.72 21.87
CA ASN N 381 58.30 50.73 22.90
C ASN N 381 57.94 52.04 22.23
N ILE N 382 56.78 52.58 22.59
CA ILE N 382 56.28 53.85 22.06
C ILE N 382 56.14 54.82 23.24
N GLN N 383 56.84 55.95 23.15
CA GLN N 383 56.70 57.02 24.13
C GLN N 383 55.85 58.12 23.52
N VAL N 384 54.68 58.36 24.12
CA VAL N 384 53.73 59.33 23.60
C VAL N 384 53.71 60.53 24.53
N LYS N 385 53.24 61.67 23.98
CA LYS N 385 53.12 62.88 24.78
C LYS N 385 52.05 62.73 25.85
N ASP N 386 50.89 62.17 25.48
CA ASP N 386 49.85 61.83 26.43
C ASP N 386 49.10 60.62 25.91
N PHE N 387 48.10 60.17 26.68
CA PHE N 387 47.36 58.97 26.35
C PHE N 387 46.49 59.13 25.11
N ALA N 388 46.15 60.37 24.73
CA ALA N 388 45.25 60.59 23.61
C ALA N 388 45.88 60.24 22.28
N ASP N 389 47.21 60.28 22.19
CA ASP N 389 47.87 59.95 20.93
C ASP N 389 47.89 58.45 20.66
N ILE N 390 47.63 57.62 21.67
CA ILE N 390 47.71 56.18 21.51
C ILE N 390 46.59 55.67 20.61
N LYS N 391 45.40 56.26 20.72
CA LYS N 391 44.26 55.79 19.95
C LYS N 391 44.44 56.05 18.45
N GLU N 392 45.24 57.05 18.08
CA GLU N 392 45.49 57.33 16.68
C GLU N 392 46.74 56.61 16.17
N ILE N 393 47.70 56.35 17.06
CA ILE N 393 48.88 55.58 16.69
C ILE N 393 48.51 54.13 16.42
N VAL N 394 47.68 53.54 17.28
CA VAL N 394 47.36 52.12 17.18
C VAL N 394 46.33 51.89 16.07
N GLY O 224 54.38 67.05 -26.20
CA GLY O 224 55.28 66.30 -27.06
C GLY O 224 54.62 65.80 -28.33
N ARG O 225 54.43 64.49 -28.42
CA ARG O 225 53.77 63.87 -29.56
C ARG O 225 52.56 63.03 -29.18
N LYS O 226 52.57 62.37 -28.02
CA LYS O 226 51.45 61.54 -27.59
C LYS O 226 50.32 62.35 -26.98
N GLU O 227 50.50 63.66 -26.79
CA GLU O 227 49.40 64.48 -26.30
C GLU O 227 48.30 64.63 -27.35
N TYR O 228 48.63 64.45 -28.62
CA TYR O 228 47.63 64.49 -29.68
C TYR O 228 46.66 63.32 -29.54
N LEU O 229 47.19 62.13 -29.23
CA LEU O 229 46.32 60.95 -29.09
C LEU O 229 45.52 61.00 -27.80
N ARG O 230 46.06 61.59 -26.74
CA ARG O 230 45.32 61.69 -25.49
C ARG O 230 44.17 62.67 -25.59
N LYS O 231 44.37 63.77 -26.33
CA LYS O 231 43.32 64.78 -26.46
C LYS O 231 42.13 64.24 -27.26
N LEU O 232 42.39 63.48 -28.33
CA LEU O 232 41.30 62.93 -29.12
C LEU O 232 40.56 61.82 -28.38
N LYS O 233 41.26 61.09 -27.51
CA LYS O 233 40.59 60.10 -26.67
C LYS O 233 39.66 60.76 -25.66
N GLU O 234 40.10 61.85 -25.03
CA GLU O 234 39.31 62.49 -23.99
C GLU O 234 38.17 63.32 -24.56
N SER O 235 38.31 63.82 -25.79
CA SER O 235 37.37 64.82 -26.29
C SER O 235 36.01 64.21 -26.64
N PHE O 236 36.00 63.09 -27.35
CA PHE O 236 34.75 62.58 -27.91
C PHE O 236 34.38 61.18 -27.43
N ILE O 237 35.32 60.26 -27.37
CA ILE O 237 35.02 58.84 -27.30
C ILE O 237 35.55 58.27 -25.98
N ARG O 238 34.62 57.92 -25.09
CA ARG O 238 34.94 57.40 -23.77
C ARG O 238 34.29 56.04 -23.56
N ARG O 239 35.09 55.05 -23.16
CA ARG O 239 34.60 53.68 -22.97
C ARG O 239 33.87 53.49 -21.66
N SER O 240 34.25 54.22 -20.61
CA SER O 240 33.73 53.94 -19.27
C SER O 240 32.25 54.30 -19.15
N VAL O 241 31.86 55.46 -19.69
CA VAL O 241 30.47 55.88 -19.55
C VAL O 241 29.55 55.22 -20.57
N ASN O 242 30.10 54.65 -21.65
CA ASN O 242 29.29 54.06 -22.71
C ASN O 242 29.23 52.54 -22.54
N THR O 243 28.60 52.12 -21.45
CA THR O 243 28.35 50.71 -21.20
C THR O 243 26.95 50.28 -21.62
N SER O 244 26.14 51.21 -22.11
CA SER O 244 24.76 50.95 -22.47
C SER O 244 24.64 50.35 -23.88
N PRO O 245 23.66 49.47 -24.09
CA PRO O 245 23.48 48.83 -25.42
C PRO O 245 22.82 49.72 -26.46
N TYR O 246 23.62 50.55 -27.10
CA TYR O 246 23.17 51.40 -28.19
C TYR O 246 23.72 50.87 -29.50
N ALA O 247 23.05 51.22 -30.60
CA ALA O 247 23.49 50.80 -31.93
C ALA O 247 24.61 51.73 -32.37
N ARG O 248 25.84 51.40 -31.99
CA ARG O 248 26.98 52.25 -32.29
C ARG O 248 27.50 51.92 -33.68
N PHE O 249 27.61 52.95 -34.51
CA PHE O 249 28.09 52.81 -35.88
C PHE O 249 29.51 53.36 -35.97
N PHE O 250 30.45 52.53 -36.40
CA PHE O 250 31.84 52.93 -36.56
C PHE O 250 32.14 52.99 -38.04
N ILE O 251 32.56 54.17 -38.51
CA ILE O 251 32.82 54.41 -39.93
C ILE O 251 34.30 54.73 -40.09
N LEU O 252 34.99 53.98 -40.93
CA LEU O 252 36.40 54.14 -41.17
C LEU O 252 36.64 54.42 -42.65
N GLU O 253 37.75 55.08 -42.94
CA GLU O 253 38.09 55.49 -44.31
C GLU O 253 39.23 54.60 -44.80
N PHE O 254 38.87 53.52 -45.49
CA PHE O 254 39.83 52.65 -46.16
C PHE O 254 40.27 53.34 -47.45
N GLN O 255 41.51 53.82 -47.48
CA GLN O 255 41.98 54.69 -48.55
C GLN O 255 42.95 53.99 -49.52
N ASP O 256 42.93 52.64 -49.54
CA ASP O 256 43.69 51.80 -50.47
C ASP O 256 45.21 51.93 -50.32
N LYS O 257 45.69 52.70 -49.34
CA LYS O 257 47.11 52.84 -49.08
C LYS O 257 47.53 52.17 -47.78
N THR O 258 46.59 51.82 -46.92
CA THR O 258 46.84 51.01 -45.74
C THR O 258 46.48 49.56 -46.06
N ASP O 259 47.28 48.63 -45.53
CA ASP O 259 47.03 47.22 -45.81
C ASP O 259 45.93 46.66 -44.91
N ILE O 260 45.62 45.38 -45.11
CA ILE O 260 44.57 44.73 -44.34
C ILE O 260 45.01 44.48 -42.90
N LYS O 261 46.32 44.52 -42.62
CA LYS O 261 46.80 44.26 -41.27
C LYS O 261 46.32 45.32 -40.29
N THR O 262 46.55 46.60 -40.59
CA THR O 262 46.16 47.66 -39.67
C THR O 262 44.65 47.85 -39.59
N VAL O 263 43.91 47.43 -40.63
CA VAL O 263 42.46 47.49 -40.57
C VAL O 263 41.93 46.45 -39.59
N LYS O 264 42.50 45.24 -39.61
CA LYS O 264 42.05 44.18 -38.70
C LYS O 264 42.41 44.49 -37.26
N ASP O 265 43.54 45.15 -37.01
CA ASP O 265 43.85 45.60 -35.66
C ASP O 265 42.83 46.61 -35.16
N CYS O 266 42.37 47.50 -36.03
CA CYS O 266 41.36 48.47 -35.65
C CYS O 266 40.00 47.81 -35.41
N ILE O 267 39.65 46.83 -36.24
CA ILE O 267 38.38 46.12 -36.08
C ILE O 267 38.37 45.31 -34.80
N TYR O 268 39.48 44.63 -34.50
CA TYR O 268 39.56 43.81 -33.29
C TYR O 268 39.51 44.68 -32.04
N LYS O 269 40.10 45.88 -32.08
CA LYS O 269 40.04 46.77 -30.93
C LYS O 269 38.66 47.38 -30.78
N ILE O 270 38.00 47.69 -31.88
CA ILE O 270 36.63 48.20 -31.84
C ILE O 270 35.69 47.13 -31.30
N GLN O 271 35.83 45.90 -31.77
CA GLN O 271 34.95 44.82 -31.33
C GLN O 271 35.19 44.46 -29.87
N SER O 272 36.44 44.43 -29.43
CA SER O 272 36.73 44.01 -28.06
C SER O 272 36.27 45.05 -27.04
N ASN O 273 36.27 46.33 -27.40
CA ASN O 273 35.85 47.37 -26.49
C ASN O 273 34.35 47.61 -26.54
N TRP O 274 33.77 47.70 -27.73
CA TRP O 274 32.41 48.21 -27.92
C TRP O 274 31.39 47.12 -28.12
N SER O 275 31.57 45.97 -27.48
CA SER O 275 30.55 44.93 -27.47
C SER O 275 30.54 44.24 -26.12
N ASN O 276 29.38 43.72 -25.75
CA ASN O 276 29.22 42.94 -24.52
C ASN O 276 28.52 41.65 -24.91
N LEU O 277 29.32 40.64 -25.27
CA LEU O 277 28.80 39.33 -25.65
C LEU O 277 28.99 38.30 -24.53
N SER O 278 29.27 38.77 -23.31
CA SER O 278 29.45 37.87 -22.19
C SER O 278 28.13 37.22 -21.79
N LYS O 279 28.21 36.02 -21.25
CA LYS O 279 27.03 35.27 -20.87
C LYS O 279 26.37 35.81 -19.60
N ARG O 280 27.05 36.67 -18.85
CA ARG O 280 26.46 37.24 -17.65
C ARG O 280 25.37 38.26 -17.98
N THR O 281 25.61 39.10 -18.98
CA THR O 281 24.67 40.18 -19.29
C THR O 281 23.42 39.64 -19.99
N ASP O 282 22.34 40.39 -19.86
CA ASP O 282 21.08 40.09 -20.51
C ASP O 282 20.73 41.09 -21.61
N ARG O 283 21.56 42.09 -21.83
CA ARG O 283 21.34 43.12 -22.85
C ARG O 283 22.60 43.24 -23.69
N PRO O 284 22.85 42.28 -24.58
CA PRO O 284 24.08 42.29 -25.37
C PRO O 284 24.00 43.31 -26.50
N TYR O 285 25.18 43.73 -26.95
CA TYR O 285 25.27 44.65 -28.07
C TYR O 285 26.57 44.41 -28.80
N SER O 286 26.59 44.83 -30.07
CA SER O 286 27.74 44.69 -30.94
C SER O 286 27.86 45.96 -31.77
N PRO O 287 29.08 46.35 -32.14
CA PRO O 287 29.24 47.54 -32.97
C PRO O 287 28.90 47.27 -34.43
N PHE O 288 28.58 48.35 -35.13
CA PHE O 288 28.33 48.32 -36.56
C PHE O 288 29.53 48.92 -37.28
N LEU O 289 30.06 48.20 -38.26
CA LEU O 289 31.29 48.59 -38.95
C LEU O 289 30.97 48.95 -40.40
N LEU O 290 31.40 50.13 -40.82
CA LEU O 290 31.22 50.59 -42.19
C LEU O 290 32.55 51.11 -42.72
N PHE O 291 32.88 50.70 -43.94
CA PHE O 291 34.10 51.14 -44.63
C PHE O 291 33.73 51.78 -45.95
N HIS O 292 34.42 52.87 -46.28
CA HIS O 292 34.13 53.61 -47.49
C HIS O 292 35.43 54.11 -48.10
N GLY O 293 35.37 54.45 -49.39
CA GLY O 293 36.51 54.95 -50.11
C GLY O 293 37.42 53.89 -50.70
N THR O 294 37.08 52.61 -50.55
CA THR O 294 37.91 51.54 -51.07
C THR O 294 37.14 50.72 -52.11
N SER O 295 37.89 49.94 -52.88
CA SER O 295 37.31 49.04 -53.86
C SER O 295 36.73 47.82 -53.17
N ASP O 296 35.89 47.08 -53.92
CA ASP O 296 35.31 45.86 -53.40
C ASP O 296 36.28 44.68 -53.43
N ALA O 297 37.43 44.83 -54.10
CA ALA O 297 38.41 43.76 -54.14
C ALA O 297 39.03 43.53 -52.77
N ASN O 298 39.50 44.60 -52.13
CA ASN O 298 40.12 44.49 -50.81
C ASN O 298 39.11 44.61 -49.68
N LEU O 299 37.89 45.05 -49.96
CA LEU O 299 36.84 44.99 -48.95
C LEU O 299 36.39 43.55 -48.72
N TYR O 300 36.20 42.79 -49.81
CA TYR O 300 35.87 41.37 -49.70
C TYR O 300 37.06 40.57 -49.22
N GLU O 301 38.28 41.05 -49.50
CA GLU O 301 39.49 40.39 -49.01
C GLU O 301 39.59 40.53 -47.50
N LEU O 302 39.28 41.73 -46.98
CA LEU O 302 39.27 41.95 -45.54
C LEU O 302 38.18 41.13 -44.86
N LYS O 303 37.00 41.04 -45.46
CA LYS O 303 35.90 40.29 -44.88
C LYS O 303 36.19 38.80 -44.83
N ASN O 304 36.91 38.27 -45.81
CA ASN O 304 37.22 36.85 -45.83
C ASN O 304 38.23 36.49 -44.74
N GLN O 305 39.17 37.39 -44.46
CA GLN O 305 40.14 37.14 -43.40
C GLN O 305 39.49 37.17 -42.03
N LEU O 306 38.55 38.09 -41.81
CA LEU O 306 37.88 38.19 -40.51
C LEU O 306 37.04 36.96 -40.20
N PHE O 307 36.38 36.41 -41.20
CA PHE O 307 35.58 35.21 -40.98
C PHE O 307 36.46 33.99 -40.77
N ASN O 308 37.63 33.94 -41.40
CA ASN O 308 38.56 32.85 -41.18
C ASN O 308 39.20 32.91 -39.80
N GLU O 309 39.27 34.10 -39.19
CA GLU O 309 39.84 34.26 -37.85
C GLU O 309 38.80 34.17 -36.76
N ASP O 310 37.66 33.51 -37.03
CA ASP O 310 36.59 33.27 -36.06
C ASP O 310 36.01 34.56 -35.50
N LEU O 311 36.06 35.64 -36.27
CA LEU O 311 35.39 36.89 -35.91
C LEU O 311 34.10 36.95 -36.74
N ILE O 312 33.07 36.29 -36.22
CA ILE O 312 31.84 36.06 -36.97
C ILE O 312 31.04 37.35 -37.03
N PHE O 313 30.66 37.75 -38.24
CA PHE O 313 29.90 38.96 -38.46
C PHE O 313 28.74 38.67 -39.42
N THR O 314 27.84 39.63 -39.53
CA THR O 314 26.78 39.60 -40.53
C THR O 314 26.79 40.91 -41.29
N ASP O 315 26.46 40.84 -42.58
CA ASP O 315 26.37 42.02 -43.42
C ASP O 315 25.02 42.16 -44.10
N GLY O 316 24.01 41.42 -43.66
CA GLY O 316 22.70 41.48 -44.25
C GLY O 316 22.53 40.62 -45.49
N TYR O 317 23.51 39.79 -45.81
CA TYR O 317 23.47 38.91 -46.98
C TYR O 317 23.73 37.49 -46.51
N PRO O 318 22.69 36.82 -46.00
CA PRO O 318 22.91 35.48 -45.42
C PRO O 318 23.24 34.41 -46.46
N PHE O 319 22.98 34.65 -47.75
CA PHE O 319 23.29 33.68 -48.78
C PHE O 319 23.65 34.43 -50.06
N LYS O 320 24.22 33.70 -51.02
CA LYS O 320 24.63 34.29 -52.28
C LYS O 320 23.42 34.71 -53.09
N GLY O 321 23.50 35.90 -53.71
CA GLY O 321 22.41 36.42 -54.49
C GLY O 321 21.27 37.00 -53.69
N SER O 322 21.45 37.17 -52.39
CA SER O 322 20.41 37.74 -51.54
C SER O 322 20.33 39.25 -51.71
N VAL O 323 19.14 39.79 -51.45
CA VAL O 323 18.96 41.23 -51.29
C VAL O 323 19.41 41.58 -49.88
N PHE O 324 19.58 42.87 -49.60
CA PHE O 324 19.97 43.30 -48.27
C PHE O 324 18.86 43.01 -47.27
N THR O 325 19.18 42.21 -46.25
CA THR O 325 18.24 41.87 -45.20
C THR O 325 18.69 42.54 -43.91
N PRO O 326 18.12 43.70 -43.55
CA PRO O 326 18.55 44.38 -42.31
C PRO O 326 18.15 43.66 -41.04
N LYS O 327 17.25 42.68 -41.12
CA LYS O 327 16.86 41.91 -39.93
C LYS O 327 18.02 41.09 -39.40
N MET O 328 18.93 40.65 -40.28
CA MET O 328 20.12 39.94 -39.82
C MET O 328 21.03 40.84 -39.00
N LEU O 329 21.13 42.12 -39.37
CA LEU O 329 21.86 43.07 -38.55
C LEU O 329 21.13 43.41 -37.27
N ILE O 330 19.79 43.33 -37.27
CA ILE O 330 19.03 43.51 -36.05
C ILE O 330 19.25 42.33 -35.12
N GLU O 331 19.19 41.11 -35.65
CA GLU O 331 19.37 39.92 -34.83
C GLU O 331 20.82 39.78 -34.37
N GLY O 332 21.78 40.11 -35.23
CA GLY O 332 23.18 40.02 -34.87
C GLY O 332 23.61 41.03 -33.84
N PHE O 333 22.88 42.15 -33.72
CA PHE O 333 23.17 43.13 -32.68
C PHE O 333 22.95 42.55 -31.29
N SER O 334 21.87 41.78 -31.12
CA SER O 334 21.56 41.16 -29.84
C SER O 334 22.08 39.73 -29.73
N ASN O 335 22.83 39.26 -30.72
CA ASN O 335 23.34 37.89 -30.74
C ASN O 335 24.75 37.88 -30.16
N LYS O 336 25.02 36.92 -29.27
CA LYS O 336 26.32 36.85 -28.62
C LYS O 336 27.37 36.15 -29.48
N GLU O 337 26.97 35.22 -30.34
CA GLU O 337 27.96 34.56 -31.19
C GLU O 337 28.28 35.36 -32.45
N ILE O 338 27.58 36.46 -32.70
CA ILE O 338 27.93 37.39 -33.76
C ILE O 338 28.68 38.55 -33.11
N HIS O 339 29.91 38.79 -33.56
CA HIS O 339 30.80 39.70 -32.85
C HIS O 339 30.55 41.15 -33.25
N PHE O 340 30.27 41.41 -34.53
CA PHE O 340 30.00 42.76 -34.99
C PHE O 340 29.17 42.66 -36.26
N GLN O 341 28.80 43.82 -36.80
CA GLN O 341 27.98 43.90 -38.00
C GLN O 341 28.73 44.69 -39.06
N PHE O 342 28.83 44.11 -40.25
CA PHE O 342 29.47 44.76 -41.39
C PHE O 342 28.41 45.45 -42.25
N ILE O 343 28.76 46.60 -42.79
CA ILE O 343 27.90 47.31 -43.74
C ILE O 343 28.70 47.54 -45.01
N ASN O 344 28.16 47.10 -46.14
CA ASN O 344 28.93 47.05 -47.37
C ASN O 344 29.11 48.44 -47.99
N ASP O 345 28.05 49.23 -48.05
CA ASP O 345 28.14 50.53 -48.71
C ASP O 345 27.20 51.51 -48.02
N ILE O 346 27.07 52.70 -48.60
CA ILE O 346 26.25 53.76 -48.01
C ILE O 346 24.77 53.44 -48.14
N ASP O 347 24.37 52.81 -49.25
CA ASP O 347 22.97 52.45 -49.45
C ASP O 347 22.52 51.42 -48.43
N ASP O 348 23.37 50.46 -48.10
CA ASP O 348 23.07 49.53 -47.01
C ASP O 348 23.06 50.23 -45.67
N PHE O 349 23.88 51.28 -45.51
CA PHE O 349 23.93 52.03 -44.26
C PHE O 349 22.66 52.82 -44.02
N ASN O 350 22.14 53.47 -45.06
CA ASN O 350 20.90 54.25 -44.92
C ASN O 350 19.70 53.33 -44.72
N GLU O 351 19.69 52.17 -45.35
CA GLU O 351 18.60 51.22 -45.16
C GLU O 351 18.64 50.63 -43.75
N THR O 352 19.84 50.41 -43.22
CA THR O 352 19.98 49.85 -41.87
C THR O 352 19.48 50.82 -40.82
N LEU O 353 19.74 52.13 -41.00
CA LEU O 353 19.36 53.13 -40.00
C LEU O 353 17.86 53.22 -39.80
N ASN O 354 17.08 52.84 -40.81
CA ASN O 354 15.63 52.80 -40.69
C ASN O 354 15.13 51.51 -40.04
N SER O 355 16.03 50.56 -39.74
CA SER O 355 15.65 49.31 -39.12
C SER O 355 15.87 49.29 -37.61
N ILE O 356 16.99 49.84 -37.12
CA ILE O 356 17.18 49.97 -35.68
C ILE O 356 16.25 51.06 -35.15
N ASN O 357 15.49 50.72 -34.11
CA ASN O 357 14.64 51.71 -33.47
C ASN O 357 15.33 52.40 -32.29
N ILE O 358 16.17 51.66 -31.54
CA ILE O 358 16.84 52.19 -30.35
C ILE O 358 17.90 53.20 -30.76
N ARG O 359 18.47 53.88 -29.76
CA ARG O 359 19.36 55.01 -30.01
C ARG O 359 20.62 54.58 -30.76
N LYS O 360 20.95 55.32 -31.81
CA LYS O 360 22.11 55.04 -32.65
C LYS O 360 23.08 56.20 -32.61
N GLU O 361 24.37 55.88 -32.53
CA GLU O 361 25.43 56.87 -32.61
C GLU O 361 26.36 56.52 -33.75
N VAL O 362 26.93 57.55 -34.38
CA VAL O 362 27.85 57.38 -35.49
C VAL O 362 29.20 57.95 -35.07
N TYR O 363 30.22 57.10 -35.06
CA TYR O 363 31.60 57.53 -34.86
C TYR O 363 32.34 57.36 -36.18
N GLN O 364 32.78 58.47 -36.75
CA GLN O 364 33.45 58.46 -38.04
C GLN O 364 34.92 58.81 -37.83
N PHE O 365 35.79 57.93 -38.31
CA PHE O 365 37.23 58.16 -38.32
C PHE O 365 37.70 58.20 -39.76
N TYR O 366 38.42 59.25 -40.12
CA TYR O 366 38.80 59.47 -41.50
C TYR O 366 40.05 60.32 -41.56
N THR O 367 40.70 60.30 -42.72
CA THR O 367 41.90 61.11 -42.96
C THR O 367 41.67 62.18 -44.00
N GLU O 368 41.05 61.84 -45.13
CA GLU O 368 40.84 62.79 -46.21
C GLU O 368 39.38 62.97 -46.60
N ASN O 369 38.60 61.90 -46.63
CA ASN O 369 37.22 61.95 -47.10
C ASN O 369 36.26 61.63 -45.96
N CYS O 370 35.26 62.49 -45.78
CA CYS O 370 34.27 62.34 -44.73
C CYS O 370 32.90 62.03 -45.33
N LEU O 371 32.20 61.08 -44.73
CA LEU O 371 30.87 60.73 -45.18
C LEU O 371 29.85 61.77 -44.73
N ASP O 372 28.71 61.79 -45.41
CA ASP O 372 27.62 62.71 -45.11
C ASP O 372 26.59 61.97 -44.27
N ILE O 373 26.74 62.10 -42.95
CA ILE O 373 25.84 61.43 -42.01
C ILE O 373 24.54 62.22 -41.93
N PRO O 374 23.38 61.57 -41.85
CA PRO O 374 22.12 62.30 -41.63
C PRO O 374 22.14 63.06 -40.31
N SER O 375 21.50 64.24 -40.33
CA SER O 375 21.69 65.22 -39.27
C SER O 375 20.99 64.85 -37.97
N GLN O 376 19.99 63.97 -38.01
CA GLN O 376 19.26 63.64 -36.78
C GLN O 376 19.99 62.62 -35.92
N LEU O 377 21.10 62.07 -36.38
CA LEU O 377 21.80 61.10 -35.56
C LEU O 377 22.90 61.77 -34.75
N PRO O 378 23.12 61.32 -33.52
CA PRO O 378 24.29 61.77 -32.76
C PRO O 378 25.58 61.32 -33.41
N GLN O 379 26.34 62.26 -33.98
CA GLN O 379 27.54 61.92 -34.72
C GLN O 379 28.71 62.72 -34.19
N VAL O 380 29.88 62.06 -34.15
CA VAL O 380 31.15 62.71 -33.89
C VAL O 380 32.10 62.35 -35.03
N ASN O 381 32.92 63.31 -35.44
CA ASN O 381 33.88 63.13 -36.52
C ASN O 381 35.28 63.30 -35.96
N ILE O 382 36.16 62.35 -36.28
CA ILE O 382 37.54 62.37 -35.81
C ILE O 382 38.44 62.29 -37.04
N GLN O 383 39.35 63.25 -37.15
CA GLN O 383 40.36 63.25 -38.20
C GLN O 383 41.67 62.72 -37.63
N VAL O 384 42.32 61.82 -38.36
CA VAL O 384 43.56 61.20 -37.91
C VAL O 384 44.61 61.39 -38.99
N LYS O 385 45.89 61.31 -38.56
CA LYS O 385 46.98 61.36 -39.52
C LYS O 385 46.95 60.16 -40.45
N ASP O 386 46.74 58.96 -39.90
CA ASP O 386 46.62 57.76 -40.69
C ASP O 386 45.72 56.77 -39.96
N PHE O 387 45.51 55.60 -40.56
CA PHE O 387 44.61 54.60 -40.01
C PHE O 387 45.13 53.98 -38.71
N ALA O 388 46.43 54.06 -38.45
CA ALA O 388 46.99 53.40 -37.27
C ALA O 388 46.59 54.10 -35.98
N ASP O 389 46.25 55.38 -36.04
CA ASP O 389 45.87 56.11 -34.84
C ASP O 389 44.48 55.75 -34.35
N ILE O 390 43.64 55.17 -35.22
CA ILE O 390 42.28 54.80 -34.83
C ILE O 390 42.27 53.67 -33.81
N LYS O 391 43.30 52.82 -33.84
CA LYS O 391 43.35 51.65 -32.97
C LYS O 391 43.43 52.02 -31.50
N GLU O 392 44.29 52.98 -31.16
CA GLU O 392 44.46 53.38 -29.77
C GLU O 392 43.49 54.48 -29.34
N ILE O 393 42.78 55.10 -30.28
CA ILE O 393 41.74 56.06 -29.91
C ILE O 393 40.55 55.33 -29.30
N VAL O 394 40.11 54.26 -29.93
CA VAL O 394 38.96 53.48 -29.44
C VAL O 394 39.41 52.55 -28.31
N GLY P 224 41.29 78.67 0.78
CA GLY P 224 39.97 79.04 0.31
C GLY P 224 38.86 78.64 1.28
N ARG P 225 37.61 78.86 0.87
CA ARG P 225 36.49 78.48 1.70
C ARG P 225 36.33 76.97 1.76
N LYS P 226 36.63 76.28 0.66
CA LYS P 226 36.51 74.83 0.61
C LYS P 226 37.50 74.13 1.53
N GLU P 227 38.57 74.81 1.92
CA GLU P 227 39.48 74.25 2.93
C GLU P 227 38.77 74.11 4.27
N TYR P 228 37.99 75.13 4.68
CA TYR P 228 37.38 75.15 6.01
C TYR P 228 36.42 73.98 6.22
N LEU P 229 35.72 73.57 5.17
CA LEU P 229 34.91 72.35 5.27
C LEU P 229 35.80 71.12 5.35
N ARG P 230 36.99 71.16 4.74
CA ARG P 230 37.84 69.98 4.70
C ARG P 230 38.58 69.79 6.03
N LYS P 231 39.08 70.86 6.65
CA LYS P 231 39.71 70.73 7.96
C LYS P 231 38.71 70.29 9.03
N LEU P 232 37.50 70.85 9.00
CA LEU P 232 36.49 70.47 9.98
C LEU P 232 36.03 69.03 9.79
N LYS P 233 35.97 68.56 8.54
CA LYS P 233 35.61 67.17 8.29
C LYS P 233 36.69 66.22 8.76
N GLU P 234 37.95 66.47 8.37
CA GLU P 234 39.01 65.49 8.61
C GLU P 234 39.42 65.42 10.07
N SER P 235 39.23 66.51 10.82
CA SER P 235 39.79 66.57 12.17
C SER P 235 39.00 65.74 13.17
N PHE P 236 37.68 65.64 13.00
CA PHE P 236 36.90 65.01 14.06
C PHE P 236 36.00 63.87 13.59
N ILE P 237 35.47 63.94 12.37
CA ILE P 237 34.44 63.00 11.90
C ILE P 237 35.01 62.21 10.72
N ARG P 238 35.19 60.91 10.91
CA ARG P 238 35.68 60.03 9.86
C ARG P 238 34.71 58.87 9.70
N ARG P 239 34.22 58.67 8.46
CA ARG P 239 33.35 57.53 8.19
C ARG P 239 34.13 56.22 8.14
N SER P 240 35.40 56.27 7.73
CA SER P 240 36.16 55.03 7.51
C SER P 240 36.56 54.36 8.81
N VAL P 241 36.76 55.14 9.88
CA VAL P 241 37.31 54.57 11.11
C VAL P 241 36.26 54.03 12.07
N ASN P 242 35.00 54.48 11.98
CA ASN P 242 34.02 54.06 12.98
C ASN P 242 33.42 52.69 12.64
N THR P 243 32.55 52.66 11.63
CA THR P 243 31.85 51.52 11.02
C THR P 243 31.48 50.52 12.13
N SER P 244 30.66 50.96 13.08
CA SER P 244 30.42 50.17 14.28
C SER P 244 29.03 50.45 14.82
N PRO P 245 28.40 49.47 15.46
CA PRO P 245 27.10 49.70 16.12
C PRO P 245 27.25 50.45 17.44
N TYR P 246 27.49 51.76 17.34
CA TYR P 246 27.62 52.61 18.50
C TYR P 246 26.42 53.55 18.57
N ALA P 247 26.02 53.88 19.80
CA ALA P 247 24.89 54.78 20.01
C ALA P 247 25.36 56.20 19.74
N ARG P 248 25.37 56.57 18.47
CA ARG P 248 25.87 57.87 18.05
C ARG P 248 24.81 58.94 18.24
N PHE P 249 25.19 60.04 18.88
CA PHE P 249 24.27 61.14 19.17
C PHE P 249 24.69 62.35 18.36
N PHE P 250 23.76 62.89 17.58
CA PHE P 250 24.01 64.06 16.75
C PHE P 250 23.15 65.20 17.29
N ILE P 251 23.79 66.19 17.90
CA ILE P 251 23.09 67.31 18.50
C ILE P 251 23.33 68.54 17.65
N LEU P 252 22.25 69.09 17.08
CA LEU P 252 22.32 70.18 16.14
C LEU P 252 21.56 71.37 16.68
N GLU P 253 22.02 72.57 16.34
CA GLU P 253 21.43 73.81 16.83
C GLU P 253 20.43 74.33 15.80
N PHE P 254 19.15 74.01 16.02
CA PHE P 254 18.06 74.66 15.31
C PHE P 254 17.77 75.98 16.02
N GLN P 255 18.06 77.10 15.35
CA GLN P 255 18.03 78.39 16.03
C GLN P 255 17.08 79.37 15.37
N ASP P 256 16.03 78.87 14.71
CA ASP P 256 14.89 79.61 14.19
C ASP P 256 15.22 80.57 13.06
N LYS P 257 16.49 80.71 12.66
CA LYS P 257 16.83 81.55 11.53
C LYS P 257 17.05 80.76 10.25
N THR P 258 17.32 79.46 10.37
CA THR P 258 17.34 78.56 9.23
C THR P 258 15.95 77.97 9.04
N ASP P 259 15.50 77.94 7.79
CA ASP P 259 14.16 77.43 7.52
C ASP P 259 14.14 75.90 7.64
N ILE P 260 12.94 75.33 7.49
CA ILE P 260 12.71 73.92 7.76
C ILE P 260 13.47 73.04 6.77
N LYS P 261 13.60 73.49 5.52
CA LYS P 261 14.01 72.61 4.44
C LYS P 261 15.49 72.21 4.54
N THR P 262 16.37 73.11 4.99
CA THR P 262 17.79 72.77 5.05
C THR P 262 18.13 71.87 6.22
N VAL P 263 17.27 71.79 7.23
CA VAL P 263 17.43 70.80 8.27
C VAL P 263 17.21 69.40 7.72
N LYS P 264 16.34 69.28 6.71
CA LYS P 264 16.00 67.96 6.16
C LYS P 264 17.18 67.33 5.42
N ASP P 265 17.90 68.11 4.61
CA ASP P 265 19.10 67.56 3.96
C ASP P 265 20.17 67.21 4.98
N CYS P 266 20.24 67.95 6.09
CA CYS P 266 21.15 67.60 7.16
C CYS P 266 20.74 66.29 7.82
N ILE P 267 19.45 66.11 8.09
CA ILE P 267 18.97 64.88 8.72
C ILE P 267 19.12 63.70 7.75
N TYR P 268 18.82 63.93 6.47
CA TYR P 268 18.92 62.87 5.48
C TYR P 268 20.36 62.44 5.24
N LYS P 269 21.30 63.38 5.31
CA LYS P 269 22.71 63.03 5.15
C LYS P 269 23.25 62.32 6.38
N ILE P 270 22.80 62.73 7.58
CA ILE P 270 23.23 62.07 8.80
C ILE P 270 22.69 60.65 8.87
N GLN P 271 21.42 60.46 8.49
CA GLN P 271 20.82 59.13 8.53
C GLN P 271 21.45 58.21 7.48
N SER P 272 21.75 58.73 6.29
CA SER P 272 22.31 57.89 5.24
C SER P 272 23.75 57.50 5.55
N ASN P 273 24.53 58.41 6.11
CA ASN P 273 25.94 58.15 6.35
C ASN P 273 26.19 57.36 7.63
N TRP P 274 25.37 57.56 8.66
CA TRP P 274 25.64 57.04 9.98
C TRP P 274 24.60 56.02 10.42
N SER P 275 24.11 55.22 9.48
CA SER P 275 23.24 54.10 9.81
C SER P 275 23.48 52.98 8.81
N ASN P 276 23.25 51.75 9.26
CA ASN P 276 23.46 50.57 8.40
C ASN P 276 22.27 49.64 8.64
N LEU P 277 21.25 49.79 7.80
CA LEU P 277 19.99 49.06 7.93
C LEU P 277 19.78 48.05 6.81
N SER P 278 20.88 47.55 6.25
CA SER P 278 20.79 46.54 5.20
C SER P 278 20.36 45.20 5.78
N LYS P 279 19.83 44.34 4.92
CA LYS P 279 19.42 43.01 5.36
C LYS P 279 20.61 42.10 5.59
N ARG P 280 21.77 42.43 5.01
CA ARG P 280 22.94 41.56 5.12
C ARG P 280 23.49 41.55 6.53
N THR P 281 23.53 42.71 7.18
CA THR P 281 24.17 42.82 8.49
C THR P 281 23.33 42.16 9.57
N ASP P 282 24.01 41.77 10.65
CA ASP P 282 23.35 41.25 11.85
C ASP P 282 23.42 42.24 13.00
N ARG P 283 24.08 43.37 12.83
CA ARG P 283 24.26 44.37 13.88
C ARG P 283 23.88 45.74 13.33
N PRO P 284 22.59 46.03 13.22
CA PRO P 284 22.16 47.33 12.69
C PRO P 284 22.35 48.44 13.72
N TYR P 285 22.43 49.66 13.21
CA TYR P 285 22.51 50.83 14.07
C TYR P 285 21.91 52.02 13.34
N SER P 286 21.33 52.93 14.13
CA SER P 286 20.74 54.17 13.64
C SER P 286 21.22 55.33 14.50
N PRO P 287 21.36 56.52 13.93
CA PRO P 287 21.82 57.65 14.73
C PRO P 287 20.72 58.25 15.58
N PHE P 288 21.12 58.84 16.69
CA PHE P 288 20.24 59.63 17.55
C PHE P 288 20.44 61.10 17.21
N LEU P 289 19.34 61.82 17.01
CA LEU P 289 19.39 63.24 16.71
C LEU P 289 18.59 64.03 17.73
N LEU P 290 19.20 65.12 18.21
CA LEU P 290 18.58 66.03 19.16
C LEU P 290 18.71 67.46 18.64
N PHE P 291 17.63 68.22 18.75
CA PHE P 291 17.61 69.61 18.32
C PHE P 291 17.32 70.51 19.51
N HIS P 292 18.07 71.59 19.64
CA HIS P 292 17.93 72.51 20.76
C HIS P 292 17.93 73.94 20.24
N GLY P 293 17.32 74.82 21.03
CA GLY P 293 17.30 76.24 20.73
C GLY P 293 16.13 76.70 19.89
N THR P 294 15.32 75.79 19.37
CA THR P 294 14.16 76.13 18.56
C THR P 294 12.88 75.94 19.37
N SER P 295 11.80 76.53 18.85
CA SER P 295 10.50 76.38 19.47
C SER P 295 9.91 75.00 19.18
N ASP P 296 8.84 74.67 19.88
CA ASP P 296 8.15 73.41 19.63
C ASP P 296 7.25 73.46 18.40
N ALA P 297 6.96 74.64 17.88
CA ALA P 297 6.09 74.76 16.71
C ALA P 297 6.77 74.22 15.46
N ASN P 298 8.01 74.63 15.20
CA ASN P 298 8.73 74.15 14.04
C ASN P 298 9.50 72.86 14.30
N LEU P 299 9.71 72.49 15.56
CA LEU P 299 10.27 71.18 15.87
C LEU P 299 9.25 70.09 15.60
N TYR P 300 7.99 70.32 15.99
CA TYR P 300 6.92 69.39 15.65
C TYR P 300 6.59 69.46 14.17
N GLU P 301 6.78 70.63 13.55
CA GLU P 301 6.56 70.75 12.11
C GLU P 301 7.62 69.97 11.33
N LEU P 302 8.87 70.03 11.77
CA LEU P 302 9.94 69.28 11.12
C LEU P 302 9.71 67.78 11.25
N LYS P 303 9.26 67.33 12.42
CA LYS P 303 8.96 65.92 12.66
C LYS P 303 7.85 65.42 11.75
N ASN P 304 6.87 66.27 11.45
CA ASN P 304 5.74 65.85 10.62
C ASN P 304 6.13 65.68 9.16
N GLN P 305 7.01 66.53 8.63
CA GLN P 305 7.46 66.35 7.26
C GLN P 305 8.35 65.13 7.11
N LEU P 306 9.19 64.85 8.11
CA LEU P 306 10.08 63.70 8.03
C LEU P 306 9.29 62.39 8.02
N PHE P 307 8.22 62.31 8.81
CA PHE P 307 7.39 61.11 8.81
C PHE P 307 6.60 60.98 7.52
N ASN P 308 6.21 62.11 6.91
CA ASN P 308 5.48 62.06 5.66
C ASN P 308 6.38 61.65 4.50
N GLU P 309 7.68 61.93 4.59
CA GLU P 309 8.63 61.54 3.55
C GLU P 309 9.21 60.15 3.79
N ASP P 310 8.48 59.30 4.53
CA ASP P 310 8.84 57.89 4.77
C ASP P 310 10.19 57.74 5.46
N LEU P 311 10.59 58.75 6.22
CA LEU P 311 11.77 58.66 7.09
C LEU P 311 11.25 58.35 8.49
N ILE P 312 10.94 57.08 8.72
CA ILE P 312 10.27 56.66 9.95
C ILE P 312 11.29 56.73 11.10
N PHE P 313 10.89 57.41 12.18
CA PHE P 313 11.71 57.56 13.36
C PHE P 313 10.90 57.23 14.60
N THR P 314 11.55 57.30 15.74
CA THR P 314 10.88 57.15 17.03
C THR P 314 11.47 58.16 18.01
N ASP P 315 10.66 58.58 18.99
CA ASP P 315 11.16 59.52 19.98
C ASP P 315 10.72 59.14 21.40
N GLY P 316 10.30 57.90 21.62
CA GLY P 316 9.87 57.49 22.92
C GLY P 316 8.46 57.87 23.29
N TYR P 317 7.67 58.37 22.35
CA TYR P 317 6.28 58.72 22.57
C TYR P 317 5.44 58.01 21.53
N PRO P 318 5.13 56.73 21.74
CA PRO P 318 4.36 55.97 20.74
C PRO P 318 2.89 56.36 20.65
N PHE P 319 2.36 57.12 21.61
CA PHE P 319 0.97 57.53 21.59
C PHE P 319 0.84 58.84 22.35
N LYS P 320 -0.31 59.49 22.21
CA LYS P 320 -0.54 60.72 22.95
C LYS P 320 -0.76 60.42 24.43
N GLY P 321 -0.23 61.29 25.29
CA GLY P 321 -0.27 61.08 26.71
C GLY P 321 0.77 60.12 27.23
N SER P 322 1.62 59.58 26.36
CA SER P 322 2.66 58.67 26.80
C SER P 322 3.76 59.42 27.53
N VAL P 323 4.29 58.80 28.57
CA VAL P 323 5.51 59.27 29.20
C VAL P 323 6.66 58.92 28.28
N PHE P 324 7.83 59.51 28.51
CA PHE P 324 9.00 59.20 27.70
C PHE P 324 9.42 57.76 27.92
N THR P 325 9.37 56.96 26.87
CA THR P 325 9.75 55.55 26.93
C THR P 325 11.07 55.36 26.21
N PRO P 326 12.20 55.27 26.92
CA PRO P 326 13.49 55.06 26.24
C PRO P 326 13.65 53.66 25.68
N LYS P 327 12.73 52.74 25.99
CA LYS P 327 12.76 51.41 25.39
C LYS P 327 12.56 51.47 23.88
N MET P 328 11.66 52.35 23.42
CA MET P 328 11.43 52.49 21.99
C MET P 328 12.64 53.06 21.26
N LEU P 329 13.47 53.83 21.95
CA LEU P 329 14.74 54.25 21.39
C LEU P 329 15.78 53.14 21.40
N ILE P 330 15.56 52.08 22.17
CA ILE P 330 16.50 50.95 22.21
C ILE P 330 16.17 49.93 21.13
N GLU P 331 14.91 49.51 21.04
CA GLU P 331 14.53 48.59 19.98
C GLU P 331 14.56 49.28 18.62
N GLY P 332 14.29 50.58 18.57
CA GLY P 332 14.43 51.32 17.33
C GLY P 332 15.87 51.49 16.88
N PHE P 333 16.82 51.39 17.80
CA PHE P 333 18.23 51.44 17.43
C PHE P 333 18.63 50.21 16.63
N SER P 334 18.13 49.04 16.99
CA SER P 334 18.41 47.81 16.28
C SER P 334 17.37 47.48 15.23
N ASN P 335 16.37 48.34 15.04
CA ASN P 335 15.32 48.11 14.06
C ASN P 335 15.77 48.62 12.70
N LYS P 336 15.65 47.77 11.68
CA LYS P 336 15.98 48.17 10.31
C LYS P 336 14.86 48.97 9.66
N GLU P 337 13.68 49.02 10.26
CA GLU P 337 12.59 49.84 9.77
C GLU P 337 12.54 51.22 10.41
N ILE P 338 13.37 51.47 11.42
CA ILE P 338 13.45 52.76 12.08
C ILE P 338 14.74 53.40 11.63
N HIS P 339 14.64 54.51 10.90
CA HIS P 339 15.81 55.10 10.25
C HIS P 339 16.68 55.86 11.24
N PHE P 340 16.08 56.57 12.18
CA PHE P 340 16.82 57.32 13.18
C PHE P 340 15.95 57.50 14.41
N GLN P 341 16.50 58.14 15.43
CA GLN P 341 15.78 58.38 16.68
C GLN P 341 15.80 59.86 17.00
N PHE P 342 14.64 60.40 17.33
CA PHE P 342 14.48 61.81 17.63
C PHE P 342 14.54 62.00 19.14
N ILE P 343 15.25 63.04 19.58
CA ILE P 343 15.29 63.42 20.97
C ILE P 343 14.65 64.79 21.09
N ASN P 344 13.67 64.93 21.98
CA ASN P 344 12.89 66.16 22.04
C ASN P 344 13.67 67.29 22.71
N ASP P 345 14.18 67.05 23.91
CA ASP P 345 14.87 68.10 24.65
C ASP P 345 15.93 67.48 25.55
N ILE P 346 16.50 68.30 26.43
CA ILE P 346 17.57 67.86 27.31
C ILE P 346 17.09 66.91 28.39
N ASP P 347 15.78 66.88 28.69
CA ASP P 347 15.27 65.96 29.70
C ASP P 347 15.23 64.54 29.16
N ASP P 348 14.79 64.37 27.91
CA ASP P 348 14.77 63.05 27.30
C ASP P 348 16.17 62.60 26.86
N PHE P 349 17.09 63.54 26.65
CA PHE P 349 18.44 63.17 26.25
C PHE P 349 19.20 62.53 27.41
N ASN P 350 19.12 63.13 28.60
CA ASN P 350 19.80 62.57 29.76
C ASN P 350 19.17 61.28 30.22
N GLU P 351 17.85 61.13 30.04
CA GLU P 351 17.18 59.90 30.46
C GLU P 351 17.54 58.74 29.54
N THR P 352 17.60 58.98 28.23
CA THR P 352 17.94 57.90 27.31
C THR P 352 19.43 57.57 27.35
N LEU P 353 20.27 58.44 27.91
CA LEU P 353 21.69 58.13 28.05
C LEU P 353 21.90 56.99 29.03
N ASN P 354 21.13 56.97 30.12
CA ASN P 354 21.24 55.90 31.10
C ASN P 354 20.55 54.61 30.66
N SER P 355 19.81 54.65 29.55
CA SER P 355 19.13 53.46 29.05
C SER P 355 19.98 52.67 28.08
N ILE P 356 20.85 53.32 27.32
CA ILE P 356 21.72 52.61 26.38
C ILE P 356 22.93 52.10 27.14
N ASN P 357 23.10 50.78 27.16
CA ASN P 357 24.26 50.19 27.83
C ASN P 357 25.51 50.34 26.96
N ILE P 358 25.38 50.22 25.65
CA ILE P 358 26.50 50.17 24.71
C ILE P 358 27.19 51.53 24.61
N ARG P 359 28.33 51.56 23.93
CA ARG P 359 29.16 52.76 23.83
C ARG P 359 28.41 53.88 23.10
N LYS P 360 28.44 55.08 23.69
CA LYS P 360 27.72 56.23 23.19
C LYS P 360 28.70 57.34 22.85
N GLU P 361 28.59 57.89 21.65
CA GLU P 361 29.37 59.04 21.22
C GLU P 361 28.45 60.19 20.88
N VAL P 362 28.87 61.40 21.25
CA VAL P 362 28.07 62.61 21.05
C VAL P 362 28.79 63.50 20.05
N TYR P 363 28.10 63.86 18.97
CA TYR P 363 28.59 64.82 17.99
C TYR P 363 27.71 66.06 18.09
N GLN P 364 28.32 67.19 18.43
CA GLN P 364 27.61 68.44 18.62
C GLN P 364 27.99 69.41 17.51
N PHE P 365 26.99 69.89 16.78
CA PHE P 365 27.16 70.94 15.79
C PHE P 365 26.34 72.14 16.24
N TYR P 366 26.98 73.30 16.29
CA TYR P 366 26.32 74.49 16.80
C TYR P 366 26.89 75.73 16.13
N THR P 367 26.14 76.82 16.20
CA THR P 367 26.54 78.10 15.62
C THR P 367 26.68 79.18 16.67
N GLU P 368 25.70 79.30 17.58
CA GLU P 368 25.75 80.31 18.62
C GLU P 368 25.82 79.72 20.02
N ASN P 369 24.90 78.82 20.37
CA ASN P 369 24.81 78.26 21.71
C ASN P 369 25.20 76.80 21.68
N CYS P 370 26.05 76.39 22.62
CA CYS P 370 26.54 75.03 22.73
C CYS P 370 25.88 74.35 23.92
N LEU P 371 25.35 73.16 23.70
CA LEU P 371 24.70 72.39 24.75
C LEU P 371 25.74 71.78 25.68
N ASP P 372 25.34 71.53 26.92
CA ASP P 372 26.22 70.97 27.93
C ASP P 372 26.10 69.45 27.85
N ILE P 373 27.24 68.79 27.71
CA ILE P 373 27.28 67.33 27.59
C ILE P 373 27.95 66.78 28.86
N PRO P 374 27.46 65.67 29.41
CA PRO P 374 28.15 65.05 30.55
C PRO P 374 29.55 64.60 30.19
N SER P 375 30.45 64.70 31.16
CA SER P 375 31.88 64.54 30.93
C SER P 375 32.34 63.10 30.87
N GLN P 376 31.46 62.13 31.05
CA GLN P 376 31.84 60.72 30.94
C GLN P 376 31.67 60.17 29.54
N LEU P 377 31.16 60.96 28.60
CA LEU P 377 30.93 60.50 27.25
C LEU P 377 31.97 61.07 26.29
N PRO P 378 32.33 60.33 25.25
CA PRO P 378 33.16 60.90 24.19
C PRO P 378 32.39 61.92 23.38
N GLN P 379 32.69 63.20 23.58
CA GLN P 379 31.97 64.29 22.95
C GLN P 379 32.90 65.10 22.07
N VAL P 380 32.34 65.68 21.02
CA VAL P 380 33.07 66.56 20.12
C VAL P 380 32.18 67.76 19.79
N ASN P 381 32.77 68.95 19.78
CA ASN P 381 32.06 70.18 19.51
C ASN P 381 32.61 70.79 18.24
N ILE P 382 31.74 70.98 17.25
CA ILE P 382 32.11 71.57 15.97
C ILE P 382 31.37 72.88 15.82
N GLN P 383 32.12 73.96 15.64
CA GLN P 383 31.56 75.29 15.45
C GLN P 383 31.50 75.56 13.95
N VAL P 384 30.30 75.83 13.45
CA VAL P 384 30.08 76.04 12.02
C VAL P 384 29.60 77.47 11.80
N LYS P 385 29.83 77.96 10.58
CA LYS P 385 29.35 79.29 10.22
C LYS P 385 27.83 79.33 10.17
N ASP P 386 27.21 78.30 9.57
CA ASP P 386 25.76 78.19 9.52
C ASP P 386 25.40 76.73 9.39
N PHE P 387 24.10 76.46 9.32
CA PHE P 387 23.59 75.08 9.30
C PHE P 387 23.89 74.36 7.99
N ALA P 388 24.09 75.08 6.90
CA ALA P 388 24.28 74.44 5.61
C ALA P 388 25.62 73.72 5.52
N ASP P 389 26.61 74.18 6.28
CA ASP P 389 27.93 73.56 6.27
C ASP P 389 27.98 72.26 7.05
N ILE P 390 26.95 71.94 7.83
CA ILE P 390 27.00 70.75 8.67
C ILE P 390 26.90 69.49 7.83
N LYS P 391 26.01 69.49 6.83
CA LYS P 391 25.80 68.32 5.98
C LYS P 391 27.02 67.98 5.12
N GLU P 392 27.92 68.94 4.90
CA GLU P 392 29.17 68.63 4.23
C GLU P 392 30.15 67.94 5.17
N ILE P 393 30.12 68.28 6.45
CA ILE P 393 31.03 67.67 7.42
C ILE P 393 30.63 66.21 7.68
N VAL P 394 29.34 65.96 7.83
CA VAL P 394 28.86 64.60 8.03
C VAL P 394 28.73 63.89 6.69
N ARG Q 225 69.14 53.16 -16.65
CA ARG Q 225 68.93 51.73 -16.87
C ARG Q 225 67.48 51.34 -16.64
N LYS Q 226 66.94 51.74 -15.48
CA LYS Q 226 65.55 51.44 -15.18
C LYS Q 226 64.58 52.28 -15.99
N GLU Q 227 65.02 53.43 -16.52
CA GLU Q 227 64.15 54.20 -17.39
C GLU Q 227 64.18 53.69 -18.82
N TYR Q 228 65.25 52.99 -19.21
CA TYR Q 228 65.27 52.34 -20.51
C TYR Q 228 64.31 51.15 -20.54
N LEU Q 229 64.20 50.43 -19.43
CA LEU Q 229 63.31 49.27 -19.36
C LEU Q 229 61.85 49.68 -19.21
N ARG Q 230 61.59 50.94 -18.84
CA ARG Q 230 60.22 51.39 -18.63
C ARG Q 230 59.52 51.73 -19.95
N LYS Q 231 60.24 52.34 -20.88
CA LYS Q 231 59.62 52.74 -22.15
C LYS Q 231 59.28 51.55 -23.03
N LEU Q 232 60.08 50.49 -22.97
CA LEU Q 232 59.82 49.32 -23.80
C LEU Q 232 58.60 48.54 -23.33
N LYS Q 233 58.34 48.55 -22.02
CA LYS Q 233 57.14 47.88 -21.49
C LYS Q 233 55.87 48.58 -21.98
N GLU Q 234 55.82 49.90 -21.84
CA GLU Q 234 54.58 50.65 -22.07
C GLU Q 234 54.26 50.80 -23.56
N SER Q 235 55.30 50.98 -24.40
CA SER Q 235 55.06 51.32 -25.79
C SER Q 235 54.56 50.14 -26.61
N PHE Q 236 55.12 48.96 -26.41
CA PHE Q 236 54.85 47.82 -27.30
C PHE Q 236 54.07 46.68 -26.67
N ILE Q 237 54.35 46.33 -25.41
CA ILE Q 237 53.87 45.05 -24.90
C ILE Q 237 52.38 45.13 -24.53
N ARG Q 238 52.00 46.10 -23.70
CA ARG Q 238 50.63 46.29 -23.22
C ARG Q 238 50.06 45.02 -22.61
N ARG Q 239 50.68 44.58 -21.50
CA ARG Q 239 50.33 43.29 -20.91
C ARG Q 239 48.94 43.30 -20.29
N SER Q 240 48.55 44.40 -19.65
CA SER Q 240 47.26 44.43 -18.96
C SER Q 240 46.09 44.56 -19.93
N VAL Q 241 46.28 45.26 -21.05
CA VAL Q 241 45.18 45.48 -21.99
C VAL Q 241 44.84 44.19 -22.74
N ASN Q 242 45.85 43.41 -23.12
CA ASN Q 242 45.67 42.30 -24.03
C ASN Q 242 45.44 41.02 -23.24
N THR Q 243 44.18 40.55 -23.24
CA THR Q 243 43.80 39.32 -22.54
C THR Q 243 43.00 38.35 -23.40
N SER Q 244 42.80 38.66 -24.69
CA SER Q 244 42.00 37.81 -25.55
C SER Q 244 42.79 36.55 -25.93
N PRO Q 245 42.08 35.44 -26.20
CA PRO Q 245 42.79 34.21 -26.61
C PRO Q 245 43.31 34.29 -28.04
N TYR Q 246 44.46 34.93 -28.22
CA TYR Q 246 45.10 35.03 -29.53
C TYR Q 246 46.30 34.10 -29.59
N ALA Q 247 46.65 33.69 -30.81
CA ALA Q 247 47.82 32.85 -31.03
C ALA Q 247 49.06 33.74 -31.00
N ARG Q 248 49.55 33.99 -29.80
CA ARG Q 248 50.65 34.92 -29.58
C ARG Q 248 51.97 34.18 -29.75
N PHE Q 249 52.80 34.67 -30.66
CA PHE Q 249 54.08 34.07 -30.97
C PHE Q 249 55.20 34.92 -30.37
N PHE Q 250 56.02 34.30 -29.53
CA PHE Q 250 57.13 34.98 -28.88
C PHE Q 250 58.42 34.43 -29.46
N ILE Q 251 59.09 35.22 -30.29
CA ILE Q 251 60.33 34.81 -30.94
C ILE Q 251 61.48 35.41 -30.16
N LEU Q 252 62.38 34.56 -29.68
CA LEU Q 252 63.49 34.98 -28.85
C LEU Q 252 64.80 34.58 -29.53
N GLU Q 253 65.81 35.42 -29.36
CA GLU Q 253 67.12 35.20 -29.98
C GLU Q 253 68.01 34.51 -28.96
N PHE Q 254 68.13 33.20 -29.08
CA PHE Q 254 68.99 32.38 -28.23
C PHE Q 254 70.38 32.35 -28.86
N GLN Q 255 71.39 32.77 -28.09
CA GLN Q 255 72.77 32.76 -28.56
C GLN Q 255 73.62 31.88 -27.65
N ASP Q 256 74.89 31.75 -28.04
CA ASP Q 256 75.82 30.97 -27.22
C ASP Q 256 76.25 31.73 -25.97
N LYS Q 257 76.36 33.05 -26.04
CA LYS Q 257 76.88 33.81 -24.91
C LYS Q 257 75.88 33.93 -23.78
N THR Q 258 74.59 33.77 -24.05
CA THR Q 258 73.59 33.74 -22.99
C THR Q 258 73.44 32.30 -22.49
N ASP Q 259 73.11 32.17 -21.22
CA ASP Q 259 73.00 30.85 -20.60
C ASP Q 259 71.55 30.38 -20.52
N ILE Q 260 71.39 29.10 -20.23
CA ILE Q 260 70.06 28.48 -20.20
C ILE Q 260 69.24 29.02 -19.04
N LYS Q 261 69.89 29.37 -17.93
CA LYS Q 261 69.19 29.84 -16.74
C LYS Q 261 68.39 31.11 -17.01
N THR Q 262 68.99 32.08 -17.70
CA THR Q 262 68.27 33.31 -17.99
C THR Q 262 67.18 33.10 -19.04
N VAL Q 263 67.35 32.11 -19.91
CA VAL Q 263 66.30 31.79 -20.88
C VAL Q 263 65.09 31.18 -20.18
N LYS Q 264 65.32 30.33 -19.18
CA LYS Q 264 64.22 29.73 -18.44
C LYS Q 264 63.44 30.76 -17.63
N ASP Q 265 64.12 31.79 -17.11
CA ASP Q 265 63.40 32.88 -16.44
C ASP Q 265 62.52 33.65 -17.42
N CYS Q 266 63.01 33.84 -18.65
CA CYS Q 266 62.20 34.51 -19.66
C CYS Q 266 61.03 33.66 -20.10
N ILE Q 267 61.24 32.35 -20.27
CA ILE Q 267 60.17 31.45 -20.68
C ILE Q 267 59.11 31.36 -19.60
N TYR Q 268 59.52 31.28 -18.33
CA TYR Q 268 58.57 31.21 -17.24
C TYR Q 268 57.79 32.52 -17.09
N LYS Q 269 58.42 33.65 -17.41
CA LYS Q 269 57.72 34.94 -17.35
C LYS Q 269 56.74 35.09 -18.50
N ILE Q 270 57.11 34.59 -19.69
CA ILE Q 270 56.21 34.64 -20.83
C ILE Q 270 54.97 33.77 -20.59
N GLN Q 271 55.19 32.56 -20.07
CA GLN Q 271 54.07 31.65 -19.83
C GLN Q 271 53.15 32.17 -18.73
N SER Q 272 53.72 32.71 -17.65
CA SER Q 272 52.90 33.17 -16.54
C SER Q 272 52.10 34.42 -16.86
N ASN Q 273 52.52 35.19 -17.86
CA ASN Q 273 51.87 36.44 -18.22
C ASN Q 273 50.88 36.30 -19.37
N TRP Q 274 51.22 35.51 -20.39
CA TRP Q 274 50.41 35.42 -21.61
C TRP Q 274 49.76 34.06 -21.79
N SER Q 275 49.37 33.42 -20.69
CA SER Q 275 48.50 32.25 -20.76
C SER Q 275 47.47 32.37 -19.66
N ASN Q 276 46.28 31.82 -19.92
CA ASN Q 276 45.22 31.76 -18.91
C ASN Q 276 44.67 30.34 -18.97
N LEU Q 277 45.16 29.49 -18.07
CA LEU Q 277 44.74 28.10 -17.98
C LEU Q 277 43.95 27.83 -16.70
N SER Q 278 43.35 28.87 -16.13
CA SER Q 278 42.55 28.72 -14.92
C SER Q 278 41.30 27.91 -15.21
N LYS Q 279 40.82 27.22 -14.17
CA LYS Q 279 39.67 26.33 -14.34
C LYS Q 279 38.38 27.10 -14.62
N ARG Q 280 38.31 28.36 -14.21
CA ARG Q 280 37.07 29.13 -14.36
C ARG Q 280 36.81 29.51 -15.81
N THR Q 281 37.85 29.65 -16.62
CA THR Q 281 37.68 30.21 -17.96
C THR Q 281 37.11 29.16 -18.92
N ASP Q 282 36.59 29.65 -20.04
CA ASP Q 282 36.10 28.80 -21.13
C ASP Q 282 36.85 29.01 -22.43
N ARG Q 283 37.73 30.01 -22.51
CA ARG Q 283 38.54 30.27 -23.70
C ARG Q 283 40.00 30.33 -23.28
N PRO Q 284 40.63 29.19 -23.06
CA PRO Q 284 42.04 29.20 -22.65
C PRO Q 284 42.96 29.50 -23.82
N TYR Q 285 44.15 30.00 -23.48
CA TYR Q 285 45.18 30.26 -24.48
C TYR Q 285 46.54 30.06 -23.84
N SER Q 286 47.51 29.75 -24.69
CA SER Q 286 48.89 29.53 -24.30
C SER Q 286 49.80 30.21 -25.32
N PRO Q 287 50.95 30.70 -24.90
CA PRO Q 287 51.85 31.37 -25.85
C PRO Q 287 52.63 30.37 -26.69
N PHE Q 288 53.16 30.88 -27.80
CA PHE Q 288 54.02 30.11 -28.69
C PHE Q 288 55.45 30.61 -28.54
N LEU Q 289 56.39 29.69 -28.42
CA LEU Q 289 57.78 30.03 -28.19
C LEU Q 289 58.63 29.57 -29.36
N LEU Q 290 59.45 30.46 -29.90
CA LEU Q 290 60.38 30.16 -30.96
C LEU Q 290 61.75 30.73 -30.64
N PHE Q 291 62.79 29.93 -30.85
CA PHE Q 291 64.16 30.31 -30.59
C PHE Q 291 65.00 30.15 -31.85
N HIS Q 292 65.89 31.09 -32.10
CA HIS Q 292 66.74 31.07 -33.28
C HIS Q 292 68.13 31.54 -32.91
N GLY Q 293 69.10 31.14 -33.75
CA GLY Q 293 70.48 31.54 -33.57
C GLY Q 293 71.32 30.64 -32.71
N THR Q 294 70.71 29.66 -32.04
CA THR Q 294 71.42 28.74 -31.17
C THR Q 294 71.56 27.37 -31.83
N SER Q 295 72.48 26.58 -31.30
CA SER Q 295 72.67 25.21 -31.77
C SER Q 295 71.57 24.32 -31.22
N ASP Q 296 71.45 23.13 -31.80
CA ASP Q 296 70.48 22.16 -31.32
C ASP Q 296 70.93 21.44 -30.05
N ALA Q 297 72.19 21.61 -29.65
CA ALA Q 297 72.68 20.96 -28.44
C ALA Q 297 72.07 21.58 -27.19
N ASN Q 298 72.09 22.91 -27.09
CA ASN Q 298 71.53 23.59 -25.94
C ASN Q 298 70.07 23.97 -26.14
N LEU Q 299 69.55 23.85 -27.37
CA LEU Q 299 68.12 24.04 -27.59
C LEU Q 299 67.34 22.83 -27.07
N TYR Q 300 67.85 21.62 -27.33
CA TYR Q 300 67.21 20.42 -26.80
C TYR Q 300 67.45 20.26 -25.31
N GLU Q 301 68.58 20.78 -24.82
CA GLU Q 301 68.88 20.64 -23.40
C GLU Q 301 68.06 21.62 -22.58
N LEU Q 302 67.78 22.81 -23.12
CA LEU Q 302 66.81 23.72 -22.52
C LEU Q 302 65.42 23.11 -22.51
N LYS Q 303 65.04 22.44 -23.60
CA LYS Q 303 63.77 21.74 -23.66
C LYS Q 303 63.71 20.62 -22.63
N ASN Q 304 64.84 19.96 -22.39
CA ASN Q 304 64.87 18.84 -21.45
C ASN Q 304 64.70 19.31 -20.01
N GLN Q 305 65.31 20.46 -19.66
CA GLN Q 305 65.12 21.00 -18.32
C GLN Q 305 63.68 21.46 -18.10
N LEU Q 306 63.09 22.10 -19.12
CA LEU Q 306 61.75 22.66 -18.98
C LEU Q 306 60.68 21.59 -18.75
N PHE Q 307 60.85 20.41 -19.37
CA PHE Q 307 59.92 19.32 -19.13
C PHE Q 307 60.11 18.71 -17.75
N ASN Q 308 61.33 18.78 -17.21
CA ASN Q 308 61.59 18.22 -15.89
C ASN Q 308 60.98 19.06 -14.78
N GLU Q 309 60.84 20.38 -15.01
CA GLU Q 309 60.23 21.27 -14.03
C GLU Q 309 58.73 21.41 -14.21
N ASP Q 310 58.09 20.39 -14.79
CA ASP Q 310 56.63 20.30 -14.93
C ASP Q 310 56.05 21.46 -15.73
N LEU Q 311 56.84 22.02 -16.65
CA LEU Q 311 56.36 23.02 -17.60
C LEU Q 311 56.13 22.28 -18.93
N ILE Q 312 54.96 21.66 -19.02
CA ILE Q 312 54.66 20.78 -20.16
C ILE Q 312 54.38 21.62 -21.39
N PHE Q 313 55.03 21.28 -22.49
CA PHE Q 313 54.87 21.98 -23.76
C PHE Q 313 54.70 20.97 -24.88
N THR Q 314 54.44 21.49 -26.08
CA THR Q 314 54.35 20.69 -27.28
C THR Q 314 55.13 21.38 -28.39
N ASP Q 315 55.60 20.59 -29.36
CA ASP Q 315 56.32 21.13 -30.50
C ASP Q 315 55.96 20.45 -31.80
N GLY Q 316 54.88 19.67 -31.84
CA GLY Q 316 54.49 18.97 -33.04
C GLY Q 316 55.19 17.65 -33.27
N TYR Q 317 55.97 17.17 -32.32
CA TYR Q 317 56.66 15.88 -32.41
C TYR Q 317 56.27 15.06 -31.21
N PRO Q 318 55.09 14.41 -31.26
CA PRO Q 318 54.60 13.69 -30.08
C PRO Q 318 55.35 12.40 -29.78
N PHE Q 319 56.11 11.87 -30.73
CA PHE Q 319 56.88 10.65 -30.52
C PHE Q 319 58.19 10.76 -31.30
N LYS Q 320 59.11 9.85 -31.01
CA LYS Q 320 60.41 9.86 -31.66
C LYS Q 320 60.28 9.45 -33.12
N GLY Q 321 60.88 10.22 -34.01
CA GLY Q 321 60.78 9.97 -35.43
C GLY Q 321 59.51 10.47 -36.07
N SER Q 322 58.72 11.26 -35.36
CA SER Q 322 57.50 11.81 -35.92
C SER Q 322 57.81 12.93 -36.91
N VAL Q 323 56.90 13.11 -37.86
CA VAL Q 323 56.90 14.33 -38.65
C VAL Q 323 56.29 15.45 -37.82
N PHE Q 324 56.49 16.69 -38.27
CA PHE Q 324 55.92 17.82 -37.56
C PHE Q 324 54.41 17.81 -37.72
N THR Q 325 53.70 17.85 -36.59
CA THR Q 325 52.24 17.81 -36.59
C THR Q 325 51.71 19.12 -36.05
N PRO Q 326 51.25 20.04 -36.92
CA PRO Q 326 50.65 21.29 -36.44
C PRO Q 326 49.45 21.10 -35.53
N LYS Q 327 48.71 19.99 -35.67
CA LYS Q 327 47.50 19.78 -34.90
C LYS Q 327 47.78 19.68 -33.41
N MET Q 328 48.91 19.07 -33.03
CA MET Q 328 49.29 19.00 -31.62
C MET Q 328 49.57 20.38 -31.05
N LEU Q 329 50.06 21.32 -31.87
CA LEU Q 329 50.20 22.69 -31.43
C LEU Q 329 48.85 23.38 -31.32
N ILE Q 330 47.89 23.00 -32.18
CA ILE Q 330 46.56 23.61 -32.14
C ILE Q 330 45.81 23.15 -30.89
N GLU Q 331 45.84 21.85 -30.60
CA GLU Q 331 45.14 21.33 -29.43
C GLU Q 331 45.79 21.78 -28.13
N GLY Q 332 47.12 21.92 -28.11
CA GLY Q 332 47.80 22.42 -26.94
C GLY Q 332 47.53 23.88 -26.63
N PHE Q 333 47.08 24.65 -27.64
CA PHE Q 333 46.70 26.03 -27.42
C PHE Q 333 45.48 26.14 -26.53
N SER Q 334 44.50 25.27 -26.74
CA SER Q 334 43.30 25.22 -25.91
C SER Q 334 43.40 24.20 -24.79
N ASN Q 335 44.50 23.45 -24.71
CA ASN Q 335 44.68 22.50 -23.62
C ASN Q 335 45.16 23.21 -22.38
N LYS Q 336 44.47 23.00 -21.27
CA LYS Q 336 44.79 23.67 -20.02
C LYS Q 336 45.98 23.03 -19.32
N GLU Q 337 46.31 21.78 -19.65
CA GLU Q 337 47.45 21.10 -19.07
C GLU Q 337 48.76 21.33 -19.82
N ILE Q 338 48.70 21.97 -20.98
CA ILE Q 338 49.89 22.33 -21.74
C ILE Q 338 50.11 23.83 -21.57
N HIS Q 339 51.28 24.20 -21.04
CA HIS Q 339 51.50 25.56 -20.59
C HIS Q 339 51.88 26.49 -21.74
N PHE Q 340 52.69 26.01 -22.67
CA PHE Q 340 53.09 26.80 -23.84
C PHE Q 340 53.44 25.85 -24.96
N GLN Q 341 53.84 26.40 -26.10
CA GLN Q 341 54.20 25.62 -27.26
C GLN Q 341 55.60 25.97 -27.72
N PHE Q 342 56.40 24.95 -28.00
CA PHE Q 342 57.73 25.16 -28.55
C PHE Q 342 57.68 25.06 -30.07
N ILE Q 343 58.52 25.84 -30.73
CA ILE Q 343 58.72 25.74 -32.17
C ILE Q 343 60.21 25.59 -32.42
N ASN Q 344 60.60 24.51 -33.09
CA ASN Q 344 62.02 24.16 -33.19
C ASN Q 344 62.77 25.08 -34.15
N ASP Q 345 62.20 25.37 -35.31
CA ASP Q 345 62.92 26.09 -36.33
C ASP Q 345 61.95 26.96 -37.13
N ILE Q 346 62.47 27.57 -38.19
CA ILE Q 346 61.67 28.50 -39.01
C ILE Q 346 60.62 27.74 -39.81
N ASP Q 347 60.99 26.58 -40.35
CA ASP Q 347 60.05 25.80 -41.18
C ASP Q 347 58.88 25.26 -40.35
N ASP Q 348 59.12 24.92 -39.08
CA ASP Q 348 58.02 24.57 -38.19
C ASP Q 348 57.14 25.78 -37.91
N PHE Q 349 57.75 26.98 -37.85
CA PHE Q 349 57.00 28.19 -37.55
C PHE Q 349 56.09 28.58 -38.72
N ASN Q 350 56.60 28.50 -39.95
CA ASN Q 350 55.81 28.89 -41.12
C ASN Q 350 54.67 27.89 -41.37
N GLU Q 351 54.92 26.60 -41.10
CA GLU Q 351 53.87 25.60 -41.24
C GLU Q 351 52.81 25.76 -40.16
N THR Q 352 53.19 26.24 -38.98
CA THR Q 352 52.22 26.50 -37.93
C THR Q 352 51.31 27.67 -38.27
N LEU Q 353 51.84 28.68 -38.97
CA LEU Q 353 51.06 29.88 -39.28
C LEU Q 353 49.88 29.56 -40.19
N ASN Q 354 50.08 28.67 -41.16
CA ASN Q 354 49.00 28.28 -42.05
C ASN Q 354 47.99 27.34 -41.40
N SER Q 355 48.28 26.85 -40.19
CA SER Q 355 47.39 25.91 -39.51
C SER Q 355 46.49 26.57 -38.48
N ILE Q 356 46.95 27.63 -37.81
CA ILE Q 356 46.09 28.38 -36.91
C ILE Q 356 45.17 29.26 -37.75
N ASN Q 357 43.88 29.23 -37.45
CA ASN Q 357 42.94 30.07 -38.15
C ASN Q 357 42.67 31.37 -37.42
N ILE Q 358 42.75 31.39 -36.08
CA ILE Q 358 42.43 32.56 -35.28
C ILE Q 358 43.51 33.62 -35.43
N ARG Q 359 43.26 34.81 -34.90
CA ARG Q 359 44.19 35.92 -35.00
C ARG Q 359 45.52 35.60 -34.30
N LYS Q 360 46.62 35.86 -34.99
CA LYS Q 360 47.95 35.61 -34.47
C LYS Q 360 48.73 36.91 -34.41
N GLU Q 361 49.44 37.10 -33.30
CA GLU Q 361 50.34 38.24 -33.13
C GLU Q 361 51.75 37.73 -32.87
N VAL Q 362 52.73 38.35 -33.49
CA VAL Q 362 54.12 37.93 -33.40
C VAL Q 362 54.89 39.01 -32.65
N TYR Q 363 55.56 38.61 -31.58
CA TYR Q 363 56.41 39.49 -30.79
C TYR Q 363 57.83 38.96 -30.85
N GLN Q 364 58.76 39.81 -31.28
CA GLN Q 364 60.16 39.43 -31.44
C GLN Q 364 61.03 40.26 -30.51
N PHE Q 365 61.89 39.59 -29.75
CA PHE Q 365 62.92 40.23 -28.95
C PHE Q 365 64.27 39.68 -29.42
N TYR Q 366 65.19 40.58 -29.73
CA TYR Q 366 66.47 40.17 -30.28
C TYR Q 366 67.56 41.15 -29.88
N THR Q 367 68.80 40.71 -30.01
CA THR Q 367 69.97 41.50 -29.70
C THR Q 367 70.80 41.85 -30.93
N GLU Q 368 71.13 40.87 -31.77
CA GLU Q 368 71.90 41.12 -32.98
C GLU Q 368 71.11 40.81 -34.24
N ASN Q 369 70.62 39.59 -34.40
CA ASN Q 369 69.94 39.16 -35.62
C ASN Q 369 68.44 39.13 -35.43
N CYS Q 370 67.72 39.57 -36.45
CA CYS Q 370 66.26 39.53 -36.47
C CYS Q 370 65.81 38.41 -37.41
N LEU Q 371 64.49 38.24 -37.50
CA LEU Q 371 63.91 37.15 -38.29
C LEU Q 371 63.01 37.70 -39.39
N ASP Q 372 62.90 36.93 -40.47
CA ASP Q 372 62.04 37.28 -41.59
C ASP Q 372 60.62 36.84 -41.27
N ILE Q 373 59.80 37.79 -40.81
CA ILE Q 373 58.42 37.51 -40.41
C ILE Q 373 57.54 37.80 -41.63
N PRO Q 374 56.54 36.96 -41.92
CA PRO Q 374 55.61 37.27 -43.02
C PRO Q 374 54.90 38.59 -42.81
N SER Q 375 54.71 39.33 -43.90
CA SER Q 375 54.25 40.71 -43.83
C SER Q 375 52.77 40.81 -43.47
N GLN Q 376 51.99 39.75 -43.64
CA GLN Q 376 50.57 39.79 -43.31
C GLN Q 376 50.27 39.53 -41.84
N LEU Q 377 51.29 39.25 -41.04
CA LEU Q 377 51.19 39.01 -39.60
C LEU Q 377 51.43 40.30 -38.83
N PRO Q 378 50.60 40.59 -37.82
CA PRO Q 378 50.89 41.71 -36.91
C PRO Q 378 52.15 41.42 -36.11
N GLN Q 379 53.19 42.22 -36.35
CA GLN Q 379 54.51 41.95 -35.81
C GLN Q 379 55.02 43.15 -35.05
N VAL Q 380 55.71 42.90 -33.94
CA VAL Q 380 56.51 43.91 -33.25
C VAL Q 380 57.93 43.38 -33.11
N ASN Q 381 58.91 44.25 -33.27
CA ASN Q 381 60.31 43.92 -33.08
C ASN Q 381 60.86 44.81 -31.96
N ILE Q 382 61.52 44.20 -30.99
CA ILE Q 382 62.06 44.91 -29.84
C ILE Q 382 63.54 44.60 -29.72
N GLN Q 383 64.37 45.64 -29.68
CA GLN Q 383 65.81 45.51 -29.56
C GLN Q 383 66.21 45.68 -28.10
N VAL Q 384 67.02 44.76 -27.58
CA VAL Q 384 67.48 44.78 -26.21
C VAL Q 384 69.00 44.65 -26.20
N LYS Q 385 69.61 45.09 -25.10
CA LYS Q 385 71.06 44.95 -24.96
C LYS Q 385 71.46 43.48 -24.82
N ASP Q 386 70.75 42.73 -23.98
CA ASP Q 386 70.97 41.29 -23.89
C ASP Q 386 69.67 40.63 -23.45
N PHE Q 387 69.74 39.32 -23.22
CA PHE Q 387 68.56 38.51 -22.98
C PHE Q 387 67.94 38.77 -21.60
N ALA Q 388 68.68 39.40 -20.69
CA ALA Q 388 68.20 39.56 -19.32
C ALA Q 388 67.04 40.55 -19.23
N ASP Q 389 66.99 41.55 -20.11
CA ASP Q 389 65.93 42.56 -20.04
C ASP Q 389 64.60 42.09 -20.60
N ILE Q 390 64.56 40.95 -21.30
CA ILE Q 390 63.34 40.52 -21.98
C ILE Q 390 62.27 40.14 -20.97
N LYS Q 391 62.66 39.50 -19.86
CA LYS Q 391 61.68 39.08 -18.87
C LYS Q 391 61.08 40.24 -18.10
N GLU Q 392 61.71 41.42 -18.11
CA GLU Q 392 61.06 42.59 -17.54
C GLU Q 392 60.01 43.17 -18.48
N ILE Q 393 60.31 43.25 -19.78
CA ILE Q 393 59.36 43.84 -20.73
C ILE Q 393 58.12 42.96 -20.86
N VAL Q 394 58.30 41.65 -20.83
CA VAL Q 394 57.18 40.72 -20.90
C VAL Q 394 56.44 40.70 -19.57
N GLY R 224 39.48 77.80 -18.50
CA GLY R 224 38.91 77.64 -19.82
C GLY R 224 37.54 76.98 -19.81
N ARG R 225 37.17 76.38 -20.94
CA ARG R 225 35.88 75.71 -21.02
C ARG R 225 35.85 74.44 -20.17
N LYS R 226 36.98 73.75 -20.06
CA LYS R 226 37.05 72.55 -19.24
C LYS R 226 37.22 72.85 -17.75
N GLU R 227 37.56 74.08 -17.39
CA GLU R 227 37.70 74.45 -15.98
C GLU R 227 36.36 74.83 -15.36
N TYR R 228 35.59 75.70 -16.03
CA TYR R 228 34.29 76.08 -15.50
C TYR R 228 33.26 74.95 -15.64
N LEU R 229 33.49 74.01 -16.55
CA LEU R 229 32.62 72.84 -16.63
C LEU R 229 32.74 71.97 -15.39
N ARG R 230 33.98 71.77 -14.91
CA ARG R 230 34.18 70.98 -13.70
C ARG R 230 33.67 71.71 -12.46
N LYS R 231 33.85 73.04 -12.43
CA LYS R 231 33.35 73.83 -11.30
C LYS R 231 31.83 73.80 -11.23
N LEU R 232 31.16 73.88 -12.38
CA LEU R 232 29.71 73.73 -12.41
C LEU R 232 29.28 72.29 -12.14
N LYS R 233 30.11 71.31 -12.54
CA LYS R 233 29.79 69.92 -12.28
C LYS R 233 29.89 69.58 -10.80
N GLU R 234 31.01 69.94 -10.17
CA GLU R 234 31.29 69.42 -8.83
C GLU R 234 30.47 70.13 -7.76
N SER R 235 30.37 71.46 -7.84
CA SER R 235 29.74 72.22 -6.77
C SER R 235 28.23 72.01 -6.74
N PHE R 236 27.58 72.11 -7.89
CA PHE R 236 26.12 72.07 -7.92
C PHE R 236 25.57 70.66 -7.71
N ILE R 237 26.16 69.66 -8.36
CA ILE R 237 25.64 68.30 -8.35
C ILE R 237 26.70 67.37 -7.76
N ARG R 238 26.36 66.68 -6.69
CA ARG R 238 27.21 65.64 -6.11
C ARG R 238 26.72 64.30 -6.62
N ARG R 239 27.45 63.73 -7.58
CA ARG R 239 27.04 62.50 -8.23
C ARG R 239 27.19 61.29 -7.32
N SER R 240 28.21 61.28 -6.45
CA SER R 240 28.57 60.07 -5.72
C SER R 240 27.56 59.74 -4.62
N VAL R 241 27.17 60.73 -3.81
CA VAL R 241 26.39 60.46 -2.61
C VAL R 241 24.96 60.09 -2.96
N ASN R 242 24.39 60.72 -3.99
CA ASN R 242 22.97 60.56 -4.31
C ASN R 242 22.75 59.25 -5.05
N THR R 243 22.66 58.18 -4.28
CA THR R 243 22.30 56.85 -4.78
C THR R 243 20.99 56.33 -4.23
N SER R 244 20.39 57.04 -3.29
CA SER R 244 19.15 56.66 -2.63
C SER R 244 17.93 57.06 -3.46
N PRO R 245 16.83 56.33 -3.33
CA PRO R 245 15.65 56.60 -4.17
C PRO R 245 14.85 57.82 -3.76
N TYR R 246 15.26 59.01 -4.18
CA TYR R 246 14.48 60.22 -3.97
C TYR R 246 13.83 60.63 -5.28
N ALA R 247 12.69 61.30 -5.18
CA ALA R 247 11.98 61.77 -6.36
C ALA R 247 12.72 62.95 -6.97
N ARG R 248 13.64 62.68 -7.89
CA ARG R 248 14.53 63.70 -8.41
C ARG R 248 13.89 64.32 -9.66
N PHE R 249 13.62 65.62 -9.59
CA PHE R 249 12.99 66.36 -10.68
C PHE R 249 14.06 67.12 -11.45
N PHE R 250 14.16 66.84 -12.74
CA PHE R 250 15.11 67.52 -13.62
C PHE R 250 14.33 68.44 -14.55
N ILE R 251 14.66 69.72 -14.51
CA ILE R 251 13.97 70.74 -15.29
C ILE R 251 14.97 71.33 -16.27
N LEU R 252 14.68 71.21 -17.56
CA LEU R 252 15.53 71.71 -18.62
C LEU R 252 14.77 72.80 -19.38
N GLU R 253 15.50 73.80 -19.85
CA GLU R 253 14.90 74.95 -20.51
C GLU R 253 15.02 74.73 -22.02
N PHE R 254 14.02 74.07 -22.60
CA PHE R 254 14.01 73.73 -24.01
C PHE R 254 13.66 74.97 -24.81
N GLN R 255 14.49 75.32 -25.79
CA GLN R 255 14.25 76.46 -26.66
C GLN R 255 13.98 75.99 -28.08
N ASP R 256 13.43 76.90 -28.89
CA ASP R 256 13.22 76.60 -30.31
C ASP R 256 14.53 76.50 -31.07
N LYS R 257 15.58 77.18 -30.61
CA LYS R 257 16.89 77.08 -31.24
C LYS R 257 17.62 75.79 -30.88
N THR R 258 17.16 75.06 -29.89
CA THR R 258 17.83 73.85 -29.43
C THR R 258 17.30 72.65 -30.21
N ASP R 259 18.21 71.87 -30.78
CA ASP R 259 17.84 70.76 -31.64
C ASP R 259 17.31 69.63 -30.76
N ILE R 260 16.44 68.80 -31.34
CA ILE R 260 15.87 67.66 -30.62
C ILE R 260 16.93 66.63 -30.29
N LYS R 261 17.94 66.47 -31.17
CA LYS R 261 18.98 65.48 -30.95
C LYS R 261 19.82 65.81 -29.71
N THR R 262 20.13 67.09 -29.51
CA THR R 262 20.91 67.48 -28.34
C THR R 262 20.12 67.30 -27.05
N VAL R 263 18.79 67.43 -27.11
CA VAL R 263 17.96 67.17 -25.94
C VAL R 263 17.96 65.69 -25.60
N LYS R 264 17.92 64.84 -26.62
CA LYS R 264 17.84 63.39 -26.41
C LYS R 264 19.10 62.84 -25.75
N ASP R 265 20.27 63.40 -26.09
CA ASP R 265 21.50 62.99 -25.41
C ASP R 265 21.49 63.39 -23.94
N CYS R 266 20.87 64.53 -23.61
CA CYS R 266 20.77 64.93 -22.22
C CYS R 266 19.81 64.05 -21.45
N ILE R 267 18.69 63.66 -22.07
CA ILE R 267 17.72 62.79 -21.41
C ILE R 267 18.31 61.39 -21.19
N TYR R 268 19.04 60.88 -22.18
CA TYR R 268 19.71 59.59 -22.02
C TYR R 268 20.78 59.64 -20.95
N LYS R 269 21.47 60.78 -20.82
CA LYS R 269 22.47 60.92 -19.78
C LYS R 269 21.82 61.08 -18.41
N ILE R 270 20.70 61.80 -18.33
CA ILE R 270 19.99 61.97 -17.07
C ILE R 270 19.40 60.64 -16.61
N GLN R 271 18.77 59.90 -17.52
CA GLN R 271 18.14 58.63 -17.16
C GLN R 271 19.16 57.58 -16.73
N SER R 272 20.27 57.48 -17.46
CA SER R 272 21.25 56.44 -17.15
C SER R 272 21.95 56.70 -15.83
N ASN R 273 22.20 57.97 -15.51
CA ASN R 273 22.92 58.30 -14.29
C ASN R 273 22.02 58.34 -13.06
N TRP R 274 20.74 58.66 -13.23
CA TRP R 274 19.87 58.92 -12.09
C TRP R 274 18.70 57.95 -11.98
N SER R 275 18.80 56.78 -12.59
CA SER R 275 17.85 55.70 -12.35
C SER R 275 18.61 54.43 -12.06
N ASN R 276 18.05 53.60 -11.17
CA ASN R 276 18.62 52.31 -10.83
C ASN R 276 17.46 51.33 -10.94
N LEU R 277 17.31 50.74 -12.13
CA LEU R 277 16.23 49.81 -12.44
C LEU R 277 16.73 48.39 -12.64
N SER R 278 17.87 48.04 -12.04
CA SER R 278 18.40 46.69 -12.15
C SER R 278 17.52 45.72 -11.38
N LYS R 279 17.57 44.45 -11.78
CA LYS R 279 16.77 43.43 -11.11
C LYS R 279 17.33 43.05 -9.73
N ARG R 280 18.56 43.44 -9.43
CA ARG R 280 19.16 43.10 -8.14
C ARG R 280 18.53 43.91 -7.00
N THR R 281 18.24 45.18 -7.26
CA THR R 281 17.77 46.08 -6.21
C THR R 281 16.31 45.79 -5.85
N ASP R 282 15.88 46.35 -4.72
CA ASP R 282 14.48 46.33 -4.31
C ASP R 282 13.90 47.72 -4.11
N ARG R 283 14.69 48.77 -4.30
CA ARG R 283 14.24 50.15 -4.16
C ARG R 283 14.58 50.89 -5.45
N PRO R 284 13.81 50.69 -6.52
CA PRO R 284 14.10 51.38 -7.78
C PRO R 284 13.65 52.83 -7.73
N TYR R 285 14.25 53.62 -8.60
CA TYR R 285 13.89 55.02 -8.75
C TYR R 285 14.19 55.46 -10.16
N SER R 286 13.43 56.45 -10.63
CA SER R 286 13.59 57.02 -11.96
C SER R 286 13.50 58.53 -11.86
N PRO R 287 14.24 59.26 -12.68
CA PRO R 287 14.19 60.72 -12.63
C PRO R 287 12.96 61.28 -13.32
N PHE R 288 12.44 62.37 -12.77
CA PHE R 288 11.34 63.10 -13.38
C PHE R 288 11.90 64.17 -14.31
N LEU R 289 11.30 64.29 -15.49
CA LEU R 289 11.78 65.20 -16.53
C LEU R 289 10.72 66.25 -16.83
N LEU R 290 11.14 67.51 -16.84
CA LEU R 290 10.26 68.63 -17.16
C LEU R 290 10.97 69.56 -18.13
N PHE R 291 10.23 70.03 -19.13
CA PHE R 291 10.75 70.95 -20.13
C PHE R 291 9.83 72.16 -20.22
N HIS R 292 10.40 73.33 -20.43
CA HIS R 292 9.63 74.56 -20.52
C HIS R 292 10.28 75.49 -21.53
N GLY R 293 9.49 76.45 -22.00
CA GLY R 293 9.97 77.46 -22.93
C GLY R 293 9.91 77.07 -24.38
N THR R 294 9.33 75.93 -24.71
CA THR R 294 9.24 75.46 -26.09
C THR R 294 7.79 75.21 -26.46
N SER R 295 7.55 75.08 -27.77
CA SER R 295 6.20 74.81 -28.26
C SER R 295 5.83 73.35 -28.02
N ASP R 296 4.53 73.08 -28.13
CA ASP R 296 4.04 71.72 -27.97
C ASP R 296 4.27 70.85 -29.20
N ALA R 297 4.61 71.46 -30.34
CA ALA R 297 4.84 70.69 -31.56
C ALA R 297 6.12 69.87 -31.45
N ASN R 298 7.21 70.50 -31.02
CA ASN R 298 8.47 69.77 -30.89
C ASN R 298 8.61 69.03 -29.56
N LEU R 299 7.83 69.42 -28.55
CA LEU R 299 7.78 68.63 -27.33
C LEU R 299 7.14 67.27 -27.57
N TYR R 300 6.05 67.25 -28.34
CA TYR R 300 5.43 65.98 -28.72
C TYR R 300 6.31 65.21 -29.68
N GLU R 301 7.07 65.90 -30.53
CA GLU R 301 7.97 65.23 -31.45
C GLU R 301 9.13 64.61 -30.69
N LEU R 302 9.65 65.31 -29.68
CA LEU R 302 10.67 64.74 -28.80
C LEU R 302 10.15 63.54 -28.03
N LYS R 303 8.91 63.62 -27.53
CA LYS R 303 8.32 62.51 -26.79
C LYS R 303 8.07 61.32 -27.70
N ASN R 304 7.74 61.57 -28.97
CA ASN R 304 7.51 60.47 -29.90
C ASN R 304 8.81 59.82 -30.33
N GLN R 305 9.91 60.58 -30.35
CA GLN R 305 11.19 59.98 -30.70
C GLN R 305 11.72 59.11 -29.57
N LEU R 306 11.54 59.55 -28.32
CA LEU R 306 12.05 58.79 -27.18
C LEU R 306 11.30 57.48 -26.99
N PHE R 307 10.00 57.48 -27.27
CA PHE R 307 9.22 56.25 -27.13
C PHE R 307 9.55 55.26 -28.22
N ASN R 308 9.98 55.73 -29.38
CA ASN R 308 10.33 54.84 -30.48
C ASN R 308 11.66 54.13 -30.22
N GLU R 309 12.55 54.76 -29.44
CA GLU R 309 13.85 54.16 -29.13
C GLU R 309 13.84 53.34 -27.85
N ASP R 310 12.69 52.79 -27.49
CA ASP R 310 12.49 51.92 -26.32
C ASP R 310 12.89 52.59 -25.01
N LEU R 311 12.85 53.91 -24.96
CA LEU R 311 13.04 54.65 -23.71
C LEU R 311 11.65 54.93 -23.15
N ILE R 312 11.07 53.91 -22.53
CA ILE R 312 9.67 53.95 -22.13
C ILE R 312 9.50 54.88 -20.94
N PHE R 313 8.61 55.85 -21.07
CA PHE R 313 8.31 56.81 -20.01
C PHE R 313 6.82 56.85 -19.77
N THR R 314 6.42 57.61 -18.77
CA THR R 314 5.03 57.89 -18.48
C THR R 314 4.86 59.37 -18.19
N ASP R 315 3.65 59.88 -18.47
CA ASP R 315 3.40 61.30 -18.25
C ASP R 315 2.05 61.58 -17.60
N GLY R 316 1.39 60.57 -17.04
CA GLY R 316 0.11 60.79 -16.41
C GLY R 316 -1.06 60.84 -17.37
N TYR R 317 -0.85 60.53 -18.65
CA TYR R 317 -1.91 60.52 -19.66
C TYR R 317 -1.89 59.16 -20.33
N PRO R 318 -2.47 58.14 -19.69
CA PRO R 318 -2.38 56.78 -20.25
C PRO R 318 -3.24 56.57 -21.48
N PHE R 319 -4.20 57.44 -21.76
CA PHE R 319 -5.02 57.30 -22.96
C PHE R 319 -5.35 58.69 -23.50
N LYS R 320 -5.83 58.72 -24.74
CA LYS R 320 -6.18 60.00 -25.36
C LYS R 320 -7.45 60.54 -24.71
N GLY R 321 -7.42 61.83 -24.36
CA GLY R 321 -8.52 62.42 -23.64
C GLY R 321 -8.52 62.17 -22.16
N SER R 322 -7.46 61.57 -21.63
CA SER R 322 -7.36 61.34 -20.19
C SER R 322 -7.07 62.63 -19.46
N VAL R 323 -7.56 62.71 -18.23
CA VAL R 323 -7.14 63.74 -17.30
C VAL R 323 -5.78 63.34 -16.77
N PHE R 324 -5.07 64.28 -16.14
CA PHE R 324 -3.75 63.95 -15.61
C PHE R 324 -3.89 63.02 -14.40
N THR R 325 -3.20 61.89 -14.46
CA THR R 325 -3.20 60.92 -13.37
C THR R 325 -1.82 60.92 -12.75
N PRO R 326 -1.61 61.60 -11.62
CA PRO R 326 -0.30 61.55 -10.95
C PRO R 326 0.04 60.17 -10.41
N LYS R 327 -0.97 59.30 -10.23
CA LYS R 327 -0.72 57.95 -9.78
C LYS R 327 0.07 57.14 -10.80
N MET R 328 -0.10 57.43 -12.09
CA MET R 328 0.71 56.78 -13.12
C MET R 328 2.17 57.17 -12.99
N LEU R 329 2.44 58.42 -12.62
CA LEU R 329 3.81 58.84 -12.34
C LEU R 329 4.33 58.20 -11.05
N ILE R 330 3.43 57.93 -10.10
CA ILE R 330 3.84 57.29 -8.85
C ILE R 330 4.24 55.84 -9.09
N GLU R 331 3.42 55.11 -9.87
CA GLU R 331 3.72 53.71 -10.16
C GLU R 331 4.97 53.58 -11.03
N GLY R 332 5.17 54.52 -11.95
CA GLY R 332 6.34 54.47 -12.81
C GLY R 332 7.63 54.79 -12.10
N PHE R 333 7.55 55.42 -10.92
CA PHE R 333 8.76 55.73 -10.16
C PHE R 333 9.41 54.46 -9.62
N SER R 334 8.60 53.51 -9.16
CA SER R 334 9.08 52.23 -8.68
C SER R 334 9.04 51.14 -9.74
N ASN R 335 8.63 51.47 -10.96
CA ASN R 335 8.57 50.50 -12.04
C ASN R 335 9.91 50.44 -12.76
N LYS R 336 10.47 49.24 -12.88
CA LYS R 336 11.73 49.06 -13.58
C LYS R 336 11.59 49.10 -15.09
N GLU R 337 10.39 48.84 -15.61
CA GLU R 337 10.16 48.92 -17.05
C GLU R 337 9.97 50.34 -17.55
N ILE R 338 9.70 51.29 -16.66
CA ILE R 338 9.56 52.69 -17.02
C ILE R 338 10.86 53.39 -16.65
N HIS R 339 11.48 54.04 -17.62
CA HIS R 339 12.85 54.53 -17.46
C HIS R 339 12.88 55.90 -16.79
N PHE R 340 11.95 56.78 -17.14
CA PHE R 340 11.87 58.10 -16.56
C PHE R 340 10.43 58.57 -16.64
N GLN R 341 10.17 59.78 -16.16
CA GLN R 341 8.82 60.33 -16.15
C GLN R 341 8.82 61.69 -16.82
N PHE R 342 7.93 61.86 -17.78
CA PHE R 342 7.79 63.13 -18.48
C PHE R 342 6.71 63.97 -17.79
N ILE R 343 6.97 65.26 -17.66
CA ILE R 343 6.00 66.21 -17.15
C ILE R 343 5.80 67.27 -18.22
N ASN R 344 4.53 67.55 -18.55
CA ASN R 344 4.23 68.35 -19.72
C ASN R 344 4.44 69.84 -19.47
N ASP R 345 3.80 70.40 -18.45
CA ASP R 345 3.93 71.83 -18.19
C ASP R 345 3.96 72.07 -16.68
N ILE R 346 3.73 73.33 -16.30
CA ILE R 346 3.83 73.74 -14.90
C ILE R 346 2.68 73.16 -14.09
N ASP R 347 1.46 73.19 -14.64
CA ASP R 347 0.29 72.75 -13.88
C ASP R 347 0.33 71.26 -13.57
N ASP R 348 0.89 70.45 -14.47
CA ASP R 348 1.08 69.05 -14.14
C ASP R 348 2.25 68.84 -13.20
N PHE R 349 3.22 69.76 -13.22
CA PHE R 349 4.36 69.66 -12.31
C PHE R 349 3.95 69.97 -10.88
N ASN R 350 3.09 70.98 -10.68
CA ASN R 350 2.62 71.29 -9.34
C ASN R 350 1.63 70.25 -8.83
N GLU R 351 0.84 69.67 -9.72
CA GLU R 351 -0.15 68.67 -9.32
C GLU R 351 0.53 67.39 -8.83
N THR R 352 1.61 66.98 -9.49
CA THR R 352 2.28 65.75 -9.07
C THR R 352 3.09 65.94 -7.80
N LEU R 353 3.56 67.17 -7.53
CA LEU R 353 4.38 67.42 -6.35
C LEU R 353 3.63 67.14 -5.04
N ASN R 354 2.31 67.22 -5.07
CA ASN R 354 1.49 66.85 -3.93
C ASN R 354 1.21 65.36 -3.87
N SER R 355 1.67 64.59 -4.86
CA SER R 355 1.40 63.16 -4.92
C SER R 355 2.57 62.30 -4.45
N ILE R 356 3.81 62.63 -4.81
CA ILE R 356 4.95 61.99 -4.15
C ILE R 356 5.02 62.48 -2.71
N ASN R 357 5.14 61.55 -1.77
CA ASN R 357 5.31 61.90 -0.37
C ASN R 357 6.77 61.89 0.07
N ILE R 358 7.60 61.05 -0.53
CA ILE R 358 9.00 60.91 -0.13
C ILE R 358 9.80 62.13 -0.58
N ARG R 359 11.05 62.21 -0.13
CA ARG R 359 11.90 63.38 -0.37
C ARG R 359 12.09 63.64 -1.86
N LYS R 360 11.94 64.90 -2.26
CA LYS R 360 12.10 65.32 -3.63
C LYS R 360 13.19 66.37 -3.72
N GLU R 361 13.90 66.37 -4.85
CA GLU R 361 14.86 67.43 -5.16
C GLU R 361 14.59 67.92 -6.58
N VAL R 362 14.75 69.22 -6.78
CA VAL R 362 14.53 69.85 -8.08
C VAL R 362 15.88 70.32 -8.60
N TYR R 363 16.33 69.73 -9.69
CA TYR R 363 17.55 70.16 -10.38
C TYR R 363 17.14 70.90 -11.64
N GLN R 364 17.51 72.17 -11.72
CA GLN R 364 17.08 73.03 -12.81
C GLN R 364 18.28 73.49 -13.61
N PHE R 365 18.20 73.32 -14.93
CA PHE R 365 19.21 73.81 -15.85
C PHE R 365 18.53 74.77 -16.82
N TYR R 366 19.07 75.97 -16.94
CA TYR R 366 18.44 76.99 -17.75
C TYR R 366 19.51 77.88 -18.36
N THR R 367 19.13 78.58 -19.43
CA THR R 367 20.02 79.52 -20.09
C THR R 367 19.53 80.95 -19.99
N GLU R 368 18.25 81.20 -20.28
CA GLU R 368 17.69 82.54 -20.22
C GLU R 368 16.53 82.68 -19.26
N ASN R 369 15.60 81.72 -19.24
CA ASN R 369 14.39 81.80 -18.44
C ASN R 369 14.44 80.77 -17.32
N CYS R 370 14.11 81.21 -16.11
CA CYS R 370 14.14 80.36 -14.93
C CYS R 370 12.74 80.19 -14.38
N LEU R 371 12.49 79.02 -13.79
CA LEU R 371 11.20 78.69 -13.22
C LEU R 371 11.14 79.10 -11.75
N ASP R 372 9.92 79.22 -11.24
CA ASP R 372 9.68 79.58 -9.85
C ASP R 372 9.31 78.29 -9.10
N ILE R 373 10.33 77.62 -8.58
CA ILE R 373 10.11 76.39 -7.80
C ILE R 373 9.53 76.77 -6.45
N PRO R 374 8.59 75.99 -5.91
CA PRO R 374 8.11 76.24 -4.54
C PRO R 374 9.22 76.12 -3.51
N SER R 375 9.17 76.99 -2.50
CA SER R 375 10.32 77.24 -1.64
C SER R 375 10.60 76.14 -0.62
N GLN R 376 9.67 75.23 -0.37
CA GLN R 376 9.93 74.18 0.62
C GLN R 376 10.68 73.00 0.01
N LEU R 377 10.99 73.04 -1.28
CA LEU R 377 11.69 71.95 -1.95
C LEU R 377 13.17 72.26 -2.08
N PRO R 378 14.04 71.26 -1.94
CA PRO R 378 15.46 71.48 -2.19
C PRO R 378 15.74 71.72 -3.67
N GLN R 379 16.03 72.96 -4.03
CA GLN R 379 16.22 73.35 -5.42
C GLN R 379 17.63 73.84 -5.63
N VAL R 380 18.22 73.47 -6.76
CA VAL R 380 19.47 74.04 -7.22
C VAL R 380 19.27 74.52 -8.65
N ASN R 381 19.93 75.62 -8.99
CA ASN R 381 19.77 76.27 -10.29
C ASN R 381 21.13 76.39 -10.97
N ILE R 382 21.19 75.96 -12.22
CA ILE R 382 22.43 76.00 -13.00
C ILE R 382 22.17 76.84 -14.24
N GLN R 383 23.02 77.85 -14.45
CA GLN R 383 22.97 78.66 -15.66
C GLN R 383 24.01 78.12 -16.64
N VAL R 384 23.56 77.74 -17.83
CA VAL R 384 24.44 77.19 -18.85
C VAL R 384 24.44 78.11 -20.06
N LYS R 385 25.54 78.08 -20.81
CA LYS R 385 25.63 78.85 -22.04
C LYS R 385 24.66 78.32 -23.09
N ASP R 386 24.63 77.01 -23.28
CA ASP R 386 23.66 76.37 -24.16
C ASP R 386 23.36 74.98 -23.61
N PHE R 387 22.62 74.19 -24.38
CA PHE R 387 22.11 72.91 -23.92
C PHE R 387 23.13 71.78 -24.00
N ALA R 388 24.26 72.00 -24.68
CA ALA R 388 25.18 70.90 -24.96
C ALA R 388 25.94 70.47 -23.70
N ASP R 389 26.29 71.42 -22.83
CA ASP R 389 27.09 71.09 -21.65
C ASP R 389 26.25 70.63 -20.47
N ILE R 390 24.92 70.60 -20.61
CA ILE R 390 24.09 70.06 -19.53
C ILE R 390 24.37 68.59 -19.33
N LYS R 391 24.53 67.83 -20.42
CA LYS R 391 24.81 66.41 -20.32
C LYS R 391 26.21 66.13 -19.81
N GLU R 392 27.14 67.10 -19.89
CA GLU R 392 28.42 66.95 -19.23
C GLU R 392 28.30 67.09 -17.72
N ILE R 393 27.39 67.94 -17.24
CA ILE R 393 27.17 68.09 -15.81
C ILE R 393 26.50 66.83 -15.25
N VAL R 394 25.49 66.34 -15.93
CA VAL R 394 24.92 65.04 -15.56
C VAL R 394 25.62 63.94 -16.34
PG AGS U . -39.90 0.69 11.95
S1G AGS U . -40.36 1.20 13.77
O2G AGS U . -41.17 0.63 11.07
O3G AGS U . -39.23 -0.72 11.96
PB AGS U . -39.42 3.01 10.60
O1B AGS U . -38.41 3.48 9.64
O2B AGS U . -40.73 2.59 9.94
O3B AGS U . -38.90 1.73 11.37
PA AGS U . -40.54 5.45 11.21
O1A AGS U . -40.62 5.57 9.75
O2A AGS U . -41.91 5.42 11.89
O3A AGS U . -39.79 4.14 11.65
O5' AGS U . -39.67 6.64 11.77
C5' AGS U . -39.70 6.98 13.16
C4' AGS U . -39.29 8.42 13.33
O4' AGS U . -38.38 8.78 12.28
C3' AGS U . -40.41 9.45 13.21
O3' AGS U . -41.10 9.61 14.45
C2' AGS U . -39.65 10.72 12.82
O2' AGS U . -39.27 11.48 13.98
C1' AGS U . -38.40 10.18 12.11
N9 AGS U . -38.36 10.48 10.69
C8 AGS U . -38.79 9.68 9.66
N7 AGS U . -38.63 10.20 8.46
C5 AGS U . -38.06 11.44 8.72
C6 AGS U . -37.65 12.48 7.88
N6 AGS U . -37.76 12.45 6.55
N1 AGS U . -37.12 13.58 8.46
C2 AGS U . -37.01 13.63 9.79
N3 AGS U . -37.37 12.70 10.68
C4 AGS U . -37.89 11.62 10.08
MG MG V . -42.95 1.48 10.59
PG AGS W . -19.22 -15.00 33.67
S1G AGS W . -18.23 -16.03 34.99
O2G AGS W . -20.69 -14.82 34.16
O3G AGS W . -19.24 -15.76 32.31
PB AGS W . -19.06 -12.31 34.30
O1B AGS W . -19.23 -11.20 33.36
O2B AGS W . -20.35 -12.71 35.02
O3B AGS W . -18.54 -13.60 33.52
PA AGS W . -18.54 -10.99 36.62
O1A AGS W . -19.60 -10.07 36.21
O2A AGS W . -18.98 -11.95 37.73
O3A AGS W . -18.04 -11.90 35.44
O5' AGS W . -17.28 -10.17 37.08
C5' AGS W . -16.27 -10.76 37.93
C4' AGS W . -15.67 -9.68 38.78
O4' AGS W . -15.66 -8.45 38.04
C3' AGS W . -16.43 -9.36 40.06
O3' AGS W . -15.89 -10.08 41.15
C2' AGS W . -16.24 -7.84 40.24
O2' AGS W . -15.48 -7.53 41.39
C1' AGS W . -15.51 -7.40 38.96
N9 AGS W . -16.05 -6.18 38.37
C8 AGS W . -17.17 -6.07 37.58
N7 AGS W . -17.43 -4.85 37.20
C5 AGS W . -16.39 -4.10 37.76
C6 AGS W . -16.08 -2.73 37.72
N6 AGS W . -16.81 -1.82 37.05
N1 AGS W . -14.99 -2.32 38.38
C2 AGS W . -14.25 -3.22 39.04
N3 AGS W . -14.45 -4.54 39.15
C4 AGS W . -15.54 -4.92 38.48
MG MG X . -22.31 -13.50 34.98
PG AGS Y . 3.78 -32.70 23.43
S1G AGS Y . 4.24 -34.38 22.59
O2G AGS Y . 3.23 -32.97 24.86
O3G AGS Y . 2.67 -32.02 22.57
PB AGS Y . 5.66 -31.25 24.85
O1B AGS Y . 5.85 -29.79 24.80
O2B AGS Y . 4.70 -31.67 25.94
O3B AGS Y . 5.05 -31.80 23.50
PA AGS Y . 7.64 -32.01 26.59
O1A AGS Y . 6.98 -31.04 27.46
O2A AGS Y . 7.49 -33.45 27.07
O3A AGS Y . 7.03 -31.99 25.13
O5' AGS Y . 9.15 -31.61 26.43
C5' AGS Y . 10.13 -32.57 26.00
C4' AGS Y . 11.51 -32.05 26.30
O4' AGS Y . 11.43 -30.67 26.69
C3' AGS Y . 12.26 -32.77 27.43
O3' AGS Y . 13.34 -33.53 26.93
C2' AGS Y . 12.74 -31.64 28.36
O2' AGS Y . 14.11 -31.78 28.70
C1' AGS Y . 12.53 -30.38 27.51
N9 AGS Y . 12.24 -29.19 28.30
C8 AGS Y . 10.99 -28.76 28.70
N7 AGS Y . 11.02 -27.65 29.40
C5 AGS Y . 12.38 -27.34 29.47
C6 AGS Y . 13.07 -26.27 30.07
N6 AGS Y . 12.48 -25.30 30.76
N1 AGS Y . 14.41 -26.26 29.96
C2 AGS Y . 15.01 -27.23 29.27
N3 AGS Y . 14.46 -28.29 28.65
C4 AGS Y . 13.13 -28.27 28.79
MG MG Z . 3.74 -33.60 26.69
PG AGS AA . 9.40 -37.60 -8.53
S1G AGS AA . 9.53 -38.63 -10.18
O2G AGS AA . 9.23 -38.56 -7.32
O3G AGS AA . 8.17 -36.66 -8.61
PB AGS AA . 11.90 -37.27 -7.48
O1B AGS AA . 12.18 -36.30 -6.40
O2B AGS AA . 11.50 -38.66 -6.95
O3B AGS AA . 10.70 -36.76 -8.36
PA AGS AA . 14.21 -38.66 -8.07
O1A AGS AA . 14.57 -38.72 -6.64
O2A AGS AA . 13.57 -39.94 -8.59
O3A AGS AA . 13.19 -37.48 -8.37
O5' AGS AA . 15.51 -38.30 -8.88
C5' AGS AA . 15.53 -38.45 -10.32
C4' AGS AA . 16.87 -38.01 -10.85
O4' AGS AA . 17.51 -37.14 -9.89
C3' AGS AA . 17.84 -39.14 -11.18
O3' AGS AA . 18.34 -39.01 -12.49
C2' AGS AA . 18.95 -38.97 -10.12
O2' AGS AA . 20.23 -39.32 -10.64
C1' AGS AA . 18.88 -37.47 -9.84
N9 AGS AA . 19.39 -37.09 -8.53
C8 AGS AA . 18.70 -37.01 -7.35
N7 AGS AA . 19.43 -36.65 -6.33
C5 AGS AA . 20.69 -36.47 -6.87
C6 AGS AA . 21.93 -36.09 -6.30
N6 AGS AA . 22.08 -35.79 -5.00
N1 AGS AA . 23.00 -36.01 -7.11
C2 AGS AA . 22.85 -36.30 -8.41
N3 AGS AA . 21.74 -36.68 -9.06
C4 AGS AA . 20.69 -36.74 -8.22
MG MG BA . 10.14 -40.51 -6.48
PB ADP CA . -6.08 -21.24 -31.46
O1B ADP CA . -4.96 -20.56 -30.73
O2B ADP CA . -6.09 -22.76 -31.41
O3B ADP CA . -7.41 -20.57 -31.15
PA ADP CA . -4.32 -21.11 -33.72
O1A ADP CA . -3.20 -20.41 -32.97
O2A ADP CA . -4.16 -22.57 -34.08
O3A ADP CA . -5.75 -20.87 -33.01
O5' ADP CA . -4.52 -20.32 -35.10
C5' ADP CA . -4.62 -18.90 -35.11
C4' ADP CA . -4.06 -18.39 -36.44
O4' ADP CA . -2.69 -18.05 -36.26
C3' ADP CA . -4.14 -19.40 -37.58
O3' ADP CA . -5.15 -19.02 -38.51
C2' ADP CA . -2.78 -19.36 -38.24
O2' ADP CA . -2.89 -18.85 -39.57
C1' ADP CA . -1.95 -18.38 -37.42
N9 ADP CA . -0.71 -19.03 -36.98
C8 ADP CA . -0.65 -20.02 -36.08
N7 ADP CA . 0.63 -20.42 -35.86
C5 ADP CA . 1.41 -19.67 -36.64
C6 ADP CA . 2.86 -19.58 -36.90
N6 ADP CA . 3.73 -20.39 -36.26
N1 ADP CA . 3.27 -18.66 -37.79
C2 ADP CA . 2.41 -17.85 -38.43
N3 ADP CA . 1.09 -17.88 -38.25
C4 ADP CA . 0.53 -18.76 -37.38
MG MG DA . -7.60 -24.46 -31.31
PB ADP EA . -31.78 -1.84 -21.95
O1B ADP EA . -30.32 -1.92 -22.31
O2B ADP EA . -32.64 -2.87 -22.65
O3B ADP EA . -32.06 -1.76 -20.48
PA ADP EA . -32.93 -0.24 -24.04
O1A ADP EA . -31.98 -0.60 -25.14
O2A ADP EA . -34.30 -0.88 -24.02
O3A ADP EA . -32.26 -0.44 -22.59
O5' ADP EA . -33.16 1.35 -24.13
C5' ADP EA . -32.27 2.27 -23.51
C4' ADP EA . -32.38 3.64 -24.18
O4' ADP EA . -31.10 3.93 -24.71
C3' ADP EA . -33.35 3.68 -25.35
O3' ADP EA . -34.47 4.51 -25.04
C2' ADP EA . -32.56 4.26 -26.52
O2' ADP EA . -33.16 5.47 -26.98
C1' ADP EA . -31.18 4.55 -25.98
N9 ADP EA . -30.16 3.89 -26.83
C8 ADP EA . -29.91 2.57 -26.85
N7 ADP EA . -28.91 2.29 -27.72
C5 ADP EA . -28.52 3.45 -28.26
C6 ADP EA . -27.50 3.87 -29.26
N6 ADP EA . -26.69 2.97 -29.87
N1 ADP EA . -27.41 5.18 -29.55
C2 ADP EA . -28.21 6.09 -28.97
N3 ADP EA . -29.15 5.79 -28.06
C4 ADP EA . -29.34 4.51 -27.68
MG MG FA . -33.80 -4.77 -22.74
#